data_6WIU
#
_entry.id   6WIU
#
_cell.length_a   106.161
_cell.length_b   171.897
_cell.length_c   213.522
_cell.angle_alpha   90.000
_cell.angle_beta   95.710
_cell.angle_gamma   90.000
#
_symmetry.space_group_name_H-M   'P 1 21 1'
#
_entity_poly.entity_id   1
_entity_poly.type   'polypeptide(L)'
_entity_poly.pdbx_seq_one_letter_code
;MGSSHHHHHHSSGLVPRGSHMMHFKKDFVFGTATSSYQIEGAHNEGGRTPSIWDMFCDIDGRVFEKHNGDVACDHYHRYE
EDIQHIKKLGVDTYRFSIAWPRIFPAKGEYNPEGMAFYKNLALRLREEGIKPAVTIYHWDLPMWAHEEGGWVNRESVDWF
LDYAKVCFEELDDIVDSWITHNEPWCAGFLGYHVGVHAPGHRDMNEAVRAVHHMLLSHGKAVELLKREMKSTTPIGITLN
LSPMYAKTDSANDRLAMNNADGYSNRWFLDPVFKGEYPVDMMNLFSKYVHNFDFIQSGDMETISTACDFFGINFYSRGIV
EFNAANDFLKADAYSDYEKTGMGWDIAPNEFKDLIRRLRAEYTDLPIYITENGAAFDDVLENGEVHDDNRIDYVRQHLEA
VSDLNDEGMNIQGYYLWSLMDNFEWSFGYEKRFGILYIDFETQERIWKDSAKWYAGVIADHKAKHADSVEA
;
_entity_poly.pdbx_strand_id   A,B,C,D,E,F,G,H,I,J,K,L,M,N,O,P
#
# COMPACT_ATOMS: atom_id res chain seq x y z
N MET A 22 9.47 -40.36 -80.69
CA MET A 22 10.54 -39.50 -80.21
C MET A 22 11.09 -38.61 -81.32
N HIS A 23 10.32 -37.60 -81.70
CA HIS A 23 10.65 -36.79 -82.86
C HIS A 23 11.35 -35.47 -82.46
N PHE A 24 12.37 -35.09 -83.23
CA PHE A 24 13.11 -33.83 -83.03
C PHE A 24 13.34 -33.07 -84.32
N LYS A 25 13.48 -31.74 -84.22
CA LYS A 25 13.70 -30.93 -85.42
C LYS A 25 15.09 -31.32 -85.96
N LYS A 26 15.38 -31.02 -87.22
CA LYS A 26 16.68 -31.42 -87.76
C LYS A 26 17.89 -30.65 -87.17
N ASP A 27 17.64 -29.40 -86.78
CA ASP A 27 18.65 -28.53 -86.15
C ASP A 27 18.71 -28.65 -84.64
N PHE A 28 17.94 -29.58 -84.07
CA PHE A 28 17.93 -29.75 -82.63
C PHE A 28 19.24 -30.31 -82.09
N VAL A 29 19.71 -29.67 -81.02
CA VAL A 29 20.99 -29.92 -80.37
C VAL A 29 20.88 -30.74 -79.09
N PHE A 30 21.48 -31.93 -79.09
CA PHE A 30 21.66 -32.67 -77.86
C PHE A 30 22.97 -32.22 -77.22
N GLY A 31 23.01 -32.25 -75.89
CA GLY A 31 24.17 -31.79 -75.16
C GLY A 31 24.32 -32.32 -73.76
N THR A 32 25.43 -31.97 -73.13
CA THR A 32 25.64 -32.23 -71.71
C THR A 32 26.33 -31.04 -71.04
N ALA A 33 26.37 -31.05 -69.71
CA ALA A 33 26.76 -29.86 -68.96
C ALA A 33 27.40 -30.19 -67.62
N THR A 34 28.23 -29.26 -67.15
CA THR A 34 28.90 -29.33 -65.85
C THR A 34 29.07 -27.92 -65.31
N SER A 35 29.59 -27.81 -64.10
CA SER A 35 30.03 -26.51 -63.59
C SER A 35 31.42 -26.59 -62.98
N SER A 36 32.08 -25.43 -62.92
CA SER A 36 33.49 -25.36 -62.60
C SER A 36 33.89 -25.89 -61.23
N TYR A 37 33.25 -25.40 -60.17
CA TYR A 37 33.63 -25.84 -58.82
C TYR A 37 33.29 -27.31 -58.56
N GLN A 38 32.32 -27.83 -59.29
CA GLN A 38 31.91 -29.23 -59.13
C GLN A 38 32.90 -30.22 -59.73
N ILE A 39 33.61 -29.81 -60.79
CA ILE A 39 34.51 -30.73 -61.49
C ILE A 39 35.99 -30.34 -61.45
N GLU A 40 36.30 -29.04 -61.52
CA GLU A 40 37.66 -28.58 -61.81
C GLU A 40 38.70 -29.06 -60.80
N GLY A 41 38.48 -28.78 -59.51
CA GLY A 41 39.52 -29.04 -58.54
C GLY A 41 40.63 -28.01 -58.65
N ALA A 42 41.87 -28.45 -58.40
CA ALA A 42 43.05 -27.58 -58.47
C ALA A 42 42.81 -26.26 -57.74
N HIS A 43 42.38 -26.37 -56.49
CA HIS A 43 41.83 -25.25 -55.75
C HIS A 43 42.90 -24.24 -55.40
N ASN A 44 44.16 -24.68 -55.29
CA ASN A 44 45.24 -23.74 -55.00
C ASN A 44 46.26 -23.65 -56.11
N GLU A 45 45.86 -24.04 -57.33
CA GLU A 45 46.77 -23.99 -58.46
C GLU A 45 46.24 -22.99 -59.50
N GLY A 46 47.13 -22.49 -60.34
CA GLY A 46 46.77 -21.53 -61.36
C GLY A 46 46.30 -20.15 -60.92
N GLY A 47 46.72 -19.71 -59.73
CA GLY A 47 46.26 -18.43 -59.22
C GLY A 47 44.89 -18.34 -58.58
N ARG A 48 44.20 -19.46 -58.41
CA ARG A 48 42.85 -19.44 -57.85
C ARG A 48 42.86 -19.06 -56.38
N THR A 49 41.90 -18.22 -55.98
CA THR A 49 41.73 -17.88 -54.58
C THR A 49 40.42 -18.48 -54.09
N PRO A 50 40.22 -18.55 -52.76
CA PRO A 50 39.02 -19.24 -52.26
C PRO A 50 37.70 -18.55 -52.62
N SER A 51 36.69 -19.36 -52.93
CA SER A 51 35.33 -18.87 -53.13
C SER A 51 34.49 -19.04 -51.87
N ILE A 52 33.31 -18.44 -51.88
CA ILE A 52 32.30 -18.59 -50.82
C ILE A 52 32.02 -20.06 -50.50
N TRP A 53 32.02 -20.90 -51.54
CA TRP A 53 31.77 -22.33 -51.41
C TRP A 53 32.88 -23.08 -50.67
N ASP A 54 34.10 -22.56 -50.72
CA ASP A 54 35.20 -23.12 -49.93
C ASP A 54 34.93 -22.97 -48.43
N MET A 55 34.55 -21.77 -48.00
CA MET A 55 34.23 -21.47 -46.60
C MET A 55 32.96 -22.15 -46.08
N PHE A 56 31.94 -22.25 -46.94
CA PHE A 56 30.70 -22.94 -46.62
C PHE A 56 30.89 -24.42 -46.30
N CYS A 57 31.70 -25.10 -47.11
CA CYS A 57 32.06 -26.49 -46.86
C CYS A 57 32.73 -26.69 -45.49
N ASP A 58 33.49 -25.70 -45.04
CA ASP A 58 34.15 -25.77 -43.73
C ASP A 58 33.26 -25.43 -42.53
N ILE A 59 32.09 -24.81 -42.77
CA ILE A 59 31.20 -24.54 -41.65
C ILE A 59 30.51 -25.83 -41.24
N ASP A 60 30.47 -26.08 -39.94
CA ASP A 60 29.99 -27.33 -39.38
C ASP A 60 28.50 -27.58 -39.59
N GLY A 61 28.18 -28.73 -40.16
CA GLY A 61 26.81 -29.17 -40.33
C GLY A 61 26.12 -28.65 -41.57
N ARG A 62 26.88 -28.00 -42.45
CA ARG A 62 26.29 -27.42 -43.65
C ARG A 62 26.38 -28.37 -44.84
N VAL A 63 27.49 -29.09 -44.96
CA VAL A 63 27.70 -30.00 -46.09
C VAL A 63 28.02 -31.40 -45.56
N PHE A 64 27.58 -32.43 -46.29
CA PHE A 64 27.76 -33.83 -45.89
C PHE A 64 29.22 -34.16 -45.59
N GLU A 65 29.52 -34.44 -44.34
CA GLU A 65 30.85 -34.84 -43.90
C GLU A 65 31.98 -33.89 -44.30
N LYS A 66 31.73 -32.59 -44.23
CA LYS A 66 32.74 -31.59 -44.59
C LYS A 66 33.30 -31.71 -46.00
N HIS A 67 32.58 -32.36 -46.92
CA HIS A 67 33.10 -32.52 -48.27
C HIS A 67 33.25 -31.17 -48.97
N ASN A 68 34.21 -31.11 -49.89
CA ASN A 68 34.54 -29.90 -50.62
C ASN A 68 34.96 -30.15 -52.07
N GLY A 69 35.21 -29.09 -52.83
CA GLY A 69 35.65 -29.22 -54.20
C GLY A 69 37.14 -29.01 -54.46
N ASP A 70 37.96 -29.35 -53.47
CA ASP A 70 39.42 -29.25 -53.59
C ASP A 70 39.94 -30.10 -54.76
N VAL A 71 39.57 -31.37 -54.79
CA VAL A 71 39.98 -32.27 -55.87
C VAL A 71 38.87 -32.45 -56.91
N ALA A 72 37.67 -32.79 -56.43
CA ALA A 72 36.49 -33.00 -57.27
C ALA A 72 36.76 -34.04 -58.36
N CYS A 73 36.41 -33.72 -59.60
CA CYS A 73 36.69 -34.63 -60.71
C CYS A 73 38.05 -34.38 -61.36
N ASP A 74 38.84 -33.46 -60.80
CA ASP A 74 40.20 -33.20 -61.25
C ASP A 74 40.22 -32.84 -62.74
N HIS A 75 39.21 -32.08 -63.17
CA HIS A 75 39.01 -31.76 -64.59
C HIS A 75 39.98 -30.70 -65.07
N TYR A 76 40.46 -29.87 -64.15
CA TYR A 76 41.45 -28.84 -64.45
C TYR A 76 42.73 -29.46 -65.04
N HIS A 77 43.11 -30.61 -64.49
CA HIS A 77 44.26 -31.37 -64.97
C HIS A 77 43.91 -32.31 -66.14
N ARG A 78 42.75 -32.96 -66.03
CA ARG A 78 42.31 -33.98 -66.99
C ARG A 78 41.35 -33.48 -68.06
N TYR A 79 41.49 -32.21 -68.43
CA TYR A 79 40.58 -31.60 -69.40
C TYR A 79 40.62 -32.29 -70.76
N GLU A 80 41.79 -32.83 -71.13
CA GLU A 80 41.93 -33.50 -72.42
C GLU A 80 41.16 -34.82 -72.52
N GLU A 81 41.21 -35.62 -71.45
CA GLU A 81 40.43 -36.85 -71.34
C GLU A 81 38.92 -36.67 -71.41
N ASP A 82 38.42 -35.66 -70.72
CA ASP A 82 36.99 -35.34 -70.73
C ASP A 82 36.49 -34.82 -72.07
N ILE A 83 37.33 -34.09 -72.79
CA ILE A 83 37.02 -33.67 -74.15
C ILE A 83 36.78 -34.84 -75.11
N GLN A 84 37.58 -35.89 -74.96
CA GLN A 84 37.43 -37.10 -75.77
C GLN A 84 36.12 -37.83 -75.52
N HIS A 85 35.79 -38.00 -74.25
CA HIS A 85 34.52 -38.56 -73.81
C HIS A 85 33.32 -37.80 -74.39
N ILE A 86 33.43 -36.49 -74.47
CA ILE A 86 32.38 -35.66 -75.06
C ILE A 86 32.25 -35.88 -76.56
N LYS A 87 33.37 -35.83 -77.27
CA LYS A 87 33.40 -36.18 -78.70
C LYS A 87 32.82 -37.56 -79.05
N LYS A 88 33.06 -38.56 -78.20
CA LYS A 88 32.55 -39.91 -78.43
C LYS A 88 31.04 -40.03 -78.28
N LEU A 89 30.47 -39.31 -77.32
CA LEU A 89 29.02 -39.27 -77.19
C LEU A 89 28.39 -38.68 -78.44
N GLY A 90 29.12 -37.81 -79.12
CA GLY A 90 28.64 -37.23 -80.35
C GLY A 90 27.67 -36.08 -80.09
N VAL A 91 27.71 -35.55 -78.87
CA VAL A 91 26.86 -34.43 -78.50
C VAL A 91 27.24 -33.20 -79.31
N ASP A 92 26.23 -32.45 -79.74
CA ASP A 92 26.45 -31.22 -80.49
C ASP A 92 27.07 -30.11 -79.64
N THR A 93 26.73 -30.07 -78.37
CA THR A 93 27.15 -28.99 -77.49
C THR A 93 27.60 -29.45 -76.12
N TYR A 94 28.65 -28.82 -75.61
CA TYR A 94 29.06 -29.02 -74.23
C TYR A 94 28.93 -27.70 -73.46
N ARG A 95 28.18 -27.74 -72.36
CA ARG A 95 27.99 -26.57 -71.50
C ARG A 95 28.88 -26.64 -70.27
N PHE A 96 29.66 -25.60 -70.04
CA PHE A 96 30.47 -25.50 -68.82
C PHE A 96 30.45 -24.08 -68.25
N SER A 97 30.84 -23.96 -66.98
CA SER A 97 30.91 -22.66 -66.33
C SER A 97 32.35 -22.19 -66.11
N ILE A 98 32.52 -20.87 -66.02
CA ILE A 98 33.82 -20.27 -65.76
C ILE A 98 33.98 -19.92 -64.28
N ALA A 99 35.11 -20.31 -63.70
CA ALA A 99 35.42 -19.97 -62.32
C ALA A 99 35.91 -18.53 -62.20
N TRP A 100 35.06 -17.66 -61.66
CA TRP A 100 35.41 -16.27 -61.40
C TRP A 100 36.71 -16.08 -60.61
N PRO A 101 36.94 -16.85 -59.53
CA PRO A 101 38.20 -16.62 -58.80
C PRO A 101 39.47 -17.04 -59.55
N ARG A 102 39.32 -17.77 -60.66
CA ARG A 102 40.43 -17.99 -61.58
C ARG A 102 40.68 -16.77 -62.49
N ILE A 103 39.61 -16.05 -62.83
CA ILE A 103 39.71 -14.93 -63.75
C ILE A 103 40.06 -13.65 -62.99
N PHE A 104 39.42 -13.43 -61.85
CA PHE A 104 39.76 -12.30 -61.00
C PHE A 104 40.07 -12.76 -59.57
N PRO A 105 41.25 -13.37 -59.37
CA PRO A 105 41.70 -13.80 -58.03
C PRO A 105 41.89 -12.66 -57.04
N ALA A 106 42.13 -11.47 -57.56
CA ALA A 106 42.08 -10.24 -56.76
C ALA A 106 41.26 -9.16 -57.43
N LYS A 107 40.87 -8.16 -56.64
CA LYS A 107 40.07 -7.05 -57.12
C LYS A 107 40.82 -6.22 -58.16
N GLY A 108 40.20 -6.01 -59.31
CA GLY A 108 40.79 -5.21 -60.37
C GLY A 108 41.98 -5.84 -61.08
N GLU A 109 42.30 -7.08 -60.73
CA GLU A 109 43.48 -7.76 -61.27
C GLU A 109 43.22 -8.99 -62.14
N TYR A 110 43.18 -8.80 -63.45
CA TYR A 110 42.97 -9.89 -64.39
C TYR A 110 44.12 -10.89 -64.38
N ASN A 111 43.79 -12.18 -64.39
CA ASN A 111 44.77 -13.25 -64.37
C ASN A 111 44.78 -14.11 -65.65
N PRO A 112 45.64 -13.76 -66.62
CA PRO A 112 45.65 -14.38 -67.95
C PRO A 112 46.02 -15.87 -67.92
N GLU A 113 46.73 -16.30 -66.88
CA GLU A 113 47.04 -17.72 -66.67
C GLU A 113 45.78 -18.57 -66.52
N GLY A 114 44.81 -18.02 -65.79
CA GLY A 114 43.50 -18.64 -65.59
C GLY A 114 42.71 -18.81 -66.88
N MET A 115 42.69 -17.75 -67.66
CA MET A 115 42.01 -17.70 -68.96
C MET A 115 42.57 -18.71 -69.96
N ALA A 116 43.86 -18.98 -69.88
CA ALA A 116 44.50 -19.93 -70.79
C ALA A 116 43.84 -21.30 -70.69
N PHE A 117 43.59 -21.76 -69.46
CA PHE A 117 42.93 -23.05 -69.23
C PHE A 117 41.63 -23.14 -70.03
N TYR A 118 40.86 -22.06 -69.96
CA TYR A 118 39.61 -21.92 -70.70
C TYR A 118 39.83 -21.73 -72.20
N LYS A 119 40.86 -20.97 -72.57
CA LYS A 119 41.21 -20.80 -73.98
C LYS A 119 41.54 -22.10 -74.74
N ASN A 120 42.30 -22.99 -74.12
CA ASN A 120 42.55 -24.29 -74.76
C ASN A 120 41.28 -25.14 -74.86
N LEU A 121 40.50 -25.16 -73.78
CA LEU A 121 39.24 -25.91 -73.74
C LEU A 121 38.23 -25.48 -74.79
N ALA A 122 38.04 -24.18 -74.97
CA ALA A 122 37.10 -23.70 -75.99
C ALA A 122 37.62 -24.00 -77.39
N LEU A 123 38.93 -23.81 -77.57
CA LEU A 123 39.58 -24.07 -78.85
C LEU A 123 39.57 -25.56 -79.22
N ARG A 124 39.86 -26.42 -78.25
CA ARG A 124 39.82 -27.87 -78.45
C ARG A 124 38.42 -28.42 -78.77
N LEU A 125 37.41 -27.86 -78.13
CA LEU A 125 36.03 -28.24 -78.43
C LEU A 125 35.61 -27.90 -79.85
N ARG A 126 35.96 -26.70 -80.30
CA ARG A 126 35.70 -26.31 -81.68
C ARG A 126 36.37 -27.25 -82.68
N GLU A 127 37.64 -27.56 -82.45
CA GLU A 127 38.36 -28.55 -83.26
C GLU A 127 37.65 -29.88 -83.38
N GLU A 128 37.05 -30.34 -82.30
CA GLU A 128 36.35 -31.61 -82.32
C GLU A 128 34.90 -31.48 -82.80
N GLY A 129 34.56 -30.31 -83.33
CA GLY A 129 33.22 -30.04 -83.83
C GLY A 129 32.13 -29.90 -82.78
N ILE A 130 32.52 -29.52 -81.56
CA ILE A 130 31.56 -29.38 -80.48
C ILE A 130 31.34 -27.91 -80.12
N LYS A 131 30.09 -27.48 -80.15
CA LYS A 131 29.74 -26.11 -79.82
C LYS A 131 29.83 -25.88 -78.32
N PRO A 132 30.66 -24.91 -77.90
CA PRO A 132 30.78 -24.57 -76.47
C PRO A 132 29.73 -23.56 -76.01
N ALA A 133 28.94 -23.96 -75.02
CA ALA A 133 27.93 -23.09 -74.41
C ALA A 133 28.40 -22.71 -73.00
N VAL A 134 28.68 -21.43 -72.80
CA VAL A 134 29.41 -21.00 -71.62
C VAL A 134 28.58 -20.24 -70.58
N THR A 135 28.57 -20.77 -69.36
CA THR A 135 27.93 -20.12 -68.24
C THR A 135 28.95 -19.25 -67.51
N ILE A 136 28.66 -17.95 -67.41
CA ILE A 136 29.56 -17.01 -66.76
C ILE A 136 29.58 -17.16 -65.23
N TYR A 137 28.41 -17.16 -64.62
CA TYR A 137 28.26 -17.26 -63.16
C TYR A 137 27.53 -18.53 -62.72
N HIS A 138 28.24 -19.43 -62.04
CA HIS A 138 27.61 -20.62 -61.47
C HIS A 138 27.91 -20.77 -59.98
N TRP A 139 27.72 -19.67 -59.25
CA TRP A 139 27.62 -19.60 -57.78
C TRP A 139 28.96 -19.48 -57.06
N ASP A 140 30.07 -19.53 -57.80
CA ASP A 140 31.38 -19.53 -57.15
C ASP A 140 31.91 -18.10 -57.06
N LEU A 141 31.23 -17.29 -56.25
CA LEU A 141 31.66 -15.90 -56.01
C LEU A 141 32.99 -15.85 -55.24
N PRO A 142 33.92 -15.00 -55.69
CA PRO A 142 35.20 -14.83 -55.02
C PRO A 142 35.06 -14.20 -53.63
N MET A 143 35.96 -14.56 -52.73
CA MET A 143 35.92 -14.07 -51.36
C MET A 143 36.12 -12.58 -51.16
N TRP A 144 36.91 -11.94 -52.00
CA TRP A 144 37.03 -10.49 -51.93
C TRP A 144 35.70 -9.80 -52.15
N ALA A 145 34.83 -10.41 -52.95
CA ALA A 145 33.51 -9.82 -53.16
C ALA A 145 32.56 -10.03 -51.97
N HIS A 146 32.46 -11.25 -51.46
CA HIS A 146 31.66 -11.54 -50.26
C HIS A 146 31.98 -10.67 -49.04
N GLU A 147 33.25 -10.48 -48.77
CA GLU A 147 33.71 -9.70 -47.62
C GLU A 147 33.37 -8.22 -47.77
N GLU A 148 33.12 -7.80 -49.01
CA GLU A 148 32.58 -6.48 -49.27
C GLU A 148 31.05 -6.49 -49.34
N GLY A 149 30.46 -7.58 -48.88
CA GLY A 149 29.01 -7.73 -48.89
C GLY A 149 28.45 -8.72 -49.90
N GLY A 150 29.25 -9.08 -50.90
CA GLY A 150 28.80 -10.02 -51.91
C GLY A 150 27.72 -9.41 -52.78
N TRP A 151 26.72 -10.24 -53.12
CA TRP A 151 25.60 -9.79 -53.94
C TRP A 151 24.71 -8.78 -53.24
N VAL A 152 24.85 -8.69 -51.93
CA VAL A 152 24.09 -7.71 -51.14
C VAL A 152 24.52 -6.28 -51.51
N ASN A 153 25.78 -6.11 -51.89
CA ASN A 153 26.25 -4.80 -52.35
C ASN A 153 25.85 -4.57 -53.80
N ARG A 154 25.32 -3.39 -54.08
CA ARG A 154 24.95 -3.03 -55.45
C ARG A 154 26.15 -2.93 -56.38
N GLU A 155 27.31 -2.62 -55.80
CA GLU A 155 28.58 -2.64 -56.53
C GLU A 155 28.87 -3.96 -57.24
N SER A 156 28.39 -5.06 -56.66
CA SER A 156 28.50 -6.39 -57.26
C SER A 156 28.03 -6.46 -58.70
N VAL A 157 27.13 -5.56 -59.08
CA VAL A 157 26.72 -5.42 -60.46
C VAL A 157 27.90 -5.03 -61.34
N ASP A 158 28.67 -4.03 -60.89
CA ASP A 158 29.80 -3.52 -61.67
C ASP A 158 30.99 -4.48 -61.70
N TRP A 159 31.18 -5.26 -60.64
CA TRP A 159 32.24 -6.26 -60.63
C TRP A 159 31.97 -7.37 -61.64
N PHE A 160 30.73 -7.86 -61.69
CA PHE A 160 30.38 -8.87 -62.68
C PHE A 160 30.54 -8.36 -64.12
N LEU A 161 30.27 -7.09 -64.39
CA LEU A 161 30.49 -6.56 -65.74
C LEU A 161 31.97 -6.50 -66.07
N ASP A 162 32.79 -6.15 -65.09
CA ASP A 162 34.24 -6.20 -65.28
C ASP A 162 34.68 -7.63 -65.56
N TYR A 163 34.07 -8.56 -64.83
CA TYR A 163 34.30 -9.99 -65.04
C TYR A 163 33.77 -10.43 -66.41
N ALA A 164 32.57 -10.00 -66.77
CA ALA A 164 31.97 -10.37 -68.05
C ALA A 164 32.69 -9.77 -69.27
N LYS A 165 33.06 -8.49 -69.18
CA LYS A 165 33.78 -7.79 -70.26
C LYS A 165 35.05 -8.48 -70.73
N VAL A 166 35.91 -8.85 -69.79
CA VAL A 166 37.16 -9.55 -70.09
C VAL A 166 36.89 -10.90 -70.75
N CYS A 167 35.81 -11.56 -70.35
CA CYS A 167 35.39 -12.80 -70.99
C CYS A 167 34.87 -12.59 -72.41
N PHE A 168 34.10 -11.53 -72.64
CA PHE A 168 33.62 -11.26 -74.00
C PHE A 168 34.73 -10.93 -75.00
N GLU A 169 35.63 -10.02 -74.65
CA GLU A 169 36.72 -9.63 -75.55
C GLU A 169 37.54 -10.82 -76.02
N GLU A 170 37.87 -11.73 -75.10
CA GLU A 170 38.75 -12.85 -75.42
C GLU A 170 38.04 -14.13 -75.91
N LEU A 171 36.78 -14.33 -75.54
CA LEU A 171 36.15 -15.62 -75.84
C LEU A 171 34.88 -15.58 -76.72
N ASP A 172 34.34 -14.39 -76.97
CA ASP A 172 33.07 -14.27 -77.70
C ASP A 172 33.16 -14.75 -79.13
N ASP A 173 34.37 -14.72 -79.69
CA ASP A 173 34.66 -15.25 -81.01
C ASP A 173 34.63 -16.78 -81.12
N ILE A 174 34.90 -17.47 -80.03
CA ILE A 174 34.96 -18.94 -80.03
C ILE A 174 33.64 -19.57 -79.62
N VAL A 175 33.07 -19.05 -78.54
CA VAL A 175 31.89 -19.59 -77.89
C VAL A 175 30.62 -19.50 -78.75
N ASP A 176 29.81 -20.55 -78.63
CA ASP A 176 28.58 -20.71 -79.42
C ASP A 176 27.40 -20.09 -78.70
N SER A 177 27.35 -20.20 -77.38
CA SER A 177 26.29 -19.55 -76.61
C SER A 177 26.74 -19.10 -75.23
N TRP A 178 26.14 -18.00 -74.76
CA TRP A 178 26.43 -17.46 -73.44
C TRP A 178 25.28 -17.60 -72.44
N ILE A 179 25.60 -18.05 -71.24
CA ILE A 179 24.65 -17.98 -70.12
C ILE A 179 25.22 -17.10 -69.02
N THR A 180 24.52 -16.00 -68.72
CA THR A 180 25.01 -15.04 -67.74
C THR A 180 24.96 -15.62 -66.32
N HIS A 181 23.78 -16.06 -65.90
CA HIS A 181 23.58 -16.57 -64.55
C HIS A 181 22.89 -17.93 -64.55
N ASN A 182 23.36 -18.82 -63.67
CA ASN A 182 22.67 -20.09 -63.44
C ASN A 182 21.89 -20.09 -62.13
N GLU A 183 20.59 -20.32 -62.22
CA GLU A 183 19.72 -20.53 -61.05
C GLU A 183 19.94 -19.50 -59.95
N PRO A 184 19.53 -18.24 -60.20
CA PRO A 184 19.57 -17.17 -59.19
C PRO A 184 18.71 -17.50 -57.97
N TRP A 185 17.78 -18.43 -58.11
CA TRP A 185 17.03 -18.91 -56.96
C TRP A 185 17.93 -19.61 -55.95
N CYS A 186 18.82 -20.48 -56.43
CA CYS A 186 19.78 -21.14 -55.56
C CYS A 186 20.77 -20.15 -54.93
N ALA A 187 21.48 -19.43 -55.80
CA ALA A 187 22.46 -18.43 -55.40
C ALA A 187 21.86 -17.31 -54.56
N GLY A 188 20.57 -17.04 -54.76
CA GLY A 188 19.92 -15.96 -54.03
C GLY A 188 19.15 -16.44 -52.82
N PHE A 189 17.99 -17.04 -53.06
CA PHE A 189 17.12 -17.44 -51.97
C PHE A 189 17.70 -18.60 -51.16
N LEU A 190 18.11 -19.66 -51.86
CA LEU A 190 18.65 -20.84 -51.19
C LEU A 190 19.96 -20.51 -50.44
N GLY A 191 20.69 -19.51 -50.92
CA GLY A 191 21.94 -19.11 -50.29
C GLY A 191 21.83 -18.06 -49.21
N TYR A 192 20.99 -17.05 -49.44
CA TYR A 192 20.84 -15.90 -48.54
C TYR A 192 19.60 -15.93 -47.64
N HIS A 193 18.61 -16.73 -48.00
CA HIS A 193 17.38 -16.85 -47.22
C HIS A 193 17.30 -18.13 -46.41
N VAL A 194 17.50 -19.28 -47.04
CA VAL A 194 17.36 -20.55 -46.33
C VAL A 194 18.66 -20.99 -45.65
N GLY A 195 19.78 -20.90 -46.35
CA GLY A 195 21.08 -21.18 -45.75
C GLY A 195 21.68 -22.49 -46.20
N VAL A 196 21.15 -23.05 -47.28
CA VAL A 196 21.56 -24.36 -47.77
C VAL A 196 22.75 -24.20 -48.71
N HIS A 197 22.80 -23.09 -49.42
CA HIS A 197 23.89 -22.81 -50.35
C HIS A 197 24.72 -21.61 -49.91
N ALA A 198 25.85 -21.42 -50.58
CA ALA A 198 26.84 -20.40 -50.23
C ALA A 198 26.32 -18.99 -50.55
N PRO A 199 26.55 -18.02 -49.64
CA PRO A 199 27.42 -18.10 -48.45
C PRO A 199 26.72 -18.62 -47.20
N GLY A 200 25.46 -19.02 -47.33
CA GLY A 200 24.77 -19.67 -46.24
C GLY A 200 24.21 -18.70 -45.22
N HIS A 201 23.75 -17.56 -45.71
CA HIS A 201 23.15 -16.54 -44.86
C HIS A 201 21.66 -16.82 -44.72
N ARG A 202 21.03 -16.26 -43.70
CA ARG A 202 19.60 -16.45 -43.51
C ARG A 202 18.90 -15.12 -43.23
N ASP A 203 18.70 -14.35 -44.29
CA ASP A 203 18.19 -12.98 -44.22
C ASP A 203 17.50 -12.68 -45.54
N MET A 204 16.18 -12.55 -45.52
CA MET A 204 15.41 -12.31 -46.74
C MET A 204 15.74 -10.97 -47.38
N ASN A 205 16.07 -9.98 -46.57
CA ASN A 205 16.44 -8.67 -47.07
C ASN A 205 17.70 -8.76 -47.92
N GLU A 206 18.72 -9.40 -47.38
CA GLU A 206 19.92 -9.69 -48.14
C GLU A 206 19.58 -10.50 -49.39
N ALA A 207 18.66 -11.44 -49.26
CA ALA A 207 18.27 -12.33 -50.36
C ALA A 207 17.62 -11.62 -51.54
N VAL A 208 16.65 -10.75 -51.25
CA VAL A 208 15.98 -10.00 -52.30
C VAL A 208 16.89 -8.95 -52.94
N ARG A 209 17.80 -8.38 -52.16
CA ARG A 209 18.81 -7.48 -52.69
C ARG A 209 19.82 -8.23 -53.56
N ALA A 210 20.16 -9.45 -53.16
CA ALA A 210 21.06 -10.29 -53.95
C ALA A 210 20.44 -10.70 -55.29
N VAL A 211 19.19 -11.15 -55.25
CA VAL A 211 18.49 -11.54 -56.46
C VAL A 211 18.37 -10.40 -57.47
N HIS A 212 17.95 -9.22 -57.02
CA HIS A 212 17.83 -8.07 -57.90
C HIS A 212 19.14 -7.69 -58.56
N HIS A 213 20.22 -7.77 -57.79
CA HIS A 213 21.54 -7.42 -58.29
C HIS A 213 22.12 -8.48 -59.22
N MET A 214 21.80 -9.74 -58.97
CA MET A 214 22.13 -10.79 -59.92
C MET A 214 21.41 -10.58 -61.25
N LEU A 215 20.11 -10.28 -61.16
CA LEU A 215 19.30 -10.05 -62.34
C LEU A 215 19.71 -8.79 -63.10
N LEU A 216 19.98 -7.71 -62.34
CA LEU A 216 20.47 -6.48 -62.94
C LEU A 216 21.83 -6.61 -63.61
N SER A 217 22.73 -7.35 -62.97
CA SER A 217 24.04 -7.62 -63.57
C SER A 217 23.93 -8.45 -64.85
N HIS A 218 22.99 -9.38 -64.87
CA HIS A 218 22.65 -10.11 -66.08
C HIS A 218 22.32 -9.17 -67.24
N GLY A 219 21.37 -8.27 -67.01
CA GLY A 219 20.89 -7.39 -68.05
C GLY A 219 21.87 -6.31 -68.50
N LYS A 220 22.66 -5.80 -67.57
CA LYS A 220 23.72 -4.84 -67.90
C LYS A 220 24.84 -5.48 -68.74
N ALA A 221 25.10 -6.75 -68.50
CA ALA A 221 26.12 -7.48 -69.25
C ALA A 221 25.64 -7.76 -70.68
N VAL A 222 24.39 -8.15 -70.80
CA VAL A 222 23.73 -8.38 -72.08
C VAL A 222 23.73 -7.11 -72.93
N GLU A 223 23.30 -6.00 -72.31
CA GLU A 223 23.34 -4.70 -72.97
C GLU A 223 24.72 -4.31 -73.50
N LEU A 224 25.77 -4.59 -72.73
CA LEU A 224 27.12 -4.28 -73.18
C LEU A 224 27.47 -5.07 -74.44
N LEU A 225 27.15 -6.35 -74.42
CA LEU A 225 27.38 -7.21 -75.57
C LEU A 225 26.61 -6.75 -76.82
N LYS A 226 25.31 -6.52 -76.68
CA LYS A 226 24.48 -6.15 -77.84
C LYS A 226 24.55 -4.70 -78.32
N ARG A 227 24.96 -3.76 -77.48
CA ARG A 227 24.95 -2.36 -77.89
C ARG A 227 26.37 -1.89 -78.24
N GLU A 228 27.27 -1.92 -77.27
CA GLU A 228 28.64 -1.45 -77.44
C GLU A 228 29.51 -2.37 -78.30
N MET A 229 29.54 -3.65 -77.98
CA MET A 229 30.35 -4.59 -78.75
C MET A 229 29.68 -5.07 -80.03
N LYS A 230 28.40 -4.74 -80.19
CA LYS A 230 27.64 -5.07 -81.40
C LYS A 230 27.71 -6.55 -81.80
N SER A 231 27.73 -7.45 -80.82
CA SER A 231 27.97 -8.86 -81.10
C SER A 231 26.64 -9.59 -81.18
N THR A 232 26.51 -10.48 -82.16
CA THR A 232 25.31 -11.29 -82.30
C THR A 232 25.38 -12.72 -81.77
N THR A 233 26.42 -13.02 -81.00
CA THR A 233 26.50 -14.33 -80.34
C THR A 233 25.29 -14.45 -79.41
N PRO A 234 24.52 -15.53 -79.54
CA PRO A 234 23.34 -15.70 -78.68
C PRO A 234 23.65 -15.69 -77.18
N ILE A 235 22.90 -14.87 -76.46
CA ILE A 235 23.03 -14.75 -75.01
C ILE A 235 21.66 -14.81 -74.35
N GLY A 236 21.60 -15.34 -73.13
CA GLY A 236 20.34 -15.40 -72.39
C GLY A 236 20.59 -15.78 -70.94
N ILE A 237 19.51 -15.97 -70.19
CA ILE A 237 19.63 -16.43 -68.81
C ILE A 237 19.03 -17.83 -68.69
N THR A 238 19.45 -18.58 -67.67
CA THR A 238 18.80 -19.85 -67.32
C THR A 238 18.19 -19.73 -65.93
N LEU A 239 16.90 -20.01 -65.84
CA LEU A 239 16.22 -20.12 -64.57
C LEU A 239 15.80 -21.57 -64.34
N ASN A 240 15.91 -22.03 -63.11
CA ASN A 240 15.25 -23.29 -62.75
C ASN A 240 13.79 -23.05 -62.40
N LEU A 241 12.92 -23.84 -63.01
CA LEU A 241 11.48 -23.69 -62.84
C LEU A 241 10.83 -24.98 -62.39
N SER A 242 10.03 -24.89 -61.33
CA SER A 242 9.31 -26.03 -60.79
C SER A 242 7.83 -25.68 -60.66
N PRO A 243 6.98 -26.25 -61.52
CA PRO A 243 5.56 -25.94 -61.46
C PRO A 243 4.89 -26.44 -60.18
N MET A 244 3.89 -25.71 -59.72
CA MET A 244 3.29 -25.96 -58.41
C MET A 244 1.83 -26.38 -58.54
N TYR A 245 1.47 -27.40 -57.78
CA TYR A 245 0.13 -27.96 -57.83
C TYR A 245 -0.50 -28.07 -56.45
N ALA A 246 -1.80 -27.82 -56.38
CA ALA A 246 -2.54 -27.87 -55.12
C ALA A 246 -2.95 -29.31 -54.79
N LYS A 247 -2.81 -29.67 -53.53
CA LYS A 247 -3.20 -31.01 -53.07
C LYS A 247 -4.70 -31.23 -53.22
N THR A 248 -5.48 -30.20 -52.90
CA THR A 248 -6.92 -30.26 -53.09
C THR A 248 -7.38 -29.04 -53.87
N ASP A 249 -8.67 -28.96 -54.16
CA ASP A 249 -9.20 -27.83 -54.90
C ASP A 249 -9.82 -26.76 -54.00
N SER A 250 -9.57 -26.87 -52.70
CA SER A 250 -10.05 -25.85 -51.76
C SER A 250 -9.31 -24.53 -51.93
N ALA A 251 -9.94 -23.45 -51.48
CA ALA A 251 -9.42 -22.10 -51.65
C ALA A 251 -8.09 -21.94 -50.93
N ASN A 252 -8.05 -22.48 -49.72
CA ASN A 252 -6.84 -22.51 -48.89
C ASN A 252 -5.58 -23.07 -49.54
N ASP A 253 -5.70 -24.27 -50.12
CA ASP A 253 -4.57 -24.93 -50.79
C ASP A 253 -4.07 -24.25 -52.07
N ARG A 254 -4.96 -23.53 -52.75
CA ARG A 254 -4.58 -22.67 -53.88
C ARG A 254 -3.74 -21.44 -53.52
N LEU A 255 -4.02 -20.82 -52.39
CA LEU A 255 -3.22 -19.68 -51.94
C LEU A 255 -1.81 -20.17 -51.62
N ALA A 256 -1.73 -21.36 -51.03
CA ALA A 256 -0.46 -22.01 -50.72
C ALA A 256 0.32 -22.22 -52.03
N MET A 257 -0.38 -22.72 -53.04
CA MET A 257 0.18 -22.94 -54.36
C MET A 257 0.70 -21.65 -55.00
N ASN A 258 -0.15 -20.62 -55.07
CA ASN A 258 0.24 -19.32 -55.60
C ASN A 258 1.56 -18.79 -55.03
N ASN A 259 1.69 -18.86 -53.71
CA ASN A 259 2.88 -18.33 -53.04
C ASN A 259 4.13 -19.16 -53.33
N ALA A 260 3.99 -20.48 -53.37
CA ALA A 260 5.08 -21.36 -53.80
C ALA A 260 5.51 -21.08 -55.24
N ASP A 261 4.53 -20.88 -56.11
CA ASP A 261 4.79 -20.57 -57.52
C ASP A 261 5.51 -19.23 -57.66
N GLY A 262 5.08 -18.25 -56.88
CA GLY A 262 5.67 -16.92 -56.89
C GLY A 262 7.09 -16.87 -56.33
N TYR A 263 7.33 -17.65 -55.28
CA TYR A 263 8.63 -17.71 -54.63
C TYR A 263 9.68 -18.38 -55.50
N SER A 264 9.28 -19.45 -56.19
CA SER A 264 10.19 -20.20 -57.05
C SER A 264 10.29 -19.66 -58.48
N ASN A 265 9.18 -19.15 -59.01
CA ASN A 265 9.13 -18.87 -60.45
C ASN A 265 8.85 -17.42 -60.84
N ARG A 266 7.71 -16.88 -60.42
CA ARG A 266 7.29 -15.56 -60.88
C ARG A 266 8.19 -14.43 -60.37
N TRP A 267 8.78 -14.60 -59.19
CA TRP A 267 9.79 -13.65 -58.71
C TRP A 267 10.94 -13.45 -59.68
N PHE A 268 11.19 -14.46 -60.52
CA PHE A 268 12.28 -14.38 -61.48
C PHE A 268 11.81 -14.15 -62.90
N LEU A 269 10.70 -14.80 -63.26
CA LEU A 269 10.15 -14.66 -64.61
C LEU A 269 9.56 -13.28 -64.90
N ASP A 270 8.87 -12.71 -63.92
CA ASP A 270 8.24 -11.40 -64.10
C ASP A 270 9.23 -10.24 -64.33
N PRO A 271 10.29 -10.12 -63.51
CA PRO A 271 11.22 -9.02 -63.85
C PRO A 271 11.94 -9.19 -65.18
N VAL A 272 12.22 -10.44 -65.57
CA VAL A 272 12.97 -10.69 -66.79
C VAL A 272 12.12 -10.44 -68.04
N PHE A 273 10.86 -10.87 -68.00
CA PHE A 273 9.99 -10.77 -69.16
C PHE A 273 8.90 -9.70 -69.08
N LYS A 274 8.47 -9.35 -67.87
CA LYS A 274 7.44 -8.32 -67.72
C LYS A 274 8.02 -6.99 -67.24
N GLY A 275 9.25 -7.02 -66.72
CA GLY A 275 9.86 -5.84 -66.13
C GLY A 275 9.21 -5.31 -64.87
N GLU A 276 8.69 -6.21 -64.05
CA GLU A 276 8.10 -5.85 -62.75
C GLU A 276 8.22 -6.99 -61.75
N TYR A 277 8.25 -6.67 -60.46
CA TYR A 277 8.13 -7.70 -59.44
C TYR A 277 6.67 -7.95 -59.09
N PRO A 278 6.31 -9.22 -58.82
CA PRO A 278 4.93 -9.55 -58.46
C PRO A 278 4.55 -9.00 -57.10
N VAL A 279 3.58 -8.09 -57.09
CA VAL A 279 3.20 -7.40 -55.87
C VAL A 279 2.67 -8.34 -54.79
N ASP A 280 2.06 -9.44 -55.20
CA ASP A 280 1.59 -10.46 -54.26
C ASP A 280 2.72 -11.05 -53.43
N MET A 281 3.86 -11.28 -54.09
CA MET A 281 5.06 -11.78 -53.41
C MET A 281 5.73 -10.70 -52.57
N MET A 282 5.76 -9.48 -53.08
CA MET A 282 6.25 -8.33 -52.33
C MET A 282 5.56 -8.15 -50.98
N ASN A 283 4.23 -8.24 -50.98
CA ASN A 283 3.46 -8.17 -49.75
C ASN A 283 3.76 -9.31 -48.78
N LEU A 284 3.84 -10.53 -49.31
CA LEU A 284 4.17 -11.68 -48.50
C LEU A 284 5.57 -11.57 -47.90
N PHE A 285 6.53 -11.13 -48.70
CA PHE A 285 7.89 -10.92 -48.22
C PHE A 285 8.04 -9.71 -47.30
N SER A 286 7.07 -8.81 -47.32
CA SER A 286 7.10 -7.62 -46.47
C SER A 286 7.14 -7.91 -44.97
N LYS A 287 6.88 -9.15 -44.58
CA LYS A 287 7.13 -9.58 -43.21
C LYS A 287 8.61 -9.53 -42.82
N TYR A 288 9.48 -9.56 -43.83
CA TYR A 288 10.92 -9.40 -43.59
C TYR A 288 11.52 -8.20 -44.33
N VAL A 289 11.00 -7.89 -45.51
CA VAL A 289 11.60 -6.84 -46.34
C VAL A 289 10.76 -5.57 -46.21
N HIS A 290 11.36 -4.57 -45.58
CA HIS A 290 10.67 -3.34 -45.20
C HIS A 290 11.12 -2.10 -45.98
N ASN A 291 11.86 -2.30 -47.06
CA ASN A 291 12.12 -1.23 -48.03
C ASN A 291 12.60 -1.79 -49.36
N PHE A 292 12.09 -1.19 -50.43
CA PHE A 292 12.47 -1.57 -51.79
C PHE A 292 13.25 -0.49 -52.53
N ASP A 293 13.96 0.35 -51.79
CA ASP A 293 14.80 1.40 -52.39
C ASP A 293 16.06 0.89 -53.10
N PHE A 294 16.34 -0.41 -52.97
CA PHE A 294 17.35 -1.06 -53.80
C PHE A 294 16.97 -1.15 -55.28
N ILE A 295 15.68 -1.06 -55.57
CA ILE A 295 15.26 -0.92 -56.97
C ILE A 295 15.39 0.51 -57.47
N GLN A 296 16.53 0.83 -58.06
CA GLN A 296 16.78 2.16 -58.62
C GLN A 296 16.01 2.32 -59.93
N SER A 297 15.76 3.56 -60.33
CA SER A 297 15.12 3.82 -61.61
C SER A 297 16.03 3.40 -62.76
N GLY A 298 15.45 2.76 -63.76
CA GLY A 298 16.20 2.21 -64.88
C GLY A 298 16.62 0.76 -64.70
N ASP A 299 16.54 0.25 -63.48
CA ASP A 299 17.01 -1.09 -63.19
C ASP A 299 16.14 -2.15 -63.87
N MET A 300 14.84 -2.07 -63.64
CA MET A 300 13.88 -3.02 -64.18
C MET A 300 13.78 -2.95 -65.70
N GLU A 301 14.06 -1.76 -66.24
CA GLU A 301 14.16 -1.55 -67.68
C GLU A 301 15.37 -2.25 -68.31
N THR A 302 16.49 -2.20 -67.62
CA THR A 302 17.71 -2.87 -68.05
C THR A 302 17.61 -4.40 -68.03
N ILE A 303 17.06 -4.92 -66.95
CA ILE A 303 16.81 -6.36 -66.77
C ILE A 303 15.97 -7.04 -67.87
N SER A 304 14.98 -6.34 -68.42
CA SER A 304 14.13 -6.98 -69.43
C SER A 304 14.62 -6.77 -70.85
N THR A 305 15.89 -6.40 -71.00
CA THR A 305 16.51 -6.21 -72.31
C THR A 305 16.40 -7.53 -73.09
N ALA A 306 16.10 -7.45 -74.38
CA ALA A 306 15.82 -8.65 -75.17
C ALA A 306 17.01 -9.60 -75.29
N CYS A 307 16.74 -10.89 -75.12
CA CYS A 307 17.75 -11.94 -75.23
C CYS A 307 17.54 -12.77 -76.49
N ASP A 308 18.49 -13.66 -76.79
CA ASP A 308 18.40 -14.48 -78.00
C ASP A 308 17.71 -15.81 -77.72
N PHE A 309 17.82 -16.28 -76.49
CA PHE A 309 17.13 -17.51 -76.08
C PHE A 309 16.74 -17.46 -74.61
N PHE A 310 16.02 -18.48 -74.17
CA PHE A 310 15.70 -18.64 -72.75
C PHE A 310 16.13 -20.01 -72.27
N GLY A 311 16.93 -20.03 -71.20
CA GLY A 311 17.40 -21.27 -70.60
C GLY A 311 16.50 -21.75 -69.48
N ILE A 312 16.28 -23.06 -69.42
CA ILE A 312 15.49 -23.66 -68.35
C ILE A 312 16.20 -24.87 -67.75
N ASN A 313 16.44 -24.81 -66.44
CA ASN A 313 16.80 -25.99 -65.68
C ASN A 313 15.56 -26.60 -65.05
N PHE A 314 15.21 -27.81 -65.48
CA PHE A 314 14.04 -28.47 -64.92
C PHE A 314 14.45 -29.79 -64.27
N TYR A 315 13.94 -30.06 -63.08
CA TYR A 315 14.24 -31.31 -62.40
C TYR A 315 12.97 -32.01 -61.91
N SER A 316 12.07 -31.23 -61.32
CA SER A 316 10.86 -31.79 -60.73
C SER A 316 9.78 -30.75 -60.46
N ARG A 317 8.62 -31.24 -60.05
CA ARG A 317 7.55 -30.41 -59.52
C ARG A 317 7.61 -30.40 -58.00
N GLY A 318 6.75 -29.59 -57.38
CA GLY A 318 6.51 -29.69 -55.96
C GLY A 318 5.04 -29.58 -55.63
N ILE A 319 4.47 -30.62 -55.05
CA ILE A 319 3.09 -30.56 -54.54
C ILE A 319 3.06 -29.98 -53.13
N VAL A 320 2.31 -28.89 -52.95
CA VAL A 320 2.27 -28.21 -51.66
C VAL A 320 0.83 -28.16 -51.12
N GLU A 321 0.69 -28.03 -49.79
CA GLU A 321 -0.60 -27.75 -49.18
C GLU A 321 -0.50 -26.62 -48.16
N PHE A 322 -1.65 -26.12 -47.70
CA PHE A 322 -1.64 -24.98 -46.78
C PHE A 322 -1.33 -25.32 -45.33
N ASN A 323 -0.63 -24.40 -44.65
CA ASN A 323 -0.28 -24.51 -43.23
C ASN A 323 -0.39 -23.09 -42.62
N ALA A 324 -1.37 -22.91 -41.75
CA ALA A 324 -1.57 -21.66 -41.03
C ALA A 324 -0.39 -21.15 -40.17
N ALA A 325 0.47 -22.02 -39.68
CA ALA A 325 1.57 -21.57 -38.83
C ALA A 325 2.88 -21.20 -39.56
N ASN A 326 2.90 -21.33 -40.89
CA ASN A 326 4.04 -20.85 -41.70
C ASN A 326 3.85 -19.40 -42.09
N ASP A 327 4.93 -18.62 -42.04
CA ASP A 327 4.91 -17.26 -42.56
C ASP A 327 4.56 -17.17 -44.04
N PHE A 328 5.10 -18.05 -44.86
CA PHE A 328 4.78 -18.05 -46.29
C PHE A 328 3.71 -19.07 -46.63
N LEU A 329 3.04 -19.57 -45.60
CA LEU A 329 1.78 -20.31 -45.77
C LEU A 329 1.93 -21.69 -46.40
N LYS A 330 3.14 -22.22 -46.47
CA LYS A 330 3.35 -23.53 -47.08
C LYS A 330 4.41 -24.36 -46.34
N ALA A 331 4.22 -25.69 -46.33
CA ALA A 331 5.24 -26.63 -45.85
C ALA A 331 5.41 -27.87 -46.74
N ASP A 332 4.86 -27.84 -47.95
CA ASP A 332 4.95 -28.95 -48.93
C ASP A 332 4.05 -30.12 -48.51
N ALA A 333 3.38 -30.70 -49.51
CA ALA A 333 2.49 -31.84 -49.32
C ALA A 333 3.07 -33.21 -49.71
N TYR A 334 2.44 -34.26 -49.20
CA TYR A 334 2.83 -35.64 -49.48
C TYR A 334 2.57 -36.05 -50.94
N SER A 335 3.58 -36.61 -51.59
CA SER A 335 3.47 -37.09 -52.97
C SER A 335 3.47 -38.61 -53.09
N ASP A 336 2.56 -39.14 -53.89
CA ASP A 336 2.50 -40.58 -54.17
C ASP A 336 3.14 -40.98 -55.51
N TYR A 337 3.75 -40.01 -56.19
CA TYR A 337 4.43 -40.25 -57.46
C TYR A 337 5.65 -41.15 -57.28
N GLU A 338 6.13 -41.75 -58.36
CA GLU A 338 7.41 -42.45 -58.31
C GLU A 338 8.50 -41.42 -58.10
N LYS A 339 9.45 -41.74 -57.23
CA LYS A 339 10.43 -40.75 -56.80
C LYS A 339 11.87 -41.19 -57.06
N THR A 340 12.77 -40.23 -57.27
CA THR A 340 14.19 -40.51 -57.49
C THR A 340 14.91 -40.84 -56.18
N GLY A 341 16.22 -41.06 -56.28
CA GLY A 341 17.08 -41.19 -55.11
C GLY A 341 17.17 -39.96 -54.23
N MET A 342 16.92 -38.80 -54.82
CA MET A 342 16.91 -37.54 -54.07
C MET A 342 15.64 -37.35 -53.27
N GLY A 343 14.63 -38.15 -53.59
CA GLY A 343 13.29 -37.95 -53.06
C GLY A 343 12.47 -36.94 -53.85
N TRP A 344 12.93 -36.64 -55.06
CA TRP A 344 12.19 -35.73 -55.93
C TRP A 344 11.22 -36.51 -56.81
N ASP A 345 10.04 -35.94 -57.04
CA ASP A 345 9.04 -36.57 -57.91
C ASP A 345 9.49 -36.67 -59.36
N ILE A 346 9.21 -37.81 -59.99
CA ILE A 346 9.38 -37.94 -61.44
C ILE A 346 8.12 -37.46 -62.15
N ALA A 347 8.22 -36.35 -62.88
CA ALA A 347 7.04 -35.61 -63.31
C ALA A 347 7.18 -35.03 -64.72
N PRO A 348 7.21 -35.90 -65.75
CA PRO A 348 7.25 -35.43 -67.14
C PRO A 348 5.94 -34.82 -67.66
N ASN A 349 4.80 -35.30 -67.17
CA ASN A 349 3.51 -34.73 -67.53
C ASN A 349 3.32 -33.27 -67.12
N GLU A 350 3.83 -32.93 -65.93
CA GLU A 350 3.71 -31.57 -65.38
C GLU A 350 4.71 -30.61 -66.05
N PHE A 351 5.81 -31.17 -66.53
CA PHE A 351 6.75 -30.46 -67.40
C PHE A 351 6.11 -29.91 -68.67
N LYS A 352 5.25 -30.69 -69.32
CA LYS A 352 4.55 -30.24 -70.51
C LYS A 352 3.61 -29.07 -70.25
N ASP A 353 2.99 -29.07 -69.07
CA ASP A 353 2.15 -27.96 -68.62
C ASP A 353 2.94 -26.65 -68.46
N LEU A 354 4.08 -26.73 -67.79
CA LEU A 354 4.97 -25.59 -67.53
C LEU A 354 5.38 -24.82 -68.79
N ILE A 355 5.81 -25.54 -69.82
CA ILE A 355 6.26 -24.91 -71.06
C ILE A 355 5.09 -24.16 -71.70
N ARG A 356 3.94 -24.83 -71.79
CA ARG A 356 2.71 -24.23 -72.30
C ARG A 356 2.41 -22.92 -71.58
N ARG A 357 2.60 -22.92 -70.26
CA ARG A 357 2.35 -21.75 -69.45
C ARG A 357 3.27 -20.59 -69.82
N LEU A 358 4.54 -20.90 -70.10
CA LEU A 358 5.51 -19.89 -70.49
C LEU A 358 5.18 -19.22 -71.84
N ARG A 359 4.66 -20.00 -72.77
CA ARG A 359 4.23 -19.46 -74.06
C ARG A 359 2.96 -18.61 -73.99
N ALA A 360 1.99 -19.05 -73.18
CA ALA A 360 0.74 -18.31 -73.02
C ALA A 360 0.95 -16.97 -72.31
N GLU A 361 1.77 -16.96 -71.27
CA GLU A 361 1.87 -15.80 -70.41
C GLU A 361 3.14 -14.97 -70.59
N TYR A 362 4.26 -15.60 -70.94
CA TYR A 362 5.55 -14.97 -70.72
C TYR A 362 6.41 -14.68 -71.96
N THR A 363 6.72 -15.70 -72.75
CA THR A 363 7.72 -15.53 -73.80
C THR A 363 7.47 -16.40 -75.03
N ASP A 364 7.86 -15.87 -76.18
CA ASP A 364 7.91 -16.64 -77.42
C ASP A 364 9.35 -16.88 -77.88
N LEU A 365 10.29 -16.65 -76.97
CA LEU A 365 11.71 -16.91 -77.26
C LEU A 365 11.98 -18.41 -77.36
N PRO A 366 13.00 -18.79 -78.14
CA PRO A 366 13.42 -20.20 -78.20
C PRO A 366 13.87 -20.72 -76.84
N ILE A 367 13.43 -21.92 -76.48
CA ILE A 367 13.74 -22.50 -75.19
C ILE A 367 14.85 -23.56 -75.25
N TYR A 368 15.80 -23.48 -74.32
CA TYR A 368 16.82 -24.51 -74.14
C TYR A 368 16.70 -25.17 -72.76
N ILE A 369 16.59 -26.49 -72.73
CA ILE A 369 16.63 -27.22 -71.46
C ILE A 369 18.07 -27.37 -70.99
N THR A 370 18.57 -26.36 -70.27
CA THR A 370 19.98 -26.30 -69.92
C THR A 370 20.45 -27.24 -68.81
N GLU A 371 19.51 -27.81 -68.04
CA GLU A 371 19.80 -28.94 -67.15
C GLU A 371 18.59 -29.86 -66.99
N ASN A 372 18.77 -31.14 -67.28
CA ASN A 372 17.86 -32.19 -66.84
C ASN A 372 18.56 -33.51 -66.52
N GLY A 373 18.11 -34.18 -65.46
CA GLY A 373 18.71 -35.44 -65.03
C GLY A 373 18.18 -35.97 -63.70
N ALA A 374 18.79 -37.04 -63.19
CA ALA A 374 18.31 -37.70 -61.98
C ALA A 374 19.42 -38.46 -61.25
N ALA A 375 19.28 -38.60 -59.93
CA ALA A 375 20.19 -39.42 -59.13
C ALA A 375 19.54 -40.72 -58.69
N PHE A 376 20.22 -41.83 -58.94
CA PHE A 376 19.79 -43.14 -58.49
C PHE A 376 20.94 -43.86 -57.80
N ASP A 377 20.61 -44.84 -56.95
CA ASP A 377 21.60 -45.60 -56.21
C ASP A 377 22.39 -46.52 -57.15
N ASP A 378 23.43 -45.98 -57.78
CA ASP A 378 24.22 -46.73 -58.75
C ASP A 378 25.19 -47.69 -58.08
N VAL A 379 25.10 -48.96 -58.49
CA VAL A 379 25.96 -50.03 -57.99
C VAL A 379 26.96 -50.43 -59.08
N LEU A 380 28.25 -50.26 -58.81
CA LEU A 380 29.27 -50.81 -59.70
C LEU A 380 29.45 -52.32 -59.55
N GLU A 381 29.23 -53.02 -60.66
CA GLU A 381 29.33 -54.47 -60.72
C GLU A 381 30.02 -54.91 -62.01
N ASN A 382 31.30 -55.25 -61.88
CA ASN A 382 32.06 -55.84 -62.98
C ASN A 382 32.24 -54.82 -64.10
N GLY A 383 32.79 -53.66 -63.75
CA GLY A 383 32.99 -52.57 -64.70
C GLY A 383 31.71 -52.09 -65.34
N GLU A 384 30.63 -52.14 -64.58
CA GLU A 384 29.29 -51.81 -65.06
C GLU A 384 28.42 -51.36 -63.88
N VAL A 385 27.52 -50.39 -64.12
CA VAL A 385 26.62 -49.91 -63.08
C VAL A 385 25.13 -49.87 -63.50
N HIS A 386 24.80 -50.61 -64.57
CA HIS A 386 23.47 -50.70 -65.18
C HIS A 386 22.36 -49.81 -64.60
N ASP A 387 22.23 -48.60 -65.16
CA ASP A 387 21.26 -47.63 -64.67
C ASP A 387 20.09 -47.43 -65.63
N ASP A 388 19.28 -48.47 -65.80
CA ASP A 388 18.10 -48.42 -66.65
C ASP A 388 17.04 -47.45 -66.14
N ASN A 389 16.95 -47.31 -64.82
CA ASN A 389 16.07 -46.34 -64.19
C ASN A 389 16.36 -44.88 -64.54
N ARG A 390 17.63 -44.53 -64.66
CA ARG A 390 18.04 -43.20 -65.12
C ARG A 390 17.71 -42.99 -66.60
N ILE A 391 17.77 -44.06 -67.38
CA ILE A 391 17.44 -44.02 -68.81
C ILE A 391 15.95 -43.75 -69.01
N ASP A 392 15.12 -44.41 -68.20
CA ASP A 392 13.69 -44.18 -68.19
C ASP A 392 13.40 -42.70 -67.99
N TYR A 393 13.95 -42.13 -66.92
CA TYR A 393 13.72 -40.73 -66.56
C TYR A 393 14.00 -39.79 -67.74
N VAL A 394 15.18 -39.89 -68.32
CA VAL A 394 15.60 -39.00 -69.39
C VAL A 394 14.77 -39.19 -70.66
N ARG A 395 14.49 -40.45 -71.00
CA ARG A 395 13.68 -40.78 -72.17
C ARG A 395 12.25 -40.25 -72.10
N GLN A 396 11.66 -40.35 -70.91
CA GLN A 396 10.32 -39.83 -70.65
C GLN A 396 10.23 -38.32 -70.87
N HIS A 397 11.26 -37.62 -70.41
CA HIS A 397 11.35 -36.17 -70.56
C HIS A 397 11.61 -35.74 -72.00
N LEU A 398 12.48 -36.48 -72.69
CA LEU A 398 12.76 -36.24 -74.11
C LEU A 398 11.55 -36.46 -75.01
N GLU A 399 10.74 -37.46 -74.67
CA GLU A 399 9.45 -37.65 -75.34
C GLU A 399 8.53 -36.46 -75.10
N ALA A 400 8.52 -35.96 -73.87
CA ALA A 400 7.77 -34.76 -73.54
C ALA A 400 8.30 -33.53 -74.29
N VAL A 401 9.61 -33.48 -74.46
CA VAL A 401 10.24 -32.44 -75.28
C VAL A 401 9.78 -32.57 -76.72
N SER A 402 9.71 -33.82 -77.18
CA SER A 402 9.30 -34.13 -78.53
C SER A 402 7.83 -33.78 -78.80
N ASP A 403 6.97 -34.12 -77.84
CA ASP A 403 5.54 -33.79 -77.88
C ASP A 403 5.24 -32.29 -77.92
N LEU A 404 6.01 -31.51 -77.17
CA LEU A 404 5.85 -30.04 -77.14
C LEU A 404 6.19 -29.35 -78.45
N ASN A 405 7.25 -29.80 -79.12
CA ASN A 405 7.61 -29.24 -80.42
C ASN A 405 6.55 -29.51 -81.49
N ASP A 406 5.80 -30.60 -81.33
CA ASP A 406 4.66 -30.84 -82.20
C ASP A 406 3.55 -29.81 -81.96
N GLU A 407 3.41 -29.31 -80.73
CA GLU A 407 2.47 -28.23 -80.47
C GLU A 407 2.98 -26.87 -80.94
N GLY A 408 4.27 -26.76 -81.23
CA GLY A 408 4.82 -25.49 -81.67
C GLY A 408 5.44 -24.69 -80.55
N MET A 409 5.87 -25.38 -79.49
CA MET A 409 6.40 -24.71 -78.31
C MET A 409 7.83 -24.28 -78.52
N ASN A 410 8.43 -24.75 -79.61
CA ASN A 410 9.71 -24.25 -80.09
C ASN A 410 10.82 -24.43 -79.05
N ILE A 411 11.06 -25.68 -78.67
CA ILE A 411 12.22 -26.04 -77.85
C ILE A 411 13.40 -26.48 -78.74
N GLN A 412 14.33 -25.56 -78.94
CA GLN A 412 15.43 -25.76 -79.89
C GLN A 412 16.56 -26.66 -79.37
N GLY A 413 16.68 -26.85 -78.06
CA GLY A 413 17.77 -27.66 -77.53
C GLY A 413 17.60 -28.27 -76.15
N TYR A 414 18.53 -29.17 -75.80
CA TYR A 414 18.47 -29.95 -74.56
C TYR A 414 19.83 -30.41 -74.04
N TYR A 415 20.20 -30.00 -72.83
CA TYR A 415 21.50 -30.40 -72.23
C TYR A 415 21.30 -31.36 -71.05
N LEU A 416 21.81 -32.58 -71.19
CA LEU A 416 21.70 -33.60 -70.15
C LEU A 416 22.65 -33.41 -68.96
N TRP A 417 22.08 -33.22 -67.78
CA TRP A 417 22.84 -33.14 -66.54
C TRP A 417 22.92 -34.50 -65.83
N SER A 418 24.12 -34.98 -65.50
CA SER A 418 25.39 -34.29 -65.76
C SER A 418 26.31 -35.19 -66.59
N LEU A 419 27.37 -34.60 -67.16
CA LEU A 419 28.33 -35.37 -67.93
C LEU A 419 29.00 -36.45 -67.09
N MET A 420 29.55 -36.04 -65.96
CA MET A 420 30.18 -36.99 -65.04
C MET A 420 29.58 -36.89 -63.64
N ASP A 421 29.79 -37.93 -62.84
CA ASP A 421 29.46 -37.86 -61.43
C ASP A 421 30.29 -36.78 -60.76
N ASN A 422 29.65 -35.92 -59.97
CA ASN A 422 30.32 -34.74 -59.45
C ASN A 422 29.89 -34.34 -58.05
N PHE A 423 30.58 -33.34 -57.51
CA PHE A 423 30.27 -32.76 -56.21
C PHE A 423 28.89 -32.11 -56.18
N GLU A 424 27.94 -32.77 -55.53
CA GLU A 424 26.58 -32.28 -55.51
C GLU A 424 26.35 -31.42 -54.27
N TRP A 425 27.15 -30.38 -54.13
CA TRP A 425 26.92 -29.31 -53.16
C TRP A 425 26.81 -29.83 -51.71
N SER A 426 25.68 -29.54 -51.08
CA SER A 426 25.44 -29.88 -49.68
C SER A 426 25.31 -31.39 -49.46
N PHE A 427 25.02 -32.12 -50.53
CA PHE A 427 24.98 -33.58 -50.49
C PHE A 427 26.37 -34.19 -50.63
N GLY A 428 27.33 -33.36 -51.04
CA GLY A 428 28.70 -33.79 -51.24
C GLY A 428 28.88 -34.80 -52.37
N TYR A 429 29.78 -35.76 -52.19
CA TYR A 429 29.95 -36.80 -53.21
C TYR A 429 29.03 -38.00 -53.03
N GLU A 430 28.12 -37.92 -52.08
CA GLU A 430 27.10 -38.97 -51.87
C GLU A 430 26.10 -39.16 -53.01
N LYS A 431 25.86 -38.11 -53.78
CA LYS A 431 24.93 -38.22 -54.90
C LYS A 431 25.59 -38.08 -56.28
N ARG A 432 25.04 -38.83 -57.23
CA ARG A 432 25.57 -38.92 -58.59
C ARG A 432 24.52 -38.63 -59.67
N PHE A 433 24.70 -37.50 -60.35
CA PHE A 433 23.81 -37.11 -61.44
C PHE A 433 24.38 -37.53 -62.79
N GLY A 434 25.65 -37.93 -62.79
CA GLY A 434 26.41 -38.14 -64.01
C GLY A 434 25.93 -39.31 -64.83
N ILE A 435 26.13 -39.23 -66.15
CA ILE A 435 26.05 -40.39 -67.03
C ILE A 435 27.34 -41.21 -67.04
N LEU A 436 28.45 -40.57 -66.66
CA LEU A 436 29.70 -41.30 -66.47
C LEU A 436 30.03 -41.47 -64.99
N TYR A 437 30.21 -42.72 -64.59
CA TYR A 437 30.57 -43.05 -63.21
C TYR A 437 32.02 -42.67 -62.93
N ILE A 438 32.29 -42.23 -61.71
CA ILE A 438 33.65 -41.87 -61.33
C ILE A 438 34.10 -42.46 -60.01
N ASP A 439 35.12 -43.31 -60.04
CA ASP A 439 35.81 -43.75 -58.85
C ASP A 439 36.78 -42.66 -58.42
N PHE A 440 36.55 -42.12 -57.23
CA PHE A 440 37.23 -40.92 -56.75
C PHE A 440 38.62 -41.20 -56.20
N GLU A 441 38.94 -42.47 -56.02
CA GLU A 441 40.28 -42.86 -55.61
C GLU A 441 41.16 -43.14 -56.81
N THR A 442 40.56 -43.56 -57.92
CA THR A 442 41.34 -43.76 -59.13
C THR A 442 41.16 -42.61 -60.13
N GLN A 443 40.09 -41.83 -59.94
CA GLN A 443 39.68 -40.76 -60.87
C GLN A 443 39.39 -41.27 -62.30
N GLU A 444 39.03 -42.54 -62.41
CA GLU A 444 38.66 -43.12 -63.70
C GLU A 444 37.25 -42.73 -64.13
N ARG A 445 37.12 -42.26 -65.36
CA ARG A 445 35.80 -42.07 -65.96
C ARG A 445 35.41 -43.40 -66.59
N ILE A 446 34.25 -43.94 -66.23
CA ILE A 446 33.73 -45.11 -66.93
C ILE A 446 32.35 -44.85 -67.50
N TRP A 447 32.22 -45.03 -68.81
CA TRP A 447 30.91 -44.92 -69.45
C TRP A 447 29.91 -45.97 -69.01
N LYS A 448 28.66 -45.56 -68.83
CA LYS A 448 27.58 -46.52 -68.67
C LYS A 448 26.88 -46.78 -70.02
N ASP A 449 26.04 -47.82 -70.06
CA ASP A 449 25.26 -48.16 -71.23
C ASP A 449 24.34 -46.98 -71.54
N SER A 450 23.94 -46.26 -70.50
CA SER A 450 23.14 -45.04 -70.66
C SER A 450 23.91 -43.96 -71.41
N ALA A 451 25.22 -43.92 -71.20
CA ALA A 451 26.07 -43.00 -71.94
C ALA A 451 26.04 -43.44 -73.41
N LYS A 452 26.25 -44.74 -73.61
CA LYS A 452 26.11 -45.40 -74.90
C LYS A 452 24.75 -45.12 -75.51
N TRP A 453 23.70 -45.26 -74.70
CA TRP A 453 22.33 -44.97 -75.12
C TRP A 453 22.13 -43.53 -75.56
N TYR A 454 22.64 -42.57 -74.80
CA TYR A 454 22.47 -41.16 -75.14
C TYR A 454 23.20 -40.89 -76.46
N ALA A 455 24.40 -41.45 -76.58
CA ALA A 455 25.18 -41.43 -77.82
C ALA A 455 24.44 -42.02 -79.02
N GLY A 456 23.80 -43.17 -78.80
CA GLY A 456 23.03 -43.85 -79.82
C GLY A 456 21.76 -43.13 -80.25
N VAL A 457 21.17 -42.40 -79.31
CA VAL A 457 20.04 -41.53 -79.58
C VAL A 457 20.47 -40.42 -80.56
N ILE A 458 21.63 -39.83 -80.28
CA ILE A 458 22.22 -38.82 -81.14
C ILE A 458 22.54 -39.40 -82.51
N ALA A 459 23.07 -40.61 -82.49
CA ALA A 459 23.43 -41.33 -83.71
C ALA A 459 22.17 -41.60 -84.54
N ASP A 460 21.14 -42.13 -83.88
CA ASP A 460 19.86 -42.40 -84.51
C ASP A 460 19.15 -41.16 -85.07
N HIS A 461 19.26 -40.04 -84.38
CA HIS A 461 18.75 -38.76 -84.90
C HIS A 461 19.43 -38.34 -86.22
N LYS A 462 20.76 -38.20 -86.20
CA LYS A 462 21.56 -37.81 -87.36
C LYS A 462 21.39 -38.77 -88.55
N ALA A 463 21.22 -40.03 -88.21
CA ALA A 463 21.09 -41.18 -89.13
C ALA A 463 19.87 -41.16 -90.05
N LYS A 464 18.80 -40.50 -89.65
CA LYS A 464 17.59 -40.48 -90.47
C LYS A 464 17.51 -39.33 -91.51
N HIS A 465 18.63 -38.67 -91.78
CA HIS A 465 18.58 -37.59 -92.76
C HIS A 465 18.70 -38.23 -94.15
N ALA A 466 18.27 -37.51 -95.19
CA ALA A 466 18.48 -37.97 -96.56
C ALA A 466 18.35 -36.81 -97.54
N MET B 22 -23.56 18.54 -71.27
CA MET B 22 -24.56 18.81 -70.25
C MET B 22 -25.89 18.22 -70.71
N HIS B 23 -25.92 17.79 -71.97
CA HIS B 23 -27.12 17.21 -72.58
C HIS B 23 -27.36 15.76 -72.18
N PHE B 24 -27.99 15.55 -71.02
CA PHE B 24 -28.19 14.19 -70.53
C PHE B 24 -29.33 13.54 -71.29
N LYS B 25 -29.18 12.25 -71.60
CA LYS B 25 -30.22 11.52 -72.33
C LYS B 25 -31.57 11.55 -71.60
N LYS B 26 -32.65 11.37 -72.35
CA LYS B 26 -34.00 11.46 -71.80
C LYS B 26 -34.25 10.44 -70.68
N ASP B 27 -33.64 9.27 -70.80
CA ASP B 27 -33.77 8.23 -69.78
C ASP B 27 -32.89 8.45 -68.56
N PHE B 28 -32.01 9.46 -68.61
CA PHE B 28 -31.13 9.75 -67.48
C PHE B 28 -31.94 10.12 -66.24
N VAL B 29 -31.51 9.58 -65.10
CA VAL B 29 -32.25 9.73 -63.84
C VAL B 29 -31.55 10.62 -62.81
N PHE B 30 -32.16 11.76 -62.49
CA PHE B 30 -31.70 12.54 -61.33
C PHE B 30 -32.39 12.09 -60.05
N GLY B 31 -31.62 12.09 -58.96
CA GLY B 31 -32.14 11.69 -57.67
C GLY B 31 -31.48 12.36 -56.48
N THR B 32 -31.96 12.01 -55.30
CA THR B 32 -31.33 12.39 -54.04
C THR B 32 -31.46 11.21 -53.10
N ALA B 33 -30.73 11.22 -51.98
CA ALA B 33 -30.62 10.01 -51.18
C ALA B 33 -30.46 10.28 -49.70
N THR B 34 -30.92 9.33 -48.89
CA THR B 34 -30.75 9.34 -47.44
C THR B 34 -30.57 7.91 -46.92
N SER B 35 -30.33 7.79 -45.63
CA SER B 35 -30.38 6.48 -44.96
C SER B 35 -31.18 6.58 -43.66
N SER B 36 -31.72 5.44 -43.24
CA SER B 36 -32.75 5.41 -42.21
C SER B 36 -32.33 5.94 -40.84
N TYR B 37 -31.22 5.44 -40.30
CA TYR B 37 -30.77 5.88 -38.99
C TYR B 37 -30.31 7.33 -38.93
N GLN B 38 -29.86 7.86 -40.06
CA GLN B 38 -29.39 9.23 -40.12
C GLN B 38 -30.55 10.24 -40.06
N ILE B 39 -31.73 9.85 -40.52
CA ILE B 39 -32.85 10.79 -40.61
C ILE B 39 -34.10 10.40 -39.81
N GLU B 40 -34.40 9.10 -39.72
CA GLU B 40 -35.72 8.65 -39.26
C GLU B 40 -36.05 9.05 -37.81
N GLY B 41 -35.12 8.83 -36.89
CA GLY B 41 -35.44 8.95 -35.47
C GLY B 41 -36.44 7.92 -35.00
N ALA B 42 -37.31 8.33 -34.07
CA ALA B 42 -38.33 7.45 -33.50
C ALA B 42 -37.77 6.09 -33.06
N HIS B 43 -36.66 6.14 -32.33
CA HIS B 43 -35.82 4.97 -32.06
C HIS B 43 -36.52 3.91 -31.22
N ASN B 44 -37.46 4.31 -30.36
CA ASN B 44 -38.16 3.34 -29.53
C ASN B 44 -39.65 3.24 -29.87
N GLU B 45 -40.03 3.72 -31.04
CA GLU B 45 -41.43 3.73 -31.44
C GLU B 45 -41.64 2.81 -32.64
N GLY B 46 -42.84 2.29 -32.80
CA GLY B 46 -43.14 1.40 -33.91
C GLY B 46 -42.56 0.01 -33.81
N GLY B 47 -42.26 -0.44 -32.59
CA GLY B 47 -41.64 -1.73 -32.41
C GLY B 47 -40.12 -1.78 -32.53
N ARG B 48 -39.49 -0.64 -32.77
CA ARG B 48 -38.04 -0.62 -33.01
C ARG B 48 -37.21 -0.93 -31.76
N THR B 49 -36.26 -1.85 -31.95
CA THR B 49 -35.29 -2.20 -30.92
C THR B 49 -33.94 -1.61 -31.27
N PRO B 50 -32.99 -1.57 -30.30
CA PRO B 50 -31.73 -0.88 -30.58
C PRO B 50 -30.89 -1.55 -31.68
N SER B 51 -30.17 -0.74 -32.44
CA SER B 51 -29.19 -1.26 -33.40
C SER B 51 -27.77 -1.21 -32.84
N ILE B 52 -26.82 -1.71 -33.63
CA ILE B 52 -25.40 -1.60 -33.30
C ILE B 52 -24.94 -0.16 -33.10
N TRP B 53 -25.51 0.75 -33.89
CA TRP B 53 -25.15 2.16 -33.81
C TRP B 53 -25.62 2.84 -32.51
N ASP B 54 -26.78 2.42 -32.02
CA ASP B 54 -27.27 2.87 -30.70
C ASP B 54 -26.24 2.58 -29.61
N MET B 55 -25.71 1.37 -29.63
CA MET B 55 -24.72 0.90 -28.65
C MET B 55 -23.35 1.52 -28.87
N PHE B 56 -23.00 1.76 -30.13
CA PHE B 56 -21.79 2.48 -30.51
C PHE B 56 -21.73 3.90 -29.98
N CYS B 57 -22.83 4.65 -30.14
CA CYS B 57 -22.95 6.01 -29.61
C CYS B 57 -22.68 6.08 -28.10
N ASP B 58 -23.02 5.01 -27.38
CA ASP B 58 -22.78 4.94 -25.95
C ASP B 58 -21.37 4.46 -25.59
N ILE B 59 -20.64 3.89 -26.55
CA ILE B 59 -19.24 3.56 -26.28
C ILE B 59 -18.38 4.82 -26.34
N ASP B 60 -17.52 4.97 -25.33
CA ASP B 60 -16.75 6.19 -25.12
C ASP B 60 -15.67 6.42 -26.17
N GLY B 61 -15.52 7.67 -26.59
CA GLY B 61 -14.48 8.07 -27.52
C GLY B 61 -14.77 7.79 -28.99
N ARG B 62 -15.96 7.26 -29.29
CA ARG B 62 -16.25 6.81 -30.65
C ARG B 62 -16.99 7.85 -31.48
N VAL B 63 -17.87 8.63 -30.85
CA VAL B 63 -18.68 9.60 -31.60
C VAL B 63 -18.60 10.98 -30.96
N PHE B 64 -18.60 12.02 -31.80
CA PHE B 64 -18.50 13.42 -31.35
C PHE B 64 -19.52 13.78 -30.27
N GLU B 65 -19.04 13.99 -29.05
CA GLU B 65 -19.88 14.42 -27.93
C GLU B 65 -21.11 13.57 -27.66
N LYS B 66 -20.97 12.26 -27.78
CA LYS B 66 -22.06 11.32 -27.50
C LYS B 66 -23.35 11.53 -28.30
N HIS B 67 -23.26 12.12 -29.48
CA HIS B 67 -24.45 12.36 -30.31
C HIS B 67 -25.02 11.03 -30.81
N ASN B 68 -26.32 11.00 -31.03
CA ASN B 68 -27.00 9.78 -31.46
C ASN B 68 -28.16 10.01 -32.43
N GLY B 69 -28.75 8.91 -32.91
CA GLY B 69 -29.87 8.98 -33.83
C GLY B 69 -31.24 8.72 -33.24
N ASP B 70 -31.41 9.05 -31.98
CA ASP B 70 -32.70 8.96 -31.30
C ASP B 70 -33.79 9.77 -32.03
N VAL B 71 -33.49 11.04 -32.28
CA VAL B 71 -34.43 11.94 -32.95
C VAL B 71 -34.08 12.17 -34.43
N ALA B 72 -32.84 12.58 -34.68
CA ALA B 72 -32.35 12.84 -36.04
C ALA B 72 -33.18 13.89 -36.78
N CYS B 73 -33.65 13.53 -37.97
CA CYS B 73 -34.57 14.40 -38.70
C CYS B 73 -36.06 14.15 -38.42
N ASP B 74 -36.36 13.24 -37.50
CA ASP B 74 -37.74 12.91 -37.14
C ASP B 74 -38.57 12.52 -38.37
N HIS B 75 -37.92 11.86 -39.33
CA HIS B 75 -38.51 11.59 -40.63
C HIS B 75 -39.66 10.57 -40.55
N TYR B 76 -39.61 9.70 -39.54
CA TYR B 76 -40.66 8.72 -39.32
C TYR B 76 -42.01 9.37 -39.06
N HIS B 77 -42.01 10.53 -38.41
CA HIS B 77 -43.24 11.29 -38.22
C HIS B 77 -43.54 12.27 -39.36
N ARG B 78 -42.50 12.91 -39.88
CA ARG B 78 -42.69 13.96 -40.89
C ARG B 78 -42.43 13.48 -42.32
N TYR B 79 -42.64 12.20 -42.60
CA TYR B 79 -42.36 11.66 -43.93
C TYR B 79 -43.16 12.33 -45.06
N GLU B 80 -44.43 12.61 -44.83
CA GLU B 80 -45.29 13.26 -45.83
C GLU B 80 -44.72 14.62 -46.25
N GLU B 81 -44.30 15.41 -45.27
CA GLU B 81 -43.66 16.70 -45.47
C GLU B 81 -42.40 16.65 -46.33
N ASP B 82 -41.54 15.67 -46.08
CA ASP B 82 -40.30 15.53 -46.84
C ASP B 82 -40.55 15.11 -48.29
N ILE B 83 -41.65 14.39 -48.51
CA ILE B 83 -42.12 14.08 -49.86
C ILE B 83 -42.43 15.35 -50.66
N GLN B 84 -43.02 16.33 -50.00
CA GLN B 84 -43.39 17.61 -50.63
C GLN B 84 -42.14 18.34 -51.14
N HIS B 85 -41.09 18.34 -50.34
CA HIS B 85 -39.78 18.91 -50.69
C HIS B 85 -39.23 18.25 -51.93
N ILE B 86 -39.32 16.92 -51.97
CA ILE B 86 -38.87 16.10 -53.08
C ILE B 86 -39.60 16.40 -54.40
N LYS B 87 -40.93 16.52 -54.38
CA LYS B 87 -41.65 16.93 -55.59
C LYS B 87 -41.19 18.22 -56.27
N LYS B 88 -40.96 19.27 -55.50
CA LYS B 88 -40.52 20.54 -56.08
C LYS B 88 -39.13 20.50 -56.70
N LEU B 89 -38.21 19.75 -56.12
CA LEU B 89 -36.89 19.58 -56.73
C LEU B 89 -37.02 18.98 -58.13
N GLY B 90 -38.02 18.11 -58.30
CA GLY B 90 -38.30 17.48 -59.57
C GLY B 90 -37.51 16.21 -59.81
N VAL B 91 -36.90 15.67 -58.76
CA VAL B 91 -36.07 14.48 -58.91
C VAL B 91 -36.92 13.28 -59.33
N ASP B 92 -36.39 12.53 -60.28
CA ASP B 92 -36.99 11.29 -60.74
C ASP B 92 -37.08 10.22 -59.64
N THR B 93 -36.03 10.16 -58.82
CA THR B 93 -35.87 9.08 -57.85
C THR B 93 -35.47 9.54 -56.46
N TYR B 94 -36.06 8.91 -55.45
CA TYR B 94 -35.63 9.11 -54.06
C TYR B 94 -35.10 7.79 -53.51
N ARG B 95 -33.83 7.79 -53.11
CA ARG B 95 -33.20 6.61 -52.53
C ARG B 95 -33.22 6.65 -51.01
N PHE B 96 -33.85 5.65 -50.40
CA PHE B 96 -33.84 5.48 -48.95
C PHE B 96 -33.51 4.05 -48.52
N SER B 97 -33.20 3.89 -47.24
CA SER B 97 -32.88 2.58 -46.68
C SER B 97 -33.94 2.10 -45.69
N ILE B 98 -34.11 0.78 -45.60
CA ILE B 98 -35.03 0.18 -44.62
C ILE B 98 -34.27 -0.16 -43.33
N ALA B 99 -34.85 0.23 -42.19
CA ALA B 99 -34.26 -0.07 -40.89
C ALA B 99 -34.57 -1.50 -40.45
N TRP B 100 -33.53 -2.33 -40.51
CA TRP B 100 -33.58 -3.73 -40.06
C TRP B 100 -34.18 -3.97 -38.66
N PRO B 101 -33.74 -3.22 -37.63
CA PRO B 101 -34.29 -3.53 -36.30
C PRO B 101 -35.78 -3.19 -36.14
N ARG B 102 -36.34 -2.46 -37.10
CA ARG B 102 -37.78 -2.30 -37.19
C ARG B 102 -38.46 -3.52 -37.80
N ILE B 103 -37.83 -4.13 -38.79
CA ILE B 103 -38.43 -5.25 -39.50
C ILE B 103 -38.25 -6.56 -38.71
N PHE B 104 -37.07 -6.75 -38.13
CA PHE B 104 -36.80 -7.92 -37.30
C PHE B 104 -36.20 -7.56 -35.95
N PRO B 105 -37.01 -6.96 -35.05
CA PRO B 105 -36.50 -6.56 -33.73
C PRO B 105 -36.03 -7.76 -32.90
N ALA B 106 -36.61 -8.91 -33.16
CA ALA B 106 -36.10 -10.19 -32.67
C ALA B 106 -35.95 -11.16 -33.84
N LYS B 107 -35.19 -12.23 -33.65
CA LYS B 107 -34.97 -13.20 -34.71
C LYS B 107 -36.28 -13.89 -35.09
N GLY B 108 -36.62 -13.86 -36.37
CA GLY B 108 -37.84 -14.50 -36.85
C GLY B 108 -39.13 -13.78 -36.50
N GLU B 109 -39.02 -12.60 -35.88
CA GLU B 109 -40.19 -11.85 -35.46
C GLU B 109 -40.44 -10.60 -36.30
N TYR B 110 -41.36 -10.73 -37.25
CA TYR B 110 -41.79 -9.63 -38.11
C TYR B 110 -42.65 -8.58 -37.41
N ASN B 111 -42.31 -7.32 -37.62
CA ASN B 111 -43.05 -6.20 -37.04
C ASN B 111 -43.77 -5.43 -38.15
N PRO B 112 -45.08 -5.62 -38.29
CA PRO B 112 -45.83 -5.08 -39.43
C PRO B 112 -46.00 -3.56 -39.40
N GLU B 113 -45.96 -2.93 -38.24
CA GLU B 113 -46.03 -1.47 -38.17
C GLU B 113 -44.87 -0.79 -38.90
N GLY B 114 -43.68 -1.37 -38.80
CA GLY B 114 -42.50 -0.76 -39.41
C GLY B 114 -42.49 -0.88 -40.93
N MET B 115 -42.86 -2.06 -41.41
CA MET B 115 -43.00 -2.30 -42.85
C MET B 115 -44.09 -1.44 -43.46
N ALA B 116 -45.19 -1.31 -42.73
CA ALA B 116 -46.33 -0.50 -43.17
C ALA B 116 -45.89 0.91 -43.53
N PHE B 117 -45.05 1.50 -42.69
CA PHE B 117 -44.48 2.81 -42.96
C PHE B 117 -43.83 2.90 -44.35
N TYR B 118 -42.97 1.93 -44.66
CA TYR B 118 -42.28 1.89 -45.94
C TYR B 118 -43.12 1.54 -47.18
N LYS B 119 -44.09 0.64 -47.03
CA LYS B 119 -45.04 0.37 -48.11
C LYS B 119 -45.88 1.54 -48.59
N ASN B 120 -46.50 2.27 -47.65
CA ASN B 120 -47.23 3.49 -48.00
C ASN B 120 -46.31 4.50 -48.67
N LEU B 121 -45.14 4.70 -48.07
CA LEU B 121 -44.13 5.64 -48.55
C LEU B 121 -43.70 5.37 -50.00
N ALA B 122 -43.41 4.11 -50.32
CA ALA B 122 -43.01 3.78 -51.68
C ALA B 122 -44.19 3.99 -52.64
N LEU B 123 -45.38 3.61 -52.18
CA LEU B 123 -46.60 3.81 -52.96
C LEU B 123 -46.85 5.30 -53.18
N ARG B 124 -46.77 6.06 -52.10
CA ARG B 124 -46.94 7.51 -52.14
C ARG B 124 -45.95 8.23 -53.05
N LEU B 125 -44.70 7.78 -53.08
CA LEU B 125 -43.73 8.40 -53.98
C LEU B 125 -44.06 8.22 -55.45
N ARG B 126 -44.56 7.05 -55.83
CA ARG B 126 -45.04 6.83 -57.20
C ARG B 126 -46.23 7.70 -57.57
N GLU B 127 -47.15 7.86 -56.62
CA GLU B 127 -48.31 8.72 -56.82
C GLU B 127 -47.87 10.15 -57.09
N GLU B 128 -46.83 10.57 -56.38
CA GLU B 128 -46.27 11.90 -56.57
C GLU B 128 -45.24 11.86 -57.70
N GLY B 129 -45.25 10.75 -58.43
CA GLY B 129 -44.42 10.53 -59.61
C GLY B 129 -42.94 10.33 -59.35
N ILE B 130 -42.61 9.64 -58.26
CA ILE B 130 -41.22 9.43 -57.88
C ILE B 130 -40.89 7.94 -57.74
N LYS B 131 -39.86 7.51 -58.46
CA LYS B 131 -39.38 6.13 -58.39
C LYS B 131 -38.66 5.85 -57.07
N PRO B 132 -39.16 4.90 -56.28
CA PRO B 132 -38.46 4.55 -55.04
C PRO B 132 -37.31 3.57 -55.26
N ALA B 133 -36.12 3.97 -54.80
CA ALA B 133 -34.94 3.12 -54.83
C ALA B 133 -34.56 2.71 -53.40
N VAL B 134 -34.56 1.42 -53.13
CA VAL B 134 -34.51 0.93 -51.75
C VAL B 134 -33.21 0.21 -51.41
N THR B 135 -32.51 0.73 -50.41
CA THR B 135 -31.31 0.10 -49.89
C THR B 135 -31.75 -0.85 -48.77
N ILE B 136 -31.39 -2.12 -48.91
CA ILE B 136 -31.74 -3.12 -47.90
C ILE B 136 -30.88 -2.97 -46.65
N TYR B 137 -29.58 -2.84 -46.84
CA TYR B 137 -28.65 -2.72 -45.71
C TYR B 137 -27.83 -1.43 -45.76
N HIS B 138 -28.11 -0.52 -44.83
CA HIS B 138 -27.30 0.67 -44.69
C HIS B 138 -26.75 0.80 -43.28
N TRP B 139 -26.15 -0.31 -42.82
CA TRP B 139 -25.26 -0.39 -41.67
C TRP B 139 -26.01 -0.55 -40.35
N ASP B 140 -27.33 -0.54 -40.38
CA ASP B 140 -28.11 -0.55 -39.14
C ASP B 140 -28.47 -1.97 -38.73
N LEU B 141 -27.44 -2.69 -38.29
CA LEU B 141 -27.59 -4.07 -37.86
C LEU B 141 -28.27 -4.14 -36.50
N PRO B 142 -29.33 -4.96 -36.40
CA PRO B 142 -30.04 -5.13 -35.11
C PRO B 142 -29.10 -5.68 -34.05
N MET B 143 -29.33 -5.30 -32.79
CA MET B 143 -28.48 -5.69 -31.69
C MET B 143 -28.48 -7.18 -31.39
N TRP B 144 -29.61 -7.84 -31.63
CA TRP B 144 -29.67 -9.30 -31.47
C TRP B 144 -28.71 -10.06 -32.38
N ALA B 145 -28.52 -9.59 -33.61
CA ALA B 145 -27.54 -10.20 -34.49
C ALA B 145 -26.11 -10.03 -34.00
N HIS B 146 -25.75 -8.80 -33.63
CA HIS B 146 -24.42 -8.49 -33.10
C HIS B 146 -23.99 -9.33 -31.89
N GLU B 147 -24.90 -9.53 -30.95
CA GLU B 147 -24.62 -10.31 -29.74
C GLU B 147 -24.34 -11.78 -29.98
N GLU B 148 -24.79 -12.30 -31.13
CA GLU B 148 -24.43 -13.65 -31.55
C GLU B 148 -23.17 -13.68 -32.42
N GLY B 149 -22.43 -12.59 -32.44
CA GLY B 149 -21.23 -12.48 -33.26
C GLY B 149 -21.36 -11.57 -34.46
N GLY B 150 -22.60 -11.24 -34.82
CA GLY B 150 -22.82 -10.34 -35.93
C GLY B 150 -22.41 -10.93 -37.27
N TRP B 151 -21.87 -10.08 -38.14
CA TRP B 151 -21.41 -10.49 -39.46
C TRP B 151 -20.25 -11.49 -39.43
N VAL B 152 -19.54 -11.53 -38.31
CA VAL B 152 -18.46 -12.49 -38.13
C VAL B 152 -19.02 -13.92 -38.13
N ASN B 153 -20.24 -14.07 -37.63
CA ASN B 153 -20.93 -15.35 -37.68
C ASN B 153 -21.48 -15.58 -39.08
N ARG B 154 -21.33 -16.80 -39.58
CA ARG B 154 -21.84 -17.17 -40.90
C ARG B 154 -23.37 -17.22 -40.96
N GLU B 155 -23.99 -17.42 -39.80
CA GLU B 155 -25.45 -17.40 -39.70
C GLU B 155 -26.06 -16.06 -40.10
N SER B 156 -25.29 -14.99 -39.92
CA SER B 156 -25.66 -13.65 -40.41
C SER B 156 -26.11 -13.62 -41.87
N VAL B 157 -25.62 -14.56 -42.67
CA VAL B 157 -26.08 -14.72 -44.04
C VAL B 157 -27.56 -15.10 -44.15
N ASP B 158 -27.98 -16.08 -43.37
CA ASP B 158 -29.36 -16.54 -43.39
C ASP B 158 -30.32 -15.53 -42.77
N TRP B 159 -29.85 -14.82 -41.76
CA TRP B 159 -30.65 -13.78 -41.14
C TRP B 159 -30.97 -12.64 -42.11
N PHE B 160 -29.97 -12.19 -42.87
CA PHE B 160 -30.20 -11.16 -43.89
C PHE B 160 -31.15 -11.58 -45.02
N LEU B 161 -31.09 -12.82 -45.48
CA LEU B 161 -32.03 -13.26 -46.51
C LEU B 161 -33.47 -13.31 -46.03
N ASP B 162 -33.66 -13.65 -44.77
CA ASP B 162 -34.98 -13.58 -44.15
C ASP B 162 -35.46 -12.15 -44.09
N TYR B 163 -34.55 -11.25 -43.71
CA TYR B 163 -34.79 -9.81 -43.73
C TYR B 163 -35.11 -9.33 -45.14
N ALA B 164 -34.27 -9.69 -46.10
CA ALA B 164 -34.46 -9.28 -47.48
C ALA B 164 -35.73 -9.87 -48.13
N LYS B 165 -36.06 -11.12 -47.81
CA LYS B 165 -37.24 -11.79 -48.35
C LYS B 165 -38.57 -11.09 -48.05
N VAL B 166 -38.80 -10.78 -46.77
CA VAL B 166 -39.99 -10.04 -46.35
C VAL B 166 -40.12 -8.71 -47.10
N CYS B 167 -39.01 -8.00 -47.25
CA CYS B 167 -39.00 -6.75 -48.01
C CYS B 167 -39.36 -6.99 -49.47
N PHE B 168 -38.81 -8.05 -50.05
CA PHE B 168 -39.13 -8.43 -51.42
C PHE B 168 -40.60 -8.82 -51.57
N GLU B 169 -41.09 -9.64 -50.65
CA GLU B 169 -42.49 -10.09 -50.65
C GLU B 169 -43.47 -8.91 -50.69
N GLU B 170 -43.23 -7.94 -49.82
CA GLU B 170 -44.16 -6.84 -49.58
C GLU B 170 -44.00 -5.62 -50.49
N LEU B 171 -42.83 -5.42 -51.09
CA LEU B 171 -42.57 -4.17 -51.79
C LEU B 171 -42.16 -4.27 -53.26
N ASP B 172 -41.94 -5.49 -53.75
CA ASP B 172 -41.39 -5.67 -55.10
C ASP B 172 -42.28 -5.15 -56.23
N ASP B 173 -43.59 -5.19 -56.04
CA ASP B 173 -44.51 -4.59 -57.00
C ASP B 173 -44.40 -3.07 -57.09
N ILE B 174 -44.08 -2.44 -55.97
CA ILE B 174 -44.02 -0.98 -55.90
C ILE B 174 -42.65 -0.38 -56.22
N VAL B 175 -41.60 -1.02 -55.74
CA VAL B 175 -40.25 -0.46 -55.83
C VAL B 175 -39.60 -0.59 -57.20
N ASP B 176 -38.86 0.44 -57.58
CA ASP B 176 -38.25 0.53 -58.91
C ASP B 176 -36.92 -0.20 -58.98
N SER B 177 -36.09 -0.09 -57.94
CA SER B 177 -34.81 -0.79 -57.90
C SER B 177 -34.39 -1.20 -56.50
N TRP B 178 -33.63 -2.28 -56.41
CA TRP B 178 -33.12 -2.77 -55.13
C TRP B 178 -31.59 -2.62 -55.04
N ILE B 179 -31.13 -2.24 -53.86
CA ILE B 179 -29.71 -2.27 -53.52
C ILE B 179 -29.48 -3.12 -52.29
N THR B 180 -28.66 -4.16 -52.43
CA THR B 180 -28.44 -5.09 -51.34
C THR B 180 -27.63 -4.46 -50.20
N HIS B 181 -26.42 -4.01 -50.52
CA HIS B 181 -25.54 -3.48 -49.50
C HIS B 181 -24.99 -2.11 -49.89
N ASN B 182 -24.91 -1.21 -48.92
CA ASN B 182 -24.24 0.07 -49.12
C ASN B 182 -22.88 0.06 -48.44
N GLU B 183 -21.83 0.17 -49.26
CA GLU B 183 -20.46 0.38 -48.79
C GLU B 183 -20.02 -0.70 -47.78
N PRO B 184 -19.87 -1.95 -48.25
CA PRO B 184 -19.36 -3.04 -47.40
C PRO B 184 -17.96 -2.74 -46.86
N TRP B 185 -17.21 -1.92 -47.58
CA TRP B 185 -15.94 -1.40 -47.09
C TRP B 185 -16.13 -0.68 -45.77
N CYS B 186 -17.18 0.14 -45.70
CA CYS B 186 -17.48 0.85 -44.49
C CYS B 186 -17.98 -0.10 -43.40
N ALA B 187 -19.01 -0.86 -43.73
CA ALA B 187 -19.58 -1.83 -42.80
C ALA B 187 -18.62 -2.95 -42.40
N GLY B 188 -17.69 -3.27 -43.29
CA GLY B 188 -16.75 -4.35 -43.04
C GLY B 188 -15.42 -3.94 -42.44
N PHE B 189 -14.57 -3.35 -43.28
CA PHE B 189 -13.22 -2.98 -42.89
C PHE B 189 -13.21 -1.77 -41.98
N LEU B 190 -13.89 -0.73 -42.42
CA LEU B 190 -14.00 0.50 -41.65
C LEU B 190 -14.69 0.24 -40.29
N GLY B 191 -15.52 -0.79 -40.24
CA GLY B 191 -16.26 -1.14 -39.04
C GLY B 191 -15.65 -2.17 -38.10
N TYR B 192 -14.99 -3.17 -38.67
CA TYR B 192 -14.40 -4.28 -37.90
C TYR B 192 -12.87 -4.28 -37.84
N HIS B 193 -12.22 -3.43 -38.62
CA HIS B 193 -10.76 -3.34 -38.56
C HIS B 193 -10.26 -2.06 -37.90
N VAL B 194 -10.66 -0.90 -38.40
CA VAL B 194 -10.14 0.36 -37.84
C VAL B 194 -10.94 0.76 -36.60
N GLY B 195 -12.18 0.31 -36.51
CA GLY B 195 -12.98 0.52 -35.31
C GLY B 195 -13.57 1.91 -35.15
N VAL B 196 -13.77 2.60 -36.26
CA VAL B 196 -14.28 3.97 -36.28
C VAL B 196 -15.80 3.95 -36.39
N HIS B 197 -16.33 3.00 -37.17
CA HIS B 197 -17.76 2.84 -37.31
C HIS B 197 -18.27 1.62 -36.53
N ALA B 198 -19.59 1.50 -36.43
CA ALA B 198 -20.24 0.46 -35.64
C ALA B 198 -20.06 -0.92 -36.26
N PRO B 199 -19.74 -1.94 -35.43
CA PRO B 199 -19.76 -1.87 -33.97
C PRO B 199 -18.44 -1.49 -33.32
N GLY B 200 -17.47 -1.05 -34.12
CA GLY B 200 -16.26 -0.46 -33.58
C GLY B 200 -15.24 -1.48 -33.12
N HIS B 201 -15.20 -2.63 -33.78
CA HIS B 201 -14.25 -3.66 -33.40
C HIS B 201 -12.94 -3.38 -34.13
N ARG B 202 -11.85 -3.89 -33.61
CA ARG B 202 -10.56 -3.73 -34.28
C ARG B 202 -9.85 -5.07 -34.42
N ASP B 203 -10.27 -5.84 -35.41
CA ASP B 203 -9.81 -7.21 -35.58
C ASP B 203 -9.91 -7.61 -37.06
N MET B 204 -8.76 -7.65 -37.74
CA MET B 204 -8.70 -7.95 -39.17
C MET B 204 -9.27 -9.32 -39.53
N ASN B 205 -9.14 -10.28 -38.63
CA ASN B 205 -9.68 -11.62 -38.87
C ASN B 205 -11.20 -11.60 -38.89
N GLU B 206 -11.79 -10.94 -37.90
CA GLU B 206 -13.23 -10.66 -37.88
C GLU B 206 -13.70 -9.93 -39.14
N ALA B 207 -12.94 -8.93 -39.56
CA ALA B 207 -13.29 -8.06 -40.68
C ALA B 207 -13.46 -8.77 -42.02
N VAL B 208 -12.51 -9.64 -42.38
CA VAL B 208 -12.59 -10.38 -43.64
C VAL B 208 -13.68 -11.45 -43.64
N ARG B 209 -14.00 -12.00 -42.48
CA ARG B 209 -15.15 -12.88 -42.34
C ARG B 209 -16.46 -12.10 -42.47
N ALA B 210 -16.48 -10.89 -41.94
CA ALA B 210 -17.65 -10.04 -42.01
C ALA B 210 -17.98 -9.64 -43.45
N VAL B 211 -17.00 -9.07 -44.13
CA VAL B 211 -17.14 -8.70 -45.54
C VAL B 211 -17.65 -9.85 -46.42
N HIS B 212 -17.02 -11.02 -46.29
CA HIS B 212 -17.37 -12.18 -47.10
C HIS B 212 -18.82 -12.62 -46.93
N HIS B 213 -19.30 -12.58 -45.70
CA HIS B 213 -20.68 -12.95 -45.40
C HIS B 213 -21.66 -11.90 -45.91
N MET B 214 -21.26 -10.64 -45.89
CA MET B 214 -22.07 -9.59 -46.49
C MET B 214 -22.21 -9.81 -48.00
N LEU B 215 -21.08 -10.01 -48.66
CA LEU B 215 -21.03 -10.28 -50.09
C LEU B 215 -21.76 -11.55 -50.50
N LEU B 216 -21.60 -12.60 -49.70
CA LEU B 216 -22.31 -13.86 -49.92
C LEU B 216 -23.81 -13.72 -49.71
N SER B 217 -24.21 -12.91 -48.73
CA SER B 217 -25.62 -12.65 -48.50
C SER B 217 -26.25 -11.81 -49.61
N HIS B 218 -25.47 -10.91 -50.18
CA HIS B 218 -25.84 -10.22 -51.41
C HIS B 218 -26.22 -11.17 -52.54
N GLY B 219 -25.35 -12.10 -52.87
CA GLY B 219 -25.56 -13.01 -53.98
C GLY B 219 -26.71 -13.98 -53.83
N LYS B 220 -26.92 -14.49 -52.62
CA LYS B 220 -28.06 -15.37 -52.34
C LYS B 220 -29.40 -14.66 -52.48
N ALA B 221 -29.44 -13.38 -52.13
CA ALA B 221 -30.69 -12.65 -52.21
C ALA B 221 -31.04 -12.30 -53.66
N VAL B 222 -30.03 -11.96 -54.45
CA VAL B 222 -30.23 -11.75 -55.88
C VAL B 222 -30.70 -13.03 -56.54
N GLU B 223 -30.00 -14.12 -56.25
CA GLU B 223 -30.39 -15.46 -56.70
C GLU B 223 -31.83 -15.81 -56.31
N LEU B 224 -32.17 -15.56 -55.05
CA LEU B 224 -33.50 -15.84 -54.53
C LEU B 224 -34.58 -15.08 -55.30
N LEU B 225 -34.38 -13.78 -55.42
CA LEU B 225 -35.33 -12.91 -56.09
C LEU B 225 -35.53 -13.23 -57.58
N LYS B 226 -34.43 -13.43 -58.32
CA LYS B 226 -34.55 -13.70 -59.74
C LYS B 226 -35.04 -15.09 -60.17
N ARG B 227 -34.72 -16.12 -59.40
CA ARG B 227 -35.06 -17.47 -59.82
C ARG B 227 -36.33 -17.99 -59.15
N GLU B 228 -36.26 -18.05 -57.81
CA GLU B 228 -37.37 -18.48 -56.98
C GLU B 228 -38.55 -17.52 -57.12
N MET B 229 -38.31 -16.26 -56.74
CA MET B 229 -39.37 -15.24 -56.71
C MET B 229 -39.78 -14.79 -58.10
N LYS B 230 -39.00 -15.18 -59.11
CA LYS B 230 -39.26 -14.86 -60.51
C LYS B 230 -39.45 -13.36 -60.84
N SER B 231 -38.70 -12.50 -60.17
CA SER B 231 -38.93 -11.07 -60.30
C SER B 231 -37.96 -10.46 -61.31
N THR B 232 -38.42 -9.46 -62.06
CA THR B 232 -37.54 -8.76 -62.99
C THR B 232 -37.15 -7.36 -62.54
N THR B 233 -37.43 -7.03 -61.28
CA THR B 233 -37.04 -5.74 -60.73
C THR B 233 -35.51 -5.65 -60.73
N PRO B 234 -34.97 -4.57 -61.31
CA PRO B 234 -33.50 -4.42 -61.36
C PRO B 234 -32.88 -4.51 -59.96
N ILE B 235 -31.82 -5.29 -59.83
CA ILE B 235 -31.12 -5.39 -58.55
C ILE B 235 -29.61 -5.32 -58.78
N GLY B 236 -28.89 -4.76 -57.81
CA GLY B 236 -27.45 -4.69 -57.90
C GLY B 236 -26.86 -4.30 -56.55
N ILE B 237 -25.56 -4.01 -56.53
CA ILE B 237 -24.90 -3.58 -55.30
C ILE B 237 -24.33 -2.18 -55.51
N THR B 238 -24.13 -1.47 -54.41
CA THR B 238 -23.40 -0.20 -54.46
C THR B 238 -22.10 -0.37 -53.69
N LEU B 239 -20.98 -0.06 -54.35
CA LEU B 239 -19.67 -0.01 -53.71
C LEU B 239 -19.14 1.41 -53.73
N ASN B 240 -18.62 1.86 -52.59
CA ASN B 240 -17.83 3.09 -52.58
C ASN B 240 -16.40 2.87 -53.06
N LEU B 241 -16.00 3.68 -54.05
CA LEU B 241 -14.69 3.54 -54.68
C LEU B 241 -13.89 4.83 -54.62
N SER B 242 -12.65 4.73 -54.14
CA SER B 242 -11.76 5.89 -54.05
C SER B 242 -10.45 5.56 -54.76
N PRO B 243 -10.22 6.17 -55.94
CA PRO B 243 -8.97 5.87 -56.63
C PRO B 243 -7.73 6.35 -55.88
N MET B 244 -6.65 5.59 -55.99
CA MET B 244 -5.43 5.84 -55.23
C MET B 244 -4.28 6.23 -56.14
N TYR B 245 -3.52 7.24 -55.75
CA TYR B 245 -2.43 7.69 -56.60
C TYR B 245 -1.08 7.75 -55.87
N ALA B 246 -0.01 7.40 -56.60
CA ALA B 246 1.37 7.40 -56.08
C ALA B 246 2.08 8.75 -56.20
N LYS B 247 2.74 9.18 -55.12
CA LYS B 247 3.49 10.44 -55.12
C LYS B 247 4.62 10.59 -56.10
N THR B 248 5.43 9.54 -56.25
CA THR B 248 6.51 9.53 -57.21
C THR B 248 6.49 8.26 -58.03
N ASP B 249 7.33 8.22 -59.05
CA ASP B 249 7.41 7.06 -59.91
C ASP B 249 8.25 5.94 -59.29
N SER B 250 8.79 6.19 -58.08
CA SER B 250 9.59 5.18 -57.40
C SER B 250 8.77 3.95 -57.08
N ALA B 251 9.46 2.80 -57.00
CA ALA B 251 8.84 1.50 -56.74
C ALA B 251 8.08 1.46 -55.43
N ASN B 252 8.69 2.02 -54.39
CA ASN B 252 8.06 2.15 -53.08
C ASN B 252 6.69 2.79 -53.08
N ASP B 253 6.55 3.92 -53.75
CA ASP B 253 5.26 4.61 -53.83
C ASP B 253 4.19 3.89 -54.65
N ARG B 254 4.62 3.15 -55.66
CA ARG B 254 3.73 2.30 -56.44
C ARG B 254 3.13 1.09 -55.68
N LEU B 255 3.93 0.48 -54.82
CA LEU B 255 3.45 -0.61 -53.97
C LEU B 255 2.37 -0.11 -53.00
N ALA B 256 2.61 1.08 -52.46
CA ALA B 256 1.68 1.73 -51.54
C ALA B 256 0.33 1.96 -52.22
N MET B 257 0.37 2.48 -53.45
CA MET B 257 -0.83 2.68 -54.26
C MET B 257 -1.58 1.37 -54.45
N ASN B 258 -0.88 0.35 -54.95
CA ASN B 258 -1.47 -0.97 -55.15
C ASN B 258 -2.19 -1.49 -53.90
N ASN B 259 -1.55 -1.37 -52.75
CA ASN B 259 -2.13 -1.85 -51.49
C ASN B 259 -3.31 -0.98 -51.03
N ALA B 260 -3.18 0.32 -51.19
CA ALA B 260 -4.31 1.23 -50.95
C ALA B 260 -5.48 0.94 -51.87
N ASP B 261 -5.19 0.67 -53.13
CA ASP B 261 -6.22 0.35 -54.10
C ASP B 261 -6.84 -1.01 -53.80
N GLY B 262 -6.00 -1.96 -53.40
CA GLY B 262 -6.46 -3.26 -52.95
C GLY B 262 -7.34 -3.21 -51.72
N TYR B 263 -6.95 -2.37 -50.75
CA TYR B 263 -7.66 -2.27 -49.48
C TYR B 263 -9.04 -1.61 -49.60
N SER B 264 -9.07 -0.46 -50.26
CA SER B 264 -10.34 0.24 -50.50
C SER B 264 -11.23 -0.34 -51.60
N ASN B 265 -10.62 -0.80 -52.68
CA ASN B 265 -11.37 -1.08 -53.90
C ASN B 265 -11.35 -2.51 -54.45
N ARG B 266 -10.16 -3.03 -54.76
CA ARG B 266 -10.03 -4.33 -55.43
C ARG B 266 -10.51 -5.53 -54.61
N TRP B 267 -10.36 -5.47 -53.29
CA TRP B 267 -10.89 -6.52 -52.42
C TRP B 267 -12.38 -6.78 -52.59
N PHE B 268 -13.11 -5.78 -53.08
CA PHE B 268 -14.56 -5.93 -53.26
C PHE B 268 -14.96 -6.11 -54.72
N LEU B 269 -14.32 -5.37 -55.60
CA LEU B 269 -14.58 -5.44 -57.03
C LEU B 269 -14.24 -6.79 -57.64
N ASP B 270 -13.08 -7.33 -57.28
CA ASP B 270 -12.62 -8.59 -57.86
C ASP B 270 -13.58 -9.76 -57.54
N PRO B 271 -14.05 -9.89 -56.29
CA PRO B 271 -15.03 -10.97 -56.08
C PRO B 271 -16.38 -10.75 -56.77
N VAL B 272 -16.82 -9.50 -56.84
CA VAL B 272 -18.10 -9.16 -57.47
C VAL B 272 -18.10 -9.43 -58.98
N PHE B 273 -17.05 -9.01 -59.66
CA PHE B 273 -17.04 -9.09 -61.12
C PHE B 273 -16.16 -10.23 -61.66
N LYS B 274 -15.09 -10.57 -60.94
CA LYS B 274 -14.18 -11.62 -61.40
C LYS B 274 -14.37 -12.94 -60.65
N GLY B 275 -15.25 -12.93 -59.64
CA GLY B 275 -15.40 -14.08 -58.77
C GLY B 275 -14.14 -14.65 -58.14
N GLU B 276 -13.25 -13.78 -57.69
CA GLU B 276 -12.08 -14.22 -56.93
C GLU B 276 -11.60 -13.08 -56.03
N TYR B 277 -10.90 -13.42 -54.95
CA TYR B 277 -10.23 -12.40 -54.16
C TYR B 277 -8.81 -12.15 -54.67
N PRO B 278 -8.33 -10.92 -54.52
CA PRO B 278 -6.98 -10.55 -54.96
C PRO B 278 -5.88 -11.12 -54.05
N VAL B 279 -5.02 -11.94 -54.61
CA VAL B 279 -4.08 -12.72 -53.82
C VAL B 279 -3.03 -11.82 -53.17
N ASP B 280 -2.72 -10.71 -53.84
CA ASP B 280 -1.82 -9.71 -53.30
C ASP B 280 -2.28 -9.10 -51.98
N MET B 281 -3.58 -8.93 -51.81
CA MET B 281 -4.10 -8.44 -50.54
C MET B 281 -4.22 -9.53 -49.49
N MET B 282 -4.55 -10.74 -49.94
CA MET B 282 -4.55 -11.92 -49.07
C MET B 282 -3.21 -12.18 -48.41
N ASN B 283 -2.14 -12.03 -49.17
CA ASN B 283 -0.79 -12.19 -48.64
C ASN B 283 -0.43 -11.08 -47.67
N LEU B 284 -0.85 -9.86 -47.98
CA LEU B 284 -0.62 -8.74 -47.07
C LEU B 284 -1.41 -8.93 -45.78
N PHE B 285 -2.67 -9.32 -45.93
CA PHE B 285 -3.52 -9.59 -44.78
C PHE B 285 -3.11 -10.82 -43.98
N SER B 286 -2.27 -11.67 -44.56
CA SER B 286 -1.77 -12.84 -43.84
C SER B 286 -0.91 -12.50 -42.62
N LYS B 287 -0.59 -11.24 -42.42
CA LYS B 287 0.02 -10.79 -41.16
C LYS B 287 -0.96 -10.87 -39.99
N TYR B 288 -2.25 -10.85 -40.30
CA TYR B 288 -3.30 -11.02 -39.30
C TYR B 288 -4.21 -12.20 -39.59
N VAL B 289 -4.42 -12.50 -40.87
CA VAL B 289 -5.40 -13.51 -41.23
C VAL B 289 -4.63 -14.77 -41.60
N HIS B 290 -4.79 -15.79 -40.78
CA HIS B 290 -3.97 -16.98 -40.86
C HIS B 290 -4.76 -18.19 -41.33
N ASN B 291 -5.99 -17.95 -41.78
CA ASN B 291 -6.77 -18.99 -42.45
C ASN B 291 -7.90 -18.36 -43.26
N PHE B 292 -8.14 -18.93 -44.42
CA PHE B 292 -9.20 -18.51 -45.34
C PHE B 292 -10.29 -19.58 -45.49
N ASP B 293 -10.43 -20.42 -44.48
CA ASP B 293 -11.45 -21.46 -44.43
C ASP B 293 -12.87 -20.91 -44.30
N PHE B 294 -12.96 -19.62 -43.99
CA PHE B 294 -14.24 -18.92 -44.10
C PHE B 294 -14.75 -18.89 -45.55
N ILE B 295 -13.85 -19.08 -46.52
CA ILE B 295 -14.30 -19.32 -47.89
C ILE B 295 -14.71 -20.76 -48.12
N GLN B 296 -16.02 -21.02 -48.08
CA GLN B 296 -16.54 -22.36 -48.34
C GLN B 296 -16.64 -22.60 -49.84
N SER B 297 -16.71 -23.87 -50.24
CA SER B 297 -16.93 -24.18 -51.64
C SER B 297 -18.33 -23.74 -52.05
N GLY B 298 -18.46 -23.07 -53.20
CA GLY B 298 -19.76 -22.58 -53.59
C GLY B 298 -20.11 -21.20 -53.05
N ASP B 299 -19.15 -20.27 -53.08
CA ASP B 299 -19.40 -18.93 -52.57
C ASP B 299 -19.11 -17.82 -53.57
N MET B 300 -17.91 -17.82 -54.13
CA MET B 300 -17.48 -16.73 -55.02
C MET B 300 -18.24 -16.63 -56.34
N GLU B 301 -18.77 -17.74 -56.84
CA GLU B 301 -19.66 -17.71 -58.01
C GLU B 301 -21.00 -17.07 -57.65
N THR B 302 -21.50 -17.36 -56.46
CA THR B 302 -22.74 -16.74 -55.98
C THR B 302 -22.51 -15.25 -55.73
N ILE B 303 -21.39 -14.92 -55.09
CA ILE B 303 -21.02 -13.53 -54.85
C ILE B 303 -20.98 -12.76 -56.18
N SER B 304 -20.47 -13.42 -57.21
CA SER B 304 -20.31 -12.81 -58.52
C SER B 304 -21.53 -13.01 -59.43
N THR B 305 -22.67 -13.38 -58.86
CA THR B 305 -23.91 -13.54 -59.61
C THR B 305 -24.24 -12.27 -60.40
N ALA B 306 -24.69 -12.44 -61.64
CA ALA B 306 -24.93 -11.30 -62.53
C ALA B 306 -26.00 -10.36 -61.98
N CYS B 307 -25.67 -9.07 -61.97
CA CYS B 307 -26.61 -8.02 -61.61
C CYS B 307 -27.12 -7.30 -62.84
N ASP B 308 -28.12 -6.44 -62.64
CA ASP B 308 -28.73 -5.69 -63.73
C ASP B 308 -28.04 -4.32 -63.88
N PHE B 309 -27.51 -3.83 -62.76
CA PHE B 309 -26.70 -2.62 -62.77
C PHE B 309 -25.58 -2.67 -61.73
N PHE B 310 -24.64 -1.75 -61.82
CA PHE B 310 -23.61 -1.58 -60.79
C PHE B 310 -23.74 -0.20 -60.13
N GLY B 311 -23.73 -0.19 -58.80
CA GLY B 311 -23.84 1.05 -58.04
C GLY B 311 -22.53 1.55 -57.48
N ILE B 312 -22.29 2.85 -57.63
CA ILE B 312 -21.06 3.47 -57.15
C ILE B 312 -21.32 4.68 -56.26
N ASN B 313 -20.82 4.61 -55.02
CA ASN B 313 -20.71 5.79 -54.19
C ASN B 313 -19.33 6.42 -54.34
N PHE B 314 -19.29 7.64 -54.85
CA PHE B 314 -18.04 8.35 -55.04
C PHE B 314 -18.03 9.66 -54.26
N TYR B 315 -16.91 9.97 -53.64
CA TYR B 315 -16.79 11.18 -52.85
C TYR B 315 -15.46 11.87 -53.11
N SER B 316 -14.38 11.08 -53.14
CA SER B 316 -13.05 11.63 -53.37
C SER B 316 -12.02 10.58 -53.79
N ARG B 317 -10.82 11.07 -54.11
CA ARG B 317 -9.64 10.24 -54.29
C ARG B 317 -8.80 10.13 -53.02
N GLY B 318 -7.73 9.34 -53.09
CA GLY B 318 -6.70 9.35 -52.06
C GLY B 318 -5.28 9.25 -52.61
N ILE B 319 -4.45 10.22 -52.25
CA ILE B 319 -3.02 10.20 -52.56
C ILE B 319 -2.21 9.49 -51.45
N VAL B 320 -1.47 8.46 -51.81
CA VAL B 320 -0.69 7.69 -50.83
C VAL B 320 0.81 7.70 -51.09
N GLU B 321 1.60 7.51 -50.04
CA GLU B 321 3.03 7.26 -50.17
C GLU B 321 3.47 6.07 -49.31
N PHE B 322 4.68 5.57 -49.57
CA PHE B 322 5.21 4.40 -48.88
C PHE B 322 5.51 4.66 -47.41
N ASN B 323 5.30 3.64 -46.58
CA ASN B 323 5.71 3.68 -45.18
C ASN B 323 6.33 2.35 -44.76
N ALA B 324 7.61 2.38 -44.41
CA ALA B 324 8.32 1.18 -43.96
C ALA B 324 7.84 0.65 -42.60
N ALA B 325 7.36 1.56 -41.75
CA ALA B 325 6.84 1.20 -40.43
C ALA B 325 5.41 0.67 -40.44
N ASN B 326 4.72 0.83 -41.55
CA ASN B 326 3.32 0.42 -41.64
C ASN B 326 3.19 -1.05 -42.04
N ASP B 327 2.26 -1.76 -41.39
CA ASP B 327 1.97 -3.14 -41.74
C ASP B 327 1.50 -3.29 -43.18
N PHE B 328 0.73 -2.33 -43.67
CA PHE B 328 0.30 -2.36 -45.07
C PHE B 328 1.16 -1.41 -45.90
N LEU B 329 2.31 -1.02 -45.34
CA LEU B 329 3.34 -0.31 -46.08
C LEU B 329 2.89 1.06 -46.58
N LYS B 330 1.81 1.59 -46.00
CA LYS B 330 1.32 2.89 -46.44
C LYS B 330 0.74 3.79 -45.36
N ALA B 331 0.90 5.09 -45.59
CA ALA B 331 0.24 6.12 -44.79
C ALA B 331 -0.33 7.14 -45.77
N ASP B 332 -1.16 8.06 -45.28
CA ASP B 332 -1.69 9.11 -46.13
C ASP B 332 -0.62 10.17 -46.38
N ALA B 333 -0.51 10.64 -47.62
CA ALA B 333 0.40 11.74 -47.93
C ALA B 333 -0.31 13.09 -47.97
N TYR B 334 0.47 14.16 -47.89
CA TYR B 334 -0.04 15.52 -48.00
C TYR B 334 -0.58 15.85 -49.39
N SER B 335 -1.79 16.42 -49.44
CA SER B 335 -2.38 16.90 -50.68
C SER B 335 -2.40 18.42 -50.71
N ASP B 336 -2.00 19.02 -51.83
CA ASP B 336 -2.09 20.47 -51.98
C ASP B 336 -3.36 20.88 -52.72
N TYR B 337 -4.14 19.88 -53.12
CA TYR B 337 -5.40 20.09 -53.83
C TYR B 337 -6.36 20.89 -52.94
N GLU B 338 -7.33 21.57 -53.54
CA GLU B 338 -8.39 22.18 -52.75
C GLU B 338 -9.21 21.11 -52.02
N LYS B 339 -9.55 21.40 -50.77
CA LYS B 339 -10.17 20.39 -49.90
C LYS B 339 -11.51 20.87 -49.37
N THR B 340 -12.44 19.95 -49.13
CA THR B 340 -13.71 20.31 -48.49
C THR B 340 -13.57 20.51 -46.99
N GLY B 341 -14.68 20.85 -46.34
CA GLY B 341 -14.75 20.90 -44.90
C GLY B 341 -14.50 19.58 -44.19
N MET B 342 -14.64 18.48 -44.91
CA MET B 342 -14.30 17.16 -44.37
C MET B 342 -12.81 16.88 -44.45
N GLY B 343 -12.10 17.69 -45.21
CA GLY B 343 -10.72 17.44 -45.55
C GLY B 343 -10.54 16.51 -46.73
N TRP B 344 -11.61 16.21 -47.45
CA TRP B 344 -11.49 15.32 -48.60
C TRP B 344 -11.10 16.11 -49.85
N ASP B 345 -10.22 15.55 -50.66
CA ASP B 345 -9.79 16.17 -51.91
C ASP B 345 -10.96 16.38 -52.89
N ILE B 346 -10.99 17.53 -53.56
CA ILE B 346 -11.90 17.72 -54.68
C ILE B 346 -11.26 17.25 -55.99
N ALA B 347 -11.88 16.27 -56.63
CA ALA B 347 -11.19 15.49 -57.66
C ALA B 347 -12.11 15.03 -58.79
N PRO B 348 -12.69 15.98 -59.55
CA PRO B 348 -13.54 15.54 -60.66
C PRO B 348 -12.77 14.90 -61.82
N ASN B 349 -11.54 15.36 -62.07
CA ASN B 349 -10.69 14.74 -63.07
C ASN B 349 -10.39 13.29 -62.72
N GLU B 350 -10.10 13.06 -61.44
CA GLU B 350 -9.74 11.73 -60.95
C GLU B 350 -10.96 10.83 -60.90
N PHE B 351 -12.13 11.45 -60.71
CA PHE B 351 -13.40 10.78 -60.91
C PHE B 351 -13.57 10.22 -62.31
N LYS B 352 -13.15 10.99 -63.32
CA LYS B 352 -13.20 10.54 -64.70
C LYS B 352 -12.28 9.34 -64.93
N ASP B 353 -11.10 9.41 -64.32
CA ASP B 353 -10.13 8.32 -64.33
C ASP B 353 -10.70 7.00 -63.80
N LEU B 354 -11.36 7.05 -62.64
CA LEU B 354 -11.95 5.85 -62.03
C LEU B 354 -12.93 5.04 -62.91
N ILE B 355 -13.88 5.70 -63.56
CA ILE B 355 -14.85 5.00 -64.41
C ILE B 355 -14.27 4.26 -65.62
N ARG B 356 -13.38 4.90 -66.37
CA ARG B 356 -12.74 4.26 -67.52
C ARG B 356 -12.06 2.97 -67.08
N ARG B 357 -11.43 2.98 -65.92
CA ARG B 357 -10.79 1.78 -65.40
C ARG B 357 -11.80 0.65 -65.17
N LEU B 358 -12.95 0.98 -64.60
CA LEU B 358 -14.00 -0.01 -64.37
C LEU B 358 -14.55 -0.66 -65.62
N ARG B 359 -14.74 0.12 -66.68
CA ARG B 359 -15.15 -0.40 -67.99
C ARG B 359 -14.06 -1.24 -68.65
N ALA B 360 -12.82 -0.76 -68.54
CA ALA B 360 -11.66 -1.41 -69.13
C ALA B 360 -11.28 -2.72 -68.43
N GLU B 361 -11.48 -2.79 -67.12
CA GLU B 361 -11.00 -3.94 -66.37
C GLU B 361 -12.08 -4.84 -65.77
N TYR B 362 -13.26 -4.29 -65.47
CA TYR B 362 -14.16 -5.00 -64.55
C TYR B 362 -15.54 -5.32 -65.13
N THR B 363 -16.26 -4.31 -65.57
CA THR B 363 -17.67 -4.48 -65.92
C THR B 363 -18.13 -3.52 -67.01
N ASP B 364 -19.07 -3.99 -67.84
CA ASP B 364 -19.73 -3.12 -68.81
C ASP B 364 -21.21 -2.87 -68.50
N LEU B 365 -21.65 -3.23 -67.28
CA LEU B 365 -23.02 -2.96 -66.88
C LEU B 365 -23.26 -1.47 -66.70
N PRO B 366 -24.52 -1.04 -66.81
CA PRO B 366 -24.82 0.37 -66.54
C PRO B 366 -24.58 0.77 -65.09
N ILE B 367 -23.87 1.87 -64.90
CA ILE B 367 -23.49 2.37 -63.59
C ILE B 367 -24.42 3.49 -63.09
N TYR B 368 -24.79 3.43 -61.82
CA TYR B 368 -25.55 4.52 -61.19
C TYR B 368 -24.74 5.10 -60.03
N ILE B 369 -24.53 6.42 -60.07
CA ILE B 369 -23.88 7.14 -58.98
C ILE B 369 -24.83 7.41 -57.81
N THR B 370 -24.95 6.42 -56.93
CA THR B 370 -25.92 6.41 -55.84
C THR B 370 -25.66 7.38 -54.68
N GLU B 371 -24.43 7.87 -54.54
CA GLU B 371 -24.15 9.02 -53.65
C GLU B 371 -23.02 9.95 -54.13
N ASN B 372 -23.30 11.26 -54.16
CA ASN B 372 -22.24 12.27 -54.20
C ASN B 372 -22.55 13.60 -53.50
N GLY B 373 -21.56 14.18 -52.82
CA GLY B 373 -21.73 15.46 -52.14
C GLY B 373 -20.54 15.90 -51.27
N ALA B 374 -20.72 16.97 -50.51
CA ALA B 374 -19.62 17.54 -49.73
C ALA B 374 -20.13 18.40 -48.56
N ALA B 375 -19.37 18.43 -47.48
CA ALA B 375 -19.64 19.30 -46.33
C ALA B 375 -18.78 20.55 -46.20
N PHE B 376 -19.40 21.70 -45.96
CA PHE B 376 -18.68 22.93 -45.64
C PHE B 376 -19.35 23.59 -44.44
N ASP B 377 -18.67 24.54 -43.80
CA ASP B 377 -19.27 25.24 -42.66
C ASP B 377 -20.26 26.29 -43.14
N ASP B 378 -21.51 25.88 -43.33
CA ASP B 378 -22.56 26.75 -43.81
C ASP B 378 -23.17 27.59 -42.67
N VAL B 379 -23.26 28.90 -42.90
CA VAL B 379 -23.86 29.81 -41.94
C VAL B 379 -25.17 30.37 -42.50
N LEU B 380 -26.23 30.23 -41.72
CA LEU B 380 -27.54 30.80 -42.02
C LEU B 380 -27.66 32.28 -41.65
N GLU B 381 -27.92 33.08 -42.69
CA GLU B 381 -28.00 34.52 -42.60
C GLU B 381 -29.31 34.99 -43.21
N ASN B 382 -30.19 35.49 -42.34
CA ASN B 382 -31.48 36.07 -42.71
C ASN B 382 -32.39 35.12 -43.50
N GLY B 383 -32.44 33.89 -43.00
CA GLY B 383 -33.21 32.78 -43.54
C GLY B 383 -32.73 32.02 -44.75
N GLU B 384 -31.50 32.31 -45.20
CA GLU B 384 -30.98 31.68 -46.40
C GLU B 384 -29.51 31.29 -46.18
N VAL B 385 -29.07 30.24 -46.83
CA VAL B 385 -27.66 29.79 -46.77
C VAL B 385 -26.99 29.88 -48.14
N HIS B 386 -26.04 30.80 -48.24
CA HIS B 386 -25.30 31.06 -49.48
C HIS B 386 -24.08 30.18 -49.65
N ASP B 387 -24.34 28.93 -50.00
CA ASP B 387 -23.34 27.88 -50.16
C ASP B 387 -22.88 27.72 -51.61
N ASP B 388 -22.27 28.77 -52.15
CA ASP B 388 -21.76 28.77 -53.53
C ASP B 388 -20.61 27.78 -53.70
N ASN B 389 -19.83 27.63 -52.63
CA ASN B 389 -18.77 26.63 -52.55
C ASN B 389 -19.29 25.21 -52.82
N ARG B 390 -20.43 24.89 -52.22
CA ARG B 390 -21.12 23.62 -52.42
C ARG B 390 -21.62 23.44 -53.86
N ILE B 391 -22.17 24.51 -54.43
CA ILE B 391 -22.66 24.51 -55.81
C ILE B 391 -21.57 24.10 -56.82
N ASP B 392 -20.43 24.77 -56.75
CA ASP B 392 -19.24 24.43 -57.53
C ASP B 392 -18.92 22.93 -57.51
N TYR B 393 -18.87 22.34 -56.32
CA TYR B 393 -18.54 20.93 -56.19
C TYR B 393 -19.48 20.03 -57.01
N VAL B 394 -20.79 20.17 -56.79
CA VAL B 394 -21.78 19.36 -57.50
C VAL B 394 -21.77 19.55 -59.02
N ARG B 395 -21.72 20.81 -59.46
CA ARG B 395 -21.72 21.16 -60.89
C ARG B 395 -20.56 20.50 -61.65
N GLN B 396 -19.36 20.56 -61.08
CA GLN B 396 -18.18 19.93 -61.65
C GLN B 396 -18.32 18.43 -61.89
N HIS B 397 -19.09 17.77 -61.04
CA HIS B 397 -19.34 16.34 -61.18
C HIS B 397 -20.47 16.05 -62.18
N LEU B 398 -21.46 16.93 -62.21
CA LEU B 398 -22.53 16.83 -63.20
C LEU B 398 -21.96 17.06 -64.61
N GLU B 399 -20.99 17.95 -64.72
CA GLU B 399 -20.25 18.17 -65.97
C GLU B 399 -19.51 16.90 -66.42
N ALA B 400 -18.88 16.23 -65.47
CA ALA B 400 -18.19 14.95 -65.70
C ALA B 400 -19.11 13.82 -66.18
N VAL B 401 -20.30 13.73 -65.60
CA VAL B 401 -21.29 12.73 -66.00
C VAL B 401 -21.70 12.89 -67.47
N SER B 402 -21.88 14.14 -67.89
CA SER B 402 -22.21 14.44 -69.29
C SER B 402 -21.08 13.99 -70.20
N ASP B 403 -19.86 14.42 -69.89
CA ASP B 403 -18.71 14.03 -70.69
C ASP B 403 -18.55 12.51 -70.79
N LEU B 404 -18.77 11.81 -69.68
CA LEU B 404 -18.67 10.35 -69.66
C LEU B 404 -19.74 9.59 -70.45
N ASN B 405 -20.99 10.05 -70.43
CA ASN B 405 -21.99 9.41 -71.29
C ASN B 405 -21.68 9.64 -72.76
N ASP B 406 -21.06 10.77 -73.06
CA ASP B 406 -20.53 11.04 -74.40
C ASP B 406 -19.39 10.09 -74.75
N GLU B 407 -18.66 9.63 -73.73
CA GLU B 407 -17.62 8.63 -73.91
C GLU B 407 -18.11 7.18 -74.01
N GLY B 408 -19.38 6.97 -73.68
CA GLY B 408 -19.97 5.64 -73.72
C GLY B 408 -19.88 4.88 -72.42
N MET B 409 -19.73 5.59 -71.32
CA MET B 409 -19.57 4.95 -70.02
C MET B 409 -20.92 4.53 -69.47
N ASN B 410 -21.98 4.95 -70.15
CA ASN B 410 -23.33 4.47 -69.91
C ASN B 410 -23.65 4.65 -68.42
N ILE B 411 -23.53 5.90 -67.95
CA ILE B 411 -24.03 6.29 -66.65
C ILE B 411 -25.47 6.80 -66.71
N GLN B 412 -26.40 5.93 -66.34
CA GLN B 412 -27.83 6.21 -66.49
C GLN B 412 -28.44 6.99 -65.30
N GLY B 413 -27.64 7.32 -64.30
CA GLY B 413 -28.17 8.08 -63.18
C GLY B 413 -27.20 8.63 -62.13
N TYR B 414 -27.68 9.67 -61.44
CA TYR B 414 -26.94 10.40 -60.41
C TYR B 414 -27.81 10.74 -59.20
N TYR B 415 -27.45 10.21 -58.03
CA TYR B 415 -28.17 10.55 -56.81
C TYR B 415 -27.34 11.45 -55.91
N LEU B 416 -27.86 12.65 -55.62
CA LEU B 416 -27.14 13.63 -54.79
C LEU B 416 -27.25 13.35 -53.29
N TRP B 417 -26.10 13.10 -52.66
CA TRP B 417 -26.00 12.98 -51.20
C TRP B 417 -25.68 14.34 -50.56
N SER B 418 -26.52 14.79 -49.65
CA SER B 418 -27.73 14.10 -49.24
C SER B 418 -28.93 15.04 -49.36
N LEU B 419 -30.13 14.50 -49.27
CA LEU B 419 -31.33 15.34 -49.27
C LEU B 419 -31.32 16.29 -48.08
N MET B 420 -31.23 15.73 -46.88
CA MET B 420 -31.27 16.54 -45.67
C MET B 420 -29.94 16.46 -44.90
N ASP B 421 -29.60 17.55 -44.21
CA ASP B 421 -28.58 17.49 -43.17
C ASP B 421 -28.96 16.50 -42.09
N ASN B 422 -28.04 15.60 -41.75
CA ASN B 422 -28.37 14.45 -40.92
C ASN B 422 -27.25 14.08 -39.95
N PHE B 423 -27.47 13.00 -39.20
CA PHE B 423 -26.47 12.48 -38.28
C PHE B 423 -25.33 11.87 -39.08
N GLU B 424 -24.18 12.55 -39.11
CA GLU B 424 -23.07 12.13 -39.97
C GLU B 424 -22.11 11.20 -39.25
N TRP B 425 -22.68 10.12 -38.72
CA TRP B 425 -21.94 9.01 -38.14
C TRP B 425 -21.02 9.45 -37.00
N SER B 426 -19.72 9.20 -37.12
CA SER B 426 -18.79 9.52 -36.04
C SER B 426 -18.54 11.02 -35.86
N PHE B 427 -18.77 11.80 -36.90
CA PHE B 427 -18.69 13.26 -36.81
C PHE B 427 -19.93 13.89 -36.20
N GLY B 428 -20.99 13.10 -36.08
CA GLY B 428 -22.24 13.56 -35.49
C GLY B 428 -22.99 14.58 -36.33
N TYR B 429 -23.60 15.56 -35.68
CA TYR B 429 -24.26 16.64 -36.40
C TYR B 429 -23.38 17.86 -36.72
N GLU B 430 -22.07 17.73 -36.53
CA GLU B 430 -21.13 18.81 -36.87
C GLU B 430 -20.88 18.99 -38.38
N LYS B 431 -21.16 17.96 -39.16
CA LYS B 431 -20.94 18.03 -40.62
C LYS B 431 -22.24 17.83 -41.39
N ARG B 432 -22.44 18.74 -42.34
CA ARG B 432 -23.68 18.82 -43.11
C ARG B 432 -23.47 18.48 -44.59
N PHE B 433 -24.02 17.34 -45.01
CA PHE B 433 -23.92 16.88 -46.40
C PHE B 433 -25.19 17.23 -47.18
N GLY B 434 -26.23 17.64 -46.46
CA GLY B 434 -27.55 17.81 -47.03
C GLY B 434 -27.64 18.97 -48.02
N ILE B 435 -28.63 18.88 -48.91
CA ILE B 435 -29.08 20.00 -49.73
C ILE B 435 -30.17 20.79 -49.00
N LEU B 436 -30.77 20.17 -48.00
CA LEU B 436 -31.69 20.87 -47.11
C LEU B 436 -31.11 21.07 -45.71
N TYR B 437 -30.98 22.33 -45.30
CA TYR B 437 -30.49 22.67 -43.98
C TYR B 437 -31.49 22.20 -42.93
N ILE B 438 -30.98 21.71 -41.81
CA ILE B 438 -31.83 21.31 -40.69
C ILE B 438 -31.42 21.91 -39.36
N ASP B 439 -32.28 22.72 -38.78
CA ASP B 439 -32.11 23.07 -37.37
C ASP B 439 -32.56 21.87 -36.54
N PHE B 440 -31.59 21.21 -35.93
CA PHE B 440 -31.80 19.95 -35.20
C PHE B 440 -32.48 20.18 -33.86
N GLU B 441 -32.50 21.43 -33.43
CA GLU B 441 -33.24 21.82 -32.24
C GLU B 441 -34.75 21.83 -32.52
N THR B 442 -35.14 22.44 -33.64
CA THR B 442 -36.57 22.55 -33.97
C THR B 442 -37.11 21.51 -34.96
N GLN B 443 -36.23 20.76 -35.62
CA GLN B 443 -36.63 19.83 -36.69
C GLN B 443 -37.27 20.52 -37.90
N GLU B 444 -36.99 21.81 -38.07
CA GLU B 444 -37.52 22.60 -39.17
C GLU B 444 -36.82 22.28 -40.49
N ARG B 445 -37.57 22.08 -41.57
CA ARG B 445 -36.96 21.91 -42.88
C ARG B 445 -36.85 23.25 -43.61
N ILE B 446 -35.64 23.61 -44.03
CA ILE B 446 -35.41 24.82 -44.84
C ILE B 446 -34.60 24.58 -46.13
N TRP B 447 -35.18 24.91 -47.28
CA TRP B 447 -34.48 24.78 -48.56
C TRP B 447 -33.24 25.67 -48.69
N LYS B 448 -32.10 25.06 -48.96
CA LYS B 448 -30.87 25.80 -49.28
C LYS B 448 -30.78 26.40 -50.70
N ASP B 449 -29.83 27.33 -50.82
CA ASP B 449 -29.40 28.01 -52.06
C ASP B 449 -28.93 27.04 -53.13
N SER B 450 -28.42 25.90 -52.69
CA SER B 450 -27.94 24.82 -53.55
C SER B 450 -29.02 24.22 -54.43
N ALA B 451 -30.26 24.19 -53.96
CA ALA B 451 -31.35 23.70 -54.79
C ALA B 451 -31.58 24.61 -56.01
N LYS B 452 -31.57 25.93 -55.83
CA LYS B 452 -31.67 26.90 -56.93
C LYS B 452 -31.14 26.48 -58.30
N TRP B 453 -29.98 25.85 -58.32
CA TRP B 453 -29.41 25.33 -59.57
C TRP B 453 -29.84 23.91 -59.89
N TYR B 454 -29.80 23.03 -58.88
CA TYR B 454 -30.18 21.64 -59.07
C TYR B 454 -31.67 21.45 -59.36
N ALA B 455 -32.52 22.17 -58.66
CA ALA B 455 -33.94 22.17 -58.98
C ALA B 455 -34.20 22.62 -60.41
N GLY B 456 -33.41 23.61 -60.84
CA GLY B 456 -33.49 24.16 -62.19
C GLY B 456 -32.87 23.34 -63.30
N VAL B 457 -31.77 22.66 -63.00
CA VAL B 457 -31.16 21.71 -63.92
C VAL B 457 -32.11 20.59 -64.29
N ILE B 458 -32.86 20.10 -63.32
CA ILE B 458 -33.82 19.04 -63.62
C ILE B 458 -34.93 19.55 -64.52
N ALA B 459 -35.45 20.74 -64.20
CA ALA B 459 -36.46 21.34 -65.07
C ALA B 459 -35.91 21.54 -66.47
N ASP B 460 -34.73 22.16 -66.55
CA ASP B 460 -34.04 22.41 -67.81
C ASP B 460 -33.82 21.17 -68.67
N HIS B 461 -33.33 20.11 -68.05
CA HIS B 461 -33.14 18.83 -68.72
C HIS B 461 -34.44 18.26 -69.29
N LYS B 462 -35.50 18.29 -68.47
CA LYS B 462 -36.84 17.90 -68.89
C LYS B 462 -37.50 18.88 -69.85
N ALA B 463 -36.78 19.94 -70.24
CA ALA B 463 -37.33 20.91 -71.17
C ALA B 463 -36.90 20.58 -72.60
N LYS B 464 -35.74 19.94 -72.73
CA LYS B 464 -35.24 19.52 -74.05
C LYS B 464 -35.70 18.11 -74.39
N HIS B 465 -36.84 18.01 -75.08
CA HIS B 465 -37.40 16.74 -75.51
C HIS B 465 -38.53 16.94 -76.53
N MET C 21 29.35 -45.62 -8.16
CA MET C 21 29.19 -44.55 -7.19
C MET C 21 27.90 -43.77 -7.42
N MET C 22 26.91 -44.02 -6.57
CA MET C 22 25.66 -43.29 -6.64
C MET C 22 25.19 -42.88 -5.25
N HIS C 23 24.57 -43.83 -4.54
CA HIS C 23 24.03 -43.61 -3.20
C HIS C 23 22.82 -42.66 -3.24
N PHE C 24 21.65 -43.25 -3.02
CA PHE C 24 20.36 -42.58 -3.00
C PHE C 24 19.76 -42.72 -1.61
N LYS C 25 18.89 -41.79 -1.23
CA LYS C 25 18.31 -41.84 0.12
C LYS C 25 17.35 -43.00 0.23
N LYS C 26 17.02 -43.39 1.46
CA LYS C 26 16.15 -44.52 1.72
C LYS C 26 14.68 -44.33 1.32
N ASP C 27 14.20 -43.09 1.36
CA ASP C 27 12.82 -42.80 0.93
C ASP C 27 12.70 -42.62 -0.57
N PHE C 28 13.84 -42.64 -1.25
CA PHE C 28 13.89 -42.49 -2.71
C PHE C 28 13.12 -43.60 -3.43
N VAL C 29 12.31 -43.22 -4.41
CA VAL C 29 11.52 -44.17 -5.19
C VAL C 29 12.20 -44.41 -6.54
N PHE C 30 12.42 -45.68 -6.86
CA PHE C 30 12.76 -46.07 -8.23
C PHE C 30 11.54 -46.59 -8.97
N GLY C 31 11.45 -46.23 -10.25
CA GLY C 31 10.31 -46.62 -11.06
C GLY C 31 10.59 -46.84 -12.53
N THR C 32 9.53 -47.22 -13.24
CA THR C 32 9.49 -47.26 -14.69
C THR C 32 8.10 -46.84 -15.13
N ALA C 33 7.94 -46.50 -16.40
CA ALA C 33 6.73 -45.81 -16.83
C ALA C 33 6.29 -46.21 -18.24
N THR C 34 4.98 -46.15 -18.47
CA THR C 34 4.38 -46.36 -19.78
C THR C 34 3.25 -45.39 -20.03
N SER C 35 2.68 -45.46 -21.23
CA SER C 35 1.42 -44.78 -21.52
C SER C 35 0.46 -45.72 -22.22
N SER C 36 -0.84 -45.43 -22.09
CA SER C 36 -1.89 -46.37 -22.46
C SER C 36 -1.89 -46.78 -23.93
N TYR C 37 -1.96 -45.80 -24.83
CA TYR C 37 -2.01 -46.10 -26.25
C TYR C 37 -0.75 -46.78 -26.79
N GLN C 38 0.39 -46.47 -26.20
CA GLN C 38 1.67 -47.07 -26.62
C GLN C 38 1.79 -48.56 -26.33
N ILE C 39 1.10 -49.04 -25.30
CA ILE C 39 1.24 -50.45 -24.91
C ILE C 39 -0.06 -51.27 -24.92
N GLU C 40 -1.19 -50.66 -24.62
CA GLU C 40 -2.42 -51.40 -24.31
C GLU C 40 -2.92 -52.27 -25.45
N GLY C 41 -2.92 -51.75 -26.68
CA GLY C 41 -3.62 -52.45 -27.75
C GLY C 41 -5.10 -52.61 -27.47
N ALA C 42 -5.66 -53.73 -27.93
CA ALA C 42 -7.09 -54.02 -27.79
C ALA C 42 -7.96 -52.85 -28.19
N HIS C 43 -7.69 -52.33 -29.39
CA HIS C 43 -8.22 -51.06 -29.86
C HIS C 43 -9.74 -51.11 -30.01
N ASN C 44 -10.28 -52.28 -30.34
CA ASN C 44 -11.72 -52.41 -30.50
C ASN C 44 -12.37 -53.23 -29.39
N GLU C 45 -11.61 -53.52 -28.33
CA GLU C 45 -12.15 -54.35 -27.26
C GLU C 45 -12.47 -53.50 -26.04
N GLY C 46 -13.36 -54.01 -25.20
CA GLY C 46 -13.73 -53.35 -23.96
C GLY C 46 -14.51 -52.04 -24.06
N GLY C 47 -15.24 -51.85 -25.14
CA GLY C 47 -15.94 -50.60 -25.35
C GLY C 47 -15.10 -49.39 -25.75
N ARG C 48 -13.87 -49.62 -26.21
CA ARG C 48 -13.02 -48.51 -26.61
C ARG C 48 -13.40 -47.99 -28.00
N THR C 49 -13.49 -46.67 -28.12
CA THR C 49 -13.73 -46.03 -29.41
C THR C 49 -12.45 -45.34 -29.88
N PRO C 50 -12.37 -44.98 -31.18
CA PRO C 50 -11.11 -44.42 -31.66
C PRO C 50 -10.73 -43.10 -31.00
N SER C 51 -9.43 -42.88 -30.88
CA SER C 51 -8.89 -41.59 -30.45
C SER C 51 -8.37 -40.78 -31.63
N ILE C 52 -7.97 -39.55 -31.34
CA ILE C 52 -7.34 -38.68 -32.33
C ILE C 52 -6.12 -39.33 -32.99
N TRP C 53 -5.39 -40.11 -32.21
CA TRP C 53 -4.21 -40.82 -32.71
C TRP C 53 -4.59 -41.94 -33.68
N ASP C 54 -5.74 -42.56 -33.47
CA ASP C 54 -6.27 -43.56 -34.38
C ASP C 54 -6.47 -42.91 -35.76
N MET C 55 -7.16 -41.77 -35.76
CA MET C 55 -7.40 -40.95 -36.95
C MET C 55 -6.08 -40.43 -37.54
N PHE C 56 -5.17 -40.02 -36.67
CA PHE C 56 -3.86 -39.49 -37.02
C PHE C 56 -2.92 -40.44 -37.78
N CYS C 57 -2.94 -41.70 -37.40
CA CYS C 57 -2.22 -42.76 -38.09
C CYS C 57 -2.60 -42.99 -39.55
N ASP C 58 -3.89 -42.84 -39.87
CA ASP C 58 -4.35 -43.03 -41.25
C ASP C 58 -4.21 -41.82 -42.17
N ILE C 59 -3.66 -40.71 -41.66
CA ILE C 59 -3.27 -39.63 -42.56
C ILE C 59 -1.86 -39.89 -43.12
N ASP C 60 -1.69 -39.61 -44.42
CA ASP C 60 -0.44 -39.86 -45.12
C ASP C 60 0.72 -38.97 -44.69
N GLY C 61 1.89 -39.59 -44.54
CA GLY C 61 3.13 -38.87 -44.29
C GLY C 61 3.37 -38.41 -42.87
N ARG C 62 2.44 -38.70 -41.97
CA ARG C 62 2.53 -38.18 -40.61
C ARG C 62 3.23 -39.18 -39.70
N VAL C 63 2.99 -40.47 -39.91
CA VAL C 63 3.62 -41.48 -39.07
C VAL C 63 4.38 -42.45 -39.97
N PHE C 64 5.51 -42.98 -39.48
CA PHE C 64 6.34 -43.92 -40.23
C PHE C 64 5.56 -45.12 -40.77
N GLU C 65 5.51 -45.26 -42.09
CA GLU C 65 4.82 -46.39 -42.74
C GLU C 65 3.44 -46.75 -42.21
N LYS C 66 2.65 -45.75 -41.83
CA LYS C 66 1.28 -45.97 -41.37
C LYS C 66 1.10 -46.82 -40.11
N HIS C 67 2.11 -46.95 -39.27
CA HIS C 67 1.99 -47.81 -38.08
C HIS C 67 0.96 -47.25 -37.09
N ASN C 68 0.37 -48.15 -36.30
CA ASN C 68 -0.67 -47.76 -35.34
C ASN C 68 -0.58 -48.50 -34.01
N GLY C 69 -1.45 -48.11 -33.08
CA GLY C 69 -1.59 -48.80 -31.80
C GLY C 69 -2.76 -49.76 -31.71
N ASP C 70 -3.05 -50.47 -32.80
CA ASP C 70 -4.11 -51.47 -32.80
C ASP C 70 -3.78 -52.63 -31.86
N VAL C 71 -2.62 -53.23 -32.07
CA VAL C 71 -2.15 -54.34 -31.26
C VAL C 71 -1.16 -53.89 -30.19
N ALA C 72 -0.13 -53.15 -30.64
CA ALA C 72 0.87 -52.56 -29.77
C ALA C 72 1.56 -53.64 -28.94
N CYS C 73 1.66 -53.44 -27.63
CA CYS C 73 2.19 -54.51 -26.79
C CYS C 73 1.13 -55.50 -26.30
N ASP C 74 -0.11 -55.34 -26.74
CA ASP C 74 -1.20 -56.23 -26.34
C ASP C 74 -1.34 -56.34 -24.82
N HIS C 75 -1.04 -55.25 -24.12
CA HIS C 75 -0.89 -55.25 -22.67
C HIS C 75 -2.22 -55.38 -21.95
N TYR C 76 -3.30 -55.04 -22.64
CA TYR C 76 -4.65 -55.24 -22.12
C TYR C 76 -4.93 -56.70 -21.77
N HIS C 77 -4.53 -57.64 -22.63
CA HIS C 77 -4.70 -59.05 -22.32
C HIS C 77 -3.64 -59.60 -21.37
N ARG C 78 -2.38 -59.24 -21.58
CA ARG C 78 -1.28 -59.88 -20.85
C ARG C 78 -0.86 -59.14 -19.58
N TYR C 79 -1.68 -58.18 -19.15
CA TYR C 79 -1.36 -57.31 -18.02
C TYR C 79 -0.92 -58.13 -16.79
N GLU C 80 -1.54 -59.29 -16.60
CA GLU C 80 -1.21 -60.19 -15.49
C GLU C 80 0.24 -60.66 -15.59
N GLU C 81 0.66 -61.00 -16.80
CA GLU C 81 2.05 -61.37 -17.10
C GLU C 81 3.09 -60.28 -16.76
N ASP C 82 2.80 -59.08 -17.21
CA ASP C 82 3.66 -57.89 -17.05
C ASP C 82 3.87 -57.39 -15.62
N ILE C 83 2.88 -57.56 -14.76
CA ILE C 83 3.03 -57.25 -13.33
C ILE C 83 4.20 -57.97 -12.64
N GLN C 84 4.43 -59.24 -12.99
CA GLN C 84 5.56 -60.00 -12.43
C GLN C 84 6.91 -59.45 -12.88
N HIS C 85 7.03 -59.09 -14.15
CA HIS C 85 8.24 -58.43 -14.66
C HIS C 85 8.54 -57.16 -13.86
N ILE C 86 7.51 -56.35 -13.65
CA ILE C 86 7.62 -55.12 -12.87
C ILE C 86 8.08 -55.38 -11.43
N LYS C 87 7.47 -56.39 -10.81
CA LYS C 87 7.86 -56.84 -9.47
C LYS C 87 9.34 -57.26 -9.41
N LYS C 88 9.81 -57.96 -10.42
CA LYS C 88 11.20 -58.40 -10.49
C LYS C 88 12.22 -57.25 -10.53
N LEU C 89 11.84 -56.12 -11.12
CA LEU C 89 12.74 -54.98 -11.12
C LEU C 89 12.92 -54.43 -9.72
N GLY C 90 11.96 -54.67 -8.84
CA GLY C 90 12.07 -54.20 -7.47
C GLY C 90 11.72 -52.75 -7.34
N VAL C 91 11.21 -52.16 -8.43
CA VAL C 91 10.83 -50.75 -8.43
C VAL C 91 9.80 -50.47 -7.33
N ASP C 92 9.94 -49.30 -6.73
CA ASP C 92 8.99 -48.81 -5.73
C ASP C 92 7.66 -48.41 -6.36
N THR C 93 7.73 -47.84 -7.55
CA THR C 93 6.57 -47.27 -8.22
C THR C 93 6.48 -47.67 -9.68
N TYR C 94 5.25 -47.87 -10.16
CA TYR C 94 4.99 -48.04 -11.58
C TYR C 94 4.05 -46.97 -12.10
N ARG C 95 4.49 -46.23 -13.12
CA ARG C 95 3.66 -45.20 -13.72
C ARG C 95 2.98 -45.71 -14.99
N PHE C 96 1.67 -45.54 -15.09
CA PHE C 96 0.96 -45.82 -16.33
C PHE C 96 -0.12 -44.78 -16.57
N SER C 97 -0.61 -44.70 -17.80
CA SER C 97 -1.69 -43.77 -18.12
C SER C 97 -3.01 -44.49 -18.35
N ILE C 98 -4.10 -43.78 -18.14
CA ILE C 98 -5.44 -44.29 -18.42
C ILE C 98 -5.92 -43.79 -19.78
N ALA C 99 -6.47 -44.69 -20.58
CA ALA C 99 -7.04 -44.31 -21.86
C ALA C 99 -8.43 -43.70 -21.69
N TRP C 100 -8.53 -42.40 -21.99
CA TRP C 100 -9.80 -41.69 -21.98
C TRP C 100 -10.91 -42.36 -22.82
N PRO C 101 -10.63 -42.79 -24.08
CA PRO C 101 -11.73 -43.38 -24.84
C PRO C 101 -12.23 -44.72 -24.28
N ARG C 102 -11.46 -45.34 -23.39
CA ARG C 102 -11.94 -46.51 -22.66
C ARG C 102 -12.89 -46.11 -21.53
N ILE C 103 -12.65 -44.94 -20.93
CA ILE C 103 -13.45 -44.50 -19.81
C ILE C 103 -14.68 -43.71 -20.26
N PHE C 104 -14.52 -42.88 -21.28
CA PHE C 104 -15.66 -42.19 -21.89
C PHE C 104 -15.66 -42.33 -23.40
N PRO C 105 -16.09 -43.49 -23.90
CA PRO C 105 -16.18 -43.70 -25.36
C PRO C 105 -17.22 -42.83 -26.05
N ALA C 106 -18.25 -42.45 -25.31
CA ALA C 106 -19.17 -41.39 -25.72
C ALA C 106 -19.36 -40.34 -24.63
N LYS C 107 -19.87 -39.17 -25.01
CA LYS C 107 -20.02 -38.07 -24.08
C LYS C 107 -21.00 -38.42 -22.96
N GLY C 108 -20.59 -38.22 -21.71
CA GLY C 108 -21.42 -38.52 -20.57
C GLY C 108 -21.76 -39.99 -20.37
N GLU C 109 -21.15 -40.86 -21.16
CA GLU C 109 -21.49 -42.28 -21.09
C GLU C 109 -20.35 -43.08 -20.48
N TYR C 110 -20.37 -43.19 -19.16
CA TYR C 110 -19.31 -43.87 -18.43
C TYR C 110 -19.27 -45.36 -18.76
N ASN C 111 -18.07 -45.89 -18.96
CA ASN C 111 -17.92 -47.31 -19.26
C ASN C 111 -17.26 -48.00 -18.07
N PRO C 112 -18.05 -48.77 -17.30
CA PRO C 112 -17.50 -49.46 -16.13
C PRO C 112 -16.58 -50.63 -16.47
N GLU C 113 -16.75 -51.21 -17.66
CA GLU C 113 -15.88 -52.29 -18.09
C GLU C 113 -14.43 -51.83 -18.27
N GLY C 114 -14.25 -50.75 -19.01
CA GLY C 114 -12.94 -50.17 -19.25
C GLY C 114 -12.19 -49.82 -17.97
N MET C 115 -12.91 -49.17 -17.06
CA MET C 115 -12.40 -48.79 -15.75
C MET C 115 -12.03 -49.97 -14.86
N ALA C 116 -12.88 -51.01 -14.89
CA ALA C 116 -12.67 -52.23 -14.10
C ALA C 116 -11.27 -52.81 -14.30
N PHE C 117 -10.81 -52.77 -15.54
CA PHE C 117 -9.47 -53.20 -15.90
C PHE C 117 -8.41 -52.44 -15.10
N TYR C 118 -8.48 -51.11 -15.09
CA TYR C 118 -7.50 -50.31 -14.36
C TYR C 118 -7.51 -50.39 -12.82
N LYS C 119 -8.68 -50.57 -12.20
CA LYS C 119 -8.70 -50.81 -10.75
C LYS C 119 -8.05 -52.14 -10.38
N ASN C 120 -8.34 -53.18 -11.17
CA ASN C 120 -7.73 -54.49 -10.98
C ASN C 120 -6.22 -54.38 -11.13
N LEU C 121 -5.78 -53.68 -12.18
CA LEU C 121 -4.36 -53.47 -12.44
C LEU C 121 -3.70 -52.84 -11.19
N ALA C 122 -4.29 -51.75 -10.73
CA ALA C 122 -3.78 -51.01 -9.57
C ALA C 122 -3.84 -51.83 -8.27
N LEU C 123 -4.87 -52.66 -8.13
CA LEU C 123 -5.01 -53.52 -6.95
C LEU C 123 -3.95 -54.61 -6.89
N ARG C 124 -3.70 -55.27 -8.02
CA ARG C 124 -2.66 -56.29 -8.10
C ARG C 124 -1.28 -55.76 -7.73
N LEU C 125 -0.95 -54.56 -8.20
CA LEU C 125 0.31 -53.92 -7.87
C LEU C 125 0.49 -53.61 -6.39
N ARG C 126 -0.56 -53.15 -5.73
CA ARG C 126 -0.52 -52.95 -4.29
C ARG C 126 -0.24 -54.27 -3.55
N GLU C 127 -0.81 -55.36 -4.04
CA GLU C 127 -0.54 -56.69 -3.48
C GLU C 127 0.90 -57.14 -3.69
N GLU C 128 1.48 -56.81 -4.85
CA GLU C 128 2.87 -57.17 -5.10
C GLU C 128 3.87 -56.19 -4.50
N GLY C 129 3.35 -55.21 -3.77
CA GLY C 129 4.18 -54.25 -3.09
C GLY C 129 4.68 -53.13 -3.97
N ILE C 130 3.90 -52.79 -5.01
CA ILE C 130 4.32 -51.75 -5.94
C ILE C 130 3.34 -50.58 -5.86
N LYS C 131 3.87 -49.36 -5.85
CA LYS C 131 3.04 -48.16 -5.87
C LYS C 131 2.57 -47.84 -7.29
N PRO C 132 1.25 -47.73 -7.49
CA PRO C 132 0.75 -47.26 -8.79
C PRO C 132 0.69 -45.73 -8.87
N ALA C 133 1.46 -45.16 -9.80
CA ALA C 133 1.35 -43.75 -10.16
C ALA C 133 0.57 -43.61 -11.46
N VAL C 134 -0.49 -42.81 -11.45
CA VAL C 134 -1.41 -42.77 -12.57
C VAL C 134 -1.47 -41.43 -13.30
N THR C 135 -1.25 -41.50 -14.61
CA THR C 135 -1.37 -40.35 -15.50
C THR C 135 -2.76 -40.36 -16.12
N ILE C 136 -3.52 -39.29 -15.90
CA ILE C 136 -4.86 -39.15 -16.47
C ILE C 136 -4.83 -38.96 -17.98
N TYR C 137 -4.16 -37.90 -18.43
CA TYR C 137 -4.06 -37.59 -19.86
C TYR C 137 -2.66 -37.81 -20.42
N HIS C 138 -2.52 -38.81 -21.28
CA HIS C 138 -1.27 -39.00 -22.02
C HIS C 138 -1.52 -39.00 -23.53
N TRP C 139 -2.21 -37.95 -23.97
CA TRP C 139 -2.32 -37.51 -25.37
C TRP C 139 -3.37 -38.25 -26.19
N ASP C 140 -4.12 -39.14 -25.55
CA ASP C 140 -5.09 -39.93 -26.30
C ASP C 140 -6.51 -39.38 -26.14
N LEU C 141 -6.73 -38.21 -26.73
CA LEU C 141 -8.04 -37.56 -26.73
C LEU C 141 -9.03 -38.33 -27.60
N PRO C 142 -10.21 -38.65 -27.03
CA PRO C 142 -11.25 -39.29 -27.85
C PRO C 142 -11.66 -38.45 -29.05
N MET C 143 -12.07 -39.12 -30.13
CA MET C 143 -12.51 -38.46 -31.35
C MET C 143 -13.76 -37.58 -31.25
N TRP C 144 -14.73 -38.02 -30.46
CA TRP C 144 -15.95 -37.23 -30.26
C TRP C 144 -15.67 -35.83 -29.72
N ALA C 145 -14.67 -35.70 -28.86
CA ALA C 145 -14.28 -34.41 -28.34
C ALA C 145 -13.59 -33.54 -29.41
N HIS C 146 -12.75 -34.18 -30.22
CA HIS C 146 -12.08 -33.49 -31.32
C HIS C 146 -13.03 -32.95 -32.37
N GLU C 147 -14.06 -33.73 -32.70
CA GLU C 147 -15.01 -33.31 -33.73
C GLU C 147 -15.85 -32.13 -33.28
N GLU C 148 -15.90 -31.91 -31.97
CA GLU C 148 -16.50 -30.70 -31.43
C GLU C 148 -15.47 -29.60 -31.18
N GLY C 149 -14.27 -29.79 -31.73
CA GLY C 149 -13.18 -28.83 -31.57
C GLY C 149 -11.96 -29.27 -30.77
N GLY C 150 -12.13 -30.24 -29.87
CA GLY C 150 -11.01 -30.72 -29.11
C GLY C 150 -10.58 -29.79 -27.98
N TRP C 151 -9.27 -29.64 -27.84
CA TRP C 151 -8.67 -28.78 -26.81
C TRP C 151 -8.87 -27.28 -27.09
N VAL C 152 -9.05 -26.94 -28.36
CA VAL C 152 -9.35 -25.55 -28.76
C VAL C 152 -10.62 -25.04 -28.08
N ASN C 153 -11.58 -25.94 -27.89
CA ASN C 153 -12.83 -25.64 -27.22
C ASN C 153 -12.71 -25.55 -25.69
N ARG C 154 -13.35 -24.54 -25.11
CA ARG C 154 -13.36 -24.36 -23.66
C ARG C 154 -14.12 -25.45 -22.89
N GLU C 155 -15.09 -26.08 -23.55
CA GLU C 155 -15.80 -27.21 -22.96
C GLU C 155 -14.88 -28.38 -22.60
N SER C 156 -13.72 -28.45 -23.27
CA SER C 156 -12.70 -29.45 -22.94
C SER C 156 -12.25 -29.43 -21.48
N VAL C 157 -12.35 -28.27 -20.84
CA VAL C 157 -12.10 -28.18 -19.42
C VAL C 157 -13.12 -29.04 -18.66
N ASP C 158 -14.38 -28.88 -19.02
CA ASP C 158 -15.48 -29.61 -18.40
C ASP C 158 -15.46 -31.11 -18.72
N TRP C 159 -15.15 -31.44 -19.97
CA TRP C 159 -15.05 -32.85 -20.37
C TRP C 159 -14.03 -33.61 -19.54
N PHE C 160 -12.86 -33.01 -19.34
CA PHE C 160 -11.82 -33.61 -18.51
C PHE C 160 -12.19 -33.82 -17.03
N LEU C 161 -12.93 -32.91 -16.41
CA LEU C 161 -13.36 -33.14 -15.02
C LEU C 161 -14.30 -34.32 -14.86
N ASP C 162 -15.25 -34.49 -15.78
CA ASP C 162 -16.08 -35.69 -15.76
C ASP C 162 -15.26 -36.95 -15.90
N TYR C 163 -14.27 -36.91 -16.78
CA TYR C 163 -13.32 -37.99 -16.95
C TYR C 163 -12.50 -38.13 -15.66
N ALA C 164 -12.01 -37.01 -15.16
CA ALA C 164 -11.22 -37.00 -13.92
C ALA C 164 -12.03 -37.39 -12.67
N LYS C 165 -13.28 -36.96 -12.60
CA LYS C 165 -14.17 -37.27 -11.47
C LYS C 165 -14.40 -38.76 -11.22
N VAL C 166 -14.72 -39.50 -12.28
CA VAL C 166 -14.93 -40.95 -12.17
C VAL C 166 -13.66 -41.64 -11.65
N CYS C 167 -12.50 -41.23 -12.17
CA CYS C 167 -11.22 -41.78 -11.74
C CYS C 167 -10.84 -41.47 -10.27
N PHE C 168 -11.15 -40.27 -9.79
CA PHE C 168 -10.92 -39.94 -8.37
C PHE C 168 -11.82 -40.72 -7.41
N GLU C 169 -13.09 -40.87 -7.75
CA GLU C 169 -14.02 -41.61 -6.91
C GLU C 169 -13.61 -43.07 -6.69
N GLU C 170 -13.27 -43.75 -7.78
CA GLU C 170 -13.03 -45.19 -7.76
C GLU C 170 -11.60 -45.66 -7.45
N LEU C 171 -10.61 -44.79 -7.60
CA LEU C 171 -9.21 -45.23 -7.50
C LEU C 171 -8.36 -44.53 -6.45
N ASP C 172 -8.82 -43.38 -5.97
CA ASP C 172 -8.03 -42.52 -5.08
C ASP C 172 -7.53 -43.23 -3.81
N ASP C 173 -8.29 -44.20 -3.31
CA ASP C 173 -7.84 -45.04 -2.19
C ASP C 173 -6.61 -45.93 -2.46
N ILE C 174 -6.53 -46.50 -3.65
CA ILE C 174 -5.44 -47.42 -4.00
C ILE C 174 -4.16 -46.70 -4.42
N VAL C 175 -4.31 -45.62 -5.16
CA VAL C 175 -3.18 -44.95 -5.80
C VAL C 175 -2.35 -44.11 -4.83
N ASP C 176 -1.06 -44.05 -5.09
CA ASP C 176 -0.11 -43.34 -4.26
C ASP C 176 0.02 -41.89 -4.73
N SER C 177 0.13 -41.70 -6.04
CA SER C 177 0.21 -40.34 -6.59
C SER C 177 -0.52 -40.21 -7.92
N TRP C 178 -1.00 -39.00 -8.18
CA TRP C 178 -1.70 -38.65 -9.40
C TRP C 178 -0.90 -37.68 -10.26
N ILE C 179 -0.80 -37.98 -11.55
CA ILE C 179 -0.28 -37.01 -12.51
C ILE C 179 -1.39 -36.62 -13.48
N THR C 180 -1.73 -35.33 -13.49
CA THR C 180 -2.83 -34.83 -14.32
C THR C 180 -2.51 -34.88 -15.80
N HIS C 181 -1.43 -34.23 -16.21
CA HIS C 181 -1.07 -34.17 -17.61
C HIS C 181 0.38 -34.58 -17.85
N ASN C 182 0.63 -35.25 -18.98
CA ASN C 182 2.01 -35.53 -19.38
C ASN C 182 2.35 -34.70 -20.62
N GLU C 183 3.32 -33.80 -20.45
CA GLU C 183 3.92 -33.06 -21.57
C GLU C 183 2.90 -32.31 -22.42
N PRO C 184 2.24 -31.29 -21.85
CA PRO C 184 1.28 -30.45 -22.60
C PRO C 184 1.92 -29.73 -23.80
N TRP C 185 3.23 -29.54 -23.76
CA TRP C 185 3.97 -29.03 -24.91
C TRP C 185 3.83 -29.95 -26.12
N CYS C 186 3.91 -31.25 -25.90
CA CYS C 186 3.75 -32.23 -26.97
C CYS C 186 2.30 -32.29 -27.44
N ALA C 187 1.39 -32.52 -26.50
CA ALA C 187 -0.04 -32.58 -26.77
C ALA C 187 -0.58 -31.27 -27.34
N GLY C 188 0.02 -30.15 -26.93
CA GLY C 188 -0.37 -28.84 -27.39
C GLY C 188 0.37 -28.36 -28.63
N PHE C 189 1.61 -27.94 -28.45
CA PHE C 189 2.38 -27.28 -29.51
C PHE C 189 2.81 -28.24 -30.61
N LEU C 190 3.32 -29.42 -30.24
CA LEU C 190 3.71 -30.41 -31.24
C LEU C 190 2.49 -30.92 -32.01
N GLY C 191 1.34 -30.91 -31.36
CA GLY C 191 0.11 -31.43 -31.91
C GLY C 191 -0.71 -30.41 -32.69
N TYR C 192 -0.76 -29.19 -32.17
CA TYR C 192 -1.58 -28.14 -32.78
C TYR C 192 -0.81 -27.04 -33.53
N HIS C 193 0.49 -26.92 -33.28
CA HIS C 193 1.31 -25.93 -34.00
C HIS C 193 2.22 -26.52 -35.08
N VAL C 194 2.96 -27.56 -34.73
CA VAL C 194 3.93 -28.15 -35.65
C VAL C 194 3.30 -29.26 -36.49
N GLY C 195 2.18 -29.80 -36.04
CA GLY C 195 1.42 -30.74 -36.83
C GLY C 195 1.99 -32.15 -36.81
N VAL C 196 2.94 -32.38 -35.90
CA VAL C 196 3.67 -33.65 -35.83
C VAL C 196 2.87 -34.66 -35.00
N HIS C 197 2.22 -34.16 -33.96
CA HIS C 197 1.37 -35.00 -33.12
C HIS C 197 -0.13 -34.75 -33.34
N ALA C 198 -0.95 -35.65 -32.81
CA ALA C 198 -2.41 -35.65 -33.02
C ALA C 198 -3.06 -34.43 -32.35
N PRO C 199 -4.00 -33.77 -33.04
CA PRO C 199 -4.64 -34.16 -34.31
C PRO C 199 -4.00 -33.58 -35.55
N GLY C 200 -2.76 -33.12 -35.42
CA GLY C 200 -1.98 -32.67 -36.56
C GLY C 200 -2.37 -31.34 -37.17
N HIS C 201 -2.87 -30.43 -36.34
CA HIS C 201 -3.22 -29.11 -36.84
C HIS C 201 -1.98 -28.26 -36.86
N ARG C 202 -1.98 -27.20 -37.66
CA ARG C 202 -0.84 -26.31 -37.74
C ARG C 202 -1.34 -24.87 -37.62
N ASP C 203 -1.68 -24.49 -36.39
CA ASP C 203 -2.26 -23.18 -36.11
C ASP C 203 -1.86 -22.76 -34.70
N MET C 204 -1.06 -21.70 -34.60
CA MET C 204 -0.57 -21.22 -33.30
C MET C 204 -1.69 -20.65 -32.43
N ASN C 205 -2.73 -20.12 -33.06
CA ASN C 205 -3.85 -19.56 -32.32
C ASN C 205 -4.61 -20.68 -31.61
N GLU C 206 -4.90 -21.75 -32.35
CA GLU C 206 -5.47 -22.97 -31.78
C GLU C 206 -4.56 -23.57 -30.72
N ALA C 207 -3.26 -23.48 -30.95
CA ALA C 207 -2.24 -24.06 -30.09
C ALA C 207 -2.20 -23.46 -28.68
N VAL C 208 -2.28 -22.13 -28.57
CA VAL C 208 -2.23 -21.52 -27.24
C VAL C 208 -3.47 -21.79 -26.39
N ARG C 209 -4.65 -21.91 -27.00
CA ARG C 209 -5.85 -22.34 -26.28
C ARG C 209 -5.77 -23.79 -25.81
N ALA C 210 -5.32 -24.67 -26.69
CA ALA C 210 -5.15 -26.08 -26.32
C ALA C 210 -4.27 -26.22 -25.08
N VAL C 211 -3.11 -25.59 -25.09
CA VAL C 211 -2.23 -25.59 -23.92
C VAL C 211 -2.93 -24.99 -22.70
N HIS C 212 -3.56 -23.83 -22.90
CA HIS C 212 -4.25 -23.13 -21.82
C HIS C 212 -5.35 -23.98 -21.18
N HIS C 213 -6.10 -24.70 -22.01
CA HIS C 213 -7.18 -25.54 -21.52
C HIS C 213 -6.65 -26.80 -20.85
N MET C 214 -5.52 -27.31 -21.34
CA MET C 214 -4.83 -28.39 -20.67
C MET C 214 -4.38 -27.97 -19.27
N LEU C 215 -3.70 -26.82 -19.19
CA LEU C 215 -3.23 -26.29 -17.93
C LEU C 215 -4.35 -25.87 -16.97
N LEU C 216 -5.44 -25.36 -17.51
CA LEU C 216 -6.60 -25.01 -16.70
C LEU C 216 -7.31 -26.24 -16.16
N SER C 217 -7.42 -27.27 -16.99
CA SER C 217 -8.03 -28.54 -16.59
C SER C 217 -7.24 -29.24 -15.49
N HIS C 218 -5.91 -29.14 -15.57
CA HIS C 218 -5.04 -29.56 -14.48
C HIS C 218 -5.43 -28.90 -13.16
N GLY C 219 -5.48 -27.58 -13.16
CA GLY C 219 -5.75 -26.82 -11.95
C GLY C 219 -7.10 -27.12 -11.35
N LYS C 220 -8.11 -27.31 -12.20
CA LYS C 220 -9.43 -27.71 -11.74
C LYS C 220 -9.43 -29.13 -11.18
N ALA C 221 -8.72 -30.04 -11.83
CA ALA C 221 -8.64 -31.40 -11.32
C ALA C 221 -7.95 -31.47 -9.95
N VAL C 222 -6.94 -30.64 -9.74
CA VAL C 222 -6.29 -30.54 -8.43
C VAL C 222 -7.23 -29.91 -7.40
N GLU C 223 -7.87 -28.82 -7.81
CA GLU C 223 -8.89 -28.17 -6.99
C GLU C 223 -10.04 -29.09 -6.62
N LEU C 224 -10.49 -29.89 -7.59
CA LEU C 224 -11.58 -30.81 -7.32
C LEU C 224 -11.24 -31.88 -6.28
N LEU C 225 -10.10 -32.54 -6.43
CA LEU C 225 -9.72 -33.57 -5.47
C LEU C 225 -9.53 -33.10 -4.02
N LYS C 226 -8.82 -31.98 -3.85
CA LYS C 226 -8.49 -31.45 -2.51
C LYS C 226 -9.44 -30.49 -1.79
N ARG C 227 -10.26 -29.77 -2.55
CA ARG C 227 -11.21 -28.86 -1.95
C ARG C 227 -12.52 -29.58 -1.72
N GLU C 228 -13.28 -29.75 -2.80
CA GLU C 228 -14.53 -30.48 -2.77
C GLU C 228 -14.35 -31.82 -2.05
N MET C 229 -13.57 -32.72 -2.64
CA MET C 229 -13.44 -34.09 -2.13
C MET C 229 -12.53 -34.22 -0.90
N LYS C 230 -11.77 -33.17 -0.59
CA LYS C 230 -10.95 -33.10 0.63
C LYS C 230 -9.81 -34.12 0.73
N SER C 231 -9.36 -34.68 -0.40
CA SER C 231 -8.45 -35.82 -0.38
C SER C 231 -7.00 -35.32 -0.26
N THR C 232 -6.13 -36.15 0.31
CA THR C 232 -4.71 -35.80 0.43
C THR C 232 -3.72 -36.58 -0.42
N THR C 233 -4.19 -37.28 -1.44
CA THR C 233 -3.28 -37.99 -2.34
C THR C 233 -2.40 -36.98 -3.07
N PRO C 234 -1.08 -37.23 -3.10
CA PRO C 234 -0.17 -36.36 -3.84
C PRO C 234 -0.54 -36.24 -5.31
N ILE C 235 -0.68 -35.01 -5.79
CA ILE C 235 -1.02 -34.73 -7.17
C ILE C 235 -0.07 -33.67 -7.74
N GLY C 236 0.17 -33.73 -9.03
CA GLY C 236 0.97 -32.71 -9.70
C GLY C 236 0.85 -32.82 -11.21
N ILE C 237 1.69 -32.08 -11.91
CA ILE C 237 1.72 -32.13 -13.37
C ILE C 237 3.08 -32.62 -13.84
N THR C 238 3.13 -33.14 -15.06
CA THR C 238 4.41 -33.50 -15.67
C THR C 238 4.68 -32.66 -16.91
N LEU C 239 5.76 -31.90 -16.85
CA LEU C 239 6.27 -31.15 -17.99
C LEU C 239 7.57 -31.74 -18.52
N ASN C 240 7.66 -31.93 -19.83
CA ASN C 240 8.96 -32.18 -20.44
C ASN C 240 9.75 -30.88 -20.52
N LEU C 241 11.02 -30.94 -20.13
CA LEU C 241 11.85 -29.74 -20.12
C LEU C 241 13.17 -29.95 -20.85
N SER C 242 13.56 -28.95 -21.63
CA SER C 242 14.79 -28.99 -22.39
C SER C 242 15.51 -27.65 -22.27
N PRO C 243 16.61 -27.63 -21.50
CA PRO C 243 17.38 -26.39 -21.32
C PRO C 243 18.05 -25.92 -22.61
N MET C 244 18.20 -24.61 -22.75
CA MET C 244 18.58 -24.00 -24.01
C MET C 244 19.88 -23.23 -23.84
N TYR C 245 20.79 -23.39 -24.81
CA TYR C 245 22.09 -22.76 -24.73
C TYR C 245 22.39 -22.00 -26.02
N ALA C 246 22.97 -20.80 -25.88
CA ALA C 246 23.34 -20.00 -27.03
C ALA C 246 24.63 -20.49 -27.66
N LYS C 247 24.64 -20.58 -28.99
CA LYS C 247 25.83 -21.00 -29.72
C LYS C 247 26.98 -20.05 -29.47
N THR C 248 26.74 -18.77 -29.69
CA THR C 248 27.76 -17.75 -29.48
C THR C 248 27.33 -16.76 -28.39
N ASP C 249 28.27 -15.91 -27.99
CA ASP C 249 28.02 -14.90 -26.98
C ASP C 249 27.42 -13.59 -27.52
N SER C 250 27.07 -13.58 -28.80
CA SER C 250 26.50 -12.38 -29.40
C SER C 250 25.11 -12.09 -28.86
N ALA C 251 24.68 -10.84 -29.01
CA ALA C 251 23.39 -10.37 -28.50
C ALA C 251 22.26 -11.14 -29.17
N ASN C 252 22.39 -11.30 -30.49
CA ASN C 252 21.44 -12.08 -31.29
C ASN C 252 21.19 -13.49 -30.79
N ASP C 253 22.26 -14.21 -30.48
CA ASP C 253 22.15 -15.58 -29.98
C ASP C 253 21.60 -15.67 -28.54
N ARG C 254 21.79 -14.60 -27.77
CA ARG C 254 21.17 -14.49 -26.44
C ARG C 254 19.65 -14.33 -26.56
N LEU C 255 19.23 -13.57 -27.56
CA LEU C 255 17.81 -13.42 -27.88
C LEU C 255 17.23 -14.77 -28.32
N ALA C 256 17.93 -15.42 -29.25
CA ALA C 256 17.58 -16.74 -29.76
C ALA C 256 17.32 -17.74 -28.64
N MET C 257 18.23 -17.77 -27.66
CA MET C 257 18.09 -18.65 -26.50
C MET C 257 16.88 -18.30 -25.65
N ASN C 258 16.74 -17.02 -25.34
CA ASN C 258 15.58 -16.51 -24.61
C ASN C 258 14.27 -16.98 -25.24
N ASN C 259 14.17 -16.87 -26.55
CA ASN C 259 12.96 -17.25 -27.28
C ASN C 259 12.78 -18.76 -27.38
N ALA C 260 13.87 -19.49 -27.55
CA ALA C 260 13.84 -20.95 -27.52
C ALA C 260 13.42 -21.49 -26.15
N ASP C 261 13.97 -20.90 -25.11
CA ASP C 261 13.62 -21.25 -23.74
C ASP C 261 12.16 -20.99 -23.41
N GLY C 262 11.64 -19.87 -23.90
CA GLY C 262 10.25 -19.49 -23.69
C GLY C 262 9.25 -20.41 -24.36
N TYR C 263 9.48 -20.72 -25.63
CA TYR C 263 8.63 -21.65 -26.37
C TYR C 263 8.54 -23.00 -25.70
N SER C 264 9.69 -23.53 -25.28
CA SER C 264 9.73 -24.86 -24.68
C SER C 264 9.38 -24.90 -23.19
N ASN C 265 9.87 -23.94 -22.41
CA ASN C 265 9.85 -24.07 -20.95
C ASN C 265 9.06 -23.01 -20.18
N ARG C 266 9.38 -21.73 -20.38
CA ARG C 266 8.79 -20.67 -19.57
C ARG C 266 7.30 -20.49 -19.81
N TRP C 267 6.87 -20.72 -21.05
CA TRP C 267 5.44 -20.69 -21.38
C TRP C 267 4.64 -21.67 -20.52
N PHE C 268 5.29 -22.71 -20.03
CA PHE C 268 4.63 -23.70 -19.17
C PHE C 268 4.97 -23.53 -17.69
N LEU C 269 6.20 -23.13 -17.41
CA LEU C 269 6.66 -22.95 -16.04
C LEU C 269 6.07 -21.71 -15.37
N ASP C 270 6.04 -20.60 -16.10
CA ASP C 270 5.52 -19.35 -15.54
C ASP C 270 4.03 -19.44 -15.10
N PRO C 271 3.14 -20.01 -15.93
CA PRO C 271 1.76 -20.10 -15.43
C PRO C 271 1.59 -21.04 -14.23
N VAL C 272 2.28 -22.17 -14.24
CA VAL C 272 2.18 -23.14 -13.15
C VAL C 272 2.68 -22.60 -11.81
N PHE C 273 3.78 -21.86 -11.85
CA PHE C 273 4.40 -21.41 -10.61
C PHE C 273 4.25 -19.91 -10.32
N LYS C 274 4.13 -19.09 -11.37
CA LYS C 274 3.98 -17.65 -11.16
C LYS C 274 2.52 -17.21 -11.37
N GLY C 275 1.72 -18.08 -11.98
CA GLY C 275 0.36 -17.71 -12.35
C GLY C 275 0.27 -16.62 -13.41
N GLU C 276 1.17 -16.66 -14.38
CA GLU C 276 1.15 -15.72 -15.49
C GLU C 276 1.94 -16.22 -16.68
N TYR C 277 1.58 -15.79 -17.88
CA TYR C 277 2.38 -16.08 -19.07
C TYR C 277 3.49 -15.04 -19.26
N PRO C 278 4.62 -15.46 -19.85
CA PRO C 278 5.73 -14.54 -20.11
C PRO C 278 5.40 -13.61 -21.27
N VAL C 279 5.36 -12.32 -20.97
CA VAL C 279 4.93 -11.30 -21.92
C VAL C 279 5.84 -11.28 -23.16
N ASP C 280 7.12 -11.56 -22.96
CA ASP C 280 8.07 -11.62 -24.07
C ASP C 280 7.68 -12.64 -25.13
N MET C 281 7.16 -13.79 -24.70
CA MET C 281 6.66 -14.81 -25.62
C MET C 281 5.32 -14.42 -26.25
N MET C 282 4.45 -13.78 -25.48
CA MET C 282 3.20 -13.25 -26.00
C MET C 282 3.43 -12.29 -27.16
N ASN C 283 4.47 -11.46 -27.06
CA ASN C 283 4.80 -10.53 -28.12
C ASN C 283 5.37 -11.20 -29.36
N LEU C 284 6.23 -12.19 -29.17
CA LEU C 284 6.71 -13.00 -30.29
C LEU C 284 5.59 -13.79 -30.97
N PHE C 285 4.70 -14.38 -30.16
CA PHE C 285 3.55 -15.10 -30.70
C PHE C 285 2.49 -14.19 -31.32
N SER C 286 2.58 -12.90 -31.09
CA SER C 286 1.60 -11.96 -31.65
C SER C 286 1.73 -11.78 -33.16
N LYS C 287 2.70 -12.46 -33.76
CA LYS C 287 2.73 -12.62 -35.22
C LYS C 287 1.67 -13.57 -35.75
N TYR C 288 1.19 -14.49 -34.89
CA TYR C 288 0.07 -15.35 -35.26
C TYR C 288 -1.14 -15.20 -34.35
N VAL C 289 -0.92 -14.79 -33.11
CA VAL C 289 -2.00 -14.76 -32.13
C VAL C 289 -2.32 -13.30 -31.86
N HIS C 290 -3.54 -12.90 -32.20
CA HIS C 290 -3.92 -11.49 -32.17
C HIS C 290 -5.01 -11.19 -31.15
N ASN C 291 -5.27 -12.14 -30.26
CA ASN C 291 -6.12 -11.88 -29.11
C ASN C 291 -5.86 -12.91 -28.01
N PHE C 292 -5.76 -12.42 -26.78
CA PHE C 292 -5.63 -13.27 -25.60
C PHE C 292 -6.87 -13.24 -24.70
N ASP C 293 -8.04 -13.10 -25.31
CA ASP C 293 -9.32 -13.07 -24.59
C ASP C 293 -9.75 -14.46 -24.11
N PHE C 294 -9.10 -15.49 -24.63
CA PHE C 294 -9.23 -16.84 -24.09
C PHE C 294 -8.73 -16.96 -22.65
N ILE C 295 -7.87 -16.05 -22.22
CA ILE C 295 -7.51 -15.98 -20.81
C ILE C 295 -8.54 -15.20 -20.00
N GLN C 296 -9.44 -15.94 -19.36
CA GLN C 296 -10.50 -15.35 -18.55
C GLN C 296 -9.98 -14.96 -17.17
N SER C 297 -10.79 -14.22 -16.41
CA SER C 297 -10.45 -13.89 -15.03
C SER C 297 -10.59 -15.09 -14.12
N GLY C 298 -9.58 -15.34 -13.29
CA GLY C 298 -9.61 -16.50 -12.41
C GLY C 298 -8.82 -17.68 -12.93
N ASP C 299 -8.63 -17.72 -14.25
CA ASP C 299 -7.94 -18.83 -14.91
C ASP C 299 -6.52 -19.04 -14.41
N MET C 300 -5.75 -17.95 -14.32
CA MET C 300 -4.35 -18.03 -13.95
C MET C 300 -4.14 -18.45 -12.49
N GLU C 301 -5.07 -18.04 -11.63
CA GLU C 301 -5.11 -18.49 -10.25
C GLU C 301 -5.43 -19.98 -10.06
N THR C 302 -6.23 -20.54 -10.95
CA THR C 302 -6.53 -21.96 -10.92
C THR C 302 -5.35 -22.82 -11.39
N ILE C 303 -4.75 -22.41 -12.51
CA ILE C 303 -3.55 -23.05 -13.05
C ILE C 303 -2.42 -23.14 -12.03
N SER C 304 -2.24 -22.09 -11.22
CA SER C 304 -1.14 -22.05 -10.26
C SER C 304 -1.50 -22.61 -8.89
N THR C 305 -2.51 -23.49 -8.84
CA THR C 305 -2.95 -24.10 -7.59
C THR C 305 -1.85 -24.99 -7.01
N ALA C 306 -1.68 -24.95 -5.70
CA ALA C 306 -0.55 -25.61 -5.06
C ALA C 306 -0.58 -27.13 -5.25
N CYS C 307 0.54 -27.66 -5.74
CA CYS C 307 0.71 -29.10 -5.96
C CYS C 307 1.57 -29.73 -4.87
N ASP C 308 1.63 -31.06 -4.85
CA ASP C 308 2.39 -31.77 -3.82
C ASP C 308 3.81 -32.02 -4.34
N PHE C 309 3.91 -32.28 -5.64
CA PHE C 309 5.19 -32.40 -6.31
C PHE C 309 5.18 -31.74 -7.68
N PHE C 310 6.35 -31.66 -8.30
CA PHE C 310 6.48 -31.25 -9.69
C PHE C 310 7.17 -32.37 -10.46
N GLY C 311 6.58 -32.76 -11.58
CA GLY C 311 7.16 -33.80 -12.41
C GLY C 311 7.93 -33.24 -13.59
N ILE C 312 9.07 -33.86 -13.89
CA ILE C 312 9.86 -33.47 -15.04
C ILE C 312 10.20 -34.65 -15.93
N ASN C 313 9.88 -34.51 -17.21
CA ASN C 313 10.40 -35.41 -18.22
C ASN C 313 11.62 -34.79 -18.89
N PHE C 314 12.75 -35.47 -18.82
CA PHE C 314 13.98 -34.94 -19.38
C PHE C 314 14.55 -35.96 -20.34
N TYR C 315 15.02 -35.47 -21.48
CA TYR C 315 15.60 -36.32 -22.50
C TYR C 315 16.90 -35.70 -22.99
N SER C 316 16.84 -34.43 -23.39
CA SER C 316 18.02 -33.75 -23.91
C SER C 316 17.97 -32.25 -23.70
N ARG C 317 19.07 -31.59 -24.06
CA ARG C 317 19.13 -30.14 -24.19
C ARG C 317 18.85 -29.72 -25.63
N GLY C 318 18.86 -28.42 -25.88
CA GLY C 318 18.90 -27.93 -27.24
C GLY C 318 19.78 -26.71 -27.39
N ILE C 319 20.75 -26.82 -28.29
CA ILE C 319 21.59 -25.71 -28.71
C ILE C 319 20.96 -24.95 -29.89
N VAL C 320 20.80 -23.63 -29.73
CA VAL C 320 20.13 -22.82 -30.74
C VAL C 320 20.98 -21.65 -31.18
N GLU C 321 20.73 -21.14 -32.38
CA GLU C 321 21.32 -19.89 -32.83
C GLU C 321 20.29 -18.96 -33.47
N PHE C 322 20.69 -17.73 -33.72
CA PHE C 322 19.81 -16.73 -34.32
C PHE C 322 19.49 -17.02 -35.79
N ASN C 323 18.24 -16.73 -36.17
CA ASN C 323 17.81 -16.83 -37.56
C ASN C 323 16.92 -15.63 -37.91
N ALA C 324 17.38 -14.78 -38.82
CA ALA C 324 16.56 -13.65 -39.28
C ALA C 324 15.32 -14.07 -40.05
N ALA C 325 15.39 -15.22 -40.70
CA ALA C 325 14.27 -15.74 -41.49
C ALA C 325 13.25 -16.55 -40.70
N ASN C 326 13.56 -16.85 -39.44
CA ASN C 326 12.64 -17.62 -38.60
C ASN C 326 11.71 -16.69 -37.82
N ASP C 327 10.42 -17.02 -37.85
CA ASP C 327 9.42 -16.24 -37.09
C ASP C 327 9.74 -16.19 -35.61
N PHE C 328 10.18 -17.31 -35.04
CA PHE C 328 10.59 -17.33 -33.64
C PHE C 328 12.09 -17.16 -33.50
N LEU C 329 12.75 -16.73 -34.57
CA LEU C 329 14.14 -16.26 -34.51
C LEU C 329 15.17 -17.33 -34.14
N LYS C 330 14.84 -18.61 -34.30
CA LYS C 330 15.83 -19.63 -33.98
C LYS C 330 15.86 -20.89 -34.86
N ALA C 331 17.05 -21.48 -34.94
CA ALA C 331 17.25 -22.78 -35.58
C ALA C 331 18.27 -23.60 -34.80
N ASP C 332 18.35 -24.90 -35.09
CA ASP C 332 19.27 -25.81 -34.39
C ASP C 332 20.73 -25.61 -34.81
N ALA C 333 21.64 -25.56 -33.82
CA ALA C 333 23.07 -25.45 -34.11
C ALA C 333 23.77 -26.81 -34.00
N TYR C 334 24.85 -26.97 -34.74
CA TYR C 334 25.62 -28.22 -34.81
C TYR C 334 26.21 -28.57 -33.44
N SER C 335 26.00 -29.81 -32.99
CA SER C 335 26.48 -30.32 -31.70
C SER C 335 27.62 -31.36 -31.78
N ASP C 336 28.66 -31.14 -30.98
CA ASP C 336 29.80 -32.07 -30.90
C ASP C 336 29.67 -33.09 -29.77
N TYR C 337 28.50 -33.13 -29.13
CA TYR C 337 28.22 -34.07 -28.06
C TYR C 337 28.11 -35.53 -28.55
N GLU C 338 28.22 -36.47 -27.62
CA GLU C 338 27.90 -37.87 -27.86
C GLU C 338 26.42 -37.98 -28.17
N LYS C 339 26.05 -38.89 -29.09
CA LYS C 339 24.67 -38.88 -29.53
C LYS C 339 23.89 -40.21 -29.43
N THR C 340 22.57 -40.14 -29.27
CA THR C 340 21.75 -41.35 -29.29
C THR C 340 21.45 -41.76 -30.74
N GLY C 341 20.73 -42.86 -30.93
CA GLY C 341 20.25 -43.18 -32.27
C GLY C 341 19.26 -42.22 -32.93
N MET C 342 18.56 -41.43 -32.13
CA MET C 342 17.64 -40.40 -32.63
C MET C 342 18.22 -39.03 -32.99
N GLY C 343 19.47 -38.81 -32.62
CA GLY C 343 20.03 -37.48 -32.73
C GLY C 343 19.80 -36.49 -31.59
N TRP C 344 19.27 -36.93 -30.45
CA TRP C 344 19.05 -35.98 -29.35
C TRP C 344 20.37 -35.89 -28.57
N ASP C 345 20.76 -34.70 -28.12
CA ASP C 345 22.02 -34.54 -27.38
C ASP C 345 22.07 -35.21 -25.99
N ILE C 346 23.16 -35.92 -25.71
CA ILE C 346 23.40 -36.47 -24.39
C ILE C 346 24.03 -35.44 -23.45
N ALA C 347 23.28 -35.01 -22.44
CA ALA C 347 23.58 -33.76 -21.74
C ALA C 347 23.36 -33.86 -20.24
N PRO C 348 24.09 -34.76 -19.55
CA PRO C 348 23.88 -34.87 -18.11
C PRO C 348 24.33 -33.64 -17.32
N ASN C 349 25.41 -33.00 -17.73
CA ASN C 349 25.84 -31.76 -17.09
C ASN C 349 24.76 -30.70 -17.20
N GLU C 350 24.12 -30.65 -18.37
CA GLU C 350 23.05 -29.69 -18.66
C GLU C 350 21.76 -30.02 -17.93
N PHE C 351 21.53 -31.30 -17.68
CA PHE C 351 20.44 -31.76 -16.81
C PHE C 351 20.50 -31.19 -15.40
N LYS C 352 21.71 -31.13 -14.86
CA LYS C 352 21.93 -30.56 -13.53
C LYS C 352 21.67 -29.06 -13.52
N ASP C 353 22.01 -28.39 -14.61
CA ASP C 353 21.75 -26.96 -14.78
C ASP C 353 20.26 -26.65 -14.68
N LEU C 354 19.43 -27.44 -15.33
CA LEU C 354 17.99 -27.21 -15.31
C LEU C 354 17.44 -27.24 -13.88
N ILE C 355 17.78 -28.28 -13.13
CA ILE C 355 17.30 -28.43 -11.75
C ILE C 355 17.68 -27.29 -10.78
N ARG C 356 18.94 -26.85 -10.80
CA ARG C 356 19.38 -25.74 -9.95
C ARG C 356 18.57 -24.48 -10.25
N ARG C 357 18.39 -24.21 -11.54
CA ARG C 357 17.59 -23.11 -12.02
C ARG C 357 16.17 -23.11 -11.46
N LEU C 358 15.55 -24.29 -11.41
CA LEU C 358 14.19 -24.44 -10.92
C LEU C 358 14.03 -24.08 -9.44
N ARG C 359 15.00 -24.47 -8.62
CA ARG C 359 15.02 -24.08 -7.21
C ARG C 359 15.24 -22.59 -6.96
N ALA C 360 16.10 -21.96 -7.75
CA ALA C 360 16.34 -20.52 -7.60
C ALA C 360 15.16 -19.62 -7.95
N GLU C 361 14.51 -19.86 -9.09
CA GLU C 361 13.51 -18.93 -9.61
C GLU C 361 12.05 -19.36 -9.40
N TYR C 362 11.77 -20.66 -9.44
CA TYR C 362 10.38 -21.15 -9.59
C TYR C 362 9.83 -21.84 -8.35
N THR C 363 10.38 -22.99 -7.97
CA THR C 363 9.69 -23.80 -6.96
C THR C 363 10.63 -24.48 -5.96
N ASP C 364 10.09 -24.74 -4.77
CA ASP C 364 10.75 -25.49 -3.72
C ASP C 364 10.00 -26.79 -3.41
N LEU C 365 9.13 -27.20 -4.32
CA LEU C 365 8.46 -28.48 -4.20
C LEU C 365 9.44 -29.62 -4.44
N PRO C 366 9.12 -30.82 -3.93
CA PRO C 366 9.91 -32.01 -4.28
C PRO C 366 9.78 -32.37 -5.75
N ILE C 367 10.92 -32.51 -6.44
CA ILE C 367 10.92 -32.82 -7.86
C ILE C 367 10.97 -34.33 -8.11
N TYR C 368 10.18 -34.79 -9.08
CA TYR C 368 10.26 -36.16 -9.57
C TYR C 368 10.62 -36.22 -11.05
N ILE C 369 11.64 -36.99 -11.40
CA ILE C 369 11.99 -37.22 -12.79
C ILE C 369 11.06 -38.29 -13.35
N THR C 370 9.92 -37.85 -13.88
CA THR C 370 8.85 -38.76 -14.28
C THR C 370 9.10 -39.54 -15.58
N GLU C 371 10.05 -39.06 -16.39
CA GLU C 371 10.57 -39.82 -17.52
C GLU C 371 12.04 -39.53 -17.79
N ASN C 372 12.84 -40.59 -17.91
CA ASN C 372 14.16 -40.49 -18.51
C ASN C 372 14.60 -41.81 -19.14
N GLY C 373 15.29 -41.73 -20.27
CA GLY C 373 15.72 -42.91 -20.99
C GLY C 373 16.20 -42.55 -22.38
N ALA C 374 16.50 -43.56 -23.19
CA ALA C 374 17.11 -43.32 -24.51
C ALA C 374 16.78 -44.44 -25.49
N ALA C 375 17.01 -44.17 -26.77
CA ALA C 375 16.80 -45.15 -27.83
C ALA C 375 18.07 -45.43 -28.62
N PHE C 376 18.35 -46.71 -28.86
CA PHE C 376 19.53 -47.10 -29.64
C PHE C 376 19.20 -48.26 -30.57
N ASP C 377 20.06 -48.53 -31.55
CA ASP C 377 19.77 -49.56 -32.53
C ASP C 377 19.96 -50.96 -31.97
N ASP C 378 18.97 -51.43 -31.22
CA ASP C 378 19.06 -52.71 -30.52
C ASP C 378 18.79 -53.92 -31.41
N VAL C 379 19.77 -54.82 -31.51
CA VAL C 379 19.56 -56.09 -32.22
C VAL C 379 19.49 -57.18 -31.16
N LEU C 380 18.58 -58.13 -31.34
CA LEU C 380 18.58 -59.34 -30.52
C LEU C 380 19.47 -60.42 -31.14
N GLU C 381 20.46 -60.84 -30.35
CA GLU C 381 21.38 -61.92 -30.74
C GLU C 381 21.54 -62.98 -29.62
N ASN C 382 21.15 -64.20 -29.97
CA ASN C 382 21.29 -65.43 -29.16
C ASN C 382 20.61 -65.37 -27.79
N GLY C 383 19.41 -64.80 -27.82
CA GLY C 383 18.50 -64.61 -26.71
C GLY C 383 18.78 -63.57 -25.65
N GLU C 384 19.79 -62.74 -25.85
CA GLU C 384 20.14 -61.76 -24.83
C GLU C 384 20.50 -60.48 -25.56
N VAL C 385 20.20 -59.33 -24.97
CA VAL C 385 20.58 -58.07 -25.59
C VAL C 385 21.59 -57.23 -24.77
N HIS C 386 22.80 -57.09 -25.32
CA HIS C 386 23.90 -56.37 -24.67
C HIS C 386 23.92 -54.88 -25.04
N ASP C 387 23.00 -54.13 -24.45
CA ASP C 387 22.80 -52.69 -24.69
C ASP C 387 23.54 -51.81 -23.66
N ASP C 388 24.86 -51.87 -23.70
CA ASP C 388 25.70 -51.05 -22.83
C ASP C 388 25.59 -49.54 -23.11
N ASN C 389 25.46 -49.18 -24.39
CA ASN C 389 25.17 -47.79 -24.76
C ASN C 389 24.00 -47.16 -23.99
N ARG C 390 22.89 -47.89 -23.83
CA ARG C 390 21.75 -47.39 -23.08
C ARG C 390 22.05 -47.29 -21.59
N ILE C 391 22.79 -48.29 -21.08
CA ILE C 391 23.26 -48.30 -19.70
C ILE C 391 24.07 -47.05 -19.38
N ASP C 392 25.08 -46.77 -20.21
CA ASP C 392 25.92 -45.58 -20.04
C ASP C 392 25.07 -44.32 -19.84
N TYR C 393 24.12 -44.09 -20.75
CA TYR C 393 23.23 -42.94 -20.66
C TYR C 393 22.56 -42.85 -19.29
N VAL C 394 21.86 -43.91 -18.89
CA VAL C 394 21.15 -43.96 -17.62
C VAL C 394 22.10 -43.81 -16.43
N ARG C 395 23.25 -44.47 -16.53
CA ARG C 395 24.27 -44.42 -15.50
C ARG C 395 24.76 -43.01 -15.23
N GLN C 396 25.06 -42.27 -16.31
CA GLN C 396 25.47 -40.88 -16.20
C GLN C 396 24.42 -40.00 -15.51
N HIS C 397 23.14 -40.27 -15.77
CA HIS C 397 22.06 -39.51 -15.15
C HIS C 397 21.73 -39.87 -13.70
N LEU C 398 21.80 -41.16 -13.37
CA LEU C 398 21.62 -41.58 -11.98
C LEU C 398 22.70 -41.12 -11.00
N GLU C 399 23.95 -41.09 -11.44
CA GLU C 399 25.02 -40.49 -10.62
C GLU C 399 24.74 -39.02 -10.36
N ALA C 400 24.40 -38.30 -11.42
CA ALA C 400 24.03 -36.88 -11.36
C ALA C 400 22.87 -36.63 -10.39
N VAL C 401 21.85 -37.47 -10.42
CA VAL C 401 20.72 -37.33 -9.52
C VAL C 401 21.17 -37.41 -8.06
N SER C 402 22.00 -38.40 -7.76
CA SER C 402 22.58 -38.58 -6.43
C SER C 402 23.45 -37.39 -6.03
N ASP C 403 24.18 -36.86 -7.00
CA ASP C 403 25.00 -35.67 -6.80
C ASP C 403 24.14 -34.44 -6.49
N LEU C 404 23.04 -34.29 -7.21
CA LEU C 404 22.13 -33.18 -6.98
C LEU C 404 21.47 -33.26 -5.60
N ASN C 405 21.12 -34.48 -5.17
CA ASN C 405 20.59 -34.67 -3.84
C ASN C 405 21.61 -34.40 -2.72
N ASP C 406 22.90 -34.50 -3.05
CA ASP C 406 23.93 -34.06 -2.12
C ASP C 406 23.96 -32.54 -2.02
N GLU C 407 23.69 -31.88 -3.14
CA GLU C 407 23.55 -30.42 -3.15
C GLU C 407 22.25 -29.91 -2.52
N GLY C 408 21.31 -30.81 -2.26
CA GLY C 408 20.06 -30.43 -1.65
C GLY C 408 18.92 -30.12 -2.60
N MET C 409 18.99 -30.67 -3.81
CA MET C 409 17.99 -30.37 -4.84
C MET C 409 16.72 -31.19 -4.62
N ASN C 410 16.80 -32.12 -3.68
CA ASN C 410 15.63 -32.81 -3.15
C ASN C 410 14.83 -33.49 -4.25
N ILE C 411 15.53 -34.25 -5.09
CA ILE C 411 14.86 -35.14 -6.03
C ILE C 411 14.49 -36.46 -5.34
N GLN C 412 13.22 -36.58 -4.97
CA GLN C 412 12.74 -37.71 -4.19
C GLN C 412 12.57 -38.98 -5.02
N GLY C 413 12.58 -38.85 -6.35
CA GLY C 413 12.43 -40.03 -7.21
C GLY C 413 12.76 -39.88 -8.68
N TYR C 414 12.81 -41.04 -9.34
CA TYR C 414 13.19 -41.15 -10.75
C TYR C 414 12.43 -42.26 -11.48
N TYR C 415 11.82 -41.94 -12.61
CA TYR C 415 11.19 -42.97 -13.43
C TYR C 415 11.98 -43.19 -14.72
N LEU C 416 12.27 -44.44 -15.03
CA LEU C 416 12.99 -44.79 -16.26
C LEU C 416 12.07 -45.09 -17.44
N TRP C 417 12.04 -44.20 -18.42
CA TRP C 417 11.34 -44.49 -19.66
C TRP C 417 12.22 -45.37 -20.54
N SER C 418 11.74 -46.56 -20.88
CA SER C 418 10.41 -47.02 -20.52
C SER C 418 10.52 -48.44 -19.96
N LEU C 419 9.44 -49.20 -20.04
CA LEU C 419 9.48 -50.59 -19.59
C LEU C 419 9.63 -51.53 -20.78
N MET C 420 8.72 -51.40 -21.75
CA MET C 420 8.70 -52.25 -22.93
C MET C 420 9.01 -51.39 -24.16
N ASP C 421 9.50 -52.03 -25.21
CA ASP C 421 9.50 -51.40 -26.52
C ASP C 421 8.07 -51.22 -27.00
N ASN C 422 7.76 -50.00 -27.45
CA ASN C 422 6.38 -49.62 -27.72
C ASN C 422 6.23 -48.74 -28.96
N PHE C 423 4.99 -48.35 -29.24
CA PHE C 423 4.68 -47.39 -30.30
C PHE C 423 5.17 -45.99 -29.96
N GLU C 424 6.25 -45.56 -30.61
CA GLU C 424 6.83 -44.25 -30.34
C GLU C 424 6.20 -43.24 -31.31
N TRP C 425 4.88 -43.19 -31.31
CA TRP C 425 4.11 -42.14 -31.97
C TRP C 425 4.34 -42.03 -33.48
N SER C 426 4.84 -40.89 -33.93
CA SER C 426 5.13 -40.71 -35.36
C SER C 426 6.30 -41.52 -35.91
N PHE C 427 7.22 -41.92 -35.04
CA PHE C 427 8.33 -42.78 -35.44
C PHE C 427 7.97 -44.28 -35.49
N GLY C 428 6.86 -44.63 -34.85
CA GLY C 428 6.33 -45.98 -34.87
C GLY C 428 7.06 -47.04 -34.07
N TYR C 429 7.34 -48.20 -34.67
CA TYR C 429 8.13 -49.25 -34.00
C TYR C 429 9.60 -49.35 -34.45
N GLU C 430 10.09 -48.34 -35.15
CA GLU C 430 11.50 -48.23 -35.52
C GLU C 430 12.46 -47.87 -34.38
N LYS C 431 11.91 -47.35 -33.29
CA LYS C 431 12.72 -46.84 -32.17
C LYS C 431 12.32 -47.53 -30.88
N ARG C 432 13.35 -48.01 -30.18
CA ARG C 432 13.19 -48.83 -28.99
C ARG C 432 13.64 -48.09 -27.72
N PHE C 433 12.69 -47.78 -26.86
CA PHE C 433 12.98 -47.11 -25.59
C PHE C 433 12.99 -48.08 -24.43
N GLY C 434 12.54 -49.30 -24.69
CA GLY C 434 12.28 -50.26 -23.63
C GLY C 434 13.52 -50.87 -23.03
N ILE C 435 13.42 -51.22 -21.76
CA ILE C 435 14.42 -52.06 -21.09
C ILE C 435 14.11 -53.52 -21.42
N LEU C 436 12.89 -53.77 -21.89
CA LEU C 436 12.52 -55.07 -22.42
C LEU C 436 12.28 -55.02 -23.92
N TYR C 437 13.03 -55.81 -24.66
CA TYR C 437 12.89 -55.89 -26.12
C TYR C 437 11.58 -56.58 -26.47
N ILE C 438 10.93 -56.12 -27.53
CA ILE C 438 9.69 -56.75 -27.97
C ILE C 438 9.73 -57.20 -29.42
N ASP C 439 9.55 -58.51 -29.60
CA ASP C 439 9.25 -59.08 -30.90
C ASP C 439 7.77 -58.91 -31.17
N PHE C 440 7.45 -58.00 -32.08
CA PHE C 440 6.07 -57.60 -32.35
C PHE C 440 5.29 -58.70 -33.06
N GLU C 441 6.00 -59.64 -33.67
CA GLU C 441 5.34 -60.79 -34.28
C GLU C 441 4.78 -61.76 -33.24
N THR C 442 5.58 -62.13 -32.24
CA THR C 442 5.09 -63.09 -31.24
C THR C 442 4.53 -62.42 -29.99
N GLN C 443 4.87 -61.14 -29.81
CA GLN C 443 4.59 -60.40 -28.57
C GLN C 443 5.30 -60.98 -27.33
N GLU C 444 6.43 -61.65 -27.55
CA GLU C 444 7.21 -62.21 -26.45
C GLU C 444 8.04 -61.13 -25.77
N ARG C 445 8.00 -61.09 -24.43
CA ARG C 445 8.87 -60.19 -23.68
C ARG C 445 10.18 -60.87 -23.29
N ILE C 446 11.29 -60.24 -23.66
CA ILE C 446 12.63 -60.70 -23.32
C ILE C 446 13.46 -59.61 -22.63
N TRP C 447 13.96 -59.92 -21.44
CA TRP C 447 14.80 -58.99 -20.68
C TRP C 447 16.14 -58.65 -21.31
N LYS C 448 16.38 -57.35 -21.46
CA LYS C 448 17.69 -56.82 -21.84
C LYS C 448 18.63 -56.80 -20.63
N ASP C 449 19.93 -56.66 -20.88
CA ASP C 449 20.91 -56.52 -19.81
C ASP C 449 20.60 -55.35 -18.88
N SER C 450 20.08 -54.28 -19.47
CA SER C 450 19.73 -53.07 -18.74
C SER C 450 18.64 -53.27 -17.69
N ALA C 451 17.71 -54.18 -17.95
CA ALA C 451 16.66 -54.46 -16.97
C ALA C 451 17.21 -55.16 -15.73
N LYS C 452 18.03 -56.19 -15.93
CA LYS C 452 18.71 -56.85 -14.83
C LYS C 452 19.59 -55.87 -14.04
N TRP C 453 20.39 -55.10 -14.77
CA TRP C 453 21.28 -54.10 -14.17
C TRP C 453 20.50 -53.07 -13.35
N TYR C 454 19.41 -52.56 -13.91
CA TYR C 454 18.61 -51.55 -13.22
C TYR C 454 17.98 -52.19 -11.99
N ALA C 455 17.48 -53.40 -12.16
CA ALA C 455 16.99 -54.22 -11.05
C ALA C 455 18.08 -54.43 -10.00
N GLY C 456 19.29 -54.66 -10.47
CA GLY C 456 20.44 -54.80 -9.61
C GLY C 456 20.87 -53.51 -8.94
N VAL C 457 20.73 -52.39 -9.63
CA VAL C 457 20.97 -51.08 -9.02
C VAL C 457 20.05 -50.86 -7.83
N ILE C 458 18.77 -51.21 -8.00
CA ILE C 458 17.79 -51.06 -6.93
C ILE C 458 18.09 -52.02 -5.79
N ALA C 459 18.30 -53.29 -6.14
CA ALA C 459 18.69 -54.32 -5.18
C ALA C 459 19.89 -53.89 -4.33
N ASP C 460 20.95 -53.43 -5.00
CA ASP C 460 22.13 -52.92 -4.31
C ASP C 460 21.78 -51.77 -3.38
N HIS C 461 20.93 -50.86 -3.86
CA HIS C 461 20.44 -49.78 -3.00
C HIS C 461 19.64 -50.31 -1.82
N LYS C 462 18.75 -51.26 -2.09
CA LYS C 462 17.96 -51.86 -1.02
C LYS C 462 18.80 -52.66 -0.03
N ALA C 463 19.77 -53.41 -0.56
CA ALA C 463 20.70 -54.14 0.30
C ALA C 463 21.55 -53.20 1.15
N LYS C 464 21.76 -51.99 0.65
CA LYS C 464 22.46 -50.97 1.43
C LYS C 464 21.54 -50.51 2.54
N HIS C 465 20.24 -50.56 2.26
CA HIS C 465 19.24 -50.10 3.21
C HIS C 465 19.19 -51.14 4.34
N ALA C 466 19.13 -50.67 5.59
CA ALA C 466 19.00 -51.52 6.78
C ALA C 466 19.84 -52.79 6.69
N MET D 21 2.07 24.17 2.42
CA MET D 21 1.70 22.84 1.98
C MET D 21 2.78 22.23 1.10
N MET D 22 3.54 23.09 0.44
CA MET D 22 4.62 22.65 -0.44
C MET D 22 5.93 23.34 -0.11
N HIS D 23 6.62 22.83 0.91
CA HIS D 23 7.91 23.40 1.31
C HIS D 23 9.05 22.57 0.74
N PHE D 24 10.25 23.16 0.73
CA PHE D 24 11.43 22.53 0.16
C PHE D 24 12.68 22.85 0.97
N LYS D 25 13.68 21.99 0.83
CA LYS D 25 14.92 22.10 1.58
C LYS D 25 15.77 23.24 1.03
N LYS D 26 16.79 23.63 1.80
CA LYS D 26 17.63 24.77 1.48
C LYS D 26 18.43 24.64 0.18
N ASP D 27 18.81 23.43 -0.20
CA ASP D 27 19.58 23.25 -1.43
C ASP D 27 18.72 23.02 -2.68
N PHE D 28 17.40 23.14 -2.52
CA PHE D 28 16.48 22.91 -3.64
C PHE D 28 16.61 23.95 -4.75
N VAL D 29 16.69 23.47 -5.98
CA VAL D 29 16.88 24.34 -7.14
C VAL D 29 15.56 24.51 -7.91
N PHE D 30 15.08 25.75 -8.00
CA PHE D 30 14.02 26.09 -8.94
C PHE D 30 14.62 26.57 -10.26
N GLY D 31 14.02 26.14 -11.37
CA GLY D 31 14.53 26.51 -12.69
C GLY D 31 13.49 26.69 -13.78
N THR D 32 13.98 27.04 -14.96
CA THR D 32 13.20 27.06 -16.18
C THR D 32 14.09 26.62 -17.34
N ALA D 33 13.49 26.29 -18.48
CA ALA D 33 14.21 25.56 -19.53
C ALA D 33 13.79 25.95 -20.93
N THR D 34 14.74 25.86 -21.87
CA THR D 34 14.50 26.07 -23.29
C THR D 34 15.31 25.09 -24.15
N SER D 35 15.05 25.12 -25.47
CA SER D 35 15.94 24.46 -26.43
C SER D 35 16.33 25.40 -27.58
N SER D 36 17.46 25.10 -28.22
CA SER D 36 18.14 26.04 -29.12
C SER D 36 17.38 26.45 -30.37
N TYR D 37 16.85 25.48 -31.10
CA TYR D 37 16.14 25.77 -32.34
C TYR D 37 14.81 26.48 -32.08
N GLN D 38 14.22 26.21 -30.93
CA GLN D 38 12.93 26.81 -30.59
C GLN D 38 12.96 28.32 -30.34
N ILE D 39 14.09 28.88 -29.93
CA ILE D 39 14.07 30.30 -29.55
C ILE D 39 15.12 31.23 -30.21
N GLU D 40 16.28 30.68 -30.58
CA GLU D 40 17.40 31.55 -30.96
C GLU D 40 17.20 32.29 -32.29
N GLY D 41 16.80 31.56 -33.33
CA GLY D 41 16.80 32.10 -34.68
C GLY D 41 18.16 32.52 -35.25
N ALA D 42 18.12 33.58 -36.07
CA ALA D 42 19.27 34.09 -36.81
C ALA D 42 20.07 33.02 -37.56
N HIS D 43 19.34 32.19 -38.30
CA HIS D 43 19.85 30.95 -38.90
C HIS D 43 20.97 31.15 -39.94
N ASN D 44 21.45 32.38 -40.10
CA ASN D 44 22.43 32.69 -41.13
C ASN D 44 23.77 33.20 -40.60
N GLU D 45 23.69 33.93 -39.49
CA GLU D 45 24.86 34.58 -38.91
C GLU D 45 25.64 33.67 -37.96
N GLY D 46 26.90 34.05 -37.75
CA GLY D 46 27.81 33.34 -36.88
C GLY D 46 28.26 31.96 -37.35
N GLY D 47 28.21 31.73 -38.66
CA GLY D 47 28.57 30.43 -39.20
C GLY D 47 27.60 29.27 -39.16
N ARG D 48 26.35 29.50 -38.80
CA ARG D 48 25.40 28.39 -38.73
C ARG D 48 24.96 27.85 -40.09
N THR D 49 24.96 26.53 -40.21
CA THR D 49 24.43 25.84 -41.39
C THR D 49 23.12 25.18 -41.01
N PRO D 50 22.32 24.73 -42.01
CA PRO D 50 21.00 24.20 -41.66
C PRO D 50 21.06 22.93 -40.81
N SER D 51 20.09 22.76 -39.91
CA SER D 51 19.86 21.50 -39.23
C SER D 51 18.77 20.70 -39.93
N ILE D 52 18.60 19.45 -39.51
CA ILE D 52 17.49 18.61 -39.96
C ILE D 52 16.10 19.24 -39.81
N TRP D 53 15.93 20.08 -38.80
CA TRP D 53 14.65 20.76 -38.55
C TRP D 53 14.31 21.87 -39.55
N ASP D 54 15.32 22.58 -40.05
CA ASP D 54 15.10 23.57 -41.11
C ASP D 54 14.49 22.95 -42.37
N MET D 55 15.08 21.87 -42.85
CA MET D 55 14.57 21.15 -44.02
C MET D 55 13.19 20.53 -43.77
N PHE D 56 13.02 19.96 -42.58
CA PHE D 56 11.75 19.37 -42.13
C PHE D 56 10.58 20.36 -42.10
N CYS D 57 10.85 21.58 -41.66
CA CYS D 57 9.85 22.64 -41.68
C CYS D 57 9.45 23.01 -43.10
N ASP D 58 10.37 22.83 -44.04
CA ASP D 58 10.11 23.09 -45.47
C ASP D 58 9.45 21.92 -46.20
N ILE D 59 9.44 20.72 -45.59
CA ILE D 59 8.73 19.59 -46.19
C ILE D 59 7.22 19.75 -45.98
N ASP D 60 6.46 19.54 -47.04
CA ASP D 60 5.02 19.74 -47.02
C ASP D 60 4.26 18.75 -46.15
N GLY D 61 3.31 19.28 -45.38
CA GLY D 61 2.39 18.50 -44.58
C GLY D 61 2.93 18.03 -43.23
N ARG D 62 4.18 18.33 -42.94
CA ARG D 62 4.82 17.83 -41.72
C ARG D 62 4.63 18.77 -40.53
N VAL D 63 4.72 20.08 -40.79
CA VAL D 63 4.66 21.07 -39.72
C VAL D 63 3.52 22.05 -39.99
N PHE D 64 2.89 22.53 -38.91
CA PHE D 64 1.74 23.43 -39.00
C PHE D 64 2.06 24.65 -39.86
N GLU D 65 1.40 24.71 -41.01
CA GLU D 65 1.54 25.79 -41.98
C GLU D 65 2.98 26.14 -42.32
N LYS D 66 3.81 25.12 -42.52
CA LYS D 66 5.21 25.32 -42.90
C LYS D 66 6.03 26.24 -41.98
N HIS D 67 5.62 26.38 -40.73
CA HIS D 67 6.34 27.26 -39.80
C HIS D 67 7.73 26.73 -39.49
N ASN D 68 8.62 27.64 -39.12
CA ASN D 68 10.03 27.33 -38.91
C ASN D 68 10.65 28.19 -37.80
N GLY D 69 11.90 27.89 -37.47
CA GLY D 69 12.66 28.66 -36.48
C GLY D 69 13.67 29.66 -37.00
N ASP D 70 13.35 30.30 -38.12
CA ASP D 70 14.20 31.33 -38.71
C ASP D 70 14.36 32.53 -37.77
N VAL D 71 13.25 33.05 -37.26
CA VAL D 71 13.30 34.14 -36.30
C VAL D 71 13.08 33.62 -34.88
N ALA D 72 12.05 32.79 -34.72
CA ALA D 72 11.68 32.21 -33.43
C ALA D 72 11.40 33.29 -32.39
N CYS D 73 12.09 33.20 -31.25
CA CYS D 73 12.01 34.25 -30.25
C CYS D 73 13.15 35.26 -30.36
N ASP D 74 13.99 35.11 -31.38
CA ASP D 74 15.08 36.06 -31.65
C ASP D 74 16.03 36.18 -30.46
N HIS D 75 16.23 35.07 -29.75
CA HIS D 75 16.94 35.07 -28.48
C HIS D 75 18.45 35.25 -28.66
N TYR D 76 18.93 34.90 -29.84
CA TYR D 76 20.33 35.12 -30.21
C TYR D 76 20.76 36.59 -30.08
N HIS D 77 19.91 37.54 -30.50
CA HIS D 77 20.27 38.96 -30.34
C HIS D 77 19.92 39.60 -28.99
N ARG D 78 18.81 39.18 -28.38
CA ARG D 78 18.34 39.80 -27.13
C ARG D 78 18.63 38.96 -25.88
N TYR D 79 19.63 38.09 -25.96
CA TYR D 79 19.95 37.17 -24.87
C TYR D 79 20.24 37.90 -23.56
N GLU D 80 20.88 39.06 -23.65
CA GLU D 80 21.19 39.87 -22.48
C GLU D 80 19.92 40.34 -21.76
N GLU D 81 18.93 40.74 -22.55
CA GLU D 81 17.62 41.10 -22.04
C GLU D 81 16.97 39.92 -21.30
N ASP D 82 17.03 38.75 -21.92
CA ASP D 82 16.44 37.53 -21.39
C ASP D 82 17.15 37.08 -20.11
N ILE D 83 18.45 37.38 -20.02
CA ILE D 83 19.22 37.19 -18.79
C ILE D 83 18.64 38.00 -17.62
N GLN D 84 18.26 39.24 -17.88
CA GLN D 84 17.64 40.09 -16.85
C GLN D 84 16.30 39.53 -16.37
N HIS D 85 15.53 38.96 -17.28
CA HIS D 85 14.28 38.28 -16.96
C HIS D 85 14.49 37.09 -16.02
N ILE D 86 15.56 36.34 -16.26
CA ILE D 86 15.93 35.19 -15.43
C ILE D 86 16.35 35.67 -14.04
N LYS D 87 17.15 36.73 -14.02
CA LYS D 87 17.56 37.39 -12.78
C LYS D 87 16.39 37.85 -11.93
N LYS D 88 15.39 38.45 -12.56
CA LYS D 88 14.22 38.94 -11.83
C LYS D 88 13.33 37.84 -11.29
N LEU D 89 13.27 36.69 -11.96
CA LEU D 89 12.60 35.55 -11.35
C LEU D 89 13.27 35.07 -10.06
N GLY D 90 14.57 35.28 -9.96
CA GLY D 90 15.34 34.91 -8.79
C GLY D 90 15.62 33.42 -8.77
N VAL D 91 15.37 32.75 -9.89
CA VAL D 91 15.63 31.31 -10.04
C VAL D 91 17.10 30.97 -9.86
N ASP D 92 17.37 29.79 -9.30
CA ASP D 92 18.74 29.33 -9.11
C ASP D 92 19.39 28.85 -10.41
N THR D 93 18.61 28.17 -11.24
CA THR D 93 19.16 27.56 -12.45
C THR D 93 18.38 27.92 -13.71
N TYR D 94 19.11 28.03 -14.83
CA TYR D 94 18.50 28.12 -16.15
C TYR D 94 19.01 27.00 -17.05
N ARG D 95 18.11 26.20 -17.60
CA ARG D 95 18.50 25.13 -18.50
C ARG D 95 18.32 25.53 -19.97
N PHE D 96 19.42 25.53 -20.71
CA PHE D 96 19.36 25.77 -22.16
C PHE D 96 20.15 24.72 -22.91
N SER D 97 19.96 24.67 -24.23
CA SER D 97 20.70 23.75 -25.08
C SER D 97 21.65 24.48 -26.04
N ILE D 98 22.69 23.78 -26.47
CA ILE D 98 23.65 24.31 -27.44
C ILE D 98 23.33 23.81 -28.85
N ALA D 99 23.21 24.74 -29.80
CA ALA D 99 23.01 24.38 -31.20
C ALA D 99 24.28 23.80 -31.86
N TRP D 100 24.22 22.50 -32.13
CA TRP D 100 25.28 21.78 -32.84
C TRP D 100 25.74 22.43 -34.16
N PRO D 101 24.79 22.81 -35.06
CA PRO D 101 25.28 23.38 -36.32
C PRO D 101 26.01 24.72 -36.19
N ARG D 102 25.84 25.41 -35.06
CA ARG D 102 26.66 26.57 -34.77
C ARG D 102 28.08 26.17 -34.37
N ILE D 103 28.24 25.00 -33.76
CA ILE D 103 29.54 24.57 -33.28
C ILE D 103 30.30 23.77 -34.35
N PHE D 104 29.62 22.82 -35.01
CA PHE D 104 30.23 22.14 -36.14
C PHE D 104 29.35 22.28 -37.40
N PRO D 105 29.37 23.46 -38.03
CA PRO D 105 28.60 23.69 -39.26
C PRO D 105 29.04 22.85 -40.45
N ALA D 106 30.25 22.33 -40.39
CA ALA D 106 30.71 21.30 -41.31
C ALA D 106 31.51 20.26 -40.55
N LYS D 107 31.65 19.08 -41.13
CA LYS D 107 32.36 18.00 -40.44
C LYS D 107 33.81 18.40 -40.20
N GLY D 108 34.23 18.36 -38.94
CA GLY D 108 35.59 18.71 -38.58
C GLY D 108 35.95 20.18 -38.45
N GLU D 109 35.16 21.08 -39.01
CA GLU D 109 35.49 22.51 -38.93
C GLU D 109 34.90 23.24 -37.74
N TYR D 110 35.74 23.56 -36.75
CA TYR D 110 35.30 24.36 -35.60
C TYR D 110 35.17 25.86 -35.90
N ASN D 111 34.08 26.46 -35.42
CA ASN D 111 33.83 27.90 -35.59
C ASN D 111 33.76 28.56 -34.20
N PRO D 112 34.82 29.25 -33.79
CA PRO D 112 34.95 29.84 -32.45
C PRO D 112 34.02 31.02 -32.18
N GLU D 113 33.52 31.68 -33.22
CA GLU D 113 32.53 32.74 -33.06
C GLU D 113 31.21 32.24 -32.45
N GLY D 114 30.75 31.07 -32.88
CA GLY D 114 29.54 30.47 -32.34
C GLY D 114 29.67 30.07 -30.88
N MET D 115 30.82 29.53 -30.53
CA MET D 115 31.14 29.13 -29.16
C MET D 115 31.27 30.31 -28.19
N ALA D 116 31.86 31.40 -28.67
CA ALA D 116 32.02 32.60 -27.85
C ALA D 116 30.70 33.10 -27.29
N PHE D 117 29.64 33.03 -28.09
CA PHE D 117 28.31 33.41 -27.63
C PHE D 117 27.89 32.62 -26.38
N TYR D 118 28.03 31.30 -26.46
CA TYR D 118 27.71 30.42 -25.34
C TYR D 118 28.70 30.57 -24.19
N LYS D 119 29.94 30.91 -24.50
CA LYS D 119 30.93 31.20 -23.47
C LYS D 119 30.55 32.47 -22.71
N ASN D 120 30.17 33.50 -23.44
CA ASN D 120 29.70 34.75 -22.85
C ASN D 120 28.44 34.55 -21.99
N LEU D 121 27.50 33.78 -22.53
CA LEU D 121 26.25 33.45 -21.83
C LEU D 121 26.47 32.78 -20.49
N ALA D 122 27.30 31.74 -20.46
CA ALA D 122 27.58 31.03 -19.22
C ALA D 122 28.26 31.97 -18.23
N LEU D 123 29.17 32.80 -18.71
CA LEU D 123 29.87 33.78 -17.88
C LEU D 123 28.91 34.82 -17.30
N ARG D 124 28.07 35.40 -18.16
CA ARG D 124 27.04 36.35 -17.73
C ARG D 124 26.11 35.77 -16.66
N LEU D 125 25.71 34.52 -16.85
CA LEU D 125 24.90 33.81 -15.87
C LEU D 125 25.61 33.61 -14.54
N ARG D 126 26.91 33.33 -14.61
CA ARG D 126 27.75 33.21 -13.42
C ARG D 126 27.89 34.52 -12.67
N GLU D 127 28.02 35.63 -13.40
CA GLU D 127 28.08 36.95 -12.78
C GLU D 127 26.79 37.35 -12.05
N GLU D 128 25.65 36.93 -12.57
CA GLU D 128 24.37 37.21 -11.91
C GLU D 128 23.98 36.19 -10.86
N GLY D 129 24.89 35.26 -10.53
CA GLY D 129 24.64 34.29 -9.49
C GLY D 129 23.73 33.14 -9.89
N ILE D 130 23.73 32.81 -11.17
CA ILE D 130 22.83 31.78 -11.70
C ILE D 130 23.58 30.57 -12.25
N LYS D 131 23.08 29.37 -11.95
CA LYS D 131 23.72 28.14 -12.42
C LYS D 131 23.26 27.79 -13.83
N PRO D 132 24.20 27.72 -14.78
CA PRO D 132 23.89 27.30 -16.15
C PRO D 132 23.82 25.79 -16.28
N ALA D 133 22.63 25.28 -16.64
CA ALA D 133 22.45 23.87 -16.97
C ALA D 133 22.38 23.71 -18.47
N VAL D 134 23.32 22.96 -19.03
CA VAL D 134 23.50 22.93 -20.48
C VAL D 134 23.16 21.57 -21.10
N THR D 135 22.27 21.59 -22.10
CA THR D 135 21.94 20.39 -22.85
C THR D 135 22.81 20.36 -24.11
N ILE D 136 23.50 19.24 -24.32
CA ILE D 136 24.39 19.11 -25.48
C ILE D 136 23.60 18.82 -26.75
N TYR D 137 22.77 17.79 -26.71
CA TYR D 137 21.94 17.42 -27.84
C TYR D 137 20.46 17.62 -27.55
N HIS D 138 19.85 18.59 -28.23
CA HIS D 138 18.40 18.75 -28.15
C HIS D 138 17.77 18.70 -29.54
N TRP D 139 18.16 17.67 -30.29
CA TRP D 139 17.49 17.22 -31.53
C TRP D 139 17.91 17.99 -32.78
N ASP D 140 18.83 18.95 -32.65
CA ASP D 140 19.22 19.73 -33.82
C ASP D 140 20.50 19.21 -34.46
N LEU D 141 20.40 18.04 -35.08
CA LEU D 141 21.50 17.44 -35.83
C LEU D 141 21.82 18.19 -37.11
N PRO D 142 23.10 18.58 -37.29
CA PRO D 142 23.54 19.22 -38.54
C PRO D 142 23.26 18.36 -39.77
N MET D 143 22.93 19.00 -40.90
CA MET D 143 22.68 18.28 -42.15
C MET D 143 23.81 17.41 -42.70
N TRP D 144 25.05 17.87 -42.56
CA TRP D 144 26.17 17.08 -43.05
C TRP D 144 26.21 15.72 -42.36
N ALA D 145 25.87 15.71 -41.08
CA ALA D 145 25.81 14.46 -40.34
C ALA D 145 24.64 13.59 -40.80
N HIS D 146 23.49 14.21 -41.01
CA HIS D 146 22.32 13.52 -41.56
C HIS D 146 22.61 12.90 -42.92
N GLU D 147 23.22 13.69 -43.80
CA GLU D 147 23.53 13.26 -45.16
C GLU D 147 24.51 12.09 -45.21
N GLU D 148 25.25 11.89 -44.12
CA GLU D 148 26.06 10.69 -43.97
C GLU D 148 25.33 9.56 -43.24
N GLY D 149 24.01 9.70 -43.09
CA GLY D 149 23.21 8.71 -42.39
C GLY D 149 22.73 9.09 -41.01
N GLY D 150 23.37 10.08 -40.38
CA GLY D 150 22.92 10.61 -39.12
C GLY D 150 23.16 9.67 -37.95
N TRP D 151 22.19 9.58 -37.06
CA TRP D 151 22.25 8.70 -35.89
C TRP D 151 22.19 7.22 -36.26
N VAL D 152 21.68 6.94 -37.44
CA VAL D 152 21.66 5.58 -37.98
C VAL D 152 23.05 5.00 -38.20
N ASN D 153 24.01 5.86 -38.52
CA ASN D 153 25.38 5.42 -38.78
C ASN D 153 26.15 5.28 -37.46
N ARG D 154 26.88 4.19 -37.32
CA ARG D 154 27.65 3.93 -36.10
C ARG D 154 28.78 4.94 -35.83
N GLU D 155 29.32 5.56 -36.87
CA GLU D 155 30.29 6.66 -36.73
C GLU D 155 29.74 7.88 -35.98
N SER D 156 28.43 8.10 -36.04
CA SER D 156 27.75 9.17 -35.31
C SER D 156 28.15 9.27 -33.84
N VAL D 157 28.42 8.12 -33.25
CA VAL D 157 28.95 8.05 -31.89
C VAL D 157 30.21 8.90 -31.80
N ASP D 158 31.09 8.77 -32.79
CA ASP D 158 32.35 9.52 -32.83
C ASP D 158 32.16 11.00 -33.13
N TRP D 159 31.25 11.35 -34.05
CA TRP D 159 30.95 12.76 -34.30
C TRP D 159 30.54 13.52 -33.05
N PHE D 160 29.60 12.97 -32.29
CA PHE D 160 29.12 13.60 -31.06
C PHE D 160 30.21 13.80 -30.00
N LEU D 161 31.17 12.88 -29.87
CA LEU D 161 32.26 13.09 -28.91
C LEU D 161 33.19 14.23 -29.31
N ASP D 162 33.42 14.38 -30.61
CA ASP D 162 34.18 15.51 -31.11
C ASP D 162 33.42 16.80 -30.80
N TYR D 163 32.11 16.75 -30.99
CA TYR D 163 31.22 17.85 -30.65
C TYR D 163 31.21 18.14 -29.14
N ALA D 164 31.09 17.08 -28.34
CA ALA D 164 31.08 17.20 -26.88
C ALA D 164 32.39 17.68 -26.25
N LYS D 165 33.51 17.14 -26.74
CA LYS D 165 34.86 17.55 -26.32
C LYS D 165 35.10 19.06 -26.37
N VAL D 166 34.79 19.64 -27.52
CA VAL D 166 35.01 21.07 -27.74
C VAL D 166 34.20 21.88 -26.74
N CYS D 167 32.97 21.44 -26.50
CA CYS D 167 32.11 22.07 -25.51
C CYS D 167 32.65 21.94 -24.09
N PHE D 168 33.17 20.76 -23.76
CA PHE D 168 33.80 20.50 -22.47
C PHE D 168 35.04 21.35 -22.23
N GLU D 169 35.93 21.41 -23.22
CA GLU D 169 37.17 22.18 -23.12
C GLU D 169 36.95 23.65 -22.79
N GLU D 170 35.95 24.26 -23.42
CA GLU D 170 35.71 25.69 -23.29
C GLU D 170 34.74 26.08 -22.17
N LEU D 171 33.84 25.18 -21.77
CA LEU D 171 32.76 25.58 -20.88
C LEU D 171 32.69 24.84 -19.54
N ASP D 172 33.48 23.79 -19.37
CA ASP D 172 33.38 22.95 -18.17
C ASP D 172 33.67 23.68 -16.85
N ASP D 173 34.59 24.62 -16.87
CA ASP D 173 34.87 25.46 -15.69
C ASP D 173 33.68 26.32 -15.24
N ILE D 174 32.95 26.86 -16.20
CA ILE D 174 31.85 27.78 -15.89
C ILE D 174 30.53 27.08 -15.57
N VAL D 175 30.27 25.97 -16.26
CA VAL D 175 28.96 25.31 -16.18
C VAL D 175 28.79 24.45 -14.94
N ASP D 176 27.56 24.44 -14.43
CA ASP D 176 27.21 23.75 -13.20
C ASP D 176 26.80 22.30 -13.45
N SER D 177 26.12 22.05 -14.57
CA SER D 177 25.73 20.68 -14.90
C SER D 177 25.58 20.46 -16.40
N TRP D 178 25.86 19.23 -16.83
CA TRP D 178 25.74 18.82 -18.23
C TRP D 178 24.59 17.85 -18.47
N ILE D 179 23.82 18.07 -19.53
CA ILE D 179 22.90 17.06 -20.02
C ILE D 179 23.29 16.63 -21.43
N THR D 180 23.49 15.32 -21.62
CA THR D 180 23.94 14.80 -22.91
C THR D 180 22.83 14.79 -23.94
N HIS D 181 21.72 14.13 -23.60
CA HIS D 181 20.63 13.95 -24.54
C HIS D 181 19.29 14.30 -23.90
N ASN D 182 18.41 14.92 -24.67
CA ASN D 182 17.07 15.23 -24.18
C ASN D 182 16.06 14.40 -24.95
N GLU D 183 15.39 13.49 -24.24
CA GLU D 183 14.26 12.75 -24.79
C GLU D 183 14.61 11.99 -26.07
N PRO D 184 15.55 11.02 -25.98
CA PRO D 184 15.86 10.17 -27.14
C PRO D 184 14.66 9.39 -27.68
N TRP D 185 13.64 9.21 -26.86
CA TRP D 185 12.36 8.70 -27.35
C TRP D 185 11.81 9.59 -28.45
N CYS D 186 11.92 10.90 -28.24
CA CYS D 186 11.46 11.87 -29.23
C CYS D 186 12.43 11.88 -30.40
N ALA D 187 13.71 12.07 -30.10
CA ALA D 187 14.73 12.10 -31.14
C ALA D 187 14.82 10.77 -31.88
N GLY D 188 14.46 9.68 -31.21
CA GLY D 188 14.42 8.40 -31.86
C GLY D 188 13.12 7.88 -32.46
N PHE D 189 12.17 7.44 -31.63
CA PHE D 189 10.98 6.77 -32.14
C PHE D 189 9.92 7.61 -32.86
N LEU D 190 9.55 8.76 -32.32
CA LEU D 190 8.55 9.60 -32.97
C LEU D 190 9.15 10.23 -34.24
N GLY D 191 10.48 10.32 -34.27
CA GLY D 191 11.20 10.92 -35.38
C GLY D 191 11.58 9.92 -36.47
N TYR D 192 12.02 8.72 -36.08
CA TYR D 192 12.49 7.73 -37.05
C TYR D 192 11.48 6.61 -37.32
N HIS D 193 10.55 6.41 -36.39
CA HIS D 193 9.51 5.39 -36.57
C HIS D 193 8.17 6.03 -36.99
N VAL D 194 7.71 7.02 -36.26
CA VAL D 194 6.37 7.58 -36.49
C VAL D 194 6.40 8.72 -37.51
N GLY D 195 7.57 9.32 -37.71
CA GLY D 195 7.75 10.28 -38.79
C GLY D 195 7.23 11.69 -38.51
N VAL D 196 6.97 12.00 -37.24
CA VAL D 196 6.37 13.28 -36.87
C VAL D 196 7.43 14.36 -36.67
N HIS D 197 8.61 13.95 -36.19
CA HIS D 197 9.72 14.89 -35.99
C HIS D 197 10.87 14.58 -36.93
N ALA D 198 11.79 15.53 -37.06
CA ALA D 198 12.89 15.44 -38.02
C ALA D 198 13.87 14.32 -37.68
N PRO D 199 14.35 13.61 -38.70
CA PRO D 199 14.15 13.87 -40.13
C PRO D 199 12.86 13.33 -40.74
N GLY D 200 11.99 12.75 -39.93
CA GLY D 200 10.68 12.32 -40.40
C GLY D 200 10.63 10.98 -41.11
N HIS D 201 11.52 10.07 -40.72
CA HIS D 201 11.55 8.74 -41.29
C HIS D 201 10.53 7.83 -40.61
N ARG D 202 10.15 6.75 -41.30
CA ARG D 202 9.24 5.76 -40.73
C ARG D 202 9.77 4.33 -40.89
N ASP D 203 10.71 3.96 -40.03
CA ASP D 203 11.39 2.65 -40.12
C ASP D 203 11.84 2.23 -38.73
N MET D 204 11.26 1.15 -38.21
CA MET D 204 11.57 0.68 -36.87
C MET D 204 13.01 0.16 -36.76
N ASN D 205 13.52 -0.39 -37.86
CA ASN D 205 14.90 -0.89 -37.88
C ASN D 205 15.87 0.27 -37.75
N GLU D 206 15.63 1.28 -38.56
CA GLU D 206 16.31 2.56 -38.47
C GLU D 206 16.15 3.22 -37.11
N ALA D 207 14.96 3.11 -36.52
CA ALA D 207 14.65 3.76 -35.24
C ALA D 207 15.45 3.25 -34.04
N VAL D 208 15.55 1.92 -33.90
CA VAL D 208 16.30 1.30 -32.81
C VAL D 208 17.82 1.51 -32.89
N ARG D 209 18.36 1.53 -34.10
CA ARG D 209 19.77 1.86 -34.31
C ARG D 209 20.07 3.29 -33.88
N ALA D 210 19.20 4.21 -34.29
CA ALA D 210 19.32 5.61 -33.93
C ALA D 210 19.33 5.78 -32.41
N VAL D 211 18.33 5.20 -31.77
CA VAL D 211 18.20 5.24 -30.32
C VAL D 211 19.45 4.67 -29.64
N HIS D 212 19.89 3.51 -30.12
CA HIS D 212 21.06 2.84 -29.57
C HIS D 212 22.30 3.71 -29.61
N HIS D 213 22.52 4.36 -30.74
CA HIS D 213 23.66 5.24 -30.91
C HIS D 213 23.55 6.48 -30.02
N MET D 214 22.35 7.03 -29.90
CA MET D 214 22.12 8.13 -28.98
C MET D 214 22.47 7.76 -27.53
N LEU D 215 21.94 6.62 -27.08
CA LEU D 215 22.24 6.16 -25.72
C LEU D 215 23.69 5.81 -25.55
N LEU D 216 24.29 5.22 -26.59
CA LEU D 216 25.71 4.88 -26.56
C LEU D 216 26.58 6.13 -26.58
N SER D 217 26.18 7.13 -27.36
CA SER D 217 26.91 8.38 -27.41
C SER D 217 26.85 9.13 -26.08
N HIS D 218 25.70 9.08 -25.42
CA HIS D 218 25.58 9.60 -24.08
C HIS D 218 26.62 8.99 -23.13
N GLY D 219 26.61 7.67 -23.08
CA GLY D 219 27.48 6.91 -22.19
C GLY D 219 28.97 7.05 -22.44
N LYS D 220 29.35 7.07 -23.72
CA LYS D 220 30.73 7.31 -24.10
C LYS D 220 31.20 8.70 -23.72
N ALA D 221 30.31 9.69 -23.86
CA ALA D 221 30.64 11.07 -23.52
C ALA D 221 30.84 11.20 -22.01
N VAL D 222 29.95 10.56 -21.25
CA VAL D 222 30.05 10.50 -19.80
C VAL D 222 31.33 9.82 -19.34
N GLU D 223 31.65 8.69 -19.96
CA GLU D 223 32.90 7.98 -19.70
C GLU D 223 34.12 8.84 -20.02
N LEU D 224 34.07 9.55 -21.14
CA LEU D 224 35.17 10.41 -21.51
C LEU D 224 35.39 11.57 -20.54
N LEU D 225 34.29 12.16 -20.08
CA LEU D 225 34.37 13.29 -19.16
C LEU D 225 34.87 12.98 -17.74
N LYS D 226 34.33 11.93 -17.14
CA LYS D 226 34.72 11.56 -15.78
C LYS D 226 36.03 10.79 -15.64
N ARG D 227 36.41 10.05 -16.67
CA ARG D 227 37.61 9.22 -16.61
C ARG D 227 38.83 9.97 -17.15
N GLU D 228 38.81 10.22 -18.45
CA GLU D 228 39.88 10.92 -19.15
C GLU D 228 40.04 12.37 -18.70
N MET D 229 38.96 13.15 -18.80
CA MET D 229 39.02 14.57 -18.44
C MET D 229 39.05 14.79 -16.93
N LYS D 230 38.69 13.74 -16.18
CA LYS D 230 38.73 13.74 -14.71
C LYS D 230 37.93 14.87 -14.03
N SER D 231 36.79 15.23 -14.63
CA SER D 231 36.03 16.40 -14.20
C SER D 231 34.92 15.93 -13.26
N THR D 232 34.61 16.74 -12.24
CA THR D 232 33.51 16.40 -11.34
C THR D 232 32.21 17.13 -11.60
N THR D 233 32.16 17.95 -12.66
CA THR D 233 30.93 18.62 -13.05
C THR D 233 29.84 17.57 -13.23
N PRO D 234 28.69 17.73 -12.53
CA PRO D 234 27.59 16.77 -12.69
C PRO D 234 27.12 16.59 -14.13
N ILE D 235 26.94 15.34 -14.54
CA ILE D 235 26.50 15.03 -15.89
C ILE D 235 25.47 13.89 -15.85
N GLY D 236 24.52 13.91 -16.79
CA GLY D 236 23.53 12.86 -16.87
C GLY D 236 22.68 12.94 -18.13
N ILE D 237 21.75 12.00 -18.28
CA ILE D 237 20.85 11.98 -19.41
C ILE D 237 19.46 12.45 -18.96
N THR D 238 18.66 12.93 -19.91
CA THR D 238 17.28 13.25 -19.63
C THR D 238 16.34 12.36 -20.43
N LEU D 239 15.50 11.61 -19.72
CA LEU D 239 14.46 10.81 -20.36
C LEU D 239 13.08 11.35 -20.04
N ASN D 240 12.22 11.42 -21.05
CA ASN D 240 10.81 11.62 -20.81
C ASN D 240 10.14 10.31 -20.42
N LEU D 241 9.31 10.34 -19.39
CA LEU D 241 8.69 9.11 -18.89
C LEU D 241 7.19 9.32 -18.70
N SER D 242 6.41 8.42 -19.28
CA SER D 242 4.94 8.47 -19.20
C SER D 242 4.39 7.16 -18.69
N PRO D 243 3.95 7.11 -17.42
CA PRO D 243 3.37 5.88 -16.91
C PRO D 243 2.05 5.50 -17.60
N MET D 244 1.85 4.20 -17.78
CA MET D 244 0.75 3.69 -18.60
C MET D 244 -0.24 2.92 -17.73
N TYR D 245 -1.54 3.06 -18.03
CA TYR D 245 -2.56 2.44 -17.20
C TYR D 245 -3.62 1.74 -18.05
N ALA D 246 -4.01 0.55 -17.61
CA ALA D 246 -5.03 -0.25 -18.26
C ALA D 246 -6.46 0.24 -18.05
N LYS D 247 -7.25 0.18 -19.11
CA LYS D 247 -8.66 0.55 -19.07
C LYS D 247 -9.43 -0.44 -18.20
N THR D 248 -9.24 -1.73 -18.46
CA THR D 248 -9.84 -2.77 -17.64
C THR D 248 -8.77 -3.65 -16.98
N ASP D 249 -9.21 -4.56 -16.11
CA ASP D 249 -8.31 -5.48 -15.43
C ASP D 249 -7.98 -6.72 -16.25
N SER D 250 -8.55 -6.81 -17.44
CA SER D 250 -8.37 -7.98 -18.30
C SER D 250 -6.93 -8.20 -18.74
N ALA D 251 -6.63 -9.44 -19.11
CA ALA D 251 -5.31 -9.88 -19.52
C ALA D 251 -4.82 -9.10 -20.73
N ASN D 252 -5.68 -9.00 -21.73
CA ASN D 252 -5.44 -8.21 -22.94
C ASN D 252 -4.87 -6.81 -22.67
N ASP D 253 -5.55 -6.07 -21.81
CA ASP D 253 -5.13 -4.72 -21.46
C ASP D 253 -3.80 -4.69 -20.71
N ARG D 254 -3.49 -5.77 -19.99
CA ARG D 254 -2.19 -5.88 -19.35
C ARG D 254 -1.06 -6.05 -20.37
N LEU D 255 -1.31 -6.80 -21.43
CA LEU D 255 -0.34 -6.95 -22.51
C LEU D 255 -0.11 -5.62 -23.21
N ALA D 256 -1.21 -4.94 -23.54
CA ALA D 256 -1.20 -3.64 -24.20
C ALA D 256 -0.40 -2.58 -23.46
N MET D 257 -0.68 -2.44 -22.16
CA MET D 257 0.04 -1.52 -21.28
C MET D 257 1.53 -1.82 -21.17
N ASN D 258 1.88 -3.08 -20.96
CA ASN D 258 3.27 -3.52 -20.95
C ASN D 258 4.02 -3.06 -22.21
N ASN D 259 3.42 -3.29 -23.36
CA ASN D 259 4.04 -2.96 -24.63
C ASN D 259 4.14 -1.45 -24.85
N ALA D 260 3.11 -0.72 -24.41
CA ALA D 260 3.12 0.74 -24.47
C ALA D 260 4.20 1.28 -23.54
N ASP D 261 4.32 0.64 -22.38
CA ASP D 261 5.36 1.00 -21.44
C ASP D 261 6.75 0.71 -21.95
N GLY D 262 6.87 -0.41 -22.64
CA GLY D 262 8.12 -0.78 -23.27
C GLY D 262 8.54 0.18 -24.40
N TYR D 263 7.59 0.56 -25.24
CA TYR D 263 7.86 1.47 -26.35
C TYR D 263 8.34 2.84 -25.87
N SER D 264 7.64 3.40 -24.89
CA SER D 264 7.93 4.77 -24.41
C SER D 264 9.01 4.84 -23.34
N ASN D 265 9.06 3.83 -22.48
CA ASN D 265 9.84 3.90 -21.25
C ASN D 265 10.92 2.83 -21.08
N ARG D 266 10.50 1.57 -21.04
CA ARG D 266 11.40 0.47 -20.70
C ARG D 266 12.53 0.26 -21.70
N TRP D 267 12.27 0.55 -22.97
CA TRP D 267 13.30 0.46 -24.00
C TRP D 267 14.50 1.35 -23.71
N PHE D 268 14.24 2.45 -23.00
CA PHE D 268 15.28 3.42 -22.64
C PHE D 268 15.80 3.31 -21.20
N LEU D 269 14.93 2.91 -20.29
CA LEU D 269 15.31 2.75 -18.90
C LEU D 269 16.21 1.54 -18.65
N ASP D 270 15.86 0.41 -19.24
CA ASP D 270 16.63 -0.83 -19.08
C ASP D 270 18.11 -0.72 -19.50
N PRO D 271 18.41 -0.20 -20.71
CA PRO D 271 19.84 -0.08 -21.03
C PRO D 271 20.62 0.85 -20.11
N VAL D 272 20.02 1.97 -19.72
CA VAL D 272 20.67 2.95 -18.87
C VAL D 272 20.94 2.43 -17.46
N PHE D 273 20.02 1.64 -16.93
CA PHE D 273 20.13 1.19 -15.55
C PHE D 273 20.37 -0.32 -15.36
N LYS D 274 20.05 -1.14 -16.36
CA LYS D 274 20.28 -2.57 -16.24
C LYS D 274 21.36 -3.09 -17.19
N GLY D 275 21.80 -2.25 -18.12
CA GLY D 275 22.72 -2.67 -19.16
C GLY D 275 22.19 -3.78 -20.06
N GLU D 276 20.89 -3.72 -20.36
CA GLU D 276 20.28 -4.68 -21.27
C GLU D 276 19.05 -4.10 -21.94
N TYR D 277 18.71 -4.61 -23.11
CA TYR D 277 17.46 -4.23 -23.77
C TYR D 277 16.36 -5.19 -23.35
N PRO D 278 15.13 -4.68 -23.21
CA PRO D 278 14.03 -5.57 -22.82
C PRO D 278 13.63 -6.53 -23.94
N VAL D 279 13.75 -7.82 -23.64
CA VAL D 279 13.55 -8.86 -24.65
C VAL D 279 12.11 -8.91 -25.17
N ASP D 280 11.16 -8.53 -24.33
CA ASP D 280 9.75 -8.48 -24.71
C ASP D 280 9.47 -7.48 -25.83
N MET D 281 10.21 -6.37 -25.83
CA MET D 281 10.09 -5.38 -26.89
C MET D 281 10.87 -5.78 -28.14
N MET D 282 12.04 -6.37 -27.93
CA MET D 282 12.81 -6.95 -29.01
C MET D 282 12.00 -7.97 -29.80
N ASN D 283 11.26 -8.81 -29.10
CA ASN D 283 10.37 -9.78 -29.76
C ASN D 283 9.23 -9.13 -30.52
N LEU D 284 8.65 -8.07 -29.96
CA LEU D 284 7.60 -7.32 -30.64
C LEU D 284 8.14 -6.57 -31.85
N PHE D 285 9.31 -5.95 -31.68
CA PHE D 285 9.97 -5.26 -32.78
C PHE D 285 10.52 -6.17 -33.85
N SER D 286 10.63 -7.47 -33.57
CA SER D 286 11.13 -8.39 -34.58
C SER D 286 10.20 -8.54 -35.79
N LYS D 287 9.00 -8.00 -35.69
CA LYS D 287 8.14 -7.81 -36.87
C LYS D 287 8.74 -6.84 -37.89
N TYR D 288 9.57 -5.91 -37.42
CA TYR D 288 10.26 -4.98 -38.29
C TYR D 288 11.79 -5.06 -38.19
N VAL D 289 12.28 -5.50 -37.03
CA VAL D 289 13.72 -5.47 -36.78
C VAL D 289 14.27 -6.89 -36.78
N HIS D 290 14.98 -7.23 -37.86
CA HIS D 290 15.37 -8.60 -38.12
C HIS D 290 16.85 -8.87 -37.85
N ASN D 291 17.51 -7.96 -37.14
CA ASN D 291 18.87 -8.20 -36.65
C ASN D 291 19.29 -7.15 -35.62
N PHE D 292 19.95 -7.61 -34.57
CA PHE D 292 20.48 -6.73 -33.53
C PHE D 292 22.01 -6.65 -33.46
N ASP D 293 22.68 -6.77 -34.61
CA ASP D 293 24.15 -6.72 -34.63
C ASP D 293 24.73 -5.33 -34.41
N PHE D 294 23.88 -4.30 -34.52
CA PHE D 294 24.23 -2.96 -34.07
C PHE D 294 24.59 -2.89 -32.59
N ILE D 295 24.16 -3.87 -31.80
CA ILE D 295 24.64 -3.97 -30.43
C ILE D 295 25.99 -4.68 -30.37
N GLN D 296 27.05 -3.90 -30.30
CA GLN D 296 28.42 -4.40 -30.28
C GLN D 296 28.86 -4.79 -28.87
N SER D 297 29.90 -5.61 -28.77
CA SER D 297 30.47 -5.95 -27.47
C SER D 297 31.09 -4.74 -26.77
N GLY D 298 30.73 -4.56 -25.51
CA GLY D 298 31.17 -3.41 -24.73
C GLY D 298 30.17 -2.26 -24.65
N ASP D 299 29.29 -2.19 -25.63
CA ASP D 299 28.34 -1.08 -25.75
C ASP D 299 27.42 -0.90 -24.54
N MET D 300 26.79 -2.00 -24.12
CA MET D 300 25.80 -1.98 -23.05
C MET D 300 26.37 -1.61 -21.68
N GLU D 301 27.64 -1.92 -21.45
CA GLU D 301 28.34 -1.52 -20.23
C GLU D 301 28.66 -0.03 -20.19
N THR D 302 28.91 0.55 -21.36
CA THR D 302 29.12 1.99 -21.49
C THR D 302 27.82 2.77 -21.25
N ILE D 303 26.73 2.33 -21.88
CA ILE D 303 25.42 2.95 -21.69
C ILE D 303 25.03 3.01 -20.22
N SER D 304 25.33 1.96 -19.47
CA SER D 304 24.96 1.90 -18.07
C SER D 304 26.01 2.48 -17.11
N THR D 305 26.94 3.27 -17.65
CA THR D 305 27.97 3.92 -16.84
C THR D 305 27.32 4.80 -15.77
N ALA D 306 27.89 4.81 -14.57
CA ALA D 306 27.28 5.53 -13.46
C ALA D 306 27.25 7.03 -13.71
N CYS D 307 26.10 7.64 -13.48
CA CYS D 307 25.91 9.08 -13.67
C CYS D 307 25.77 9.77 -12.32
N ASP D 308 25.77 11.11 -12.33
CA ASP D 308 25.67 11.87 -11.09
C ASP D 308 24.22 12.12 -10.71
N PHE D 309 23.37 12.30 -11.72
CA PHE D 309 21.94 12.51 -11.50
C PHE D 309 21.13 11.88 -12.63
N PHE D 310 19.84 11.70 -12.40
CA PHE D 310 18.93 11.27 -13.45
C PHE D 310 17.93 12.38 -13.77
N GLY D 311 17.75 12.64 -15.06
CA GLY D 311 16.85 13.69 -15.50
C GLY D 311 15.54 13.14 -16.03
N ILE D 312 14.43 13.74 -15.59
CA ILE D 312 13.12 13.33 -16.05
C ILE D 312 12.32 14.48 -16.63
N ASN D 313 11.86 14.31 -17.86
CA ASN D 313 10.83 15.17 -18.42
C ASN D 313 9.47 14.51 -18.25
N PHE D 314 8.60 15.13 -17.45
CA PHE D 314 7.27 14.59 -17.24
C PHE D 314 6.25 15.62 -17.68
N TYR D 315 5.17 15.16 -18.29
CA TYR D 315 4.13 16.04 -18.77
C TYR D 315 2.76 15.45 -18.40
N SER D 316 2.58 14.17 -18.70
CA SER D 316 1.30 13.52 -18.49
C SER D 316 1.44 12.00 -18.41
N ARG D 317 0.31 11.32 -18.22
CA ARG D 317 0.23 9.87 -18.38
C ARG D 317 -0.36 9.50 -19.73
N GLY D 318 -0.43 8.20 -20.00
CA GLY D 318 -1.26 7.72 -21.10
C GLY D 318 -2.05 6.47 -20.77
N ILE D 319 -3.37 6.58 -20.85
CA ILE D 319 -4.27 5.43 -20.79
C ILE D 319 -4.38 4.71 -22.14
N VAL D 320 -4.14 3.41 -22.13
CA VAL D 320 -4.12 2.60 -23.35
C VAL D 320 -5.04 1.39 -23.23
N GLU D 321 -5.51 0.88 -24.37
CA GLU D 321 -6.24 -0.38 -24.40
C GLU D 321 -5.70 -1.30 -25.48
N PHE D 322 -6.18 -2.54 -25.50
CA PHE D 322 -5.70 -3.54 -26.45
C PHE D 322 -6.25 -3.31 -27.86
N ASN D 323 -5.45 -3.67 -28.87
CA ASN D 323 -5.85 -3.59 -30.27
C ASN D 323 -5.32 -4.76 -31.08
N ALA D 324 -6.23 -5.62 -31.55
CA ALA D 324 -5.86 -6.75 -32.41
C ALA D 324 -5.32 -6.31 -33.77
N ALA D 325 -5.78 -5.15 -34.24
CA ALA D 325 -5.36 -4.62 -35.52
C ALA D 325 -4.05 -3.83 -35.46
N ASN D 326 -3.59 -3.54 -34.24
CA ASN D 326 -2.33 -2.84 -34.05
C ASN D 326 -1.12 -3.76 -34.01
N ASP D 327 -0.04 -3.32 -34.64
CA ASP D 327 1.19 -4.10 -34.68
C ASP D 327 1.80 -4.24 -33.27
N PHE D 328 1.70 -3.20 -32.46
CA PHE D 328 2.21 -3.30 -31.10
C PHE D 328 1.06 -3.58 -30.12
N LEU D 329 -0.11 -3.93 -30.66
CA LEU D 329 -1.21 -4.49 -29.87
C LEU D 329 -1.80 -3.44 -28.92
N LYS D 330 -1.62 -2.16 -29.23
CA LYS D 330 -2.16 -1.11 -28.39
C LYS D 330 -2.51 0.19 -29.10
N ALA D 331 -3.56 0.84 -28.59
CA ALA D 331 -4.00 2.14 -29.08
C ALA D 331 -4.30 3.04 -27.88
N ASP D 332 -4.39 4.34 -28.10
CA ASP D 332 -4.74 5.27 -27.03
C ASP D 332 -6.18 5.06 -26.60
N ALA D 333 -6.42 5.05 -25.29
CA ALA D 333 -7.76 4.92 -24.74
C ALA D 333 -8.36 6.23 -24.22
N TYR D 334 -9.69 6.30 -24.26
CA TYR D 334 -10.43 7.49 -23.84
C TYR D 334 -10.17 7.85 -22.36
N SER D 335 -9.85 9.12 -22.12
CA SER D 335 -9.63 9.62 -20.78
C SER D 335 -10.74 10.58 -20.32
N ASP D 336 -11.26 10.35 -19.12
CA ASP D 336 -12.27 11.23 -18.54
C ASP D 336 -11.64 12.32 -17.65
N TYR D 337 -10.31 12.41 -17.70
CA TYR D 337 -9.57 13.40 -16.95
C TYR D 337 -9.75 14.83 -17.50
N GLU D 338 -9.51 15.82 -16.66
CA GLU D 338 -9.36 17.19 -17.11
C GLU D 338 -8.15 17.27 -18.03
N LYS D 339 -8.27 18.04 -19.11
CA LYS D 339 -7.24 18.03 -20.14
C LYS D 339 -6.62 19.41 -20.34
N THR D 340 -5.39 19.43 -20.86
CA THR D 340 -4.77 20.68 -21.26
C THR D 340 -5.26 21.13 -22.63
N GLY D 341 -4.80 22.29 -23.09
CA GLY D 341 -5.05 22.70 -24.46
C GLY D 341 -4.45 21.78 -25.50
N MET D 342 -3.44 21.01 -25.10
CA MET D 342 -2.89 19.96 -25.95
C MET D 342 -3.76 18.71 -26.01
N GLY D 343 -4.70 18.60 -25.08
CA GLY D 343 -5.43 17.35 -24.91
C GLY D 343 -4.80 16.38 -23.93
N TRP D 344 -3.68 16.78 -23.32
CA TRP D 344 -2.97 15.87 -22.41
C TRP D 344 -3.63 15.79 -21.04
N ASP D 345 -3.65 14.57 -20.48
CA ASP D 345 -4.23 14.33 -19.16
C ASP D 345 -3.45 15.02 -18.04
N ILE D 346 -4.17 15.64 -17.11
CA ILE D 346 -3.55 16.17 -15.91
C ILE D 346 -3.44 15.09 -14.85
N ALA D 347 -2.22 14.69 -14.50
CA ALA D 347 -2.02 13.40 -13.82
C ALA D 347 -0.98 13.45 -12.70
N PRO D 348 -1.20 14.31 -11.68
CA PRO D 348 -0.22 14.37 -10.58
C PRO D 348 -0.15 13.11 -9.72
N ASN D 349 -1.27 12.42 -9.57
CA ASN D 349 -1.30 11.14 -8.85
C ASN D 349 -0.47 10.08 -9.57
N GLU D 350 -0.62 10.02 -10.89
CA GLU D 350 0.06 9.03 -11.70
C GLU D 350 1.55 9.32 -11.78
N PHE D 351 1.88 10.61 -11.76
CA PHE D 351 3.25 11.09 -11.59
C PHE D 351 3.98 10.51 -10.38
N LYS D 352 3.30 10.49 -9.24
CA LYS D 352 3.85 9.89 -8.02
C LYS D 352 4.16 8.40 -8.18
N ASP D 353 3.28 7.68 -8.87
CA ASP D 353 3.51 6.27 -9.18
C ASP D 353 4.80 6.04 -9.97
N LEU D 354 5.01 6.86 -10.99
CA LEU D 354 6.20 6.76 -11.82
C LEU D 354 7.47 6.91 -10.99
N ILE D 355 7.50 7.93 -10.13
CA ILE D 355 8.68 8.26 -9.33
C ILE D 355 8.99 7.18 -8.30
N ARG D 356 7.95 6.68 -7.66
CA ARG D 356 8.05 5.58 -6.70
C ARG D 356 8.59 4.32 -7.37
N ARG D 357 8.11 4.06 -8.58
CA ARG D 357 8.54 2.91 -9.38
C ARG D 357 10.02 2.94 -9.72
N LEU D 358 10.51 4.10 -10.12
CA LEU D 358 11.92 4.27 -10.47
C LEU D 358 12.88 3.94 -9.33
N ARG D 359 12.57 4.45 -8.14
CA ARG D 359 13.34 4.12 -6.94
C ARG D 359 13.29 2.62 -6.63
N ALA D 360 12.09 2.06 -6.76
CA ALA D 360 11.86 0.65 -6.47
C ALA D 360 12.54 -0.31 -7.46
N GLU D 361 12.54 0.06 -8.74
CA GLU D 361 12.98 -0.88 -9.77
C GLU D 361 14.32 -0.55 -10.44
N TYR D 362 14.71 0.73 -10.46
CA TYR D 362 15.78 1.16 -11.36
C TYR D 362 16.98 1.85 -10.70
N THR D 363 16.72 2.91 -9.94
CA THR D 363 17.81 3.77 -9.51
C THR D 363 17.54 4.46 -8.17
N ASP D 364 18.62 4.81 -7.46
CA ASP D 364 18.52 5.62 -6.27
C ASP D 364 19.29 6.94 -6.43
N LEU D 365 19.62 7.28 -7.67
CA LEU D 365 20.28 8.56 -7.97
C LEU D 365 19.33 9.72 -7.69
N PRO D 366 19.90 10.91 -7.40
CA PRO D 366 19.06 12.11 -7.30
C PRO D 366 18.39 12.48 -8.63
N ILE D 367 17.08 12.69 -8.58
CA ILE D 367 16.30 13.01 -9.76
C ILE D 367 16.09 14.52 -9.93
N TYR D 368 16.20 15.01 -11.16
CA TYR D 368 15.82 16.38 -11.46
C TYR D 368 14.73 16.37 -12.52
N ILE D 369 13.62 17.05 -12.25
CA ILE D 369 12.58 17.23 -13.26
C ILE D 369 12.98 18.36 -14.22
N THR D 370 13.60 17.98 -15.32
CA THR D 370 14.16 18.95 -16.26
C THR D 370 13.13 19.61 -17.20
N GLU D 371 11.95 19.00 -17.36
CA GLU D 371 10.82 19.68 -17.99
C GLU D 371 9.47 19.28 -17.39
N ASN D 372 8.70 20.27 -17.00
CA ASN D 372 7.27 20.11 -16.75
C ASN D 372 6.50 21.39 -17.07
N GLY D 373 5.30 21.24 -17.60
CA GLY D 373 4.52 22.39 -18.03
C GLY D 373 3.32 22.04 -18.90
N ALA D 374 2.67 23.06 -19.43
CA ALA D 374 1.41 22.85 -20.15
C ALA D 374 1.10 24.00 -21.10
N ALA D 375 0.35 23.69 -22.16
CA ALA D 375 -0.14 24.67 -23.11
C ALA D 375 -1.64 24.90 -22.99
N PHE D 376 -2.05 26.16 -22.96
CA PHE D 376 -3.47 26.49 -22.93
C PHE D 376 -3.77 27.64 -23.89
N ASP D 377 -5.04 27.75 -24.30
CA ASP D 377 -5.44 28.77 -25.26
C ASP D 377 -5.42 30.16 -24.62
N ASP D 378 -4.24 30.76 -24.54
CA ASP D 378 -4.05 32.06 -23.91
C ASP D 378 -4.60 33.20 -24.78
N VAL D 379 -5.39 34.06 -24.15
CA VAL D 379 -5.91 35.28 -24.79
C VAL D 379 -5.33 36.53 -24.13
N LEU D 380 -4.77 37.42 -24.94
CA LEU D 380 -4.34 38.74 -24.46
C LEU D 380 -5.44 39.77 -24.28
N GLU D 381 -5.57 40.24 -23.05
CA GLU D 381 -6.59 41.20 -22.65
C GLU D 381 -6.01 42.27 -21.73
N ASN D 382 -5.94 43.51 -22.21
CA ASN D 382 -5.43 44.65 -21.46
C ASN D 382 -4.01 44.39 -21.00
N GLY D 383 -3.21 43.84 -21.91
CA GLY D 383 -1.83 43.53 -21.61
C GLY D 383 -1.70 42.36 -20.64
N GLU D 384 -2.76 41.57 -20.49
CA GLU D 384 -2.68 40.44 -19.56
C GLU D 384 -3.34 39.13 -20.01
N VAL D 385 -2.73 38.01 -19.63
CA VAL D 385 -3.26 36.67 -19.87
C VAL D 385 -3.49 36.01 -18.50
N HIS D 386 -4.75 35.79 -18.18
CA HIS D 386 -5.17 35.26 -16.89
C HIS D 386 -5.26 33.73 -16.97
N ASP D 387 -4.08 33.11 -16.94
CA ASP D 387 -3.92 31.68 -17.09
C ASP D 387 -3.87 30.98 -15.74
N ASP D 388 -5.02 31.06 -15.08
CA ASP D 388 -5.26 30.43 -13.81
C ASP D 388 -5.27 28.91 -13.99
N ASN D 389 -5.77 28.46 -15.13
CA ASN D 389 -5.66 27.06 -15.55
C ASN D 389 -4.24 26.49 -15.55
N ARG D 390 -3.28 27.27 -16.06
CA ARG D 390 -1.88 26.87 -16.03
C ARG D 390 -1.25 26.91 -14.64
N ILE D 391 -1.59 27.94 -13.86
CA ILE D 391 -1.16 28.02 -12.47
C ILE D 391 -1.56 26.76 -11.71
N ASP D 392 -2.81 26.36 -11.86
CA ASP D 392 -3.33 25.16 -11.18
C ASP D 392 -2.52 23.93 -11.58
N TYR D 393 -2.32 23.76 -12.89
CA TYR D 393 -1.53 22.66 -13.42
C TYR D 393 -0.14 22.60 -12.77
N VAL D 394 0.59 23.70 -12.83
CA VAL D 394 1.96 23.75 -12.30
C VAL D 394 2.00 23.53 -10.79
N ARG D 395 1.05 24.13 -10.09
CA ARG D 395 0.92 24.01 -8.63
C ARG D 395 0.74 22.58 -8.12
N GLN D 396 -0.13 21.81 -8.78
CA GLN D 396 -0.37 20.42 -8.39
C GLN D 396 0.86 19.53 -8.50
N HIS D 397 1.67 19.76 -9.51
CA HIS D 397 2.90 18.98 -9.68
C HIS D 397 4.03 19.38 -8.72
N LEU D 398 4.17 20.67 -8.45
CA LEU D 398 5.12 21.14 -7.44
C LEU D 398 4.74 20.69 -6.04
N GLU D 399 3.43 20.59 -5.81
CA GLU D 399 2.90 20.02 -4.58
C GLU D 399 3.25 18.54 -4.46
N ALA D 400 3.06 17.80 -5.55
CA ALA D 400 3.44 16.39 -5.64
C ALA D 400 4.93 16.14 -5.37
N VAL D 401 5.78 17.00 -5.92
CA VAL D 401 7.23 16.93 -5.69
C VAL D 401 7.60 17.01 -4.21
N SER D 402 7.02 17.98 -3.51
CA SER D 402 7.24 18.17 -2.08
C SER D 402 6.83 16.94 -1.26
N ASP D 403 5.69 16.37 -1.60
CA ASP D 403 5.21 15.15 -0.97
C ASP D 403 6.15 13.96 -1.14
N LEU D 404 6.65 13.75 -2.36
CA LEU D 404 7.61 12.68 -2.63
C LEU D 404 8.95 12.80 -1.89
N ASN D 405 9.45 14.02 -1.72
CA ASN D 405 10.68 14.25 -0.98
C ASN D 405 10.52 14.02 0.52
N ASP D 406 9.29 14.11 0.99
CA ASP D 406 8.97 13.69 2.35
C ASP D 406 9.07 12.17 2.48
N GLU D 407 8.80 11.47 1.39
CA GLU D 407 8.99 10.02 1.36
C GLU D 407 10.44 9.59 1.16
N GLY D 408 11.34 10.56 0.99
CA GLY D 408 12.74 10.25 0.73
C GLY D 408 13.08 9.88 -0.70
N MET D 409 12.29 10.37 -1.66
CA MET D 409 12.52 10.05 -3.07
C MET D 409 13.63 10.89 -3.68
N ASN D 410 14.05 11.93 -2.97
CA ASN D 410 15.24 12.70 -3.31
C ASN D 410 15.14 13.31 -4.71
N ILE D 411 14.07 14.05 -4.94
CA ILE D 411 13.98 14.90 -6.12
C ILE D 411 14.62 16.23 -5.75
N GLN D 412 15.83 16.46 -6.24
CA GLN D 412 16.62 17.62 -5.87
C GLN D 412 16.32 18.91 -6.64
N GLY D 413 15.47 18.83 -7.67
CA GLY D 413 15.14 20.02 -8.43
C GLY D 413 14.05 19.96 -9.48
N TYR D 414 13.60 21.14 -9.89
CA TYR D 414 12.50 21.29 -10.83
C TYR D 414 12.73 22.41 -11.85
N TYR D 415 12.71 22.07 -13.14
CA TYR D 415 12.80 23.09 -14.18
C TYR D 415 11.45 23.23 -14.88
N LEU D 416 10.89 24.44 -14.88
CA LEU D 416 9.60 24.71 -15.51
C LEU D 416 9.65 24.93 -17.02
N TRP D 417 9.06 24.01 -17.77
CA TRP D 417 8.88 24.18 -19.22
C TRP D 417 7.59 24.94 -19.54
N SER D 418 7.68 26.12 -20.15
CA SER D 418 8.93 26.71 -20.62
C SER D 418 9.00 28.16 -20.14
N LEU D 419 10.18 28.76 -20.22
CA LEU D 419 10.33 30.19 -20.00
C LEU D 419 9.46 31.04 -20.96
N MET D 420 9.62 30.83 -22.25
CA MET D 420 8.91 31.61 -23.26
C MET D 420 7.97 30.76 -24.11
N ASP D 421 6.84 31.33 -24.55
CA ASP D 421 6.12 30.74 -25.68
C ASP D 421 7.09 30.63 -26.85
N ASN D 422 7.07 29.47 -27.51
CA ASN D 422 8.09 29.16 -28.50
C ASN D 422 7.60 28.29 -29.64
N PHE D 423 8.51 28.00 -30.56
CA PHE D 423 8.24 27.07 -31.64
C PHE D 423 8.07 25.66 -31.10
N GLU D 424 6.83 25.20 -31.02
CA GLU D 424 6.53 23.89 -30.46
C GLU D 424 6.54 22.82 -31.54
N TRP D 425 7.63 22.76 -32.29
CA TRP D 425 7.88 21.66 -33.22
C TRP D 425 6.79 21.56 -34.29
N SER D 426 6.20 20.38 -34.43
CA SER D 426 5.17 20.14 -35.43
C SER D 426 3.86 20.91 -35.22
N PHE D 427 3.64 21.43 -34.01
CA PHE D 427 2.49 22.29 -33.75
C PHE D 427 2.78 23.77 -34.06
N GLY D 428 4.04 24.09 -34.25
CA GLY D 428 4.48 25.41 -34.67
C GLY D 428 4.33 26.49 -33.61
N TYR D 429 3.86 27.68 -34.02
CA TYR D 429 3.55 28.73 -33.03
C TYR D 429 2.08 28.75 -32.61
N GLU D 430 1.34 27.70 -32.97
CA GLU D 430 -0.07 27.57 -32.61
C GLU D 430 -0.31 27.15 -31.16
N LYS D 431 0.70 26.59 -30.51
CA LYS D 431 0.57 26.13 -29.13
C LYS D 431 1.60 26.77 -28.20
N ARG D 432 1.11 27.24 -27.06
CA ARG D 432 1.88 28.10 -26.18
C ARG D 432 2.11 27.45 -24.81
N PHE D 433 3.34 27.02 -24.57
CA PHE D 433 3.73 26.36 -23.32
C PHE D 433 4.37 27.34 -22.36
N GLY D 434 4.67 28.53 -22.87
CA GLY D 434 5.44 29.54 -22.16
C GLY D 434 4.71 30.16 -21.00
N ILE D 435 5.48 30.59 -20.02
CA ILE D 435 5.00 31.46 -18.95
C ILE D 435 5.06 32.91 -19.44
N LEU D 436 5.90 33.17 -20.43
CA LEU D 436 5.86 34.45 -21.12
C LEU D 436 5.18 34.45 -22.47
N TYR D 437 4.28 35.40 -22.69
CA TYR D 437 3.63 35.52 -23.98
C TYR D 437 4.56 36.25 -24.94
N ILE D 438 4.58 35.74 -26.17
CA ILE D 438 5.35 36.37 -27.22
C ILE D 438 4.56 36.75 -28.46
N ASP D 439 4.55 38.04 -28.74
CA ASP D 439 4.04 38.53 -30.01
C ASP D 439 5.18 38.33 -31.00
N PHE D 440 5.09 37.29 -31.81
CA PHE D 440 6.16 36.95 -32.75
C PHE D 440 6.34 38.01 -33.85
N GLU D 441 5.29 38.80 -34.09
CA GLU D 441 5.38 39.93 -35.00
C GLU D 441 6.23 41.07 -34.45
N THR D 442 6.24 41.23 -33.13
CA THR D 442 6.97 42.35 -32.52
C THR D 442 8.07 41.91 -31.55
N GLN D 443 8.10 40.63 -31.22
CA GLN D 443 9.01 40.10 -30.20
C GLN D 443 8.80 40.64 -28.78
N GLU D 444 7.62 41.17 -28.48
CA GLU D 444 7.43 41.70 -27.13
C GLU D 444 7.26 40.55 -26.15
N ARG D 445 8.03 40.61 -25.07
CA ARG D 445 7.88 39.74 -23.90
C ARG D 445 6.91 40.35 -22.89
N ILE D 446 5.92 39.59 -22.39
CA ILE D 446 5.13 40.18 -21.31
C ILE D 446 4.92 39.22 -20.13
N TRP D 447 5.41 39.64 -18.96
CA TRP D 447 5.29 38.91 -17.69
C TRP D 447 3.84 38.81 -17.24
N LYS D 448 3.29 37.61 -16.98
CA LYS D 448 1.94 37.59 -16.39
C LYS D 448 1.60 36.54 -15.34
N ASP D 449 0.50 36.82 -14.62
CA ASP D 449 -0.10 35.94 -13.61
C ASP D 449 0.96 35.15 -12.90
N SER D 450 1.20 33.94 -13.38
CA SER D 450 2.26 33.11 -12.85
C SER D 450 3.63 33.78 -12.97
N ALA D 451 4.67 32.97 -13.04
CA ALA D 451 6.06 33.43 -13.12
C ALA D 451 6.33 34.43 -11.99
N LYS D 452 5.46 35.42 -11.81
CA LYS D 452 5.49 36.31 -10.67
C LYS D 452 5.30 35.34 -9.52
N TRP D 453 4.25 34.51 -9.70
CA TRP D 453 3.88 33.44 -8.81
C TRP D 453 5.05 32.49 -8.59
N TYR D 454 5.61 32.00 -9.69
CA TYR D 454 6.75 31.11 -9.60
C TYR D 454 7.87 31.86 -8.86
N ALA D 455 8.06 33.13 -9.19
CA ALA D 455 9.01 34.00 -8.49
C ALA D 455 8.60 34.15 -7.04
N GLY D 456 7.29 34.27 -6.82
CA GLY D 456 6.78 34.36 -5.47
C GLY D 456 6.95 33.05 -4.73
N VAL D 457 6.71 31.93 -5.42
CA VAL D 457 6.95 30.63 -4.81
C VAL D 457 8.39 30.47 -4.34
N ILE D 458 9.35 30.82 -5.20
CA ILE D 458 10.75 30.77 -4.81
C ILE D 458 11.04 31.76 -3.68
N ALA D 459 10.54 32.99 -3.80
CA ALA D 459 10.67 34.00 -2.76
C ALA D 459 10.10 33.54 -1.42
N ASP D 460 8.88 33.01 -1.44
CA ASP D 460 8.25 32.49 -0.24
C ASP D 460 9.11 31.37 0.37
N HIS D 461 9.61 30.50 -0.50
CA HIS D 461 10.52 29.44 -0.10
C HIS D 461 11.83 30.00 0.46
N LYS D 462 12.36 31.03 -0.18
CA LYS D 462 13.58 31.69 0.29
C LYS D 462 13.39 32.40 1.62
N ALA D 463 12.27 33.09 1.75
CA ALA D 463 11.93 33.81 2.98
C ALA D 463 11.76 32.98 4.25
N LYS D 464 11.40 31.69 4.15
CA LYS D 464 11.36 30.90 5.38
C LYS D 464 12.79 30.64 5.87
N HIS D 465 13.73 30.54 4.94
CA HIS D 465 15.12 30.23 5.27
C HIS D 465 15.87 31.50 5.69
N ALA D 466 16.75 31.37 6.67
CA ALA D 466 17.57 32.48 7.12
C ALA D 466 18.77 32.69 6.21
N MET E 21 77.05 21.29 -30.17
CA MET E 21 77.88 20.47 -29.31
C MET E 21 77.99 19.05 -29.86
N MET E 22 77.94 18.92 -31.19
CA MET E 22 77.98 17.61 -31.83
C MET E 22 79.02 17.54 -32.94
N HIS E 23 79.95 16.60 -32.81
CA HIS E 23 81.00 16.38 -33.80
C HIS E 23 80.56 15.30 -34.80
N PHE E 24 80.21 15.70 -36.01
CA PHE E 24 79.77 14.75 -37.04
C PHE E 24 80.55 14.84 -38.34
N LYS E 25 81.04 13.69 -38.79
CA LYS E 25 81.79 13.60 -40.04
C LYS E 25 80.85 13.81 -41.22
N LYS E 26 81.42 14.01 -42.40
CA LYS E 26 80.65 14.41 -43.57
C LYS E 26 79.96 13.22 -44.23
N ASP E 27 80.44 12.02 -43.95
CA ASP E 27 79.79 10.81 -44.42
C ASP E 27 78.73 10.29 -43.45
N PHE E 28 78.45 11.04 -42.39
CA PHE E 28 77.39 10.65 -41.48
C PHE E 28 75.98 10.82 -42.08
N VAL E 29 75.25 9.71 -42.13
CA VAL E 29 73.89 9.67 -42.67
C VAL E 29 72.86 9.93 -41.56
N PHE E 30 72.06 10.98 -41.70
CA PHE E 30 70.86 11.11 -40.85
C PHE E 30 69.62 10.54 -41.54
N GLY E 31 68.77 9.91 -40.75
CA GLY E 31 67.59 9.25 -41.28
C GLY E 31 66.39 9.14 -40.37
N THR E 32 65.30 8.61 -40.91
CA THR E 32 64.12 8.25 -40.15
C THR E 32 63.56 6.94 -40.70
N ALA E 33 62.66 6.30 -39.97
CA ALA E 33 62.31 4.91 -40.27
C ALA E 33 60.87 4.55 -39.89
N THR E 34 60.31 3.61 -40.65
CA THR E 34 58.98 3.04 -40.43
C THR E 34 58.96 1.56 -40.77
N SER E 35 57.85 0.90 -40.48
CA SER E 35 57.61 -0.44 -41.01
C SER E 35 56.25 -0.54 -41.71
N SER E 36 56.11 -1.52 -42.59
CA SER E 36 54.97 -1.60 -43.49
C SER E 36 53.60 -1.76 -42.82
N TYR E 37 53.45 -2.78 -41.97
CA TYR E 37 52.16 -3.00 -41.32
C TYR E 37 51.75 -1.88 -40.37
N GLN E 38 52.75 -1.22 -39.78
CA GLN E 38 52.49 -0.16 -38.82
C GLN E 38 51.90 1.08 -39.51
N ILE E 39 52.27 1.31 -40.77
CA ILE E 39 51.84 2.52 -41.47
C ILE E 39 50.93 2.26 -42.67
N GLU E 40 51.19 1.21 -43.45
CA GLU E 40 50.60 1.07 -44.78
C GLU E 40 49.07 1.07 -44.76
N GLY E 41 48.48 0.19 -43.95
CA GLY E 41 47.05 -0.01 -44.02
C GLY E 41 46.73 -0.74 -45.31
N ALA E 42 45.53 -0.49 -45.83
CA ALA E 42 45.06 -1.12 -47.05
C ALA E 42 45.23 -2.65 -47.00
N HIS E 43 44.79 -3.26 -45.90
CA HIS E 43 45.12 -4.64 -45.58
C HIS E 43 44.50 -5.62 -46.59
N ASN E 44 43.38 -5.23 -47.21
CA ASN E 44 42.77 -6.14 -48.19
C ASN E 44 42.85 -5.60 -49.62
N GLU E 45 43.70 -4.61 -49.84
CA GLU E 45 43.81 -3.97 -51.14
C GLU E 45 45.19 -4.26 -51.73
N GLY E 46 45.27 -4.26 -53.07
CA GLY E 46 46.51 -4.60 -53.76
C GLY E 46 46.92 -6.06 -53.66
N GLY E 47 45.95 -6.95 -53.54
CA GLY E 47 46.23 -8.38 -53.43
C GLY E 47 46.84 -8.83 -52.11
N ARG E 48 46.66 -8.05 -51.05
CA ARG E 48 47.23 -8.40 -49.75
C ARG E 48 46.34 -9.37 -48.97
N THR E 49 46.95 -10.42 -48.42
CA THR E 49 46.26 -11.38 -47.57
C THR E 49 46.62 -11.17 -46.10
N PRO E 50 45.83 -11.73 -45.16
CA PRO E 50 46.11 -11.48 -43.75
C PRO E 50 47.47 -12.01 -43.28
N SER E 51 48.15 -11.23 -42.44
CA SER E 51 49.36 -11.67 -41.75
C SER E 51 49.03 -12.29 -40.39
N ILE E 52 50.07 -12.79 -39.73
CA ILE E 52 49.94 -13.27 -38.36
C ILE E 52 49.42 -12.21 -37.40
N TRP E 53 49.79 -10.96 -37.64
CA TRP E 53 49.37 -9.84 -36.80
C TRP E 53 47.87 -9.56 -36.97
N ASP E 54 47.37 -9.72 -38.19
CA ASP E 54 45.95 -9.62 -38.49
C ASP E 54 45.14 -10.57 -37.60
N MET E 55 45.60 -11.82 -37.53
CA MET E 55 44.97 -12.88 -36.71
C MET E 55 45.18 -12.66 -35.21
N PHE E 56 46.36 -12.16 -34.86
CA PHE E 56 46.72 -11.82 -33.48
C PHE E 56 45.86 -10.72 -32.84
N CYS E 57 45.55 -9.68 -33.60
CA CYS E 57 44.65 -8.61 -33.17
C CYS E 57 43.26 -9.07 -32.74
N ASP E 58 42.74 -10.12 -33.38
CA ASP E 58 41.42 -10.63 -33.02
C ASP E 58 41.42 -11.48 -31.75
N ILE E 59 42.54 -12.08 -31.38
CA ILE E 59 42.58 -12.87 -30.15
C ILE E 59 42.41 -12.00 -28.91
N ASP E 60 41.55 -12.46 -28.01
CA ASP E 60 41.17 -11.73 -26.81
C ASP E 60 42.29 -11.55 -25.79
N GLY E 61 42.45 -10.33 -25.30
CA GLY E 61 43.42 -10.02 -24.26
C GLY E 61 44.82 -9.70 -24.71
N ARG E 62 45.11 -9.84 -26.00
CA ARG E 62 46.49 -9.77 -26.47
C ARG E 62 46.92 -8.34 -26.83
N VAL E 63 45.99 -7.54 -27.36
CA VAL E 63 46.31 -6.18 -27.81
C VAL E 63 45.29 -5.19 -27.25
N PHE E 64 45.77 -4.00 -26.87
CA PHE E 64 44.92 -2.98 -26.26
C PHE E 64 43.64 -2.77 -27.10
N GLU E 65 42.51 -3.02 -26.46
CA GLU E 65 41.17 -2.84 -27.05
C GLU E 65 40.98 -3.38 -28.47
N LYS E 66 41.63 -4.50 -28.78
CA LYS E 66 41.54 -5.12 -30.10
C LYS E 66 41.97 -4.28 -31.31
N HIS E 67 42.75 -3.21 -31.11
CA HIS E 67 43.17 -2.35 -32.22
C HIS E 67 43.99 -3.10 -33.26
N ASN E 68 43.95 -2.62 -34.50
CA ASN E 68 44.60 -3.31 -35.61
C ASN E 68 45.10 -2.36 -36.71
N GLY E 69 45.83 -2.93 -37.66
CA GLY E 69 46.35 -2.19 -38.80
C GLY E 69 45.56 -2.29 -40.09
N ASP E 70 44.23 -2.29 -39.96
CA ASP E 70 43.34 -2.29 -41.11
C ASP E 70 43.51 -1.00 -41.92
N VAL E 71 43.46 0.14 -41.23
CA VAL E 71 43.61 1.43 -41.88
C VAL E 71 45.00 2.03 -41.62
N ALA E 72 45.35 2.11 -40.34
CA ALA E 72 46.66 2.60 -39.87
C ALA E 72 46.94 4.03 -40.31
N CYS E 73 48.11 4.29 -40.88
CA CYS E 73 48.40 5.62 -41.42
C CYS E 73 47.93 5.82 -42.86
N ASP E 74 47.30 4.81 -43.43
CA ASP E 74 46.84 4.84 -44.83
C ASP E 74 47.98 5.22 -45.78
N HIS E 75 49.19 4.74 -45.49
CA HIS E 75 50.38 5.12 -46.25
C HIS E 75 50.35 4.57 -47.68
N TYR E 76 49.73 3.42 -47.85
CA TYR E 76 49.58 2.79 -49.15
C TYR E 76 48.97 3.74 -50.19
N HIS E 77 47.89 4.42 -49.83
CA HIS E 77 47.28 5.42 -50.70
C HIS E 77 47.94 6.79 -50.71
N ARG E 78 48.38 7.25 -49.54
CA ARG E 78 48.89 8.61 -49.35
C ARG E 78 50.42 8.75 -49.39
N TYR E 79 51.09 7.75 -49.95
CA TYR E 79 52.56 7.71 -50.01
C TYR E 79 53.21 8.97 -50.59
N GLU E 80 52.57 9.56 -51.60
CA GLU E 80 53.09 10.77 -52.24
C GLU E 80 53.23 11.96 -51.29
N GLU E 81 52.21 12.20 -50.47
CA GLU E 81 52.28 13.23 -49.43
C GLU E 81 53.41 13.05 -48.43
N ASP E 82 53.62 11.82 -47.97
CA ASP E 82 54.66 11.53 -46.99
C ASP E 82 56.08 11.66 -47.59
N ILE E 83 56.21 11.37 -48.87
CA ILE E 83 57.46 11.64 -49.59
C ILE E 83 57.84 13.11 -49.55
N GLN E 84 56.86 13.99 -49.65
CA GLN E 84 57.12 15.43 -49.58
C GLN E 84 57.57 15.87 -48.20
N HIS E 85 56.96 15.29 -47.17
CA HIS E 85 57.39 15.50 -45.78
C HIS E 85 58.82 15.04 -45.49
N ILE E 86 59.18 13.88 -46.02
CA ILE E 86 60.54 13.36 -45.87
C ILE E 86 61.63 14.17 -46.55
N LYS E 87 61.42 14.58 -47.80
CA LYS E 87 62.37 15.47 -48.48
C LYS E 87 62.62 16.79 -47.74
N LYS E 88 61.56 17.44 -47.27
CA LYS E 88 61.73 18.72 -46.56
C LYS E 88 62.46 18.56 -45.21
N LEU E 89 62.23 17.43 -44.53
CA LEU E 89 62.96 17.13 -43.31
C LEU E 89 64.47 17.13 -43.60
N GLY E 90 64.84 16.69 -44.80
CA GLY E 90 66.22 16.65 -45.21
C GLY E 90 67.03 15.45 -44.77
N VAL E 91 66.35 14.40 -44.32
CA VAL E 91 67.03 13.17 -43.96
C VAL E 91 67.77 12.63 -45.18
N ASP E 92 68.99 12.14 -44.95
CA ASP E 92 69.75 11.47 -45.98
C ASP E 92 69.05 10.19 -46.43
N THR E 93 68.60 9.41 -45.47
CA THR E 93 68.07 8.08 -45.72
C THR E 93 66.68 7.87 -45.10
N TYR E 94 65.82 7.16 -45.81
CA TYR E 94 64.54 6.71 -45.26
C TYR E 94 64.42 5.20 -45.22
N ARG E 95 64.27 4.65 -44.02
CA ARG E 95 64.11 3.20 -43.83
C ARG E 95 62.66 2.77 -43.78
N PHE E 96 62.29 1.80 -44.62
CA PHE E 96 60.97 1.19 -44.57
C PHE E 96 61.05 -0.32 -44.74
N SER E 97 59.97 -1.02 -44.40
CA SER E 97 59.92 -2.46 -44.57
C SER E 97 58.99 -2.85 -45.71
N ILE E 98 59.21 -4.04 -46.26
CA ILE E 98 58.32 -4.62 -47.27
C ILE E 98 57.34 -5.63 -46.65
N ALA E 99 56.05 -5.46 -46.94
CA ALA E 99 55.04 -6.40 -46.50
C ALA E 99 55.11 -7.69 -47.34
N TRP E 100 55.44 -8.79 -46.66
CA TRP E 100 55.47 -10.11 -47.26
C TRP E 100 54.14 -10.52 -47.94
N PRO E 101 53.00 -10.46 -47.22
CA PRO E 101 51.78 -10.98 -47.85
C PRO E 101 51.29 -10.15 -49.05
N ARG E 102 51.91 -8.99 -49.27
CA ARG E 102 51.76 -8.28 -50.53
C ARG E 102 52.56 -8.93 -51.64
N ILE E 103 53.78 -9.39 -51.34
CA ILE E 103 54.63 -9.94 -52.38
C ILE E 103 54.27 -11.39 -52.68
N PHE E 104 54.04 -12.18 -51.63
CA PHE E 104 53.57 -13.56 -51.78
C PHE E 104 52.25 -13.81 -51.02
N PRO E 105 51.12 -13.33 -51.58
CA PRO E 105 49.81 -13.64 -51.01
C PRO E 105 49.50 -15.13 -50.98
N ALA E 106 50.12 -15.89 -51.89
CA ALA E 106 50.02 -17.35 -51.85
C ALA E 106 51.34 -18.01 -52.19
N LYS E 107 51.52 -19.24 -51.71
CA LYS E 107 52.77 -19.96 -51.86
C LYS E 107 53.05 -20.24 -53.33
N GLY E 108 54.14 -19.69 -53.86
CA GLY E 108 54.45 -19.81 -55.27
C GLY E 108 53.89 -18.66 -56.10
N GLU E 109 52.67 -18.24 -55.79
CA GLU E 109 51.96 -17.19 -56.53
C GLU E 109 52.49 -15.77 -56.27
N TYR E 110 53.38 -15.32 -57.14
CA TYR E 110 53.88 -13.94 -57.12
C TYR E 110 52.88 -12.89 -57.58
N ASN E 111 52.74 -11.82 -56.81
CA ASN E 111 51.83 -10.73 -57.12
C ASN E 111 52.60 -9.46 -57.48
N PRO E 112 52.59 -9.06 -58.77
CA PRO E 112 53.45 -7.95 -59.18
C PRO E 112 52.90 -6.57 -58.82
N GLU E 113 51.64 -6.48 -58.44
CA GLU E 113 51.04 -5.22 -57.98
C GLU E 113 51.57 -4.68 -56.65
N GLY E 114 51.98 -5.59 -55.76
CA GLY E 114 52.53 -5.17 -54.48
C GLY E 114 53.91 -4.57 -54.57
N MET E 115 54.79 -5.22 -55.32
CA MET E 115 56.13 -4.72 -55.56
C MET E 115 56.12 -3.44 -56.39
N ALA E 116 55.09 -3.29 -57.23
CA ALA E 116 54.93 -2.08 -58.01
C ALA E 116 54.85 -0.87 -57.10
N PHE E 117 54.01 -0.95 -56.06
CA PHE E 117 53.91 0.09 -55.05
C PHE E 117 55.30 0.52 -54.55
N TYR E 118 56.11 -0.49 -54.23
CA TYR E 118 57.44 -0.30 -53.66
C TYR E 118 58.44 0.17 -54.71
N LYS E 119 58.28 -0.32 -55.94
CA LYS E 119 59.10 0.12 -57.06
C LYS E 119 58.94 1.62 -57.32
N ASN E 120 57.70 2.10 -57.30
CA ASN E 120 57.42 3.52 -57.46
C ASN E 120 58.01 4.34 -56.31
N LEU E 121 57.69 3.95 -55.09
CA LEU E 121 58.18 4.60 -53.87
C LEU E 121 59.70 4.77 -53.79
N ALA E 122 60.43 3.67 -53.92
CA ALA E 122 61.89 3.68 -53.90
C ALA E 122 62.46 4.68 -54.91
N LEU E 123 61.94 4.61 -56.14
CA LEU E 123 62.38 5.50 -57.21
C LEU E 123 62.11 6.97 -56.88
N ARG E 124 60.92 7.26 -56.38
CA ARG E 124 60.53 8.62 -56.01
C ARG E 124 61.42 9.20 -54.91
N LEU E 125 61.88 8.37 -53.98
CA LEU E 125 62.76 8.85 -52.94
C LEU E 125 64.08 9.29 -53.57
N ARG E 126 64.55 8.50 -54.53
CA ARG E 126 65.78 8.80 -55.25
C ARG E 126 65.56 10.02 -56.14
N GLU E 127 64.37 10.12 -56.72
CA GLU E 127 63.96 11.31 -57.46
C GLU E 127 64.06 12.56 -56.58
N GLU E 128 63.79 12.41 -55.29
CA GLU E 128 63.88 13.54 -54.36
C GLU E 128 65.25 13.53 -53.68
N GLY E 129 66.11 12.64 -54.16
CA GLY E 129 67.48 12.51 -53.69
C GLY E 129 67.65 11.86 -52.32
N ILE E 130 66.86 10.85 -52.02
CA ILE E 130 66.95 10.15 -50.73
C ILE E 130 67.23 8.67 -50.91
N LYS E 131 68.29 8.19 -50.26
CA LYS E 131 68.64 6.77 -50.28
C LYS E 131 67.66 5.92 -49.48
N PRO E 132 67.01 4.95 -50.15
CA PRO E 132 66.11 3.96 -49.55
C PRO E 132 66.85 2.78 -48.91
N ALA E 133 66.58 2.61 -47.61
CA ALA E 133 67.07 1.47 -46.85
C ALA E 133 65.88 0.58 -46.57
N VAL E 134 65.99 -0.68 -46.96
CA VAL E 134 64.85 -1.60 -46.88
C VAL E 134 65.04 -2.76 -45.90
N THR E 135 63.99 -2.99 -45.13
CA THR E 135 63.90 -4.12 -44.21
C THR E 135 63.03 -5.20 -44.83
N ILE E 136 63.57 -6.41 -44.92
CA ILE E 136 62.87 -7.52 -45.54
C ILE E 136 61.81 -8.11 -44.61
N TYR E 137 62.17 -8.27 -43.35
CA TYR E 137 61.25 -8.81 -42.35
C TYR E 137 61.05 -7.87 -41.16
N HIS E 138 59.84 -7.32 -41.04
CA HIS E 138 59.48 -6.57 -39.85
C HIS E 138 58.23 -7.16 -39.21
N TRP E 139 58.28 -8.48 -39.03
CA TRP E 139 57.41 -9.26 -38.14
C TRP E 139 56.08 -9.63 -38.79
N ASP E 140 55.85 -9.15 -40.01
CA ASP E 140 54.57 -9.39 -40.68
C ASP E 140 54.60 -10.68 -41.51
N LEU E 141 54.56 -11.82 -40.82
CA LEU E 141 54.55 -13.13 -41.47
C LEU E 141 53.17 -13.40 -42.06
N PRO E 142 53.12 -13.81 -43.34
CA PRO E 142 51.83 -14.18 -43.93
C PRO E 142 51.16 -15.34 -43.19
N MET E 143 49.83 -15.33 -43.13
CA MET E 143 49.07 -16.37 -42.46
C MET E 143 49.23 -17.76 -43.07
N TRP E 144 49.43 -17.81 -44.39
CA TRP E 144 49.68 -19.09 -45.05
C TRP E 144 50.95 -19.76 -44.54
N ALA E 145 51.95 -18.96 -44.21
CA ALA E 145 53.19 -19.51 -43.66
C ALA E 145 53.02 -20.04 -42.23
N HIS E 146 52.39 -19.24 -41.38
CA HIS E 146 52.09 -19.65 -40.00
C HIS E 146 51.32 -20.96 -39.90
N GLU E 147 50.34 -21.14 -40.77
CA GLU E 147 49.50 -22.34 -40.79
C GLU E 147 50.26 -23.61 -41.14
N GLU E 148 51.38 -23.46 -41.85
CA GLU E 148 52.27 -24.59 -42.07
C GLU E 148 53.36 -24.72 -41.00
N GLY E 149 53.13 -24.08 -39.85
CA GLY E 149 54.09 -24.09 -38.75
C GLY E 149 54.79 -22.77 -38.49
N GLY E 150 54.91 -21.95 -39.53
CA GLY E 150 55.61 -20.68 -39.41
C GLY E 150 57.11 -20.83 -39.37
N TRP E 151 57.77 -20.04 -38.53
CA TRP E 151 59.21 -20.11 -38.37
C TRP E 151 59.67 -21.38 -37.67
N VAL E 152 58.75 -22.00 -36.93
CA VAL E 152 59.02 -23.29 -36.29
C VAL E 152 59.39 -24.33 -37.33
N ASN E 153 58.73 -24.27 -38.49
CA ASN E 153 59.06 -25.15 -39.60
C ASN E 153 60.36 -24.64 -40.23
N ARG E 154 61.29 -25.56 -40.49
CA ARG E 154 62.56 -25.21 -41.11
C ARG E 154 62.43 -24.80 -42.58
N GLU E 155 61.35 -25.26 -43.21
CA GLU E 155 60.98 -24.82 -44.57
C GLU E 155 60.77 -23.31 -44.69
N SER E 156 60.50 -22.64 -43.58
CA SER E 156 60.43 -21.18 -43.54
C SER E 156 61.68 -20.50 -44.08
N VAL E 157 62.82 -21.19 -43.98
CA VAL E 157 64.06 -20.68 -44.54
C VAL E 157 63.99 -20.59 -46.06
N ASP E 158 63.46 -21.65 -46.68
CA ASP E 158 63.34 -21.71 -48.14
C ASP E 158 62.27 -20.76 -48.67
N TRP E 159 61.18 -20.64 -47.92
CA TRP E 159 60.09 -19.72 -48.26
C TRP E 159 60.59 -18.29 -48.30
N PHE E 160 61.35 -17.92 -47.28
CA PHE E 160 61.96 -16.61 -47.19
C PHE E 160 62.92 -16.31 -48.34
N LEU E 161 63.74 -17.28 -48.73
CA LEU E 161 64.67 -17.07 -49.85
C LEU E 161 63.98 -16.81 -51.19
N ASP E 162 62.86 -17.49 -51.44
CA ASP E 162 62.06 -17.22 -52.64
C ASP E 162 61.52 -15.80 -52.63
N TYR E 163 61.07 -15.38 -51.46
CA TYR E 163 60.63 -14.01 -51.23
C TYR E 163 61.80 -13.03 -51.26
N ALA E 164 62.92 -13.43 -50.68
CA ALA E 164 64.11 -12.57 -50.69
C ALA E 164 64.70 -12.43 -52.09
N LYS E 165 64.74 -13.51 -52.85
CA LYS E 165 65.27 -13.47 -54.21
C LYS E 165 64.55 -12.47 -55.10
N VAL E 166 63.23 -12.59 -55.18
CA VAL E 166 62.39 -11.70 -55.97
C VAL E 166 62.56 -10.19 -55.70
N CYS E 167 62.78 -9.84 -54.43
CA CYS E 167 63.00 -8.43 -54.08
C CYS E 167 64.40 -7.96 -54.51
N PHE E 168 65.41 -8.78 -54.28
CA PHE E 168 66.78 -8.47 -54.69
C PHE E 168 66.90 -8.29 -56.21
N GLU E 169 66.24 -9.16 -56.98
CA GLU E 169 66.26 -9.06 -58.43
C GLU E 169 65.76 -7.69 -58.89
N GLU E 170 64.57 -7.33 -58.44
CA GLU E 170 63.83 -6.13 -58.88
C GLU E 170 64.31 -4.81 -58.30
N LEU E 171 65.11 -4.83 -57.23
CA LEU E 171 65.39 -3.58 -56.54
C LEU E 171 66.85 -3.32 -56.21
N ASP E 172 67.70 -4.31 -56.37
CA ASP E 172 69.10 -4.18 -55.95
C ASP E 172 69.80 -3.02 -56.65
N ASP E 173 69.42 -2.75 -57.89
CA ASP E 173 69.90 -1.58 -58.62
C ASP E 173 69.46 -0.25 -57.99
N ILE E 174 68.23 -0.21 -57.49
CA ILE E 174 67.69 0.98 -56.84
C ILE E 174 68.22 1.22 -55.42
N VAL E 175 68.04 0.22 -54.57
CA VAL E 175 68.22 0.34 -53.12
C VAL E 175 69.64 0.68 -52.70
N ASP E 176 69.74 1.44 -51.62
CA ASP E 176 71.02 1.84 -51.05
C ASP E 176 71.57 0.78 -50.10
N SER E 177 70.73 0.30 -49.19
CA SER E 177 71.17 -0.72 -48.23
C SER E 177 70.06 -1.71 -47.87
N TRP E 178 70.47 -2.94 -47.58
CA TRP E 178 69.54 -4.00 -47.22
C TRP E 178 69.60 -4.39 -45.74
N ILE E 179 68.43 -4.62 -45.16
CA ILE E 179 68.33 -5.25 -43.85
C ILE E 179 67.51 -6.53 -43.96
N THR E 180 68.07 -7.66 -43.56
CA THR E 180 67.39 -8.94 -43.69
C THR E 180 66.25 -9.07 -42.68
N HIS E 181 66.58 -8.97 -41.40
CA HIS E 181 65.62 -9.20 -40.32
C HIS E 181 65.63 -8.05 -39.33
N ASN E 182 64.45 -7.62 -38.91
CA ASN E 182 64.37 -6.64 -37.83
C ASN E 182 63.93 -7.27 -36.52
N GLU E 183 64.86 -7.29 -35.57
CA GLU E 183 64.60 -7.69 -34.18
C GLU E 183 64.02 -9.10 -34.08
N PRO E 184 64.82 -10.13 -34.41
CA PRO E 184 64.39 -11.53 -34.28
C PRO E 184 64.03 -11.91 -32.85
N TRP E 185 64.62 -11.20 -31.89
CA TRP E 185 64.23 -11.32 -30.50
C TRP E 185 62.75 -11.04 -30.29
N CYS E 186 62.25 -9.96 -30.89
CA CYS E 186 60.84 -9.62 -30.81
C CYS E 186 59.99 -10.66 -31.54
N ALA E 187 60.40 -11.00 -32.76
CA ALA E 187 59.68 -11.95 -33.61
C ALA E 187 59.81 -13.40 -33.14
N GLY E 188 60.91 -13.74 -32.46
CA GLY E 188 61.08 -15.08 -31.94
C GLY E 188 60.64 -15.29 -30.51
N PHE E 189 61.43 -14.81 -29.55
CA PHE E 189 61.19 -15.07 -28.14
C PHE E 189 59.95 -14.37 -27.61
N LEU E 190 59.86 -13.08 -27.89
CA LEU E 190 58.72 -12.28 -27.45
C LEU E 190 57.43 -12.73 -28.17
N GLY E 191 57.58 -13.37 -29.32
CA GLY E 191 56.45 -13.86 -30.10
C GLY E 191 56.02 -15.29 -29.85
N TYR E 192 56.99 -16.19 -29.72
CA TYR E 192 56.73 -17.63 -29.55
C TYR E 192 56.93 -18.14 -28.13
N HIS E 193 57.58 -17.34 -27.28
CA HIS E 193 57.76 -17.73 -25.88
C HIS E 193 56.87 -16.93 -24.93
N VAL E 194 56.88 -15.60 -25.04
CA VAL E 194 56.10 -14.78 -24.11
C VAL E 194 54.69 -14.49 -24.63
N GLY E 195 54.46 -14.73 -25.92
CA GLY E 195 53.11 -14.65 -26.47
C GLY E 195 52.55 -13.24 -26.60
N VAL E 196 53.42 -12.24 -26.55
CA VAL E 196 53.00 -10.84 -26.55
C VAL E 196 52.86 -10.37 -27.99
N HIS E 197 53.76 -10.85 -28.86
CA HIS E 197 53.69 -10.56 -30.29
C HIS E 197 53.21 -11.78 -31.07
N ALA E 198 52.86 -11.55 -32.33
CA ALA E 198 52.30 -12.57 -33.20
C ALA E 198 53.35 -13.64 -33.51
N PRO E 199 52.94 -14.93 -33.54
CA PRO E 199 51.54 -15.41 -33.47
C PRO E 199 50.98 -15.55 -32.07
N GLY E 200 51.76 -15.22 -31.05
CA GLY E 200 51.25 -15.24 -29.70
C GLY E 200 51.33 -16.60 -29.04
N HIS E 201 52.35 -17.36 -29.41
CA HIS E 201 52.54 -18.70 -28.85
C HIS E 201 53.33 -18.62 -27.55
N ARG E 202 53.21 -19.66 -26.74
CA ARG E 202 53.96 -19.74 -25.50
C ARG E 202 54.65 -21.10 -25.38
N ASP E 203 55.76 -21.25 -26.09
CA ASP E 203 56.48 -22.51 -26.15
C ASP E 203 57.97 -22.24 -26.40
N MET E 204 58.80 -22.50 -25.41
CA MET E 204 60.23 -22.25 -25.51
C MET E 204 60.92 -23.08 -26.60
N ASN E 205 60.42 -24.28 -26.84
CA ASN E 205 61.00 -25.13 -27.88
C ASN E 205 60.72 -24.58 -29.26
N GLU E 206 59.50 -24.10 -29.47
CA GLU E 206 59.15 -23.38 -30.68
C GLU E 206 59.96 -22.10 -30.86
N ALA E 207 60.20 -21.40 -29.75
CA ALA E 207 60.89 -20.11 -29.79
C ALA E 207 62.34 -20.17 -30.25
N VAL E 208 63.12 -21.09 -29.70
CA VAL E 208 64.52 -21.22 -30.10
C VAL E 208 64.67 -21.72 -31.53
N ARG E 209 63.73 -22.55 -31.97
CA ARG E 209 63.64 -23.00 -33.35
C ARG E 209 63.26 -21.84 -34.27
N ALA E 210 62.21 -21.11 -33.91
CA ALA E 210 61.79 -19.92 -34.65
C ALA E 210 62.94 -18.93 -34.85
N VAL E 211 63.67 -18.67 -33.78
CA VAL E 211 64.82 -17.76 -33.83
C VAL E 211 65.92 -18.30 -34.74
N HIS E 212 66.27 -19.57 -34.54
CA HIS E 212 67.34 -20.20 -35.31
C HIS E 212 67.07 -20.14 -36.80
N HIS E 213 65.82 -20.38 -37.18
CA HIS E 213 65.42 -20.37 -38.58
C HIS E 213 65.38 -18.96 -39.16
N MET E 214 65.13 -17.96 -38.32
CA MET E 214 65.28 -16.57 -38.73
C MET E 214 66.74 -16.21 -38.99
N LEU E 215 67.62 -16.53 -38.05
CA LEU E 215 69.05 -16.27 -38.20
C LEU E 215 69.65 -16.99 -39.41
N LEU E 216 69.24 -18.23 -39.63
CA LEU E 216 69.68 -19.00 -40.79
C LEU E 216 69.16 -18.40 -42.10
N SER E 217 67.89 -18.01 -42.11
CA SER E 217 67.29 -17.37 -43.27
C SER E 217 67.92 -16.00 -43.56
N HIS E 218 68.45 -15.37 -42.52
CA HIS E 218 69.27 -14.16 -42.66
C HIS E 218 70.55 -14.43 -43.46
N GLY E 219 71.37 -15.33 -42.94
CA GLY E 219 72.67 -15.66 -43.53
C GLY E 219 72.61 -16.09 -44.98
N LYS E 220 71.62 -16.92 -45.30
CA LYS E 220 71.39 -17.36 -46.67
C LYS E 220 71.03 -16.26 -47.65
N ALA E 221 70.21 -15.30 -47.23
CA ALA E 221 69.89 -14.15 -48.06
C ALA E 221 71.13 -13.31 -48.39
N VAL E 222 72.02 -13.15 -47.41
CA VAL E 222 73.28 -12.45 -47.62
C VAL E 222 74.14 -13.15 -48.69
N GLU E 223 74.43 -14.42 -48.44
CA GLU E 223 75.23 -15.26 -49.35
C GLU E 223 74.73 -15.27 -50.80
N LEU E 224 73.42 -15.39 -50.97
CA LEU E 224 72.83 -15.37 -52.30
C LEU E 224 73.08 -14.02 -53.00
N LEU E 225 73.12 -12.94 -52.23
CA LEU E 225 73.35 -11.63 -52.85
C LEU E 225 74.77 -11.40 -53.35
N LYS E 226 75.78 -11.79 -52.57
CA LYS E 226 77.16 -11.54 -52.97
C LYS E 226 77.72 -12.63 -53.88
N ARG E 227 77.11 -13.80 -53.86
CA ARG E 227 77.64 -14.92 -54.62
C ARG E 227 76.72 -15.21 -55.79
N GLU E 228 75.49 -15.60 -55.48
CA GLU E 228 74.54 -16.03 -56.50
C GLU E 228 73.88 -14.85 -57.20
N MET E 229 74.06 -13.64 -56.66
CA MET E 229 73.66 -12.44 -57.37
C MET E 229 74.86 -11.56 -57.69
N LYS E 230 76.01 -11.92 -57.11
CA LYS E 230 77.27 -11.21 -57.32
C LYS E 230 77.15 -9.71 -57.01
N SER E 231 76.26 -9.35 -56.09
CA SER E 231 75.95 -7.95 -55.83
C SER E 231 76.83 -7.38 -54.71
N THR E 232 77.13 -6.09 -54.81
CA THR E 232 77.88 -5.41 -53.76
C THR E 232 77.05 -4.38 -52.99
N THR E 233 75.73 -4.50 -53.05
CA THR E 233 74.85 -3.67 -52.25
C THR E 233 74.99 -4.03 -50.78
N PRO E 234 75.32 -3.05 -49.93
CA PRO E 234 75.50 -3.30 -48.49
C PRO E 234 74.30 -3.97 -47.83
N ILE E 235 74.58 -5.08 -47.13
CA ILE E 235 73.55 -5.85 -46.45
C ILE E 235 73.97 -6.19 -45.01
N GLY E 236 73.00 -6.25 -44.10
CA GLY E 236 73.29 -6.59 -42.73
C GLY E 236 72.03 -6.88 -41.93
N ILE E 237 72.18 -7.13 -40.64
CA ILE E 237 71.03 -7.39 -39.77
C ILE E 237 70.86 -6.29 -38.73
N THR E 238 69.62 -6.08 -38.29
CA THR E 238 69.36 -5.21 -37.16
C THR E 238 68.92 -6.01 -35.93
N LEU E 239 69.68 -5.87 -34.85
CA LEU E 239 69.28 -6.46 -33.58
C LEU E 239 68.95 -5.34 -32.61
N ASN E 240 67.79 -5.42 -31.95
CA ASN E 240 67.60 -4.59 -30.78
C ASN E 240 68.41 -5.14 -29.63
N LEU E 241 69.12 -4.25 -28.94
CA LEU E 241 69.98 -4.66 -27.84
C LEU E 241 69.73 -3.83 -26.59
N SER E 242 69.63 -4.51 -25.45
CA SER E 242 69.47 -3.83 -24.17
C SER E 242 70.47 -4.43 -23.20
N PRO E 243 71.46 -3.61 -22.80
CA PRO E 243 72.46 -4.09 -21.84
C PRO E 243 71.87 -4.23 -20.45
N MET E 244 72.33 -5.24 -19.71
CA MET E 244 71.72 -5.57 -18.44
C MET E 244 72.69 -5.25 -17.32
N TYR E 245 72.17 -4.80 -16.17
CA TYR E 245 73.02 -4.40 -15.07
C TYR E 245 72.50 -4.92 -13.73
N ALA E 246 73.43 -5.35 -12.89
CA ALA E 246 73.11 -5.89 -11.57
C ALA E 246 72.94 -4.75 -10.58
N LYS E 247 71.93 -4.83 -9.73
CA LYS E 247 71.74 -3.82 -8.69
C LYS E 247 72.92 -3.85 -7.73
N THR E 248 73.28 -5.04 -7.27
CA THR E 248 74.44 -5.18 -6.39
C THR E 248 75.55 -6.05 -7.00
N ASP E 249 76.66 -6.14 -6.29
CA ASP E 249 77.79 -7.00 -6.68
C ASP E 249 77.71 -8.42 -6.12
N SER E 250 76.59 -8.76 -5.48
CA SER E 250 76.43 -10.11 -4.95
C SER E 250 76.43 -11.15 -6.07
N ALA E 251 76.81 -12.37 -5.73
CA ALA E 251 76.88 -13.46 -6.70
C ALA E 251 75.53 -13.74 -7.35
N ASN E 252 74.47 -13.68 -6.56
CA ASN E 252 73.11 -13.89 -7.05
C ASN E 252 72.72 -12.93 -8.17
N ASP E 253 73.01 -11.65 -7.96
CA ASP E 253 72.70 -10.62 -8.95
C ASP E 253 73.58 -10.68 -10.19
N ARG E 254 74.74 -11.30 -10.09
CA ARG E 254 75.57 -11.55 -11.27
C ARG E 254 74.98 -12.61 -12.16
N LEU E 255 74.48 -13.69 -11.57
CA LEU E 255 73.79 -14.72 -12.33
C LEU E 255 72.57 -14.16 -13.08
N ALA E 256 71.75 -13.39 -12.37
CA ALA E 256 70.59 -12.74 -12.96
C ALA E 256 70.97 -11.87 -14.17
N MET E 257 71.97 -11.02 -13.98
CA MET E 257 72.47 -10.17 -15.05
C MET E 257 72.95 -10.97 -16.25
N ASN E 258 73.77 -11.99 -15.99
CA ASN E 258 74.27 -12.86 -17.04
C ASN E 258 73.16 -13.52 -17.85
N ASN E 259 72.19 -14.10 -17.14
CA ASN E 259 71.08 -14.78 -17.80
C ASN E 259 70.13 -13.85 -18.54
N ALA E 260 69.86 -12.68 -17.97
CA ALA E 260 69.08 -11.66 -18.65
C ALA E 260 69.76 -11.16 -19.91
N ASP E 261 71.07 -10.95 -19.82
CA ASP E 261 71.90 -10.52 -20.94
C ASP E 261 71.95 -11.60 -22.03
N GLY E 262 72.08 -12.86 -21.62
CA GLY E 262 72.06 -13.98 -22.54
C GLY E 262 70.75 -14.08 -23.31
N TYR E 263 69.64 -14.02 -22.58
CA TYR E 263 68.31 -14.12 -23.18
C TYR E 263 68.00 -13.03 -24.21
N SER E 264 68.35 -11.79 -23.88
CA SER E 264 68.07 -10.66 -24.75
C SER E 264 69.12 -10.40 -25.83
N ASN E 265 70.39 -10.64 -25.49
CA ASN E 265 71.50 -10.19 -26.33
C ASN E 265 72.43 -11.28 -26.85
N ARG E 266 73.08 -11.99 -25.93
CA ARG E 266 74.14 -12.96 -26.27
C ARG E 266 73.65 -14.12 -27.15
N TRP E 267 72.45 -14.63 -26.89
CA TRP E 267 71.84 -15.67 -27.71
C TRP E 267 71.79 -15.34 -29.20
N PHE E 268 71.78 -14.06 -29.51
CA PHE E 268 71.74 -13.57 -30.89
C PHE E 268 73.09 -13.11 -31.43
N LEU E 269 73.90 -12.50 -30.58
CA LEU E 269 75.21 -12.01 -30.99
C LEU E 269 76.21 -13.14 -31.26
N ASP E 270 76.31 -14.09 -30.34
CA ASP E 270 77.26 -15.19 -30.49
C ASP E 270 77.12 -15.94 -31.84
N PRO E 271 75.90 -16.37 -32.21
CA PRO E 271 75.80 -17.04 -33.53
C PRO E 271 76.23 -16.17 -34.70
N VAL E 272 75.76 -14.94 -34.72
CA VAL E 272 76.05 -13.99 -35.79
C VAL E 272 77.55 -13.72 -36.00
N PHE E 273 78.28 -13.50 -34.91
CA PHE E 273 79.68 -13.11 -35.04
C PHE E 273 80.72 -14.17 -34.63
N LYS E 274 80.30 -15.16 -33.85
CA LYS E 274 81.20 -16.26 -33.46
C LYS E 274 80.85 -17.61 -34.09
N GLY E 275 79.67 -17.69 -34.71
CA GLY E 275 79.19 -18.96 -35.22
C GLY E 275 78.96 -20.07 -34.21
N GLU E 276 78.47 -19.71 -33.03
CA GLU E 276 78.13 -20.71 -32.02
C GLU E 276 77.09 -20.14 -31.05
N TYR E 277 76.36 -21.01 -30.38
CA TYR E 277 75.50 -20.58 -29.27
C TYR E 277 76.23 -20.60 -27.93
N PRO E 278 75.82 -19.71 -27.00
CA PRO E 278 76.38 -19.69 -25.64
C PRO E 278 75.84 -20.84 -24.80
N VAL E 279 76.75 -21.63 -24.23
CA VAL E 279 76.38 -22.89 -23.59
C VAL E 279 75.70 -22.66 -22.22
N ASP E 280 76.03 -21.54 -21.59
CA ASP E 280 75.40 -21.13 -20.34
C ASP E 280 73.90 -20.90 -20.50
N MET E 281 73.48 -20.47 -21.69
CA MET E 281 72.07 -20.29 -21.98
C MET E 281 71.36 -21.58 -22.44
N MET E 282 72.07 -22.41 -23.19
CA MET E 282 71.59 -23.75 -23.55
C MET E 282 71.20 -24.60 -22.35
N ASN E 283 72.07 -24.64 -21.34
CA ASN E 283 71.79 -25.33 -20.09
C ASN E 283 70.59 -24.76 -19.34
N LEU E 284 70.47 -23.45 -19.33
CA LEU E 284 69.34 -22.79 -18.68
C LEU E 284 68.03 -23.06 -19.43
N PHE E 285 68.10 -23.06 -20.75
CA PHE E 285 66.94 -23.41 -21.58
C PHE E 285 66.64 -24.90 -21.58
N SER E 286 67.53 -25.71 -21.03
CA SER E 286 67.25 -27.14 -20.93
C SER E 286 66.16 -27.51 -19.91
N LYS E 287 65.59 -26.52 -19.24
CA LYS E 287 64.36 -26.75 -18.47
C LYS E 287 63.15 -26.93 -19.38
N TYR E 288 63.22 -26.32 -20.56
CA TYR E 288 62.18 -26.48 -21.57
C TYR E 288 62.67 -27.16 -22.84
N VAL E 289 63.95 -26.95 -23.19
CA VAL E 289 64.46 -27.45 -24.45
C VAL E 289 65.37 -28.65 -24.22
N HIS E 290 64.90 -29.80 -24.70
CA HIS E 290 65.50 -31.10 -24.42
C HIS E 290 66.14 -31.73 -25.65
N ASN E 291 66.18 -30.96 -26.73
CA ASN E 291 66.89 -31.38 -27.93
C ASN E 291 67.28 -30.17 -28.77
N PHE E 292 68.49 -30.26 -29.34
CA PHE E 292 69.05 -29.27 -30.23
C PHE E 292 69.27 -29.76 -31.66
N ASP E 293 68.43 -30.70 -32.09
CA ASP E 293 68.54 -31.23 -33.44
C ASP E 293 68.16 -30.20 -34.50
N PHE E 294 67.43 -29.17 -34.10
CA PHE E 294 67.20 -28.03 -34.98
C PHE E 294 68.48 -27.35 -35.46
N ILE E 295 69.56 -27.44 -34.68
CA ILE E 295 70.87 -27.02 -35.18
C ILE E 295 71.50 -28.07 -36.10
N GLN E 296 71.32 -27.89 -37.40
CA GLN E 296 71.86 -28.84 -38.38
C GLN E 296 73.35 -28.60 -38.61
N SER E 297 74.04 -29.60 -39.16
CA SER E 297 75.46 -29.47 -39.47
C SER E 297 75.72 -28.44 -40.57
N GLY E 298 76.68 -27.55 -40.34
CA GLY E 298 76.98 -26.49 -41.29
C GLY E 298 76.18 -25.21 -41.14
N ASP E 299 75.20 -25.23 -40.25
CA ASP E 299 74.35 -24.06 -40.00
C ASP E 299 75.03 -22.85 -39.35
N MET E 300 75.75 -23.06 -38.25
CA MET E 300 76.36 -21.93 -37.56
C MET E 300 77.43 -21.16 -38.34
N GLU E 301 78.17 -21.84 -39.20
CA GLU E 301 79.11 -21.17 -40.10
C GLU E 301 78.46 -20.28 -41.17
N THR E 302 77.38 -20.79 -41.75
CA THR E 302 76.55 -20.04 -42.70
C THR E 302 75.91 -18.79 -42.09
N ILE E 303 75.28 -18.98 -40.93
CA ILE E 303 74.64 -17.91 -40.18
C ILE E 303 75.60 -16.73 -39.92
N SER E 304 76.85 -17.06 -39.61
CA SER E 304 77.83 -16.04 -39.27
C SER E 304 78.55 -15.44 -40.49
N THR E 305 78.03 -15.70 -41.69
CA THR E 305 78.65 -15.23 -42.93
C THR E 305 78.80 -13.70 -42.89
N ALA E 306 79.96 -13.21 -43.32
CA ALA E 306 80.30 -11.79 -43.19
C ALA E 306 79.29 -10.84 -43.84
N CYS E 307 79.02 -9.76 -43.12
CA CYS E 307 78.11 -8.70 -43.55
C CYS E 307 78.85 -7.36 -43.66
N ASP E 308 78.25 -6.40 -44.33
CA ASP E 308 78.91 -5.13 -44.57
C ASP E 308 78.80 -4.19 -43.37
N PHE E 309 77.65 -4.21 -42.71
CA PHE E 309 77.43 -3.39 -41.51
C PHE E 309 76.60 -4.14 -40.48
N PHE E 310 76.65 -3.67 -39.24
CA PHE E 310 75.80 -4.21 -38.19
C PHE E 310 74.75 -3.18 -37.74
N GLY E 311 73.48 -3.55 -37.81
CA GLY E 311 72.39 -2.70 -37.39
C GLY E 311 72.03 -2.88 -35.92
N ILE E 312 71.83 -1.76 -35.23
CA ILE E 312 71.45 -1.78 -33.81
C ILE E 312 70.23 -0.91 -33.52
N ASN E 313 69.18 -1.53 -33.00
CA ASN E 313 68.07 -0.81 -32.42
C ASN E 313 68.22 -0.64 -30.91
N PHE E 314 68.44 0.59 -30.47
CA PHE E 314 68.61 0.86 -29.05
C PHE E 314 67.51 1.77 -28.54
N TYR E 315 66.99 1.45 -27.35
CA TYR E 315 65.94 2.25 -26.74
C TYR E 315 66.26 2.54 -25.26
N SER E 316 66.70 1.50 -24.55
CA SER E 316 66.93 1.61 -23.11
C SER E 316 67.79 0.47 -22.57
N ARG E 317 68.18 0.60 -21.31
CA ARG E 317 68.78 -0.50 -20.55
C ARG E 317 67.72 -1.29 -19.78
N GLY E 318 68.13 -2.38 -19.16
CA GLY E 318 67.32 -3.03 -18.14
C GLY E 318 68.11 -3.43 -16.90
N ILE E 319 67.65 -2.97 -15.75
CA ILE E 319 68.16 -3.41 -14.44
C ILE E 319 67.43 -4.65 -13.92
N VAL E 320 68.18 -5.67 -13.53
CA VAL E 320 67.60 -6.92 -13.04
C VAL E 320 68.13 -7.30 -11.66
N GLU E 321 67.39 -8.15 -10.96
CA GLU E 321 67.87 -8.81 -9.76
C GLU E 321 67.53 -10.31 -9.77
N PHE E 322 68.08 -11.04 -8.81
CA PHE E 322 67.86 -12.48 -8.70
C PHE E 322 66.47 -12.88 -8.20
N ASN E 323 65.96 -13.98 -8.73
CA ASN E 323 64.74 -14.60 -8.22
C ASN E 323 64.88 -16.12 -8.19
N ALA E 324 64.79 -16.68 -6.99
CA ALA E 324 64.88 -18.14 -6.80
C ALA E 324 63.71 -18.90 -7.42
N ALA E 325 62.55 -18.27 -7.44
CA ALA E 325 61.33 -18.86 -7.97
C ALA E 325 61.22 -18.78 -9.49
N ASN E 326 62.10 -18.03 -10.12
CA ASN E 326 62.06 -17.88 -11.57
C ASN E 326 62.84 -18.98 -12.27
N ASP E 327 62.24 -19.53 -13.32
CA ASP E 327 62.88 -20.53 -14.17
C ASP E 327 64.22 -20.06 -14.75
N PHE E 328 64.29 -18.80 -15.17
CA PHE E 328 65.54 -18.26 -15.68
C PHE E 328 66.26 -17.44 -14.63
N LEU E 329 65.88 -17.62 -13.37
CA LEU E 329 66.63 -17.11 -12.22
C LEU E 329 66.71 -15.59 -12.17
N LYS E 330 65.77 -14.91 -12.82
CA LYS E 330 65.78 -13.45 -12.81
C LYS E 330 64.40 -12.79 -12.91
N ALA E 331 64.31 -11.61 -12.32
CA ALA E 331 63.14 -10.73 -12.44
C ALA E 331 63.60 -9.30 -12.63
N ASP E 332 62.68 -8.39 -12.95
CA ASP E 332 63.02 -6.99 -13.14
C ASP E 332 63.24 -6.29 -11.80
N ALA E 333 64.30 -5.49 -11.71
CA ALA E 333 64.55 -4.71 -10.50
C ALA E 333 64.01 -3.30 -10.60
N TYR E 334 63.88 -2.63 -9.45
CA TYR E 334 63.45 -1.23 -9.41
C TYR E 334 64.48 -0.24 -9.96
N SER E 335 64.04 0.62 -10.86
CA SER E 335 64.90 1.67 -11.41
C SER E 335 64.47 3.03 -10.86
N ASP E 336 65.45 3.81 -10.39
CA ASP E 336 65.18 5.19 -9.97
C ASP E 336 65.39 6.23 -11.07
N TYR E 337 65.73 5.75 -12.26
CA TYR E 337 66.02 6.61 -13.41
C TYR E 337 64.78 7.38 -13.90
N GLU E 338 65.01 8.47 -14.62
CA GLU E 338 63.95 9.14 -15.36
C GLU E 338 63.39 8.19 -16.41
N LYS E 339 62.08 8.23 -16.61
CA LYS E 339 61.42 7.21 -17.43
C LYS E 339 60.59 7.81 -18.56
N THR E 340 60.41 7.04 -19.64
CA THR E 340 59.57 7.48 -20.75
C THR E 340 58.09 7.19 -20.51
N GLY E 341 57.26 7.58 -21.47
CA GLY E 341 55.85 7.24 -21.45
C GLY E 341 55.58 5.75 -21.50
N MET E 342 56.58 4.99 -21.93
CA MET E 342 56.52 3.54 -21.89
C MET E 342 56.92 2.97 -20.52
N GLY E 343 57.38 3.84 -19.63
CA GLY E 343 57.99 3.38 -18.39
C GLY E 343 59.40 2.85 -18.58
N TRP E 344 60.01 3.16 -19.71
CA TRP E 344 61.37 2.72 -19.98
C TRP E 344 62.39 3.70 -19.42
N ASP E 345 63.50 3.17 -18.92
CA ASP E 345 64.61 3.99 -18.42
C ASP E 345 65.26 4.86 -19.48
N ILE E 346 65.65 6.07 -19.09
CA ILE E 346 66.45 6.94 -19.95
C ILE E 346 67.94 6.79 -19.67
N ALA E 347 68.68 6.22 -20.63
CA ALA E 347 69.99 5.66 -20.34
C ALA E 347 71.05 5.92 -21.42
N PRO E 348 71.35 7.21 -21.71
CA PRO E 348 72.35 7.49 -22.75
C PRO E 348 73.79 7.14 -22.37
N ASN E 349 74.11 7.21 -21.07
CA ASN E 349 75.42 6.82 -20.57
C ASN E 349 75.70 5.32 -20.68
N GLU E 350 74.67 4.52 -20.51
CA GLU E 350 74.73 3.07 -20.60
C GLU E 350 74.77 2.59 -22.06
N PHE E 351 74.20 3.41 -22.94
CA PHE E 351 74.34 3.23 -24.38
C PHE E 351 75.78 3.27 -24.89
N LYS E 352 76.64 4.08 -24.27
CA LYS E 352 78.05 4.13 -24.64
C LYS E 352 78.80 2.87 -24.22
N ASP E 353 78.47 2.34 -23.05
CA ASP E 353 79.02 1.08 -22.56
C ASP E 353 78.75 -0.09 -23.51
N LEU E 354 77.51 -0.23 -23.94
CA LEU E 354 77.07 -1.28 -24.85
C LEU E 354 77.84 -1.39 -26.17
N ILE E 355 78.03 -0.27 -26.85
CA ILE E 355 78.69 -0.27 -28.16
C ILE E 355 80.15 -0.72 -28.09
N ARG E 356 80.88 -0.25 -27.08
CA ARG E 356 82.25 -0.69 -26.84
C ARG E 356 82.35 -2.20 -26.59
N ARG E 357 81.41 -2.73 -25.81
CA ARG E 357 81.37 -4.15 -25.51
C ARG E 357 81.28 -4.94 -26.81
N LEU E 358 80.49 -4.44 -27.76
CA LEU E 358 80.38 -5.09 -29.05
C LEU E 358 81.74 -5.11 -29.77
N ARG E 359 82.45 -3.98 -29.74
CA ARG E 359 83.80 -3.90 -30.31
C ARG E 359 84.85 -4.73 -29.57
N ALA E 360 84.73 -4.78 -28.25
CA ALA E 360 85.62 -5.56 -27.40
C ALA E 360 85.44 -7.06 -27.60
N GLU E 361 84.19 -7.50 -27.66
CA GLU E 361 83.88 -8.92 -27.64
C GLU E 361 83.48 -9.51 -28.99
N TYR E 362 82.92 -8.71 -29.88
CA TYR E 362 82.18 -9.26 -31.02
C TYR E 362 82.64 -8.87 -32.42
N THR E 363 82.62 -7.57 -32.74
CA THR E 363 82.74 -7.13 -34.13
C THR E 363 83.44 -5.78 -34.30
N ASP E 364 84.19 -5.64 -35.39
CA ASP E 364 84.79 -4.36 -35.78
C ASP E 364 84.11 -3.78 -37.02
N LEU E 365 82.96 -4.36 -37.39
CA LEU E 365 82.14 -3.86 -38.49
C LEU E 365 81.50 -2.49 -38.19
N PRO E 366 81.19 -1.70 -39.25
CA PRO E 366 80.51 -0.41 -39.08
C PRO E 366 79.08 -0.52 -38.56
N ILE E 367 78.82 0.15 -37.44
CA ILE E 367 77.52 0.11 -36.77
C ILE E 367 76.53 1.17 -37.28
N TYR E 368 75.28 0.78 -37.51
CA TYR E 368 74.20 1.74 -37.78
C TYR E 368 73.11 1.66 -36.71
N ILE E 369 72.74 2.81 -36.16
CA ILE E 369 71.61 2.87 -35.24
C ILE E 369 70.29 2.95 -36.02
N THR E 370 69.78 1.79 -36.41
CA THR E 370 68.59 1.71 -37.28
C THR E 370 67.25 2.08 -36.63
N GLU E 371 67.18 2.07 -35.30
CA GLU E 371 66.05 2.67 -34.57
C GLU E 371 66.51 3.28 -33.24
N ASN E 372 66.15 4.54 -33.02
CA ASN E 372 66.17 5.12 -31.68
C ASN E 372 65.12 6.23 -31.49
N GLY E 373 64.40 6.17 -30.38
CA GLY E 373 63.33 7.12 -30.09
C GLY E 373 62.61 6.86 -28.78
N ALA E 374 61.51 7.59 -28.56
CA ALA E 374 60.82 7.54 -27.27
C ALA E 374 59.35 7.91 -27.37
N ALA E 375 58.56 7.39 -26.44
CA ALA E 375 57.15 7.74 -26.30
C ALA E 375 56.87 8.66 -25.11
N PHE E 376 56.02 9.65 -25.35
CA PHE E 376 55.63 10.61 -24.32
C PHE E 376 54.18 11.03 -24.54
N ASP E 377 53.55 11.55 -23.49
CA ASP E 377 52.13 11.88 -23.54
C ASP E 377 51.95 13.21 -24.28
N ASP E 378 51.91 13.14 -25.60
CA ASP E 378 51.87 14.32 -26.44
C ASP E 378 50.48 14.95 -26.45
N VAL E 379 50.39 16.18 -25.94
CA VAL E 379 49.16 16.94 -25.96
C VAL E 379 49.14 17.96 -27.10
N LEU E 380 48.08 17.87 -27.91
CA LEU E 380 47.82 18.84 -28.97
C LEU E 380 47.07 20.09 -28.51
N GLU E 381 47.72 21.24 -28.70
CA GLU E 381 47.18 22.52 -28.29
C GLU E 381 47.41 23.53 -29.42
N ASN E 382 46.33 24.15 -29.87
CA ASN E 382 46.35 25.23 -30.86
C ASN E 382 47.20 24.83 -32.08
N GLY E 383 47.02 23.58 -32.52
CA GLY E 383 47.71 23.05 -33.67
C GLY E 383 49.18 22.73 -33.50
N GLU E 384 49.66 22.70 -32.26
CA GLU E 384 51.07 22.38 -32.00
C GLU E 384 51.26 21.43 -30.83
N VAL E 385 52.35 20.67 -30.85
CA VAL E 385 52.76 19.83 -29.71
C VAL E 385 54.15 20.23 -29.21
N HIS E 386 54.18 20.84 -28.03
CA HIS E 386 55.44 21.28 -27.44
C HIS E 386 56.05 20.12 -26.64
N ASP E 387 56.71 19.23 -27.36
CA ASP E 387 57.34 18.01 -26.80
C ASP E 387 58.87 18.12 -26.63
N ASP E 388 59.29 19.08 -25.81
CA ASP E 388 60.70 19.26 -25.46
C ASP E 388 61.30 17.99 -24.83
N ASN E 389 60.51 17.28 -24.03
CA ASN E 389 60.91 16.00 -23.45
C ASN E 389 61.41 14.99 -24.48
N ARG E 390 60.71 14.90 -25.62
CA ARG E 390 61.13 14.04 -26.73
C ARG E 390 62.40 14.52 -27.41
N ILE E 391 62.50 15.83 -27.58
CA ILE E 391 63.69 16.48 -28.13
C ILE E 391 64.93 16.14 -27.30
N ASP E 392 64.79 16.29 -25.98
CA ASP E 392 65.85 15.94 -25.04
C ASP E 392 66.37 14.51 -25.22
N TYR E 393 65.47 13.53 -25.32
CA TYR E 393 65.92 12.15 -25.49
C TYR E 393 66.78 11.97 -26.74
N VAL E 394 66.31 12.41 -27.89
CA VAL E 394 67.07 12.27 -29.12
C VAL E 394 68.37 13.08 -29.09
N ARG E 395 68.29 14.31 -28.58
CA ARG E 395 69.44 15.21 -28.48
C ARG E 395 70.58 14.67 -27.61
N GLN E 396 70.20 14.10 -26.47
CA GLN E 396 71.16 13.47 -25.56
C GLN E 396 71.89 12.27 -26.17
N HIS E 397 71.17 11.49 -26.97
CA HIS E 397 71.71 10.31 -27.64
C HIS E 397 72.54 10.60 -28.89
N LEU E 398 72.20 11.67 -29.61
CA LEU E 398 73.03 12.14 -30.70
C LEU E 398 74.35 12.71 -30.18
N GLU E 399 74.30 13.36 -29.01
CA GLU E 399 75.52 13.84 -28.37
C GLU E 399 76.42 12.67 -27.97
N ALA E 400 75.81 11.62 -27.43
CA ALA E 400 76.52 10.37 -27.15
C ALA E 400 77.16 9.79 -28.40
N VAL E 401 76.38 9.70 -29.49
CA VAL E 401 76.86 9.20 -30.77
C VAL E 401 78.09 9.98 -31.22
N SER E 402 77.96 11.30 -31.17
CA SER E 402 79.04 12.23 -31.52
C SER E 402 80.29 12.01 -30.67
N ASP E 403 80.10 11.75 -29.39
CA ASP E 403 81.20 11.45 -28.48
C ASP E 403 81.82 10.09 -28.80
N LEU E 404 80.98 9.17 -29.25
CA LEU E 404 81.40 7.83 -29.68
C LEU E 404 82.17 7.79 -31.02
N ASN E 405 81.72 8.56 -32.00
CA ASN E 405 82.44 8.63 -33.28
C ASN E 405 83.81 9.30 -33.14
N ASP E 406 83.93 10.12 -32.10
CA ASP E 406 85.20 10.65 -31.63
C ASP E 406 86.14 9.59 -31.06
N GLU E 407 85.59 8.47 -30.58
CA GLU E 407 86.44 7.39 -30.09
C GLU E 407 86.78 6.32 -31.12
N GLY E 408 86.42 6.56 -32.38
CA GLY E 408 86.74 5.62 -33.44
C GLY E 408 85.82 4.41 -33.38
N MET E 409 84.64 4.61 -32.81
CA MET E 409 83.70 3.52 -32.63
C MET E 409 82.92 3.28 -33.90
N ASN E 410 83.12 4.18 -34.84
CA ASN E 410 82.67 4.05 -36.22
C ASN E 410 81.17 3.80 -36.34
N ILE E 411 80.38 4.64 -35.70
CA ILE E 411 78.95 4.68 -35.96
C ILE E 411 78.71 5.64 -37.13
N GLN E 412 78.45 5.11 -38.32
CA GLN E 412 78.34 5.96 -39.49
C GLN E 412 76.96 6.63 -39.63
N GLY E 413 75.94 6.10 -38.95
CA GLY E 413 74.61 6.66 -39.10
C GLY E 413 73.59 6.45 -38.00
N TYR E 414 72.48 7.17 -38.12
CA TYR E 414 71.37 7.19 -37.17
C TYR E 414 70.00 7.39 -37.80
N TYR E 415 69.12 6.41 -37.62
CA TYR E 415 67.73 6.55 -38.06
C TYR E 415 66.82 6.76 -36.85
N LEU E 416 66.05 7.85 -36.86
CA LEU E 416 65.14 8.14 -35.76
C LEU E 416 63.82 7.39 -35.93
N TRP E 417 63.49 6.56 -34.94
CA TRP E 417 62.20 5.89 -34.87
C TRP E 417 61.22 6.70 -34.03
N SER E 418 60.06 7.06 -34.58
CA SER E 418 59.67 6.76 -35.96
C SER E 418 59.28 8.04 -36.68
N LEU E 419 59.13 7.97 -37.99
CA LEU E 419 58.69 9.12 -38.77
C LEU E 419 57.29 9.58 -38.40
N MET E 420 56.34 8.65 -38.41
CA MET E 420 54.95 8.97 -38.10
C MET E 420 54.51 8.27 -36.83
N ASP E 421 53.55 8.87 -36.12
CA ASP E 421 52.81 8.14 -35.12
C ASP E 421 52.06 7.01 -35.82
N ASN E 422 52.28 5.79 -35.34
CA ASN E 422 51.82 4.60 -36.02
C ASN E 422 51.21 3.57 -35.07
N PHE E 423 50.75 2.47 -35.63
CA PHE E 423 50.33 1.33 -34.82
C PHE E 423 51.52 0.72 -34.08
N GLU E 424 51.51 0.90 -32.76
CA GLU E 424 52.63 0.45 -31.93
C GLU E 424 52.35 -0.91 -31.31
N TRP E 425 51.99 -1.86 -32.17
CA TRP E 425 51.86 -3.26 -31.76
C TRP E 425 50.83 -3.48 -30.64
N SER E 426 51.24 -4.12 -29.55
CA SER E 426 50.30 -4.44 -28.48
C SER E 426 49.72 -3.22 -27.74
N PHE E 427 50.40 -2.09 -27.80
CA PHE E 427 49.86 -0.84 -27.25
C PHE E 427 48.87 -0.12 -28.18
N GLY E 428 48.80 -0.58 -29.42
CA GLY E 428 47.88 -0.02 -30.39
C GLY E 428 48.20 1.42 -30.76
N TYR E 429 47.18 2.26 -30.87
CA TYR E 429 47.40 3.70 -31.07
C TYR E 429 47.44 4.52 -29.77
N GLU E 430 47.60 3.84 -28.64
CA GLU E 430 47.77 4.52 -27.36
C GLU E 430 49.18 5.11 -27.14
N LYS E 431 50.15 4.66 -27.93
CA LYS E 431 51.53 5.13 -27.77
C LYS E 431 52.06 5.72 -29.07
N ARG E 432 52.77 6.83 -28.92
CA ARG E 432 53.26 7.61 -30.05
C ARG E 432 54.78 7.73 -30.09
N PHE E 433 55.42 7.07 -31.05
CA PHE E 433 56.87 7.15 -31.19
C PHE E 433 57.28 8.17 -32.25
N GLY E 434 56.31 8.60 -33.06
CA GLY E 434 56.56 9.41 -34.24
C GLY E 434 57.10 10.80 -33.96
N ILE E 435 57.84 11.35 -34.92
CA ILE E 435 58.13 12.77 -34.93
C ILE E 435 57.04 13.57 -35.64
N LEU E 436 56.23 12.88 -36.45
CA LEU E 436 55.06 13.50 -37.06
C LEU E 436 53.77 12.94 -36.48
N TYR E 437 52.96 13.83 -35.91
CA TYR E 437 51.67 13.47 -35.33
C TYR E 437 50.69 13.02 -36.42
N ILE E 438 49.85 12.05 -36.09
CA ILE E 438 48.84 11.54 -37.01
C ILE E 438 47.45 11.50 -36.36
N ASP E 439 46.54 12.32 -36.87
CA ASP E 439 45.12 12.18 -36.50
C ASP E 439 44.54 11.01 -37.28
N PHE E 440 44.25 9.93 -36.57
CA PHE E 440 43.79 8.68 -37.16
C PHE E 440 42.33 8.78 -37.63
N GLU E 441 41.89 9.98 -37.94
CA GLU E 441 40.61 10.24 -38.59
C GLU E 441 40.78 10.92 -39.95
N THR E 442 41.43 12.07 -39.97
CA THR E 442 41.53 12.86 -41.19
C THR E 442 42.81 12.57 -41.97
N GLN E 443 43.73 11.83 -41.36
CA GLN E 443 45.06 11.59 -41.93
C GLN E 443 45.92 12.84 -42.12
N GLU E 444 45.64 13.89 -41.36
CA GLU E 444 46.44 15.11 -41.46
C GLU E 444 47.81 14.90 -40.83
N ARG E 445 48.86 15.19 -41.60
CA ARG E 445 50.22 15.24 -41.06
C ARG E 445 50.52 16.60 -40.45
N ILE E 446 51.02 16.58 -39.21
CA ILE E 446 51.47 17.77 -38.52
C ILE E 446 52.83 17.47 -37.89
N TRP E 447 53.85 18.24 -38.27
CA TRP E 447 55.21 18.07 -37.77
C TRP E 447 55.44 18.20 -36.25
N LYS E 448 54.73 19.08 -35.56
CA LYS E 448 54.82 19.17 -34.09
C LYS E 448 56.25 19.34 -33.56
N ASP E 449 56.80 20.53 -33.81
CA ASP E 449 58.11 20.99 -33.32
C ASP E 449 59.29 20.01 -33.26
N SER E 450 59.06 18.73 -32.98
CA SER E 450 60.15 17.76 -32.96
C SER E 450 60.78 17.54 -34.35
N ALA E 451 59.92 17.53 -35.35
CA ALA E 451 60.32 17.36 -36.75
C ALA E 451 61.18 18.49 -37.31
N LYS E 452 60.75 19.73 -37.07
CA LYS E 452 61.53 20.91 -37.44
C LYS E 452 62.91 20.95 -36.79
N TRP E 453 62.98 20.66 -35.50
CA TRP E 453 64.25 20.62 -34.78
C TRP E 453 65.23 19.61 -35.39
N TYR E 454 64.72 18.40 -35.67
CA TYR E 454 65.56 17.34 -36.24
C TYR E 454 66.04 17.73 -37.64
N ALA E 455 65.12 18.28 -38.43
CA ALA E 455 65.43 18.81 -39.75
C ALA E 455 66.48 19.90 -39.67
N GLY E 456 66.41 20.70 -38.61
CA GLY E 456 67.39 21.73 -38.32
C GLY E 456 68.73 21.23 -37.83
N VAL E 457 68.73 20.10 -37.12
CA VAL E 457 69.98 19.44 -36.74
C VAL E 457 70.70 19.04 -38.03
N ILE E 458 69.96 18.43 -38.95
CA ILE E 458 70.48 18.03 -40.24
C ILE E 458 70.99 19.27 -40.97
N ALA E 459 70.13 20.27 -41.06
CA ALA E 459 70.42 21.57 -41.67
C ALA E 459 71.69 22.22 -41.14
N ASP E 460 71.90 22.14 -39.83
CA ASP E 460 73.13 22.67 -39.23
C ASP E 460 74.32 21.74 -39.48
N HIS E 461 74.06 20.47 -39.77
CA HIS E 461 75.14 19.50 -39.93
C HIS E 461 75.73 19.70 -41.32
N LYS E 462 74.92 20.22 -42.23
CA LYS E 462 75.34 20.50 -43.60
C LYS E 462 76.18 21.77 -43.67
N ALA E 463 75.98 22.65 -42.70
CA ALA E 463 76.65 23.96 -42.69
C ALA E 463 78.16 23.84 -42.51
N LYS E 464 78.61 22.69 -42.03
CA LYS E 464 80.03 22.48 -41.76
C LYS E 464 80.71 21.70 -42.88
N HIS E 465 80.56 22.18 -44.12
CA HIS E 465 81.20 21.54 -45.27
C HIS E 465 81.48 22.57 -46.37
N ALA E 466 82.33 22.18 -47.33
CA ALA E 466 82.67 23.06 -48.44
C ALA E 466 81.57 23.05 -49.50
N ASP E 467 81.80 23.78 -50.60
CA ASP E 467 80.83 23.85 -51.69
C ASP E 467 80.61 22.47 -52.31
N MET F 22 111.35 -44.30 -18.75
CA MET F 22 112.59 -43.84 -19.33
C MET F 22 112.61 -42.33 -19.50
N HIS F 23 113.80 -41.76 -19.65
CA HIS F 23 113.98 -40.34 -19.95
C HIS F 23 113.37 -39.43 -18.89
N PHE F 24 113.94 -39.46 -17.69
CA PHE F 24 113.44 -38.65 -16.57
C PHE F 24 114.56 -37.76 -16.03
N LYS F 25 114.21 -36.55 -15.60
CA LYS F 25 115.21 -35.63 -15.05
C LYS F 25 115.68 -36.08 -13.68
N LYS F 26 116.84 -35.59 -13.26
CA LYS F 26 117.44 -35.96 -11.98
C LYS F 26 116.67 -35.54 -10.73
N ASP F 27 116.03 -34.38 -10.78
CA ASP F 27 115.28 -33.88 -9.64
C ASP F 27 113.87 -34.48 -9.55
N PHE F 28 113.46 -35.18 -10.60
CA PHE F 28 112.17 -35.85 -10.63
C PHE F 28 112.04 -36.84 -9.46
N VAL F 29 110.99 -36.68 -8.66
CA VAL F 29 110.75 -37.57 -7.53
C VAL F 29 109.76 -38.69 -7.89
N PHE F 30 110.14 -39.91 -7.54
CA PHE F 30 109.21 -41.04 -7.57
C PHE F 30 108.65 -41.30 -6.17
N GLY F 31 107.36 -41.63 -6.11
CA GLY F 31 106.70 -41.90 -4.86
C GLY F 31 105.62 -42.96 -4.87
N THR F 32 105.05 -43.21 -3.70
CA THR F 32 103.87 -44.05 -3.55
C THR F 32 102.93 -43.42 -2.52
N ALA F 33 101.68 -43.89 -2.47
CA ALA F 33 100.66 -43.20 -1.69
C ALA F 33 99.62 -44.14 -1.09
N THR F 34 99.15 -43.78 0.10
CA THR F 34 98.07 -44.49 0.80
C THR F 34 97.12 -43.49 1.47
N SER F 35 96.05 -44.00 2.08
CA SER F 35 95.21 -43.18 2.96
C SER F 35 94.86 -43.88 4.27
N SER F 36 94.62 -43.08 5.29
CA SER F 36 94.44 -43.57 6.66
C SER F 36 93.37 -44.65 6.86
N TYR F 37 92.13 -44.32 6.54
CA TYR F 37 91.02 -45.26 6.77
C TYR F 37 91.14 -46.56 5.98
N GLN F 38 91.74 -46.46 4.80
CA GLN F 38 91.94 -47.61 3.93
C GLN F 38 92.94 -48.61 4.50
N ILE F 39 93.91 -48.14 5.29
CA ILE F 39 94.95 -49.02 5.78
C ILE F 39 95.02 -49.16 7.31
N GLU F 40 94.66 -48.11 8.06
CA GLU F 40 95.03 -48.05 9.47
C GLU F 40 94.36 -49.13 10.32
N GLY F 41 93.06 -49.35 10.12
CA GLY F 41 92.36 -50.22 11.05
C GLY F 41 92.31 -49.56 12.42
N ALA F 42 92.40 -50.40 13.46
CA ALA F 42 92.39 -49.96 14.86
C ALA F 42 91.36 -48.90 15.21
N HIS F 43 90.11 -49.20 14.88
CA HIS F 43 89.01 -48.24 14.93
C HIS F 43 88.65 -47.85 16.39
N ASN F 44 88.93 -48.70 17.39
CA ASN F 44 88.62 -48.28 18.78
C ASN F 44 89.80 -48.05 19.70
N GLU F 45 91.03 -47.97 19.19
CA GLU F 45 92.16 -47.75 20.08
C GLU F 45 92.65 -46.31 19.94
N GLY F 46 93.29 -45.83 20.99
CA GLY F 46 93.82 -44.48 21.04
C GLY F 46 92.81 -43.35 21.08
N GLY F 47 91.60 -43.61 21.56
CA GLY F 47 90.58 -42.59 21.55
C GLY F 47 89.88 -42.33 20.23
N ARG F 48 90.12 -43.14 19.21
CA ARG F 48 89.51 -42.89 17.90
C ARG F 48 88.01 -43.18 17.99
N THR F 49 87.23 -42.23 17.46
CA THR F 49 85.77 -42.34 17.38
C THR F 49 85.28 -42.52 15.94
N PRO F 50 84.02 -42.97 15.76
CA PRO F 50 83.59 -43.33 14.40
C PRO F 50 83.54 -42.14 13.44
N SER F 51 83.94 -42.39 12.19
CA SER F 51 83.78 -41.44 11.11
C SER F 51 82.49 -41.68 10.33
N ILE F 52 82.19 -40.76 9.43
CA ILE F 52 81.07 -40.90 8.48
C ILE F 52 81.11 -42.22 7.71
N TRP F 53 82.30 -42.71 7.39
CA TRP F 53 82.45 -43.96 6.64
C TRP F 53 82.03 -45.16 7.49
N ASP F 54 82.32 -45.10 8.79
CA ASP F 54 81.87 -46.13 9.73
C ASP F 54 80.34 -46.26 9.69
N MET F 55 79.64 -45.14 9.77
CA MET F 55 78.19 -45.11 9.67
C MET F 55 77.71 -45.51 8.28
N PHE F 56 78.46 -45.08 7.27
CA PHE F 56 78.19 -45.42 5.88
C PHE F 56 78.29 -46.92 5.57
N CYS F 57 79.27 -47.58 6.17
CA CYS F 57 79.41 -49.03 6.09
C CYS F 57 78.24 -49.84 6.66
N ASP F 58 77.65 -49.37 7.75
CA ASP F 58 76.50 -50.03 8.35
C ASP F 58 75.18 -49.87 7.57
N ILE F 59 75.09 -48.85 6.73
CA ILE F 59 73.88 -48.65 5.95
C ILE F 59 73.77 -49.67 4.81
N ASP F 60 72.65 -50.37 4.80
CA ASP F 60 72.36 -51.49 3.90
C ASP F 60 72.45 -51.21 2.40
N GLY F 61 73.15 -52.08 1.67
CA GLY F 61 73.24 -51.98 0.23
C GLY F 61 74.23 -51.00 -0.37
N ARG F 62 75.08 -50.44 0.48
CA ARG F 62 76.03 -49.40 0.06
C ARG F 62 77.42 -49.94 -0.28
N VAL F 63 77.90 -50.89 0.50
CA VAL F 63 79.24 -51.44 0.27
C VAL F 63 79.15 -52.95 0.05
N PHE F 64 80.04 -53.48 -0.81
CA PHE F 64 80.11 -54.91 -1.08
C PHE F 64 80.12 -55.74 0.21
N GLU F 65 79.11 -56.58 0.33
CA GLU F 65 78.94 -57.53 1.43
C GLU F 65 79.18 -56.94 2.82
N LYS F 66 78.77 -55.69 3.03
CA LYS F 66 78.95 -55.03 4.32
C LYS F 66 80.40 -54.97 4.83
N HIS F 67 81.36 -55.01 3.91
CA HIS F 67 82.78 -55.01 4.26
C HIS F 67 83.21 -53.66 4.84
N ASN F 68 84.21 -53.70 5.72
CA ASN F 68 84.65 -52.50 6.44
C ASN F 68 86.15 -52.39 6.71
N GLY F 69 86.53 -51.24 7.27
CA GLY F 69 87.90 -50.94 7.65
C GLY F 69 88.24 -51.15 9.11
N ASP F 70 87.60 -52.14 9.74
CA ASP F 70 87.89 -52.51 11.12
C ASP F 70 89.37 -52.85 11.30
N VAL F 71 89.87 -53.76 10.46
CA VAL F 71 91.25 -54.20 10.51
C VAL F 71 92.10 -53.60 9.39
N ALA F 72 91.61 -53.74 8.16
CA ALA F 72 92.27 -53.23 6.97
C ALA F 72 93.68 -53.80 6.84
N CYS F 73 94.69 -52.94 6.75
CA CYS F 73 96.04 -53.46 6.73
C CYS F 73 96.69 -53.45 8.11
N ASP F 74 95.90 -53.18 9.14
CA ASP F 74 96.37 -53.16 10.54
C ASP F 74 97.62 -52.29 10.65
N HIS F 75 97.68 -51.24 9.84
CA HIS F 75 98.89 -50.44 9.68
C HIS F 75 99.20 -49.61 10.91
N TYR F 76 98.17 -49.30 11.69
CA TYR F 76 98.37 -48.61 12.95
C TYR F 76 99.30 -49.34 13.91
N HIS F 77 99.20 -50.67 13.97
CA HIS F 77 100.14 -51.43 14.82
C HIS F 77 101.47 -51.81 14.15
N ARG F 78 101.40 -52.30 12.91
CA ARG F 78 102.57 -52.86 12.22
C ARG F 78 103.25 -51.90 11.24
N TYR F 79 103.16 -50.60 11.50
CA TYR F 79 103.70 -49.57 10.61
C TYR F 79 105.23 -49.58 10.36
N GLU F 80 106.01 -49.93 11.37
CA GLU F 80 107.48 -49.98 11.24
C GLU F 80 108.00 -50.99 10.21
N GLU F 81 107.44 -52.20 10.24
CA GLU F 81 107.72 -53.28 9.28
C GLU F 81 107.53 -52.87 7.81
N ASP F 82 106.46 -52.14 7.52
CA ASP F 82 106.13 -51.70 6.17
C ASP F 82 107.10 -50.64 5.63
N ILE F 83 107.68 -49.83 6.52
CA ILE F 83 108.75 -48.91 6.13
C ILE F 83 109.97 -49.57 5.48
N GLN F 84 110.43 -50.72 5.99
CA GLN F 84 111.55 -51.43 5.33
C GLN F 84 111.14 -51.87 3.93
N HIS F 85 109.91 -52.34 3.78
CA HIS F 85 109.39 -52.68 2.46
C HIS F 85 109.43 -51.42 1.60
N ILE F 86 109.10 -50.28 2.18
CA ILE F 86 109.13 -49.01 1.48
C ILE F 86 110.59 -48.64 1.18
N LYS F 87 111.44 -48.83 2.19
CA LYS F 87 112.89 -48.67 2.05
C LYS F 87 113.50 -49.51 0.95
N LYS F 88 113.16 -50.80 0.92
CA LYS F 88 113.70 -51.71 -0.08
C LYS F 88 113.29 -51.35 -1.50
N LEU F 89 112.09 -50.80 -1.67
CA LEU F 89 111.68 -50.30 -2.97
C LEU F 89 112.57 -49.15 -3.45
N GLY F 90 113.11 -48.39 -2.51
CA GLY F 90 114.01 -47.29 -2.84
C GLY F 90 113.30 -46.00 -3.23
N VAL F 91 112.00 -45.94 -2.98
CA VAL F 91 111.22 -44.74 -3.29
C VAL F 91 111.73 -43.52 -2.54
N ASP F 92 111.73 -42.38 -3.25
CA ASP F 92 112.07 -41.10 -2.64
C ASP F 92 111.03 -40.62 -1.64
N THR F 93 109.76 -40.91 -1.91
CA THR F 93 108.67 -40.34 -1.13
C THR F 93 107.54 -41.31 -0.82
N TYR F 94 107.04 -41.24 0.43
CA TYR F 94 105.84 -41.96 0.82
C TYR F 94 104.72 -40.97 1.15
N ARG F 95 103.57 -41.14 0.51
CA ARG F 95 102.42 -40.27 0.76
C ARG F 95 101.34 -40.97 1.59
N PHE F 96 101.05 -40.45 2.77
CA PHE F 96 99.97 -40.98 3.59
C PHE F 96 99.01 -39.88 4.04
N SER F 97 97.89 -40.28 4.62
CA SER F 97 96.91 -39.34 5.15
C SER F 97 96.76 -39.47 6.67
N ILE F 98 96.32 -38.38 7.30
CA ILE F 98 96.05 -38.39 8.74
C ILE F 98 94.55 -38.59 9.02
N ALA F 99 94.26 -39.49 9.95
CA ALA F 99 92.89 -39.73 10.40
C ALA F 99 92.42 -38.65 11.36
N TRP F 100 91.53 -37.79 10.86
CA TRP F 100 90.88 -36.74 11.64
C TRP F 100 90.18 -37.23 12.94
N PRO F 101 89.40 -38.33 12.87
CA PRO F 101 88.80 -38.80 14.13
C PRO F 101 89.80 -39.34 15.18
N ARG F 102 91.06 -39.50 14.81
CA ARG F 102 92.10 -39.77 15.81
C ARG F 102 92.56 -38.49 16.50
N ILE F 103 92.64 -37.40 15.74
CA ILE F 103 93.18 -36.14 16.25
C ILE F 103 92.11 -35.36 17.03
N PHE F 104 90.92 -35.25 16.46
CA PHE F 104 89.79 -34.66 17.17
C PHE F 104 88.62 -35.63 17.27
N PRO F 105 88.70 -36.61 18.21
CA PRO F 105 87.57 -37.52 18.36
C PRO F 105 86.29 -36.83 18.84
N ALA F 106 86.45 -35.71 19.56
CA ALA F 106 85.35 -34.81 19.85
C ALA F 106 85.73 -33.37 19.59
N LYS F 107 84.74 -32.49 19.44
CA LYS F 107 84.98 -31.09 19.16
C LYS F 107 85.74 -30.48 20.33
N GLY F 108 86.92 -29.90 20.08
CA GLY F 108 87.65 -29.28 21.18
C GLY F 108 88.33 -30.29 22.09
N GLU F 109 88.31 -31.56 21.71
CA GLU F 109 88.88 -32.63 22.53
C GLU F 109 90.12 -33.23 21.86
N TYR F 110 91.26 -32.68 22.26
CA TYR F 110 92.58 -33.07 21.77
C TYR F 110 93.06 -34.47 22.16
N ASN F 111 93.77 -35.13 21.25
CA ASN F 111 94.22 -36.50 21.50
C ASN F 111 95.74 -36.55 21.35
N PRO F 112 96.48 -36.44 22.46
CA PRO F 112 97.94 -36.42 22.27
C PRO F 112 98.50 -37.75 21.76
N GLU F 113 97.85 -38.85 22.13
CA GLU F 113 98.19 -40.19 21.65
C GLU F 113 98.12 -40.35 20.13
N GLY F 114 97.05 -39.81 19.56
CA GLY F 114 96.88 -39.79 18.12
C GLY F 114 97.92 -39.02 17.34
N MET F 115 98.31 -37.86 17.86
CA MET F 115 99.33 -37.05 17.21
C MET F 115 100.68 -37.75 17.31
N ALA F 116 100.92 -38.41 18.45
CA ALA F 116 102.16 -39.14 18.68
C ALA F 116 102.43 -40.20 17.61
N PHE F 117 101.40 -40.93 17.21
CA PHE F 117 101.51 -41.94 16.16
C PHE F 117 102.07 -41.39 14.86
N TYR F 118 101.48 -40.31 14.39
CA TYR F 118 101.92 -39.66 13.15
C TYR F 118 103.27 -38.95 13.26
N LYS F 119 103.56 -38.42 14.46
CA LYS F 119 104.88 -37.85 14.73
C LYS F 119 106.06 -38.82 14.66
N ASN F 120 105.97 -39.96 15.35
CA ASN F 120 107.01 -40.99 15.25
C ASN F 120 107.21 -41.43 13.78
N LEU F 121 106.11 -41.73 13.11
CA LEU F 121 106.11 -42.19 11.73
C LEU F 121 106.85 -41.23 10.79
N ALA F 122 106.54 -39.95 10.89
CA ALA F 122 107.18 -38.93 10.06
C ALA F 122 108.67 -38.84 10.42
N LEU F 123 108.95 -38.94 11.71
CA LEU F 123 110.32 -38.97 12.22
C LEU F 123 111.08 -40.19 11.69
N ARG F 124 110.45 -41.37 11.77
CA ARG F 124 111.03 -42.60 11.25
C ARG F 124 111.35 -42.49 9.76
N LEU F 125 110.47 -41.85 9.00
CA LEU F 125 110.67 -41.63 7.57
C LEU F 125 111.86 -40.71 7.29
N ARG F 126 112.07 -39.72 8.15
CA ARG F 126 113.23 -38.84 8.07
C ARG F 126 114.53 -39.59 8.32
N GLU F 127 114.50 -40.52 9.27
CA GLU F 127 115.66 -41.36 9.55
C GLU F 127 116.03 -42.19 8.33
N GLU F 128 115.02 -42.68 7.61
CA GLU F 128 115.26 -43.43 6.39
C GLU F 128 115.42 -42.52 5.16
N GLY F 129 115.52 -41.22 5.40
CA GLY F 129 115.76 -40.26 4.33
C GLY F 129 114.55 -39.95 3.47
N ILE F 130 113.57 -40.86 3.47
CA ILE F 130 112.40 -40.75 2.63
C ILE F 130 111.47 -39.61 3.06
N LYS F 131 111.12 -38.74 2.10
CA LYS F 131 110.26 -37.59 2.37
C LYS F 131 108.79 -37.97 2.50
N PRO F 132 108.19 -37.67 3.67
CA PRO F 132 106.77 -37.91 3.97
C PRO F 132 105.88 -36.80 3.43
N ALA F 133 104.95 -37.18 2.56
CA ALA F 133 103.93 -36.28 2.01
C ALA F 133 102.56 -36.57 2.62
N VAL F 134 102.04 -35.60 3.36
CA VAL F 134 100.89 -35.83 4.21
C VAL F 134 99.62 -35.12 3.73
N THR F 135 98.57 -35.92 3.52
CA THR F 135 97.25 -35.42 3.18
C THR F 135 96.46 -35.20 4.46
N ILE F 136 95.90 -34.01 4.62
CA ILE F 136 95.13 -33.66 5.80
C ILE F 136 93.73 -34.25 5.75
N TYR F 137 93.03 -34.06 4.63
CA TYR F 137 91.68 -34.59 4.48
C TYR F 137 91.59 -35.63 3.38
N HIS F 138 91.37 -36.88 3.77
CA HIS F 138 91.09 -37.94 2.80
C HIS F 138 89.74 -38.62 3.12
N TRP F 139 88.71 -37.77 3.25
CA TRP F 139 87.28 -38.15 3.24
C TRP F 139 86.77 -38.65 4.59
N ASP F 140 87.63 -38.69 5.60
CA ASP F 140 87.22 -39.30 6.85
C ASP F 140 86.74 -38.27 7.86
N LEU F 141 85.59 -37.66 7.57
CA LEU F 141 85.00 -36.66 8.45
C LEU F 141 84.43 -37.30 9.70
N PRO F 142 84.72 -36.73 10.88
CA PRO F 142 84.16 -37.32 12.10
C PRO F 142 82.64 -37.19 12.17
N MET F 143 81.98 -38.19 12.76
CA MET F 143 80.53 -38.23 12.88
C MET F 143 79.88 -37.11 13.70
N TRP F 144 80.59 -36.60 14.71
CA TRP F 144 80.09 -35.44 15.46
C TRP F 144 79.94 -34.20 14.59
N ALA F 145 80.84 -34.03 13.63
CA ALA F 145 80.76 -32.92 12.69
C ALA F 145 79.60 -33.13 11.72
N HIS F 146 79.47 -34.36 11.21
CA HIS F 146 78.34 -34.76 10.38
C HIS F 146 76.99 -34.51 11.04
N GLU F 147 76.88 -34.84 12.32
CA GLU F 147 75.62 -34.69 13.06
C GLU F 147 75.21 -33.23 13.24
N GLU F 148 76.17 -32.32 13.07
CA GLU F 148 75.88 -30.89 13.02
C GLU F 148 75.72 -30.36 11.59
N GLY F 149 75.53 -31.28 10.64
CA GLY F 149 75.38 -30.92 9.23
C GLY F 149 76.53 -31.31 8.34
N GLY F 150 77.70 -31.49 8.93
CA GLY F 150 78.89 -31.86 8.16
C GLY F 150 79.37 -30.73 7.28
N TRP F 151 79.83 -31.07 6.09
CA TRP F 151 80.34 -30.10 5.13
C TRP F 151 79.25 -29.15 4.62
N VAL F 152 78.00 -29.58 4.75
CA VAL F 152 76.86 -28.75 4.39
C VAL F 152 76.80 -27.51 5.28
N ASN F 153 77.23 -27.66 6.53
CA ASN F 153 77.27 -26.54 7.45
C ASN F 153 78.52 -25.71 7.17
N ARG F 154 78.37 -24.39 7.09
CA ARG F 154 79.50 -23.49 6.83
C ARG F 154 80.61 -23.48 7.90
N GLU F 155 80.23 -23.74 9.14
CA GLU F 155 81.20 -23.87 10.24
C GLU F 155 82.27 -24.93 10.00
N SER F 156 81.95 -25.93 9.19
CA SER F 156 82.91 -26.94 8.76
C SER F 156 84.20 -26.40 8.15
N VAL F 157 84.14 -25.21 7.57
CA VAL F 157 85.35 -24.53 7.13
C VAL F 157 86.25 -24.32 8.33
N ASP F 158 85.65 -23.81 9.41
CA ASP F 158 86.35 -23.49 10.65
C ASP F 158 86.81 -24.71 11.45
N TRP F 159 85.96 -25.74 11.53
CA TRP F 159 86.34 -26.99 12.21
C TRP F 159 87.59 -27.60 11.57
N PHE F 160 87.61 -27.66 10.25
CA PHE F 160 88.78 -28.13 9.52
C PHE F 160 90.03 -27.28 9.79
N LEU F 161 89.85 -25.97 9.88
CA LEU F 161 90.98 -25.08 10.13
C LEU F 161 91.55 -25.24 11.53
N ASP F 162 90.69 -25.51 12.51
CA ASP F 162 91.11 -25.86 13.86
C ASP F 162 91.87 -27.18 13.88
N TYR F 163 91.42 -28.11 13.05
CA TYR F 163 92.09 -29.38 12.81
C TYR F 163 93.44 -29.18 12.10
N ALA F 164 93.47 -28.33 11.07
CA ALA F 164 94.71 -28.05 10.34
C ALA F 164 95.82 -27.33 11.12
N LYS F 165 95.46 -26.40 12.01
CA LYS F 165 96.45 -25.66 12.82
C LYS F 165 97.31 -26.53 13.76
N VAL F 166 96.65 -27.35 14.58
CA VAL F 166 97.35 -28.29 15.47
C VAL F 166 98.35 -29.14 14.69
N CYS F 167 97.92 -29.63 13.53
CA CYS F 167 98.77 -30.43 12.64
C CYS F 167 99.96 -29.62 12.13
N PHE F 168 99.73 -28.36 11.79
CA PHE F 168 100.82 -27.47 11.37
C PHE F 168 101.82 -27.15 12.48
N GLU F 169 101.32 -26.85 13.68
CA GLU F 169 102.16 -26.51 14.82
C GLU F 169 103.16 -27.61 15.17
N GLU F 170 102.71 -28.85 15.14
CA GLU F 170 103.57 -29.97 15.56
C GLU F 170 104.45 -30.59 14.49
N LEU F 171 103.99 -30.65 13.23
CA LEU F 171 104.64 -31.48 12.22
C LEU F 171 105.31 -30.73 11.06
N ASP F 172 105.10 -29.42 10.98
CA ASP F 172 105.55 -28.63 9.84
C ASP F 172 107.08 -28.65 9.65
N ASP F 173 107.81 -28.74 10.75
CA ASP F 173 109.27 -28.89 10.68
C ASP F 173 109.70 -30.22 10.04
N ILE F 174 108.93 -31.28 10.25
CA ILE F 174 109.26 -32.60 9.72
C ILE F 174 108.81 -32.80 8.26
N VAL F 175 107.57 -32.43 7.98
CA VAL F 175 106.93 -32.74 6.71
C VAL F 175 107.53 -31.96 5.53
N ASP F 176 107.56 -32.60 4.37
CA ASP F 176 108.12 -31.98 3.17
C ASP F 176 107.03 -31.22 2.40
N SER F 177 105.88 -31.85 2.18
CA SER F 177 104.77 -31.20 1.48
C SER F 177 103.39 -31.49 2.09
N TRP F 178 102.50 -30.49 1.99
CA TRP F 178 101.13 -30.60 2.48
C TRP F 178 100.07 -30.66 1.39
N ILE F 179 99.10 -31.55 1.58
CA ILE F 179 97.91 -31.59 0.75
C ILE F 179 96.66 -31.38 1.62
N THR F 180 95.90 -30.33 1.32
CA THR F 180 94.73 -29.96 2.12
C THR F 180 93.55 -30.91 1.94
N HIS F 181 93.17 -31.16 0.70
CA HIS F 181 92.01 -32.00 0.38
C HIS F 181 92.32 -32.98 -0.73
N ASN F 182 91.89 -34.22 -0.55
CA ASN F 182 91.95 -35.20 -1.61
C ASN F 182 90.60 -35.40 -2.28
N GLU F 183 90.53 -35.06 -3.57
CA GLU F 183 89.41 -35.39 -4.43
C GLU F 183 88.08 -34.85 -3.88
N PRO F 184 87.94 -33.51 -3.78
CA PRO F 184 86.69 -32.94 -3.30
C PRO F 184 85.48 -33.32 -4.16
N TRP F 185 85.70 -33.62 -5.44
CA TRP F 185 84.67 -34.20 -6.27
C TRP F 185 84.09 -35.49 -5.69
N CYS F 186 84.97 -36.35 -5.20
CA CYS F 186 84.54 -37.59 -4.56
C CYS F 186 83.84 -37.29 -3.24
N ALA F 187 84.51 -36.49 -2.42
CA ALA F 187 84.02 -36.12 -1.10
C ALA F 187 82.78 -35.23 -1.18
N GLY F 188 82.66 -34.49 -2.28
CA GLY F 188 81.53 -33.62 -2.51
C GLY F 188 80.41 -34.22 -3.33
N PHE F 189 80.67 -34.46 -4.61
CA PHE F 189 79.63 -34.94 -5.53
C PHE F 189 79.28 -36.41 -5.37
N LEU F 190 80.28 -37.28 -5.27
CA LEU F 190 80.00 -38.70 -5.07
C LEU F 190 79.34 -38.96 -3.72
N GLY F 191 79.65 -38.10 -2.75
CA GLY F 191 79.13 -38.25 -1.39
C GLY F 191 77.81 -37.56 -1.12
N TYR F 192 77.62 -36.37 -1.70
CA TYR F 192 76.43 -35.57 -1.46
C TYR F 192 75.44 -35.48 -2.63
N HIS F 193 75.89 -35.83 -3.83
CA HIS F 193 74.98 -35.83 -4.99
C HIS F 193 74.52 -37.21 -5.44
N VAL F 194 75.44 -38.16 -5.60
CA VAL F 194 75.04 -39.47 -6.10
C VAL F 194 74.69 -40.42 -4.95
N GLY F 195 75.63 -40.63 -4.04
CA GLY F 195 75.35 -41.39 -2.84
C GLY F 195 76.15 -42.68 -2.76
N VAL F 196 77.27 -42.72 -3.49
CA VAL F 196 78.09 -43.93 -3.56
C VAL F 196 79.16 -43.88 -2.47
N HIS F 197 79.64 -42.69 -2.15
CA HIS F 197 80.61 -42.51 -1.07
C HIS F 197 80.01 -41.77 0.12
N ALA F 198 80.66 -41.92 1.27
CA ALA F 198 80.21 -41.35 2.55
C ALA F 198 80.09 -39.82 2.54
N PRO F 199 78.99 -39.30 3.11
CA PRO F 199 78.01 -40.03 3.92
C PRO F 199 76.84 -40.61 3.11
N GLY F 200 76.93 -40.51 1.78
CA GLY F 200 75.97 -41.15 0.90
C GLY F 200 74.67 -40.39 0.73
N HIS F 201 74.75 -39.07 0.73
CA HIS F 201 73.58 -38.22 0.59
C HIS F 201 73.30 -37.90 -0.87
N ARG F 202 72.06 -37.58 -1.18
CA ARG F 202 71.67 -37.23 -2.54
C ARG F 202 70.89 -35.92 -2.61
N ASP F 203 71.62 -34.80 -2.53
CA ASP F 203 70.99 -33.48 -2.49
C ASP F 203 72.00 -32.51 -3.06
N MET F 204 71.70 -31.98 -4.24
CA MET F 204 72.61 -31.10 -4.96
C MET F 204 72.84 -29.77 -4.24
N ASN F 205 71.83 -29.31 -3.50
CA ASN F 205 71.98 -28.07 -2.73
C ASN F 205 72.96 -28.29 -1.62
N GLU F 206 72.86 -29.45 -0.96
CA GLU F 206 73.84 -29.88 0.03
C GLU F 206 75.22 -30.03 -0.62
N ALA F 207 75.24 -30.65 -1.79
CA ALA F 207 76.48 -30.96 -2.51
C ALA F 207 77.33 -29.74 -2.86
N VAL F 208 76.72 -28.75 -3.51
CA VAL F 208 77.45 -27.54 -3.90
C VAL F 208 77.98 -26.74 -2.71
N ARG F 209 77.24 -26.74 -1.61
CA ARG F 209 77.70 -26.17 -0.36
C ARG F 209 78.89 -26.94 0.21
N ALA F 210 78.80 -28.26 0.20
CA ALA F 210 79.88 -29.13 0.68
C ALA F 210 81.18 -28.91 -0.09
N VAL F 211 81.08 -28.94 -1.42
CA VAL F 211 82.23 -28.68 -2.28
C VAL F 211 82.82 -27.30 -1.99
N HIS F 212 81.95 -26.30 -1.94
CA HIS F 212 82.34 -24.92 -1.68
C HIS F 212 83.10 -24.77 -0.36
N HIS F 213 82.58 -25.40 0.70
CA HIS F 213 83.21 -25.34 2.01
C HIS F 213 84.55 -26.07 2.06
N MET F 214 84.69 -27.14 1.27
CA MET F 214 85.98 -27.83 1.15
C MET F 214 87.06 -26.98 0.46
N LEU F 215 86.72 -26.40 -0.68
CA LEU F 215 87.65 -25.51 -1.39
C LEU F 215 87.98 -24.26 -0.58
N LEU F 216 86.99 -23.77 0.18
CA LEU F 216 87.20 -22.61 1.05
C LEU F 216 88.07 -22.94 2.26
N SER F 217 87.85 -24.11 2.86
CA SER F 217 88.70 -24.59 3.94
C SER F 217 90.15 -24.81 3.49
N HIS F 218 90.31 -25.30 2.27
CA HIS F 218 91.64 -25.40 1.65
C HIS F 218 92.34 -24.06 1.62
N GLY F 219 91.66 -23.06 1.06
CA GLY F 219 92.22 -21.73 0.91
C GLY F 219 92.59 -21.03 2.21
N LYS F 220 91.70 -21.10 3.19
CA LYS F 220 91.98 -20.57 4.52
C LYS F 220 93.15 -21.28 5.19
N ALA F 221 93.24 -22.59 5.02
CA ALA F 221 94.33 -23.36 5.62
C ALA F 221 95.67 -22.97 5.02
N VAL F 222 95.72 -22.84 3.70
CA VAL F 222 96.91 -22.39 2.98
C VAL F 222 97.32 -20.99 3.43
N GLU F 223 96.34 -20.08 3.46
CA GLU F 223 96.53 -18.73 3.96
C GLU F 223 97.07 -18.73 5.39
N LEU F 224 96.60 -19.65 6.21
CA LEU F 224 97.09 -19.75 7.58
C LEU F 224 98.56 -20.16 7.62
N LEU F 225 98.94 -21.17 6.84
CA LEU F 225 100.31 -21.61 6.82
C LEU F 225 101.33 -20.59 6.32
N LYS F 226 101.03 -19.94 5.19
CA LYS F 226 101.96 -18.97 4.59
C LYS F 226 101.96 -17.55 5.18
N ARG F 227 100.82 -17.13 5.72
CA ARG F 227 100.68 -15.77 6.25
C ARG F 227 100.96 -15.65 7.75
N GLU F 228 100.25 -16.42 8.57
CA GLU F 228 100.34 -16.24 10.01
C GLU F 228 101.62 -16.87 10.57
N MET F 229 101.89 -18.12 10.18
CA MET F 229 103.11 -18.79 10.63
C MET F 229 103.91 -19.15 9.39
N LYS F 230 104.39 -18.12 8.69
CA LYS F 230 105.22 -18.25 7.50
C LYS F 230 106.17 -19.46 7.43
N SER F 231 105.89 -20.32 6.46
CA SER F 231 106.53 -21.62 6.29
C SER F 231 106.76 -21.74 4.81
N THR F 232 107.92 -22.25 4.39
CA THR F 232 108.11 -22.49 2.96
C THR F 232 107.79 -23.92 2.51
N THR F 233 107.27 -24.75 3.41
CA THR F 233 106.87 -26.10 3.03
C THR F 233 105.86 -26.03 1.89
N PRO F 234 106.15 -26.72 0.77
CA PRO F 234 105.21 -26.78 -0.36
C PRO F 234 103.81 -27.24 0.02
N ILE F 235 102.79 -26.48 -0.33
CA ILE F 235 101.41 -26.87 -0.04
C ILE F 235 100.53 -26.69 -1.28
N GLY F 236 99.54 -27.57 -1.45
CA GLY F 236 98.65 -27.49 -2.59
C GLY F 236 97.43 -28.37 -2.40
N ILE F 237 96.63 -28.47 -3.45
CA ILE F 237 95.44 -29.32 -3.42
C ILE F 237 95.56 -30.40 -4.49
N THR F 238 94.89 -31.53 -4.28
CA THR F 238 94.81 -32.56 -5.31
C THR F 238 93.36 -32.67 -5.80
N LEU F 239 93.20 -32.58 -7.12
CA LEU F 239 91.91 -32.79 -7.76
C LEU F 239 92.02 -33.98 -8.69
N ASN F 240 91.11 -34.93 -8.56
CA ASN F 240 90.96 -35.92 -9.61
C ASN F 240 90.33 -35.32 -10.86
N LEU F 241 90.97 -35.57 -12.00
CA LEU F 241 90.53 -35.03 -13.28
C LEU F 241 90.41 -36.13 -14.33
N SER F 242 89.26 -36.21 -14.98
CA SER F 242 89.04 -37.18 -16.04
C SER F 242 88.60 -36.42 -17.27
N PRO F 243 89.50 -36.31 -18.28
CA PRO F 243 89.06 -35.57 -19.47
C PRO F 243 87.94 -36.28 -20.23
N MET F 244 87.03 -35.46 -20.77
CA MET F 244 85.80 -35.95 -21.39
C MET F 244 85.80 -35.70 -22.89
N TYR F 245 85.27 -36.65 -23.67
CA TYR F 245 85.32 -36.54 -25.11
C TYR F 245 83.97 -36.85 -25.73
N ALA F 246 83.62 -36.11 -26.78
CA ALA F 246 82.36 -36.32 -27.46
C ALA F 246 82.47 -37.46 -28.45
N LYS F 247 81.47 -38.31 -28.47
CA LYS F 247 81.42 -39.43 -29.41
C LYS F 247 81.38 -38.96 -30.86
N THR F 248 80.40 -38.11 -31.19
CA THR F 248 80.30 -37.52 -32.51
C THR F 248 80.55 -36.01 -32.48
N ASP F 249 80.42 -35.37 -33.65
CA ASP F 249 80.63 -33.93 -33.77
C ASP F 249 79.33 -33.13 -33.83
N SER F 250 78.21 -33.75 -33.47
CA SER F 250 76.93 -33.04 -33.44
C SER F 250 76.93 -32.03 -32.30
N ALA F 251 76.02 -31.06 -32.38
CA ALA F 251 75.91 -30.00 -31.39
C ALA F 251 75.57 -30.55 -30.03
N ASN F 252 74.58 -31.46 -30.01
CA ASN F 252 74.19 -32.18 -28.81
C ASN F 252 75.34 -32.83 -28.04
N ASP F 253 76.18 -33.57 -28.76
CA ASP F 253 77.28 -34.26 -28.11
C ASP F 253 78.38 -33.30 -27.64
N ARG F 254 78.47 -32.14 -28.26
CA ARG F 254 79.34 -31.07 -27.79
C ARG F 254 78.84 -30.52 -26.47
N LEU F 255 77.52 -30.38 -26.36
CA LEU F 255 76.88 -29.94 -25.12
C LEU F 255 77.11 -30.95 -24.01
N ALA F 256 76.82 -32.21 -24.32
CA ALA F 256 77.05 -33.32 -23.39
C ALA F 256 78.45 -33.27 -22.78
N MET F 257 79.44 -33.17 -23.65
CA MET F 257 80.83 -33.10 -23.23
C MET F 257 81.11 -31.87 -22.36
N ASN F 258 80.63 -30.72 -22.80
CA ASN F 258 80.77 -29.49 -22.04
C ASN F 258 80.21 -29.60 -20.63
N ASN F 259 79.02 -30.18 -20.51
CA ASN F 259 78.40 -30.34 -19.20
C ASN F 259 79.09 -31.39 -18.34
N ALA F 260 79.47 -32.51 -18.96
CA ALA F 260 80.25 -33.54 -18.28
C ALA F 260 81.60 -33.04 -17.78
N ASP F 261 82.29 -32.30 -18.64
CA ASP F 261 83.58 -31.70 -18.30
C ASP F 261 83.43 -30.66 -17.19
N GLY F 262 82.32 -29.92 -17.22
CA GLY F 262 81.98 -28.99 -16.17
C GLY F 262 81.72 -29.67 -14.84
N TYR F 263 80.90 -30.73 -14.87
CA TYR F 263 80.53 -31.45 -13.66
C TYR F 263 81.73 -32.12 -12.99
N SER F 264 82.58 -32.75 -13.78
CA SER F 264 83.74 -33.45 -13.24
C SER F 264 84.94 -32.53 -12.97
N ASN F 265 85.19 -31.59 -13.87
CA ASN F 265 86.47 -30.87 -13.87
C ASN F 265 86.37 -29.36 -13.67
N ARG F 266 85.67 -28.67 -14.56
CA ARG F 266 85.65 -27.22 -14.56
C ARG F 266 85.00 -26.61 -13.31
N TRP F 267 84.01 -27.30 -12.75
CA TRP F 267 83.43 -26.88 -11.48
C TRP F 267 84.47 -26.73 -10.38
N PHE F 268 85.55 -27.50 -10.48
CA PHE F 268 86.59 -27.50 -9.45
C PHE F 268 87.86 -26.73 -9.86
N LEU F 269 88.27 -26.86 -11.11
CA LEU F 269 89.46 -26.15 -11.59
C LEU F 269 89.30 -24.64 -11.61
N ASP F 270 88.15 -24.17 -12.10
CA ASP F 270 87.90 -22.72 -12.20
C ASP F 270 87.94 -21.98 -10.84
N PRO F 271 87.21 -22.45 -9.81
CA PRO F 271 87.32 -21.73 -8.53
C PRO F 271 88.75 -21.70 -7.98
N VAL F 272 89.44 -22.83 -8.02
CA VAL F 272 90.80 -22.92 -7.51
C VAL F 272 91.74 -21.96 -8.23
N PHE F 273 91.68 -21.94 -9.56
CA PHE F 273 92.63 -21.16 -10.34
C PHE F 273 92.11 -19.82 -10.89
N LYS F 274 90.81 -19.74 -11.17
CA LYS F 274 90.24 -18.49 -11.69
C LYS F 274 89.47 -17.70 -10.63
N GLY F 275 89.17 -18.35 -9.51
CA GLY F 275 88.34 -17.75 -8.47
C GLY F 275 86.89 -17.50 -8.85
N GLU F 276 86.32 -18.39 -9.65
CA GLU F 276 84.90 -18.30 -9.98
C GLU F 276 84.33 -19.68 -10.33
N TYR F 277 83.03 -19.82 -10.22
CA TYR F 277 82.37 -21.03 -10.70
C TYR F 277 81.94 -20.83 -12.15
N PRO F 278 81.94 -21.91 -12.94
CA PRO F 278 81.50 -21.78 -14.34
C PRO F 278 79.99 -21.57 -14.43
N VAL F 279 79.60 -20.42 -14.98
CA VAL F 279 78.21 -20.00 -15.01
C VAL F 279 77.32 -20.93 -15.83
N ASP F 280 77.91 -21.56 -16.83
CA ASP F 280 77.21 -22.57 -17.63
C ASP F 280 76.76 -23.78 -16.81
N MET F 281 77.51 -24.11 -15.77
CA MET F 281 77.16 -25.21 -14.86
C MET F 281 76.23 -24.76 -13.73
N MET F 282 76.35 -23.51 -13.34
CA MET F 282 75.42 -22.91 -12.38
C MET F 282 74.01 -22.87 -12.92
N ASN F 283 73.86 -22.54 -14.20
CA ASN F 283 72.55 -22.59 -14.84
C ASN F 283 72.04 -24.02 -14.94
N LEU F 284 72.93 -24.97 -15.23
CA LEU F 284 72.54 -26.38 -15.29
C LEU F 284 72.16 -26.94 -13.92
N PHE F 285 73.00 -26.71 -12.91
CA PHE F 285 72.71 -27.15 -11.54
C PHE F 285 71.51 -26.45 -10.90
N SER F 286 71.07 -25.34 -11.50
CA SER F 286 69.89 -24.60 -11.03
C SER F 286 68.61 -25.39 -11.22
N LYS F 287 68.72 -26.60 -11.76
CA LYS F 287 67.63 -27.56 -11.70
C LYS F 287 67.36 -28.05 -10.28
N TYR F 288 68.40 -28.06 -9.45
CA TYR F 288 68.29 -28.41 -8.05
C TYR F 288 68.63 -27.28 -7.08
N VAL F 289 69.52 -26.38 -7.52
CA VAL F 289 70.09 -25.36 -6.64
C VAL F 289 69.51 -24.01 -7.02
N HIS F 290 68.64 -23.51 -6.16
CA HIS F 290 67.80 -22.35 -6.45
C HIS F 290 68.28 -21.09 -5.75
N ASN F 291 69.40 -21.19 -5.05
CA ASN F 291 70.06 -20.01 -4.49
C ASN F 291 71.55 -20.27 -4.30
N PHE F 292 72.33 -19.24 -4.61
CA PHE F 292 73.78 -19.25 -4.45
C PHE F 292 74.29 -18.31 -3.35
N ASP F 293 73.52 -18.18 -2.28
CA ASP F 293 73.86 -17.30 -1.16
C ASP F 293 74.95 -17.86 -0.24
N PHE F 294 75.24 -19.15 -0.36
CA PHE F 294 76.42 -19.74 0.27
C PHE F 294 77.76 -19.16 -0.16
N ILE F 295 77.84 -18.61 -1.37
CA ILE F 295 79.07 -17.91 -1.77
C ILE F 295 79.17 -16.50 -1.17
N GLN F 296 79.83 -16.41 -0.02
CA GLN F 296 80.02 -15.15 0.70
C GLN F 296 81.11 -14.28 0.07
N SER F 297 81.07 -12.98 0.34
CA SER F 297 82.10 -12.04 -0.12
C SER F 297 83.49 -12.31 0.45
N GLY F 298 84.49 -12.34 -0.43
CA GLY F 298 85.85 -12.68 -0.06
C GLY F 298 86.24 -14.14 -0.25
N ASP F 299 85.23 -14.98 -0.44
CA ASP F 299 85.43 -16.42 -0.55
C ASP F 299 86.23 -16.84 -1.78
N MET F 300 85.86 -16.31 -2.94
CA MET F 300 86.50 -16.72 -4.19
C MET F 300 87.95 -16.25 -4.34
N GLU F 301 88.28 -15.13 -3.71
CA GLU F 301 89.67 -14.69 -3.64
C GLU F 301 90.50 -15.59 -2.75
N THR F 302 89.89 -16.07 -1.67
CA THR F 302 90.52 -17.03 -0.77
C THR F 302 90.73 -18.39 -1.42
N ILE F 303 89.68 -18.95 -2.02
CA ILE F 303 89.76 -20.23 -2.72
C ILE F 303 90.92 -20.24 -3.73
N SER F 304 91.08 -19.15 -4.44
CA SER F 304 92.12 -19.06 -5.47
C SER F 304 93.48 -18.59 -4.96
N THR F 305 93.72 -18.69 -3.64
CA THR F 305 95.00 -18.29 -3.08
C THR F 305 96.13 -19.11 -3.71
N ALA F 306 97.25 -18.46 -4.02
CA ALA F 306 98.34 -19.11 -4.73
C ALA F 306 99.01 -20.23 -3.95
N CYS F 307 99.19 -21.37 -4.64
CA CYS F 307 99.83 -22.54 -4.08
C CYS F 307 101.21 -22.74 -4.70
N ASP F 308 101.98 -23.68 -4.16
CA ASP F 308 103.32 -23.95 -4.65
C ASP F 308 103.29 -24.99 -5.76
N PHE F 309 102.36 -25.94 -5.65
CA PHE F 309 102.18 -26.94 -6.69
C PHE F 309 100.70 -27.25 -6.91
N PHE F 310 100.42 -28.01 -7.98
CA PHE F 310 99.07 -28.51 -8.23
C PHE F 310 99.06 -30.04 -8.33
N GLY F 311 98.21 -30.67 -7.52
CA GLY F 311 98.12 -32.12 -7.46
C GLY F 311 97.00 -32.66 -8.34
N ILE F 312 97.33 -33.67 -9.14
CA ILE F 312 96.37 -34.31 -10.03
C ILE F 312 96.27 -35.82 -9.79
N ASN F 313 95.07 -36.28 -9.49
CA ASN F 313 94.74 -37.70 -9.54
C ASN F 313 94.14 -38.16 -10.86
N PHE F 314 94.83 -39.08 -11.54
CA PHE F 314 94.34 -39.61 -12.81
C PHE F 314 94.19 -41.12 -12.78
N TYR F 315 93.08 -41.60 -13.35
CA TYR F 315 92.80 -43.03 -13.41
C TYR F 315 92.33 -43.44 -14.79
N SER F 316 91.36 -42.71 -15.33
CA SER F 316 90.80 -43.03 -16.64
C SER F 316 90.12 -41.83 -17.29
N ARG F 317 89.63 -42.03 -18.51
CA ARG F 317 88.78 -41.07 -19.19
C ARG F 317 87.29 -41.41 -19.08
N GLY F 318 86.44 -40.52 -19.57
CA GLY F 318 85.04 -40.85 -19.76
C GLY F 318 84.53 -40.32 -21.08
N ILE F 319 84.10 -41.24 -21.95
CA ILE F 319 83.42 -40.90 -23.19
C ILE F 319 81.92 -40.68 -22.98
N VAL F 320 81.40 -39.50 -23.34
CA VAL F 320 79.98 -39.24 -23.11
C VAL F 320 79.24 -38.94 -24.42
N GLU F 321 77.92 -39.04 -24.35
CA GLU F 321 77.02 -38.66 -25.44
C GLU F 321 75.75 -37.99 -24.89
N PHE F 322 74.95 -37.39 -25.77
CA PHE F 322 73.75 -36.67 -25.35
C PHE F 322 72.59 -37.58 -24.90
N ASN F 323 71.83 -37.09 -23.93
CA ASN F 323 70.62 -37.74 -23.45
C ASN F 323 69.51 -36.73 -23.11
N ALA F 324 68.40 -36.78 -23.84
CA ALA F 324 67.27 -35.90 -23.55
C ALA F 324 66.56 -36.22 -22.23
N ALA F 325 66.61 -37.48 -21.81
CA ALA F 325 66.01 -37.92 -20.55
C ALA F 325 66.85 -37.58 -19.32
N ASN F 326 68.12 -37.23 -19.53
CA ASN F 326 69.02 -36.88 -18.44
C ASN F 326 68.86 -35.43 -18.02
N ASP F 327 68.80 -35.19 -16.71
CA ASP F 327 68.73 -33.84 -16.17
C ASP F 327 69.91 -32.98 -16.60
N PHE F 328 71.09 -33.59 -16.68
CA PHE F 328 72.30 -32.89 -17.14
C PHE F 328 72.64 -33.21 -18.60
N LEU F 329 71.69 -33.81 -19.32
CA LEU F 329 71.81 -33.96 -20.78
C LEU F 329 72.95 -34.87 -21.24
N LYS F 330 73.37 -35.81 -20.41
CA LYS F 330 74.42 -36.72 -20.84
C LYS F 330 74.37 -38.11 -20.19
N ALA F 331 74.77 -39.10 -20.98
CA ALA F 331 74.95 -40.47 -20.50
C ALA F 331 76.28 -40.99 -20.98
N ASP F 332 76.72 -42.13 -20.45
CA ASP F 332 77.94 -42.77 -20.92
C ASP F 332 77.72 -43.40 -22.29
N ALA F 333 78.76 -43.38 -23.12
CA ALA F 333 78.73 -44.04 -24.42
C ALA F 333 79.53 -45.33 -24.39
N TYR F 334 79.27 -46.21 -25.35
CA TYR F 334 80.01 -47.46 -25.48
C TYR F 334 81.48 -47.22 -25.77
N SER F 335 82.35 -47.84 -24.98
CA SER F 335 83.78 -47.74 -25.17
C SER F 335 84.36 -49.06 -25.67
N ASP F 336 85.18 -48.98 -26.71
CA ASP F 336 85.80 -50.17 -27.30
C ASP F 336 87.27 -50.23 -26.91
N TYR F 337 87.64 -49.43 -25.92
CA TYR F 337 89.01 -49.39 -25.44
C TYR F 337 89.32 -50.67 -24.67
N GLU F 338 90.61 -50.95 -24.49
CA GLU F 338 91.04 -51.95 -23.52
C GLU F 338 90.67 -51.52 -22.11
N LYS F 339 90.16 -52.45 -21.32
CA LYS F 339 89.63 -52.15 -20.00
C LYS F 339 90.34 -52.91 -18.90
N THR F 340 90.36 -52.35 -17.69
CA THR F 340 90.92 -53.04 -16.55
C THR F 340 89.90 -54.06 -16.06
N GLY F 341 90.23 -54.80 -15.01
CA GLY F 341 89.24 -55.69 -14.42
C GLY F 341 88.00 -54.98 -13.91
N MET F 342 88.12 -53.70 -13.59
CA MET F 342 86.97 -52.90 -13.20
C MET F 342 86.15 -52.44 -14.41
N GLY F 343 86.70 -52.59 -15.60
CA GLY F 343 86.10 -52.00 -16.78
C GLY F 343 86.33 -50.50 -17.01
N TRP F 344 87.39 -49.94 -16.45
CA TRP F 344 87.71 -48.54 -16.72
C TRP F 344 88.67 -48.50 -17.90
N ASP F 345 88.50 -47.49 -18.75
CA ASP F 345 89.36 -47.31 -19.92
C ASP F 345 90.81 -46.96 -19.59
N ILE F 346 91.72 -47.59 -20.35
CA ILE F 346 93.13 -47.25 -20.32
C ILE F 346 93.47 -46.14 -21.33
N ALA F 347 93.92 -44.98 -20.84
CA ALA F 347 93.90 -43.77 -21.66
C ALA F 347 95.11 -42.87 -21.40
N PRO F 348 96.32 -43.35 -21.73
CA PRO F 348 97.50 -42.50 -21.55
C PRO F 348 97.60 -41.34 -22.55
N ASN F 349 97.07 -41.51 -23.77
CA ASN F 349 97.03 -40.42 -24.73
C ASN F 349 96.10 -39.30 -24.29
N GLU F 350 95.00 -39.69 -23.65
CA GLU F 350 94.03 -38.73 -23.15
C GLU F 350 94.51 -38.08 -21.86
N PHE F 351 95.35 -38.82 -21.12
CA PHE F 351 96.09 -38.29 -19.98
C PHE F 351 97.00 -37.12 -20.36
N LYS F 352 97.64 -37.25 -21.52
CA LYS F 352 98.50 -36.21 -22.04
C LYS F 352 97.73 -34.95 -22.42
N ASP F 353 96.55 -35.14 -22.99
CA ASP F 353 95.61 -34.06 -23.37
C ASP F 353 95.21 -33.18 -22.20
N LEU F 354 94.96 -33.80 -21.05
CA LEU F 354 94.56 -33.10 -19.84
C LEU F 354 95.64 -32.11 -19.42
N ILE F 355 96.89 -32.55 -19.42
CA ILE F 355 98.00 -31.71 -18.98
C ILE F 355 98.18 -30.47 -19.87
N ARG F 356 98.15 -30.65 -21.19
CA ARG F 356 98.22 -29.52 -22.14
C ARG F 356 97.11 -28.51 -21.90
N ARG F 357 95.90 -28.99 -21.64
CA ARG F 357 94.77 -28.13 -21.36
C ARG F 357 94.97 -27.27 -20.11
N LEU F 358 95.52 -27.85 -19.06
CA LEU F 358 95.73 -27.11 -17.82
C LEU F 358 96.73 -25.97 -18.00
N ARG F 359 97.83 -26.24 -18.70
CA ARG F 359 98.80 -25.17 -19.00
C ARG F 359 98.23 -24.10 -19.92
N ALA F 360 97.47 -24.53 -20.92
CA ALA F 360 96.88 -23.60 -21.88
C ALA F 360 95.75 -22.77 -21.26
N GLU F 361 94.94 -23.39 -20.43
CA GLU F 361 93.73 -22.75 -19.91
C GLU F 361 93.77 -22.32 -18.44
N TYR F 362 94.56 -23.01 -17.62
CA TYR F 362 94.35 -22.94 -16.17
C TYR F 362 95.56 -22.48 -15.33
N THR F 363 96.68 -23.18 -15.43
CA THR F 363 97.77 -22.96 -14.48
C THR F 363 99.14 -23.26 -15.07
N ASP F 364 100.13 -22.48 -14.64
CA ASP F 364 101.53 -22.73 -14.97
C ASP F 364 102.34 -23.22 -13.77
N LEU F 365 101.65 -23.59 -12.71
CA LEU F 365 102.29 -24.18 -11.53
C LEU F 365 102.87 -25.56 -11.83
N PRO F 366 103.91 -25.97 -11.09
CA PRO F 366 104.44 -27.35 -11.21
C PRO F 366 103.39 -28.38 -10.84
N ILE F 367 103.23 -29.39 -11.70
CA ILE F 367 102.26 -30.45 -11.46
C ILE F 367 102.87 -31.70 -10.80
N TYR F 368 102.17 -32.20 -9.78
CA TYR F 368 102.47 -33.50 -9.16
C TYR F 368 101.33 -34.49 -9.38
N ILE F 369 101.65 -35.66 -9.92
CA ILE F 369 100.67 -36.74 -10.02
C ILE F 369 100.57 -37.44 -8.67
N THR F 370 99.63 -36.96 -7.85
CA THR F 370 99.49 -37.41 -6.48
C THR F 370 98.81 -38.76 -6.32
N GLU F 371 98.10 -39.22 -7.35
CA GLU F 371 97.63 -40.60 -7.44
C GLU F 371 97.64 -41.10 -8.88
N ASN F 372 98.23 -42.26 -9.08
CA ASN F 372 98.01 -43.04 -10.29
C ASN F 372 98.18 -44.54 -10.06
N GLY F 373 97.33 -45.34 -10.69
CA GLY F 373 97.32 -46.78 -10.48
C GLY F 373 96.10 -47.44 -11.09
N ALA F 374 95.96 -48.75 -10.87
CA ALA F 374 94.89 -49.51 -11.50
C ALA F 374 94.59 -50.78 -10.71
N ALA F 375 93.34 -51.20 -10.72
CA ALA F 375 92.90 -52.44 -10.10
C ALA F 375 92.65 -53.58 -11.08
N PHE F 376 93.24 -54.72 -10.79
CA PHE F 376 93.07 -55.91 -11.62
C PHE F 376 92.75 -57.09 -10.71
N ASP F 377 92.21 -58.16 -11.26
CA ASP F 377 91.93 -59.35 -10.45
C ASP F 377 93.25 -60.07 -10.16
N ASP F 378 93.84 -59.81 -9.00
CA ASP F 378 95.14 -60.41 -8.66
C ASP F 378 94.99 -61.79 -8.04
N VAL F 379 95.74 -62.75 -8.57
CA VAL F 379 95.79 -64.10 -8.03
C VAL F 379 97.16 -64.43 -7.46
N LEU F 380 97.20 -64.75 -6.16
CA LEU F 380 98.39 -65.30 -5.52
C LEU F 380 98.57 -66.79 -5.82
N GLU F 381 99.67 -67.14 -6.49
CA GLU F 381 99.98 -68.53 -6.82
C GLU F 381 101.41 -68.88 -6.40
N ASN F 382 101.51 -69.76 -5.41
CA ASN F 382 102.77 -70.29 -4.89
C ASN F 382 103.63 -69.12 -4.47
N GLY F 383 102.99 -68.26 -3.71
CA GLY F 383 103.52 -67.05 -3.13
C GLY F 383 103.81 -65.92 -4.09
N GLU F 384 103.39 -66.03 -5.35
CA GLU F 384 103.72 -64.98 -6.31
C GLU F 384 102.54 -64.64 -7.22
N VAL F 385 102.39 -63.35 -7.51
CA VAL F 385 101.37 -62.80 -8.40
C VAL F 385 101.97 -62.10 -9.65
N HIS F 386 101.77 -62.69 -10.82
CA HIS F 386 102.33 -62.12 -12.05
C HIS F 386 101.42 -61.09 -12.72
N ASP F 387 101.38 -59.89 -12.16
CA ASP F 387 100.49 -58.81 -12.62
C ASP F 387 101.20 -57.82 -13.55
N ASP F 388 101.71 -58.35 -14.66
CA ASP F 388 102.40 -57.57 -15.69
C ASP F 388 101.51 -56.47 -16.28
N ASN F 389 100.23 -56.80 -16.47
CA ASN F 389 99.23 -55.83 -16.90
C ASN F 389 99.19 -54.52 -16.11
N ARG F 390 99.33 -54.58 -14.78
CA ARG F 390 99.43 -53.33 -14.01
C ARG F 390 100.75 -52.63 -14.31
N ILE F 391 101.80 -53.43 -14.50
CA ILE F 391 103.12 -52.88 -14.84
C ILE F 391 103.00 -52.11 -16.15
N ASP F 392 102.42 -52.75 -17.16
CA ASP F 392 102.18 -52.14 -18.46
C ASP F 392 101.35 -50.86 -18.31
N TYR F 393 100.41 -50.87 -17.38
CA TYR F 393 99.56 -49.71 -17.12
C TYR F 393 100.40 -48.56 -16.57
N VAL F 394 101.18 -48.84 -15.53
CA VAL F 394 102.03 -47.84 -14.90
C VAL F 394 103.14 -47.39 -15.87
N ARG F 395 103.64 -48.34 -16.65
CA ARG F 395 104.66 -48.06 -17.66
C ARG F 395 104.17 -47.09 -18.73
N GLN F 396 102.94 -47.28 -19.18
CA GLN F 396 102.36 -46.41 -20.21
C GLN F 396 102.16 -44.98 -19.74
N HIS F 397 101.88 -44.80 -18.45
CA HIS F 397 101.71 -43.46 -17.92
C HIS F 397 103.07 -42.83 -17.64
N LEU F 398 104.00 -43.64 -17.15
CA LEU F 398 105.38 -43.20 -16.99
C LEU F 398 106.00 -42.91 -18.35
N GLU F 399 105.63 -43.73 -19.34
CA GLU F 399 106.00 -43.50 -20.73
C GLU F 399 105.46 -42.17 -21.25
N ALA F 400 104.19 -41.90 -20.94
CA ALA F 400 103.56 -40.64 -21.32
C ALA F 400 104.23 -39.41 -20.68
N VAL F 401 104.64 -39.54 -19.42
CA VAL F 401 105.38 -38.51 -18.71
C VAL F 401 106.74 -38.18 -19.35
N SER F 402 107.47 -39.24 -19.69
CA SER F 402 108.81 -39.16 -20.31
C SER F 402 109.09 -37.99 -21.26
N ASP F 403 108.18 -37.71 -22.18
CA ASP F 403 108.37 -36.57 -23.06
C ASP F 403 107.59 -35.32 -22.66
N LEU F 404 106.77 -35.42 -21.61
CA LEU F 404 106.05 -34.23 -21.16
C LEU F 404 106.98 -33.18 -20.56
N ASN F 405 107.94 -33.62 -19.74
CA ASN F 405 108.93 -32.70 -19.19
C ASN F 405 109.89 -32.13 -20.23
N ASP F 406 109.98 -32.80 -21.38
CA ASP F 406 110.69 -32.25 -22.53
C ASP F 406 109.97 -31.09 -23.22
N GLU F 407 108.64 -31.17 -23.29
CA GLU F 407 107.83 -30.07 -23.76
C GLU F 407 107.77 -28.90 -22.80
N GLY F 408 108.19 -29.14 -21.56
CA GLY F 408 108.19 -28.12 -20.53
C GLY F 408 106.90 -28.10 -19.74
N MET F 409 106.27 -29.26 -19.58
CA MET F 409 105.04 -29.34 -18.82
C MET F 409 105.31 -29.34 -17.33
N ASN F 410 106.60 -29.45 -16.98
CA ASN F 410 107.06 -29.26 -15.61
C ASN F 410 106.29 -30.15 -14.63
N ILE F 411 106.26 -31.45 -14.91
CA ILE F 411 105.84 -32.42 -13.91
C ILE F 411 107.01 -32.77 -12.99
N GLN F 412 106.94 -32.29 -11.75
CA GLN F 412 108.03 -32.44 -10.80
C GLN F 412 107.93 -33.70 -9.94
N GLY F 413 106.83 -34.45 -10.07
CA GLY F 413 106.68 -35.67 -9.30
C GLY F 413 105.56 -36.61 -9.70
N TYR F 414 105.75 -37.88 -9.34
CA TYR F 414 104.81 -38.95 -9.63
C TYR F 414 104.60 -39.89 -8.44
N TYR F 415 103.37 -39.93 -7.94
CA TYR F 415 103.01 -40.86 -6.88
C TYR F 415 102.18 -42.04 -7.38
N LEU F 416 102.71 -43.23 -7.13
CA LEU F 416 102.12 -44.50 -7.50
C LEU F 416 101.07 -44.76 -6.44
N TRP F 417 99.82 -44.90 -6.86
CA TRP F 417 98.78 -45.27 -5.89
C TRP F 417 98.52 -46.72 -5.59
N SER F 418 98.65 -46.90 -4.28
CA SER F 418 98.40 -48.10 -3.49
C SER F 418 99.69 -48.87 -3.30
N LEU F 419 100.37 -48.53 -2.21
CA LEU F 419 101.57 -49.22 -1.78
C LEU F 419 101.14 -50.65 -1.49
N MET F 420 100.06 -50.75 -0.71
CA MET F 420 99.52 -52.02 -0.29
C MET F 420 98.09 -52.12 -0.80
N ASP F 421 97.65 -53.34 -1.08
CA ASP F 421 96.22 -53.65 -1.22
C ASP F 421 95.37 -53.28 -0.02
N ASN F 422 94.22 -52.67 -0.28
CA ASN F 422 93.41 -52.07 0.77
C ASN F 422 91.91 -52.04 0.44
N PHE F 423 91.12 -51.66 1.44
CA PHE F 423 89.67 -51.50 1.32
C PHE F 423 89.29 -50.40 0.33
N GLU F 424 88.79 -50.78 -0.84
CA GLU F 424 88.57 -49.81 -1.92
C GLU F 424 87.14 -49.26 -1.89
N TRP F 425 86.79 -48.71 -0.74
CA TRP F 425 85.55 -48.00 -0.49
C TRP F 425 84.30 -48.82 -0.83
N SER F 426 83.44 -48.26 -1.69
CA SER F 426 82.18 -48.90 -2.03
C SER F 426 82.33 -50.17 -2.86
N PHE F 427 83.51 -50.34 -3.45
CA PHE F 427 83.87 -51.58 -4.11
C PHE F 427 84.43 -52.62 -3.12
N GLY F 428 84.69 -52.20 -1.89
CA GLY F 428 85.25 -53.08 -0.86
C GLY F 428 86.60 -53.72 -1.16
N TYR F 429 86.73 -54.99 -0.79
CA TYR F 429 87.95 -55.77 -1.03
C TYR F 429 87.96 -56.47 -2.39
N GLU F 430 87.00 -56.13 -3.24
CA GLU F 430 86.97 -56.65 -4.60
C GLU F 430 88.08 -56.03 -5.46
N LYS F 431 88.76 -55.01 -4.96
CA LYS F 431 89.80 -54.37 -5.76
C LYS F 431 91.17 -54.15 -5.14
N ARG F 432 92.19 -54.51 -5.90
CA ARG F 432 93.57 -54.49 -5.46
C ARG F 432 94.29 -53.49 -6.36
N PHE F 433 94.63 -52.33 -5.82
CA PHE F 433 95.39 -51.33 -6.57
C PHE F 433 96.88 -51.49 -6.27
N GLY F 434 97.17 -52.24 -5.20
CA GLY F 434 98.50 -52.31 -4.64
C GLY F 434 99.58 -52.91 -5.51
N ILE F 435 100.82 -52.54 -5.19
CA ILE F 435 102.00 -53.24 -5.67
C ILE F 435 102.43 -54.35 -4.71
N LEU F 436 102.01 -54.26 -3.45
CA LEU F 436 102.20 -55.36 -2.51
C LEU F 436 100.90 -56.11 -2.22
N TYR F 437 100.88 -57.41 -2.50
CA TYR F 437 99.72 -58.25 -2.17
C TYR F 437 99.59 -58.38 -0.66
N ILE F 438 98.35 -58.35 -0.17
CA ILE F 438 98.08 -58.56 1.25
C ILE F 438 97.08 -59.68 1.48
N ASP F 439 97.54 -60.75 2.12
CA ASP F 439 96.63 -61.75 2.68
C ASP F 439 96.01 -61.13 3.93
N PHE F 440 94.71 -60.83 3.85
CA PHE F 440 94.00 -60.17 4.92
C PHE F 440 93.70 -61.11 6.09
N GLU F 441 93.86 -62.40 5.87
CA GLU F 441 93.72 -63.37 6.96
C GLU F 441 94.98 -63.47 7.81
N THR F 442 96.14 -63.48 7.16
CA THR F 442 97.39 -63.56 7.91
C THR F 442 98.12 -62.22 8.09
N GLN F 443 97.66 -61.17 7.41
CA GLN F 443 98.38 -59.89 7.37
C GLN F 443 99.78 -59.98 6.77
N GLU F 444 100.00 -60.98 5.92
CA GLU F 444 101.29 -61.23 5.30
C GLU F 444 101.59 -60.28 4.14
N ARG F 445 102.79 -59.72 4.13
CA ARG F 445 103.24 -58.88 3.02
C ARG F 445 104.06 -59.70 2.04
N ILE F 446 103.56 -59.80 0.82
CA ILE F 446 104.27 -60.50 -0.25
C ILE F 446 104.54 -59.54 -1.41
N TRP F 447 105.82 -59.42 -1.79
CA TRP F 447 106.16 -58.58 -2.92
C TRP F 447 105.62 -59.16 -4.23
N LYS F 448 104.83 -58.35 -4.93
CA LYS F 448 104.34 -58.70 -6.26
C LYS F 448 105.40 -58.47 -7.34
N ASP F 449 105.14 -59.00 -8.53
CA ASP F 449 106.04 -58.82 -9.66
C ASP F 449 106.17 -57.34 -10.01
N SER F 450 105.12 -56.59 -9.73
CA SER F 450 105.08 -55.14 -9.92
C SER F 450 106.02 -54.41 -8.98
N ALA F 451 106.19 -54.95 -7.78
CA ALA F 451 107.09 -54.40 -6.78
C ALA F 451 108.54 -54.46 -7.27
N LYS F 452 108.92 -55.59 -7.87
CA LYS F 452 110.26 -55.73 -8.43
C LYS F 452 110.51 -54.76 -9.59
N TRP F 453 109.59 -54.71 -10.56
CA TRP F 453 109.71 -53.78 -11.68
C TRP F 453 109.90 -52.33 -11.24
N TYR F 454 109.17 -51.94 -10.21
CA TYR F 454 109.22 -50.59 -9.67
C TYR F 454 110.53 -50.30 -8.93
N ALA F 455 110.95 -51.25 -8.09
CA ALA F 455 112.26 -51.18 -7.44
C ALA F 455 113.39 -51.04 -8.46
N GLY F 456 113.23 -51.71 -9.59
CA GLY F 456 114.18 -51.62 -10.69
C GLY F 456 114.20 -50.26 -11.34
N VAL F 457 113.04 -49.78 -11.78
CA VAL F 457 112.91 -48.45 -12.37
C VAL F 457 113.59 -47.36 -11.54
N ILE F 458 113.46 -47.46 -10.22
CA ILE F 458 114.16 -46.55 -9.32
C ILE F 458 115.67 -46.74 -9.37
N ALA F 459 116.11 -47.99 -9.37
CA ALA F 459 117.53 -48.30 -9.46
C ALA F 459 118.21 -47.77 -10.73
N ASP F 460 117.62 -48.02 -11.89
CA ASP F 460 118.23 -47.59 -13.14
C ASP F 460 118.23 -46.07 -13.30
N HIS F 461 117.32 -45.41 -12.58
CA HIS F 461 117.31 -43.95 -12.47
C HIS F 461 118.44 -43.38 -11.60
N LYS F 462 119.12 -44.23 -10.83
CA LYS F 462 120.24 -43.75 -10.02
C LYS F 462 121.44 -43.34 -10.87
N ALA F 463 121.29 -43.48 -12.19
CA ALA F 463 122.37 -43.17 -13.13
C ALA F 463 122.78 -41.70 -13.14
N LYS F 464 121.94 -40.84 -12.57
CA LYS F 464 122.20 -39.40 -12.59
C LYS F 464 123.21 -38.96 -11.52
N HIS F 465 123.32 -39.70 -10.43
CA HIS F 465 124.25 -39.34 -9.37
C HIS F 465 125.46 -40.28 -9.34
N ALA F 466 126.60 -39.76 -8.89
CA ALA F 466 127.83 -40.54 -8.81
C ALA F 466 128.77 -39.94 -7.77
N MET G 22 15.63 -13.55 -0.72
CA MET G 22 16.41 -13.34 0.50
C MET G 22 15.68 -13.87 1.72
N HIS G 23 16.33 -14.76 2.46
CA HIS G 23 15.88 -15.19 3.79
C HIS G 23 16.79 -16.17 4.51
N PHE G 24 17.18 -15.83 5.74
CA PHE G 24 18.28 -16.51 6.41
C PHE G 24 17.64 -17.10 7.67
N LYS G 25 18.38 -17.86 8.46
CA LYS G 25 17.78 -18.41 9.67
C LYS G 25 17.79 -17.40 10.81
N LYS G 26 17.18 -17.78 11.92
CA LYS G 26 17.15 -16.94 13.12
C LYS G 26 18.52 -16.89 13.81
N ASP G 27 19.21 -18.02 13.81
CA ASP G 27 20.52 -18.15 14.43
C ASP G 27 21.64 -17.60 13.54
N PHE G 28 21.26 -17.14 12.35
CA PHE G 28 22.23 -16.57 11.41
C PHE G 28 22.86 -15.30 11.95
N VAL G 29 24.17 -15.18 11.77
CA VAL G 29 24.98 -14.07 12.31
C VAL G 29 25.43 -13.13 11.19
N PHE G 30 24.95 -11.89 11.22
CA PHE G 30 25.52 -10.84 10.37
C PHE G 30 26.67 -10.14 11.04
N GLY G 31 27.74 -9.90 10.27
CA GLY G 31 28.92 -9.26 10.80
C GLY G 31 29.72 -8.35 9.87
N THR G 32 30.76 -7.73 10.43
CA THR G 32 31.77 -7.01 9.66
C THR G 32 33.17 -7.30 10.23
N ALA G 33 34.22 -7.01 9.45
CA ALA G 33 35.56 -7.49 9.78
C ALA G 33 36.67 -6.48 9.43
N THR G 34 37.70 -6.46 10.28
CA THR G 34 38.92 -5.69 10.03
C THR G 34 40.17 -6.50 10.37
N SER G 35 41.35 -5.92 10.12
CA SER G 35 42.61 -6.47 10.64
C SER G 35 43.51 -5.45 11.33
N SER G 36 44.35 -5.95 12.23
CA SER G 36 45.15 -5.11 13.12
C SER G 36 46.01 -4.06 12.42
N TYR G 37 46.94 -4.49 11.58
CA TYR G 37 47.86 -3.56 10.92
C TYR G 37 47.16 -2.60 9.97
N GLN G 38 46.05 -3.05 9.39
CA GLN G 38 45.28 -2.25 8.46
C GLN G 38 44.60 -1.04 9.12
N ILE G 39 44.24 -1.16 10.39
CA ILE G 39 43.46 -0.12 11.07
C ILE G 39 44.15 0.55 12.28
N GLU G 40 44.95 -0.20 13.02
CA GLU G 40 45.40 0.24 14.34
C GLU G 40 46.26 1.51 14.37
N GLY G 41 47.30 1.58 13.56
CA GLY G 41 48.26 2.66 13.76
C GLY G 41 49.03 2.52 15.06
N ALA G 42 49.35 3.65 15.68
CA ALA G 42 50.11 3.69 16.94
C ALA G 42 51.34 2.80 16.95
N HIS G 43 52.20 3.01 15.96
CA HIS G 43 53.28 2.09 15.64
C HIS G 43 54.42 2.05 16.67
N ASN G 44 54.70 3.15 17.36
CA ASN G 44 55.75 3.10 18.38
C ASN G 44 55.22 3.27 19.80
N GLU G 45 53.91 3.22 19.95
CA GLU G 45 53.28 3.41 21.26
C GLU G 45 52.75 2.11 21.85
N GLY G 46 52.63 2.08 23.18
CA GLY G 46 52.16 0.90 23.87
C GLY G 46 53.10 -0.29 23.88
N GLY G 47 54.40 -0.02 23.78
CA GLY G 47 55.39 -1.07 23.74
C GLY G 47 55.50 -1.83 22.43
N ARG G 48 54.92 -1.28 21.38
CA ARG G 48 54.97 -1.92 20.07
C ARG G 48 56.31 -1.73 19.36
N THR G 49 56.84 -2.83 18.84
CA THR G 49 58.05 -2.79 18.03
C THR G 49 57.65 -2.98 16.57
N PRO G 50 58.55 -2.67 15.61
CA PRO G 50 58.18 -2.75 14.19
C PRO G 50 57.87 -4.17 13.72
N SER G 51 56.90 -4.30 12.82
CA SER G 51 56.66 -5.58 12.15
C SER G 51 57.31 -5.67 10.78
N ILE G 52 57.22 -6.86 10.19
CA ILE G 52 57.69 -7.12 8.82
C ILE G 52 57.08 -6.21 7.76
N TRP G 53 55.85 -5.77 7.97
CA TRP G 53 55.18 -4.88 7.02
C TRP G 53 55.74 -3.46 7.06
N ASP G 54 56.20 -3.03 8.23
CA ASP G 54 56.84 -1.73 8.36
C ASP G 54 58.10 -1.67 7.49
N MET G 55 58.94 -2.70 7.62
CA MET G 55 60.15 -2.83 6.81
C MET G 55 59.82 -3.06 5.34
N PHE G 56 58.78 -3.85 5.07
CA PHE G 56 58.30 -4.10 3.71
C PHE G 56 57.87 -2.82 2.98
N CYS G 57 57.14 -1.97 3.68
CA CYS G 57 56.68 -0.70 3.15
C CYS G 57 57.78 0.27 2.69
N ASP G 58 58.92 0.26 3.38
CA ASP G 58 60.03 1.13 2.99
C ASP G 58 60.95 0.55 1.90
N ILE G 59 60.78 -0.72 1.54
CA ILE G 59 61.53 -1.25 0.40
C ILE G 59 60.99 -0.72 -0.91
N ASP G 60 61.90 -0.30 -1.78
CA ASP G 60 61.54 0.35 -3.05
C ASP G 60 60.89 -0.55 -4.10
N GLY G 61 59.79 -0.04 -4.65
CA GLY G 61 59.04 -0.67 -5.72
C GLY G 61 58.06 -1.75 -5.32
N ARG G 62 57.95 -2.01 -4.02
CA ARG G 62 57.10 -3.11 -3.56
C ARG G 62 55.68 -2.64 -3.20
N VAL G 63 55.60 -1.49 -2.54
CA VAL G 63 54.31 -0.97 -2.08
C VAL G 63 54.09 0.44 -2.63
N PHE G 64 52.85 0.75 -2.98
CA PHE G 64 52.49 2.06 -3.54
C PHE G 64 53.00 3.26 -2.75
N GLU G 65 53.95 3.97 -3.33
CA GLU G 65 54.50 5.21 -2.78
C GLU G 65 54.98 5.12 -1.33
N LYS G 66 55.59 3.99 -0.95
CA LYS G 66 56.09 3.81 0.41
C LYS G 66 55.02 4.00 1.50
N HIS G 67 53.76 3.73 1.17
CA HIS G 67 52.68 3.87 2.14
C HIS G 67 52.78 2.80 3.21
N ASN G 68 52.32 3.12 4.43
CA ASN G 68 52.48 2.23 5.58
C ASN G 68 51.30 2.29 6.56
N GLY G 69 51.32 1.40 7.54
CA GLY G 69 50.31 1.38 8.58
C GLY G 69 50.73 2.04 9.87
N ASP G 70 51.48 3.13 9.75
CA ASP G 70 51.92 3.91 10.91
C ASP G 70 50.76 4.58 11.65
N VAL G 71 49.87 5.18 10.87
CA VAL G 71 48.69 5.86 11.43
C VAL G 71 47.41 5.10 11.09
N ALA G 72 47.26 4.72 9.82
CA ALA G 72 46.12 3.95 9.35
C ALA G 72 44.79 4.63 9.66
N CYS G 73 43.88 3.92 10.32
CA CYS G 73 42.62 4.53 10.74
C CYS G 73 42.65 5.15 12.14
N ASP G 74 43.84 5.18 12.76
CA ASP G 74 43.99 5.72 14.12
C ASP G 74 43.05 5.05 15.14
N HIS G 75 42.74 3.78 14.91
CA HIS G 75 41.74 3.08 15.70
C HIS G 75 42.20 2.84 17.13
N TYR G 76 43.52 2.81 17.34
CA TYR G 76 44.07 2.67 18.69
C TYR G 76 43.58 3.75 19.67
N HIS G 77 43.45 5.00 19.22
CA HIS G 77 42.91 6.04 20.09
C HIS G 77 41.40 6.19 20.01
N ARG G 78 40.85 6.00 18.82
CA ARG G 78 39.42 6.24 18.58
C ARG G 78 38.56 4.99 18.53
N TYR G 79 39.04 3.92 19.15
CA TYR G 79 38.34 2.64 19.19
C TYR G 79 36.95 2.77 19.83
N GLU G 80 36.83 3.67 20.79
CA GLU G 80 35.55 3.92 21.46
C GLU G 80 34.50 4.47 20.48
N GLU G 81 34.91 5.44 19.67
CA GLU G 81 34.08 6.01 18.61
C GLU G 81 33.64 4.99 17.55
N ASP G 82 34.54 4.08 17.20
CA ASP G 82 34.26 3.05 16.20
C ASP G 82 33.34 1.96 16.72
N ILE G 83 33.43 1.67 18.01
CA ILE G 83 32.49 0.80 18.69
C ILE G 83 31.04 1.31 18.55
N GLN G 84 30.85 2.61 18.70
CA GLN G 84 29.54 3.22 18.54
C GLN G 84 28.98 3.06 17.12
N HIS G 85 29.86 3.19 16.13
CA HIS G 85 29.52 2.93 14.72
C HIS G 85 29.07 1.49 14.48
N ILE G 86 29.78 0.55 15.10
CA ILE G 86 29.44 -0.87 15.04
C ILE G 86 28.06 -1.09 15.65
N LYS G 87 27.85 -0.50 16.82
CA LYS G 87 26.56 -0.55 17.50
C LYS G 87 25.42 -0.06 16.60
N LYS G 88 25.65 1.01 15.85
CA LYS G 88 24.61 1.56 14.98
C LYS G 88 24.26 0.71 13.76
N LEU G 89 25.24 0.01 13.18
CA LEU G 89 24.94 -0.97 12.15
C LEU G 89 23.99 -2.08 12.61
N GLY G 90 24.06 -2.41 13.90
CA GLY G 90 23.21 -3.44 14.47
C GLY G 90 23.74 -4.84 14.22
N VAL G 91 24.99 -4.92 13.80
CA VAL G 91 25.63 -6.20 13.48
C VAL G 91 25.71 -7.13 14.69
N ASP G 92 25.52 -8.42 14.45
CA ASP G 92 25.64 -9.43 15.49
C ASP G 92 27.09 -9.64 15.93
N THR G 93 28.01 -9.62 14.98
CA THR G 93 29.41 -9.95 15.25
C THR G 93 30.40 -8.98 14.62
N TYR G 94 31.42 -8.58 15.39
CA TYR G 94 32.52 -7.80 14.84
C TYR G 94 33.80 -8.62 14.84
N ARG G 95 34.35 -8.89 13.67
CA ARG G 95 35.60 -9.62 13.57
C ARG G 95 36.79 -8.67 13.53
N PHE G 96 37.73 -8.86 14.44
CA PHE G 96 38.99 -8.12 14.41
C PHE G 96 40.17 -9.05 14.68
N SER G 97 41.37 -8.57 14.34
CA SER G 97 42.60 -9.32 14.59
C SER G 97 43.45 -8.74 15.71
N ILE G 98 44.27 -9.59 16.31
CA ILE G 98 45.25 -9.17 17.32
C ILE G 98 46.62 -8.99 16.70
N ALA G 99 47.25 -7.85 16.99
CA ALA G 99 48.62 -7.59 16.59
C ALA G 99 49.63 -8.36 17.43
N TRP G 100 50.27 -9.35 16.80
CA TRP G 100 51.37 -10.10 17.40
C TRP G 100 52.47 -9.22 18.03
N PRO G 101 53.00 -8.23 17.28
CA PRO G 101 54.12 -7.45 17.86
C PRO G 101 53.71 -6.55 19.03
N ARG G 102 52.42 -6.44 19.30
CA ARG G 102 51.95 -5.86 20.55
C ARG G 102 52.07 -6.80 21.75
N ILE G 103 51.87 -8.09 21.55
CA ILE G 103 51.88 -9.02 22.67
C ILE G 103 53.30 -9.44 23.03
N PHE G 104 54.06 -9.89 22.04
CA PHE G 104 55.47 -10.19 22.25
C PHE G 104 56.41 -9.33 21.39
N PRO G 105 56.57 -8.04 21.76
CA PRO G 105 57.48 -7.14 21.02
C PRO G 105 58.94 -7.56 21.09
N ALA G 106 59.32 -8.24 22.17
CA ALA G 106 60.61 -8.90 22.27
C ALA G 106 60.45 -10.37 22.65
N LYS G 107 61.47 -11.16 22.41
CA LYS G 107 61.39 -12.59 22.65
C LYS G 107 61.24 -12.83 24.14
N GLY G 108 60.21 -13.58 24.52
CA GLY G 108 59.93 -13.81 25.92
C GLY G 108 59.25 -12.66 26.65
N GLU G 109 59.39 -11.45 26.13
CA GLU G 109 58.87 -10.26 26.79
C GLU G 109 57.38 -9.97 26.52
N TYR G 110 56.58 -10.11 27.57
CA TYR G 110 55.15 -9.85 27.51
C TYR G 110 54.81 -8.38 27.75
N ASN G 111 53.93 -7.82 26.92
CA ASN G 111 53.50 -6.43 27.07
C ASN G 111 52.03 -6.33 27.49
N PRO G 112 51.76 -6.17 28.79
CA PRO G 112 50.36 -6.14 29.25
C PRO G 112 49.55 -4.89 28.84
N GLU G 113 50.21 -3.76 28.60
CA GLU G 113 49.49 -2.57 28.10
C GLU G 113 48.82 -2.81 26.76
N GLY G 114 49.48 -3.57 25.90
CA GLY G 114 48.92 -3.92 24.61
C GLY G 114 47.74 -4.88 24.72
N MET G 115 47.90 -5.89 25.56
CA MET G 115 46.84 -6.87 25.82
C MET G 115 45.62 -6.21 26.46
N ALA G 116 45.88 -5.20 27.27
CA ALA G 116 44.83 -4.40 27.90
C ALA G 116 43.89 -3.85 26.84
N PHE G 117 44.46 -3.17 25.85
CA PHE G 117 43.70 -2.61 24.73
C PHE G 117 42.71 -3.61 24.16
N TYR G 118 43.19 -4.82 23.87
CA TYR G 118 42.37 -5.89 23.34
C TYR G 118 41.41 -6.48 24.37
N LYS G 119 41.80 -6.43 25.64
CA LYS G 119 40.88 -6.82 26.72
C LYS G 119 39.72 -5.84 26.84
N ASN G 120 40.05 -4.55 26.92
CA ASN G 120 39.08 -3.47 26.95
C ASN G 120 38.05 -3.54 25.81
N LEU G 121 38.56 -3.58 24.58
CA LEU G 121 37.72 -3.67 23.39
C LEU G 121 36.69 -4.80 23.42
N ALA G 122 37.15 -6.04 23.62
CA ALA G 122 36.26 -7.20 23.64
C ALA G 122 35.18 -7.16 24.71
N LEU G 123 35.54 -6.77 25.94
CA LEU G 123 34.57 -6.61 27.02
C LEU G 123 33.50 -5.55 26.72
N ARG G 124 33.93 -4.42 26.17
CA ARG G 124 33.02 -3.34 25.79
C ARG G 124 32.05 -3.72 24.67
N LEU G 125 32.55 -4.44 23.67
CA LEU G 125 31.70 -4.95 22.60
C LEU G 125 30.64 -5.87 23.19
N ARG G 126 31.06 -6.69 24.16
CA ARG G 126 30.18 -7.59 24.88
C ARG G 126 29.13 -6.82 25.69
N GLU G 127 29.55 -5.72 26.31
CA GLU G 127 28.62 -4.84 27.04
C GLU G 127 27.52 -4.27 26.15
N GLU G 128 27.87 -3.92 24.92
CA GLU G 128 26.90 -3.41 23.96
C GLU G 128 26.17 -4.54 23.25
N GLY G 129 26.42 -5.77 23.67
CA GLY G 129 25.75 -6.93 23.13
C GLY G 129 26.19 -7.44 21.76
N ILE G 130 27.49 -7.38 21.51
CA ILE G 130 28.04 -7.82 20.22
C ILE G 130 29.07 -8.93 20.45
N LYS G 131 28.93 -10.02 19.71
CA LYS G 131 29.86 -11.14 19.80
C LYS G 131 31.16 -10.81 19.06
N PRO G 132 32.29 -10.84 19.78
CA PRO G 132 33.62 -10.66 19.20
C PRO G 132 34.23 -11.93 18.62
N ALA G 133 34.46 -11.94 17.31
CA ALA G 133 35.26 -12.99 16.68
C ALA G 133 36.67 -12.45 16.55
N VAL G 134 37.66 -13.19 17.04
CA VAL G 134 39.02 -12.70 17.10
C VAL G 134 40.01 -13.51 16.27
N THR G 135 40.77 -12.81 15.44
CA THR G 135 41.84 -13.42 14.65
C THR G 135 43.18 -13.19 15.32
N ILE G 136 43.90 -14.28 15.62
CA ILE G 136 45.21 -14.19 16.26
C ILE G 136 46.29 -13.68 15.31
N TYR G 137 46.37 -14.28 14.13
CA TYR G 137 47.37 -13.89 13.14
C TYR G 137 46.76 -13.37 11.84
N HIS G 138 46.99 -12.08 11.59
CA HIS G 138 46.62 -11.48 10.30
C HIS G 138 47.84 -10.81 9.67
N TRP G 139 48.87 -11.65 9.44
CA TRP G 139 50.06 -11.36 8.65
C TRP G 139 51.04 -10.37 9.31
N ASP G 140 50.87 -10.13 10.60
CA ASP G 140 51.57 -9.05 11.29
C ASP G 140 52.78 -9.55 12.09
N LEU G 141 53.63 -10.34 11.44
CA LEU G 141 54.77 -10.99 12.12
C LEU G 141 55.85 -10.02 12.59
N PRO G 142 56.20 -10.09 13.89
CA PRO G 142 57.27 -9.31 14.51
C PRO G 142 58.64 -9.53 13.88
N MET G 143 59.47 -8.49 13.91
CA MET G 143 60.80 -8.53 13.29
C MET G 143 61.81 -9.48 13.93
N TRP G 144 61.70 -9.71 15.23
CA TRP G 144 62.56 -10.69 15.90
C TRP G 144 62.37 -12.12 15.40
N ALA G 145 61.12 -12.50 15.10
CA ALA G 145 60.84 -13.81 14.53
C ALA G 145 61.40 -13.96 13.11
N HIS G 146 61.26 -12.90 12.32
CA HIS G 146 61.78 -12.85 10.95
C HIS G 146 63.29 -12.99 10.87
N GLU G 147 64.00 -12.36 11.81
CA GLU G 147 65.47 -12.42 11.83
C GLU G 147 66.00 -13.81 12.10
N GLU G 148 65.19 -14.64 12.75
CA GLU G 148 65.49 -16.06 12.91
C GLU G 148 64.95 -16.98 11.81
N GLY G 149 64.62 -16.42 10.65
CA GLY G 149 64.11 -17.23 9.57
C GLY G 149 62.61 -17.13 9.34
N GLY G 150 61.91 -16.57 10.32
CA GLY G 150 60.46 -16.43 10.20
C GLY G 150 59.74 -17.77 10.23
N TRP G 151 58.70 -17.90 9.41
CA TRP G 151 57.93 -19.14 9.30
C TRP G 151 58.71 -20.30 8.71
N VAL G 152 59.78 -20.00 8.00
CA VAL G 152 60.66 -21.04 7.46
C VAL G 152 61.29 -21.91 8.57
N ASN G 153 61.66 -21.29 9.68
CA ASN G 153 62.20 -22.01 10.82
C ASN G 153 61.10 -22.77 11.57
N ARG G 154 61.38 -24.03 11.94
CA ARG G 154 60.43 -24.86 12.68
C ARG G 154 60.06 -24.46 14.13
N GLU G 155 60.99 -23.81 14.84
CA GLU G 155 60.70 -23.29 16.18
C GLU G 155 59.55 -22.28 16.20
N SER G 156 59.23 -21.73 15.04
CA SER G 156 58.06 -20.86 14.87
C SER G 156 56.75 -21.53 15.28
N VAL G 157 56.68 -22.85 15.19
CA VAL G 157 55.54 -23.59 15.73
C VAL G 157 55.44 -23.29 17.22
N ASP G 158 56.58 -23.38 17.91
CA ASP G 158 56.66 -23.18 19.35
C ASP G 158 56.51 -21.72 19.79
N TRP G 159 57.02 -20.77 18.98
CA TRP G 159 56.85 -19.35 19.29
C TRP G 159 55.38 -18.92 19.24
N PHE G 160 54.65 -19.45 18.27
CA PHE G 160 53.24 -19.16 18.14
C PHE G 160 52.40 -19.63 19.32
N LEU G 161 52.73 -20.79 19.90
CA LEU G 161 51.96 -21.28 21.04
C LEU G 161 52.22 -20.54 22.36
N ASP G 162 53.42 -20.01 22.54
CA ASP G 162 53.66 -19.09 23.65
C ASP G 162 52.78 -17.87 23.50
N TYR G 163 52.63 -17.43 22.26
CA TYR G 163 51.74 -16.35 21.88
C TYR G 163 50.26 -16.75 21.99
N ALA G 164 49.91 -17.90 21.41
CA ALA G 164 48.53 -18.38 21.42
C ALA G 164 47.98 -18.70 22.82
N LYS G 165 48.83 -19.22 23.70
CA LYS G 165 48.44 -19.56 25.07
C LYS G 165 47.99 -18.35 25.91
N VAL G 166 48.82 -17.32 25.97
CA VAL G 166 48.47 -16.09 26.68
C VAL G 166 47.15 -15.46 26.19
N CYS G 167 46.94 -15.42 24.88
CA CYS G 167 45.67 -14.92 24.35
C CYS G 167 44.46 -15.76 24.78
N PHE G 168 44.55 -17.07 24.65
CA PHE G 168 43.53 -17.98 25.16
C PHE G 168 43.30 -17.83 26.67
N GLU G 169 44.40 -17.69 27.40
CA GLU G 169 44.40 -17.52 28.85
C GLU G 169 43.45 -16.39 29.30
N GLU G 170 43.77 -15.18 28.87
CA GLU G 170 43.17 -13.95 29.38
C GLU G 170 41.76 -13.62 28.89
N LEU G 171 41.33 -14.18 27.76
CA LEU G 171 40.09 -13.70 27.13
C LEU G 171 39.21 -14.77 26.45
N ASP G 172 39.51 -16.04 26.67
CA ASP G 172 38.66 -17.13 26.17
C ASP G 172 37.20 -17.01 26.66
N ASP G 173 37.03 -16.44 27.84
CA ASP G 173 35.70 -16.13 28.38
C ASP G 173 34.91 -15.06 27.62
N ILE G 174 35.59 -14.00 27.17
CA ILE G 174 34.94 -12.87 26.52
C ILE G 174 34.65 -13.10 25.03
N VAL G 175 35.51 -13.85 24.36
CA VAL G 175 35.35 -14.10 22.93
C VAL G 175 34.21 -15.06 22.61
N ASP G 176 33.63 -14.89 21.43
CA ASP G 176 32.59 -15.77 20.93
C ASP G 176 33.14 -16.86 20.02
N SER G 177 34.13 -16.52 19.20
CA SER G 177 34.79 -17.50 18.37
C SER G 177 36.23 -17.13 18.02
N TRP G 178 37.03 -18.15 17.74
CA TRP G 178 38.45 -17.96 17.43
C TRP G 178 38.76 -18.30 15.98
N ILE G 179 39.60 -17.47 15.36
CA ILE G 179 40.21 -17.81 14.09
C ILE G 179 41.72 -17.80 14.26
N THR G 180 42.36 -18.93 13.94
CA THR G 180 43.80 -19.06 14.15
C THR G 180 44.60 -18.30 13.10
N HIS G 181 44.40 -18.64 11.84
CA HIS G 181 45.19 -18.05 10.75
C HIS G 181 44.25 -17.52 9.67
N ASN G 182 44.50 -16.29 9.22
CA ASN G 182 43.78 -15.74 8.07
C ASN G 182 44.59 -15.85 6.79
N GLU G 183 44.08 -16.65 5.85
CA GLU G 183 44.60 -16.73 4.49
C GLU G 183 46.08 -17.10 4.45
N PRO G 184 46.40 -18.35 4.81
CA PRO G 184 47.77 -18.88 4.76
C PRO G 184 48.34 -18.84 3.35
N TRP G 185 47.47 -18.98 2.36
CA TRP G 185 47.85 -18.81 0.97
C TRP G 185 48.51 -17.45 0.72
N CYS G 186 47.95 -16.40 1.32
CA CYS G 186 48.52 -15.05 1.24
C CYS G 186 49.81 -14.91 2.06
N ALA G 187 49.74 -15.34 3.31
CA ALA G 187 50.87 -15.30 4.24
C ALA G 187 52.02 -16.22 3.83
N GLY G 188 51.69 -17.28 3.10
CA GLY G 188 52.69 -18.24 2.67
C GLY G 188 53.19 -18.04 1.26
N PHE G 189 52.34 -18.35 0.27
CA PHE G 189 52.76 -18.32 -1.12
C PHE G 189 52.91 -16.90 -1.68
N LEU G 190 51.98 -16.02 -1.33
CA LEU G 190 52.06 -14.65 -1.79
C LEU G 190 53.19 -13.88 -1.09
N GLY G 191 53.55 -14.33 0.11
CA GLY G 191 54.58 -13.68 0.90
C GLY G 191 55.99 -14.23 0.73
N TYR G 192 56.11 -15.54 0.59
CA TYR G 192 57.41 -16.22 0.53
C TYR G 192 57.78 -16.73 -0.87
N HIS G 193 56.79 -16.96 -1.72
CA HIS G 193 57.04 -17.42 -3.07
C HIS G 193 56.93 -16.34 -4.14
N VAL G 194 55.84 -15.58 -4.11
CA VAL G 194 55.60 -14.56 -5.12
C VAL G 194 56.25 -13.23 -4.72
N GLY G 195 56.41 -13.02 -3.42
CA GLY G 195 57.11 -11.84 -2.94
C GLY G 195 56.30 -10.56 -3.01
N VAL G 196 54.98 -10.71 -3.06
CA VAL G 196 54.07 -9.55 -3.10
C VAL G 196 53.74 -9.08 -1.68
N HIS G 197 53.73 -10.01 -0.72
CA HIS G 197 53.49 -9.67 0.67
C HIS G 197 54.74 -9.85 1.53
N ALA G 198 54.68 -9.30 2.73
CA ALA G 198 55.80 -9.34 3.68
C ALA G 198 56.08 -10.77 4.13
N PRO G 199 57.36 -11.14 4.26
CA PRO G 199 58.55 -10.26 4.16
C PRO G 199 59.05 -10.03 2.74
N GLY G 200 58.38 -10.62 1.75
CA GLY G 200 58.71 -10.38 0.35
C GLY G 200 59.77 -11.27 -0.25
N HIS G 201 59.89 -12.50 0.25
CA HIS G 201 60.89 -13.42 -0.29
C HIS G 201 60.32 -14.08 -1.54
N ARG G 202 61.21 -14.60 -2.38
CA ARG G 202 60.80 -15.33 -3.56
C ARG G 202 61.52 -16.68 -3.65
N ASP G 203 61.02 -17.64 -2.88
CA ASP G 203 61.63 -18.96 -2.76
C ASP G 203 60.54 -19.97 -2.44
N MET G 204 60.27 -20.86 -3.38
CA MET G 204 59.23 -21.88 -3.23
C MET G 204 59.56 -22.90 -2.13
N ASN G 205 60.84 -23.17 -1.91
CA ASN G 205 61.20 -24.09 -0.86
C ASN G 205 60.88 -23.50 0.50
N GLU G 206 61.21 -22.23 0.70
CA GLU G 206 60.79 -21.51 1.89
C GLU G 206 59.27 -21.41 2.02
N ALA G 207 58.59 -21.22 0.90
CA ALA G 207 57.14 -21.04 0.89
C ALA G 207 56.36 -22.25 1.40
N VAL G 208 56.67 -23.43 0.85
CA VAL G 208 56.02 -24.66 1.28
C VAL G 208 56.34 -24.98 2.75
N ARG G 209 57.56 -24.65 3.18
CA ARG G 209 57.95 -24.81 4.57
C ARG G 209 57.19 -23.83 5.48
N ALA G 210 57.13 -22.57 5.04
CA ALA G 210 56.36 -21.53 5.73
C ALA G 210 54.88 -21.86 5.92
N VAL G 211 54.25 -22.36 4.86
CA VAL G 211 52.85 -22.76 4.93
C VAL G 211 52.57 -23.91 5.90
N HIS G 212 53.36 -24.98 5.81
CA HIS G 212 53.21 -26.14 6.69
C HIS G 212 53.24 -25.75 8.16
N HIS G 213 54.20 -24.91 8.53
CA HIS G 213 54.37 -24.47 9.91
C HIS G 213 53.25 -23.54 10.35
N MET G 214 52.61 -22.87 9.41
CA MET G 214 51.40 -22.12 9.71
C MET G 214 50.24 -23.07 10.00
N LEU G 215 50.04 -24.05 9.12
CA LEU G 215 49.02 -25.08 9.29
C LEU G 215 49.22 -25.89 10.57
N LEU G 216 50.49 -26.14 10.93
CA LEU G 216 50.84 -26.89 12.12
C LEU G 216 50.59 -26.10 13.40
N SER G 217 50.95 -24.83 13.39
CA SER G 217 50.66 -23.91 14.48
C SER G 217 49.16 -23.79 14.75
N HIS G 218 48.36 -23.91 13.69
CA HIS G 218 46.91 -24.00 13.80
C HIS G 218 46.52 -25.23 14.64
N GLY G 219 46.94 -26.40 14.19
CA GLY G 219 46.62 -27.67 14.82
C GLY G 219 47.00 -27.66 16.30
N LYS G 220 48.19 -27.15 16.59
CA LYS G 220 48.67 -27.02 17.95
C LYS G 220 47.79 -26.06 18.77
N ALA G 221 47.29 -25.00 18.13
CA ALA G 221 46.40 -24.04 18.78
C ALA G 221 45.03 -24.63 19.12
N VAL G 222 44.52 -25.50 18.26
CA VAL G 222 43.28 -26.24 18.53
C VAL G 222 43.48 -27.17 19.71
N GLU G 223 44.53 -27.97 19.64
CA GLU G 223 44.94 -28.84 20.75
C GLU G 223 45.09 -28.09 22.06
N LEU G 224 45.58 -26.85 22.00
CA LEU G 224 45.74 -26.05 23.20
C LEU G 224 44.41 -25.59 23.81
N LEU G 225 43.46 -25.21 22.97
CA LEU G 225 42.16 -24.71 23.41
C LEU G 225 41.26 -25.78 24.06
N LYS G 226 41.17 -26.92 23.41
CA LYS G 226 40.36 -28.07 23.83
C LYS G 226 40.93 -28.85 25.02
N ARG G 227 42.25 -28.83 25.16
CA ARG G 227 42.92 -29.63 26.16
C ARG G 227 43.21 -28.89 27.47
N GLU G 228 43.95 -27.78 27.43
CA GLU G 228 44.36 -27.14 28.68
C GLU G 228 43.30 -26.41 29.51
N MET G 229 42.58 -25.44 28.95
CA MET G 229 41.35 -24.99 29.62
C MET G 229 40.14 -25.88 29.37
N LYS G 230 40.28 -26.86 28.49
CA LYS G 230 39.17 -27.75 28.11
C LYS G 230 38.00 -26.91 27.58
N SER G 231 38.32 -26.03 26.65
CA SER G 231 37.45 -24.93 26.22
C SER G 231 36.50 -25.42 25.13
N THR G 232 35.25 -24.98 25.18
CA THR G 232 34.34 -25.32 24.09
C THR G 232 34.05 -24.10 23.21
N THR G 233 34.73 -23.00 23.48
CA THR G 233 34.66 -21.81 22.65
C THR G 233 34.94 -22.20 21.20
N PRO G 234 34.03 -21.84 20.28
CA PRO G 234 34.22 -22.20 18.86
C PRO G 234 35.55 -21.72 18.26
N ILE G 235 36.28 -22.65 17.67
CA ILE G 235 37.57 -22.34 17.04
C ILE G 235 37.61 -22.99 15.65
N GLY G 236 38.27 -22.34 14.70
CA GLY G 236 38.41 -22.89 13.37
C GLY G 236 39.40 -22.13 12.50
N ILE G 237 39.52 -22.52 11.23
CA ILE G 237 40.40 -21.82 10.31
C ILE G 237 39.61 -21.09 9.23
N THR G 238 40.17 -20.00 8.70
CA THR G 238 39.63 -19.35 7.52
C THR G 238 40.58 -19.53 6.32
N LEU G 239 40.04 -20.09 5.23
CA LEU G 239 40.79 -20.18 3.98
C LEU G 239 40.14 -19.28 2.93
N ASN G 240 40.97 -18.57 2.17
CA ASN G 240 40.48 -17.96 0.94
C ASN G 240 40.43 -18.98 -0.19
N LEU G 241 39.30 -19.02 -0.88
CA LEU G 241 39.08 -19.97 -1.97
C LEU G 241 38.64 -19.27 -3.25
N SER G 242 39.26 -19.65 -4.35
CA SER G 242 38.94 -19.13 -5.67
C SER G 242 38.73 -20.28 -6.64
N PRO G 243 37.47 -20.54 -7.04
CA PRO G 243 37.23 -21.64 -7.97
C PRO G 243 37.83 -21.37 -9.34
N MET G 244 38.31 -22.43 -10.00
CA MET G 244 39.03 -22.28 -11.26
C MET G 244 38.28 -22.90 -12.43
N TYR G 245 38.38 -22.26 -13.59
CA TYR G 245 37.63 -22.70 -14.76
C TYR G 245 38.51 -22.69 -16.02
N ALA G 246 38.35 -23.73 -16.85
CA ALA G 246 39.07 -23.84 -18.11
C ALA G 246 38.46 -22.97 -19.22
N LYS G 247 39.31 -22.38 -20.05
CA LYS G 247 38.85 -21.58 -21.19
C LYS G 247 38.12 -22.50 -22.18
N THR G 248 38.74 -23.61 -22.55
CA THR G 248 38.13 -24.60 -23.44
C THR G 248 37.99 -25.94 -22.71
N ASP G 249 37.52 -26.97 -23.41
CA ASP G 249 37.38 -28.29 -22.81
C ASP G 249 38.50 -29.26 -23.20
N SER G 250 39.54 -28.71 -23.82
CA SER G 250 40.70 -29.51 -24.19
C SER G 250 41.48 -30.01 -22.98
N ALA G 251 42.21 -31.11 -23.17
CA ALA G 251 42.94 -31.80 -22.10
C ALA G 251 43.91 -30.88 -21.40
N ASN G 252 44.70 -30.15 -22.20
CA ASN G 252 45.60 -29.10 -21.71
C ASN G 252 44.95 -28.16 -20.71
N ASP G 253 43.75 -27.69 -21.05
CA ASP G 253 42.99 -26.78 -20.22
C ASP G 253 42.44 -27.41 -18.94
N ARG G 254 42.22 -28.72 -18.96
CA ARG G 254 41.87 -29.44 -17.74
C ARG G 254 43.02 -29.45 -16.74
N LEU G 255 44.23 -29.64 -17.24
CA LEU G 255 45.44 -29.61 -16.40
C LEU G 255 45.69 -28.24 -15.78
N ALA G 256 45.54 -27.20 -16.60
CA ALA G 256 45.67 -25.81 -16.16
C ALA G 256 44.75 -25.48 -14.98
N MET G 257 43.50 -25.90 -15.10
CA MET G 257 42.51 -25.69 -14.04
C MET G 257 42.91 -26.40 -12.75
N ASN G 258 43.25 -27.67 -12.86
CA ASN G 258 43.72 -28.45 -11.72
C ASN G 258 44.87 -27.79 -10.96
N ASN G 259 45.92 -27.39 -11.66
CA ASN G 259 47.08 -26.79 -11.02
C ASN G 259 46.77 -25.43 -10.38
N ALA G 260 45.94 -24.62 -11.03
CA ALA G 260 45.48 -23.39 -10.40
C ALA G 260 44.61 -23.70 -9.19
N ASP G 261 43.77 -24.72 -9.30
CA ASP G 261 42.97 -25.17 -8.17
C ASP G 261 43.81 -25.74 -7.03
N GLY G 262 44.77 -26.58 -7.40
CA GLY G 262 45.68 -27.18 -6.44
C GLY G 262 46.53 -26.16 -5.71
N TYR G 263 47.06 -25.20 -6.46
CA TYR G 263 47.92 -24.16 -5.91
C TYR G 263 47.18 -23.25 -4.95
N SER G 264 45.98 -22.82 -5.33
CA SER G 264 45.20 -21.89 -4.53
C SER G 264 44.38 -22.56 -3.42
N ASN G 265 43.89 -23.76 -3.69
CA ASN G 265 42.90 -24.37 -2.80
C ASN G 265 43.28 -25.72 -2.19
N ARG G 266 43.46 -26.74 -3.02
CA ARG G 266 43.68 -28.10 -2.55
C ARG G 266 44.94 -28.28 -1.71
N TRP G 267 45.97 -27.48 -1.95
CA TRP G 267 47.18 -27.52 -1.14
C TRP G 267 46.88 -27.23 0.33
N PHE G 268 45.80 -26.49 0.57
CA PHE G 268 45.39 -26.12 1.92
C PHE G 268 44.18 -26.90 2.44
N LEU G 269 43.27 -27.27 1.55
CA LEU G 269 42.10 -28.06 1.94
C LEU G 269 42.42 -29.51 2.24
N ASP G 270 43.19 -30.17 1.38
CA ASP G 270 43.54 -31.57 1.57
C ASP G 270 44.22 -31.87 2.92
N PRO G 271 45.29 -31.15 3.29
CA PRO G 271 45.88 -31.47 4.60
C PRO G 271 44.94 -31.21 5.78
N VAL G 272 44.12 -30.18 5.68
CA VAL G 272 43.22 -29.80 6.77
C VAL G 272 42.06 -30.77 6.98
N PHE G 273 41.50 -31.30 5.90
CA PHE G 273 40.32 -32.15 6.02
C PHE G 273 40.59 -33.63 5.73
N LYS G 274 41.52 -33.90 4.83
CA LYS G 274 41.88 -35.28 4.49
C LYS G 274 43.12 -35.77 5.22
N GLY G 275 43.89 -34.84 5.78
CA GLY G 275 45.15 -35.17 6.42
C GLY G 275 46.26 -35.66 5.51
N GLU G 276 46.32 -35.08 4.31
CA GLU G 276 47.40 -35.39 3.37
C GLU G 276 47.59 -34.22 2.41
N TYR G 277 48.78 -34.14 1.80
CA TYR G 277 49.00 -33.20 0.71
C TYR G 277 48.67 -33.84 -0.62
N PRO G 278 48.24 -33.01 -1.59
CA PRO G 278 48.00 -33.56 -2.92
C PRO G 278 49.30 -33.91 -3.61
N VAL G 279 49.40 -35.16 -4.06
CA VAL G 279 50.66 -35.68 -4.55
C VAL G 279 50.98 -35.08 -5.91
N ASP G 280 49.92 -34.69 -6.63
CA ASP G 280 50.04 -34.06 -7.94
C ASP G 280 50.71 -32.68 -7.86
N MET G 281 50.46 -31.97 -6.77
CA MET G 281 51.13 -30.69 -6.54
C MET G 281 52.54 -30.82 -5.96
N MET G 282 52.79 -31.89 -5.20
CA MET G 282 54.14 -32.20 -4.74
C MET G 282 55.14 -32.44 -5.87
N ASN G 283 54.73 -33.23 -6.85
CA ASN G 283 55.56 -33.47 -8.03
C ASN G 283 55.78 -32.23 -8.88
N LEU G 284 54.77 -31.38 -8.99
CA LEU G 284 54.90 -30.13 -9.71
C LEU G 284 55.81 -29.14 -9.01
N PHE G 285 55.64 -29.00 -7.69
CA PHE G 285 56.52 -28.13 -6.90
C PHE G 285 57.93 -28.70 -6.75
N SER G 286 58.08 -29.99 -7.06
CA SER G 286 59.38 -30.64 -7.03
C SER G 286 60.35 -30.12 -8.10
N LYS G 287 59.87 -29.21 -8.94
CA LYS G 287 60.74 -28.40 -9.77
C LYS G 287 61.58 -27.40 -8.96
N TYR G 288 61.09 -27.02 -7.78
CA TYR G 288 61.84 -26.18 -6.85
C TYR G 288 62.09 -26.85 -5.51
N VAL G 289 61.23 -27.78 -5.13
CA VAL G 289 61.24 -28.34 -3.79
C VAL G 289 61.70 -29.79 -3.86
N HIS G 290 62.94 -30.01 -3.42
CA HIS G 290 63.64 -31.27 -3.63
C HIS G 290 63.72 -32.14 -2.38
N ASN G 291 62.98 -31.75 -1.35
CA ASN G 291 62.82 -32.61 -0.18
C ASN G 291 61.60 -32.18 0.62
N PHE G 292 60.86 -33.17 1.09
CA PHE G 292 59.67 -32.96 1.89
C PHE G 292 59.82 -33.42 3.34
N ASP G 293 61.06 -33.38 3.83
CA ASP G 293 61.37 -33.78 5.20
C ASP G 293 60.86 -32.78 6.24
N PHE G 294 60.49 -31.59 5.79
CA PHE G 294 59.76 -30.67 6.67
C PHE G 294 58.42 -31.20 7.17
N ILE G 295 57.81 -32.15 6.46
CA ILE G 295 56.69 -32.87 7.06
C ILE G 295 57.19 -33.96 8.00
N GLN G 296 57.23 -33.63 9.29
CA GLN G 296 57.61 -34.58 10.33
C GLN G 296 56.49 -35.58 10.65
N SER G 297 56.86 -36.66 11.33
CA SER G 297 55.90 -37.63 11.83
C SER G 297 55.02 -37.07 12.95
N GLY G 298 53.74 -37.40 12.91
CA GLY G 298 52.77 -36.91 13.87
C GLY G 298 52.15 -35.58 13.48
N ASP G 299 52.77 -34.91 12.52
CA ASP G 299 52.34 -33.60 12.08
C ASP G 299 50.95 -33.65 11.44
N MET G 300 50.79 -34.57 10.50
CA MET G 300 49.56 -34.72 9.74
C MET G 300 48.33 -35.10 10.57
N GLU G 301 48.52 -35.81 11.68
CA GLU G 301 47.40 -36.10 12.57
C GLU G 301 46.91 -34.85 13.31
N THR G 302 47.84 -34.01 13.76
CA THR G 302 47.51 -32.72 14.37
C THR G 302 46.79 -31.71 13.47
N ILE G 303 47.33 -31.45 12.28
CA ILE G 303 46.70 -30.54 11.32
C ILE G 303 45.23 -30.86 11.03
N SER G 304 44.90 -32.14 10.87
CA SER G 304 43.53 -32.52 10.55
C SER G 304 42.63 -32.69 11.77
N THR G 305 43.05 -32.09 12.90
CA THR G 305 42.28 -32.15 14.13
C THR G 305 40.93 -31.47 13.91
N ALA G 306 39.86 -32.04 14.45
CA ALA G 306 38.52 -31.55 14.16
C ALA G 306 38.29 -30.16 14.76
N CYS G 307 37.63 -29.30 14.01
CA CYS G 307 37.38 -27.91 14.40
C CYS G 307 35.88 -27.67 14.60
N ASP G 308 35.55 -26.53 15.19
CA ASP G 308 34.14 -26.21 15.45
C ASP G 308 33.43 -25.67 14.20
N PHE G 309 34.16 -24.91 13.39
CA PHE G 309 33.59 -24.36 12.16
C PHE G 309 34.64 -24.26 11.06
N PHE G 310 34.18 -24.03 9.83
CA PHE G 310 35.08 -23.72 8.72
C PHE G 310 34.88 -22.27 8.24
N GLY G 311 35.99 -21.57 8.06
CA GLY G 311 35.99 -20.19 7.59
C GLY G 311 36.37 -20.05 6.12
N ILE G 312 35.57 -19.29 5.37
CA ILE G 312 35.86 -19.05 3.96
C ILE G 312 35.95 -17.55 3.66
N ASN G 313 37.07 -17.14 3.09
CA ASN G 313 37.21 -15.83 2.48
C ASN G 313 37.03 -15.85 0.97
N PHE G 314 35.94 -15.29 0.48
CA PHE G 314 35.69 -15.27 -0.95
C PHE G 314 35.67 -13.84 -1.47
N TYR G 315 36.17 -13.67 -2.68
CA TYR G 315 36.24 -12.37 -3.34
C TYR G 315 35.88 -12.55 -4.81
N SER G 316 36.52 -13.53 -5.45
CA SER G 316 36.32 -13.79 -6.86
C SER G 316 36.78 -15.18 -7.29
N ARG G 317 36.49 -15.53 -8.54
CA ARG G 317 37.03 -16.71 -9.21
C ARG G 317 38.31 -16.40 -9.99
N GLY G 318 38.94 -17.44 -10.54
CA GLY G 318 39.99 -17.24 -11.52
C GLY G 318 39.88 -18.17 -12.72
N ILE G 319 39.84 -17.56 -13.90
CA ILE G 319 39.88 -18.29 -15.17
C ILE G 319 41.32 -18.47 -15.66
N VAL G 320 41.68 -19.72 -15.98
CA VAL G 320 43.04 -20.04 -16.38
C VAL G 320 43.09 -20.79 -17.70
N GLU G 321 44.23 -20.69 -18.38
CA GLU G 321 44.49 -21.50 -19.57
C GLU G 321 45.88 -22.13 -19.50
N PHE G 322 46.18 -23.04 -20.42
CA PHE G 322 47.44 -23.77 -20.40
C PHE G 322 48.60 -22.91 -20.90
N ASN G 323 49.80 -23.17 -20.38
CA ASN G 323 51.01 -22.46 -20.81
C ASN G 323 52.22 -23.40 -20.79
N ALA G 324 52.70 -23.79 -21.96
CA ALA G 324 53.91 -24.60 -22.08
C ALA G 324 55.17 -23.93 -21.50
N ALA G 325 55.23 -22.60 -21.56
CA ALA G 325 56.36 -21.84 -21.02
C ALA G 325 56.28 -21.63 -19.51
N ASN G 326 55.12 -21.91 -18.94
CA ASN G 326 54.93 -21.81 -17.49
C ASN G 326 55.47 -23.03 -16.77
N ASP G 327 56.10 -22.79 -15.62
CA ASP G 327 56.57 -23.86 -14.76
C ASP G 327 55.40 -24.68 -14.22
N PHE G 328 54.31 -24.01 -13.83
CA PHE G 328 53.12 -24.70 -13.36
C PHE G 328 52.09 -24.83 -14.48
N LEU G 329 52.54 -24.67 -15.73
CA LEU G 329 51.75 -25.06 -16.91
C LEU G 329 50.50 -24.22 -17.09
N LYS G 330 50.43 -23.05 -16.46
CA LYS G 330 49.22 -22.24 -16.55
C LYS G 330 49.43 -20.74 -16.55
N ALA G 331 48.50 -20.03 -17.17
CA ALA G 331 48.47 -18.58 -17.14
C ALA G 331 47.03 -18.08 -17.10
N ASP G 332 46.84 -16.83 -16.73
CA ASP G 332 45.52 -16.23 -16.66
C ASP G 332 44.88 -15.99 -18.03
N ALA G 333 43.60 -16.35 -18.16
CA ALA G 333 42.86 -16.19 -19.41
C ALA G 333 41.90 -14.99 -19.32
N TYR G 334 41.57 -14.41 -20.47
CA TYR G 334 40.70 -13.23 -20.51
C TYR G 334 39.29 -13.51 -19.99
N SER G 335 38.83 -12.66 -19.07
CA SER G 335 37.49 -12.77 -18.50
C SER G 335 36.58 -11.68 -19.07
N ASP G 336 35.41 -12.09 -19.54
CA ASP G 336 34.39 -11.12 -19.96
C ASP G 336 33.37 -10.75 -18.89
N TYR G 337 33.59 -11.23 -17.67
CA TYR G 337 32.69 -10.95 -16.55
C TYR G 337 32.73 -9.47 -16.17
N GLU G 338 31.73 -9.01 -15.41
CA GLU G 338 31.80 -7.68 -14.80
C GLU G 338 32.87 -7.65 -13.73
N LYS G 339 33.57 -6.53 -13.61
CA LYS G 339 34.74 -6.44 -12.75
C LYS G 339 34.68 -5.29 -11.76
N THR G 340 35.31 -5.49 -10.60
CA THR G 340 35.42 -4.47 -9.57
C THR G 340 36.48 -3.44 -9.96
N GLY G 341 36.75 -2.49 -9.07
CA GLY G 341 37.87 -1.58 -9.26
C GLY G 341 39.21 -2.28 -9.27
N MET G 342 39.29 -3.45 -8.64
CA MET G 342 40.50 -4.26 -8.67
C MET G 342 40.68 -5.00 -9.98
N GLY G 343 39.65 -5.01 -10.83
CA GLY G 343 39.66 -5.88 -11.99
C GLY G 343 39.29 -7.32 -11.69
N TRP G 344 38.77 -7.58 -10.49
CA TRP G 344 38.42 -8.94 -10.13
C TRP G 344 37.03 -9.29 -10.65
N ASP G 345 36.83 -10.54 -11.04
CA ASP G 345 35.52 -11.02 -11.51
C ASP G 345 34.43 -11.01 -10.44
N ILE G 346 33.23 -10.63 -10.84
CA ILE G 346 32.05 -10.78 -9.99
C ILE G 346 31.41 -12.13 -10.29
N ALA G 347 31.45 -13.03 -9.31
CA ALA G 347 31.20 -14.45 -9.58
C ALA G 347 30.38 -15.12 -8.49
N PRO G 348 29.12 -14.71 -8.35
CA PRO G 348 28.24 -15.33 -7.34
C PRO G 348 27.81 -16.74 -7.69
N ASN G 349 27.68 -17.03 -8.99
CA ASN G 349 27.39 -18.39 -9.45
C ASN G 349 28.52 -19.37 -9.15
N GLU G 350 29.75 -18.91 -9.30
CA GLU G 350 30.90 -19.75 -9.03
C GLU G 350 31.14 -19.96 -7.54
N PHE G 351 30.73 -18.98 -6.73
CA PHE G 351 30.68 -19.12 -5.28
C PHE G 351 29.75 -20.24 -4.83
N LYS G 352 28.62 -20.37 -5.52
CA LYS G 352 27.66 -21.43 -5.26
C LYS G 352 28.24 -22.79 -5.63
N ASP G 353 28.97 -22.84 -6.75
CA ASP G 353 29.69 -24.03 -7.18
C ASP G 353 30.69 -24.47 -6.10
N LEU G 354 31.43 -23.50 -5.58
CA LEU G 354 32.46 -23.70 -4.54
C LEU G 354 31.97 -24.33 -3.23
N ILE G 355 30.85 -23.84 -2.71
CA ILE G 355 30.31 -24.30 -1.43
C ILE G 355 29.89 -25.76 -1.56
N ARG G 356 29.26 -26.08 -2.68
CA ARG G 356 28.89 -27.45 -3.01
C ARG G 356 30.09 -28.41 -3.05
N ARG G 357 31.22 -27.98 -3.60
CA ARG G 357 32.40 -28.85 -3.62
C ARG G 357 32.83 -29.24 -2.22
N LEU G 358 32.84 -28.28 -1.31
CA LEU G 358 33.23 -28.55 0.08
C LEU G 358 32.33 -29.55 0.81
N ARG G 359 31.01 -29.44 0.65
CA ARG G 359 30.10 -30.43 1.23
C ARG G 359 30.18 -31.83 0.61
N ALA G 360 30.33 -31.87 -0.70
CA ALA G 360 30.46 -33.13 -1.43
C ALA G 360 31.78 -33.87 -1.19
N GLU G 361 32.87 -33.12 -1.15
CA GLU G 361 34.21 -33.71 -1.14
C GLU G 361 35.01 -33.65 0.15
N TYR G 362 34.78 -32.62 0.96
CA TYR G 362 35.74 -32.29 2.01
C TYR G 362 35.20 -32.33 3.44
N THR G 363 34.21 -31.50 3.73
CA THR G 363 33.81 -31.22 5.11
C THR G 363 32.31 -31.00 5.19
N ASP G 364 31.74 -31.33 6.35
CA ASP G 364 30.34 -31.02 6.60
C ASP G 364 30.19 -30.20 7.88
N LEU G 365 31.23 -29.44 8.19
CA LEU G 365 31.19 -28.48 9.30
C LEU G 365 30.45 -27.22 8.87
N PRO G 366 29.97 -26.43 9.85
CA PRO G 366 29.32 -25.14 9.56
C PRO G 366 30.27 -24.09 8.98
N ILE G 367 29.92 -23.53 7.82
CA ILE G 367 30.76 -22.54 7.16
C ILE G 367 30.42 -21.12 7.59
N TYR G 368 31.46 -20.34 7.87
CA TYR G 368 31.33 -18.92 8.12
C TYR G 368 32.10 -18.14 7.05
N ILE G 369 31.40 -17.26 6.34
CA ILE G 369 32.05 -16.36 5.39
C ILE G 369 32.74 -15.21 6.13
N THR G 370 34.01 -15.42 6.47
CA THR G 370 34.77 -14.49 7.29
C THR G 370 35.27 -13.22 6.58
N GLU G 371 35.38 -13.27 5.26
CA GLU G 371 35.53 -12.04 4.45
C GLU G 371 34.78 -12.13 3.13
N ASN G 372 34.02 -11.08 2.80
CA ASN G 372 33.56 -10.84 1.44
C ASN G 372 33.32 -9.35 1.15
N GLY G 373 33.71 -8.89 -0.05
CA GLY G 373 33.55 -7.50 -0.42
C GLY G 373 34.14 -7.11 -1.76
N ALA G 374 34.17 -5.81 -2.04
CA ALA G 374 34.63 -5.29 -3.33
C ALA G 374 35.06 -3.82 -3.26
N ALA G 375 36.03 -3.46 -4.09
CA ALA G 375 36.51 -2.07 -4.19
C ALA G 375 35.99 -1.31 -5.41
N PHE G 376 35.46 -0.11 -5.17
CA PHE G 376 35.03 0.75 -6.27
C PHE G 376 35.52 2.18 -6.04
N ASP G 377 35.53 2.98 -7.11
CA ASP G 377 36.04 4.34 -7.08
C ASP G 377 35.09 5.33 -6.40
N ASP G 378 35.20 5.46 -5.07
CA ASP G 378 34.24 6.29 -4.33
C ASP G 378 34.61 7.76 -4.37
N VAL G 379 33.65 8.59 -4.76
CA VAL G 379 33.81 10.04 -4.84
C VAL G 379 32.92 10.75 -3.81
N LEU G 380 33.52 11.57 -2.94
CA LEU G 380 32.73 12.36 -2.01
C LEU G 380 32.17 13.66 -2.62
N GLU G 381 30.85 13.70 -2.73
CA GLU G 381 30.14 14.82 -3.32
C GLU G 381 29.03 15.21 -2.35
N ASN G 382 29.17 16.41 -1.78
CA ASN G 382 28.17 17.01 -0.90
C ASN G 382 27.97 16.11 0.33
N GLY G 383 29.08 15.59 0.83
CA GLY G 383 29.13 14.75 2.00
C GLY G 383 28.60 13.33 1.86
N GLU G 384 28.39 12.88 0.64
CA GLU G 384 27.92 11.50 0.42
C GLU G 384 28.65 10.76 -0.70
N VAL G 385 28.82 9.45 -0.49
CA VAL G 385 29.34 8.55 -1.51
C VAL G 385 28.25 7.55 -1.92
N HIS G 386 27.84 7.60 -3.18
CA HIS G 386 26.77 6.76 -3.71
C HIS G 386 27.27 5.48 -4.38
N ASP G 387 27.69 4.52 -3.56
CA ASP G 387 28.25 3.26 -4.05
C ASP G 387 27.23 2.12 -4.14
N ASP G 388 26.29 2.28 -5.07
CA ASP G 388 25.25 1.30 -5.35
C ASP G 388 25.83 0.01 -5.97
N ASN G 389 26.90 0.17 -6.75
CA ASN G 389 27.67 -0.96 -7.27
C ASN G 389 28.15 -1.93 -6.18
N ARG G 390 28.65 -1.40 -5.06
CA ARG G 390 29.04 -2.25 -3.94
C ARG G 390 27.82 -2.94 -3.31
N ILE G 391 26.77 -2.17 -3.10
CA ILE G 391 25.49 -2.69 -2.61
C ILE G 391 24.98 -3.88 -3.45
N ASP G 392 25.03 -3.72 -4.78
CA ASP G 392 24.64 -4.78 -5.71
C ASP G 392 25.52 -6.02 -5.49
N TYR G 393 26.83 -5.82 -5.39
CA TYR G 393 27.77 -6.93 -5.20
C TYR G 393 27.42 -7.75 -3.95
N VAL G 394 27.24 -7.08 -2.83
CA VAL G 394 26.93 -7.76 -1.57
C VAL G 394 25.55 -8.43 -1.62
N ARG G 395 24.58 -7.75 -2.23
CA ARG G 395 23.22 -8.25 -2.36
C ARG G 395 23.11 -9.55 -3.16
N GLN G 396 23.86 -9.65 -4.25
CA GLN G 396 23.90 -10.86 -5.05
C GLN G 396 24.47 -12.04 -4.27
N HIS G 397 25.48 -11.76 -3.45
CA HIS G 397 26.12 -12.78 -2.64
C HIS G 397 25.29 -13.21 -1.42
N LEU G 398 24.61 -12.25 -0.80
CA LEU G 398 23.67 -12.59 0.28
C LEU G 398 22.43 -13.35 -0.17
N GLU G 399 21.98 -13.11 -1.40
CA GLU G 399 20.91 -13.89 -1.98
C GLU G 399 21.33 -15.34 -2.25
N ALA G 400 22.55 -15.50 -2.77
CA ALA G 400 23.12 -16.82 -3.02
C ALA G 400 23.25 -17.64 -1.74
N VAL G 401 23.79 -17.03 -0.69
CA VAL G 401 23.90 -17.67 0.61
C VAL G 401 22.55 -18.18 1.10
N SER G 402 21.54 -17.31 1.03
CA SER G 402 20.17 -17.65 1.41
C SER G 402 19.64 -18.84 0.61
N ASP G 403 19.81 -18.79 -0.70
CA ASP G 403 19.43 -19.89 -1.58
C ASP G 403 20.15 -21.19 -1.23
N LEU G 404 21.43 -21.09 -0.88
CA LEU G 404 22.22 -22.26 -0.49
C LEU G 404 21.75 -22.89 0.83
N ASN G 405 21.44 -22.06 1.82
CA ASN G 405 20.88 -22.54 3.08
C ASN G 405 19.48 -23.15 2.93
N ASP G 406 18.75 -22.73 1.89
CA ASP G 406 17.51 -23.39 1.53
C ASP G 406 17.78 -24.81 1.00
N GLU G 407 19.00 -25.03 0.53
CA GLU G 407 19.41 -26.34 0.07
C GLU G 407 20.10 -27.15 1.16
N GLY G 408 20.14 -26.58 2.37
CA GLY G 408 20.79 -27.24 3.50
C GLY G 408 22.30 -27.23 3.46
N MET G 409 22.90 -26.17 2.93
CA MET G 409 24.35 -26.03 2.94
C MET G 409 24.90 -25.39 4.20
N ASN G 410 24.00 -24.98 5.08
CA ASN G 410 24.35 -24.59 6.45
C ASN G 410 25.47 -23.56 6.47
N ILE G 411 25.22 -22.40 5.87
CA ILE G 411 26.14 -21.28 5.97
C ILE G 411 25.66 -20.44 7.16
N GLN G 412 26.37 -20.55 8.26
CA GLN G 412 25.93 -19.98 9.53
C GLN G 412 26.14 -18.48 9.62
N GLY G 413 27.19 -17.96 8.97
CA GLY G 413 27.47 -16.54 9.10
C GLY G 413 28.21 -15.88 7.96
N TYR G 414 28.03 -14.56 7.90
CA TYR G 414 28.59 -13.72 6.85
C TYR G 414 29.20 -12.46 7.44
N TYR G 415 30.51 -12.28 7.28
CA TYR G 415 31.16 -11.06 7.74
C TYR G 415 31.51 -10.21 6.52
N LEU G 416 31.00 -8.98 6.49
CA LEU G 416 31.25 -8.10 5.37
C LEU G 416 32.59 -7.36 5.50
N TRP G 417 33.47 -7.63 4.55
CA TRP G 417 34.75 -6.93 4.44
C TRP G 417 34.63 -5.69 3.57
N SER G 418 34.97 -4.51 4.08
CA SER G 418 35.41 -4.31 5.46
C SER G 418 34.52 -3.26 6.11
N LEU G 419 34.60 -3.12 7.44
CA LEU G 419 33.88 -2.06 8.13
C LEU G 419 34.31 -0.67 7.64
N MET G 420 35.61 -0.39 7.72
CA MET G 420 36.16 0.91 7.34
C MET G 420 37.02 0.78 6.10
N ASP G 421 37.19 1.89 5.38
CA ASP G 421 38.27 1.99 4.39
C ASP G 421 39.62 1.95 5.10
N ASN G 422 40.50 1.08 4.63
CA ASN G 422 41.75 0.78 5.33
C ASN G 422 42.94 0.62 4.41
N PHE G 423 44.12 0.39 5.01
CA PHE G 423 45.33 0.07 4.27
C PHE G 423 45.21 -1.26 3.54
N GLU G 424 45.19 -1.20 2.21
CA GLU G 424 44.97 -2.40 1.40
C GLU G 424 46.28 -2.96 0.89
N TRP G 425 47.21 -3.16 1.81
CA TRP G 425 48.46 -3.88 1.56
C TRP G 425 49.30 -3.21 0.47
N SER G 426 49.66 -3.97 -0.56
CA SER G 426 50.52 -3.46 -1.63
C SER G 426 49.89 -2.39 -2.52
N PHE G 427 48.57 -2.29 -2.51
CA PHE G 427 47.87 -1.22 -3.21
C PHE G 427 47.76 0.06 -2.37
N GLY G 428 48.03 -0.08 -1.08
CA GLY G 428 48.02 1.03 -0.15
C GLY G 428 46.66 1.65 0.10
N TYR G 429 46.60 2.98 0.21
CA TYR G 429 45.32 3.66 0.37
C TYR G 429 44.64 4.09 -0.92
N GLU G 430 45.14 3.65 -2.07
CA GLU G 430 44.48 3.93 -3.35
C GLU G 430 43.16 3.15 -3.60
N LYS G 431 42.99 2.04 -2.90
CA LYS G 431 41.77 1.21 -3.03
C LYS G 431 40.96 1.07 -1.74
N ARG G 432 39.63 1.14 -1.91
CA ARG G 432 38.69 1.14 -0.80
C ARG G 432 37.71 -0.05 -0.78
N PHE G 433 37.85 -0.91 0.23
CA PHE G 433 36.99 -2.08 0.44
C PHE G 433 35.90 -1.80 1.48
N GLY G 434 36.04 -0.70 2.19
CA GLY G 434 35.25 -0.41 3.38
C GLY G 434 33.77 -0.13 3.15
N ILE G 435 33.00 -0.35 4.20
CA ILE G 435 31.61 0.12 4.25
C ILE G 435 31.51 1.53 4.85
N LEU G 436 32.50 1.90 5.67
CA LEU G 436 32.63 3.28 6.10
C LEU G 436 33.74 3.96 5.30
N TYR G 437 33.45 5.13 4.75
CA TYR G 437 34.46 5.89 4.01
C TYR G 437 35.40 6.55 5.02
N ILE G 438 36.68 6.63 4.67
CA ILE G 438 37.65 7.31 5.54
C ILE G 438 38.49 8.36 4.83
N ASP G 439 38.35 9.61 5.29
CA ASP G 439 39.29 10.66 4.94
C ASP G 439 40.50 10.52 5.84
N PHE G 440 41.62 10.05 5.29
CA PHE G 440 42.83 9.82 6.08
C PHE G 440 43.53 11.11 6.48
N GLU G 441 43.09 12.23 5.91
CA GLU G 441 43.52 13.55 6.37
C GLU G 441 42.94 13.91 7.74
N THR G 442 41.61 13.86 7.85
CA THR G 442 40.94 14.33 9.06
C THR G 442 40.54 13.20 10.01
N GLN G 443 40.65 11.95 9.54
CA GLN G 443 40.18 10.77 10.26
C GLN G 443 38.67 10.78 10.51
N GLU G 444 37.91 11.49 9.69
CA GLU G 444 36.46 11.55 9.85
C GLU G 444 35.79 10.29 9.30
N ARG G 445 34.94 9.65 10.10
CA ARG G 445 34.15 8.52 9.63
C ARG G 445 32.81 9.01 9.06
N ILE G 446 32.52 8.62 7.82
CA ILE G 446 31.25 8.95 7.17
C ILE G 446 30.54 7.74 6.56
N TRP G 447 29.35 7.42 7.07
CA TRP G 447 28.59 6.28 6.57
C TRP G 447 28.25 6.40 5.09
N LYS G 448 28.62 5.39 4.31
CA LYS G 448 28.22 5.29 2.91
C LYS G 448 26.78 4.84 2.78
N ASP G 449 26.26 4.90 1.54
CA ASP G 449 24.92 4.41 1.25
C ASP G 449 24.84 2.92 1.58
N SER G 450 25.93 2.22 1.29
CA SER G 450 26.06 0.79 1.57
C SER G 450 25.86 0.48 3.06
N ALA G 451 26.35 1.36 3.92
CA ALA G 451 26.21 1.21 5.36
C ALA G 451 24.76 1.27 5.83
N LYS G 452 24.01 2.25 5.32
CA LYS G 452 22.59 2.32 5.59
C LYS G 452 21.85 1.09 5.06
N TRP G 453 22.15 0.72 3.82
CA TRP G 453 21.59 -0.48 3.21
C TRP G 453 21.87 -1.73 4.03
N TYR G 454 23.12 -1.91 4.47
CA TYR G 454 23.48 -3.09 5.23
C TYR G 454 22.81 -3.08 6.60
N ALA G 455 22.73 -1.90 7.20
CA ALA G 455 22.05 -1.74 8.48
C ALA G 455 20.56 -2.07 8.39
N GLY G 456 19.95 -1.74 7.25
CA GLY G 456 18.55 -2.03 7.01
C GLY G 456 18.22 -3.43 6.56
N VAL G 457 19.14 -4.08 5.85
CA VAL G 457 19.02 -5.51 5.58
C VAL G 457 19.03 -6.31 6.87
N ILE G 458 19.87 -5.90 7.80
CA ILE G 458 19.94 -6.54 9.12
C ILE G 458 18.72 -6.25 9.98
N ALA G 459 18.28 -4.99 10.01
CA ALA G 459 17.10 -4.64 10.80
C ALA G 459 15.80 -5.24 10.27
N ASP G 460 15.64 -5.31 8.95
CA ASP G 460 14.45 -5.94 8.40
C ASP G 460 14.45 -7.44 8.68
N HIS G 461 15.64 -8.03 8.71
CA HIS G 461 15.82 -9.43 9.08
C HIS G 461 15.30 -9.73 10.49
N LYS G 462 15.34 -8.72 11.36
CA LYS G 462 14.87 -8.89 12.74
C LYS G 462 13.46 -8.34 12.90
N ALA G 463 12.62 -8.59 11.91
CA ALA G 463 11.22 -8.20 11.96
C ALA G 463 10.34 -9.44 11.83
N LYS G 464 10.96 -10.56 11.50
CA LYS G 464 10.25 -11.84 11.37
C LYS G 464 10.12 -12.54 12.72
N HIS G 465 10.64 -11.90 13.76
CA HIS G 465 10.66 -12.49 15.09
C HIS G 465 9.47 -12.03 15.94
N MET H 22 46.63 -74.87 -5.73
CA MET H 22 46.09 -76.19 -5.44
C MET H 22 44.70 -76.38 -6.04
N HIS H 23 43.75 -75.55 -5.60
CA HIS H 23 42.36 -75.68 -6.03
C HIS H 23 42.06 -74.82 -7.26
N PHE H 24 41.70 -75.47 -8.38
CA PHE H 24 41.38 -74.72 -9.59
C PHE H 24 40.02 -75.12 -10.17
N LYS H 25 39.37 -74.19 -10.86
CA LYS H 25 38.05 -74.43 -11.45
C LYS H 25 38.18 -75.30 -12.69
N LYS H 26 37.10 -76.00 -13.06
CA LYS H 26 37.16 -76.93 -14.18
C LYS H 26 37.42 -76.25 -15.53
N ASP H 27 36.99 -74.99 -15.64
CA ASP H 27 37.22 -74.19 -16.85
C ASP H 27 38.57 -73.50 -16.92
N PHE H 28 39.31 -73.55 -15.82
CA PHE H 28 40.62 -72.89 -15.74
C PHE H 28 41.57 -73.41 -16.83
N VAL H 29 42.30 -72.49 -17.43
CA VAL H 29 43.19 -72.79 -18.55
C VAL H 29 44.66 -72.69 -18.15
N PHE H 30 45.38 -73.81 -18.30
CA PHE H 30 46.83 -73.77 -18.20
C PHE H 30 47.44 -73.57 -19.58
N GLY H 31 48.51 -72.78 -19.63
CA GLY H 31 49.19 -72.50 -20.87
C GLY H 31 50.68 -72.22 -20.76
N THR H 32 51.31 -72.07 -21.93
CA THR H 32 52.67 -71.55 -22.02
C THR H 32 52.73 -70.51 -23.14
N ALA H 33 53.81 -69.75 -23.21
CA ALA H 33 53.86 -68.59 -24.08
C ALA H 33 55.24 -68.33 -24.68
N THR H 34 55.22 -67.76 -25.88
CA THR H 34 56.42 -67.29 -26.57
C THR H 34 56.12 -65.97 -27.27
N SER H 35 57.14 -65.41 -27.95
CA SER H 35 56.90 -64.32 -28.88
C SER H 35 57.70 -64.52 -30.16
N SER H 36 57.16 -63.99 -31.27
CA SER H 36 57.69 -64.26 -32.61
C SER H 36 59.20 -64.03 -32.78
N TYR H 37 59.66 -62.80 -32.60
CA TYR H 37 61.07 -62.51 -32.81
C TYR H 37 62.04 -63.27 -31.90
N GLN H 38 61.59 -63.57 -30.68
CA GLN H 38 62.41 -64.31 -29.72
C GLN H 38 62.69 -65.77 -30.11
N ILE H 39 61.75 -66.42 -30.79
CA ILE H 39 61.89 -67.85 -31.09
C ILE H 39 62.01 -68.16 -32.60
N GLU H 40 61.23 -67.46 -33.42
CA GLU H 40 61.03 -67.81 -34.83
C GLU H 40 62.34 -67.89 -35.63
N GLY H 41 63.15 -66.83 -35.57
CA GLY H 41 64.29 -66.73 -36.46
C GLY H 41 64.00 -66.53 -37.94
N ALA H 42 64.94 -66.96 -38.78
CA ALA H 42 64.86 -66.82 -40.23
C ALA H 42 64.55 -65.39 -40.69
N HIS H 43 65.13 -64.44 -39.96
CA HIS H 43 65.00 -62.99 -40.19
C HIS H 43 64.82 -62.58 -41.65
N ASN H 44 65.66 -63.10 -42.54
CA ASN H 44 65.55 -62.72 -43.94
C ASN H 44 64.55 -63.60 -44.69
N GLU H 45 64.52 -64.89 -44.35
CA GLU H 45 63.72 -65.88 -45.07
C GLU H 45 62.23 -65.51 -45.13
N GLY H 46 61.57 -65.88 -46.23
CA GLY H 46 60.15 -65.58 -46.40
C GLY H 46 59.73 -64.16 -46.73
N GLY H 47 60.62 -63.39 -47.33
CA GLY H 47 60.31 -62.01 -47.65
C GLY H 47 60.16 -61.09 -46.46
N ARG H 48 60.80 -61.45 -45.35
CA ARG H 48 60.74 -60.65 -44.14
C ARG H 48 61.76 -59.52 -44.21
N THR H 49 61.31 -58.31 -43.91
CA THR H 49 62.23 -57.17 -43.83
C THR H 49 62.77 -57.00 -42.41
N PRO H 50 63.85 -56.22 -42.27
CA PRO H 50 64.38 -55.93 -40.94
C PRO H 50 63.36 -55.22 -40.04
N SER H 51 63.53 -55.38 -38.73
CA SER H 51 62.70 -54.70 -37.74
C SER H 51 63.58 -53.75 -36.96
N ILE H 52 62.97 -52.96 -36.08
CA ILE H 52 63.73 -52.08 -35.21
C ILE H 52 64.73 -52.87 -34.35
N TRP H 53 64.33 -54.05 -33.90
CA TRP H 53 65.20 -54.89 -33.09
C TRP H 53 66.43 -55.39 -33.85
N ASP H 54 66.27 -55.68 -35.15
CA ASP H 54 67.39 -56.10 -35.98
C ASP H 54 68.52 -55.07 -36.05
N MET H 55 68.16 -53.81 -36.30
CA MET H 55 69.12 -52.70 -36.30
C MET H 55 69.63 -52.38 -34.88
N PHE H 56 68.74 -52.47 -33.90
CA PHE H 56 69.05 -52.22 -32.49
C PHE H 56 70.07 -53.19 -31.91
N CYS H 57 70.01 -54.44 -32.35
CA CYS H 57 70.99 -55.46 -31.95
C CYS H 57 72.38 -55.12 -32.48
N ASP H 58 72.43 -54.47 -33.64
CA ASP H 58 73.71 -54.06 -34.23
C ASP H 58 74.25 -52.77 -33.61
N ILE H 59 73.39 -51.96 -33.00
CA ILE H 59 73.86 -50.80 -32.24
C ILE H 59 74.77 -51.21 -31.09
N ASP H 60 75.89 -50.51 -30.97
CA ASP H 60 76.92 -50.85 -29.99
C ASP H 60 76.55 -50.57 -28.54
N GLY H 61 76.72 -51.58 -27.70
CA GLY H 61 76.50 -51.47 -26.27
C GLY H 61 75.08 -51.69 -25.76
N ARG H 62 74.16 -51.98 -26.66
CA ARG H 62 72.76 -52.13 -26.28
C ARG H 62 72.40 -53.56 -25.88
N VAL H 63 72.95 -54.54 -26.59
CA VAL H 63 72.64 -55.94 -26.31
C VAL H 63 73.90 -56.72 -26.00
N PHE H 64 73.77 -57.72 -25.14
CA PHE H 64 74.88 -58.59 -24.75
C PHE H 64 75.60 -59.22 -25.93
N GLU H 65 76.88 -58.90 -26.06
CA GLU H 65 77.75 -59.47 -27.10
C GLU H 65 77.16 -59.53 -28.51
N LYS H 66 76.48 -58.46 -28.90
CA LYS H 66 75.88 -58.36 -30.23
C LYS H 66 74.91 -59.49 -30.61
N HIS H 67 74.27 -60.11 -29.63
CA HIS H 67 73.35 -61.22 -29.92
C HIS H 67 72.08 -60.74 -30.60
N ASN H 68 71.52 -61.57 -31.47
CA ASN H 68 70.36 -61.20 -32.26
C ASN H 68 69.35 -62.33 -32.41
N GLY H 69 68.21 -62.01 -33.03
CA GLY H 69 67.19 -63.01 -33.32
C GLY H 69 67.18 -63.46 -34.77
N ASP H 70 68.37 -63.69 -35.32
CA ASP H 70 68.50 -64.20 -36.69
C ASP H 70 68.10 -65.67 -36.80
N VAL H 71 68.67 -66.50 -35.94
CA VAL H 71 68.36 -67.93 -35.92
C VAL H 71 67.42 -68.29 -34.78
N ALA H 72 67.80 -67.90 -33.57
CA ALA H 72 67.01 -68.08 -32.37
C ALA H 72 66.74 -69.56 -32.11
N CYS H 73 65.46 -69.93 -32.00
CA CYS H 73 65.10 -71.34 -31.92
C CYS H 73 64.69 -72.01 -33.23
N ASP H 74 64.87 -71.33 -34.36
CA ASP H 74 64.54 -71.90 -35.67
C ASP H 74 63.12 -72.48 -35.75
N HIS H 75 62.20 -71.87 -35.01
CA HIS H 75 60.86 -72.42 -34.81
C HIS H 75 60.03 -72.31 -36.08
N TYR H 76 60.36 -71.31 -36.89
CA TYR H 76 59.78 -71.10 -38.19
C TYR H 76 59.92 -72.36 -39.07
N HIS H 77 61.07 -73.01 -39.01
CA HIS H 77 61.31 -74.23 -39.78
C HIS H 77 60.87 -75.52 -39.08
N ARG H 78 60.73 -75.47 -37.76
CA ARG H 78 60.50 -76.67 -36.94
C ARG H 78 59.17 -76.63 -36.19
N TYR H 79 58.27 -75.77 -36.64
CA TYR H 79 56.98 -75.57 -35.99
C TYR H 79 56.09 -76.81 -35.81
N GLU H 80 56.24 -77.82 -36.67
CA GLU H 80 55.49 -79.07 -36.49
C GLU H 80 55.89 -79.80 -35.21
N GLU H 81 57.19 -80.00 -35.05
CA GLU H 81 57.80 -80.58 -33.86
C GLU H 81 57.38 -79.91 -32.55
N ASP H 82 57.51 -78.60 -32.50
CA ASP H 82 57.22 -77.81 -31.30
C ASP H 82 55.75 -77.89 -30.88
N ILE H 83 54.86 -78.09 -31.84
CA ILE H 83 53.46 -78.37 -31.56
C ILE H 83 53.29 -79.67 -30.76
N GLN H 84 54.08 -80.69 -31.07
CA GLN H 84 54.01 -81.96 -30.34
C GLN H 84 54.49 -81.83 -28.89
N HIS H 85 55.56 -81.08 -28.67
CA HIS H 85 56.01 -80.74 -27.32
C HIS H 85 54.91 -80.05 -26.51
N ILE H 86 54.21 -79.12 -27.16
CA ILE H 86 53.10 -78.39 -26.53
C ILE H 86 51.94 -79.34 -26.23
N LYS H 87 51.66 -80.22 -27.19
CA LYS H 87 50.65 -81.26 -27.02
C LYS H 87 50.97 -82.21 -25.86
N LYS H 88 52.23 -82.62 -25.75
CA LYS H 88 52.63 -83.51 -24.66
C LYS H 88 52.52 -82.87 -23.28
N LEU H 89 52.71 -81.56 -23.19
CA LEU H 89 52.47 -80.86 -21.93
C LEU H 89 51.00 -80.88 -21.50
N GLY H 90 50.11 -81.05 -22.48
CA GLY H 90 48.68 -81.14 -22.20
C GLY H 90 48.03 -79.80 -21.90
N VAL H 91 48.75 -78.72 -22.19
CA VAL H 91 48.25 -77.36 -21.98
C VAL H 91 47.00 -77.06 -22.80
N ASP H 92 46.05 -76.35 -22.19
CA ASP H 92 44.83 -75.94 -22.88
C ASP H 92 45.13 -74.90 -23.96
N THR H 93 46.06 -74.00 -23.67
CA THR H 93 46.33 -72.87 -24.56
C THR H 93 47.81 -72.68 -24.86
N TYR H 94 48.11 -72.26 -26.10
CA TYR H 94 49.45 -71.82 -26.48
C TYR H 94 49.44 -70.39 -26.99
N ARG H 95 50.10 -69.50 -26.25
CA ARG H 95 50.21 -68.10 -26.64
C ARG H 95 51.47 -67.85 -27.47
N PHE H 96 51.30 -67.34 -28.69
CA PHE H 96 52.40 -66.87 -29.51
C PHE H 96 52.09 -65.48 -30.07
N SER H 97 53.07 -64.86 -30.73
CA SER H 97 52.85 -63.56 -31.35
C SER H 97 53.11 -63.58 -32.86
N ILE H 98 52.45 -62.67 -33.57
CA ILE H 98 52.65 -62.52 -35.00
C ILE H 98 53.62 -61.36 -35.30
N ALA H 99 54.66 -61.65 -36.07
CA ALA H 99 55.61 -60.62 -36.49
C ALA H 99 55.04 -59.71 -37.57
N TRP H 100 55.10 -58.41 -37.34
CA TRP H 100 54.69 -57.42 -38.33
C TRP H 100 55.52 -57.41 -39.64
N PRO H 101 56.87 -57.48 -39.59
CA PRO H 101 57.63 -57.47 -40.84
C PRO H 101 57.49 -58.72 -41.74
N ARG H 102 56.53 -59.58 -41.45
CA ARG H 102 56.23 -60.77 -42.25
C ARG H 102 54.89 -60.62 -42.96
N ILE H 103 54.07 -59.70 -42.47
CA ILE H 103 52.72 -59.50 -42.95
C ILE H 103 52.69 -58.26 -43.85
N PHE H 104 53.42 -57.22 -43.45
CA PHE H 104 53.63 -56.03 -44.27
C PHE H 104 55.11 -55.65 -44.37
N PRO H 105 55.92 -56.47 -45.07
CA PRO H 105 57.34 -56.17 -45.29
C PRO H 105 57.59 -54.81 -45.95
N ALA H 106 56.58 -54.30 -46.65
CA ALA H 106 56.60 -52.89 -47.06
C ALA H 106 55.22 -52.30 -46.81
N LYS H 107 55.15 -50.97 -46.77
CA LYS H 107 53.92 -50.29 -46.43
C LYS H 107 52.85 -50.59 -47.47
N GLY H 108 51.75 -51.22 -47.02
CA GLY H 108 50.66 -51.64 -47.89
C GLY H 108 50.89 -52.90 -48.72
N GLU H 109 52.15 -53.25 -48.98
CA GLU H 109 52.48 -54.44 -49.75
C GLU H 109 52.36 -55.74 -48.96
N TYR H 110 51.12 -56.21 -48.81
CA TYR H 110 50.79 -57.43 -48.09
C TYR H 110 51.47 -58.70 -48.63
N ASN H 111 51.90 -59.55 -47.71
CA ASN H 111 52.65 -60.77 -48.02
C ASN H 111 51.91 -61.98 -47.44
N PRO H 112 51.28 -62.77 -48.31
CA PRO H 112 50.55 -64.00 -47.97
C PRO H 112 51.42 -65.16 -47.48
N GLU H 113 52.68 -65.22 -47.90
CA GLU H 113 53.56 -66.30 -47.45
C GLU H 113 53.70 -66.39 -45.93
N GLY H 114 53.79 -65.22 -45.28
CA GLY H 114 53.87 -65.17 -43.83
C GLY H 114 52.59 -65.51 -43.09
N MET H 115 51.49 -64.89 -43.52
CA MET H 115 50.17 -65.16 -42.97
C MET H 115 49.77 -66.64 -43.10
N ALA H 116 50.14 -67.24 -44.22
CA ALA H 116 49.87 -68.65 -44.50
C ALA H 116 50.45 -69.58 -43.43
N PHE H 117 51.71 -69.37 -43.09
CA PHE H 117 52.38 -70.10 -42.01
C PHE H 117 51.56 -70.02 -40.73
N TYR H 118 51.16 -68.81 -40.37
CA TYR H 118 50.34 -68.58 -39.18
C TYR H 118 48.93 -69.14 -39.32
N LYS H 119 48.48 -69.31 -40.56
CA LYS H 119 47.24 -70.04 -40.84
C LYS H 119 47.39 -71.54 -40.61
N ASN H 120 48.50 -72.11 -41.05
CA ASN H 120 48.79 -73.52 -40.79
C ASN H 120 48.85 -73.82 -39.29
N LEU H 121 49.77 -73.15 -38.61
CA LEU H 121 50.01 -73.32 -37.17
C LEU H 121 48.74 -73.28 -36.32
N ALA H 122 47.92 -72.26 -36.51
CA ALA H 122 46.67 -72.12 -35.78
C ALA H 122 45.66 -73.22 -36.10
N LEU H 123 45.65 -73.66 -37.36
CA LEU H 123 44.79 -74.78 -37.77
C LEU H 123 45.30 -76.10 -37.19
N ARG H 124 46.60 -76.30 -37.25
CA ARG H 124 47.22 -77.49 -36.68
C ARG H 124 47.00 -77.58 -35.17
N LEU H 125 47.10 -76.44 -34.49
CA LEU H 125 46.79 -76.40 -33.06
C LEU H 125 45.34 -76.75 -32.73
N ARG H 126 44.42 -76.22 -33.53
CA ARG H 126 43.00 -76.51 -33.36
C ARG H 126 42.68 -77.96 -33.69
N GLU H 127 43.29 -78.46 -34.75
CA GLU H 127 43.19 -79.86 -35.13
C GLU H 127 43.73 -80.80 -34.04
N GLU H 128 44.73 -80.33 -33.29
CA GLU H 128 45.22 -81.08 -32.14
C GLU H 128 44.40 -80.83 -30.88
N GLY H 129 43.36 -80.00 -31.00
CA GLY H 129 42.51 -79.67 -29.87
C GLY H 129 43.10 -78.66 -28.90
N ILE H 130 44.07 -77.89 -29.37
CA ILE H 130 44.71 -76.88 -28.53
C ILE H 130 44.25 -75.48 -28.90
N LYS H 131 43.86 -74.69 -27.90
CA LYS H 131 43.40 -73.31 -28.11
C LYS H 131 44.57 -72.35 -28.33
N PRO H 132 44.67 -71.76 -29.53
CA PRO H 132 45.72 -70.78 -29.82
C PRO H 132 45.37 -69.35 -29.38
N ALA H 133 46.21 -68.79 -28.51
CA ALA H 133 46.09 -67.40 -28.09
C ALA H 133 47.08 -66.53 -28.85
N VAL H 134 46.60 -65.43 -29.44
CA VAL H 134 47.43 -64.67 -30.36
C VAL H 134 47.75 -63.24 -29.87
N THR H 135 49.02 -62.86 -29.98
CA THR H 135 49.51 -61.54 -29.61
C THR H 135 49.83 -60.77 -30.90
N ILE H 136 49.10 -59.68 -31.15
CA ILE H 136 49.29 -58.91 -32.37
C ILE H 136 50.62 -58.15 -32.40
N TYR H 137 50.89 -57.36 -31.38
CA TYR H 137 52.13 -56.59 -31.32
C TYR H 137 53.01 -57.03 -30.16
N HIS H 138 54.14 -57.66 -30.45
CA HIS H 138 55.11 -57.99 -29.41
C HIS H 138 56.46 -57.36 -29.75
N TRP H 139 56.41 -56.06 -30.04
CA TRP H 139 57.57 -55.14 -30.11
C TRP H 139 58.38 -55.20 -31.41
N ASP H 140 57.97 -55.99 -32.39
CA ASP H 140 58.74 -56.06 -33.64
C ASP H 140 58.19 -55.11 -34.71
N LEU H 141 58.48 -53.83 -34.55
CA LEU H 141 58.08 -52.79 -35.52
C LEU H 141 58.92 -52.85 -36.79
N PRO H 142 58.26 -52.94 -37.96
CA PRO H 142 58.96 -52.95 -39.25
C PRO H 142 59.81 -51.71 -39.46
N MET H 143 60.98 -51.89 -40.07
CA MET H 143 61.95 -50.80 -40.20
C MET H 143 61.46 -49.63 -41.06
N TRP H 144 60.46 -49.85 -41.91
CA TRP H 144 59.86 -48.75 -42.66
C TRP H 144 58.89 -47.94 -41.80
N ALA H 145 58.22 -48.59 -40.87
CA ALA H 145 57.29 -47.89 -39.97
C ALA H 145 58.05 -46.95 -39.05
N HIS H 146 59.18 -47.43 -38.55
CA HIS H 146 60.10 -46.63 -37.73
C HIS H 146 60.51 -45.32 -38.40
N GLU H 147 60.79 -45.40 -39.70
CA GLU H 147 61.38 -44.28 -40.44
C GLU H 147 60.33 -43.31 -40.96
N GLU H 148 59.07 -43.65 -40.79
CA GLU H 148 58.02 -42.64 -40.87
C GLU H 148 57.70 -42.00 -39.51
N GLY H 149 58.56 -42.24 -38.52
CA GLY H 149 58.33 -41.73 -37.18
C GLY H 149 58.17 -42.82 -36.13
N GLY H 150 57.63 -43.95 -36.55
CA GLY H 150 57.33 -45.05 -35.64
C GLY H 150 56.09 -44.79 -34.81
N TRP H 151 56.10 -45.27 -33.58
CA TRP H 151 54.97 -45.05 -32.67
C TRP H 151 54.82 -43.59 -32.29
N VAL H 152 55.91 -42.83 -32.41
CA VAL H 152 55.86 -41.39 -32.17
C VAL H 152 54.90 -40.67 -33.12
N ASN H 153 54.82 -41.13 -34.37
CA ASN H 153 53.84 -40.57 -35.30
C ASN H 153 52.43 -41.06 -34.98
N ARG H 154 51.47 -40.14 -34.95
CA ARG H 154 50.06 -40.49 -34.74
C ARG H 154 49.47 -41.29 -35.91
N GLU H 155 50.07 -41.13 -37.09
CA GLU H 155 49.75 -41.91 -38.27
C GLU H 155 50.00 -43.42 -38.12
N SER H 156 50.80 -43.80 -37.14
CA SER H 156 51.02 -45.20 -36.78
C SER H 156 49.75 -45.93 -36.34
N VAL H 157 48.80 -45.18 -35.82
CA VAL H 157 47.48 -45.71 -35.51
C VAL H 157 46.77 -46.32 -36.73
N ASP H 158 47.04 -45.80 -37.93
CA ASP H 158 46.38 -46.31 -39.13
C ASP H 158 47.14 -47.43 -39.82
N TRP H 159 48.47 -47.43 -39.69
CA TRP H 159 49.28 -48.52 -40.23
C TRP H 159 48.98 -49.81 -39.47
N PHE H 160 48.79 -49.66 -38.17
CA PHE H 160 48.44 -50.78 -37.30
C PHE H 160 47.03 -51.30 -37.56
N LEU H 161 46.08 -50.42 -37.83
CA LEU H 161 44.71 -50.87 -38.06
C LEU H 161 44.58 -51.66 -39.36
N ASP H 162 45.32 -51.24 -40.39
CA ASP H 162 45.49 -52.03 -41.61
C ASP H 162 46.06 -53.42 -41.31
N TYR H 163 47.06 -53.44 -40.44
CA TYR H 163 47.75 -54.65 -39.99
C TYR H 163 46.76 -55.55 -39.26
N ALA H 164 46.11 -54.98 -38.24
CA ALA H 164 45.05 -55.65 -37.49
C ALA H 164 43.92 -56.21 -38.37
N LYS H 165 43.59 -55.52 -39.45
CA LYS H 165 42.50 -55.95 -40.34
C LYS H 165 42.71 -57.29 -41.04
N VAL H 166 43.88 -57.51 -41.63
CA VAL H 166 44.13 -58.76 -42.33
C VAL H 166 44.05 -59.94 -41.37
N CYS H 167 44.81 -59.89 -40.28
CA CYS H 167 44.75 -60.94 -39.25
C CYS H 167 43.33 -61.27 -38.79
N PHE H 168 42.57 -60.24 -38.43
CA PHE H 168 41.15 -60.43 -38.10
C PHE H 168 40.33 -61.14 -39.18
N GLU H 169 40.44 -60.65 -40.41
CA GLU H 169 39.70 -61.23 -41.53
C GLU H 169 40.05 -62.69 -41.82
N GLU H 170 41.34 -62.97 -41.86
CA GLU H 170 41.86 -64.27 -42.25
C GLU H 170 41.99 -65.33 -41.13
N LEU H 171 41.75 -64.96 -39.87
CA LEU H 171 42.00 -65.90 -38.77
C LEU H 171 40.93 -65.96 -37.66
N ASP H 172 40.03 -65.00 -37.63
CA ASP H 172 39.02 -64.87 -36.56
C ASP H 172 38.10 -66.09 -36.36
N ASP H 173 38.00 -66.95 -37.37
CA ASP H 173 37.29 -68.22 -37.23
C ASP H 173 38.09 -69.30 -36.49
N ILE H 174 39.40 -69.30 -36.66
CA ILE H 174 40.27 -70.29 -36.02
C ILE H 174 40.66 -69.94 -34.58
N VAL H 175 41.08 -68.70 -34.37
CA VAL H 175 41.67 -68.24 -33.12
C VAL H 175 40.67 -68.11 -31.96
N ASP H 176 41.13 -68.45 -30.76
CA ASP H 176 40.31 -68.50 -29.55
C ASP H 176 40.28 -67.16 -28.82
N SER H 177 41.43 -66.49 -28.73
CA SER H 177 41.49 -65.18 -28.09
C SER H 177 42.54 -64.26 -28.72
N TRP H 178 42.31 -62.96 -28.61
CA TRP H 178 43.19 -61.95 -29.22
C TRP H 178 43.85 -61.05 -28.19
N ILE H 179 45.17 -60.87 -28.31
CA ILE H 179 45.89 -59.88 -27.53
C ILE H 179 46.47 -58.77 -28.42
N THR H 180 46.05 -57.54 -28.20
CA THR H 180 46.47 -56.42 -29.05
C THR H 180 47.92 -56.00 -28.83
N HIS H 181 48.25 -55.60 -27.60
CA HIS H 181 49.57 -55.07 -27.26
C HIS H 181 50.20 -55.76 -26.06
N ASN H 182 51.44 -56.21 -26.21
CA ASN H 182 52.19 -56.76 -25.09
C ASN H 182 53.12 -55.74 -24.46
N GLU H 183 52.78 -55.32 -23.25
CA GLU H 183 53.66 -54.52 -22.40
C GLU H 183 54.04 -53.19 -23.06
N PRO H 184 53.07 -52.27 -23.21
CA PRO H 184 53.34 -50.94 -23.75
C PRO H 184 54.36 -50.14 -22.93
N TRP H 185 54.40 -50.39 -21.62
CA TRP H 185 55.43 -49.82 -20.76
C TRP H 185 56.84 -50.12 -21.26
N CYS H 186 57.09 -51.36 -21.65
CA CYS H 186 58.39 -51.75 -22.19
C CYS H 186 58.64 -51.14 -23.56
N ALA H 187 57.65 -51.29 -24.44
CA ALA H 187 57.70 -50.76 -25.80
C ALA H 187 57.69 -49.24 -25.84
N GLY H 188 57.10 -48.64 -24.81
CA GLY H 188 57.04 -47.19 -24.69
C GLY H 188 58.15 -46.61 -23.83
N PHE H 189 58.02 -46.75 -22.52
CA PHE H 189 58.94 -46.08 -21.60
C PHE H 189 60.35 -46.68 -21.63
N LEU H 190 60.46 -48.01 -21.60
CA LEU H 190 61.77 -48.65 -21.71
C LEU H 190 62.40 -48.43 -23.07
N GLY H 191 61.57 -48.33 -24.10
CA GLY H 191 62.04 -48.19 -25.46
C GLY H 191 62.37 -46.77 -25.89
N TYR H 192 61.51 -45.82 -25.52
CA TYR H 192 61.66 -44.45 -25.99
C TYR H 192 62.19 -43.47 -24.93
N HIS H 193 62.12 -43.85 -23.65
CA HIS H 193 62.67 -43.00 -22.60
C HIS H 193 64.01 -43.49 -22.03
N VAL H 194 64.05 -44.74 -21.61
CA VAL H 194 65.26 -45.30 -20.97
C VAL H 194 66.28 -45.83 -21.99
N GLY H 195 65.81 -46.14 -23.20
CA GLY H 195 66.71 -46.57 -24.27
C GLY H 195 67.27 -47.99 -24.17
N VAL H 196 66.63 -48.82 -23.37
CA VAL H 196 67.08 -50.19 -23.15
C VAL H 196 66.48 -51.11 -24.20
N HIS H 197 65.25 -50.80 -24.61
CA HIS H 197 64.57 -51.52 -25.68
C HIS H 197 64.51 -50.72 -26.97
N ALA H 198 64.11 -51.38 -28.05
CA ALA H 198 64.07 -50.80 -29.39
C ALA H 198 62.97 -49.74 -29.49
N PRO H 199 63.25 -48.62 -30.17
CA PRO H 199 64.45 -48.33 -30.97
C PRO H 199 65.62 -47.73 -30.21
N GLY H 200 65.52 -47.67 -28.88
CA GLY H 200 66.64 -47.26 -28.05
C GLY H 200 66.76 -45.76 -27.88
N HIS H 201 65.63 -45.07 -27.92
CA HIS H 201 65.62 -43.62 -27.81
C HIS H 201 65.57 -43.22 -26.35
N ARG H 202 66.01 -42.01 -26.07
CA ARG H 202 65.95 -41.48 -24.72
C ARG H 202 65.31 -40.10 -24.72
N ASP H 203 63.98 -40.09 -24.81
CA ASP H 203 63.21 -38.86 -24.92
C ASP H 203 61.81 -39.08 -24.33
N MET H 204 61.53 -38.42 -23.22
CA MET H 204 60.27 -38.59 -22.51
C MET H 204 59.08 -38.09 -23.34
N ASN H 205 59.31 -37.07 -24.16
CA ASN H 205 58.27 -36.51 -25.00
C ASN H 205 57.81 -37.49 -26.08
N GLU H 206 58.78 -38.10 -26.76
CA GLU H 206 58.51 -39.19 -27.70
C GLU H 206 57.77 -40.35 -27.03
N ALA H 207 58.17 -40.64 -25.80
CA ALA H 207 57.65 -41.76 -25.05
C ALA H 207 56.15 -41.67 -24.76
N VAL H 208 55.68 -40.53 -24.26
CA VAL H 208 54.25 -40.40 -23.98
C VAL H 208 53.37 -40.49 -25.23
N ARG H 209 53.83 -39.98 -26.38
CA ARG H 209 53.08 -40.17 -27.63
C ARG H 209 53.09 -41.63 -28.08
N ALA H 210 54.24 -42.29 -27.96
CA ALA H 210 54.34 -43.70 -28.29
C ALA H 210 53.37 -44.51 -27.43
N VAL H 211 53.40 -44.28 -26.12
CA VAL H 211 52.47 -44.95 -25.23
C VAL H 211 51.02 -44.63 -25.61
N HIS H 212 50.72 -43.35 -25.79
CA HIS H 212 49.37 -42.90 -26.14
C HIS H 212 48.84 -43.53 -27.44
N HIS H 213 49.70 -43.62 -28.45
CA HIS H 213 49.34 -44.21 -29.73
C HIS H 213 49.18 -45.73 -29.69
N MET H 214 50.07 -46.40 -28.95
CA MET H 214 49.92 -47.82 -28.68
C MET H 214 48.56 -48.09 -28.03
N LEU H 215 48.26 -47.32 -26.99
CA LEU H 215 47.00 -47.47 -26.28
C LEU H 215 45.80 -47.15 -27.16
N LEU H 216 45.92 -46.13 -28.01
CA LEU H 216 44.86 -45.76 -28.94
C LEU H 216 44.64 -46.77 -30.06
N SER H 217 45.74 -47.32 -30.58
CA SER H 217 45.69 -48.36 -31.60
C SER H 217 45.03 -49.64 -31.12
N HIS H 218 45.25 -49.98 -29.85
CA HIS H 218 44.52 -51.08 -29.21
C HIS H 218 43.01 -50.86 -29.27
N GLY H 219 42.57 -49.72 -28.75
CA GLY H 219 41.14 -49.41 -28.65
C GLY H 219 40.40 -49.33 -29.97
N LYS H 220 41.07 -48.81 -31.00
CA LYS H 220 40.50 -48.80 -32.34
C LYS H 220 40.36 -50.21 -32.92
N ALA H 221 41.38 -51.04 -32.72
CA ALA H 221 41.35 -52.41 -33.22
C ALA H 221 40.23 -53.20 -32.58
N VAL H 222 40.02 -53.00 -31.28
CA VAL H 222 38.91 -53.61 -30.59
C VAL H 222 37.57 -53.10 -31.10
N GLU H 223 37.46 -51.78 -31.26
CA GLU H 223 36.26 -51.16 -31.80
C GLU H 223 35.95 -51.65 -33.20
N LEU H 224 36.98 -51.72 -34.04
CA LEU H 224 36.85 -52.26 -35.38
C LEU H 224 36.25 -53.67 -35.36
N LEU H 225 36.95 -54.58 -34.70
CA LEU H 225 36.51 -55.98 -34.60
C LEU H 225 35.08 -56.09 -34.08
N LYS H 226 34.77 -55.34 -33.02
CA LYS H 226 33.43 -55.40 -32.40
C LYS H 226 32.33 -54.67 -33.19
N ARG H 227 32.65 -53.52 -33.77
CA ARG H 227 31.66 -52.74 -34.52
C ARG H 227 31.60 -53.10 -35.99
N GLU H 228 32.74 -52.98 -36.65
CA GLU H 228 32.82 -53.24 -38.09
C GLU H 228 32.56 -54.70 -38.42
N MET H 229 33.36 -55.61 -37.87
CA MET H 229 33.20 -57.03 -38.18
C MET H 229 32.09 -57.70 -37.38
N LYS H 230 31.74 -57.13 -36.24
CA LYS H 230 30.68 -57.67 -35.37
C LYS H 230 31.01 -59.04 -34.76
N SER H 231 32.30 -59.31 -34.56
CA SER H 231 32.72 -60.61 -34.05
C SER H 231 32.66 -60.65 -32.52
N THR H 232 32.45 -61.85 -31.98
CA THR H 232 32.44 -62.05 -30.53
C THR H 232 33.68 -62.74 -29.97
N THR H 233 34.69 -62.96 -30.81
CA THR H 233 35.94 -63.58 -30.38
C THR H 233 36.50 -62.72 -29.25
N PRO H 234 36.84 -63.35 -28.12
CA PRO H 234 37.42 -62.61 -26.99
C PRO H 234 38.69 -61.84 -27.33
N ILE H 235 38.71 -60.56 -26.97
CA ILE H 235 39.85 -59.69 -27.22
C ILE H 235 40.17 -58.81 -26.01
N GLY H 236 41.46 -58.52 -25.80
CA GLY H 236 41.87 -57.65 -24.71
C GLY H 236 43.33 -57.25 -24.80
N ILE H 237 43.81 -56.52 -23.78
CA ILE H 237 45.21 -56.12 -23.72
C ILE H 237 45.94 -56.81 -22.56
N THR H 238 47.25 -56.97 -22.70
CA THR H 238 48.10 -57.44 -21.61
C THR H 238 49.02 -56.30 -21.13
N LEU H 239 48.83 -55.88 -19.89
CA LEU H 239 49.77 -54.99 -19.23
C LEU H 239 50.65 -55.75 -18.24
N ASN H 240 51.95 -55.50 -18.31
CA ASN H 240 52.83 -55.85 -17.19
C ASN H 240 52.66 -54.89 -16.01
N LEU H 241 52.55 -55.46 -14.82
CA LEU H 241 52.34 -54.70 -13.60
C LEU H 241 53.32 -55.11 -12.50
N SER H 242 53.92 -54.12 -11.84
CA SER H 242 54.83 -54.37 -10.72
C SER H 242 54.43 -53.50 -9.54
N PRO H 243 53.95 -54.13 -8.46
CA PRO H 243 53.54 -53.32 -7.30
C PRO H 243 54.70 -52.73 -6.52
N MET H 244 54.51 -51.49 -6.06
CA MET H 244 55.58 -50.70 -5.45
C MET H 244 55.34 -50.52 -3.97
N TYR H 245 56.43 -50.52 -3.21
CA TYR H 245 56.32 -50.45 -1.76
C TYR H 245 57.35 -49.48 -1.20
N ALA H 246 56.94 -48.72 -0.18
CA ALA H 246 57.82 -47.73 0.40
C ALA H 246 58.68 -48.41 1.45
N LYS H 247 59.99 -48.24 1.31
CA LYS H 247 60.96 -48.82 2.24
C LYS H 247 60.67 -48.41 3.67
N THR H 248 60.27 -47.16 3.87
CA THR H 248 59.92 -46.69 5.21
C THR H 248 58.55 -46.01 5.21
N ASP H 249 58.12 -45.59 6.40
CA ASP H 249 56.83 -44.96 6.59
C ASP H 249 56.95 -43.43 6.49
N SER H 250 58.13 -42.97 6.10
CA SER H 250 58.38 -41.53 6.05
C SER H 250 57.62 -40.85 4.91
N ALA H 251 57.41 -39.55 5.07
CA ALA H 251 56.65 -38.74 4.13
C ALA H 251 57.30 -38.71 2.74
N ASN H 252 58.63 -38.61 2.74
CA ASN H 252 59.43 -38.75 1.53
C ASN H 252 59.16 -40.04 0.77
N ASP H 253 59.23 -41.16 1.48
CA ASP H 253 59.02 -42.48 0.88
C ASP H 253 57.61 -42.72 0.36
N ARG H 254 56.62 -42.07 0.95
CA ARG H 254 55.25 -42.15 0.45
C ARG H 254 55.11 -41.49 -0.92
N LEU H 255 55.83 -40.38 -1.13
CA LEU H 255 55.86 -39.72 -2.43
C LEU H 255 56.57 -40.56 -3.49
N ALA H 256 57.69 -41.15 -3.11
CA ALA H 256 58.44 -42.07 -3.96
C ALA H 256 57.64 -43.25 -4.50
N MET H 257 56.90 -43.90 -3.61
CA MET H 257 56.07 -45.05 -3.98
C MET H 257 55.01 -44.66 -4.99
N ASN H 258 54.25 -43.61 -4.67
CA ASN H 258 53.21 -43.08 -5.54
C ASN H 258 53.71 -42.84 -6.97
N ASN H 259 54.84 -42.15 -7.09
CA ASN H 259 55.43 -41.90 -8.39
C ASN H 259 55.97 -43.14 -9.10
N ALA H 260 56.59 -44.05 -8.35
CA ALA H 260 57.00 -45.34 -8.92
C ALA H 260 55.80 -46.12 -9.48
N ASP H 261 54.77 -46.26 -8.65
CA ASP H 261 53.54 -46.93 -9.07
C ASP H 261 52.91 -46.23 -10.26
N GLY H 262 52.95 -44.91 -10.23
CA GLY H 262 52.44 -44.08 -11.30
C GLY H 262 53.16 -44.28 -12.61
N TYR H 263 54.49 -44.36 -12.53
CA TYR H 263 55.34 -44.51 -13.70
C TYR H 263 55.23 -45.90 -14.31
N SER H 264 55.14 -46.91 -13.46
CA SER H 264 55.05 -48.30 -13.92
C SER H 264 53.63 -48.70 -14.27
N ASN H 265 52.66 -48.34 -13.43
CA ASN H 265 51.34 -48.94 -13.50
C ASN H 265 50.18 -48.00 -13.82
N ARG H 266 50.02 -46.95 -13.02
CA ARG H 266 48.86 -46.06 -13.15
C ARG H 266 48.79 -45.26 -14.46
N TRP H 267 49.94 -44.94 -15.04
CA TRP H 267 49.96 -44.26 -16.33
C TRP H 267 49.24 -45.03 -17.43
N PHE H 268 49.23 -46.35 -17.31
CA PHE H 268 48.64 -47.25 -18.30
C PHE H 268 47.25 -47.75 -17.89
N LEU H 269 47.07 -47.98 -16.60
CA LEU H 269 45.80 -48.49 -16.07
C LEU H 269 44.69 -47.44 -16.10
N ASP H 270 45.03 -46.21 -15.71
CA ASP H 270 44.05 -45.12 -15.68
C ASP H 270 43.40 -44.84 -17.05
N PRO H 271 44.20 -44.70 -18.13
CA PRO H 271 43.55 -44.47 -19.42
C PRO H 271 42.65 -45.62 -19.87
N VAL H 272 43.16 -46.84 -19.76
CA VAL H 272 42.43 -48.04 -20.17
C VAL H 272 41.09 -48.20 -19.43
N PHE H 273 41.08 -47.93 -18.13
CA PHE H 273 39.92 -48.24 -17.31
C PHE H 273 39.12 -47.00 -16.92
N LYS H 274 39.79 -45.90 -16.64
CA LYS H 274 39.09 -44.67 -16.23
C LYS H 274 38.89 -43.70 -17.39
N GLY H 275 39.63 -43.87 -18.48
CA GLY H 275 39.60 -42.94 -19.59
C GLY H 275 40.17 -41.56 -19.27
N GLU H 276 41.29 -41.54 -18.55
CA GLU H 276 42.00 -40.31 -18.25
C GLU H 276 43.43 -40.64 -17.85
N TYR H 277 44.35 -39.72 -18.09
CA TYR H 277 45.70 -39.87 -17.58
C TYR H 277 45.82 -39.34 -16.16
N PRO H 278 46.70 -39.96 -15.35
CA PRO H 278 46.91 -39.46 -13.99
C PRO H 278 47.64 -38.12 -14.01
N VAL H 279 47.01 -37.10 -13.41
CA VAL H 279 47.55 -35.75 -13.50
C VAL H 279 48.84 -35.60 -12.70
N ASP H 280 48.96 -36.36 -11.62
CA ASP H 280 50.15 -36.34 -10.78
C ASP H 280 51.42 -36.74 -11.52
N MET H 281 51.29 -37.66 -12.46
CA MET H 281 52.40 -38.05 -13.34
C MET H 281 52.63 -37.02 -14.44
N MET H 282 51.54 -36.45 -14.93
CA MET H 282 51.60 -35.37 -15.92
C MET H 282 52.43 -34.18 -15.43
N ASN H 283 52.25 -33.80 -14.17
CA ASN H 283 53.05 -32.75 -13.56
C ASN H 283 54.50 -33.15 -13.32
N LEU H 284 54.74 -34.40 -12.96
CA LEU H 284 56.10 -34.91 -12.84
C LEU H 284 56.79 -34.94 -14.19
N PHE H 285 56.14 -35.55 -15.17
CA PHE H 285 56.68 -35.64 -16.53
C PHE H 285 56.82 -34.28 -17.21
N SER H 286 56.14 -33.26 -16.69
CA SER H 286 56.29 -31.91 -17.23
C SER H 286 57.66 -31.27 -17.03
N LYS H 287 58.58 -32.00 -16.40
CA LYS H 287 59.99 -31.63 -16.46
C LYS H 287 60.55 -31.86 -17.87
N TYR H 288 59.97 -32.82 -18.57
CA TYR H 288 60.34 -33.08 -19.96
C TYR H 288 59.19 -32.85 -20.93
N VAL H 289 57.96 -33.08 -20.46
CA VAL H 289 56.79 -33.04 -21.34
C VAL H 289 56.04 -31.73 -21.12
N HIS H 290 56.17 -30.80 -22.07
CA HIS H 290 55.65 -29.45 -21.90
C HIS H 290 54.38 -29.15 -22.71
N ASN H 291 53.81 -30.18 -23.33
CA ASN H 291 52.46 -30.06 -23.89
C ASN H 291 51.79 -31.43 -24.01
N PHE H 292 50.54 -31.49 -23.59
CA PHE H 292 49.72 -32.70 -23.72
C PHE H 292 48.62 -32.61 -24.79
N ASP H 293 48.88 -31.86 -25.85
CA ASP H 293 47.93 -31.71 -26.95
C ASP H 293 47.84 -32.94 -27.86
N PHE H 294 48.80 -33.83 -27.73
CA PHE H 294 48.75 -35.15 -28.37
C PHE H 294 47.57 -36.00 -27.90
N ILE H 295 47.04 -35.70 -26.72
CA ILE H 295 45.79 -36.33 -26.30
C ILE H 295 44.61 -35.60 -26.97
N GLN H 296 44.21 -36.13 -28.14
CA GLN H 296 43.15 -35.58 -28.97
C GLN H 296 41.75 -35.84 -28.41
N SER H 297 40.75 -35.18 -28.99
CA SER H 297 39.36 -35.38 -28.59
C SER H 297 38.83 -36.75 -28.96
N GLY H 298 38.17 -37.41 -28.02
CA GLY H 298 37.65 -38.75 -28.23
C GLY H 298 38.62 -39.88 -27.97
N ASP H 299 39.89 -39.54 -27.79
CA ASP H 299 40.94 -40.53 -27.61
C ASP H 299 40.77 -41.35 -26.34
N MET H 300 40.45 -40.67 -25.25
CA MET H 300 40.23 -41.33 -23.97
C MET H 300 39.02 -42.27 -23.99
N GLU H 301 38.04 -41.93 -24.82
CA GLU H 301 36.88 -42.78 -25.05
C GLU H 301 37.19 -44.08 -25.80
N THR H 302 38.05 -44.01 -26.80
CA THR H 302 38.51 -45.20 -27.51
C THR H 302 39.37 -46.15 -26.69
N ILE H 303 40.43 -45.65 -26.08
CA ILE H 303 41.31 -46.45 -25.23
C ILE H 303 40.53 -47.25 -24.18
N SER H 304 39.51 -46.62 -23.60
CA SER H 304 38.72 -47.29 -22.57
C SER H 304 37.49 -48.01 -23.11
N THR H 305 37.60 -48.50 -24.34
CA THR H 305 36.51 -49.29 -24.94
C THR H 305 36.47 -50.62 -24.18
N ALA H 306 35.26 -51.11 -23.93
CA ALA H 306 35.11 -52.31 -23.11
C ALA H 306 35.72 -53.54 -23.77
N CYS H 307 36.51 -54.27 -22.98
CA CYS H 307 37.15 -55.50 -23.45
C CYS H 307 36.53 -56.72 -22.78
N ASP H 308 36.85 -57.89 -23.29
CA ASP H 308 36.28 -59.14 -22.77
C ASP H 308 37.07 -59.67 -21.58
N PHE H 309 38.39 -59.51 -21.61
CA PHE H 309 39.26 -59.93 -20.52
C PHE H 309 40.40 -58.93 -20.30
N PHE H 310 41.07 -59.05 -19.15
CA PHE H 310 42.28 -58.27 -18.90
C PHE H 310 43.51 -59.15 -18.72
N GLY H 311 44.56 -58.86 -19.48
CA GLY H 311 45.82 -59.58 -19.41
C GLY H 311 46.82 -58.94 -18.47
N ILE H 312 47.52 -59.75 -17.69
CA ILE H 312 48.58 -59.27 -16.81
C ILE H 312 49.88 -60.05 -16.95
N ASN H 313 50.96 -59.34 -17.24
CA ASN H 313 52.31 -59.88 -17.12
C ASN H 313 52.95 -59.52 -15.78
N PHE H 314 53.20 -60.53 -14.96
CA PHE H 314 53.79 -60.31 -13.64
C PHE H 314 55.11 -61.03 -13.45
N TYR H 315 56.09 -60.34 -12.86
CA TYR H 315 57.37 -60.97 -12.56
C TYR H 315 57.80 -60.71 -11.12
N SER H 316 57.74 -59.44 -10.69
CA SER H 316 58.20 -59.09 -9.35
C SER H 316 57.62 -57.78 -8.83
N ARG H 317 57.85 -57.51 -7.55
CA ARG H 317 57.62 -56.20 -6.97
C ARG H 317 58.87 -55.32 -7.12
N GLY H 318 58.78 -54.08 -6.67
CA GLY H 318 59.97 -53.25 -6.49
C GLY H 318 59.94 -52.39 -5.24
N ILE H 319 60.98 -52.52 -4.40
CA ILE H 319 61.12 -51.64 -3.25
C ILE H 319 61.95 -50.41 -3.62
N VAL H 320 61.36 -49.23 -3.42
CA VAL H 320 61.96 -47.96 -3.79
C VAL H 320 62.08 -46.99 -2.62
N GLU H 321 63.00 -46.03 -2.73
CA GLU H 321 63.10 -44.98 -1.74
C GLU H 321 63.21 -43.62 -2.43
N PHE H 322 63.15 -42.54 -1.65
CA PHE H 322 63.23 -41.19 -2.19
C PHE H 322 64.63 -40.80 -2.64
N ASN H 323 64.69 -39.99 -3.70
CA ASN H 323 65.95 -39.41 -4.18
C ASN H 323 65.77 -37.98 -4.66
N ALA H 324 66.28 -37.02 -3.89
CA ALA H 324 66.27 -35.61 -4.27
C ALA H 324 66.99 -35.32 -5.59
N ALA H 325 67.99 -36.11 -5.92
CA ALA H 325 68.71 -35.92 -7.19
C ALA H 325 67.97 -36.48 -8.38
N ASN H 326 66.99 -37.35 -8.14
CA ASN H 326 66.24 -37.96 -9.22
C ASN H 326 65.14 -37.03 -9.73
N ASP H 327 65.02 -36.92 -11.05
CA ASP H 327 63.94 -36.15 -11.66
C ASP H 327 62.57 -36.65 -11.20
N PHE H 328 62.42 -37.96 -11.10
CA PHE H 328 61.17 -38.54 -10.64
C PHE H 328 61.20 -38.90 -9.16
N LEU H 329 62.22 -38.42 -8.46
CA LEU H 329 62.24 -38.48 -6.99
C LEU H 329 62.38 -39.89 -6.43
N LYS H 330 62.84 -40.83 -7.24
CA LYS H 330 63.05 -42.19 -6.72
C LYS H 330 64.27 -42.95 -7.24
N ALA H 331 64.69 -43.92 -6.43
CA ALA H 331 65.70 -44.89 -6.81
C ALA H 331 65.29 -46.25 -6.24
N ASP H 332 65.95 -47.32 -6.68
CA ASP H 332 65.71 -48.63 -6.11
C ASP H 332 66.28 -48.73 -4.70
N ALA H 333 65.52 -49.34 -3.79
CA ALA H 333 66.01 -49.63 -2.45
C ALA H 333 66.50 -51.06 -2.30
N TYR H 334 67.29 -51.31 -1.26
CA TYR H 334 67.79 -52.65 -0.97
C TYR H 334 66.70 -53.66 -0.60
N SER H 335 66.77 -54.84 -1.22
CA SER H 335 65.86 -55.94 -0.92
C SER H 335 66.62 -57.08 -0.24
N ASP H 336 66.10 -57.59 0.87
CA ASP H 336 66.71 -58.74 1.53
C ASP H 336 66.09 -60.04 1.02
N TYR H 337 65.12 -59.93 0.11
CA TYR H 337 64.42 -61.09 -0.40
C TYR H 337 65.35 -62.00 -1.19
N GLU H 338 64.98 -63.28 -1.34
CA GLU H 338 65.62 -64.16 -2.31
C GLU H 338 65.40 -63.66 -3.75
N LYS H 339 66.42 -63.83 -4.59
CA LYS H 339 66.38 -63.28 -5.94
C LYS H 339 66.67 -64.34 -6.99
N THR H 340 66.15 -64.12 -8.20
CA THR H 340 66.43 -64.99 -9.34
C THR H 340 67.77 -64.64 -9.96
N GLY H 341 68.19 -65.41 -10.97
CA GLY H 341 69.39 -65.11 -11.72
C GLY H 341 69.40 -63.74 -12.37
N MET H 342 68.23 -63.17 -12.61
CA MET H 342 68.14 -61.81 -13.10
C MET H 342 68.39 -60.80 -11.99
N GLY H 343 68.39 -61.28 -10.76
CA GLY H 343 68.38 -60.40 -9.59
C GLY H 343 67.02 -59.85 -9.21
N TRP H 344 65.95 -60.44 -9.76
CA TRP H 344 64.61 -59.96 -9.44
C TRP H 344 64.02 -60.65 -8.21
N ASP H 345 63.29 -59.89 -7.40
CA ASP H 345 62.64 -60.41 -6.21
C ASP H 345 61.54 -61.43 -6.47
N ILE H 346 61.54 -62.52 -5.70
CA ILE H 346 60.43 -63.47 -5.69
C ILE H 346 59.32 -63.02 -4.73
N ALA H 347 58.14 -62.72 -5.28
CA ALA H 347 57.14 -61.93 -4.56
C ALA H 347 55.69 -62.39 -4.83
N PRO H 348 55.34 -63.63 -4.45
CA PRO H 348 53.97 -64.11 -4.62
C PRO H 348 52.91 -63.44 -3.73
N ASN H 349 53.31 -63.05 -2.53
CA ASN H 349 52.42 -62.32 -1.63
C ASN H 349 52.08 -60.93 -2.15
N GLU H 350 53.04 -60.32 -2.83
CA GLU H 350 52.88 -58.99 -3.42
C GLU H 350 52.09 -59.04 -4.73
N PHE H 351 52.14 -60.20 -5.38
CA PHE H 351 51.25 -60.52 -6.49
C PHE H 351 49.78 -60.48 -6.09
N LYS H 352 49.48 -61.00 -4.90
CA LYS H 352 48.13 -61.02 -4.35
C LYS H 352 47.63 -59.60 -4.06
N ASP H 353 48.51 -58.75 -3.53
CA ASP H 353 48.19 -57.33 -3.29
C ASP H 353 47.72 -56.63 -4.56
N LEU H 354 48.46 -56.83 -5.64
CA LEU H 354 48.16 -56.23 -6.94
C LEU H 354 46.75 -56.58 -7.45
N ILE H 355 46.40 -57.86 -7.45
CA ILE H 355 45.11 -58.30 -7.95
C ILE H 355 43.96 -57.67 -7.15
N ARG H 356 44.10 -57.63 -5.83
CA ARG H 356 43.11 -57.00 -4.96
C ARG H 356 42.93 -55.52 -5.28
N ARG H 357 44.06 -54.85 -5.49
CA ARG H 357 44.07 -53.43 -5.86
C ARG H 357 43.32 -53.19 -7.17
N LEU H 358 43.53 -54.05 -8.15
CA LEU H 358 42.87 -53.93 -9.45
C LEU H 358 41.34 -54.04 -9.37
N ARG H 359 40.86 -54.98 -8.55
CA ARG H 359 39.42 -55.12 -8.30
C ARG H 359 38.75 -53.96 -7.58
N ALA H 360 39.38 -53.43 -6.53
CA ALA H 360 38.79 -52.32 -5.79
C ALA H 360 38.62 -51.03 -6.60
N GLU H 361 39.65 -50.65 -7.33
CA GLU H 361 39.67 -49.33 -7.98
C GLU H 361 39.40 -49.38 -9.48
N TYR H 362 39.78 -50.46 -10.16
CA TYR H 362 39.94 -50.43 -11.61
C TYR H 362 38.99 -51.33 -12.40
N THR H 363 38.89 -52.61 -12.08
CA THR H 363 38.17 -53.50 -12.99
C THR H 363 37.62 -54.78 -12.39
N ASP H 364 36.50 -55.22 -12.95
CA ASP H 364 35.86 -56.49 -12.63
C ASP H 364 35.84 -57.46 -13.82
N LEU H 365 36.67 -57.20 -14.83
CA LEU H 365 36.83 -58.14 -15.94
C LEU H 365 37.57 -59.40 -15.50
N PRO H 366 37.35 -60.52 -16.23
CA PRO H 366 38.13 -61.72 -15.94
C PRO H 366 39.61 -61.54 -16.26
N ILE H 367 40.45 -61.77 -15.26
CA ILE H 367 41.89 -61.62 -15.42
C ILE H 367 42.55 -62.90 -15.92
N TYR H 368 43.45 -62.76 -16.89
CA TYR H 368 44.35 -63.84 -17.30
C TYR H 368 45.80 -63.46 -16.98
N ILE H 369 46.53 -64.36 -16.33
CA ILE H 369 47.96 -64.15 -16.16
C ILE H 369 48.67 -64.63 -17.43
N THR H 370 48.86 -63.70 -18.36
CA THR H 370 49.41 -64.02 -19.68
C THR H 370 50.93 -64.22 -19.73
N GLU H 371 51.64 -63.76 -18.71
CA GLU H 371 53.06 -64.11 -18.52
C GLU H 371 53.49 -64.19 -17.06
N ASN H 372 54.02 -65.35 -16.68
CA ASN H 372 54.81 -65.44 -15.45
C ASN H 372 55.93 -66.47 -15.52
N GLY H 373 57.12 -66.10 -15.03
CA GLY H 373 58.28 -66.98 -15.05
C GLY H 373 59.58 -66.36 -14.58
N ALA H 374 60.68 -67.11 -14.73
CA ALA H 374 61.97 -66.69 -14.18
C ALA H 374 63.19 -67.33 -14.85
N ALA H 375 64.31 -66.63 -14.83
CA ALA H 375 65.59 -67.14 -15.31
C ALA H 375 66.51 -67.52 -14.14
N PHE H 376 67.16 -68.67 -14.25
CA PHE H 376 68.14 -69.12 -13.27
C PHE H 376 69.37 -69.73 -13.94
N ASP H 377 70.43 -69.90 -13.16
CA ASP H 377 71.70 -70.43 -13.65
C ASP H 377 71.59 -71.95 -13.80
N ASP H 378 71.02 -72.38 -14.92
CA ASP H 378 70.75 -73.79 -15.22
C ASP H 378 71.99 -74.62 -15.59
N VAL H 379 72.14 -75.74 -14.88
CA VAL H 379 73.21 -76.71 -15.14
C VAL H 379 72.64 -78.01 -15.70
N LEU H 380 73.20 -78.41 -16.85
CA LEU H 380 72.94 -79.71 -17.50
C LEU H 380 73.68 -80.89 -16.88
N GLU H 381 72.93 -81.87 -16.38
CA GLU H 381 73.52 -83.05 -15.75
C GLU H 381 72.99 -84.38 -16.29
N ASN H 382 73.85 -85.05 -17.06
CA ASN H 382 73.59 -86.36 -17.65
C ASN H 382 72.33 -86.34 -18.51
N GLY H 383 72.22 -85.30 -19.34
CA GLY H 383 71.10 -85.16 -20.23
C GLY H 383 69.86 -84.74 -19.47
N GLU H 384 70.04 -84.35 -18.21
CA GLU H 384 68.91 -83.96 -17.36
C GLU H 384 69.22 -82.73 -16.53
N VAL H 385 68.20 -81.91 -16.30
CA VAL H 385 68.33 -80.72 -15.46
C VAL H 385 67.45 -80.74 -14.19
N HIS H 386 68.09 -80.82 -13.02
CA HIS H 386 67.36 -80.84 -11.76
C HIS H 386 67.17 -79.37 -11.38
N ASP H 387 66.17 -78.80 -12.04
CA ASP H 387 65.78 -77.39 -11.97
C ASP H 387 64.59 -77.14 -11.03
N ASP H 388 64.82 -77.41 -9.74
CA ASP H 388 63.85 -77.17 -8.67
C ASP H 388 63.48 -75.69 -8.40
N ASN H 389 64.47 -74.80 -8.50
CA ASN H 389 64.25 -73.36 -8.40
C ASN H 389 63.18 -72.72 -9.29
N ARG H 390 63.09 -73.10 -10.56
CA ARG H 390 62.04 -72.57 -11.42
C ARG H 390 60.65 -73.05 -11.00
N ILE H 391 60.56 -74.33 -10.63
CA ILE H 391 59.33 -74.91 -10.09
C ILE H 391 58.82 -74.19 -8.84
N ASP H 392 59.72 -73.97 -7.89
CA ASP H 392 59.38 -73.22 -6.67
C ASP H 392 58.74 -71.88 -6.97
N TYR H 393 59.36 -71.09 -7.84
CA TYR H 393 58.82 -69.79 -8.24
C TYR H 393 57.40 -69.97 -8.80
N VAL H 394 57.25 -70.86 -9.76
CA VAL H 394 55.96 -71.16 -10.39
C VAL H 394 54.95 -71.72 -9.38
N ARG H 395 55.44 -72.58 -8.49
CA ARG H 395 54.59 -73.21 -7.48
C ARG H 395 53.98 -72.18 -6.54
N GLN H 396 54.80 -71.24 -6.08
CA GLN H 396 54.31 -70.19 -5.19
C GLN H 396 53.24 -69.32 -5.87
N HIS H 397 53.37 -69.14 -7.18
CA HIS H 397 52.39 -68.35 -7.94
C HIS H 397 51.14 -69.09 -8.42
N LEU H 398 51.25 -70.38 -8.73
CA LEU H 398 50.03 -71.15 -9.00
C LEU H 398 49.13 -71.34 -7.79
N GLU H 399 49.71 -71.63 -6.63
CA GLU H 399 48.97 -71.69 -5.37
C GLU H 399 48.31 -70.34 -5.06
N ALA H 400 49.04 -69.25 -5.26
CA ALA H 400 48.52 -67.90 -5.06
C ALA H 400 47.31 -67.61 -5.94
N VAL H 401 47.37 -68.00 -7.20
CA VAL H 401 46.21 -67.87 -8.11
C VAL H 401 45.01 -68.64 -7.55
N SER H 402 45.25 -69.85 -7.09
CA SER H 402 44.20 -70.69 -6.49
C SER H 402 43.63 -70.03 -5.23
N ASP H 403 44.52 -69.52 -4.39
CA ASP H 403 44.14 -68.82 -3.16
C ASP H 403 43.32 -67.55 -3.44
N LEU H 404 43.72 -66.79 -4.44
CA LEU H 404 43.01 -65.59 -4.86
C LEU H 404 41.61 -65.92 -5.40
N ASN H 405 41.50 -67.01 -6.14
CA ASN H 405 40.22 -67.48 -6.64
C ASN H 405 39.26 -67.89 -5.52
N ASP H 406 39.80 -68.40 -4.41
CA ASP H 406 39.00 -68.65 -3.23
C ASP H 406 38.41 -67.35 -2.67
N GLU H 407 39.18 -66.28 -2.77
CA GLU H 407 38.71 -64.96 -2.35
C GLU H 407 37.71 -64.33 -3.32
N GLY H 408 37.61 -64.87 -4.53
CA GLY H 408 36.70 -64.32 -5.51
C GLY H 408 37.38 -63.35 -6.45
N MET H 409 38.68 -63.51 -6.64
CA MET H 409 39.45 -62.59 -7.47
C MET H 409 39.36 -62.90 -8.95
N ASN H 410 38.74 -64.03 -9.29
CA ASN H 410 38.37 -64.36 -10.67
C ASN H 410 39.56 -64.29 -11.63
N ILE H 411 40.57 -65.12 -11.37
CA ILE H 411 41.66 -65.37 -12.32
C ILE H 411 41.39 -66.55 -13.26
N GLN H 412 41.10 -66.25 -14.52
CA GLN H 412 40.65 -67.28 -15.46
C GLN H 412 41.76 -68.03 -16.20
N GLY H 413 43.03 -67.69 -15.99
CA GLY H 413 44.11 -68.41 -16.65
C GLY H 413 45.54 -68.06 -16.29
N TYR H 414 46.46 -68.99 -16.57
CA TYR H 414 47.87 -68.80 -16.29
C TYR H 414 48.72 -69.29 -17.47
N TYR H 415 49.48 -68.40 -18.09
CA TYR H 415 50.46 -68.81 -19.10
C TYR H 415 51.88 -68.75 -18.57
N LEU H 416 52.61 -69.85 -18.69
CA LEU H 416 53.99 -69.93 -18.23
C LEU H 416 55.00 -69.44 -19.28
N TRP H 417 55.75 -68.38 -18.97
CA TRP H 417 56.86 -67.93 -19.81
C TRP H 417 58.16 -68.62 -19.39
N SER H 418 58.84 -69.30 -20.31
CA SER H 418 58.43 -69.49 -21.70
C SER H 418 58.44 -70.98 -22.05
N LEU H 419 57.85 -71.33 -23.20
CA LEU H 419 57.90 -72.71 -23.67
C LEU H 419 59.34 -73.14 -23.85
N MET H 420 60.08 -72.38 -24.65
CA MET H 420 61.47 -72.68 -24.99
C MET H 420 62.40 -71.61 -24.40
N ASP H 421 63.64 -72.00 -24.14
CA ASP H 421 64.71 -71.02 -23.92
C ASP H 421 64.91 -70.18 -25.18
N ASN H 422 64.86 -68.87 -25.00
CA ASN H 422 64.81 -67.95 -26.15
C ASN H 422 65.69 -66.71 -25.98
N PHE H 423 65.71 -65.86 -27.00
CA PHE H 423 66.41 -64.59 -26.98
C PHE H 423 65.83 -63.56 -26.01
N GLU H 424 66.52 -63.34 -24.90
CA GLU H 424 65.99 -62.47 -23.84
C GLU H 424 66.44 -61.02 -24.03
N TRP H 425 66.22 -60.49 -25.24
CA TRP H 425 66.42 -59.08 -25.54
C TRP H 425 67.85 -58.58 -25.30
N SER H 426 68.00 -57.56 -24.46
CA SER H 426 69.32 -56.98 -24.16
C SER H 426 70.28 -57.89 -23.40
N PHE H 427 69.77 -58.86 -22.66
CA PHE H 427 70.64 -59.83 -21.99
C PHE H 427 71.11 -60.93 -22.94
N GLY H 428 70.48 -61.01 -24.10
CA GLY H 428 70.83 -62.00 -25.10
C GLY H 428 70.51 -63.43 -24.73
N TYR H 429 71.43 -64.34 -25.02
CA TYR H 429 71.30 -65.72 -24.60
C TYR H 429 72.02 -66.07 -23.29
N GLU H 430 72.42 -65.06 -22.53
CA GLU H 430 73.02 -65.30 -21.22
C GLU H 430 72.03 -65.75 -20.15
N LYS H 431 70.75 -65.46 -20.37
CA LYS H 431 69.69 -65.83 -19.44
C LYS H 431 68.64 -66.76 -20.05
N ARG H 432 68.13 -67.67 -19.23
CA ARG H 432 67.24 -68.73 -19.68
C ARG H 432 65.93 -68.72 -18.91
N PHE H 433 64.86 -68.24 -19.55
CA PHE H 433 63.53 -68.20 -18.95
C PHE H 433 62.68 -69.42 -19.30
N GLY H 434 63.16 -70.22 -20.24
CA GLY H 434 62.38 -71.30 -20.83
C GLY H 434 62.09 -72.46 -19.88
N ILE H 435 61.01 -73.18 -20.15
CA ILE H 435 60.76 -74.49 -19.55
C ILE H 435 61.39 -75.63 -20.35
N LEU H 436 61.64 -75.37 -21.63
CA LEU H 436 62.41 -76.29 -22.47
C LEU H 436 63.80 -75.75 -22.77
N TYR H 437 64.82 -76.54 -22.48
CA TYR H 437 66.20 -76.16 -22.79
C TYR H 437 66.43 -76.18 -24.29
N ILE H 438 67.22 -75.23 -24.77
CA ILE H 438 67.59 -75.16 -26.18
C ILE H 438 69.09 -75.04 -26.39
N ASP H 439 69.68 -76.07 -26.98
CA ASP H 439 71.06 -75.98 -27.46
C ASP H 439 71.02 -75.20 -28.77
N PHE H 440 71.47 -73.95 -28.74
CA PHE H 440 71.30 -73.10 -29.91
C PHE H 440 72.20 -73.51 -31.07
N GLU H 441 73.27 -74.22 -30.75
CA GLU H 441 74.15 -74.82 -31.76
C GLU H 441 73.57 -75.99 -32.56
N THR H 442 73.01 -76.97 -31.85
CA THR H 442 72.46 -78.18 -32.50
C THR H 442 70.95 -78.09 -32.68
N GLN H 443 70.36 -77.06 -32.08
CA GLN H 443 68.92 -76.87 -32.05
C GLN H 443 68.16 -78.05 -31.45
N GLU H 444 68.82 -78.77 -30.54
CA GLU H 444 68.20 -79.92 -29.89
C GLU H 444 67.33 -79.45 -28.73
N ARG H 445 66.08 -79.89 -28.71
CA ARG H 445 65.17 -79.64 -27.60
C ARG H 445 65.25 -80.68 -26.49
N ILE H 446 65.56 -80.23 -25.27
CA ILE H 446 65.56 -81.12 -24.11
C ILE H 446 64.62 -80.61 -23.02
N TRP H 447 63.66 -81.45 -22.65
CA TRP H 447 62.72 -81.19 -21.57
C TRP H 447 63.35 -81.04 -20.18
N LYS H 448 63.07 -79.93 -19.50
CA LYS H 448 63.47 -79.78 -18.10
C LYS H 448 62.54 -80.49 -17.12
N ASP H 449 62.99 -80.59 -15.86
CA ASP H 449 62.18 -81.14 -14.77
C ASP H 449 60.90 -80.32 -14.58
N SER H 450 61.01 -79.03 -14.82
CA SER H 450 59.89 -78.11 -14.68
C SER H 450 58.81 -78.37 -15.71
N ALA H 451 59.19 -78.89 -16.86
CA ALA H 451 58.22 -79.29 -17.89
C ALA H 451 57.41 -80.48 -17.40
N LYS H 452 58.08 -81.51 -16.91
CA LYS H 452 57.42 -82.65 -16.29
C LYS H 452 56.50 -82.24 -15.13
N TRP H 453 57.02 -81.46 -14.18
CA TRP H 453 56.20 -80.94 -13.08
C TRP H 453 54.97 -80.19 -13.57
N TYR H 454 55.15 -79.33 -14.56
CA TYR H 454 54.05 -78.51 -15.09
C TYR H 454 53.08 -79.39 -15.90
N ALA H 455 53.64 -80.35 -16.64
CA ALA H 455 52.81 -81.37 -17.29
C ALA H 455 51.98 -82.14 -16.27
N GLY H 456 52.61 -82.45 -15.13
CA GLY H 456 51.98 -83.21 -14.07
C GLY H 456 50.97 -82.49 -13.19
N VAL H 457 51.15 -81.19 -12.98
CA VAL H 457 50.12 -80.41 -12.28
C VAL H 457 48.82 -80.44 -13.09
N ILE H 458 48.92 -80.26 -14.40
CA ILE H 458 47.76 -80.32 -15.30
C ILE H 458 47.10 -81.71 -15.29
N ALA H 459 47.90 -82.76 -15.36
CA ALA H 459 47.39 -84.12 -15.27
C ALA H 459 46.62 -84.31 -13.97
N ASP H 460 47.28 -83.96 -12.87
CA ASP H 460 46.71 -84.04 -11.54
C ASP H 460 45.46 -83.17 -11.44
N HIS H 461 45.51 -82.03 -12.12
CA HIS H 461 44.36 -81.13 -12.26
C HIS H 461 43.20 -81.75 -13.06
N LYS H 462 43.50 -82.36 -14.20
CA LYS H 462 42.47 -83.04 -14.99
C LYS H 462 41.79 -84.15 -14.19
N ALA H 463 42.60 -84.89 -13.45
CA ALA H 463 42.15 -85.97 -12.58
C ALA H 463 41.29 -85.51 -11.41
N LYS H 464 41.51 -84.27 -10.98
CA LYS H 464 40.69 -83.66 -9.94
C LYS H 464 39.24 -83.32 -10.35
N HIS H 465 38.98 -83.19 -11.65
CA HIS H 465 37.64 -82.80 -12.08
C HIS H 465 36.68 -83.98 -12.07
N ALA H 466 36.48 -84.56 -13.25
CA ALA H 466 35.66 -85.75 -13.39
C ALA H 466 36.16 -86.60 -14.55
N MET I 22 -58.29 27.68 51.22
CA MET I 22 -59.48 27.24 50.50
C MET I 22 -60.61 28.26 50.67
N HIS I 23 -60.24 29.53 50.66
CA HIS I 23 -61.19 30.63 50.81
C HIS I 23 -61.78 31.02 49.46
N PHE I 24 -63.08 31.34 49.46
CA PHE I 24 -63.76 31.80 48.25
C PHE I 24 -64.56 33.05 48.59
N LYS I 25 -64.77 33.90 47.60
CA LYS I 25 -65.51 35.14 47.83
C LYS I 25 -66.97 34.89 48.15
N LYS I 26 -67.60 35.90 48.75
CA LYS I 26 -68.99 35.83 49.16
C LYS I 26 -69.98 35.75 47.99
N ASP I 27 -69.61 36.35 46.86
CA ASP I 27 -70.45 36.30 45.67
C ASP I 27 -70.19 35.10 44.78
N PHE I 28 -69.31 34.19 45.20
CA PHE I 28 -69.04 33.02 44.39
C PHE I 28 -70.19 32.01 44.32
N VAL I 29 -70.50 31.58 43.10
CA VAL I 29 -71.61 30.66 42.82
C VAL I 29 -71.06 29.26 42.55
N PHE I 30 -71.42 28.28 43.39
CA PHE I 30 -71.14 26.88 43.03
C PHE I 30 -72.24 26.25 42.19
N GLY I 31 -71.83 25.33 41.32
CA GLY I 31 -72.74 24.67 40.41
C GLY I 31 -72.32 23.33 39.85
N THR I 32 -73.25 22.73 39.10
CA THR I 32 -73.01 21.53 38.31
C THR I 32 -73.72 21.67 36.98
N ALA I 33 -73.45 20.78 36.03
CA ALA I 33 -73.90 21.02 34.65
C ALA I 33 -74.16 19.73 33.86
N THR I 34 -75.03 19.88 32.86
CA THR I 34 -75.40 18.84 31.91
C THR I 34 -75.74 19.46 30.55
N SER I 35 -76.02 18.62 29.55
CA SER I 35 -76.60 19.11 28.31
C SER I 35 -77.80 18.29 27.90
N SER I 36 -78.67 18.90 27.10
CA SER I 36 -79.99 18.33 26.85
C SER I 36 -80.03 16.97 26.17
N TYR I 37 -79.37 16.83 25.04
CA TYR I 37 -79.43 15.56 24.34
C TYR I 37 -78.72 14.41 25.06
N GLN I 38 -77.73 14.72 25.88
CA GLN I 38 -77.02 13.67 26.60
C GLN I 38 -77.80 13.07 27.77
N ILE I 39 -78.63 13.88 28.43
CA ILE I 39 -79.34 13.43 29.63
C ILE I 39 -80.88 13.43 29.57
N GLU I 40 -81.49 12.48 28.86
CA GLU I 40 -82.93 12.54 28.49
C GLU I 40 -83.40 11.20 27.93
N GLY I 41 -84.02 11.21 26.75
CA GLY I 41 -84.66 10.00 26.26
C GLY I 41 -86.02 10.14 25.62
N ALA I 42 -86.41 11.38 25.32
CA ALA I 42 -87.69 11.63 24.68
C ALA I 42 -87.49 11.89 23.20
N HIS I 43 -86.76 11.00 22.55
CA HIS I 43 -86.24 11.26 21.20
C HIS I 43 -87.39 11.29 20.18
N ASN I 44 -88.48 10.59 20.48
CA ASN I 44 -89.66 10.61 19.61
C ASN I 44 -90.91 11.17 20.32
N GLU I 45 -90.71 11.96 21.36
CA GLU I 45 -91.82 12.55 22.14
C GLU I 45 -91.91 14.09 22.06
N GLY I 46 -93.10 14.61 22.33
CA GLY I 46 -93.38 16.04 22.29
C GLY I 46 -93.36 16.81 20.98
N GLY I 47 -93.62 16.13 19.86
CA GLY I 47 -93.56 16.77 18.56
C GLY I 47 -92.15 16.92 18.06
N ARG I 48 -91.22 16.35 18.81
CA ARG I 48 -89.79 16.40 18.56
C ARG I 48 -89.44 15.58 17.33
N THR I 49 -88.54 16.11 16.51
CA THR I 49 -88.05 15.38 15.36
C THR I 49 -86.60 15.00 15.65
N PRO I 50 -86.02 14.07 14.87
CA PRO I 50 -84.70 13.61 15.29
C PRO I 50 -83.61 14.67 15.26
N SER I 51 -83.20 15.05 16.46
CA SER I 51 -82.06 15.92 16.69
C SER I 51 -80.79 15.38 16.04
N ILE I 52 -80.67 15.63 14.73
CA ILE I 52 -79.48 15.32 13.89
C ILE I 52 -78.57 14.15 14.27
N TRP I 53 -78.35 13.97 15.57
CA TRP I 53 -77.51 12.91 16.08
C TRP I 53 -78.15 11.54 15.82
N ASP I 54 -79.49 11.53 15.78
CA ASP I 54 -80.28 10.35 15.40
C ASP I 54 -80.12 9.88 13.95
N MET I 55 -78.87 9.72 13.50
CA MET I 55 -78.54 9.27 12.14
C MET I 55 -77.03 9.14 12.09
N PHE I 56 -76.39 10.09 12.76
CA PHE I 56 -74.95 10.12 12.94
C PHE I 56 -74.49 8.88 13.69
N CYS I 57 -75.23 8.56 14.75
CA CYS I 57 -75.00 7.34 15.50
C CYS I 57 -75.08 6.06 14.66
N ASP I 58 -75.96 6.05 13.67
CA ASP I 58 -76.10 4.90 12.76
C ASP I 58 -75.09 4.78 11.62
N ILE I 59 -74.35 5.85 11.32
CA ILE I 59 -73.33 5.74 10.28
C ILE I 59 -72.13 4.99 10.84
N ASP I 60 -71.62 4.05 10.04
CA ASP I 60 -70.57 3.12 10.45
C ASP I 60 -69.20 3.69 10.76
N GLY I 61 -68.73 3.37 11.97
CA GLY I 61 -67.40 3.69 12.44
C GLY I 61 -67.22 5.05 13.06
N ARG I 62 -68.31 5.78 13.26
CA ARG I 62 -68.19 7.12 13.80
C ARG I 62 -68.37 7.14 15.32
N VAL I 63 -69.30 6.33 15.84
CA VAL I 63 -69.50 6.33 17.27
C VAL I 63 -69.36 4.91 17.81
N PHE I 64 -68.81 4.78 19.01
CA PHE I 64 -68.58 3.47 19.59
C PHE I 64 -69.81 2.58 19.71
N GLU I 65 -69.82 1.48 18.96
CA GLU I 65 -70.91 0.50 19.01
C GLU I 65 -72.34 1.02 18.83
N LYS I 66 -72.53 1.97 17.92
CA LYS I 66 -73.87 2.51 17.66
C LYS I 66 -74.64 3.13 18.85
N HIS I 67 -73.98 3.57 19.92
CA HIS I 67 -74.78 4.11 21.02
C HIS I 67 -75.45 5.38 20.49
N ASN I 68 -76.62 5.71 21.02
CA ASN I 68 -77.34 6.87 20.50
C ASN I 68 -78.17 7.75 21.45
N GLY I 69 -79.33 8.15 20.95
CA GLY I 69 -80.30 8.97 21.65
C GLY I 69 -81.50 8.22 22.22
N ASP I 70 -81.29 6.96 22.59
CA ASP I 70 -82.34 6.13 23.20
C ASP I 70 -82.90 6.74 24.48
N VAL I 71 -82.84 6.00 25.58
CA VAL I 71 -83.32 6.53 26.86
C VAL I 71 -82.09 6.97 27.66
N ALA I 72 -81.50 8.09 27.24
CA ALA I 72 -80.32 8.63 27.91
C ALA I 72 -80.63 9.12 29.33
N CYS I 73 -80.80 8.16 30.24
CA CYS I 73 -81.03 8.36 31.67
C CYS I 73 -82.46 8.77 32.02
N ASP I 74 -83.34 8.81 31.02
CA ASP I 74 -84.77 9.07 31.24
C ASP I 74 -85.08 10.37 31.99
N HIS I 75 -84.34 11.44 31.72
CA HIS I 75 -84.51 12.65 32.50
C HIS I 75 -85.79 13.39 32.13
N TYR I 76 -86.26 13.21 30.90
CA TYR I 76 -87.51 13.84 30.49
C TYR I 76 -88.68 13.40 31.37
N HIS I 77 -88.71 12.12 31.73
CA HIS I 77 -89.75 11.62 32.63
C HIS I 77 -89.43 11.78 34.13
N ARG I 78 -88.20 11.48 34.53
CA ARG I 78 -87.82 11.52 35.95
C ARG I 78 -87.13 12.80 36.35
N TYR I 79 -87.47 13.89 35.68
CA TYR I 79 -86.85 15.19 35.91
C TYR I 79 -87.11 15.66 37.33
N GLU I 80 -88.25 15.26 37.88
CA GLU I 80 -88.67 15.65 39.22
C GLU I 80 -87.80 15.01 40.31
N GLU I 81 -87.50 13.72 40.13
CA GLU I 81 -86.59 12.97 40.99
C GLU I 81 -85.17 13.56 41.02
N ASP I 82 -84.70 13.96 39.86
CA ASP I 82 -83.39 14.59 39.64
C ASP I 82 -83.23 16.00 40.22
N ILE I 83 -84.32 16.76 40.26
CA ILE I 83 -84.37 18.08 40.90
C ILE I 83 -84.01 18.02 42.39
N GLN I 84 -84.43 16.95 43.06
CA GLN I 84 -84.14 16.73 44.48
C GLN I 84 -82.65 16.55 44.73
N HIS I 85 -82.00 15.75 43.89
CA HIS I 85 -80.55 15.58 43.93
C HIS I 85 -79.78 16.90 43.87
N ILE I 86 -80.23 17.87 43.07
CA ILE I 86 -79.54 19.16 43.02
C ILE I 86 -79.64 20.01 44.30
N LYS I 87 -80.84 20.20 44.84
CA LYS I 87 -81.00 20.85 46.14
C LYS I 87 -80.19 20.19 47.25
N LYS I 88 -80.12 18.85 47.22
CA LYS I 88 -79.37 18.10 48.22
C LYS I 88 -77.86 18.28 48.10
N LEU I 89 -77.36 18.36 46.87
CA LEU I 89 -75.95 18.67 46.68
C LEU I 89 -75.70 20.07 47.26
N GLY I 90 -76.74 20.90 47.23
CA GLY I 90 -76.68 22.24 47.76
C GLY I 90 -76.01 23.24 46.85
N VAL I 91 -75.91 22.90 45.57
CA VAL I 91 -75.32 23.80 44.59
C VAL I 91 -76.18 25.06 44.41
N ASP I 92 -75.51 26.20 44.28
CA ASP I 92 -76.17 27.48 44.06
C ASP I 92 -76.81 27.53 42.67
N THR I 93 -76.18 26.87 41.70
CA THR I 93 -76.62 26.98 40.31
C THR I 93 -76.60 25.62 39.62
N TYR I 94 -77.61 25.37 38.78
CA TYR I 94 -77.61 24.19 37.91
C TYR I 94 -77.61 24.61 36.45
N ARG I 95 -76.63 24.11 35.70
CA ARG I 95 -76.53 24.41 34.28
C ARG I 95 -77.07 23.26 33.42
N PHE I 96 -78.01 23.59 32.53
CA PHE I 96 -78.55 22.63 31.56
C PHE I 96 -78.72 23.28 30.20
N SER I 97 -78.84 22.46 29.16
CA SER I 97 -79.05 22.96 27.81
C SER I 97 -80.47 22.72 27.30
N ILE I 98 -80.92 23.54 26.35
CA ILE I 98 -82.23 23.36 25.74
C ILE I 98 -82.10 22.63 24.39
N ALA I 99 -82.91 21.60 24.20
CA ALA I 99 -82.93 20.89 22.91
C ALA I 99 -83.74 21.67 21.88
N TRP I 100 -83.06 22.29 20.93
CA TRP I 100 -83.73 23.00 19.83
C TRP I 100 -84.81 22.20 19.07
N PRO I 101 -84.53 20.94 18.70
CA PRO I 101 -85.58 20.21 17.97
C PRO I 101 -86.80 19.78 18.79
N ARG I 102 -86.76 19.89 20.12
CA ARG I 102 -87.98 19.75 20.89
C ARG I 102 -88.88 20.99 20.94
N ILE I 103 -88.28 22.17 20.92
CA ILE I 103 -89.05 23.40 21.03
C ILE I 103 -89.49 23.87 19.64
N PHE I 104 -88.57 23.82 18.68
CA PHE I 104 -88.89 24.13 17.30
C PHE I 104 -88.46 22.98 16.37
N PRO I 105 -89.21 21.86 16.39
CA PRO I 105 -88.97 20.68 15.54
C PRO I 105 -89.11 20.83 14.02
N ALA I 106 -89.89 21.79 13.56
CA ALA I 106 -89.91 22.17 12.15
C ALA I 106 -89.81 23.67 11.92
N LYS I 107 -89.44 24.03 10.70
CA LYS I 107 -89.30 25.43 10.33
C LYS I 107 -90.64 26.16 10.42
N GLY I 108 -90.65 27.28 11.13
CA GLY I 108 -91.83 28.10 11.30
C GLY I 108 -92.93 27.55 12.19
N GLU I 109 -92.69 26.41 12.82
CA GLU I 109 -93.72 25.76 13.65
C GLU I 109 -93.35 25.70 15.13
N TYR I 110 -93.83 26.67 15.91
CA TYR I 110 -93.57 26.71 17.34
C TYR I 110 -94.28 25.51 17.98
N ASN I 111 -93.59 24.81 18.89
CA ASN I 111 -94.18 23.65 19.55
C ASN I 111 -94.34 23.88 21.06
N PRO I 112 -95.50 24.37 21.49
CA PRO I 112 -95.66 24.74 22.90
C PRO I 112 -95.58 23.56 23.88
N GLU I 113 -95.88 22.36 23.40
CA GLU I 113 -95.72 21.14 24.19
C GLU I 113 -94.27 20.86 24.62
N GLY I 114 -93.34 21.09 23.71
CA GLY I 114 -91.92 20.94 23.97
C GLY I 114 -91.34 21.87 25.01
N MET I 115 -91.70 23.15 24.88
CA MET I 115 -91.28 24.22 25.78
C MET I 115 -91.75 24.09 27.23
N ALA I 116 -92.92 23.50 27.44
CA ALA I 116 -93.44 23.33 28.80
C ALA I 116 -92.53 22.52 29.73
N PHE I 117 -91.99 21.40 29.26
CA PHE I 117 -91.10 20.59 30.09
C PHE I 117 -89.93 21.40 30.66
N TYR I 118 -89.29 22.20 29.82
CA TYR I 118 -88.19 23.07 30.23
C TYR I 118 -88.68 24.27 31.03
N LYS I 119 -89.82 24.82 30.63
CA LYS I 119 -90.47 25.91 31.35
C LYS I 119 -90.86 25.59 32.79
N ASN I 120 -91.38 24.38 33.01
CA ASN I 120 -91.72 23.90 34.35
C ASN I 120 -90.53 23.69 35.30
N LEU I 121 -89.46 23.09 34.80
CA LEU I 121 -88.25 22.87 35.58
C LEU I 121 -87.59 24.15 36.13
N ALA I 122 -87.51 25.21 35.32
CA ALA I 122 -86.91 26.49 35.74
C ALA I 122 -87.69 27.26 36.81
N LEU I 123 -89.01 27.29 36.73
CA LEU I 123 -89.80 27.99 37.76
C LEU I 123 -89.61 27.24 39.07
N ARG I 124 -89.64 25.92 38.99
CA ARG I 124 -89.40 25.06 40.16
C ARG I 124 -88.01 25.20 40.76
N LEU I 125 -86.99 25.35 39.92
CA LEU I 125 -85.65 25.58 40.44
C LEU I 125 -85.59 26.92 41.18
N ARG I 126 -86.19 27.95 40.60
CA ARG I 126 -86.30 29.23 41.27
C ARG I 126 -87.03 29.09 42.59
N GLU I 127 -88.17 28.38 42.57
CA GLU I 127 -88.92 28.05 43.79
C GLU I 127 -88.06 27.36 44.85
N GLU I 128 -87.18 26.47 44.43
CA GLU I 128 -86.31 25.76 45.37
C GLU I 128 -85.05 26.57 45.66
N GLY I 129 -85.04 27.82 45.21
CA GLY I 129 -83.89 28.69 45.41
C GLY I 129 -82.67 28.33 44.59
N ILE I 130 -82.87 27.63 43.47
CA ILE I 130 -81.75 27.21 42.65
C ILE I 130 -81.68 27.99 41.34
N LYS I 131 -80.54 28.62 41.08
CA LYS I 131 -80.34 29.39 39.86
C LYS I 131 -80.16 28.49 38.63
N PRO I 132 -81.03 28.65 37.63
CA PRO I 132 -80.94 27.90 36.37
C PRO I 132 -80.01 28.59 35.38
N ALA I 133 -78.98 27.87 34.96
CA ALA I 133 -78.04 28.39 33.96
C ALA I 133 -78.29 27.65 32.66
N VAL I 134 -78.77 28.39 31.66
CA VAL I 134 -79.34 27.76 30.49
C VAL I 134 -78.45 27.90 29.25
N THR I 135 -78.10 26.76 28.66
CA THR I 135 -77.35 26.77 27.42
C THR I 135 -78.33 26.72 26.26
N ILE I 136 -78.27 27.73 25.40
CA ILE I 136 -79.16 27.84 24.26
C ILE I 136 -78.77 26.84 23.17
N TYR I 137 -77.50 26.84 22.80
CA TYR I 137 -76.98 25.97 21.76
C TYR I 137 -75.95 24.97 22.28
N HIS I 138 -76.31 23.69 22.26
CA HIS I 138 -75.38 22.63 22.60
C HIS I 138 -75.39 21.62 21.46
N TRP I 139 -75.25 22.16 20.25
CA TRP I 139 -74.90 21.44 19.02
C TRP I 139 -76.12 20.85 18.32
N ASP I 140 -77.30 21.02 18.91
CA ASP I 140 -78.49 20.36 18.35
C ASP I 140 -79.34 21.13 17.35
N LEU I 141 -78.78 21.42 16.18
CA LEU I 141 -79.52 22.06 15.08
C LEU I 141 -80.55 21.06 14.61
N PRO I 142 -81.79 21.51 14.37
CA PRO I 142 -82.79 20.57 13.85
C PRO I 142 -82.43 20.08 12.44
N MET I 143 -82.85 18.86 12.12
CA MET I 143 -82.55 18.19 10.84
C MET I 143 -83.08 18.86 9.59
N TRP I 144 -84.20 19.54 9.68
CA TRP I 144 -84.70 20.34 8.56
C TRP I 144 -83.65 21.38 8.17
N ALA I 145 -82.88 21.85 9.15
CA ALA I 145 -81.81 22.81 8.91
C ALA I 145 -80.62 22.15 8.20
N HIS I 146 -80.17 20.99 8.69
CA HIS I 146 -79.10 20.24 8.03
C HIS I 146 -79.35 20.00 6.54
N GLU I 147 -80.58 19.63 6.18
CA GLU I 147 -80.88 19.35 4.79
C GLU I 147 -80.82 20.60 3.93
N GLU I 148 -80.94 21.76 4.56
CA GLU I 148 -80.67 23.03 3.88
C GLU I 148 -79.24 23.55 4.04
N GLY I 149 -78.33 22.70 4.52
CA GLY I 149 -76.95 23.10 4.71
C GLY I 149 -76.43 23.31 6.12
N GLY I 150 -77.33 23.46 7.09
CA GLY I 150 -76.91 23.67 8.46
C GLY I 150 -76.26 25.04 8.66
N TRP I 151 -75.19 25.08 9.46
CA TRP I 151 -74.47 26.32 9.72
C TRP I 151 -73.70 26.88 8.52
N VAL I 152 -73.50 26.06 7.49
CA VAL I 152 -72.83 26.54 6.29
C VAL I 152 -73.69 27.59 5.58
N ASN I 153 -75.01 27.49 5.71
CA ASN I 153 -75.89 28.50 5.16
C ASN I 153 -75.96 29.70 6.10
N ARG I 154 -75.84 30.89 5.55
CA ARG I 154 -75.94 32.12 6.35
C ARG I 154 -77.32 32.33 6.94
N GLU I 155 -78.34 31.80 6.28
CA GLU I 155 -79.71 31.78 6.80
C GLU I 155 -79.80 31.20 8.21
N SER I 156 -78.91 30.27 8.53
CA SER I 156 -78.80 29.68 9.87
C SER I 156 -78.70 30.69 11.00
N VAL I 157 -78.22 31.89 10.71
CA VAL I 157 -78.23 32.98 11.68
C VAL I 157 -79.67 33.32 12.04
N ASP I 158 -80.51 33.45 11.02
CA ASP I 158 -81.91 33.82 11.20
C ASP I 158 -82.75 32.68 11.79
N TRP I 159 -82.39 31.44 11.48
CA TRP I 159 -83.08 30.29 12.07
C TRP I 159 -82.82 30.22 13.58
N PHE I 160 -81.55 30.36 13.95
CA PHE I 160 -81.14 30.41 15.34
C PHE I 160 -81.76 31.58 16.10
N LEU I 161 -81.96 32.70 15.39
CA LEU I 161 -82.57 33.86 16.00
C LEU I 161 -84.04 33.61 16.34
N ASP I 162 -84.75 32.88 15.48
CA ASP I 162 -86.11 32.48 15.79
C ASP I 162 -86.13 31.57 17.03
N TYR I 163 -85.15 30.67 17.10
CA TYR I 163 -84.96 29.80 18.26
C TYR I 163 -84.58 30.56 19.54
N ALA I 164 -83.62 31.49 19.41
CA ALA I 164 -83.16 32.26 20.55
C ALA I 164 -84.23 33.20 21.10
N LYS I 165 -84.94 33.88 20.19
CA LYS I 165 -86.03 34.80 20.55
C LYS I 165 -87.11 34.20 21.45
N VAL I 166 -87.61 33.03 21.06
CA VAL I 166 -88.64 32.31 21.82
C VAL I 166 -88.15 31.90 23.22
N CYS I 167 -86.88 31.56 23.35
CA CYS I 167 -86.34 31.28 24.67
C CYS I 167 -86.28 32.58 25.48
N PHE I 168 -85.87 33.68 24.86
CA PHE I 168 -85.87 34.97 25.56
C PHE I 168 -87.31 35.37 25.89
N GLU I 169 -88.18 35.28 24.89
CA GLU I 169 -89.59 35.62 25.02
C GLU I 169 -90.28 34.90 26.16
N GLU I 170 -90.00 33.61 26.30
CA GLU I 170 -90.70 32.79 27.27
C GLU I 170 -90.01 32.71 28.63
N LEU I 171 -88.69 32.92 28.67
CA LEU I 171 -87.94 32.67 29.91
C LEU I 171 -87.17 33.86 30.51
N ASP I 172 -87.07 34.97 29.80
CA ASP I 172 -86.24 36.06 30.32
C ASP I 172 -86.71 36.72 31.62
N ASP I 173 -88.01 36.70 31.89
CA ASP I 173 -88.50 37.17 33.18
C ASP I 173 -88.14 36.20 34.30
N ILE I 174 -88.01 34.93 33.94
CA ILE I 174 -87.73 33.88 34.90
C ILE I 174 -86.24 33.56 34.97
N SER I 177 -79.24 33.61 34.18
CA SER I 177 -78.19 33.97 33.24
C SER I 177 -78.31 33.19 31.93
N TRP I 178 -77.92 33.81 30.83
CA TRP I 178 -77.94 33.18 29.51
C TRP I 178 -76.57 32.87 28.91
N ILE I 179 -76.44 31.65 28.38
CA ILE I 179 -75.30 31.27 27.56
C ILE I 179 -75.77 30.92 26.14
N THR I 180 -75.30 31.67 25.15
CA THR I 180 -75.74 31.48 23.77
C THR I 180 -75.25 30.19 23.12
N HIS I 181 -73.93 29.99 23.12
CA HIS I 181 -73.32 28.84 22.46
C HIS I 181 -72.35 28.09 23.37
N ASN I 182 -72.38 26.76 23.33
CA ASN I 182 -71.37 25.97 24.02
C ASN I 182 -70.34 25.41 23.03
N GLU I 183 -69.08 25.76 23.26
CA GLU I 183 -67.92 25.19 22.56
C GLU I 183 -68.12 25.12 21.04
N PRO I 184 -68.16 26.29 20.36
CA PRO I 184 -68.23 26.35 18.89
C PRO I 184 -67.04 25.69 18.19
N TRP I 185 -65.94 25.51 18.91
CA TRP I 185 -64.81 24.74 18.38
C TRP I 185 -65.21 23.29 18.15
N CYS I 186 -65.89 22.71 19.12
CA CYS I 186 -66.40 21.35 18.99
C CYS I 186 -67.46 21.26 17.89
N ALA I 187 -68.51 22.06 18.03
CA ALA I 187 -69.60 22.13 17.08
C ALA I 187 -69.16 22.54 15.68
N GLY I 188 -68.08 23.31 15.60
CA GLY I 188 -67.60 23.79 14.32
C GLY I 188 -66.46 22.97 13.74
N PHE I 189 -65.26 23.15 14.27
CA PHE I 189 -64.07 22.50 13.72
C PHE I 189 -64.01 20.98 13.91
N LEU I 190 -64.22 20.52 15.14
CA LEU I 190 -64.16 19.10 15.44
C LEU I 190 -65.25 18.34 14.66
N GLY I 191 -66.34 19.04 14.36
CA GLY I 191 -67.47 18.47 13.64
C GLY I 191 -67.41 18.56 12.11
N TYR I 192 -66.94 19.70 11.61
CA TYR I 192 -66.88 20.00 10.17
C TYR I 192 -65.50 19.83 9.54
N HIS I 193 -64.46 19.79 10.37
CA HIS I 193 -63.11 19.62 9.86
C HIS I 193 -62.54 18.20 10.05
N VAL I 194 -62.58 17.65 11.26
CA VAL I 194 -61.97 16.33 11.46
C VAL I 194 -62.95 15.20 11.17
N GLY I 195 -64.18 15.33 11.68
CA GLY I 195 -65.23 14.37 11.37
C GLY I 195 -65.60 13.45 12.51
N VAL I 196 -65.21 13.81 13.72
CA VAL I 196 -65.41 12.95 14.89
C VAL I 196 -66.79 13.23 15.49
N HIS I 197 -67.22 14.47 15.40
CA HIS I 197 -68.52 14.88 15.93
C HIS I 197 -69.47 15.33 14.83
N ALA I 198 -70.73 15.50 15.19
CA ALA I 198 -71.81 15.81 14.25
C ALA I 198 -71.69 17.23 13.69
N PRO I 199 -71.93 17.39 12.38
CA PRO I 199 -72.51 16.40 11.46
C PRO I 199 -71.50 15.46 10.80
N GLY I 200 -70.23 15.54 11.16
CA GLY I 200 -69.25 14.59 10.68
C GLY I 200 -68.76 14.89 9.28
N HIS I 201 -68.61 16.18 8.99
CA HIS I 201 -68.12 16.63 7.70
C HIS I 201 -66.59 16.71 7.73
N ARG I 202 -65.97 16.71 6.55
CA ARG I 202 -64.52 16.83 6.49
C ARG I 202 -64.20 17.89 5.44
N ASP I 203 -64.39 19.15 5.81
CA ASP I 203 -64.27 20.25 4.86
C ASP I 203 -63.90 21.52 5.61
N MET I 204 -62.68 22.02 5.43
CA MET I 204 -62.23 23.21 6.14
C MET I 204 -63.02 24.46 5.74
N ASN I 205 -63.44 24.53 4.48
CA ASN I 205 -64.23 25.65 3.99
C ASN I 205 -65.59 25.79 4.68
N GLU I 206 -66.33 24.69 4.72
CA GLU I 206 -67.58 24.61 5.48
C GLU I 206 -67.42 24.94 6.96
N ALA I 207 -66.32 24.49 7.56
CA ALA I 207 -66.05 24.67 8.98
C ALA I 207 -65.91 26.13 9.43
N VAL I 208 -65.13 26.91 8.70
CA VAL I 208 -64.96 28.32 9.02
C VAL I 208 -66.26 29.11 8.78
N ARG I 209 -67.03 28.69 7.79
CA ARG I 209 -68.36 29.26 7.57
C ARG I 209 -69.31 28.88 8.70
N ALA I 210 -69.20 27.65 9.20
CA ALA I 210 -70.02 27.22 10.33
C ALA I 210 -69.70 28.00 11.58
N VAL I 211 -68.40 28.13 11.88
CA VAL I 211 -67.95 28.90 13.05
C VAL I 211 -68.42 30.36 12.97
N HIS I 212 -68.23 30.97 11.81
CA HIS I 212 -68.64 32.35 11.60
C HIS I 212 -70.14 32.55 11.80
N HIS I 213 -70.94 31.61 11.34
CA HIS I 213 -72.38 31.72 11.46
C HIS I 213 -72.89 31.46 12.88
N MET I 214 -72.21 30.57 13.61
CA MET I 214 -72.49 30.42 15.04
C MET I 214 -72.17 31.67 15.83
N LEU I 215 -71.00 32.25 15.56
CA LEU I 215 -70.55 33.47 16.24
C LEU I 215 -71.39 34.69 15.91
N LEU I 216 -71.74 34.84 14.63
CA LEU I 216 -72.61 35.92 14.22
C LEU I 216 -73.99 35.81 14.85
N SER I 217 -74.51 34.58 14.91
CA SER I 217 -75.79 34.34 15.57
C SER I 217 -75.75 34.62 17.07
N HIS I 218 -74.62 34.33 17.69
CA HIS I 218 -74.34 34.73 19.08
C HIS I 218 -74.52 36.23 19.33
N GLY I 219 -73.84 37.04 18.53
CA GLY I 219 -73.82 38.48 18.71
C GLY I 219 -75.13 39.17 18.41
N LYS I 220 -75.85 38.67 17.42
CA LYS I 220 -77.18 39.17 17.09
C LYS I 220 -78.20 38.90 18.20
N ALA I 221 -78.02 37.80 18.92
CA ALA I 221 -78.90 37.45 20.03
C ALA I 221 -78.69 38.36 21.25
N VAL I 222 -77.43 38.63 21.58
CA VAL I 222 -77.10 39.56 22.66
C VAL I 222 -77.68 40.95 22.36
N GLU I 223 -77.41 41.43 21.16
CA GLU I 223 -77.95 42.69 20.66
C GLU I 223 -79.48 42.72 20.72
N LEU I 224 -80.10 41.60 20.38
CA LEU I 224 -81.56 41.51 20.42
C LEU I 224 -82.15 41.70 21.81
N LEU I 225 -81.58 41.05 22.81
CA LEU I 225 -82.07 41.25 24.18
C LEU I 225 -81.91 42.71 24.66
N LYS I 226 -80.72 43.27 24.50
CA LYS I 226 -80.43 44.62 24.99
C LYS I 226 -80.94 45.79 24.14
N ARG I 227 -81.19 45.59 22.85
CA ARG I 227 -81.58 46.72 22.02
C ARG I 227 -83.08 46.73 21.76
N GLU I 228 -83.71 45.57 21.93
CA GLU I 228 -85.13 45.43 21.65
C GLU I 228 -85.93 45.07 22.90
N MET I 229 -85.51 44.02 23.60
CA MET I 229 -86.18 43.58 24.81
C MET I 229 -85.80 44.37 26.05
N LYS I 230 -84.78 45.22 25.93
CA LYS I 230 -84.33 46.10 27.02
C LYS I 230 -84.03 45.31 28.31
N SER I 231 -83.49 44.11 28.17
CA SER I 231 -83.33 43.21 29.30
C SER I 231 -81.92 43.26 29.90
N THR I 232 -81.85 43.24 31.23
CA THR I 232 -80.56 43.22 31.92
C THR I 232 -80.15 41.84 32.44
N THR I 233 -80.82 40.78 31.99
CA THR I 233 -80.42 39.42 32.33
C THR I 233 -79.01 39.16 31.81
N PRO I 234 -78.10 38.71 32.68
CA PRO I 234 -76.73 38.43 32.24
C PRO I 234 -76.63 37.43 31.09
N ILE I 235 -75.92 37.79 30.04
CA ILE I 235 -75.71 36.92 28.89
C ILE I 235 -74.25 36.88 28.48
N GLY I 236 -73.81 35.74 27.94
CA GLY I 236 -72.45 35.59 27.46
C GLY I 236 -72.27 34.33 26.65
N ILE I 237 -71.03 34.05 26.25
CA ILE I 237 -70.71 32.82 25.55
C ILE I 237 -69.81 31.94 26.41
N THR I 238 -69.80 30.64 26.16
CA THR I 238 -68.82 29.75 26.77
C THR I 238 -67.93 29.16 25.67
N LEU I 239 -66.62 29.34 25.84
CA LEU I 239 -65.64 28.69 24.98
C LEU I 239 -64.82 27.67 25.76
N ASN I 240 -64.53 26.53 25.12
CA ASN I 240 -63.51 25.63 25.65
C ASN I 240 -62.10 26.03 25.24
N LEU I 241 -61.22 26.11 26.23
CA LEU I 241 -59.84 26.55 26.03
C LEU I 241 -58.80 25.56 26.56
N SER I 242 -57.84 25.23 25.71
CA SER I 242 -56.75 24.32 26.07
C SER I 242 -55.42 24.99 25.72
N PRO I 243 -54.67 25.44 26.73
CA PRO I 243 -53.39 26.12 26.45
C PRO I 243 -52.32 25.23 25.84
N MET I 244 -51.48 25.81 24.99
CA MET I 244 -50.52 25.04 24.20
C MET I 244 -49.06 25.37 24.51
N TYR I 245 -48.23 24.34 24.64
CA TYR I 245 -46.82 24.51 24.98
C TYR I 245 -45.93 23.73 24.01
N ALA I 246 -44.76 24.29 23.68
CA ALA I 246 -43.84 23.65 22.73
C ALA I 246 -42.93 22.57 23.31
N LYS I 247 -42.10 21.98 22.44
CA LYS I 247 -41.14 20.94 22.83
C LYS I 247 -40.01 21.32 23.78
N THR I 248 -39.42 22.49 23.56
CA THR I 248 -38.40 23.02 24.45
C THR I 248 -38.11 24.46 24.10
N ASP I 249 -36.83 24.75 23.91
CA ASP I 249 -36.46 26.11 23.55
C ASP I 249 -36.23 26.29 22.05
N SER I 250 -36.60 25.30 21.24
CA SER I 250 -36.48 25.49 19.80
C SER I 250 -37.41 26.47 19.04
N ALA I 251 -36.89 26.98 17.92
CA ALA I 251 -37.58 27.97 17.09
C ALA I 251 -38.86 27.49 16.37
N ASN I 252 -38.70 26.31 15.78
CA ASN I 252 -39.70 25.51 15.06
C ASN I 252 -40.99 25.22 15.80
N ASP I 253 -40.81 24.71 17.00
CA ASP I 253 -41.89 24.33 17.91
C ASP I 253 -42.71 25.52 18.40
N ARG I 254 -42.14 26.72 18.40
CA ARG I 254 -42.94 27.91 18.68
C ARG I 254 -44.00 28.25 17.62
N LEU I 255 -43.69 28.09 16.34
CA LEU I 255 -44.71 28.30 15.30
C LEU I 255 -45.81 27.24 15.44
N ALA I 256 -45.38 26.02 15.76
CA ALA I 256 -46.28 24.89 15.98
C ALA I 256 -47.24 25.18 17.14
N MET I 257 -46.70 25.71 18.23
CA MET I 257 -47.48 26.10 19.39
C MET I 257 -48.50 27.16 18.96
N ASN I 258 -48.01 28.20 18.30
CA ASN I 258 -48.87 29.25 17.75
C ASN I 258 -50.05 28.68 16.97
N ASN I 259 -49.78 27.73 16.08
CA ASN I 259 -50.83 27.18 15.24
C ASN I 259 -51.81 26.32 16.02
N ALA I 260 -51.31 25.53 16.97
CA ALA I 260 -52.18 24.81 17.87
C ALA I 260 -53.02 25.72 18.76
N ASP I 261 -52.39 26.76 19.29
CA ASP I 261 -53.09 27.75 20.11
C ASP I 261 -54.16 28.47 19.29
N GLY I 262 -53.82 28.84 18.06
CA GLY I 262 -54.73 29.52 17.17
C GLY I 262 -55.93 28.72 16.68
N TYR I 263 -55.71 27.44 16.39
CA TYR I 263 -56.77 26.57 15.92
C TYR I 263 -57.81 26.25 16.98
N SER I 264 -57.36 26.05 18.21
CA SER I 264 -58.23 25.72 19.34
C SER I 264 -58.79 26.94 20.07
N ASN I 265 -57.97 28.00 20.16
CA ASN I 265 -58.29 29.10 21.06
C ASN I 265 -58.44 30.47 20.40
N ARG I 266 -57.38 30.93 19.74
CA ARG I 266 -57.31 32.29 19.21
C ARG I 266 -58.27 32.57 18.05
N TRP I 267 -58.59 31.55 17.26
CA TRP I 267 -59.62 31.68 16.22
C TRP I 267 -61.00 32.12 16.72
N PHE I 268 -61.27 31.89 17.99
CA PHE I 268 -62.56 32.26 18.56
C PHE I 268 -62.49 33.46 19.48
N LEU I 269 -61.41 33.57 20.23
CA LEU I 269 -61.22 34.69 21.14
C LEU I 269 -61.00 36.02 20.42
N ASP I 270 -60.22 36.04 19.34
CA ASP I 270 -59.96 37.30 18.65
C ASP I 270 -61.23 37.92 18.05
N PRO I 271 -62.04 37.14 17.31
CA PRO I 271 -63.26 37.80 16.83
C PRO I 271 -64.26 38.21 17.92
N VAL I 272 -64.33 37.45 19.00
CA VAL I 272 -65.30 37.72 20.07
C VAL I 272 -64.97 38.94 20.93
N PHE I 273 -63.69 39.10 21.26
CA PHE I 273 -63.29 40.17 22.15
C PHE I 273 -62.53 41.31 21.46
N LYS I 274 -61.88 41.01 20.34
CA LYS I 274 -61.16 42.06 19.59
C LYS I 274 -61.90 42.50 18.32
N GLY I 275 -62.88 41.71 17.89
CA GLY I 275 -63.55 41.98 16.62
C GLY I 275 -62.73 41.86 15.35
N GLU I 276 -61.82 40.89 15.32
CA GLU I 276 -61.02 40.59 14.14
C GLU I 276 -60.63 39.12 14.12
N TYR I 277 -60.38 38.56 12.94
CA TYR I 277 -59.81 37.23 12.85
C TYR I 277 -58.27 37.26 12.82
N PRO I 278 -57.62 36.28 13.46
CA PRO I 278 -56.15 36.22 13.47
C PRO I 278 -55.58 35.87 12.09
N VAL I 279 -54.82 36.79 11.49
CA VAL I 279 -54.33 36.63 10.11
C VAL I 279 -53.39 35.43 9.91
N ASP I 280 -52.64 35.09 10.94
CA ASP I 280 -51.80 33.90 10.92
C ASP I 280 -52.56 32.58 10.72
N MET I 281 -53.72 32.44 11.35
CA MET I 281 -54.54 31.27 11.15
C MET I 281 -55.25 31.32 9.78
N MET I 282 -55.68 32.51 9.37
CA MET I 282 -56.25 32.73 8.05
C MET I 282 -55.34 32.31 6.90
N ASN I 283 -54.08 32.70 6.98
CA ASN I 283 -53.07 32.31 5.99
C ASN I 283 -52.84 30.81 5.97
N LEU I 284 -52.75 30.23 7.17
CA LEU I 284 -52.58 28.79 7.32
C LEU I 284 -53.77 28.00 6.77
N PHE I 285 -54.99 28.48 7.03
CA PHE I 285 -56.20 27.84 6.49
C PHE I 285 -56.36 28.02 4.99
N SER I 286 -55.65 28.98 4.42
CA SER I 286 -55.73 29.22 2.99
C SER I 286 -55.33 28.04 2.10
N LYS I 287 -54.69 27.01 2.66
CA LYS I 287 -54.52 25.77 1.92
C LYS I 287 -55.81 25.06 1.55
N TYR I 288 -56.88 25.32 2.30
CA TYR I 288 -58.19 24.79 1.95
C TYR I 288 -59.24 25.86 1.73
N VAL I 289 -59.14 26.95 2.50
CA VAL I 289 -60.17 27.98 2.44
C VAL I 289 -59.63 29.12 1.62
N HIS I 290 -60.21 29.30 0.44
CA HIS I 290 -59.67 30.22 -0.53
C HIS I 290 -60.55 31.42 -0.71
N ASN I 291 -61.87 31.24 -0.63
CA ASN I 291 -62.63 32.45 -0.54
C ASN I 291 -63.10 32.75 0.88
N PHE I 292 -62.92 34.00 1.29
CA PHE I 292 -63.40 34.49 2.59
C PHE I 292 -64.45 35.59 2.42
N ASP I 293 -65.18 35.63 1.31
CA ASP I 293 -66.23 36.64 1.17
C ASP I 293 -67.46 36.41 2.05
N PHE I 294 -67.29 35.79 3.20
CA PHE I 294 -68.36 35.78 4.19
C PHE I 294 -68.62 37.16 4.76
N ILE I 295 -68.12 37.34 5.98
CA ILE I 295 -68.04 38.62 6.71
C ILE I 295 -68.55 39.88 6.04
N GLN I 296 -69.83 40.16 6.28
CA GLN I 296 -70.51 41.35 5.80
C GLN I 296 -70.06 42.53 6.64
N SER I 297 -70.21 43.75 6.14
CA SER I 297 -69.90 44.91 6.94
C SER I 297 -70.88 44.95 8.11
N GLY I 298 -70.37 45.27 9.30
CA GLY I 298 -71.18 45.24 10.51
C GLY I 298 -71.14 43.93 11.28
N ASP I 299 -70.65 42.87 10.65
CA ASP I 299 -70.66 41.54 11.28
C ASP I 299 -69.74 41.49 12.49
N MET I 300 -68.50 41.92 12.29
CA MET I 300 -67.50 41.87 13.35
C MET I 300 -67.87 42.83 14.48
N GLU I 301 -68.59 43.89 14.15
CA GLU I 301 -69.14 44.77 15.17
C GLU I 301 -70.22 44.10 16.00
N THR I 302 -71.08 43.33 15.33
CA THR I 302 -72.13 42.58 16.01
C THR I 302 -71.59 41.43 16.87
N ILE I 303 -70.67 40.67 16.30
CA ILE I 303 -69.99 39.58 17.00
C ILE I 303 -69.29 40.03 18.30
N SER I 304 -68.70 41.21 18.31
CA SER I 304 -67.97 41.67 19.50
C SER I 304 -68.81 42.52 20.46
N THR I 305 -70.13 42.43 20.36
CA THR I 305 -71.03 43.17 21.25
C THR I 305 -70.76 42.79 22.71
N ALA I 306 -70.79 43.78 23.60
CA ALA I 306 -70.41 43.56 25.00
C ALA I 306 -71.36 42.62 25.73
N CYS I 307 -70.78 41.70 26.49
CA CYS I 307 -71.52 40.74 27.29
C CYS I 307 -71.39 41.05 28.79
N ASP I 308 -72.16 40.33 29.62
CA ASP I 308 -72.13 40.56 31.05
C ASP I 308 -71.11 39.67 31.74
N PHE I 309 -70.83 38.51 31.15
CA PHE I 309 -69.79 37.62 31.66
C PHE I 309 -69.13 36.83 30.52
N PHE I 310 -68.10 36.07 30.85
CA PHE I 310 -67.47 35.15 29.90
C PHE I 310 -67.41 33.71 30.44
N GLY I 311 -67.93 32.77 29.67
CA GLY I 311 -67.91 31.36 30.04
C GLY I 311 -66.70 30.61 29.52
N ILE I 312 -66.13 29.74 30.35
CA ILE I 312 -65.01 28.89 29.97
C ILE I 312 -65.22 27.42 30.32
N ASN I 313 -65.15 26.56 29.32
CA ASN I 313 -65.02 25.13 29.56
C ASN I 313 -63.56 24.67 29.53
N PHE I 314 -63.05 24.21 30.67
CA PHE I 314 -61.68 23.73 30.75
C PHE I 314 -61.64 22.27 31.18
N TYR I 315 -60.81 21.49 30.50
CA TYR I 315 -60.64 20.08 30.82
C TYR I 315 -59.18 19.69 30.96
N SER I 316 -58.33 20.20 30.05
CA SER I 316 -56.93 19.83 30.03
C SER I 316 -56.08 20.81 29.23
N ARG I 317 -54.76 20.58 29.26
CA ARG I 317 -53.83 21.30 28.38
C ARG I 317 -53.52 20.47 27.13
N GLY I 318 -52.77 21.04 26.19
CA GLY I 318 -52.20 20.26 25.10
C GLY I 318 -50.76 20.59 24.74
N ILE I 319 -49.88 19.59 24.88
CA ILE I 319 -48.49 19.65 24.44
C ILE I 319 -48.35 19.26 22.95
N VAL I 320 -47.77 20.15 22.14
CA VAL I 320 -47.65 19.94 20.69
C VAL I 320 -46.22 19.92 20.15
N GLU I 321 -46.03 19.26 19.00
CA GLU I 321 -44.75 19.36 18.26
C GLU I 321 -44.95 19.64 16.78
N PHE I 322 -43.85 19.95 16.11
CA PHE I 322 -43.85 20.32 14.70
C PHE I 322 -43.98 19.12 13.74
N ASN I 323 -44.65 19.34 12.61
CA ASN I 323 -44.79 18.30 11.59
C ASN I 323 -44.69 18.94 10.20
N ALA I 324 -43.59 18.69 9.50
CA ALA I 324 -43.43 19.14 8.11
C ALA I 324 -44.49 18.56 7.18
N ALA I 325 -44.98 17.38 7.51
CA ALA I 325 -45.98 16.68 6.70
C ALA I 325 -47.42 16.98 7.09
N ASN I 326 -47.61 17.80 8.11
CA ASN I 326 -48.94 18.28 8.45
C ASN I 326 -49.28 19.54 7.68
N ASP I 327 -50.51 19.63 7.19
CA ASP I 327 -51.02 20.85 6.59
C ASP I 327 -50.98 22.01 7.58
N PHE I 328 -51.36 21.74 8.82
CA PHE I 328 -51.36 22.76 9.85
C PHE I 328 -50.09 22.72 10.72
N LEU I 329 -49.07 22.00 10.28
CA LEU I 329 -47.73 22.17 10.85
C LEU I 329 -47.63 21.63 12.29
N LYS I 330 -48.59 20.81 12.70
CA LYS I 330 -48.56 20.29 14.07
C LYS I 330 -49.02 18.83 14.18
N ALA I 331 -48.43 18.15 15.16
CA ALA I 331 -48.81 16.81 15.60
C ALA I 331 -48.86 16.74 17.12
N ASP I 332 -49.47 15.68 17.67
CA ASP I 332 -49.54 15.50 19.11
C ASP I 332 -48.17 15.15 19.70
N ALA I 333 -47.87 15.74 20.85
CA ALA I 333 -46.60 15.50 21.55
C ALA I 333 -46.66 14.55 22.73
N TYR I 334 -45.48 14.05 23.11
CA TYR I 334 -45.35 13.16 24.25
C TYR I 334 -45.60 13.97 25.52
N SER I 335 -46.50 13.48 26.37
CA SER I 335 -46.80 14.15 27.63
C SER I 335 -46.26 13.36 28.82
N ASP I 336 -45.60 14.01 29.77
CA ASP I 336 -45.20 13.25 30.95
C ASP I 336 -46.12 13.45 32.15
N TYR I 337 -47.20 14.21 31.98
CA TYR I 337 -48.19 14.40 33.06
C TYR I 337 -49.00 13.15 33.41
N GLU I 338 -49.59 13.14 34.59
CA GLU I 338 -50.58 12.11 34.94
C GLU I 338 -51.85 12.30 34.11
N LYS I 339 -52.44 11.22 33.60
CA LYS I 339 -53.54 11.40 32.65
C LYS I 339 -54.84 10.72 33.07
N THR I 340 -55.98 11.29 32.64
CA THR I 340 -57.30 10.74 32.90
C THR I 340 -57.61 9.56 31.96
N GLY I 341 -58.83 9.04 32.09
CA GLY I 341 -59.36 8.04 31.17
C GLY I 341 -59.51 8.49 29.72
N MET I 342 -59.62 9.81 29.50
CA MET I 342 -59.70 10.33 28.13
C MET I 342 -58.34 10.36 27.45
N GLY I 343 -57.28 10.21 28.23
CA GLY I 343 -55.94 10.42 27.73
C GLY I 343 -55.56 11.89 27.77
N TRP I 344 -56.32 12.67 28.53
CA TRP I 344 -56.03 14.09 28.67
C TRP I 344 -55.11 14.32 29.87
N ASP I 345 -54.18 15.25 29.74
CA ASP I 345 -53.29 15.57 30.86
C ASP I 345 -54.08 16.18 32.02
N ILE I 346 -53.77 15.79 33.25
CA ILE I 346 -54.30 16.52 34.39
C ILE I 346 -53.36 17.68 34.64
N ALA I 347 -53.87 18.90 34.40
CA ALA I 347 -53.00 20.05 34.23
C ALA I 347 -53.55 21.37 34.81
N PRO I 348 -53.63 21.49 36.14
CA PRO I 348 -54.06 22.76 36.77
C PRO I 348 -53.12 23.98 36.82
N ASN I 349 -51.80 23.82 36.91
CA ASN I 349 -50.91 24.99 36.90
C ASN I 349 -50.84 25.90 35.65
N GLU I 350 -50.87 25.31 34.46
CA GLU I 350 -50.81 26.07 33.20
C GLU I 350 -52.18 26.68 32.95
N PHE I 351 -53.18 26.02 33.49
CA PHE I 351 -54.54 26.54 33.58
C PHE I 351 -54.54 27.87 34.32
N LYS I 352 -53.78 27.94 35.41
CA LYS I 352 -53.66 29.17 36.17
C LYS I 352 -53.03 30.25 35.28
N ASP I 353 -52.11 29.85 34.40
CA ASP I 353 -51.52 30.73 33.39
C ASP I 353 -52.59 31.25 32.41
N LEU I 354 -53.40 30.32 31.90
CA LEU I 354 -54.48 30.60 30.96
C LEU I 354 -55.50 31.70 31.34
N ILE I 355 -56.05 31.67 32.55
CA ILE I 355 -57.05 32.67 32.92
C ILE I 355 -56.50 34.10 32.88
N ARG I 356 -55.37 34.31 33.54
CA ARG I 356 -54.64 35.59 33.57
C ARG I 356 -54.35 36.09 32.15
N ARG I 357 -54.01 35.17 31.26
CA ARG I 357 -53.70 35.49 29.87
C ARG I 357 -54.92 36.11 29.20
N LEU I 358 -56.10 35.58 29.51
CA LEU I 358 -57.33 36.11 28.96
C LEU I 358 -57.54 37.53 29.47
N ARG I 359 -57.13 37.77 30.72
CA ARG I 359 -57.15 39.10 31.32
C ARG I 359 -56.08 39.99 30.69
N ALA I 360 -54.92 39.40 30.43
CA ALA I 360 -53.82 40.11 29.80
C ALA I 360 -54.15 40.50 28.36
N GLU I 361 -54.77 39.61 27.61
CA GLU I 361 -54.95 39.81 26.17
C GLU I 361 -56.36 40.20 25.75
N TYR I 362 -57.38 39.70 26.45
CA TYR I 362 -58.72 39.67 25.87
C TYR I 362 -59.85 40.44 26.59
N THR I 363 -60.08 40.12 27.85
CA THR I 363 -61.26 40.63 28.55
C THR I 363 -61.04 40.80 30.06
N ASP I 364 -61.71 41.79 30.64
CA ASP I 364 -61.78 41.93 32.09
C ASP I 364 -63.16 41.61 32.65
N LEU I 365 -63.99 40.96 31.83
CA LEU I 365 -65.33 40.53 32.25
C LEU I 365 -65.26 39.39 33.27
N PRO I 366 -66.28 39.27 34.13
CA PRO I 366 -66.37 38.13 35.07
C PRO I 366 -66.44 36.79 34.37
N ILE I 367 -65.66 35.84 34.86
CA ILE I 367 -65.56 34.50 34.27
C ILE I 367 -66.33 33.39 35.01
N TYR I 368 -67.05 32.55 34.27
CA TYR I 368 -67.69 31.34 34.81
C TYR I 368 -67.13 30.06 34.18
N ILE I 369 -66.68 29.15 35.03
CA ILE I 369 -66.24 27.82 34.59
C ILE I 369 -67.45 26.89 34.36
N THR I 370 -68.02 26.95 33.15
CA THR I 370 -69.27 26.27 32.84
C THR I 370 -69.17 24.75 32.65
N GLU I 371 -67.95 24.23 32.46
CA GLU I 371 -67.70 22.78 32.56
C GLU I 371 -66.29 22.46 33.05
N ASN I 372 -66.20 21.69 34.13
CA ASN I 372 -64.94 21.02 34.48
C ASN I 372 -65.07 19.64 35.13
N GLY I 373 -64.19 18.71 34.74
CA GLY I 373 -64.21 17.36 35.29
C GLY I 373 -63.27 16.38 34.61
N ALA I 374 -63.35 15.10 34.99
CA ALA I 374 -62.45 14.07 34.47
C ALA I 374 -63.08 12.68 34.55
N ALA I 375 -62.70 11.79 33.63
CA ALA I 375 -63.13 10.38 33.67
C ALA I 375 -62.08 9.33 34.09
N PHE I 376 -62.42 8.50 35.07
CA PHE I 376 -61.56 7.37 35.47
C PHE I 376 -62.37 6.07 35.55
N ASP I 377 -61.69 4.93 35.42
CA ASP I 377 -62.35 3.63 35.48
C ASP I 377 -62.86 3.25 36.87
N ASP I 378 -64.05 3.72 37.20
CA ASP I 378 -64.66 3.49 38.51
C ASP I 378 -65.26 2.09 38.58
N VAL I 379 -64.88 1.31 39.59
CA VAL I 379 -65.44 -0.03 39.75
C VAL I 379 -66.43 -0.05 40.91
N LEU I 380 -67.68 -0.35 40.57
CA LEU I 380 -68.76 -0.60 41.52
C LEU I 380 -68.75 -1.96 42.20
N GLU I 381 -68.70 -1.93 43.53
CA GLU I 381 -68.67 -3.15 44.33
C GLU I 381 -69.58 -2.93 45.54
N ASN I 382 -70.80 -3.49 45.45
CA ASN I 382 -71.72 -3.52 46.57
C ASN I 382 -72.24 -2.15 47.01
N GLY I 383 -72.86 -1.39 46.09
CA GLY I 383 -73.34 -0.07 46.46
C GLY I 383 -72.24 0.86 46.92
N GLU I 384 -71.07 0.73 46.30
CA GLU I 384 -69.88 1.48 46.69
C GLU I 384 -68.94 1.66 45.51
N VAL I 385 -68.30 2.82 45.47
CA VAL I 385 -67.33 3.20 44.44
C VAL I 385 -66.03 3.73 45.07
N HIS I 386 -64.93 3.03 44.90
CA HIS I 386 -63.72 3.53 45.53
C HIS I 386 -62.87 4.37 44.58
N ASP I 387 -63.18 5.67 44.57
CA ASP I 387 -62.51 6.62 43.70
C ASP I 387 -61.65 7.50 44.58
N ASP I 388 -60.77 8.30 43.98
CA ASP I 388 -59.92 9.22 44.73
C ASP I 388 -59.26 10.17 43.75
N ASN I 389 -58.96 9.65 42.57
CA ASN I 389 -58.43 10.46 41.48
C ASN I 389 -59.39 11.57 41.05
N ARG I 390 -60.68 11.24 41.02
CA ARG I 390 -61.70 12.25 40.76
C ARG I 390 -61.83 13.25 41.90
N ILE I 391 -61.63 12.80 43.14
CA ILE I 391 -61.70 13.72 44.27
C ILE I 391 -60.54 14.71 44.25
N ASP I 392 -59.35 14.18 43.99
CA ASP I 392 -58.13 14.97 43.81
C ASP I 392 -58.28 16.03 42.72
N TYR I 393 -58.66 15.55 41.54
CA TYR I 393 -58.79 16.37 40.34
C TYR I 393 -59.65 17.61 40.55
N VAL I 394 -60.86 17.41 41.08
CA VAL I 394 -61.79 18.52 41.25
C VAL I 394 -61.23 19.45 42.33
N ARG I 395 -60.67 18.85 43.36
CA ARG I 395 -60.05 19.59 44.46
C ARG I 395 -58.85 20.41 43.99
N GLN I 396 -58.04 19.85 43.10
CA GLN I 396 -56.91 20.58 42.52
C GLN I 396 -57.37 21.80 41.73
N HIS I 397 -58.44 21.65 40.98
CA HIS I 397 -58.99 22.75 40.20
C HIS I 397 -59.68 23.78 41.10
N LEU I 398 -60.40 23.29 42.10
CA LEU I 398 -61.02 24.16 43.09
C LEU I 398 -59.95 24.92 43.87
N GLU I 399 -58.83 24.26 44.15
CA GLU I 399 -57.68 24.95 44.72
C GLU I 399 -57.15 26.00 43.75
N ALA I 400 -57.09 25.64 42.48
CA ALA I 400 -56.72 26.56 41.42
C ALA I 400 -57.68 27.73 41.20
N VAL I 401 -58.98 27.49 41.38
CA VAL I 401 -59.95 28.57 41.31
C VAL I 401 -59.79 29.59 42.44
N SER I 402 -59.55 29.12 43.65
CA SER I 402 -59.38 30.03 44.78
C SER I 402 -58.10 30.86 44.66
N ASP I 403 -57.03 30.19 44.27
CA ASP I 403 -55.73 30.83 44.01
C ASP I 403 -55.74 31.85 42.87
N LEU I 404 -56.92 32.25 42.40
CA LEU I 404 -56.99 33.26 41.36
C LEU I 404 -57.97 34.38 41.69
N ASN I 405 -59.11 34.02 42.27
CA ASN I 405 -60.08 35.02 42.70
C ASN I 405 -59.58 35.91 43.84
N ASP I 406 -58.70 35.36 44.68
CA ASP I 406 -58.02 36.16 45.70
C ASP I 406 -57.05 37.17 45.10
N GLU I 407 -56.46 36.81 43.96
CA GLU I 407 -55.60 37.69 43.18
C GLU I 407 -56.37 38.74 42.39
N GLY I 408 -57.68 38.55 42.26
CA GLY I 408 -58.53 39.47 41.52
C GLY I 408 -58.87 39.16 40.08
N MET I 409 -58.82 37.88 39.73
CA MET I 409 -59.05 37.46 38.35
C MET I 409 -60.55 37.40 38.12
N ASN I 410 -61.27 37.52 39.22
CA ASN I 410 -62.71 37.72 39.24
C ASN I 410 -63.44 36.57 38.55
N ILE I 411 -63.23 35.38 39.08
CA ILE I 411 -64.01 34.22 38.70
C ILE I 411 -65.19 34.05 39.67
N GLN I 412 -66.36 34.50 39.22
CA GLN I 412 -67.53 34.56 40.08
C GLN I 412 -68.16 33.18 40.29
N GLY I 413 -67.88 32.23 39.40
CA GLY I 413 -68.48 30.91 39.52
C GLY I 413 -67.84 29.70 38.87
N TYR I 414 -68.38 28.53 39.21
CA TYR I 414 -67.84 27.23 38.79
C TYR I 414 -68.89 26.14 38.72
N TYR I 415 -69.08 25.57 37.53
CA TYR I 415 -70.05 24.51 37.30
C TYR I 415 -69.32 23.18 37.03
N LEU I 416 -69.51 22.21 37.91
CA LEU I 416 -68.85 20.91 37.78
C LEU I 416 -69.45 19.99 36.72
N TRP I 417 -68.66 19.66 35.69
CA TRP I 417 -69.07 18.70 34.67
C TRP I 417 -68.59 17.29 35.01
N SER I 418 -69.51 16.34 35.02
CA SER I 418 -70.92 16.60 34.76
C SER I 418 -71.73 16.15 35.96
N LEU I 419 -72.99 16.59 36.04
CA LEU I 419 -73.84 16.16 37.14
C LEU I 419 -74.01 14.65 37.14
N MET I 420 -74.41 14.09 36.01
CA MET I 420 -74.59 12.65 35.90
C MET I 420 -73.80 11.98 34.79
N ASP I 421 -73.64 10.67 34.94
CA ASP I 421 -73.12 9.80 33.89
C ASP I 421 -74.08 9.86 32.71
N ASN I 422 -73.54 10.03 31.51
CA ASN I 422 -74.38 10.30 30.36
C ASN I 422 -73.89 9.68 29.05
N PHE I 423 -74.09 10.40 27.96
CA PHE I 423 -73.60 9.98 26.65
C PHE I 423 -72.38 10.75 26.15
N GLU I 424 -71.20 10.14 26.19
CA GLU I 424 -69.99 10.86 25.81
C GLU I 424 -69.68 10.63 24.33
N TRP I 425 -70.64 10.99 23.50
CA TRP I 425 -70.46 11.14 22.06
C TRP I 425 -69.90 9.87 21.41
N SER I 426 -68.76 10.03 20.74
CA SER I 426 -68.11 8.96 20.01
C SER I 426 -67.55 7.90 20.96
N PHE I 427 -67.35 8.28 22.22
CA PHE I 427 -66.91 7.34 23.25
C PHE I 427 -68.10 6.55 23.80
N GLY I 428 -69.31 7.04 23.50
CA GLY I 428 -70.56 6.47 23.94
C GLY I 428 -70.81 6.48 25.45
N TYR I 429 -71.45 5.43 25.96
CA TYR I 429 -71.68 5.30 27.41
C TYR I 429 -70.55 4.59 28.18
N GLU I 430 -69.47 4.27 27.49
CA GLU I 430 -68.29 3.67 28.12
C GLU I 430 -67.58 4.53 29.16
N LYS I 431 -67.68 5.85 29.01
CA LYS I 431 -67.05 6.75 29.96
C LYS I 431 -68.04 7.55 30.81
N ARG I 432 -67.64 7.80 32.05
CA ARG I 432 -68.46 8.45 33.06
C ARG I 432 -67.81 9.68 33.73
N PHE I 433 -68.36 10.85 33.45
CA PHE I 433 -67.87 12.10 34.04
C PHE I 433 -68.71 12.48 35.27
N GLY I 434 -69.84 11.81 35.45
CA GLY I 434 -70.85 12.18 36.42
C GLY I 434 -70.33 11.99 37.84
N ILE I 435 -70.83 12.78 38.79
CA ILE I 435 -70.63 12.42 40.20
C ILE I 435 -71.61 11.39 40.76
N LEU I 436 -72.81 11.25 40.19
CA LEU I 436 -73.68 10.15 40.59
C LEU I 436 -73.70 9.11 39.46
N TYR I 437 -73.38 7.87 39.80
CA TYR I 437 -73.38 6.78 38.82
C TYR I 437 -74.78 6.33 38.40
N ILE I 438 -74.89 5.93 37.13
CA ILE I 438 -76.14 5.44 36.59
C ILE I 438 -75.87 4.15 35.83
N ASP I 439 -76.46 3.07 36.35
CA ASP I 439 -76.53 1.79 35.66
C ASP I 439 -77.66 1.84 34.63
N PHE I 440 -77.28 1.67 33.37
CA PHE I 440 -78.15 1.90 32.23
C PHE I 440 -79.11 0.74 31.97
N GLU I 441 -78.89 -0.38 32.66
CA GLU I 441 -79.80 -1.52 32.57
C GLU I 441 -80.93 -1.59 33.62
N THR I 442 -80.72 -1.05 34.81
CA THR I 442 -81.81 -1.02 35.82
C THR I 442 -82.40 0.38 35.90
N GLN I 443 -81.65 1.32 35.32
CA GLN I 443 -81.90 2.77 35.39
C GLN I 443 -81.92 3.37 36.80
N GLU I 444 -81.20 2.72 37.72
CA GLU I 444 -81.04 3.17 39.11
C GLU I 444 -80.05 4.32 39.22
N ARG I 445 -80.41 5.40 39.92
CA ARG I 445 -79.42 6.43 40.25
C ARG I 445 -78.68 6.10 41.56
N ILE I 446 -77.36 6.04 41.50
CA ILE I 446 -76.51 5.91 42.70
C ILE I 446 -75.45 7.01 42.88
N TRP I 447 -75.45 7.70 44.01
CA TRP I 447 -74.39 8.69 44.30
C TRP I 447 -73.02 8.02 44.41
N LYS I 448 -71.98 8.68 43.89
CA LYS I 448 -70.60 8.27 44.17
C LYS I 448 -70.01 9.04 45.37
N ASP I 449 -68.87 8.58 45.88
CA ASP I 449 -68.17 9.24 46.99
C ASP I 449 -67.73 10.67 46.69
N SER I 450 -67.40 10.94 45.42
CA SER I 450 -67.04 12.28 44.97
C SER I 450 -68.20 13.25 45.09
N ALA I 451 -69.41 12.75 44.89
CA ALA I 451 -70.62 13.54 45.08
C ALA I 451 -70.80 13.96 46.54
N LYS I 452 -70.67 13.00 47.45
CA LYS I 452 -70.68 13.28 48.89
C LYS I 452 -69.64 14.34 49.30
N TRP I 453 -68.40 14.18 48.84
CA TRP I 453 -67.35 15.17 49.12
C TRP I 453 -67.77 16.51 48.53
N TYR I 454 -68.26 16.49 47.30
CA TYR I 454 -68.69 17.69 46.60
C TYR I 454 -69.88 18.31 47.33
N ALA I 455 -70.81 17.47 47.76
CA ALA I 455 -71.92 17.91 48.59
C ALA I 455 -71.39 18.59 49.84
N GLY I 456 -70.39 17.97 50.47
CA GLY I 456 -69.77 18.55 51.65
C GLY I 456 -68.92 19.80 51.57
N VAL I 457 -68.21 20.02 50.45
CA VAL I 457 -67.49 21.29 50.25
C VAL I 457 -68.40 22.53 50.15
N ILE I 458 -69.46 22.41 49.36
CA ILE I 458 -70.46 23.46 49.20
C ILE I 458 -71.24 23.76 50.48
N ALA I 459 -71.58 22.72 51.23
CA ALA I 459 -72.33 22.93 52.47
C ALA I 459 -71.56 23.76 53.50
N ASP I 460 -70.31 23.40 53.80
CA ASP I 460 -69.54 24.23 54.73
C ASP I 460 -68.73 25.28 53.96
N HIS I 461 -69.32 25.80 52.89
CA HIS I 461 -68.74 26.92 52.14
C HIS I 461 -68.60 28.16 53.01
N MET J 22 -40.02 72.73 3.56
CA MET J 22 -38.73 72.99 2.93
C MET J 22 -37.73 73.54 3.93
N HIS J 23 -37.73 73.00 5.15
CA HIS J 23 -36.88 73.50 6.21
C HIS J 23 -35.88 72.44 6.65
N PHE J 24 -34.64 72.84 6.92
CA PHE J 24 -33.64 71.89 7.41
C PHE J 24 -32.80 72.36 8.61
N LYS J 25 -32.34 71.38 9.37
CA LYS J 25 -31.51 71.57 10.58
C LYS J 25 -30.13 72.12 10.21
N LYS J 26 -29.11 71.57 10.87
CA LYS J 26 -27.72 71.99 10.65
C LYS J 26 -26.87 70.73 10.50
N ASP J 27 -27.31 69.67 11.18
CA ASP J 27 -26.68 68.35 11.12
C ASP J 27 -27.25 67.52 9.97
N PHE J 28 -28.12 68.13 9.17
CA PHE J 28 -28.70 67.41 8.04
C PHE J 28 -27.70 67.12 6.92
N VAL J 29 -27.72 65.87 6.48
CA VAL J 29 -26.78 65.34 5.48
C VAL J 29 -27.42 65.22 4.07
N PHE J 30 -26.86 65.96 3.11
CA PHE J 30 -27.14 65.77 1.70
C PHE J 30 -26.22 64.74 1.03
N GLY J 31 -26.73 64.04 0.02
CA GLY J 31 -25.98 62.99 -0.66
C GLY J 31 -26.44 62.67 -2.07
N THR J 32 -25.74 61.79 -2.78
CA THR J 32 -26.24 61.34 -4.08
C THR J 32 -26.14 59.86 -4.54
N ALA J 33 -25.88 58.93 -3.61
CA ALA J 33 -25.53 57.50 -3.84
C ALA J 33 -25.33 56.85 -5.25
N THR J 34 -24.55 55.76 -5.27
CA THR J 34 -24.32 54.96 -6.48
C THR J 34 -24.14 53.49 -6.06
N SER J 35 -24.03 52.57 -7.02
CA SER J 35 -23.62 51.19 -6.73
C SER J 35 -22.53 50.61 -7.63
N SER J 36 -21.84 49.59 -7.12
CA SER J 36 -20.61 49.08 -7.75
C SER J 36 -20.71 48.49 -9.16
N TYR J 37 -21.61 47.53 -9.38
CA TYR J 37 -21.70 46.91 -10.69
C TYR J 37 -22.23 47.86 -11.75
N GLN J 38 -22.98 48.85 -11.28
CA GLN J 38 -23.58 49.88 -12.14
C GLN J 38 -22.63 50.92 -12.72
N ILE J 39 -21.53 51.25 -12.03
CA ILE J 39 -20.68 52.32 -12.53
C ILE J 39 -19.27 51.86 -12.94
N GLU J 40 -18.67 50.93 -12.19
CA GLU J 40 -17.22 50.67 -12.34
C GLU J 40 -16.76 50.19 -13.73
N GLY J 41 -17.33 49.11 -14.26
CA GLY J 41 -16.76 48.53 -15.46
C GLY J 41 -15.47 47.79 -15.14
N ALA J 42 -14.49 47.84 -16.04
CA ALA J 42 -13.20 47.18 -15.84
C ALA J 42 -13.28 45.73 -15.36
N HIS J 43 -14.05 44.92 -16.08
CA HIS J 43 -14.50 43.60 -15.65
C HIS J 43 -13.36 42.58 -15.56
N ASN J 44 -12.29 42.76 -16.33
CA ASN J 44 -11.17 41.82 -16.25
C ASN J 44 -9.86 42.47 -15.79
N GLU J 45 -9.95 43.61 -15.10
CA GLU J 45 -8.75 44.29 -14.63
C GLU J 45 -8.71 44.35 -13.10
N GLY J 46 -7.51 44.50 -12.55
CA GLY J 46 -7.34 44.56 -11.11
C GLY J 46 -7.64 43.30 -10.32
N GLY J 47 -7.53 42.15 -10.96
CA GLY J 47 -7.86 40.90 -10.28
C GLY J 47 -9.34 40.58 -10.18
N ARG J 48 -10.20 41.38 -10.83
CA ARG J 48 -11.64 41.15 -10.71
C ARG J 48 -12.11 39.88 -11.41
N THR J 49 -12.99 39.15 -10.72
CA THR J 49 -13.63 37.97 -11.28
C THR J 49 -15.14 38.21 -11.48
N PRO J 50 -15.81 37.33 -12.26
CA PRO J 50 -17.22 37.57 -12.59
C PRO J 50 -18.13 37.47 -11.37
N SER J 51 -19.16 38.32 -11.30
CA SER J 51 -20.18 38.20 -10.27
C SER J 51 -21.38 37.44 -10.83
N ILE J 52 -22.30 37.06 -9.95
CA ILE J 52 -23.56 36.43 -10.37
C ILE J 52 -24.28 37.23 -11.45
N TRP J 53 -24.23 38.55 -11.33
CA TRP J 53 -24.85 39.47 -12.28
C TRP J 53 -24.20 39.52 -13.66
N ASP J 54 -22.90 39.24 -13.74
CA ASP J 54 -22.24 39.13 -15.03
C ASP J 54 -22.77 37.96 -15.86
N MET J 55 -22.85 36.79 -15.24
CA MET J 55 -23.34 35.57 -15.85
C MET J 55 -24.85 35.58 -16.14
N PHE J 56 -25.61 36.18 -15.23
CA PHE J 56 -27.05 36.39 -15.36
C PHE J 56 -27.52 37.23 -16.54
N CYS J 57 -26.85 38.35 -16.80
CA CYS J 57 -27.13 39.18 -17.97
C CYS J 57 -27.03 38.46 -19.32
N ASP J 58 -26.12 37.50 -19.39
CA ASP J 58 -25.93 36.68 -20.59
C ASP J 58 -26.97 35.57 -20.77
N ILE J 59 -27.73 35.27 -19.72
CA ILE J 59 -28.77 34.24 -19.83
C ILE J 59 -29.96 34.83 -20.61
N ASP J 60 -30.46 34.02 -21.53
CA ASP J 60 -31.48 34.39 -22.51
C ASP J 60 -32.88 34.71 -21.95
N GLY J 61 -33.37 35.89 -22.34
CA GLY J 61 -34.72 36.33 -22.03
C GLY J 61 -34.97 37.02 -20.70
N ARG J 62 -33.91 37.34 -19.98
CA ARG J 62 -34.06 37.96 -18.67
C ARG J 62 -33.96 39.48 -18.77
N VAL J 63 -32.74 40.00 -18.85
CA VAL J 63 -32.51 41.44 -18.91
C VAL J 63 -32.70 41.93 -20.35
N PHE J 64 -33.18 43.16 -20.51
CA PHE J 64 -33.46 43.69 -21.84
C PHE J 64 -32.26 43.60 -22.77
N GLU J 65 -32.40 42.76 -23.78
CA GLU J 65 -31.42 42.53 -24.83
C GLU J 65 -30.00 42.21 -24.33
N LYS J 66 -29.91 41.42 -23.27
CA LYS J 66 -28.61 41.00 -22.70
C LYS J 66 -27.66 42.13 -22.29
N HIS J 67 -28.16 43.34 -22.03
CA HIS J 67 -27.27 44.44 -21.69
C HIS J 67 -26.58 44.15 -20.36
N ASN J 68 -25.37 44.69 -20.21
CA ASN J 68 -24.57 44.43 -19.02
C ASN J 68 -23.72 45.61 -18.53
N GLY J 69 -23.06 45.39 -17.40
CA GLY J 69 -22.17 46.37 -16.80
C GLY J 69 -20.69 46.12 -17.05
N ASP J 70 -20.41 45.50 -18.19
CA ASP J 70 -19.03 45.21 -18.60
C ASP J 70 -18.23 46.49 -18.67
N VAL J 71 -18.76 47.48 -19.39
CA VAL J 71 -18.13 48.78 -19.52
C VAL J 71 -18.81 49.76 -18.57
N ALA J 72 -20.14 49.80 -18.64
CA ALA J 72 -20.95 50.68 -17.80
C ALA J 72 -20.54 52.14 -17.93
N CYS J 73 -20.35 52.82 -16.80
CA CYS J 73 -19.89 54.20 -16.84
C CYS J 73 -18.38 54.36 -16.82
N ASP J 74 -17.64 53.25 -16.85
CA ASP J 74 -16.18 53.28 -16.95
C ASP J 74 -15.58 54.10 -15.79
N HIS J 75 -16.19 53.94 -14.61
CA HIS J 75 -15.83 54.76 -13.45
C HIS J 75 -14.49 54.31 -12.86
N TYR J 76 -14.12 53.06 -13.07
CA TYR J 76 -12.84 52.56 -12.60
C TYR J 76 -11.67 53.35 -13.18
N HIS J 77 -11.80 53.75 -14.44
CA HIS J 77 -10.80 54.60 -15.07
C HIS J 77 -11.05 56.08 -14.80
N ARG J 78 -12.31 56.49 -14.87
CA ARG J 78 -12.70 57.90 -14.72
C ARG J 78 -13.21 58.29 -13.34
N TYR J 79 -12.73 57.62 -12.28
CA TYR J 79 -13.22 57.89 -10.93
C TYR J 79 -12.94 59.31 -10.46
N GLU J 80 -11.85 59.88 -10.95
CA GLU J 80 -11.41 61.22 -10.57
C GLU J 80 -12.26 62.42 -11.05
N GLU J 81 -12.69 62.38 -12.30
CA GLU J 81 -13.60 63.40 -12.87
C GLU J 81 -14.96 63.56 -12.19
N ASP J 82 -15.57 62.44 -11.84
CA ASP J 82 -16.85 62.38 -11.14
C ASP J 82 -16.81 62.90 -9.71
N ILE J 83 -15.67 62.73 -9.06
CA ILE J 83 -15.44 63.32 -7.73
C ILE J 83 -15.57 64.86 -7.73
N GLN J 84 -15.10 65.52 -8.79
CA GLN J 84 -15.22 66.98 -8.92
C GLN J 84 -16.67 67.43 -9.05
N HIS J 85 -17.41 66.71 -9.89
CA HIS J 85 -18.85 66.87 -10.07
C HIS J 85 -19.61 66.82 -8.75
N ILE J 86 -19.21 65.94 -7.84
CA ILE J 86 -19.81 65.82 -6.52
C ILE J 86 -19.58 67.05 -5.65
N LYS J 87 -18.32 67.50 -5.56
CA LYS J 87 -17.96 68.75 -4.89
C LYS J 87 -18.73 69.98 -5.36
N LYS J 88 -19.04 70.04 -6.64
CA LYS J 88 -19.77 71.18 -7.18
C LYS J 88 -21.20 71.19 -6.67
N LEU J 89 -21.82 70.01 -6.52
CA LEU J 89 -23.13 69.97 -5.90
C LEU J 89 -23.04 70.48 -4.46
N GLY J 90 -21.88 70.28 -3.83
CA GLY J 90 -21.67 70.75 -2.48
C GLY J 90 -22.32 69.82 -1.47
N VAL J 91 -22.62 68.60 -1.90
CA VAL J 91 -23.21 67.60 -1.04
C VAL J 91 -22.22 67.18 0.06
N ASP J 92 -22.76 66.98 1.26
CA ASP J 92 -21.97 66.55 2.39
C ASP J 92 -21.46 65.11 2.24
N THR J 93 -22.24 64.27 1.57
CA THR J 93 -21.92 62.85 1.50
C THR J 93 -22.11 62.25 0.11
N TYR J 94 -21.20 61.36 -0.27
CA TYR J 94 -21.34 60.54 -1.47
C TYR J 94 -21.39 59.08 -1.03
N ARG J 95 -22.45 58.37 -1.43
CA ARG J 95 -22.59 56.95 -1.10
C ARG J 95 -22.21 56.03 -2.24
N PHE J 96 -21.32 55.08 -1.95
CA PHE J 96 -20.94 54.04 -2.90
C PHE J 96 -20.80 52.68 -2.24
N SER J 97 -20.83 51.62 -3.05
CA SER J 97 -20.65 50.27 -2.53
C SER J 97 -19.32 49.62 -2.89
N ILE J 98 -18.89 48.68 -2.05
CA ILE J 98 -17.67 47.91 -2.31
C ILE J 98 -18.01 46.56 -2.95
N ALA J 99 -17.33 46.23 -4.03
CA ALA J 99 -17.47 44.96 -4.73
C ALA J 99 -16.75 43.79 -4.09
N TRP J 100 -17.52 42.87 -3.50
CA TRP J 100 -16.97 41.65 -2.94
C TRP J 100 -16.04 40.92 -3.94
N PRO J 101 -16.43 40.79 -5.22
CA PRO J 101 -15.51 40.09 -6.13
C PRO J 101 -14.23 40.87 -6.45
N ARG J 102 -14.15 42.15 -6.07
CA ARG J 102 -12.86 42.86 -6.10
C ARG J 102 -11.92 42.55 -4.95
N ILE J 103 -12.46 42.29 -3.77
CA ILE J 103 -11.61 42.08 -2.60
C ILE J 103 -11.17 40.63 -2.46
N PHE J 104 -12.09 39.70 -2.66
CA PHE J 104 -11.79 38.27 -2.66
C PHE J 104 -12.27 37.63 -3.95
N PRO J 105 -11.55 37.86 -5.06
CA PRO J 105 -11.87 37.26 -6.36
C PRO J 105 -11.78 35.75 -6.35
N ALA J 106 -10.98 35.20 -5.43
CA ALA J 106 -11.01 33.78 -5.14
C ALA J 106 -11.09 33.53 -3.64
N LYS J 107 -11.49 32.34 -3.27
CA LYS J 107 -11.63 31.97 -1.86
C LYS J 107 -10.28 32.01 -1.16
N GLY J 108 -10.22 32.72 -0.03
CA GLY J 108 -9.00 32.81 0.74
C GLY J 108 -7.89 33.63 0.12
N GLU J 109 -8.17 34.28 -0.99
CA GLU J 109 -7.14 35.04 -1.70
C GLU J 109 -7.41 36.54 -1.73
N TYR J 110 -6.80 37.26 -0.79
CA TYR J 110 -6.96 38.71 -0.69
C TYR J 110 -6.34 39.43 -1.89
N ASN J 111 -7.04 40.43 -2.42
CA ASN J 111 -6.56 41.20 -3.57
C ASN J 111 -6.30 42.66 -3.22
N PRO J 112 -5.06 42.99 -2.85
CA PRO J 112 -4.69 44.32 -2.35
C PRO J 112 -4.86 45.41 -3.41
N GLU J 113 -4.81 45.03 -4.70
CA GLU J 113 -5.07 45.97 -5.78
C GLU J 113 -6.47 46.57 -5.74
N GLY J 114 -7.45 45.73 -5.43
CA GLY J 114 -8.82 46.17 -5.29
C GLY J 114 -9.03 47.15 -4.15
N MET J 115 -8.49 46.81 -2.99
CA MET J 115 -8.57 47.64 -1.80
C MET J 115 -7.87 48.99 -1.92
N ALA J 116 -6.78 49.03 -2.67
CA ALA J 116 -6.02 50.26 -2.89
C ALA J 116 -6.81 51.39 -3.55
N PHE J 117 -7.56 51.05 -4.61
CA PHE J 117 -8.37 52.01 -5.34
C PHE J 117 -9.35 52.82 -4.46
N TYR J 118 -10.06 52.12 -3.58
CA TYR J 118 -10.99 52.75 -2.62
C TYR J 118 -10.39 53.50 -1.43
N LYS J 119 -9.30 52.99 -0.88
CA LYS J 119 -8.62 53.69 0.20
C LYS J 119 -8.15 55.07 -0.28
N ASN J 120 -7.62 55.13 -1.50
CA ASN J 120 -7.27 56.41 -2.13
C ASN J 120 -8.52 57.24 -2.41
N LEU J 121 -9.55 56.58 -2.91
CA LEU J 121 -10.85 57.18 -3.22
C LEU J 121 -11.55 57.82 -2.02
N ALA J 122 -11.52 57.13 -0.89
CA ALA J 122 -12.14 57.64 0.34
C ALA J 122 -11.37 58.85 0.87
N LEU J 123 -10.05 58.80 0.76
CA LEU J 123 -9.20 59.89 1.19
C LEU J 123 -9.43 61.14 0.33
N ARG J 124 -9.53 60.97 -0.98
CA ARG J 124 -9.82 62.08 -1.87
C ARG J 124 -11.17 62.77 -1.65
N LEU J 125 -12.22 61.99 -1.36
CA LEU J 125 -13.50 62.59 -1.04
C LEU J 125 -13.40 63.39 0.27
N ARG J 126 -12.73 62.78 1.24
CA ARG J 126 -12.43 63.37 2.54
C ARG J 126 -11.60 64.66 2.56
N GLU J 127 -10.52 64.70 1.78
CA GLU J 127 -9.69 65.89 1.63
C GLU J 127 -10.50 67.14 1.28
N GLU J 128 -11.48 66.97 0.41
CA GLU J 128 -12.35 68.04 -0.04
C GLU J 128 -13.53 68.27 0.90
N GLY J 129 -13.48 67.65 2.07
CA GLY J 129 -14.55 67.76 3.05
C GLY J 129 -15.84 67.03 2.73
N ILE J 130 -15.76 65.97 1.92
CA ILE J 130 -16.94 65.22 1.53
C ILE J 130 -16.92 63.88 2.27
N LYS J 131 -18.01 63.63 2.99
CA LYS J 131 -18.19 62.42 3.77
C LYS J 131 -18.46 61.19 2.91
N PRO J 132 -17.62 60.15 3.03
CA PRO J 132 -17.82 58.89 2.31
C PRO J 132 -18.74 57.90 3.02
N ALA J 133 -19.84 57.52 2.36
CA ALA J 133 -20.78 56.54 2.88
C ALA J 133 -20.69 55.22 2.11
N VAL J 134 -20.25 54.16 2.78
CA VAL J 134 -19.85 52.95 2.10
C VAL J 134 -20.83 51.79 2.30
N THR J 135 -21.34 51.25 1.20
CA THR J 135 -22.20 50.07 1.22
C THR J 135 -21.35 48.81 1.05
N ILE J 136 -21.42 47.90 2.02
CA ILE J 136 -20.62 46.68 1.94
C ILE J 136 -21.16 45.70 0.90
N TYR J 137 -22.46 45.40 0.97
CA TYR J 137 -23.08 44.44 0.03
C TYR J 137 -24.16 45.09 -0.84
N HIS J 138 -23.90 45.18 -2.14
CA HIS J 138 -24.90 45.67 -3.07
C HIS J 138 -25.14 44.69 -4.22
N TRP J 139 -25.34 43.42 -3.84
CA TRP J 139 -25.91 42.35 -4.67
C TRP J 139 -24.87 41.63 -5.53
N ASP J 140 -23.62 42.10 -5.48
CA ASP J 140 -22.60 41.55 -6.36
C ASP J 140 -21.82 40.42 -5.69
N LEU J 141 -22.51 39.32 -5.44
CA LEU J 141 -21.90 38.11 -4.87
C LEU J 141 -20.93 37.52 -5.87
N PRO J 142 -19.72 37.14 -5.41
CA PRO J 142 -18.78 36.53 -6.35
C PRO J 142 -19.25 35.17 -6.86
N MET J 143 -18.89 34.85 -8.10
CA MET J 143 -19.30 33.62 -8.73
C MET J 143 -18.78 32.33 -8.08
N TRP J 144 -17.58 32.38 -7.52
CA TRP J 144 -17.08 31.23 -6.75
C TRP J 144 -17.96 30.89 -5.56
N ALA J 145 -18.60 31.89 -4.97
CA ALA J 145 -19.50 31.64 -3.85
C ALA J 145 -20.82 31.04 -4.30
N HIS J 146 -21.42 31.63 -5.33
CA HIS J 146 -22.65 31.11 -5.94
C HIS J 146 -22.57 29.65 -6.36
N GLU J 147 -21.44 29.26 -6.96
CA GLU J 147 -21.25 27.90 -7.44
C GLU J 147 -21.17 26.90 -6.30
N GLU J 148 -20.85 27.40 -5.11
CA GLU J 148 -20.95 26.61 -3.89
C GLU J 148 -22.31 26.75 -3.19
N GLY J 149 -23.29 27.30 -3.88
CA GLY J 149 -24.61 27.49 -3.30
C GLY J 149 -24.99 28.93 -2.97
N GLY J 150 -24.02 29.82 -2.93
CA GLY J 150 -24.31 31.21 -2.63
C GLY J 150 -24.74 31.47 -1.20
N TRP J 151 -25.74 32.33 -1.04
CA TRP J 151 -26.27 32.70 0.27
C TRP J 151 -27.00 31.54 0.93
N VAL J 152 -27.33 30.53 0.14
CA VAL J 152 -27.98 29.31 0.61
C VAL J 152 -27.07 28.52 1.55
N ASN J 153 -25.76 28.60 1.35
CA ASN J 153 -24.82 27.95 2.24
C ASN J 153 -24.62 28.80 3.49
N ARG J 154 -24.66 28.17 4.65
CA ARG J 154 -24.44 28.88 5.90
C ARG J 154 -23.02 29.44 6.04
N GLU J 155 -22.05 28.77 5.40
CA GLU J 155 -20.68 29.28 5.31
C GLU J 155 -20.58 30.71 4.76
N SER J 156 -21.51 31.07 3.88
CA SER J 156 -21.60 32.44 3.33
C SER J 156 -21.60 33.54 4.38
N VAL J 157 -22.05 33.22 5.58
CA VAL J 157 -21.94 34.13 6.71
C VAL J 157 -20.46 34.38 6.98
N ASP J 158 -19.68 33.30 7.00
CA ASP J 158 -18.25 33.36 7.28
C ASP J 158 -17.42 33.93 6.13
N TRP J 159 -17.86 33.74 4.87
CA TRP J 159 -17.15 34.37 3.77
C TRP J 159 -17.28 35.88 3.80
N PHE J 160 -18.51 36.36 3.99
CA PHE J 160 -18.79 37.79 4.14
C PHE J 160 -18.12 38.48 5.35
N LEU J 161 -17.97 37.80 6.49
CA LEU J 161 -17.27 38.46 7.61
C LEU J 161 -15.78 38.65 7.28
N ASP J 162 -15.19 37.68 6.58
CA ASP J 162 -13.81 37.82 6.08
C ASP J 162 -13.72 38.99 5.11
N TYR J 163 -14.75 39.12 4.27
CA TYR J 163 -14.90 40.25 3.35
C TYR J 163 -15.06 41.55 4.13
N ALA J 164 -15.89 41.51 5.15
CA ALA J 164 -16.18 42.66 6.00
C ALA J 164 -14.93 43.10 6.79
N LYS J 165 -14.19 42.12 7.29
CA LYS J 165 -12.97 42.33 8.07
C LYS J 165 -11.90 43.23 7.44
N VAL J 166 -11.54 42.98 6.18
CA VAL J 166 -10.54 43.81 5.49
C VAL J 166 -10.91 45.29 5.29
N CYS J 167 -12.18 45.58 5.04
CA CYS J 167 -12.63 46.97 4.95
C CYS J 167 -12.61 47.68 6.31
N PHE J 168 -13.04 46.95 7.33
CA PHE J 168 -13.04 47.41 8.72
C PHE J 168 -11.67 47.70 9.34
N GLU J 169 -10.71 46.79 9.16
CA GLU J 169 -9.39 46.94 9.74
C GLU J 169 -8.63 48.25 9.46
N GLU J 170 -8.63 48.77 8.23
CA GLU J 170 -7.83 49.98 7.93
C GLU J 170 -8.54 51.17 7.29
N LEU J 171 -9.85 51.10 7.16
CA LEU J 171 -10.59 52.12 6.40
C LEU J 171 -11.61 52.80 7.30
N ASP J 172 -11.78 52.24 8.49
CA ASP J 172 -12.79 52.69 9.45
C ASP J 172 -12.54 54.12 9.95
N ASP J 173 -11.28 54.55 9.93
CA ASP J 173 -10.90 55.92 10.26
C ASP J 173 -11.32 56.98 9.22
N ILE J 174 -11.46 56.56 7.97
CA ILE J 174 -11.80 57.46 6.88
C ILE J 174 -13.30 57.47 6.62
N VAL J 175 -13.89 56.29 6.55
CA VAL J 175 -15.28 56.14 6.19
C VAL J 175 -16.18 56.76 7.26
N ASP J 176 -17.26 57.39 6.81
CA ASP J 176 -18.16 58.12 7.70
C ASP J 176 -19.29 57.21 8.21
N SER J 177 -19.78 56.32 7.36
CA SER J 177 -20.80 55.35 7.77
C SER J 177 -20.68 54.03 7.02
N TRP J 178 -21.06 52.93 7.69
CA TRP J 178 -21.04 51.62 7.07
C TRP J 178 -22.46 51.10 6.84
N ILE J 179 -22.71 50.57 5.64
CA ILE J 179 -23.94 49.82 5.38
C ILE J 179 -23.61 48.38 5.00
N THR J 180 -24.08 47.43 5.81
CA THR J 180 -23.78 46.02 5.59
C THR J 180 -24.48 45.51 4.33
N HIS J 181 -25.79 45.66 4.28
CA HIS J 181 -26.59 45.14 3.16
C HIS J 181 -27.52 46.20 2.57
N ASN J 182 -27.59 46.22 1.24
CA ASN J 182 -28.57 47.04 0.53
C ASN J 182 -29.71 46.15 0.04
N GLU J 183 -30.93 46.49 0.47
CA GLU J 183 -32.17 45.87 -0.02
C GLU J 183 -32.11 44.34 -0.08
N PRO J 184 -32.08 43.69 1.09
CA PRO J 184 -32.15 42.22 1.17
C PRO J 184 -33.43 41.63 0.58
N TRP J 185 -34.45 42.46 0.44
CA TRP J 185 -35.66 42.06 -0.26
C TRP J 185 -35.40 41.76 -1.74
N CYS J 186 -34.64 42.65 -2.39
CA CYS J 186 -34.24 42.42 -3.77
C CYS J 186 -33.33 41.20 -3.92
N ALA J 187 -32.21 41.24 -3.21
CA ALA J 187 -31.23 40.14 -3.21
C ALA J 187 -31.78 38.79 -2.76
N GLY J 188 -32.80 38.81 -1.90
CA GLY J 188 -33.36 37.57 -1.37
C GLY J 188 -34.60 37.08 -2.08
N PHE J 189 -35.74 37.71 -1.82
CA PHE J 189 -37.01 37.25 -2.37
C PHE J 189 -37.03 37.47 -3.88
N LEU J 190 -36.70 38.68 -4.29
CA LEU J 190 -36.69 39.06 -5.69
C LEU J 190 -35.65 38.23 -6.46
N GLY J 191 -34.61 37.77 -5.77
CA GLY J 191 -33.59 36.97 -6.42
C GLY J 191 -33.78 35.45 -6.44
N TYR J 192 -34.24 34.90 -5.32
CA TYR J 192 -34.40 33.45 -5.17
C TYR J 192 -35.85 32.95 -5.29
N HIS J 193 -36.82 33.84 -5.16
CA HIS J 193 -38.22 33.41 -5.29
C HIS J 193 -38.76 33.86 -6.64
N VAL J 194 -38.63 35.14 -6.97
CA VAL J 194 -39.19 35.61 -8.23
C VAL J 194 -38.05 35.42 -9.25
N GLY J 195 -38.24 35.82 -10.50
CA GLY J 195 -37.14 35.76 -11.46
C GLY J 195 -36.19 36.94 -11.49
N VAL J 196 -36.41 37.81 -12.48
CA VAL J 196 -35.59 38.97 -12.84
C VAL J 196 -34.30 39.37 -12.10
N HIS J 197 -34.19 39.15 -10.80
CA HIS J 197 -32.96 39.53 -10.08
C HIS J 197 -32.10 38.44 -9.44
N ALA J 198 -30.90 38.86 -9.01
CA ALA J 198 -29.85 38.01 -8.46
C ALA J 198 -29.50 36.77 -9.36
N PRO J 199 -29.23 35.55 -8.82
CA PRO J 199 -28.77 34.68 -9.91
C PRO J 199 -29.91 33.98 -10.63
N GLY J 200 -31.14 34.31 -10.26
CA GLY J 200 -32.29 33.83 -11.00
C GLY J 200 -32.76 32.43 -10.67
N HIS J 201 -32.70 32.08 -9.39
CA HIS J 201 -33.17 30.77 -8.97
C HIS J 201 -34.64 30.98 -8.68
N ARG J 202 -35.39 29.89 -8.65
CA ARG J 202 -36.82 29.97 -8.38
C ARG J 202 -37.24 28.95 -7.34
N ASP J 203 -36.95 29.25 -6.09
CA ASP J 203 -37.14 28.29 -5.00
C ASP J 203 -37.37 29.06 -3.71
N MET J 204 -38.58 28.97 -3.16
CA MET J 204 -38.95 29.68 -1.95
C MET J 204 -38.14 29.21 -0.75
N ASN J 205 -37.78 27.94 -0.73
CA ASN J 205 -36.97 27.38 0.35
C ASN J 205 -35.61 28.08 0.36
N GLU J 206 -34.98 28.14 -0.80
CA GLU J 206 -33.75 28.92 -1.00
C GLU J 206 -33.93 30.39 -0.64
N ALA J 207 -35.08 30.96 -0.98
CA ALA J 207 -35.36 32.38 -0.76
C ALA J 207 -35.36 32.81 0.69
N VAL J 208 -36.04 32.06 1.55
CA VAL J 208 -36.07 32.38 2.97
C VAL J 208 -34.70 32.18 3.65
N ARG J 209 -33.94 31.20 3.18
CA ARG J 209 -32.56 31.03 3.65
C ARG J 209 -31.59 32.13 3.24
N ALA J 210 -31.75 32.65 2.02
CA ALA J 210 -30.89 33.74 1.58
C ALA J 210 -31.10 35.00 2.40
N VAL J 211 -32.35 35.39 2.60
CA VAL J 211 -32.65 36.57 3.41
C VAL J 211 -32.11 36.40 4.82
N HIS J 212 -32.39 35.25 5.44
CA HIS J 212 -31.93 34.97 6.79
C HIS J 212 -30.41 34.99 6.93
N HIS J 213 -29.71 34.44 5.93
CA HIS J 213 -28.25 34.39 6.00
C HIS J 213 -27.63 35.75 5.73
N MET J 214 -28.27 36.55 4.88
CA MET J 214 -27.88 37.94 4.73
C MET J 214 -28.09 38.72 6.01
N LEU J 215 -29.25 38.54 6.63
CA LEU J 215 -29.56 39.23 7.87
C LEU J 215 -28.63 38.75 8.98
N LEU J 216 -28.40 37.44 9.04
CA LEU J 216 -27.45 36.88 9.99
C LEU J 216 -26.03 37.37 9.72
N SER J 217 -25.65 37.43 8.45
CA SER J 217 -24.35 37.96 8.07
C SER J 217 -24.21 39.44 8.41
N HIS J 218 -25.31 40.18 8.24
CA HIS J 218 -25.37 41.55 8.72
C HIS J 218 -25.00 41.64 10.19
N GLY J 219 -25.70 40.85 11.01
CA GLY J 219 -25.53 40.90 12.45
C GLY J 219 -24.21 40.34 12.99
N LYS J 220 -23.70 39.31 12.35
CA LYS J 220 -22.38 38.78 12.70
C LYS J 220 -21.26 39.78 12.38
N ALA J 221 -21.44 40.56 11.33
CA ALA J 221 -20.48 41.58 10.94
C ALA J 221 -20.48 42.78 11.89
N VAL J 222 -21.67 43.21 12.26
CA VAL J 222 -21.88 44.29 13.22
C VAL J 222 -21.28 44.00 14.61
N GLU J 223 -21.58 42.82 15.14
CA GLU J 223 -21.03 42.36 16.42
C GLU J 223 -19.50 42.36 16.51
N LEU J 224 -18.82 41.92 15.45
CA LEU J 224 -17.36 41.92 15.41
C LEU J 224 -16.75 43.33 15.50
N LEU J 225 -17.31 44.26 14.73
CA LEU J 225 -16.86 45.66 14.74
C LEU J 225 -16.95 46.42 16.07
N LYS J 226 -18.09 46.39 16.73
CA LYS J 226 -18.28 47.15 17.97
C LYS J 226 -17.64 46.54 19.23
N ARG J 227 -17.38 45.24 19.22
CA ARG J 227 -16.87 44.56 20.40
C ARG J 227 -15.36 44.35 20.26
N GLU J 228 -14.98 43.59 19.25
CA GLU J 228 -13.59 43.24 19.02
C GLU J 228 -12.76 44.44 18.53
N MET J 229 -13.25 45.11 17.48
CA MET J 229 -12.53 46.27 16.93
C MET J 229 -12.75 47.58 17.68
N LYS J 230 -13.69 47.58 18.63
CA LYS J 230 -13.95 48.76 19.46
C LYS J 230 -14.22 50.08 18.71
N SER J 231 -14.88 50.00 17.57
CA SER J 231 -15.02 51.19 16.71
C SER J 231 -16.37 51.86 16.94
N THR J 232 -16.37 53.19 16.99
CA THR J 232 -17.62 53.93 17.13
C THR J 232 -18.13 54.52 15.83
N THR J 233 -17.56 54.08 14.71
CA THR J 233 -18.05 54.47 13.40
C THR J 233 -19.49 53.98 13.22
N PRO J 234 -20.41 54.87 12.84
CA PRO J 234 -21.82 54.48 12.65
C PRO J 234 -21.95 53.36 11.62
N ILE J 235 -22.69 52.30 12.00
CA ILE J 235 -22.95 51.17 11.14
C ILE J 235 -24.43 50.84 11.17
N GLY J 236 -24.96 50.32 10.08
CA GLY J 236 -26.37 49.95 10.03
C GLY J 236 -26.77 49.12 8.83
N ILE J 237 -28.07 48.84 8.72
CA ILE J 237 -28.60 48.14 7.57
C ILE J 237 -29.49 49.07 6.74
N THR J 238 -29.65 48.74 5.47
CA THR J 238 -30.63 49.40 4.60
C THR J 238 -31.70 48.40 4.17
N LEU J 239 -32.96 48.74 4.42
CA LEU J 239 -34.09 47.97 3.90
C LEU J 239 -34.86 48.79 2.87
N ASN J 240 -35.30 48.13 1.80
CA ASN J 240 -36.30 48.73 0.92
C ASN J 240 -37.70 48.50 1.48
N LEU J 241 -38.47 49.58 1.57
CA LEU J 241 -39.81 49.51 2.15
C LEU J 241 -40.89 50.09 1.24
N SER J 242 -41.96 49.33 1.01
CA SER J 242 -43.07 49.78 0.19
C SER J 242 -44.38 49.59 0.95
N PRO J 243 -44.99 50.68 1.43
CA PRO J 243 -46.24 50.49 2.17
C PRO J 243 -47.40 50.01 1.29
N MET J 244 -48.29 49.19 1.86
CA MET J 244 -49.32 48.53 1.08
C MET J 244 -50.71 48.97 1.53
N TYR J 245 -51.60 49.26 0.59
CA TYR J 245 -52.93 49.74 0.94
C TYR J 245 -54.02 48.94 0.21
N ALA J 246 -55.15 48.71 0.89
CA ALA J 246 -56.24 47.94 0.30
C ALA J 246 -57.18 48.76 -0.59
N LYS J 247 -57.53 48.16 -1.72
CA LYS J 247 -58.44 48.72 -2.71
C LYS J 247 -59.90 48.87 -2.23
N THR J 248 -60.38 47.87 -1.49
CA THR J 248 -61.72 47.92 -0.93
C THR J 248 -61.78 47.66 0.58
N ASP J 249 -62.98 47.70 1.13
CA ASP J 249 -63.15 47.46 2.58
C ASP J 249 -63.56 46.02 2.94
N SER J 250 -63.47 45.15 1.96
CA SER J 250 -63.76 43.78 2.18
C SER J 250 -62.62 43.11 3.07
N ALA J 251 -62.95 42.01 3.75
CA ALA J 251 -62.04 41.33 4.70
C ALA J 251 -60.82 40.82 3.98
N ASN J 252 -61.12 40.27 2.82
CA ASN J 252 -60.18 39.75 1.85
C ASN J 252 -59.06 40.72 1.46
N ASP J 253 -59.42 41.94 1.09
CA ASP J 253 -58.44 42.94 0.70
C ASP J 253 -57.51 43.37 1.85
N ARG J 254 -57.96 43.27 3.08
CA ARG J 254 -57.06 43.48 4.21
C ARG J 254 -56.02 42.37 4.33
N LEU J 255 -56.43 41.12 4.06
CA LEU J 255 -55.49 40.01 4.07
C LEU J 255 -54.48 40.16 2.95
N ALA J 256 -54.95 40.61 1.80
CA ALA J 256 -54.09 40.89 0.65
C ALA J 256 -53.06 41.93 1.03
N MET J 257 -53.53 43.00 1.66
CA MET J 257 -52.68 44.07 2.14
C MET J 257 -51.65 43.59 3.17
N ASN J 258 -52.12 42.92 4.22
CA ASN J 258 -51.23 42.33 5.24
C ASN J 258 -50.11 41.48 4.65
N ASN J 259 -50.47 40.60 3.74
CA ASN J 259 -49.53 39.67 3.12
C ASN J 259 -48.54 40.37 2.19
N ALA J 260 -49.03 41.36 1.45
CA ALA J 260 -48.13 42.19 0.66
C ALA J 260 -47.19 42.93 1.59
N ASP J 261 -47.73 43.45 2.69
CA ASP J 261 -46.91 44.13 3.70
C ASP J 261 -45.89 43.16 4.31
N GLY J 262 -46.35 41.96 4.64
CA GLY J 262 -45.48 40.94 5.21
C GLY J 262 -44.41 40.41 4.29
N TYR J 263 -44.77 40.23 3.02
CA TYR J 263 -43.84 39.73 2.02
C TYR J 263 -42.77 40.77 1.69
N SER J 264 -43.18 42.03 1.63
CA SER J 264 -42.28 43.13 1.32
C SER J 264 -41.55 43.74 2.53
N ASN J 265 -42.23 43.83 3.68
CA ASN J 265 -41.72 44.63 4.79
C ASN J 265 -41.45 43.91 6.12
N ARG J 266 -42.48 43.32 6.72
CA ARG J 266 -42.36 42.77 8.07
C ARG J 266 -41.46 41.54 8.18
N TRP J 267 -41.37 40.74 7.12
CA TRP J 267 -40.40 39.64 7.09
C TRP J 267 -38.96 40.11 7.33
N PHE J 268 -38.70 41.38 7.06
CA PHE J 268 -37.35 41.91 7.23
C PHE J 268 -37.24 42.81 8.46
N LEU J 269 -38.27 43.59 8.72
CA LEU J 269 -38.30 44.49 9.88
C LEU J 269 -38.39 43.76 11.23
N ASP J 270 -39.21 42.71 11.28
CA ASP J 270 -39.40 41.97 12.53
C ASP J 270 -38.14 41.25 13.08
N PRO J 271 -37.39 40.51 12.23
CA PRO J 271 -36.17 39.92 12.81
C PRO J 271 -35.11 40.95 13.23
N VAL J 272 -35.02 42.06 12.51
CA VAL J 272 -34.00 43.08 12.78
C VAL J 272 -34.28 43.87 14.06
N PHE J 273 -35.55 44.24 14.28
CA PHE J 273 -35.91 45.07 15.42
C PHE J 273 -36.67 44.34 16.51
N LYS J 274 -37.39 43.27 16.17
CA LYS J 274 -38.11 42.51 17.17
C LYS J 274 -37.40 41.19 17.49
N GLY J 275 -36.48 40.79 16.62
CA GLY J 275 -35.81 39.50 16.76
C GLY J 275 -36.68 38.28 16.59
N GLU J 276 -37.67 38.35 15.72
CA GLU J 276 -38.52 37.20 15.41
C GLU J 276 -39.06 37.30 13.99
N TYR J 277 -39.38 36.15 13.39
CA TYR J 277 -40.11 36.16 12.12
C TYR J 277 -41.61 36.17 12.36
N PRO J 278 -42.35 36.89 11.50
CA PRO J 278 -43.81 36.96 11.62
C PRO J 278 -44.48 35.64 11.27
N VAL J 279 -45.15 35.05 12.25
CA VAL J 279 -45.73 33.73 12.10
C VAL J 279 -46.78 33.66 10.99
N ASP J 280 -47.48 34.77 10.73
CA ASP J 280 -48.44 34.83 9.63
C ASP J 280 -47.82 34.59 8.26
N MET J 281 -46.63 35.14 8.03
CA MET J 281 -45.93 34.93 6.78
C MET J 281 -45.32 33.53 6.72
N MET J 282 -44.81 33.07 7.87
CA MET J 282 -44.32 31.70 8.01
C MET J 282 -45.39 30.69 7.63
N ASN J 283 -46.61 30.90 8.12
CA ASN J 283 -47.73 30.04 7.79
C ASN J 283 -48.09 30.09 6.31
N LEU J 284 -48.11 31.30 5.75
CA LEU J 284 -48.37 31.48 4.32
C LEU J 284 -47.32 30.83 3.42
N PHE J 285 -46.05 31.00 3.79
CA PHE J 285 -44.96 30.38 3.05
C PHE J 285 -44.88 28.86 3.20
N SER J 286 -45.54 28.32 4.22
CA SER J 286 -45.53 26.88 4.43
C SER J 286 -46.09 26.05 3.26
N LYS J 287 -46.79 26.69 2.34
CA LYS J 287 -47.13 26.03 1.07
C LYS J 287 -45.90 25.66 0.26
N TYR J 288 -44.80 26.36 0.50
CA TYR J 288 -43.51 26.05 -0.11
C TYR J 288 -42.40 25.73 0.89
N VAL J 289 -42.42 26.37 2.06
CA VAL J 289 -41.35 26.23 3.03
C VAL J 289 -41.80 25.28 4.14
N HIS J 290 -41.17 24.12 4.18
CA HIS J 290 -41.62 23.03 5.05
C HIS J 290 -40.67 22.72 6.21
N ASN J 291 -39.71 23.61 6.46
CA ASN J 291 -38.92 23.58 7.69
C ASN J 291 -38.19 24.89 7.96
N PHE J 292 -38.19 25.30 9.21
CA PHE J 292 -37.50 26.51 9.64
C PHE J 292 -36.30 26.23 10.56
N ASP J 293 -35.72 25.05 10.42
CA ASP J 293 -34.51 24.61 11.15
C ASP J 293 -33.22 25.32 10.72
N PHE J 294 -33.31 26.12 9.67
CA PHE J 294 -32.24 27.04 9.29
C PHE J 294 -32.03 28.16 10.31
N ILE J 295 -33.05 28.41 11.13
CA ILE J 295 -32.87 29.31 12.26
C ILE J 295 -32.18 28.60 13.43
N GLN J 296 -30.86 28.73 13.46
CA GLN J 296 -30.03 28.15 14.49
C GLN J 296 -30.21 28.96 15.77
N SER J 297 -29.89 28.36 16.92
CA SER J 297 -29.95 29.08 18.18
C SER J 297 -28.91 30.19 18.27
N GLY J 298 -29.31 31.35 18.78
CA GLY J 298 -28.43 32.50 18.83
C GLY J 298 -28.51 33.46 17.65
N ASP J 299 -29.13 33.03 16.56
CA ASP J 299 -29.16 33.83 15.33
C ASP J 299 -29.97 35.13 15.42
N MET J 300 -31.24 35.04 15.85
CA MET J 300 -32.11 36.20 15.91
C MET J 300 -31.72 37.27 16.94
N GLU J 301 -31.03 36.87 18.02
CA GLU J 301 -30.47 37.83 18.97
C GLU J 301 -29.33 38.63 18.33
N THR J 302 -28.49 37.96 17.56
CA THR J 302 -27.40 38.62 16.85
C THR J 302 -27.96 39.55 15.77
N ILE J 303 -28.94 39.05 15.02
CA ILE J 303 -29.63 39.84 14.00
C ILE J 303 -30.22 41.12 14.59
N SER J 304 -30.74 41.03 15.82
CA SER J 304 -31.36 42.18 16.46
C SER J 304 -30.41 43.00 17.33
N THR J 305 -29.11 42.83 17.10
CA THR J 305 -28.09 43.58 17.84
C THR J 305 -28.34 45.07 17.61
N ALA J 306 -28.19 45.88 18.65
CA ALA J 306 -28.56 47.29 18.54
C ALA J 306 -27.68 48.00 17.53
N CYS J 307 -28.32 48.79 16.69
CA CYS J 307 -27.62 49.54 15.66
C CYS J 307 -27.59 51.06 15.91
N ASP J 308 -26.81 51.79 15.10
CA ASP J 308 -26.67 53.24 15.26
C ASP J 308 -27.67 54.08 14.44
N PHE J 309 -28.11 53.56 13.30
CA PHE J 309 -29.13 54.24 12.49
C PHE J 309 -30.01 53.24 11.73
N PHE J 310 -31.03 53.73 11.05
CA PHE J 310 -31.79 52.84 10.18
C PHE J 310 -31.88 53.39 8.75
N GLY J 311 -31.48 52.58 7.78
CA GLY J 311 -31.54 52.98 6.38
C GLY J 311 -32.84 52.55 5.73
N ILE J 312 -33.41 53.41 4.90
CA ILE J 312 -34.61 53.09 4.14
C ILE J 312 -34.46 53.45 2.67
N ASN J 313 -34.62 52.47 1.80
CA ASN J 313 -34.82 52.76 0.39
C ASN J 313 -36.31 52.81 0.08
N PHE J 314 -36.79 53.99 -0.28
CA PHE J 314 -38.20 54.18 -0.63
C PHE J 314 -38.31 54.70 -2.05
N TYR J 315 -39.24 54.13 -2.82
CA TYR J 315 -39.45 54.60 -4.18
C TYR J 315 -40.94 54.86 -4.41
N SER J 316 -41.78 53.94 -3.93
CA SER J 316 -43.21 54.03 -4.16
C SER J 316 -44.01 53.13 -3.22
N ARG J 317 -45.33 53.25 -3.27
CA ARG J 317 -46.23 52.31 -2.62
C ARG J 317 -46.76 51.24 -3.57
N GLY J 318 -47.51 50.28 -3.02
CA GLY J 318 -48.29 49.35 -3.83
C GLY J 318 -49.69 49.08 -3.32
N ILE J 319 -50.68 49.41 -4.15
CA ILE J 319 -52.07 49.08 -3.88
C ILE J 319 -52.41 47.65 -4.35
N VAL J 320 -52.88 46.82 -3.42
CA VAL J 320 -53.18 45.42 -3.70
C VAL J 320 -54.63 45.06 -3.45
N GLU J 321 -55.09 44.00 -4.10
CA GLU J 321 -56.39 43.41 -3.81
C GLU J 321 -56.26 41.91 -3.66
N PHE J 322 -57.32 41.25 -3.19
CA PHE J 322 -57.28 39.82 -2.92
C PHE J 322 -57.38 38.92 -4.16
N ASN J 323 -56.71 37.77 -4.09
CA ASN J 323 -56.74 36.79 -5.16
C ASN J 323 -56.77 35.36 -4.59
N ALA J 324 -57.92 34.70 -4.73
CA ALA J 324 -58.07 33.29 -4.34
C ALA J 324 -57.14 32.34 -5.11
N ALA J 325 -56.78 32.71 -6.32
CA ALA J 325 -55.91 31.87 -7.16
C ALA J 325 -54.42 32.15 -7.02
N ASN J 326 -54.06 33.13 -6.19
CA ASN J 326 -52.65 33.36 -5.86
C ASN J 326 -52.28 32.49 -4.67
N ASP J 327 -51.08 31.90 -4.71
CA ASP J 327 -50.59 31.21 -3.53
C ASP J 327 -50.46 32.14 -2.33
N PHE J 328 -49.97 33.35 -2.54
CA PHE J 328 -49.85 34.31 -1.44
C PHE J 328 -51.04 35.29 -1.40
N LEU J 329 -52.09 34.98 -2.17
CA LEU J 329 -53.40 35.61 -2.01
C LEU J 329 -53.47 37.09 -2.44
N LYS J 330 -52.48 37.57 -3.18
CA LYS J 330 -52.51 38.97 -3.57
C LYS J 330 -51.98 39.27 -4.97
N ALA J 331 -52.56 40.29 -5.59
CA ALA J 331 -52.04 40.85 -6.83
C ALA J 331 -52.07 42.37 -6.75
N ASP J 332 -51.35 43.03 -7.66
CA ASP J 332 -51.33 44.49 -7.70
C ASP J 332 -52.67 45.02 -8.19
N ALA J 333 -53.15 46.10 -7.57
CA ALA J 333 -54.41 46.71 -7.97
C ALA J 333 -54.18 47.95 -8.82
N TYR J 334 -55.22 48.37 -9.54
CA TYR J 334 -55.15 49.56 -10.38
C TYR J 334 -55.02 50.84 -9.55
N SER J 335 -54.04 51.67 -9.92
CA SER J 335 -53.81 52.95 -9.25
C SER J 335 -54.20 54.12 -10.15
N ASP J 336 -54.90 55.09 -9.56
CA ASP J 336 -55.27 56.31 -10.24
C ASP J 336 -54.29 57.42 -9.86
N TYR J 337 -53.27 57.03 -9.11
CA TYR J 337 -52.21 57.94 -8.68
C TYR J 337 -51.37 58.40 -9.88
N GLU J 338 -50.63 59.49 -9.69
CA GLU J 338 -49.64 59.94 -10.66
C GLU J 338 -48.48 58.95 -10.78
N LYS J 339 -48.06 58.71 -12.01
CA LYS J 339 -47.12 57.63 -12.30
C LYS J 339 -45.81 58.09 -12.96
N THR J 340 -44.72 57.37 -12.71
CA THR J 340 -43.44 57.71 -13.36
C THR J 340 -43.45 57.18 -14.79
N GLY J 341 -42.34 57.37 -15.51
CA GLY J 341 -42.17 56.73 -16.81
C GLY J 341 -42.14 55.21 -16.75
N MET J 342 -41.75 54.69 -15.59
CA MET J 342 -41.73 53.25 -15.31
C MET J 342 -43.10 52.69 -14.99
N GLY J 343 -44.05 53.58 -14.72
CA GLY J 343 -45.33 53.18 -14.19
C GLY J 343 -45.42 52.98 -12.68
N TRP J 344 -44.47 53.52 -11.93
CA TRP J 344 -44.53 53.40 -10.47
C TRP J 344 -45.29 54.61 -9.94
N ASP J 345 -46.10 54.40 -8.90
CA ASP J 345 -46.85 55.48 -8.27
C ASP J 345 -45.97 56.53 -7.59
N ILE J 346 -46.34 57.80 -7.76
CA ILE J 346 -45.77 58.89 -6.99
C ILE J 346 -46.53 59.11 -5.68
N ALA J 347 -45.90 58.85 -4.54
CA ALA J 347 -46.65 58.69 -3.30
C ALA J 347 -45.89 59.28 -2.10
N PRO J 348 -45.75 60.62 -2.06
CA PRO J 348 -45.12 61.22 -0.88
C PRO J 348 -46.00 61.23 0.36
N ASN J 349 -47.32 61.32 0.16
CA ASN J 349 -48.27 61.24 1.26
C ASN J 349 -48.25 59.88 1.97
N GLU J 350 -48.11 58.82 1.18
CA GLU J 350 -48.09 57.46 1.72
C GLU J 350 -46.76 57.13 2.37
N PHE J 351 -45.71 57.78 1.89
CA PHE J 351 -44.39 57.78 2.54
C PHE J 351 -44.43 58.32 3.96
N LYS J 352 -45.17 59.40 4.15
CA LYS J 352 -45.35 60.02 5.45
C LYS J 352 -46.07 59.09 6.42
N ASP J 353 -46.98 58.29 5.88
CA ASP J 353 -47.67 57.26 6.65
C ASP J 353 -46.73 56.17 7.17
N LEU J 354 -45.88 55.65 6.28
CA LEU J 354 -44.90 54.58 6.59
C LEU J 354 -43.92 54.78 7.75
N ILE J 355 -43.26 55.93 7.81
CA ILE J 355 -42.27 56.20 8.87
C ILE J 355 -42.92 56.21 10.26
N ARG J 356 -44.05 56.88 10.42
CA ARG J 356 -44.78 56.91 11.69
C ARG J 356 -45.01 55.50 12.21
N ARG J 357 -45.36 54.58 11.32
CA ARG J 357 -45.61 53.20 11.70
C ARG J 357 -44.34 52.57 12.26
N LEU J 358 -43.22 52.88 11.63
CA LEU J 358 -41.93 52.36 12.08
C LEU J 358 -41.56 52.90 13.47
N ARG J 359 -41.91 54.16 13.73
CA ARG J 359 -41.70 54.77 15.05
C ARG J 359 -42.63 54.24 16.14
N ALA J 360 -43.89 54.03 15.79
CA ALA J 360 -44.86 53.50 16.75
C ALA J 360 -44.56 52.07 17.16
N GLU J 361 -44.19 51.24 16.19
CA GLU J 361 -44.08 49.80 16.40
C GLU J 361 -42.64 49.25 16.51
N TYR J 362 -41.69 49.86 15.82
CA TYR J 362 -40.43 49.18 15.54
C TYR J 362 -39.20 49.85 16.14
N THR J 363 -38.96 51.11 15.82
CA THR J 363 -37.69 51.72 16.20
C THR J 363 -37.79 53.23 16.46
N ASP J 364 -36.99 53.71 17.40
CA ASP J 364 -36.80 55.15 17.59
C ASP J 364 -35.41 55.59 17.16
N LEU J 365 -34.71 54.72 16.43
CA LEU J 365 -33.38 55.07 15.90
C LEU J 365 -33.50 56.13 14.81
N PRO J 366 -32.44 56.95 14.64
CA PRO J 366 -32.40 57.92 13.54
C PRO J 366 -32.46 57.29 12.15
N ILE J 367 -33.28 57.85 11.27
CA ILE J 367 -33.48 57.32 9.92
C ILE J 367 -32.69 58.12 8.87
N TYR J 368 -32.03 57.39 7.98
CA TYR J 368 -31.39 57.99 6.82
C TYR J 368 -32.05 57.43 5.55
N ILE J 369 -32.51 58.31 4.67
CA ILE J 369 -33.03 57.89 3.37
C ILE J 369 -31.92 57.60 2.35
N THR J 370 -31.44 56.36 2.38
CA THR J 370 -30.26 55.96 1.61
C THR J 370 -30.47 55.79 0.10
N GLU J 371 -31.72 55.68 -0.34
CA GLU J 371 -32.09 55.79 -1.76
C GLU J 371 -33.48 56.36 -1.97
N ASN J 372 -33.56 57.44 -2.74
CA ASN J 372 -34.83 57.90 -3.32
C ASN J 372 -34.68 58.52 -4.70
N GLY J 373 -35.63 58.24 -5.60
CA GLY J 373 -35.58 58.77 -6.95
C GLY J 373 -36.59 58.25 -7.95
N ALA J 374 -36.44 58.67 -9.21
CA ALA J 374 -37.38 58.34 -10.27
C ALA J 374 -36.75 58.38 -11.67
N ALA J 375 -37.27 57.60 -12.59
CA ALA J 375 -36.83 57.66 -13.99
C ALA J 375 -37.89 58.35 -14.86
N PHE J 376 -37.47 59.35 -15.62
CA PHE J 376 -38.36 60.03 -16.57
C PHE J 376 -37.77 60.17 -17.98
N ASP J 377 -38.65 60.34 -18.97
CA ASP J 377 -38.25 60.50 -20.36
C ASP J 377 -37.57 61.84 -20.63
N ASP J 378 -36.27 61.89 -20.37
CA ASP J 378 -35.47 63.11 -20.51
C ASP J 378 -35.09 63.44 -21.96
N VAL J 379 -35.39 64.65 -22.42
CA VAL J 379 -35.00 65.02 -23.79
C VAL J 379 -33.83 66.02 -23.80
N LEU J 380 -32.71 65.59 -24.37
CA LEU J 380 -31.55 66.43 -24.67
C LEU J 380 -31.67 67.32 -25.92
N GLU J 381 -31.54 68.63 -25.77
CA GLU J 381 -31.67 69.50 -26.94
C GLU J 381 -30.65 70.65 -27.00
N ASN J 382 -29.60 70.45 -27.81
CA ASN J 382 -28.57 71.43 -28.19
C ASN J 382 -27.69 71.93 -27.04
N GLY J 383 -27.05 71.02 -26.32
CA GLY J 383 -26.22 71.42 -25.19
C GLY J 383 -26.49 70.63 -23.93
N GLU J 384 -27.74 70.68 -23.46
CA GLU J 384 -28.12 70.05 -22.20
C GLU J 384 -29.61 69.71 -22.23
N VAL J 385 -30.25 69.63 -21.06
CA VAL J 385 -31.69 69.34 -21.02
C VAL J 385 -32.57 70.29 -20.18
N HIS J 386 -33.85 69.95 -20.13
CA HIS J 386 -34.87 70.70 -19.40
C HIS J 386 -35.86 69.68 -18.85
N ASP J 387 -35.57 69.21 -17.63
CA ASP J 387 -36.36 68.18 -16.96
C ASP J 387 -37.19 68.64 -15.73
N ASP J 388 -38.22 69.45 -15.98
CA ASP J 388 -39.09 69.92 -14.91
C ASP J 388 -39.84 68.77 -14.23
N ASN J 389 -40.17 67.74 -15.01
CA ASN J 389 -40.79 66.52 -14.50
C ASN J 389 -39.96 65.74 -13.47
N ARG J 390 -38.65 65.70 -13.67
CA ARG J 390 -37.74 65.10 -12.68
C ARG J 390 -37.62 65.91 -11.39
N ILE J 391 -37.73 67.23 -11.51
CA ILE J 391 -37.68 68.14 -10.37
C ILE J 391 -38.89 67.97 -9.45
N ASP J 392 -40.06 67.82 -10.07
CA ASP J 392 -41.31 67.57 -9.35
C ASP J 392 -41.25 66.36 -8.39
N TYR J 393 -40.87 65.18 -8.87
CA TYR J 393 -40.84 64.00 -8.01
C TYR J 393 -40.04 64.25 -6.71
N VAL J 394 -38.81 64.70 -6.88
CA VAL J 394 -37.87 64.92 -5.78
C VAL J 394 -38.25 66.06 -4.83
N ARG J 395 -38.75 67.17 -5.39
CA ARG J 395 -39.19 68.32 -4.60
C ARG J 395 -40.34 67.96 -3.67
N GLN J 396 -41.26 67.15 -4.16
CA GLN J 396 -42.37 66.66 -3.35
C GLN J 396 -41.91 65.84 -2.15
N HIS J 397 -40.90 64.99 -2.35
CA HIS J 397 -40.36 64.18 -1.27
C HIS J 397 -39.55 64.96 -0.24
N LEU J 398 -38.72 65.91 -0.70
CA LEU J 398 -37.98 66.78 0.22
C LEU J 398 -38.89 67.67 1.06
N GLU J 399 -39.97 68.13 0.47
CA GLU J 399 -41.02 68.84 1.20
C GLU J 399 -41.66 67.95 2.26
N ALA J 400 -41.91 66.70 1.90
CA ALA J 400 -42.42 65.69 2.82
C ALA J 400 -41.48 65.35 3.98
N VAL J 401 -40.17 65.37 3.71
CA VAL J 401 -39.16 65.19 4.75
C VAL J 401 -39.13 66.26 5.85
N SER J 402 -39.26 67.53 5.47
CA SER J 402 -39.23 68.60 6.47
C SER J 402 -40.42 68.56 7.43
N ASP J 403 -41.61 68.32 6.91
CA ASP J 403 -42.80 68.18 7.77
C ASP J 403 -42.70 67.00 8.73
N LEU J 404 -42.14 65.90 8.25
CA LEU J 404 -41.95 64.71 9.09
C LEU J 404 -40.93 64.94 10.21
N ASN J 405 -39.83 65.63 9.90
CA ASN J 405 -38.81 65.98 10.90
C ASN J 405 -39.35 66.96 11.94
N ASP J 406 -40.33 67.76 11.52
CA ASP J 406 -41.08 68.63 12.40
C ASP J 406 -41.91 67.85 13.40
N GLU J 407 -42.35 66.66 13.03
CA GLU J 407 -43.05 65.79 13.97
C GLU J 407 -42.07 65.16 14.95
N GLY J 408 -40.78 65.22 14.64
CA GLY J 408 -39.76 64.64 15.49
C GLY J 408 -39.32 63.24 15.10
N MET J 409 -39.47 62.92 13.83
CA MET J 409 -39.16 61.58 13.34
C MET J 409 -37.66 61.43 13.14
N ASN J 410 -36.95 62.55 13.19
CA ASN J 410 -35.50 62.59 13.26
C ASN J 410 -34.91 61.90 12.03
N ILE J 411 -35.25 62.43 10.86
CA ILE J 411 -34.60 62.02 9.62
C ILE J 411 -33.44 62.99 9.37
N GLN J 412 -32.25 62.52 9.71
CA GLN J 412 -31.05 63.33 9.72
C GLN J 412 -30.50 63.60 8.33
N GLY J 413 -30.88 62.77 7.35
CA GLY J 413 -30.37 62.93 6.01
C GLY J 413 -31.20 62.32 4.89
N TYR J 414 -30.81 62.64 3.67
CA TYR J 414 -31.54 62.26 2.47
C TYR J 414 -30.63 62.13 1.27
N TYR J 415 -30.59 60.93 0.71
CA TYR J 415 -29.75 60.64 -0.45
C TYR J 415 -30.52 60.40 -1.73
N LEU J 416 -30.27 61.28 -2.70
CA LEU J 416 -30.93 61.18 -3.99
C LEU J 416 -30.17 60.03 -4.62
N TRP J 417 -30.84 58.95 -4.93
CA TRP J 417 -30.12 57.88 -5.60
C TRP J 417 -30.17 58.00 -7.10
N SER J 418 -28.95 57.98 -7.65
CA SER J 418 -28.57 57.98 -9.07
C SER J 418 -27.91 59.29 -9.47
N LEU J 419 -26.63 59.40 -9.14
CA LEU J 419 -25.82 60.56 -9.50
C LEU J 419 -25.82 60.70 -11.01
N MET J 420 -25.47 59.59 -11.67
CA MET J 420 -25.44 59.52 -13.13
C MET J 420 -26.33 58.39 -13.63
N ASP J 421 -26.70 58.45 -14.91
CA ASP J 421 -27.36 57.34 -15.57
C ASP J 421 -26.50 56.08 -15.58
N ASN J 422 -27.09 54.95 -15.21
CA ASN J 422 -26.34 53.72 -15.00
C ASN J 422 -27.11 52.47 -15.40
N PHE J 423 -26.43 51.33 -15.37
CA PHE J 423 -27.06 50.04 -15.63
C PHE J 423 -28.13 49.72 -14.59
N GLU J 424 -29.39 49.84 -14.99
CA GLU J 424 -30.49 49.65 -14.04
C GLU J 424 -30.98 48.19 -14.05
N TRP J 425 -30.05 47.28 -13.76
CA TRP J 425 -30.38 45.88 -13.47
C TRP J 425 -31.15 45.20 -14.59
N SER J 426 -32.33 44.66 -14.28
CA SER J 426 -33.10 43.92 -15.27
C SER J 426 -33.69 44.78 -16.39
N PHE J 427 -33.84 46.07 -16.15
CA PHE J 427 -34.28 46.99 -17.21
C PHE J 427 -33.13 47.47 -18.10
N GLY J 428 -31.90 47.26 -17.64
CA GLY J 428 -30.69 47.67 -18.32
C GLY J 428 -30.48 49.17 -18.47
N TYR J 429 -29.90 49.61 -19.59
CA TYR J 429 -29.73 51.05 -19.84
C TYR J 429 -30.87 51.79 -20.54
N GLU J 430 -31.99 51.13 -20.78
CA GLU J 430 -33.15 51.82 -21.35
C GLU J 430 -33.75 52.89 -20.45
N LYS J 431 -33.58 52.73 -19.14
CA LYS J 431 -34.07 53.70 -18.16
C LYS J 431 -32.95 54.45 -17.43
N ARG J 432 -33.25 55.71 -17.12
CA ARG J 432 -32.31 56.63 -16.51
C ARG J 432 -32.85 57.30 -15.23
N PHE J 433 -32.25 56.93 -14.11
CA PHE J 433 -32.61 57.49 -12.82
C PHE J 433 -31.67 58.65 -12.52
N GLY J 434 -30.60 58.74 -13.31
CA GLY J 434 -29.48 59.62 -13.03
C GLY J 434 -29.81 61.09 -13.13
N ILE J 435 -29.10 61.89 -12.35
CA ILE J 435 -29.05 63.33 -12.57
C ILE J 435 -28.05 63.75 -13.67
N LEU J 436 -27.04 62.93 -13.92
CA LEU J 436 -26.15 63.20 -15.06
C LEU J 436 -26.41 62.21 -16.20
N TYR J 437 -26.69 62.72 -17.39
CA TYR J 437 -26.89 61.84 -18.53
C TYR J 437 -25.56 61.28 -19.01
N ILE J 438 -25.54 60.01 -19.44
CA ILE J 438 -24.30 59.45 -19.96
C ILE J 438 -24.50 58.67 -21.26
N ASP J 439 -23.93 59.14 -22.35
CA ASP J 439 -23.83 58.31 -23.55
C ASP J 439 -22.64 57.38 -23.34
N PHE J 440 -22.89 56.08 -23.28
CA PHE J 440 -21.87 55.11 -22.86
C PHE J 440 -20.95 54.79 -24.03
N GLU J 441 -21.35 55.28 -25.19
CA GLU J 441 -20.59 55.10 -26.41
C GLU J 441 -19.60 56.25 -26.67
N THR J 442 -19.97 57.45 -26.20
CA THR J 442 -19.12 58.62 -26.28
C THR J 442 -18.47 58.95 -24.92
N GLN J 443 -19.02 58.35 -23.87
CA GLN J 443 -18.67 58.63 -22.48
C GLN J 443 -18.84 60.07 -21.98
N GLU J 444 -19.74 60.85 -22.58
CA GLU J 444 -19.99 62.20 -22.10
C GLU J 444 -20.88 62.28 -20.86
N ARG J 445 -20.42 63.02 -19.86
CA ARG J 445 -21.25 63.37 -18.70
C ARG J 445 -21.99 64.67 -19.02
N ILE J 446 -23.32 64.66 -18.91
CA ILE J 446 -24.11 65.89 -19.00
C ILE J 446 -25.01 66.17 -17.80
N TRP J 447 -24.85 67.33 -17.17
CA TRP J 447 -25.70 67.76 -16.06
C TRP J 447 -27.13 67.94 -16.55
N LYS J 448 -28.14 67.58 -15.77
CA LYS J 448 -29.52 67.96 -16.08
C LYS J 448 -29.92 69.24 -15.37
N ASP J 449 -31.06 69.77 -15.78
CA ASP J 449 -31.67 70.95 -15.21
C ASP J 449 -31.94 70.70 -13.72
N SER J 450 -32.23 69.46 -13.35
CA SER J 450 -32.42 69.09 -11.94
C SER J 450 -31.14 69.28 -11.12
N ALA J 451 -29.98 69.05 -11.73
CA ALA J 451 -28.71 69.27 -11.05
C ALA J 451 -28.53 70.75 -10.72
N LYS J 452 -28.78 71.61 -11.70
CA LYS J 452 -28.79 73.04 -11.46
C LYS J 452 -29.77 73.38 -10.32
N TRP J 453 -30.98 72.82 -10.40
CA TRP J 453 -32.01 72.98 -9.38
C TRP J 453 -31.49 72.43 -8.04
N TYR J 454 -30.86 71.26 -8.09
CA TYR J 454 -30.34 70.57 -6.91
C TYR J 454 -29.24 71.40 -6.27
N ALA J 455 -28.40 71.99 -7.10
CA ALA J 455 -27.35 72.92 -6.65
C ALA J 455 -27.89 74.09 -5.85
N GLY J 456 -28.99 74.69 -6.30
CA GLY J 456 -29.59 75.79 -5.57
C GLY J 456 -30.19 75.35 -4.24
N VAL J 457 -30.69 74.12 -4.18
CA VAL J 457 -31.16 73.52 -2.93
C VAL J 457 -30.08 73.33 -1.84
N ILE J 458 -28.92 72.79 -2.21
CA ILE J 458 -27.79 72.63 -1.28
C ILE J 458 -27.28 73.97 -0.79
N ALA J 459 -27.21 74.93 -1.70
CA ALA J 459 -26.75 76.28 -1.40
C ALA J 459 -27.68 76.95 -0.40
N ASP J 460 -28.98 76.88 -0.67
CA ASP J 460 -30.00 77.43 0.22
C ASP J 460 -30.03 76.83 1.63
N HIS J 461 -29.79 75.53 1.77
CA HIS J 461 -29.65 74.90 3.09
C HIS J 461 -28.49 75.47 3.90
N LYS J 462 -27.28 75.38 3.34
CA LYS J 462 -26.05 75.86 3.96
C LYS J 462 -26.15 77.35 4.30
N ALA J 463 -26.85 78.08 3.44
CA ALA J 463 -27.02 79.53 3.51
C ALA J 463 -27.76 80.01 4.76
N LYS J 464 -28.62 79.18 5.34
CA LYS J 464 -29.33 79.61 6.55
C LYS J 464 -28.52 79.27 7.79
N HIS J 465 -27.54 78.39 7.66
CA HIS J 465 -26.74 77.99 8.81
C HIS J 465 -25.63 79.02 9.04
N PHE K 28 -42.49 -25.92 -7.31
CA PHE K 28 -42.84 -25.04 -6.20
C PHE K 28 -42.16 -25.30 -4.85
N VAL K 29 -41.68 -24.17 -4.32
CA VAL K 29 -40.91 -24.06 -3.09
C VAL K 29 -41.77 -23.54 -1.92
N PHE K 30 -41.94 -24.35 -0.90
CA PHE K 30 -42.50 -23.88 0.36
C PHE K 30 -41.36 -23.34 1.22
N GLY K 31 -41.67 -22.34 2.04
CA GLY K 31 -40.68 -21.69 2.88
C GLY K 31 -41.22 -20.97 4.10
N THR K 32 -40.31 -20.46 4.92
CA THR K 32 -40.65 -19.58 6.04
C THR K 32 -39.63 -18.45 6.13
N ALA K 33 -39.92 -17.45 6.96
CA ALA K 33 -39.16 -16.20 6.93
C ALA K 33 -39.10 -15.46 8.26
N THR K 34 -38.05 -14.66 8.40
CA THR K 34 -37.81 -13.79 9.55
C THR K 34 -37.06 -12.54 9.07
N SER K 35 -36.81 -11.58 9.97
CA SER K 35 -35.90 -10.48 9.64
C SER K 35 -34.85 -10.26 10.73
N SER K 36 -33.72 -9.64 10.34
CA SER K 36 -32.53 -9.60 11.19
C SER K 36 -32.60 -8.92 12.56
N TYR K 37 -33.06 -7.67 12.64
CA TYR K 37 -33.09 -7.00 13.93
C TYR K 37 -34.12 -7.60 14.88
N GLN K 38 -35.13 -8.24 14.32
CA GLN K 38 -36.18 -8.85 15.11
C GLN K 38 -35.78 -10.13 15.85
N ILE K 39 -34.83 -10.91 15.32
CA ILE K 39 -34.51 -12.18 15.96
C ILE K 39 -33.08 -12.27 16.49
N GLU K 40 -32.11 -11.71 15.75
CA GLU K 40 -30.70 -12.05 16.02
C GLU K 40 -30.32 -11.66 17.45
N GLY K 41 -30.49 -10.39 17.83
CA GLY K 41 -30.00 -9.93 19.12
C GLY K 41 -28.51 -9.74 19.31
N ALA K 42 -28.08 -10.02 20.54
CA ALA K 42 -26.68 -9.94 20.96
C ALA K 42 -25.97 -8.67 20.50
N HIS K 43 -26.56 -7.51 20.77
CA HIS K 43 -26.12 -6.28 20.10
C HIS K 43 -24.73 -5.76 20.52
N ASN K 44 -23.90 -6.65 21.05
CA ASN K 44 -22.53 -6.31 21.45
C ASN K 44 -21.63 -7.20 20.63
N GLU K 45 -20.31 -7.00 20.75
CA GLU K 45 -19.32 -7.79 20.04
C GLU K 45 -19.43 -7.84 18.50
N GLY K 46 -18.30 -8.17 17.89
CA GLY K 46 -18.18 -8.25 16.45
C GLY K 46 -18.28 -6.96 15.69
N GLY K 47 -17.92 -5.85 16.33
CA GLY K 47 -18.05 -4.59 15.64
C GLY K 47 -19.44 -4.00 15.58
N ARG K 48 -20.44 -4.57 16.27
CA ARG K 48 -21.73 -3.94 16.05
C ARG K 48 -21.74 -2.57 16.69
N THR K 49 -22.28 -1.65 15.91
CA THR K 49 -22.53 -0.27 16.28
C THR K 49 -24.01 0.02 16.37
N PRO K 50 -24.39 1.16 16.98
CA PRO K 50 -25.82 1.39 17.17
C PRO K 50 -26.51 1.58 15.82
N SER K 51 -27.72 1.07 15.69
CA SER K 51 -28.53 1.31 14.50
C SER K 51 -29.53 2.46 14.69
N ILE K 52 -30.14 2.88 13.59
CA ILE K 52 -31.21 3.86 13.61
C ILE K 52 -32.29 3.50 14.62
N TRP K 53 -32.54 2.20 14.70
CA TRP K 53 -33.53 1.63 15.58
C TRP K 53 -33.14 1.80 17.05
N ASP K 54 -31.84 1.88 17.33
CA ASP K 54 -31.37 2.19 18.67
C ASP K 54 -31.84 3.59 19.05
N MET K 55 -31.62 4.55 18.16
CA MET K 55 -32.04 5.93 18.42
C MET K 55 -33.56 6.00 18.41
N PHE K 56 -34.21 5.25 17.53
CA PHE K 56 -35.66 5.17 17.50
C PHE K 56 -36.27 4.60 18.79
N CYS K 57 -35.70 3.51 19.29
CA CYS K 57 -36.13 2.96 20.57
C CYS K 57 -36.03 3.94 21.76
N ASP K 58 -35.02 4.81 21.77
CA ASP K 58 -34.90 5.79 22.86
C ASP K 58 -35.75 7.07 22.75
N ILE K 59 -36.27 7.40 21.56
CA ILE K 59 -37.12 8.60 21.47
C ILE K 59 -38.52 8.35 22.03
N ASP K 60 -38.98 9.29 22.84
CA ASP K 60 -40.24 9.16 23.55
C ASP K 60 -41.52 9.20 22.70
N GLY K 61 -42.33 8.15 22.89
CA GLY K 61 -43.63 8.05 22.29
C GLY K 61 -43.70 7.44 20.90
N ARG K 62 -42.57 6.91 20.42
CA ARG K 62 -42.52 6.36 19.07
C ARG K 62 -42.76 4.85 19.12
N VAL K 63 -42.23 4.18 20.14
CA VAL K 63 -42.40 2.75 20.24
C VAL K 63 -43.02 2.40 21.58
N PHE K 64 -43.86 1.37 21.57
CA PHE K 64 -44.59 0.94 22.75
C PHE K 64 -43.71 0.62 23.96
N GLU K 65 -43.85 1.44 24.99
CA GLU K 65 -43.14 1.28 26.27
C GLU K 65 -41.62 1.14 26.17
N LYS K 66 -40.98 1.90 25.28
CA LYS K 66 -39.52 1.84 25.14
C LYS K 66 -38.98 0.44 24.82
N HIS K 67 -39.82 -0.44 24.26
CA HIS K 67 -39.39 -1.80 23.96
C HIS K 67 -38.30 -1.77 22.87
N ASN K 68 -37.40 -2.76 22.91
CA ASN K 68 -36.29 -2.80 21.96
C ASN K 68 -35.89 -4.22 21.53
N GLY K 69 -34.94 -4.28 20.60
CA GLY K 69 -34.39 -5.51 20.07
C GLY K 69 -33.02 -5.89 20.61
N ASP K 70 -32.74 -5.49 21.85
CA ASP K 70 -31.46 -5.82 22.50
C ASP K 70 -31.15 -7.33 22.60
N VAL K 71 -32.09 -8.11 23.12
CA VAL K 71 -31.87 -9.56 23.23
C VAL K 71 -32.59 -10.33 22.12
N ALA K 72 -33.87 -10.07 21.94
CA ALA K 72 -34.69 -10.72 20.92
C ALA K 72 -34.65 -12.25 21.05
N CYS K 73 -34.41 -12.95 19.96
CA CYS K 73 -34.29 -14.41 20.02
C CYS K 73 -32.88 -14.92 20.29
N ASP K 74 -31.92 -14.00 20.47
CA ASP K 74 -30.56 -14.36 20.84
C ASP K 74 -29.92 -15.34 19.84
N HIS K 75 -30.19 -15.14 18.56
CA HIS K 75 -29.76 -16.09 17.52
C HIS K 75 -28.26 -15.99 17.21
N TYR K 76 -27.67 -14.82 17.45
CA TYR K 76 -26.25 -14.65 17.25
C TYR K 76 -25.36 -15.58 18.07
N HIS K 77 -25.72 -15.88 19.31
CA HIS K 77 -24.94 -16.83 20.09
C HIS K 77 -25.38 -18.25 19.78
N ARG K 78 -26.68 -18.47 19.70
CA ARG K 78 -27.19 -19.81 19.49
C ARG K 78 -27.47 -19.90 18.01
N TYR K 79 -26.43 -19.96 17.19
CA TYR K 79 -26.65 -20.00 15.77
C TYR K 79 -27.41 -21.29 15.52
N GLU K 80 -27.13 -22.28 16.36
CA GLU K 80 -27.74 -23.60 16.31
C GLU K 80 -29.22 -23.57 16.69
N GLU K 81 -29.52 -22.83 17.76
CA GLU K 81 -30.86 -22.55 18.28
C GLU K 81 -31.95 -23.52 17.85
N ASP K 82 -32.44 -23.37 16.62
CA ASP K 82 -33.46 -24.27 16.10
C ASP K 82 -33.37 -24.50 14.57
N ILE K 83 -32.16 -24.43 14.03
CA ILE K 83 -31.90 -24.79 12.62
C ILE K 83 -32.27 -26.25 12.39
N GLN K 84 -32.01 -27.06 13.41
CA GLN K 84 -32.30 -28.49 13.44
C GLN K 84 -33.82 -28.67 13.38
N HIS K 85 -34.52 -27.88 14.16
CA HIS K 85 -35.99 -27.78 14.12
C HIS K 85 -36.46 -27.53 12.67
N ILE K 86 -35.70 -26.71 11.93
CA ILE K 86 -35.98 -26.42 10.51
C ILE K 86 -35.80 -27.65 9.59
N LYS K 87 -34.70 -28.39 9.70
CA LYS K 87 -34.58 -29.64 8.94
C LYS K 87 -35.80 -30.55 9.21
N LYS K 88 -36.27 -30.55 10.45
CA LYS K 88 -37.44 -31.36 10.83
C LYS K 88 -38.71 -30.77 10.22
N LEU K 89 -38.76 -29.44 10.16
CA LEU K 89 -39.84 -28.70 9.51
C LEU K 89 -40.05 -28.94 8.01
N GLY K 90 -39.05 -29.29 7.20
CA GLY K 90 -39.46 -29.49 5.82
C GLY K 90 -39.54 -28.15 5.12
N VAL K 91 -38.82 -27.16 5.66
CA VAL K 91 -38.79 -25.81 5.12
C VAL K 91 -38.24 -25.56 3.70
N ASP K 92 -37.44 -26.48 3.15
CA ASP K 92 -36.98 -26.27 1.77
C ASP K 92 -36.29 -24.90 1.69
N THR K 93 -36.90 -23.94 1.00
CA THR K 93 -36.21 -22.67 0.82
C THR K 93 -36.39 -21.97 2.17
N TYR K 94 -35.35 -21.30 2.67
CA TYR K 94 -35.51 -20.46 3.85
C TYR K 94 -35.17 -18.98 3.54
N ARG K 95 -36.08 -18.04 3.81
CA ARG K 95 -35.75 -16.63 3.55
C ARG K 95 -35.36 -15.90 4.86
N PHE K 96 -34.19 -15.27 4.89
CA PHE K 96 -33.78 -14.44 6.03
C PHE K 96 -33.06 -13.16 5.57
N SER K 97 -32.96 -12.17 6.46
CA SER K 97 -32.25 -10.93 6.12
C SER K 97 -30.88 -10.76 6.82
N ILE K 98 -29.98 -10.01 6.19
CA ILE K 98 -28.65 -9.69 6.75
C ILE K 98 -28.49 -8.32 7.44
N ALA K 99 -27.91 -8.33 8.64
CA ALA K 99 -27.62 -7.11 9.39
C ALA K 99 -26.37 -6.34 8.93
N TRP K 100 -26.58 -5.20 8.27
CA TRP K 100 -25.50 -4.29 7.85
C TRP K 100 -24.47 -3.85 8.92
N PRO K 101 -24.91 -3.49 10.14
CA PRO K 101 -23.95 -3.05 11.17
C PRO K 101 -23.04 -4.15 11.72
N ARG K 102 -23.31 -5.41 11.38
CA ARG K 102 -22.35 -6.48 11.64
C ARG K 102 -21.21 -6.51 10.61
N ILE K 103 -21.52 -6.12 9.37
CA ILE K 103 -20.56 -6.17 8.26
C ILE K 103 -19.66 -4.93 8.07
N PHE K 104 -20.26 -3.74 8.20
CA PHE K 104 -19.50 -2.48 8.13
C PHE K 104 -19.68 -1.55 9.33
N PRO K 105 -19.03 -1.88 10.45
CA PRO K 105 -19.08 -1.01 11.63
C PRO K 105 -18.49 0.37 11.36
N ALA K 106 -17.59 0.45 10.38
CA ALA K 106 -17.18 1.75 9.86
C ALA K 106 -17.23 1.74 8.34
N LYS K 107 -17.26 2.93 7.75
CA LYS K 107 -17.32 3.06 6.29
C LYS K 107 -16.07 2.53 5.57
N GLY K 108 -16.26 1.65 4.59
CA GLY K 108 -15.16 1.11 3.81
C GLY K 108 -14.26 0.13 4.55
N GLU K 109 -14.63 -0.21 5.77
CA GLU K 109 -13.84 -1.06 6.65
C GLU K 109 -14.47 -2.41 7.00
N TYR K 110 -14.08 -3.46 6.28
CA TYR K 110 -14.59 -4.81 6.48
C TYR K 110 -14.27 -5.46 7.84
N ASN K 111 -15.29 -6.09 8.40
CA ASN K 111 -15.20 -6.78 9.69
C ASN K 111 -15.41 -8.30 9.58
N PRO K 112 -14.32 -9.06 9.38
CA PRO K 112 -14.48 -10.50 9.12
C PRO K 112 -15.05 -11.38 10.25
N GLU K 113 -14.89 -11.00 11.52
CA GLU K 113 -15.51 -11.76 12.61
C GLU K 113 -17.05 -11.78 12.53
N GLY K 114 -17.63 -10.63 12.22
CA GLY K 114 -19.07 -10.49 12.04
C GLY K 114 -19.63 -11.28 10.87
N MET K 115 -18.93 -11.15 9.75
CA MET K 115 -19.24 -11.83 8.50
C MET K 115 -19.13 -13.35 8.58
N ALA K 116 -18.22 -13.81 9.44
CA ALA K 116 -17.99 -15.23 9.65
C ALA K 116 -19.27 -15.90 10.14
N PHE K 117 -19.95 -15.25 11.07
CA PHE K 117 -21.20 -15.75 11.62
C PHE K 117 -22.22 -16.08 10.52
N TYR K 118 -22.40 -15.19 9.55
CA TYR K 118 -23.30 -15.44 8.42
C TYR K 118 -22.77 -16.48 7.41
N LYS K 119 -21.47 -16.44 7.13
CA LYS K 119 -20.85 -17.44 6.25
C LYS K 119 -21.02 -18.84 6.84
N ASN K 120 -20.84 -18.94 8.16
CA ASN K 120 -21.07 -20.17 8.91
C ASN K 120 -22.55 -20.53 8.85
N LEU K 121 -23.40 -19.52 9.01
CA LEU K 121 -24.85 -19.69 8.93
C LEU K 121 -25.25 -20.26 7.58
N ALA K 122 -24.62 -19.70 6.53
CA ALA K 122 -24.86 -20.13 5.16
C ALA K 122 -24.33 -21.53 4.86
N LEU K 123 -23.16 -21.88 5.40
CA LEU K 123 -22.63 -23.22 5.14
C LEU K 123 -23.53 -24.29 5.76
N ARG K 124 -23.96 -24.12 7.01
CA ARG K 124 -24.91 -25.04 7.63
C ARG K 124 -26.28 -25.03 6.95
N LEU K 125 -26.35 -24.82 5.65
CA LEU K 125 -27.64 -24.88 4.98
C LEU K 125 -27.62 -25.65 3.67
N ARG K 126 -26.60 -25.40 2.84
CA ARG K 126 -26.43 -26.15 1.61
C ARG K 126 -26.26 -27.66 1.82
N GLU K 127 -25.41 -28.04 2.76
CA GLU K 127 -25.25 -29.45 3.14
C GLU K 127 -26.55 -30.17 3.55
N GLU K 128 -27.46 -29.50 4.26
CA GLU K 128 -28.70 -30.18 4.65
C GLU K 128 -29.72 -30.07 3.53
N GLY K 129 -29.24 -29.59 2.39
CA GLY K 129 -30.03 -29.42 1.20
C GLY K 129 -31.08 -28.32 1.21
N ILE K 130 -30.93 -27.32 2.06
CA ILE K 130 -31.96 -26.29 2.07
C ILE K 130 -31.40 -25.00 1.48
N LYS K 131 -32.07 -24.51 0.44
CA LYS K 131 -31.68 -23.27 -0.22
C LYS K 131 -32.04 -22.03 0.61
N PRO K 132 -31.02 -21.22 0.94
CA PRO K 132 -31.13 -19.96 1.69
C PRO K 132 -31.43 -18.77 0.78
N ALA K 133 -32.54 -18.08 1.07
CA ALA K 133 -32.90 -16.89 0.30
C ALA K 133 -32.63 -15.68 1.18
N VAL K 134 -31.66 -14.89 0.76
CA VAL K 134 -31.06 -13.87 1.61
C VAL K 134 -31.37 -12.41 1.25
N THR K 135 -31.92 -11.68 2.21
CA THR K 135 -32.17 -10.24 2.08
C THR K 135 -31.00 -9.42 2.62
N ILE K 136 -30.40 -8.58 1.77
CA ILE K 136 -29.26 -7.75 2.18
C ILE K 136 -29.71 -6.59 3.08
N TYR K 137 -30.72 -5.84 2.65
CA TYR K 137 -31.21 -4.69 3.40
C TYR K 137 -32.65 -4.89 3.88
N HIS K 138 -32.79 -4.99 5.19
CA HIS K 138 -34.09 -5.08 5.85
C HIS K 138 -34.19 -4.02 6.94
N TRP K 139 -33.84 -2.79 6.56
CA TRP K 139 -34.16 -1.55 7.29
C TRP K 139 -33.10 -1.24 8.37
N ASP K 140 -32.11 -2.11 8.53
CA ASP K 140 -31.15 -1.94 9.61
C ASP K 140 -29.89 -1.17 9.18
N LEU K 141 -30.10 0.10 8.83
CA LEU K 141 -29.04 1.05 8.47
C LEU K 141 -28.14 1.44 9.65
N PRO K 142 -26.80 1.45 9.45
CA PRO K 142 -25.97 1.87 10.58
C PRO K 142 -26.20 3.37 10.90
N MET K 143 -26.07 3.73 12.17
CA MET K 143 -26.30 5.09 12.65
C MET K 143 -25.35 6.20 12.15
N TRP K 144 -24.09 5.85 11.90
CA TRP K 144 -23.12 6.77 11.29
C TRP K 144 -23.56 7.28 9.91
N ALA K 145 -24.31 6.46 9.19
CA ALA K 145 -24.82 6.85 7.88
C ALA K 145 -25.95 7.87 8.02
N HIS K 146 -26.89 7.60 8.93
CA HIS K 146 -27.96 8.54 9.24
C HIS K 146 -27.45 9.94 9.58
N GLU K 147 -26.39 10.02 10.36
CA GLU K 147 -25.81 11.30 10.80
C GLU K 147 -25.18 12.10 9.67
N GLU K 148 -24.86 11.45 8.55
CA GLU K 148 -24.45 12.14 7.34
C GLU K 148 -25.63 12.45 6.43
N GLY K 149 -26.84 12.32 6.97
CA GLY K 149 -28.05 12.56 6.22
C GLY K 149 -28.86 11.33 5.88
N GLY K 150 -28.24 10.16 6.01
CA GLY K 150 -28.94 8.93 5.71
C GLY K 150 -29.25 8.77 4.24
N TRP K 151 -30.45 8.28 3.95
CA TRP K 151 -30.92 8.06 2.59
C TRP K 151 -31.14 9.37 1.84
N VAL K 152 -31.23 10.48 2.57
CA VAL K 152 -31.39 11.81 2.00
C VAL K 152 -30.18 12.27 1.18
N ASN K 153 -28.99 11.81 1.57
CA ASN K 153 -27.77 12.11 0.84
C ASN K 153 -27.62 11.20 -0.38
N ARG K 154 -27.26 11.80 -1.51
CA ARG K 154 -27.03 11.05 -2.74
C ARG K 154 -25.84 10.10 -2.63
N GLU K 155 -24.90 10.46 -1.75
CA GLU K 155 -23.77 9.59 -1.40
C GLU K 155 -24.21 8.19 -0.95
N SER K 156 -25.38 8.09 -0.33
CA SER K 156 -25.98 6.82 0.07
C SER K 156 -26.05 5.78 -1.03
N VAL K 157 -26.11 6.24 -2.28
CA VAL K 157 -26.03 5.33 -3.42
C VAL K 157 -24.68 4.62 -3.40
N ASP K 158 -23.61 5.41 -3.22
CA ASP K 158 -22.26 4.86 -3.24
C ASP K 158 -21.86 4.05 -2.01
N TRP K 159 -22.39 4.38 -0.83
CA TRP K 159 -22.10 3.55 0.35
C TRP K 159 -22.71 2.16 0.30
N PHE K 160 -23.99 2.09 -0.06
CA PHE K 160 -24.66 0.81 -0.23
C PHE K 160 -24.02 -0.02 -1.35
N LEU K 161 -23.55 0.65 -2.40
CA LEU K 161 -22.88 -0.05 -3.49
C LEU K 161 -21.55 -0.65 -3.05
N ASP K 162 -20.80 0.09 -2.22
CA ASP K 162 -19.58 -0.43 -1.63
C ASP K 162 -19.93 -1.61 -0.72
N TYR K 163 -21.04 -1.44 0.01
CA TYR K 163 -21.65 -2.43 0.89
C TYR K 163 -22.17 -3.66 0.15
N ALA K 164 -22.85 -3.45 -0.97
CA ALA K 164 -23.42 -4.53 -1.74
C ALA K 164 -22.35 -5.46 -2.33
N LYS K 165 -21.26 -4.87 -2.84
CA LYS K 165 -20.18 -5.68 -3.40
C LYS K 165 -19.65 -6.74 -2.43
N VAL K 166 -19.33 -6.34 -1.20
CA VAL K 166 -18.85 -7.26 -0.17
C VAL K 166 -19.83 -8.37 0.27
N CYS K 167 -20.94 -8.56 -0.44
CA CYS K 167 -21.84 -9.69 -0.13
C CYS K 167 -21.83 -10.72 -1.26
N PHE K 168 -21.85 -10.23 -2.49
CA PHE K 168 -21.78 -11.07 -3.69
C PHE K 168 -20.47 -11.83 -3.81
N GLU K 169 -19.35 -11.14 -3.62
CA GLU K 169 -18.03 -11.75 -3.74
C GLU K 169 -17.84 -13.01 -2.89
N GLU K 170 -18.30 -13.00 -1.64
CA GLU K 170 -18.04 -14.17 -0.81
C GLU K 170 -19.18 -15.18 -0.89
N LEU K 171 -20.37 -14.69 -1.22
CA LEU K 171 -21.58 -15.52 -1.17
C LEU K 171 -22.34 -15.63 -2.50
N ASP K 172 -21.93 -16.50 -3.41
CA ASP K 172 -22.62 -16.51 -4.70
C ASP K 172 -22.75 -17.91 -5.30
N ASP K 173 -21.83 -18.80 -4.95
CA ASP K 173 -21.95 -20.20 -5.34
C ASP K 173 -23.03 -20.97 -4.58
N ILE K 174 -23.31 -20.52 -3.36
CA ILE K 174 -24.28 -21.16 -2.46
C ILE K 174 -25.71 -20.60 -2.44
N VAL K 175 -25.85 -19.29 -2.36
CA VAL K 175 -27.17 -18.66 -2.20
C VAL K 175 -28.09 -18.88 -3.40
N ASP K 176 -29.37 -19.09 -3.11
CA ASP K 176 -30.36 -19.39 -4.14
C ASP K 176 -31.07 -18.16 -4.69
N SER K 177 -31.36 -17.18 -3.85
CA SER K 177 -31.96 -15.95 -4.34
C SER K 177 -31.55 -14.74 -3.51
N TRP K 178 -31.47 -13.60 -4.19
CA TRP K 178 -31.13 -12.32 -3.57
C TRP K 178 -32.31 -11.35 -3.53
N ILE K 179 -32.50 -10.72 -2.38
CA ILE K 179 -33.42 -9.61 -2.29
C ILE K 179 -32.66 -8.33 -1.92
N THR K 180 -32.68 -7.36 -2.82
CA THR K 180 -31.92 -6.13 -2.60
C THR K 180 -32.55 -5.32 -1.47
N HIS K 181 -33.81 -4.98 -1.63
CA HIS K 181 -34.51 -4.14 -0.67
C HIS K 181 -35.82 -4.79 -0.25
N ASN K 182 -36.13 -4.72 1.04
CA ASN K 182 -37.43 -5.13 1.52
C ASN K 182 -38.31 -3.92 1.83
N GLU K 183 -39.45 -3.84 1.14
CA GLU K 183 -40.49 -2.84 1.45
C GLU K 183 -39.95 -1.42 1.67
N PRO K 184 -39.48 -0.77 0.59
CA PRO K 184 -39.04 0.63 0.64
C PRO K 184 -40.13 1.62 1.06
N TRP K 185 -41.39 1.23 0.96
CA TRP K 185 -42.49 2.04 1.50
C TRP K 185 -42.40 2.17 3.02
N CYS K 186 -42.12 1.07 3.71
CA CYS K 186 -41.94 1.12 5.15
C CYS K 186 -40.69 1.93 5.53
N ALA K 187 -39.54 1.49 4.99
CA ALA K 187 -38.25 2.13 5.21
C ALA K 187 -38.19 3.60 4.74
N GLY K 188 -39.00 3.92 3.74
CA GLY K 188 -39.02 5.25 3.15
C GLY K 188 -40.10 6.18 3.69
N PHE K 189 -41.34 5.95 3.25
CA PHE K 189 -42.45 6.82 3.59
C PHE K 189 -42.80 6.70 5.07
N LEU K 190 -42.96 5.49 5.57
CA LEU K 190 -43.31 5.27 6.97
C LEU K 190 -42.21 5.79 7.90
N GLY K 191 -40.98 5.81 7.41
CA GLY K 191 -39.86 6.29 8.19
C GLY K 191 -39.60 7.78 8.07
N TYR K 192 -39.70 8.32 6.85
CA TYR K 192 -39.38 9.73 6.60
C TYR K 192 -40.59 10.65 6.47
N HIS K 193 -41.77 10.08 6.20
CA HIS K 193 -42.97 10.90 6.08
C HIS K 193 -43.90 10.80 7.28
N VAL K 194 -44.24 9.58 7.69
CA VAL K 194 -45.19 9.41 8.79
C VAL K 194 -44.55 9.37 10.18
N GLY K 195 -43.58 8.49 10.38
CA GLY K 195 -42.86 8.48 11.65
C GLY K 195 -43.05 7.17 12.39
N VAL K 196 -43.53 6.16 11.68
CA VAL K 196 -43.89 4.87 12.26
C VAL K 196 -42.73 3.87 12.37
N HIS K 197 -41.77 3.92 11.44
CA HIS K 197 -40.66 2.98 11.51
C HIS K 197 -39.30 3.65 11.78
N ALA K 198 -38.59 4.07 10.74
CA ALA K 198 -37.23 4.59 10.92
C ALA K 198 -36.78 5.40 9.72
N PRO K 199 -36.13 6.55 9.95
CA PRO K 199 -35.61 7.10 11.21
C PRO K 199 -36.64 7.92 11.98
N GLY K 200 -37.87 7.92 11.48
CA GLY K 200 -38.98 8.54 12.17
C GLY K 200 -39.03 10.03 11.97
N HIS K 201 -38.68 10.44 10.75
CA HIS K 201 -38.70 11.84 10.33
C HIS K 201 -40.10 12.10 9.78
N ARG K 202 -40.50 13.36 9.70
CA ARG K 202 -41.82 13.66 9.15
C ARG K 202 -41.74 14.77 8.13
N ASP K 203 -41.27 14.41 6.93
CA ASP K 203 -40.98 15.36 5.86
C ASP K 203 -41.11 14.60 4.53
N MET K 204 -42.12 14.96 3.74
CA MET K 204 -42.38 14.29 2.47
C MET K 204 -41.26 14.40 1.42
N ASN K 205 -40.54 15.52 1.41
CA ASN K 205 -39.45 15.68 0.45
C ASN K 205 -38.32 14.67 0.67
N GLU K 206 -37.87 14.53 1.91
CA GLU K 206 -36.91 13.48 2.26
C GLU K 206 -37.38 12.07 1.92
N ALA K 207 -38.67 11.77 2.12
CA ALA K 207 -39.14 10.41 1.88
C ALA K 207 -38.99 10.00 0.41
N VAL K 208 -39.43 10.85 -0.50
CA VAL K 208 -39.28 10.55 -1.93
C VAL K 208 -37.82 10.59 -2.39
N ARG K 209 -37.02 11.47 -1.79
CA ARG K 209 -35.58 11.46 -2.07
C ARG K 209 -34.93 10.19 -1.50
N ALA K 210 -35.39 9.77 -0.34
CA ALA K 210 -34.91 8.53 0.29
C ALA K 210 -35.29 7.30 -0.54
N VAL K 211 -36.55 7.26 -0.94
CA VAL K 211 -37.11 6.18 -1.75
C VAL K 211 -36.39 6.03 -3.10
N HIS K 212 -36.15 7.16 -3.77
CA HIS K 212 -35.46 7.17 -5.06
C HIS K 212 -34.07 6.56 -4.89
N HIS K 213 -33.40 6.86 -3.78
CA HIS K 213 -32.06 6.35 -3.54
C HIS K 213 -32.04 4.86 -3.15
N MET K 214 -33.08 4.40 -2.46
CA MET K 214 -33.25 2.96 -2.24
C MET K 214 -33.45 2.17 -3.52
N LEU K 215 -34.33 2.66 -4.39
CA LEU K 215 -34.60 1.99 -5.65
C LEU K 215 -33.38 2.02 -6.57
N LEU K 216 -32.72 3.17 -6.62
CA LEU K 216 -31.49 3.32 -7.38
C LEU K 216 -30.37 2.43 -6.87
N SER K 217 -30.22 2.33 -5.55
CA SER K 217 -29.21 1.44 -5.00
C SER K 217 -29.53 -0.02 -5.34
N HIS K 218 -30.81 -0.39 -5.33
CA HIS K 218 -31.24 -1.70 -5.86
C HIS K 218 -30.76 -1.90 -7.32
N GLY K 219 -31.06 -0.95 -8.19
CA GLY K 219 -30.74 -1.09 -9.61
C GLY K 219 -29.25 -1.06 -9.86
N LYS K 220 -28.53 -0.27 -9.06
CA LYS K 220 -27.08 -0.28 -9.15
C LYS K 220 -26.45 -1.60 -8.70
N ALA K 221 -27.05 -2.28 -7.74
CA ALA K 221 -26.53 -3.58 -7.28
C ALA K 221 -26.74 -4.72 -8.27
N VAL K 222 -27.93 -4.80 -8.85
CA VAL K 222 -28.22 -5.80 -9.89
C VAL K 222 -27.28 -5.59 -11.08
N GLU K 223 -27.18 -4.35 -11.54
CA GLU K 223 -26.27 -3.97 -12.62
C GLU K 223 -24.83 -4.36 -12.32
N LEU K 224 -24.38 -4.14 -11.09
CA LEU K 224 -23.01 -4.52 -10.72
C LEU K 224 -22.75 -6.04 -10.80
N LEU K 225 -23.68 -6.81 -10.25
CA LEU K 225 -23.59 -8.27 -10.28
C LEU K 225 -23.58 -8.94 -11.66
N LYS K 226 -24.54 -8.59 -12.50
CA LYS K 226 -24.69 -9.19 -13.82
C LYS K 226 -23.76 -8.67 -14.92
N ARG K 227 -23.20 -7.49 -14.75
CA ARG K 227 -22.36 -6.89 -15.79
C ARG K 227 -20.89 -7.06 -15.46
N GLU K 228 -20.47 -6.47 -14.33
CA GLU K 228 -19.07 -6.51 -13.94
C GLU K 228 -18.66 -7.90 -13.45
N MET K 229 -19.41 -8.45 -12.51
CA MET K 229 -19.14 -9.78 -11.95
C MET K 229 -19.66 -10.95 -12.80
N LYS K 230 -20.44 -10.64 -13.84
CA LYS K 230 -20.98 -11.63 -14.79
C LYS K 230 -21.74 -12.81 -14.15
N SER K 231 -22.48 -12.57 -13.07
CA SER K 231 -23.09 -13.67 -12.31
C SER K 231 -24.55 -13.88 -12.70
N THR K 232 -24.96 -15.14 -12.82
CA THR K 232 -26.36 -15.49 -13.12
C THR K 232 -27.18 -15.95 -11.91
N THR K 233 -26.67 -15.75 -10.70
CA THR K 233 -27.43 -16.03 -9.49
C THR K 233 -28.70 -15.16 -9.46
N PRO K 234 -29.87 -15.80 -9.29
CA PRO K 234 -31.12 -15.04 -9.24
C PRO K 234 -31.18 -13.93 -8.19
N ILE K 235 -31.55 -12.74 -8.64
CA ILE K 235 -31.69 -11.56 -7.79
C ILE K 235 -33.00 -10.83 -8.07
N GLY K 236 -33.58 -10.19 -7.06
CA GLY K 236 -34.81 -9.44 -7.26
C GLY K 236 -35.17 -8.56 -6.07
N ILE K 237 -36.32 -7.91 -6.14
CA ILE K 237 -36.83 -7.11 -5.03
C ILE K 237 -38.10 -7.71 -4.43
N THR K 238 -38.40 -7.39 -3.17
CA THR K 238 -39.68 -7.73 -2.56
C THR K 238 -40.41 -6.41 -2.23
N LEU K 239 -41.63 -6.25 -2.74
CA LEU K 239 -42.49 -5.14 -2.35
C LEU K 239 -43.74 -5.56 -1.57
N ASN K 240 -44.11 -4.76 -0.58
CA ASN K 240 -45.43 -4.90 0.02
C ASN K 240 -46.54 -4.17 -0.73
N LEU K 241 -47.61 -4.89 -1.03
CA LEU K 241 -48.73 -4.35 -1.80
C LEU K 241 -50.06 -4.56 -1.09
N SER K 242 -50.83 -3.48 -0.98
CA SER K 242 -52.15 -3.53 -0.35
C SER K 242 -53.12 -2.89 -1.33
N PRO K 243 -53.97 -3.71 -1.96
CA PRO K 243 -54.91 -3.10 -2.91
C PRO K 243 -55.91 -2.19 -2.22
N MET K 244 -56.32 -1.12 -2.90
CA MET K 244 -57.13 -0.09 -2.27
C MET K 244 -58.50 -0.03 -2.96
N TYR K 245 -59.55 0.05 -2.15
CA TYR K 245 -60.91 0.05 -2.66
C TYR K 245 -61.73 1.22 -2.11
N ALA K 246 -62.62 1.76 -2.94
CA ALA K 246 -63.43 2.90 -2.52
C ALA K 246 -64.65 2.43 -1.73
N LYS K 247 -65.70 3.25 -1.67
CA LYS K 247 -66.91 2.85 -0.95
C LYS K 247 -68.22 2.95 -1.72
N THR K 248 -68.40 4.01 -2.51
CA THR K 248 -69.60 4.10 -3.34
C THR K 248 -69.36 4.37 -4.82
N ASP K 249 -68.14 4.10 -5.29
CA ASP K 249 -67.78 4.29 -6.70
C ASP K 249 -68.04 5.70 -7.23
N SER K 250 -68.29 6.64 -6.33
CA SER K 250 -68.47 8.04 -6.69
C SER K 250 -67.15 8.61 -7.16
N ALA K 251 -67.21 9.71 -7.92
CA ALA K 251 -66.01 10.27 -8.53
C ALA K 251 -65.05 10.69 -7.44
N ASN K 252 -65.58 11.32 -6.40
CA ASN K 252 -64.78 11.67 -5.24
C ASN K 252 -64.01 10.48 -4.69
N ASP K 253 -64.75 9.40 -4.44
CA ASP K 253 -64.18 8.15 -3.92
C ASP K 253 -63.25 7.37 -4.86
N ARG K 254 -63.43 7.51 -6.17
CA ARG K 254 -62.47 6.95 -7.11
C ARG K 254 -61.13 7.67 -7.08
N LEU K 255 -61.17 8.99 -6.93
CA LEU K 255 -59.96 9.79 -6.79
C LEU K 255 -59.26 9.44 -5.48
N ALA K 256 -60.05 9.22 -4.45
CA ALA K 256 -59.55 8.81 -3.14
C ALA K 256 -58.80 7.49 -3.21
N MET K 257 -59.40 6.51 -3.90
CA MET K 257 -58.75 5.21 -4.10
C MET K 257 -57.44 5.30 -4.84
N ASN K 258 -57.48 5.94 -6.00
CA ASN K 258 -56.32 6.17 -6.83
C ASN K 258 -55.15 6.75 -6.04
N ASN K 259 -55.42 7.78 -5.25
CA ASN K 259 -54.36 8.45 -4.51
C ASN K 259 -53.80 7.61 -3.36
N ALA K 260 -54.66 6.88 -2.65
CA ALA K 260 -54.19 5.92 -1.64
C ALA K 260 -53.37 4.81 -2.29
N ASP K 261 -53.87 4.31 -3.41
CA ASP K 261 -53.20 3.27 -4.20
C ASP K 261 -51.87 3.79 -4.73
N GLY K 262 -51.87 5.03 -5.19
CA GLY K 262 -50.69 5.67 -5.73
C GLY K 262 -49.63 5.93 -4.68
N TYR K 263 -50.05 6.31 -3.49
CA TYR K 263 -49.12 6.57 -2.41
C TYR K 263 -48.49 5.27 -1.93
N SER K 264 -49.29 4.21 -1.88
CA SER K 264 -48.81 2.90 -1.43
C SER K 264 -48.19 1.98 -2.49
N ASN K 265 -48.71 1.99 -3.73
CA ASN K 265 -48.32 0.94 -4.69
C ASN K 265 -47.65 1.37 -5.99
N ARG K 266 -48.34 2.16 -6.81
CA ARG K 266 -47.87 2.49 -8.16
C ARG K 266 -46.62 3.37 -8.15
N TRP K 267 -46.45 4.20 -7.12
CA TRP K 267 -45.21 4.96 -6.93
C TRP K 267 -43.97 4.06 -6.87
N PHE K 268 -44.16 2.79 -6.53
CA PHE K 268 -43.05 1.86 -6.42
C PHE K 268 -42.99 0.88 -7.58
N LEU K 269 -44.15 0.42 -8.04
CA LEU K 269 -44.21 -0.50 -9.17
C LEU K 269 -43.80 0.14 -10.49
N ASP K 270 -44.23 1.37 -10.73
CA ASP K 270 -43.94 2.06 -11.98
C ASP K 270 -42.44 2.33 -12.22
N PRO K 271 -41.70 2.88 -11.23
CA PRO K 271 -40.27 3.03 -11.53
C PRO K 271 -39.56 1.69 -11.72
N VAL K 272 -40.02 0.67 -11.01
CA VAL K 272 -39.39 -0.63 -11.05
C VAL K 272 -39.67 -1.37 -12.37
N PHE K 273 -40.90 -1.27 -12.85
CA PHE K 273 -41.28 -2.01 -14.04
C PHE K 273 -41.47 -1.15 -15.30
N LYS K 274 -41.82 0.12 -15.13
CA LYS K 274 -41.99 1.01 -16.28
C LYS K 274 -40.82 1.97 -16.45
N GLY K 275 -39.99 2.11 -15.42
CA GLY K 275 -38.92 3.10 -15.46
C GLY K 275 -39.43 4.53 -15.50
N GLU K 276 -40.54 4.77 -14.80
CA GLU K 276 -41.08 6.12 -14.68
C GLU K 276 -41.86 6.31 -13.37
N TYR K 277 -41.92 7.55 -12.90
CA TYR K 277 -42.80 7.89 -11.79
C TYR K 277 -44.17 8.29 -12.29
N PRO K 278 -45.22 7.92 -11.54
CA PRO K 278 -46.59 8.27 -11.93
C PRO K 278 -46.85 9.77 -11.80
N VAL K 279 -47.13 10.41 -12.93
CA VAL K 279 -47.28 11.85 -12.97
C VAL K 279 -48.42 12.36 -12.08
N ASP K 280 -49.46 11.54 -11.90
CA ASP K 280 -50.56 11.86 -11.01
C ASP K 280 -50.12 12.04 -9.56
N MET K 281 -49.20 11.18 -9.12
CA MET K 281 -48.63 11.24 -7.78
C MET K 281 -47.63 12.37 -7.62
N MET K 282 -46.82 12.59 -8.65
CA MET K 282 -45.90 13.72 -8.69
C MET K 282 -46.62 15.05 -8.46
N ASN K 283 -47.74 15.23 -9.14
CA ASN K 283 -48.56 16.41 -8.98
C ASN K 283 -49.16 16.54 -7.58
N LEU K 284 -49.65 15.44 -7.04
CA LEU K 284 -50.19 15.40 -5.68
C LEU K 284 -49.16 15.70 -4.58
N PHE K 285 -47.96 15.15 -4.73
CA PHE K 285 -46.86 15.41 -3.79
C PHE K 285 -46.31 16.82 -3.87
N SER K 286 -46.61 17.53 -4.96
CA SER K 286 -46.14 18.90 -5.12
C SER K 286 -46.62 19.87 -4.03
N LYS K 287 -47.58 19.45 -3.21
CA LYS K 287 -47.91 20.18 -2.00
C LYS K 287 -46.75 20.22 -1.00
N TYR K 288 -45.85 19.25 -1.11
CA TYR K 288 -44.62 19.23 -0.31
C TYR K 288 -43.36 19.27 -1.15
N VAL K 289 -43.40 18.65 -2.33
CA VAL K 289 -42.18 18.53 -3.12
C VAL K 289 -42.17 19.54 -4.26
N HIS K 290 -41.28 20.51 -4.13
CA HIS K 290 -41.21 21.66 -5.00
C HIS K 290 -39.94 21.60 -5.86
N ASN K 291 -39.31 20.43 -5.87
CA ASN K 291 -38.25 20.16 -6.83
C ASN K 291 -37.96 18.67 -6.95
N PHE K 292 -37.75 18.25 -8.20
CA PHE K 292 -37.42 16.86 -8.54
C PHE K 292 -36.01 16.65 -9.09
N ASP K 293 -35.08 17.51 -8.70
CA ASP K 293 -33.67 17.38 -9.11
C ASP K 293 -32.94 16.20 -8.49
N PHE K 294 -33.56 15.51 -7.55
CA PHE K 294 -33.03 14.23 -7.08
C PHE K 294 -33.09 13.12 -8.13
N ILE K 295 -33.94 13.25 -9.14
CA ILE K 295 -33.89 12.33 -10.27
C ILE K 295 -32.78 12.71 -11.26
N GLN K 296 -31.61 12.11 -11.07
CA GLN K 296 -30.46 12.33 -11.95
C GLN K 296 -30.64 11.62 -13.30
N SER K 297 -29.92 12.08 -14.32
CA SER K 297 -29.93 11.42 -15.64
C SER K 297 -29.31 10.03 -15.63
N GLY K 298 -29.94 9.08 -16.32
CA GLY K 298 -29.48 7.70 -16.31
C GLY K 298 -30.10 6.80 -15.26
N ASP K 299 -30.74 7.42 -14.28
CA ASP K 299 -31.30 6.72 -13.13
C ASP K 299 -32.48 5.77 -13.39
N MET K 300 -33.51 6.23 -14.08
CA MET K 300 -34.69 5.40 -14.31
C MET K 300 -34.46 4.18 -15.18
N GLU K 301 -33.49 4.26 -16.09
CA GLU K 301 -33.07 3.10 -16.87
C GLU K 301 -32.35 2.03 -16.04
N THR K 302 -31.48 2.48 -15.14
CA THR K 302 -30.75 1.59 -14.24
C THR K 302 -31.65 0.91 -13.21
N ILE K 303 -32.55 1.69 -12.61
CA ILE K 303 -33.54 1.18 -11.68
C ILE K 303 -34.38 0.05 -12.27
N SER K 304 -34.71 0.15 -13.55
CA SER K 304 -35.55 -0.87 -14.18
C SER K 304 -34.77 -2.00 -14.85
N THR K 305 -33.51 -2.16 -14.45
CA THR K 305 -32.66 -3.24 -14.97
C THR K 305 -33.34 -4.57 -14.67
N ALA K 306 -33.30 -5.49 -15.61
CA ALA K 306 -34.05 -6.74 -15.49
C ALA K 306 -33.56 -7.63 -14.34
N CYS K 307 -34.52 -8.18 -13.61
CA CYS K 307 -34.28 -9.07 -12.48
C CYS K 307 -34.68 -10.50 -12.83
N ASP K 308 -34.36 -11.44 -11.95
CA ASP K 308 -34.67 -12.85 -12.19
C ASP K 308 -36.03 -13.25 -11.63
N PHE K 309 -36.46 -12.57 -10.57
CA PHE K 309 -37.80 -12.81 -10.02
C PHE K 309 -38.38 -11.54 -9.42
N PHE K 310 -39.63 -11.61 -8.98
CA PHE K 310 -40.25 -10.51 -8.26
C PHE K 310 -40.81 -11.00 -6.93
N GLY K 311 -40.42 -10.34 -5.84
CA GLY K 311 -40.87 -10.66 -4.51
C GLY K 311 -42.11 -9.86 -4.16
N ILE K 312 -43.06 -10.50 -3.48
CA ILE K 312 -44.27 -9.82 -3.04
C ILE K 312 -44.52 -10.10 -1.56
N ASN K 313 -44.61 -9.01 -0.79
CA ASN K 313 -45.15 -9.03 0.55
C ASN K 313 -46.64 -8.67 0.60
N PHE K 314 -47.48 -9.62 0.99
CA PHE K 314 -48.92 -9.35 1.06
C PHE K 314 -49.49 -9.55 2.46
N TYR K 315 -50.32 -8.61 2.93
CA TYR K 315 -50.94 -8.80 4.23
C TYR K 315 -52.45 -8.57 4.24
N SER K 316 -52.87 -7.49 3.59
CA SER K 316 -54.27 -7.08 3.58
C SER K 316 -54.61 -6.06 2.48
N ARG K 317 -55.90 -5.74 2.35
CA ARG K 317 -56.34 -4.62 1.51
C ARG K 317 -56.56 -3.36 2.36
N GLY K 318 -56.88 -2.25 1.70
CA GLY K 318 -57.37 -1.07 2.39
C GLY K 318 -58.55 -0.39 1.72
N ILE K 319 -59.65 -0.30 2.46
CA ILE K 319 -60.85 0.45 2.06
C ILE K 319 -60.71 1.94 2.42
N VAL K 320 -60.85 2.80 1.41
CA VAL K 320 -60.66 4.24 1.55
C VAL K 320 -61.88 5.11 1.21
N GLU K 321 -61.91 6.32 1.78
CA GLU K 321 -62.90 7.35 1.40
C GLU K 321 -62.27 8.71 1.14
N PHE K 322 -63.07 9.61 0.59
CA PHE K 322 -62.61 10.95 0.22
C PHE K 322 -62.50 11.86 1.43
N ASN K 323 -61.52 12.77 1.42
CA ASN K 323 -61.36 13.73 2.51
C ASN K 323 -60.93 15.10 1.98
N ALA K 324 -61.80 16.09 2.01
CA ALA K 324 -61.42 17.45 1.63
C ALA K 324 -60.31 18.03 2.52
N ALA K 325 -60.26 17.58 3.77
CA ALA K 325 -59.27 18.05 4.72
C ALA K 325 -57.98 17.23 4.77
N ASN K 326 -57.89 16.17 3.97
CA ASN K 326 -56.63 15.43 3.84
C ASN K 326 -55.75 16.03 2.76
N ASP K 327 -54.45 16.12 3.04
CA ASP K 327 -53.51 16.53 2.00
C ASP K 327 -53.49 15.58 0.81
N PHE K 328 -53.54 14.28 1.07
CA PHE K 328 -53.56 13.31 -0.01
C PHE K 328 -54.96 12.83 -0.35
N LEU K 329 -55.98 13.52 0.17
CA LEU K 329 -57.36 13.38 -0.30
C LEU K 329 -57.99 12.03 0.05
N LYS K 330 -57.39 11.28 0.97
CA LYS K 330 -57.92 9.97 1.34
C LYS K 330 -57.77 9.68 2.83
N ALA K 331 -58.68 8.90 3.39
CA ALA K 331 -58.50 8.42 4.76
C ALA K 331 -58.81 6.93 4.90
N ASP K 332 -59.85 6.58 5.66
CA ASP K 332 -60.22 5.17 5.82
C ASP K 332 -61.71 4.93 6.03
N ALA K 333 -62.22 3.88 5.40
CA ALA K 333 -63.62 3.51 5.55
C ALA K 333 -63.72 2.35 6.54
N TYR K 334 -64.91 2.14 7.08
CA TYR K 334 -65.13 1.04 8.01
C TYR K 334 -65.03 -0.22 7.15
N SER K 335 -64.21 -1.18 7.59
CA SER K 335 -64.04 -2.44 6.84
C SER K 335 -64.62 -3.73 7.41
N ASP K 336 -65.16 -3.67 8.62
CA ASP K 336 -65.85 -4.78 9.31
C ASP K 336 -65.67 -6.26 8.89
N TYR K 337 -65.54 -6.57 7.60
CA TYR K 337 -65.36 -7.96 7.20
C TYR K 337 -64.01 -8.55 7.68
N GLU K 338 -64.12 -9.18 8.86
CA GLU K 338 -63.13 -10.01 9.54
C GLU K 338 -61.88 -9.26 10.02
N LYS K 339 -61.49 -9.56 11.26
CA LYS K 339 -60.42 -8.80 11.91
C LYS K 339 -59.21 -9.62 12.41
N THR K 340 -58.04 -8.98 12.42
CA THR K 340 -56.84 -9.60 12.96
C THR K 340 -56.87 -9.52 14.48
N GLY K 341 -55.81 -9.97 15.14
CA GLY K 341 -55.68 -9.76 16.57
C GLY K 341 -55.59 -8.28 16.93
N TRP K 344 -56.94 -5.69 11.00
CA TRP K 344 -56.64 -5.76 9.58
C TRP K 344 -57.58 -6.72 8.84
N ASP K 345 -57.91 -6.32 7.61
CA ASP K 345 -58.74 -7.08 6.69
C ASP K 345 -58.07 -8.40 6.33
N ILE K 346 -58.85 -9.46 6.24
CA ILE K 346 -58.35 -10.72 5.69
C ILE K 346 -58.44 -10.70 4.16
N ALA K 347 -58.27 -11.85 3.51
CA ALA K 347 -57.95 -11.85 2.09
C ALA K 347 -58.59 -12.95 1.25
N PRO K 348 -59.91 -12.86 1.03
CA PRO K 348 -60.50 -13.86 0.14
C PRO K 348 -60.09 -13.57 -1.31
N ASN K 349 -60.86 -12.79 -2.06
CA ASN K 349 -60.44 -12.41 -3.40
C ASN K 349 -59.16 -11.58 -3.41
N GLU K 350 -59.03 -10.68 -2.44
CA GLU K 350 -57.89 -9.76 -2.28
C GLU K 350 -56.60 -10.07 -3.04
N PHE K 351 -55.99 -11.23 -2.78
CA PHE K 351 -54.89 -11.72 -3.62
C PHE K 351 -55.25 -11.94 -5.10
N LYS K 352 -56.41 -12.54 -5.35
CA LYS K 352 -56.91 -12.76 -6.71
C LYS K 352 -57.23 -11.46 -7.46
N ASP K 353 -56.76 -10.32 -6.97
CA ASP K 353 -56.91 -9.07 -7.69
C ASP K 353 -55.56 -8.37 -7.78
N LEU K 354 -54.89 -8.26 -6.64
CA LEU K 354 -53.57 -7.64 -6.56
C LEU K 354 -52.63 -8.34 -7.55
N ILE K 355 -52.62 -9.67 -7.48
CA ILE K 355 -51.76 -10.48 -8.33
C ILE K 355 -52.14 -10.31 -9.79
N ARG K 356 -53.44 -10.44 -10.04
CA ARG K 356 -54.04 -10.27 -11.35
C ARG K 356 -53.69 -8.92 -11.98
N ARG K 357 -53.73 -7.89 -11.16
CA ARG K 357 -53.40 -6.54 -11.59
C ARG K 357 -51.95 -6.45 -12.02
N LEU K 358 -51.07 -7.11 -11.28
CA LEU K 358 -49.65 -7.13 -11.61
C LEU K 358 -49.24 -7.81 -12.93
N ARG K 359 -49.88 -8.93 -13.28
CA ARG K 359 -49.62 -9.61 -14.56
C ARG K 359 -50.15 -8.96 -15.85
N ALA K 360 -51.36 -8.44 -15.75
CA ALA K 360 -52.07 -7.77 -16.83
C ALA K 360 -51.48 -6.45 -17.27
N GLU K 361 -51.06 -5.66 -16.29
CA GLU K 361 -50.68 -4.28 -16.51
C GLU K 361 -49.16 -4.09 -16.50
N TYR K 362 -48.47 -4.91 -15.72
CA TYR K 362 -47.11 -4.60 -15.30
C TYR K 362 -46.12 -5.65 -15.81
N THR K 363 -45.69 -6.53 -14.91
CA THR K 363 -44.62 -7.48 -15.14
C THR K 363 -45.16 -8.88 -15.43
N ASP K 364 -44.46 -9.67 -16.24
CA ASP K 364 -44.82 -11.08 -16.38
C ASP K 364 -43.83 -12.06 -15.74
N LEU K 365 -42.92 -11.56 -14.91
CA LEU K 365 -41.97 -12.40 -14.18
C LEU K 365 -42.64 -13.24 -13.10
N PRO K 366 -42.05 -14.40 -12.76
CA PRO K 366 -42.53 -15.24 -11.64
C PRO K 366 -42.47 -14.51 -10.30
N ILE K 367 -43.53 -14.66 -9.53
CA ILE K 367 -43.72 -13.99 -8.24
C ILE K 367 -43.45 -14.89 -7.03
N TYR K 368 -42.73 -14.35 -6.03
CA TYR K 368 -42.57 -15.05 -4.76
C TYR K 368 -43.20 -14.24 -3.64
N ILE K 369 -44.11 -14.88 -2.90
CA ILE K 369 -44.72 -14.32 -1.70
C ILE K 369 -43.80 -14.44 -0.48
N THR K 370 -42.92 -13.45 -0.31
CA THR K 370 -41.88 -13.53 0.69
C THR K 370 -42.35 -13.32 2.13
N GLU K 371 -43.55 -12.78 2.31
CA GLU K 371 -44.25 -12.79 3.62
C GLU K 371 -45.78 -12.83 3.60
N ASN K 372 -46.34 -13.82 4.29
CA ASN K 372 -47.75 -13.77 4.67
C ASN K 372 -48.00 -14.42 6.04
N GLY K 373 -48.85 -13.78 6.83
CA GLY K 373 -49.19 -14.25 8.17
C GLY K 373 -49.99 -13.23 8.95
N ALA K 374 -50.23 -13.51 10.22
CA ALA K 374 -51.04 -12.63 11.04
C ALA K 374 -50.69 -12.78 12.52
N ALA K 375 -50.85 -11.69 13.27
CA ALA K 375 -50.68 -11.72 14.72
C ALA K 375 -52.02 -11.60 15.47
N PHE K 376 -52.29 -12.51 16.39
CA PHE K 376 -53.49 -12.37 17.22
C PHE K 376 -53.04 -12.52 18.66
N ASP K 377 -53.82 -12.00 19.59
CA ASP K 377 -53.42 -12.13 20.99
C ASP K 377 -53.59 -13.58 21.39
N ASP K 378 -52.58 -14.38 21.11
CA ASP K 378 -52.65 -15.80 21.40
C ASP K 378 -52.38 -15.96 22.87
N VAL K 379 -53.29 -16.64 23.56
CA VAL K 379 -53.10 -16.89 24.97
C VAL K 379 -52.77 -18.38 24.90
N LEU K 380 -51.56 -18.70 25.32
CA LEU K 380 -51.18 -20.09 25.47
C LEU K 380 -50.82 -20.59 26.85
N GLU K 381 -51.58 -21.59 27.27
CA GLU K 381 -51.46 -22.23 28.56
C GLU K 381 -51.65 -23.69 28.19
N ASN K 382 -52.02 -24.54 29.14
CA ASN K 382 -52.39 -25.92 28.83
C ASN K 382 -51.19 -26.71 28.31
N GLY K 383 -50.12 -26.74 29.09
CA GLY K 383 -48.91 -27.44 28.70
C GLY K 383 -48.31 -26.93 27.40
N ASN K 389 -58.61 -20.05 12.81
CA ASN K 389 -57.66 -19.54 13.80
C ASN K 389 -56.38 -19.08 13.11
N ARG K 390 -55.22 -19.47 13.66
CA ARG K 390 -53.96 -19.09 13.03
C ARG K 390 -53.81 -19.81 11.72
N ILE K 391 -54.32 -21.04 11.67
CA ILE K 391 -54.31 -21.86 10.47
C ILE K 391 -55.21 -21.32 9.36
N ASP K 392 -56.40 -20.86 9.73
CA ASP K 392 -57.34 -20.24 8.80
C ASP K 392 -56.78 -19.09 7.97
N TYR K 393 -56.21 -18.05 8.61
CA TYR K 393 -55.69 -16.89 7.88
C TYR K 393 -54.78 -17.40 6.80
N VAL K 394 -53.84 -18.22 7.27
CA VAL K 394 -52.77 -18.79 6.49
C VAL K 394 -53.27 -19.82 5.47
N ARG K 395 -54.25 -20.62 5.86
CA ARG K 395 -54.84 -21.63 4.98
C ARG K 395 -55.52 -21.11 3.72
N GLN K 396 -56.26 -20.02 3.82
CA GLN K 396 -56.90 -19.39 2.66
C GLN K 396 -55.90 -18.95 1.61
N HIS K 397 -54.79 -18.40 2.08
CA HIS K 397 -53.76 -17.92 1.17
C HIS K 397 -53.03 -19.07 0.46
N LEU K 398 -52.73 -20.17 1.14
CA LEU K 398 -52.12 -21.29 0.42
C LEU K 398 -53.04 -21.89 -0.65
N GLU K 399 -54.33 -21.96 -0.36
CA GLU K 399 -55.32 -22.33 -1.37
C GLU K 399 -55.33 -21.28 -2.48
N ALA K 400 -55.28 -20.02 -2.07
CA ALA K 400 -55.18 -18.92 -3.01
C ALA K 400 -53.86 -18.99 -3.76
N VAL K 401 -52.79 -19.43 -3.10
CA VAL K 401 -51.56 -19.65 -3.84
C VAL K 401 -51.79 -20.78 -4.82
N SER K 402 -52.47 -21.85 -4.39
CA SER K 402 -52.74 -22.97 -5.29
C SER K 402 -53.71 -22.63 -6.42
N ASP K 403 -53.71 -21.37 -6.87
CA ASP K 403 -54.75 -20.89 -7.77
C ASP K 403 -54.34 -19.62 -8.49
N GLU K 407 -53.58 -21.81 -12.27
CA GLU K 407 -54.33 -20.74 -12.94
C GLU K 407 -53.41 -19.99 -13.91
N GLY K 408 -52.11 -20.18 -13.74
CA GLY K 408 -51.13 -19.52 -14.57
C GLY K 408 -50.56 -18.24 -14.01
N MET K 409 -50.65 -18.17 -12.69
CA MET K 409 -50.25 -17.04 -11.89
C MET K 409 -48.76 -16.91 -11.54
N ASN K 410 -48.00 -17.96 -11.87
CA ASN K 410 -46.55 -17.92 -11.83
C ASN K 410 -46.22 -17.61 -10.41
N ILE K 411 -46.68 -18.50 -9.55
CA ILE K 411 -46.30 -18.48 -8.16
C ILE K 411 -45.12 -19.39 -7.91
N GLN K 412 -43.91 -18.85 -7.91
CA GLN K 412 -42.79 -19.77 -7.81
C GLN K 412 -42.55 -20.23 -6.38
N GLY K 413 -43.00 -19.40 -5.43
CA GLY K 413 -42.82 -19.66 -4.01
C GLY K 413 -43.70 -18.96 -2.98
N TYR K 414 -43.58 -19.40 -1.73
CA TYR K 414 -44.39 -18.90 -0.61
C TYR K 414 -43.62 -19.08 0.69
N TYR K 415 -43.33 -17.96 1.36
CA TYR K 415 -42.59 -17.94 2.63
C TYR K 415 -43.48 -17.55 3.80
N LEU K 416 -43.69 -18.42 4.78
CA LEU K 416 -44.55 -18.03 5.89
C LEU K 416 -43.95 -17.09 6.95
N TRP K 417 -44.54 -15.89 7.03
CA TRP K 417 -44.25 -14.86 8.03
C TRP K 417 -45.18 -14.89 9.23
N SER K 418 -44.61 -14.97 10.43
CA SER K 418 -43.16 -15.06 10.55
C SER K 418 -42.89 -16.37 11.28
N LEU K 419 -41.64 -16.82 11.23
CA LEU K 419 -41.25 -18.05 11.90
C LEU K 419 -41.44 -18.08 13.42
N MET K 420 -40.89 -17.09 14.11
CA MET K 420 -41.01 -16.96 15.56
C MET K 420 -41.57 -15.62 16.02
N ASP K 421 -42.05 -15.59 17.27
CA ASP K 421 -42.41 -14.35 17.92
C ASP K 421 -41.16 -13.46 17.99
N ASN K 422 -41.33 -12.20 17.63
CA ASN K 422 -40.24 -11.25 17.41
C ASN K 422 -40.60 -9.84 17.86
N PHE K 423 -39.63 -8.94 17.80
CA PHE K 423 -39.80 -7.52 18.13
C PHE K 423 -40.83 -6.71 17.33
N GLU K 424 -41.54 -7.36 16.41
CA GLU K 424 -42.52 -6.73 15.50
C GLU K 424 -42.45 -5.20 15.42
N TRP K 425 -41.28 -4.68 15.03
CA TRP K 425 -41.09 -3.28 14.64
C TRP K 425 -41.51 -2.23 15.68
N SER K 426 -42.43 -1.33 15.30
CA SER K 426 -42.80 -0.25 16.21
C SER K 426 -43.58 -0.75 17.42
N PHE K 427 -44.15 -1.94 17.31
CA PHE K 427 -44.82 -2.58 18.45
C PHE K 427 -43.81 -3.30 19.34
N GLU K 444 -37.00 -22.85 26.14
CA GLU K 444 -38.08 -23.70 25.62
C GLU K 444 -38.36 -23.45 24.15
N ARG K 445 -38.42 -24.57 23.42
CA ARG K 445 -38.87 -24.60 22.04
C ARG K 445 -40.39 -24.74 22.11
N ILE K 446 -41.09 -23.84 21.44
CA ILE K 446 -42.54 -23.96 21.29
C ILE K 446 -43.03 -24.01 19.84
N TRP K 447 -43.77 -25.09 19.56
CA TRP K 447 -44.41 -25.30 18.27
C TRP K 447 -45.90 -25.01 18.33
N LYS K 448 -46.45 -24.41 17.27
CA LYS K 448 -47.90 -24.29 17.12
C LYS K 448 -48.58 -25.41 16.33
N ASP K 449 -49.91 -25.42 16.43
CA ASP K 449 -50.78 -26.36 15.74
C ASP K 449 -50.62 -26.18 14.23
N SER K 450 -50.31 -24.95 13.85
CA SER K 450 -50.02 -24.57 12.48
C SER K 450 -48.78 -25.23 11.89
N ALA K 451 -47.77 -25.47 12.69
CA ALA K 451 -46.58 -26.17 12.20
C ALA K 451 -46.83 -27.61 11.74
N LYS K 452 -47.49 -28.43 12.55
CA LYS K 452 -47.87 -29.79 12.10
C LYS K 452 -48.69 -29.76 10.82
N TRP K 453 -49.70 -28.89 10.79
CA TRP K 453 -50.52 -28.70 9.60
C TRP K 453 -49.63 -28.23 8.46
N TYR K 454 -48.76 -27.26 8.73
CA TYR K 454 -47.86 -26.71 7.72
C TYR K 454 -46.91 -27.82 7.30
N ALA K 455 -46.43 -28.57 8.29
CA ALA K 455 -45.62 -29.76 8.06
C ALA K 455 -46.42 -30.73 7.20
N GLY K 456 -47.69 -30.91 7.53
CA GLY K 456 -48.57 -31.78 6.78
C GLY K 456 -48.85 -31.24 5.39
N VAL K 457 -48.87 -29.92 5.24
CA VAL K 457 -48.96 -29.37 3.90
C VAL K 457 -47.69 -29.79 3.17
N ILE K 458 -46.55 -29.62 3.85
CA ILE K 458 -45.26 -30.06 3.33
C ILE K 458 -45.13 -31.57 3.19
N ALA K 459 -45.61 -32.32 4.19
CA ALA K 459 -45.53 -33.79 4.20
C ALA K 459 -46.32 -34.53 3.11
N ASP K 460 -47.60 -34.21 2.94
CA ASP K 460 -48.41 -34.83 1.89
C ASP K 460 -47.83 -34.50 0.51
N HIS K 461 -47.36 -33.26 0.43
CA HIS K 461 -46.63 -32.66 -0.68
C HIS K 461 -45.31 -33.41 -0.91
N LYS K 462 -44.55 -33.56 0.16
CA LYS K 462 -43.22 -34.18 0.14
C LYS K 462 -43.11 -35.58 -0.51
N ALA K 463 -42.46 -35.45 -1.68
CA ALA K 463 -42.16 -36.49 -2.66
C ALA K 463 -43.34 -37.39 -2.96
N LYS K 464 -44.47 -36.80 -3.37
CA LYS K 464 -45.61 -37.62 -3.70
C LYS K 464 -45.55 -37.94 -5.20
N HIS K 465 -44.73 -37.19 -5.93
CA HIS K 465 -44.58 -37.38 -7.37
C HIS K 465 -43.57 -38.48 -7.67
N MET L 22 -49.73 22.75 -52.79
CA MET L 22 -50.84 23.48 -52.19
C MET L 22 -52.17 22.94 -52.70
N HIS L 23 -52.12 21.70 -53.20
CA HIS L 23 -53.29 20.95 -53.62
C HIS L 23 -54.13 20.51 -52.42
N PHE L 24 -55.46 20.54 -52.58
CA PHE L 24 -56.37 20.10 -51.53
C PHE L 24 -57.37 19.15 -52.18
N LYS L 25 -58.63 19.21 -51.76
CA LYS L 25 -59.63 18.34 -52.33
C LYS L 25 -60.83 19.18 -52.79
N LYS L 26 -61.66 18.61 -53.66
CA LYS L 26 -62.81 19.34 -54.18
C LYS L 26 -63.90 19.63 -53.15
N ASP L 27 -64.03 18.77 -52.14
CA ASP L 27 -65.01 19.01 -51.08
C ASP L 27 -64.48 19.86 -49.93
N PHE L 28 -63.25 20.35 -50.04
CA PHE L 28 -62.67 21.19 -49.01
C PHE L 28 -63.34 22.57 -48.95
N VAL L 29 -63.67 22.99 -47.74
CA VAL L 29 -64.40 24.24 -47.51
C VAL L 29 -63.44 25.35 -47.06
N PHE L 30 -63.35 26.40 -47.88
CA PHE L 30 -62.68 27.63 -47.46
C PHE L 30 -63.69 28.51 -46.75
N GLY L 31 -63.20 29.28 -45.77
CA GLY L 31 -64.07 30.12 -44.99
C GLY L 31 -63.42 31.29 -44.29
N THR L 32 -64.26 32.11 -43.66
CA THR L 32 -63.82 33.17 -42.78
C THR L 32 -64.76 33.20 -41.57
N ALA L 33 -64.41 33.94 -40.53
CA ALA L 33 -65.11 33.82 -39.26
C ALA L 33 -65.10 35.10 -38.43
N THR L 34 -66.11 35.22 -37.57
CA THR L 34 -66.26 36.34 -36.63
C THR L 34 -66.94 35.85 -35.36
N SER L 35 -67.07 36.75 -34.38
CA SER L 35 -67.94 36.51 -33.23
C SER L 35 -68.84 37.70 -32.96
N SER L 36 -69.94 37.45 -32.28
CA SER L 36 -71.02 38.43 -32.17
C SER L 36 -70.67 39.74 -31.48
N TYR L 37 -70.13 39.68 -30.27
CA TYR L 37 -69.81 40.89 -29.52
C TYR L 37 -68.66 41.75 -30.07
N GLN L 38 -67.76 41.13 -30.81
CA GLN L 38 -66.62 41.87 -31.37
C GLN L 38 -67.01 42.79 -32.52
N ILE L 39 -68.05 42.42 -33.26
CA ILE L 39 -68.42 43.19 -34.45
C ILE L 39 -69.81 43.85 -34.40
N GLU L 40 -70.82 43.21 -33.81
CA GLU L 40 -72.21 43.65 -34.05
C GLU L 40 -72.48 45.09 -33.63
N GLY L 41 -72.22 45.42 -32.37
CA GLY L 41 -72.63 46.71 -31.85
C GLY L 41 -74.11 46.91 -31.58
N ALA L 42 -74.54 48.15 -31.81
CA ALA L 42 -75.93 48.63 -31.62
C ALA L 42 -76.59 48.22 -30.31
N HIS L 43 -75.89 48.47 -29.21
CA HIS L 43 -76.26 47.89 -27.92
C HIS L 43 -77.54 48.49 -27.31
N ASN L 44 -77.86 49.74 -27.65
CA ASN L 44 -79.08 50.39 -27.15
C ASN L 44 -80.36 50.11 -27.94
N GLU L 45 -80.22 49.43 -29.07
CA GLU L 45 -81.34 49.09 -29.95
C GLU L 45 -81.60 47.59 -30.07
N GLY L 46 -82.83 47.24 -30.48
CA GLY L 46 -83.26 45.87 -30.62
C GLY L 46 -83.47 44.94 -29.44
N GLY L 47 -83.80 45.48 -28.28
CA GLY L 47 -83.97 44.65 -27.11
C GLY L 47 -82.76 44.17 -26.33
N ARG L 48 -81.58 44.65 -26.69
CA ARG L 48 -80.35 44.21 -26.04
C ARG L 48 -80.27 44.70 -24.60
N THR L 49 -79.82 43.81 -23.73
CA THR L 49 -79.55 44.09 -22.32
C THR L 49 -78.05 44.01 -22.08
N PRO L 50 -77.56 44.51 -20.92
CA PRO L 50 -76.10 44.53 -20.83
C PRO L 50 -75.56 43.10 -20.81
N SER L 51 -74.42 42.90 -21.46
CA SER L 51 -73.73 41.62 -21.36
C SER L 51 -72.62 41.63 -20.33
N ILE L 52 -72.12 40.45 -20.04
CA ILE L 52 -70.97 40.28 -19.16
C ILE L 52 -69.76 41.13 -19.53
N TRP L 53 -69.52 41.26 -20.83
CA TRP L 53 -68.40 42.05 -21.36
C TRP L 53 -68.61 43.55 -21.16
N ASP L 54 -69.87 43.97 -21.10
CA ASP L 54 -70.24 45.35 -20.78
C ASP L 54 -69.80 45.71 -19.36
N MET L 55 -70.12 44.84 -18.40
CA MET L 55 -69.76 45.06 -17.00
C MET L 55 -68.24 44.96 -16.82
N PHE L 56 -67.63 44.04 -17.55
CA PHE L 56 -66.18 43.88 -17.56
C PHE L 56 -65.43 45.11 -18.07
N CYS L 57 -65.90 45.69 -19.17
CA CYS L 57 -65.35 46.94 -19.72
C CYS L 57 -65.38 48.14 -18.77
N ASP L 58 -66.40 48.23 -17.93
CA ASP L 58 -66.50 49.31 -16.96
C ASP L 58 -65.65 49.13 -15.69
N ILE L 59 -65.16 47.93 -15.43
CA ILE L 59 -64.30 47.76 -14.25
C ILE L 59 -62.90 48.33 -14.52
N ASP L 60 -62.41 49.08 -13.56
CA ASP L 60 -61.16 49.83 -13.67
C ASP L 60 -59.89 48.98 -13.73
N GLY L 61 -59.09 49.23 -14.77
CA GLY L 61 -57.78 48.59 -14.89
C GLY L 61 -57.65 47.22 -15.51
N ARG L 62 -58.73 46.69 -16.08
CA ARG L 62 -58.66 45.34 -16.63
C ARG L 62 -58.35 45.38 -18.12
N VAL L 63 -58.91 46.37 -18.83
CA VAL L 63 -58.70 46.46 -20.27
C VAL L 63 -58.14 47.84 -20.62
N PHE L 64 -57.28 47.87 -21.65
CA PHE L 64 -56.62 49.11 -22.07
C PHE L 64 -57.60 50.24 -22.37
N GLU L 65 -57.51 51.26 -21.53
CA GLU L 65 -58.29 52.50 -21.60
C GLU L 65 -59.82 52.40 -21.67
N LYS L 66 -60.41 51.47 -20.91
CA LYS L 66 -61.87 51.28 -20.84
C LYS L 66 -62.62 51.03 -22.17
N HIS L 67 -61.95 50.55 -23.21
CA HIS L 67 -62.61 50.35 -24.50
C HIS L 67 -63.70 49.27 -24.42
N ASN L 68 -64.71 49.40 -25.28
CA ASN L 68 -65.85 48.50 -25.29
C ASN L 68 -66.43 48.21 -26.68
N GLY L 69 -67.42 47.33 -26.72
CA GLY L 69 -68.12 46.94 -27.93
C GLY L 69 -69.49 47.55 -28.21
N ASP L 70 -69.73 48.77 -27.72
CA ASP L 70 -70.99 49.46 -27.95
C ASP L 70 -71.33 49.64 -29.43
N VAL L 71 -70.38 50.20 -30.19
CA VAL L 71 -70.56 50.40 -31.63
C VAL L 71 -69.84 49.32 -32.45
N ALA L 72 -68.56 49.10 -32.14
CA ALA L 72 -67.73 48.12 -32.83
C ALA L 72 -67.69 48.35 -34.34
N CYS L 73 -67.92 47.30 -35.12
CA CYS L 73 -67.96 47.44 -36.57
C CYS L 73 -69.34 47.78 -37.13
N ASP L 74 -70.31 47.97 -36.23
CA ASP L 74 -71.65 48.40 -36.60
C ASP L 74 -72.30 47.45 -37.62
N HIS L 75 -72.06 46.15 -37.45
CA HIS L 75 -72.49 45.14 -38.40
C HIS L 75 -74.00 44.90 -38.31
N TYR L 76 -74.55 45.15 -37.12
CA TYR L 76 -75.97 45.01 -36.89
C TYR L 76 -76.76 45.91 -37.85
N HIS L 77 -76.21 47.10 -38.09
CA HIS L 77 -76.77 48.05 -39.04
C HIS L 77 -76.28 47.82 -40.47
N ARG L 78 -74.98 47.52 -40.59
CA ARG L 78 -74.29 47.39 -41.88
C ARG L 78 -74.12 45.93 -42.37
N TYR L 79 -75.06 45.06 -42.03
CA TYR L 79 -74.97 43.63 -42.39
C TYR L 79 -74.95 43.27 -43.88
N GLU L 80 -75.61 44.06 -44.72
CA GLU L 80 -75.67 43.81 -46.17
C GLU L 80 -74.32 44.03 -46.87
N GLU L 81 -73.63 45.10 -46.50
CA GLU L 81 -72.29 45.41 -47.00
C GLU L 81 -71.23 44.33 -46.77
N ASP L 82 -71.22 43.73 -45.59
CA ASP L 82 -70.26 42.67 -45.28
C ASP L 82 -70.51 41.36 -46.05
N ILE L 83 -71.77 41.08 -46.34
CA ILE L 83 -72.17 39.97 -47.21
C ILE L 83 -71.61 40.02 -48.64
N GLN L 84 -71.54 41.22 -49.22
CA GLN L 84 -71.01 41.43 -50.56
C GLN L 84 -69.52 41.09 -50.65
N HIS L 85 -68.76 41.56 -49.68
CA HIS L 85 -67.34 41.24 -49.49
C HIS L 85 -67.05 39.75 -49.46
N ILE L 86 -67.93 38.98 -48.84
CA ILE L 86 -67.79 37.54 -48.76
C ILE L 86 -67.91 36.84 -50.13
N LYS L 87 -68.94 37.16 -50.91
CA LYS L 87 -69.02 36.66 -52.28
C LYS L 87 -67.77 36.96 -53.12
N LYS L 88 -67.18 38.14 -52.92
CA LYS L 88 -65.98 38.51 -53.68
C LYS L 88 -64.73 37.71 -53.31
N LEU L 89 -64.56 37.40 -52.03
CA LEU L 89 -63.47 36.52 -51.62
C LEU L 89 -63.64 35.14 -52.23
N GLY L 90 -64.89 34.78 -52.47
CA GLY L 90 -65.24 33.51 -53.09
C GLY L 90 -65.18 32.41 -52.06
N VAL L 91 -65.21 32.80 -50.79
CA VAL L 91 -65.20 31.83 -49.69
C VAL L 91 -66.47 30.99 -49.66
N ASP L 92 -66.29 29.72 -49.37
CA ASP L 92 -67.38 28.76 -49.24
C ASP L 92 -68.24 28.99 -47.99
N THR L 93 -67.61 29.48 -46.92
CA THR L 93 -68.30 29.60 -45.63
C THR L 93 -68.05 30.88 -44.84
N TYR L 94 -69.11 31.39 -44.21
CA TYR L 94 -68.99 32.47 -43.24
C TYR L 94 -69.44 31.99 -41.86
N ARG L 95 -68.55 32.13 -40.88
CA ARG L 95 -68.84 31.75 -39.50
C ARG L 95 -69.17 32.96 -38.64
N PHE L 96 -70.30 32.92 -37.95
CA PHE L 96 -70.66 33.98 -37.00
C PHE L 96 -71.28 33.44 -35.72
N SER L 97 -71.30 34.29 -34.69
CA SER L 97 -71.90 33.93 -33.41
C SER L 97 -73.22 34.66 -33.16
N ILE L 98 -74.09 34.06 -32.33
CA ILE L 98 -75.36 34.66 -31.95
C ILE L 98 -75.27 35.38 -30.60
N ALA L 99 -75.76 36.61 -30.53
CA ALA L 99 -75.79 37.35 -29.27
C ALA L 99 -76.96 36.91 -28.39
N TRP L 100 -76.62 36.17 -27.34
CA TRP L 100 -77.59 35.73 -26.33
C TRP L 100 -78.46 36.85 -25.70
N PRO L 101 -77.86 38.01 -25.31
CA PRO L 101 -78.70 39.05 -24.69
C PRO L 101 -79.68 39.79 -25.62
N ARG L 102 -79.57 39.62 -26.93
CA ARG L 102 -80.63 40.05 -27.85
C ARG L 102 -81.83 39.13 -27.96
N ILE L 103 -81.61 37.83 -27.81
CA ILE L 103 -82.66 36.86 -27.99
C ILE L 103 -83.45 36.65 -26.69
N PHE L 104 -82.75 36.58 -25.55
CA PHE L 104 -83.43 36.50 -24.25
C PHE L 104 -82.98 37.61 -23.31
N PRO L 105 -83.47 38.84 -23.56
CA PRO L 105 -83.14 39.96 -22.67
C PRO L 105 -83.66 39.73 -21.26
N ALA L 106 -84.70 38.91 -21.13
CA ALA L 106 -85.14 38.40 -19.85
C ALA L 106 -85.37 36.89 -19.92
N LYS L 107 -85.40 36.26 -18.75
CA LYS L 107 -85.61 34.82 -18.66
C LYS L 107 -87.00 34.45 -19.17
N GLY L 108 -87.07 33.48 -20.09
CA GLY L 108 -88.35 33.03 -20.62
C GLY L 108 -89.09 33.95 -21.58
N GLU L 109 -88.48 35.07 -21.96
CA GLU L 109 -89.14 36.05 -22.82
C GLU L 109 -88.40 36.12 -24.15
N TYR L 110 -88.91 35.39 -25.14
CA TYR L 110 -88.33 35.36 -26.47
C TYR L 110 -88.45 36.75 -27.10
N ASN L 111 -87.36 37.18 -27.73
CA ASN L 111 -87.27 38.47 -28.39
C ASN L 111 -87.09 38.32 -29.89
N PRO L 112 -88.19 38.33 -30.65
CA PRO L 112 -88.16 38.03 -32.09
C PRO L 112 -87.36 39.07 -32.89
N GLU L 113 -87.23 40.29 -32.36
CA GLU L 113 -86.39 41.30 -33.00
C GLU L 113 -84.92 40.90 -33.13
N GLY L 114 -84.36 40.28 -32.09
CA GLY L 114 -82.99 39.82 -32.16
C GLY L 114 -82.79 38.73 -33.21
N MET L 115 -83.70 37.76 -33.19
CA MET L 115 -83.70 36.66 -34.16
C MET L 115 -83.95 37.13 -35.59
N ALA L 116 -84.75 38.18 -35.72
CA ALA L 116 -85.08 38.73 -37.03
C ALA L 116 -83.83 39.18 -37.78
N PHE L 117 -82.94 39.89 -37.08
CA PHE L 117 -81.69 40.36 -37.68
C PHE L 117 -80.93 39.19 -38.32
N TYR L 118 -80.86 38.09 -37.57
CA TYR L 118 -80.23 36.85 -38.03
C TYR L 118 -81.04 36.12 -39.10
N LYS L 119 -82.36 36.14 -38.97
CA LYS L 119 -83.23 35.55 -39.98
C LYS L 119 -83.08 36.14 -41.38
N ASN L 120 -82.97 37.47 -41.50
CA ASN L 120 -82.70 38.08 -42.81
C ASN L 120 -81.29 37.69 -43.28
N LEU L 121 -80.34 37.76 -42.35
CA LEU L 121 -78.94 37.40 -42.57
C LEU L 121 -78.70 35.97 -43.04
N ALA L 122 -79.39 35.01 -42.42
CA ALA L 122 -79.26 33.61 -42.80
C ALA L 122 -79.83 33.32 -44.19
N LEU L 123 -80.95 33.94 -44.51
CA LEU L 123 -81.56 33.74 -45.83
C LEU L 123 -80.71 34.30 -46.97
N ARG L 124 -80.17 35.50 -46.77
CA ARG L 124 -79.26 36.13 -47.74
C ARG L 124 -77.95 35.38 -47.97
N LEU L 125 -77.38 34.81 -46.91
CA LEU L 125 -76.18 34.00 -47.07
C LEU L 125 -76.52 32.79 -47.93
N ARG L 126 -77.66 32.18 -47.65
CA ARG L 126 -78.15 31.07 -48.46
C ARG L 126 -78.38 31.48 -49.91
N GLU L 127 -79.03 32.63 -50.11
CA GLU L 127 -79.21 33.20 -51.44
C GLU L 127 -77.92 33.36 -52.24
N GLU L 128 -76.85 33.79 -51.58
CA GLU L 128 -75.57 33.97 -52.28
C GLU L 128 -74.73 32.70 -52.36
N GLY L 129 -75.31 31.57 -52.01
CA GLY L 129 -74.58 30.31 -52.05
C GLY L 129 -73.51 30.17 -50.98
N ILE L 130 -73.66 30.88 -49.88
CA ILE L 130 -72.66 30.86 -48.81
C ILE L 130 -73.15 30.12 -47.56
N LYS L 131 -72.36 29.13 -47.15
CA LYS L 131 -72.64 28.32 -45.98
C LYS L 131 -72.42 29.08 -44.67
N PRO L 132 -73.48 29.18 -43.84
CA PRO L 132 -73.43 29.81 -42.52
C PRO L 132 -73.00 28.84 -41.42
N ALA L 133 -71.91 29.18 -40.73
CA ALA L 133 -71.42 28.38 -39.62
C ALA L 133 -71.70 29.12 -38.32
N VAL L 134 -72.58 28.58 -37.49
CA VAL L 134 -73.12 29.35 -36.38
C VAL L 134 -72.61 28.91 -35.01
N THR L 135 -72.03 29.86 -34.29
CA THR L 135 -71.59 29.63 -32.92
C THR L 135 -72.69 30.07 -31.97
N ILE L 136 -73.17 29.16 -31.13
CA ILE L 136 -74.23 29.48 -30.19
C ILE L 136 -73.72 30.33 -29.05
N TYR L 137 -72.63 29.89 -28.43
CA TYR L 137 -72.04 30.59 -27.30
C TYR L 137 -70.62 31.07 -27.60
N HIS L 138 -70.46 32.39 -27.69
CA HIS L 138 -69.13 32.96 -27.85
C HIS L 138 -68.89 34.01 -26.77
N TRP L 139 -69.20 33.61 -25.53
CA TRP L 139 -68.77 34.26 -24.28
C TRP L 139 -69.69 35.40 -23.81
N ASP L 140 -70.71 35.76 -24.58
CA ASP L 140 -71.53 36.92 -24.23
C ASP L 140 -72.76 36.52 -23.42
N LEU L 141 -72.53 36.03 -22.21
CA LEU L 141 -73.59 35.66 -21.27
C LEU L 141 -74.35 36.90 -20.78
N PRO L 142 -75.69 36.82 -20.74
CA PRO L 142 -76.47 37.95 -20.24
C PRO L 142 -76.22 38.19 -18.75
N MET L 143 -76.30 39.44 -18.33
CA MET L 143 -76.06 39.83 -16.95
C MET L 143 -77.02 39.25 -15.92
N TRP L 144 -78.28 39.05 -16.31
CA TRP L 144 -79.23 38.36 -15.43
C TRP L 144 -78.79 36.94 -15.06
N ALA L 145 -78.08 36.27 -15.95
CA ALA L 145 -77.58 34.92 -15.65
C ALA L 145 -76.41 34.96 -14.67
N HIS L 146 -75.45 35.85 -14.95
CA HIS L 146 -74.30 36.10 -14.08
C HIS L 146 -74.61 36.42 -12.62
N GLU L 147 -75.62 37.24 -12.38
CA GLU L 147 -75.98 37.66 -11.02
C GLU L 147 -76.52 36.57 -10.10
N GLU L 148 -77.00 35.49 -10.69
CA GLU L 148 -77.35 34.29 -9.93
C GLU L 148 -76.20 33.28 -9.87
N GLY L 149 -75.01 33.75 -10.22
CA GLY L 149 -73.80 32.94 -10.22
C GLY L 149 -73.21 32.56 -11.56
N GLY L 150 -73.97 32.69 -12.65
CA GLY L 150 -73.43 32.34 -13.95
C GLY L 150 -73.17 30.86 -14.17
N TRP L 151 -72.04 30.57 -14.83
CA TRP L 151 -71.64 29.20 -15.12
C TRP L 151 -71.24 28.40 -13.88
N VAL L 152 -70.98 29.10 -12.78
CA VAL L 152 -70.66 28.45 -11.52
C VAL L 152 -71.90 27.68 -11.03
N ASN L 153 -73.07 28.21 -11.36
CA ASN L 153 -74.33 27.56 -11.04
C ASN L 153 -74.64 26.46 -12.06
N ARG L 154 -75.06 25.29 -11.58
CA ARG L 154 -75.44 24.19 -12.46
C ARG L 154 -76.67 24.49 -13.30
N GLU L 155 -77.54 25.36 -12.80
CA GLU L 155 -78.69 25.87 -13.54
C GLU L 155 -78.33 26.46 -14.91
N SER L 156 -77.13 27.02 -15.01
CA SER L 156 -76.60 27.55 -16.27
C SER L 156 -76.67 26.56 -17.44
N VAL L 157 -76.66 25.27 -17.13
CA VAL L 157 -76.88 24.24 -18.14
C VAL L 157 -78.27 24.37 -18.75
N ASP L 158 -79.27 24.53 -17.89
CA ASP L 158 -80.66 24.62 -18.33
C ASP L 158 -81.02 25.95 -18.98
N TRP L 159 -80.38 27.05 -18.59
CA TRP L 159 -80.64 28.32 -19.26
C TRP L 159 -80.13 28.24 -20.69
N PHE L 160 -78.91 27.76 -20.83
CA PHE L 160 -78.35 27.53 -22.14
C PHE L 160 -79.05 26.49 -23.00
N LEU L 161 -79.59 25.46 -22.37
CA LEU L 161 -80.32 24.47 -23.12
C LEU L 161 -81.64 24.97 -23.69
N ASP L 162 -82.37 25.80 -22.94
CA ASP L 162 -83.55 26.41 -23.49
C ASP L 162 -83.13 27.32 -24.64
N TYR L 163 -82.02 28.02 -24.43
CA TYR L 163 -81.37 28.86 -25.45
C TYR L 163 -80.80 28.02 -26.61
N ALA L 164 -81.64 27.20 -27.22
CA ALA L 164 -81.18 26.35 -28.32
C ALA L 164 -82.35 25.88 -29.17
N LYS L 165 -83.42 25.47 -28.49
CA LYS L 165 -84.64 25.02 -29.15
C LYS L 165 -85.14 26.08 -30.12
N VAL L 166 -85.22 27.32 -29.64
CA VAL L 166 -85.64 28.45 -30.46
C VAL L 166 -84.69 28.69 -31.63
N CYS L 167 -83.40 28.49 -31.42
CA CYS L 167 -82.44 28.57 -32.52
C CYS L 167 -82.60 27.40 -33.50
N PHE L 168 -82.80 26.20 -32.97
CA PHE L 168 -83.02 25.01 -33.79
C PHE L 168 -84.31 24.99 -34.63
N GLU L 169 -85.45 25.28 -34.00
CA GLU L 169 -86.73 25.26 -34.70
C GLU L 169 -86.79 26.12 -35.96
N GLU L 170 -86.27 27.34 -35.86
CA GLU L 170 -86.38 28.28 -36.97
C GLU L 170 -85.22 28.30 -37.96
N LEU L 171 -84.04 27.87 -37.54
CA LEU L 171 -82.87 28.05 -38.41
C LEU L 171 -82.12 26.78 -38.82
N ASP L 172 -82.45 25.64 -38.23
CA ASP L 172 -81.71 24.41 -38.49
C ASP L 172 -81.88 23.98 -39.94
N ASP L 173 -82.98 24.39 -40.54
CA ASP L 173 -83.23 24.17 -41.96
C ASP L 173 -82.33 25.03 -42.86
N ILE L 174 -81.89 26.17 -42.33
CA ILE L 174 -81.07 27.09 -43.11
C ILE L 174 -79.58 26.86 -42.85
N VAL L 175 -79.22 26.76 -41.57
CA VAL L 175 -77.82 26.67 -41.18
C VAL L 175 -77.22 25.35 -41.67
N ASP L 176 -75.98 25.39 -42.10
CA ASP L 176 -75.33 24.22 -42.67
C ASP L 176 -74.59 23.44 -41.58
N SER L 177 -74.01 24.15 -40.63
CA SER L 177 -73.34 23.50 -39.51
C SER L 177 -73.42 24.30 -38.20
N TRP L 178 -73.45 23.56 -37.09
CA TRP L 178 -73.50 24.13 -35.74
C TRP L 178 -72.21 23.94 -34.95
N ILE L 179 -71.75 25.01 -34.30
CA ILE L 179 -70.69 24.91 -33.32
C ILE L 179 -71.24 25.33 -31.96
N THR L 180 -71.23 24.40 -31.00
CA THR L 180 -71.81 24.67 -29.68
C THR L 180 -71.00 25.68 -28.88
N HIS L 181 -69.72 25.40 -28.66
CA HIS L 181 -68.89 26.26 -27.83
C HIS L 181 -67.58 26.66 -28.50
N ASN L 182 -67.20 27.92 -28.36
CA ASN L 182 -65.88 28.37 -28.78
C ASN L 182 -64.98 28.56 -27.57
N GLU L 183 -63.86 27.84 -27.54
CA GLU L 183 -62.80 28.04 -26.56
C GLU L 183 -63.31 28.15 -25.11
N PRO L 184 -63.81 27.03 -24.54
CA PRO L 184 -64.20 26.98 -23.12
C PRO L 184 -63.04 27.27 -22.18
N TRP L 185 -61.82 27.14 -22.68
CA TRP L 185 -60.64 27.54 -21.93
C TRP L 185 -60.60 29.04 -21.66
N CYS L 186 -60.89 29.85 -22.68
CA CYS L 186 -60.96 31.29 -22.52
C CYS L 186 -62.09 31.69 -21.59
N ALA L 187 -63.30 31.28 -21.97
CA ALA L 187 -64.50 31.55 -21.19
C ALA L 187 -64.44 30.97 -19.77
N GLY L 188 -63.70 29.88 -19.59
CA GLY L 188 -63.62 29.23 -18.30
C GLY L 188 -62.42 29.58 -17.43
N PHE L 189 -61.26 29.02 -17.77
CA PHE L 189 -60.06 29.17 -16.95
C PHE L 189 -59.47 30.58 -16.97
N LEU L 190 -59.27 31.12 -18.16
CA LEU L 190 -58.71 32.45 -18.31
C LEU L 190 -59.61 33.53 -17.69
N GLY L 191 -60.90 33.23 -17.66
CA GLY L 191 -61.90 34.13 -17.10
C GLY L 191 -62.20 33.99 -15.62
N TYR L 192 -62.27 32.75 -15.13
CA TYR L 192 -62.64 32.51 -13.74
C TYR L 192 -61.44 32.21 -12.88
N HIS L 193 -60.32 31.84 -13.48
CA HIS L 193 -59.13 31.58 -12.68
C HIS L 193 -58.14 32.74 -12.83
N VAL L 194 -57.81 33.13 -14.07
CA VAL L 194 -56.83 34.19 -14.29
C VAL L 194 -57.46 35.61 -14.37
N GLY L 195 -58.79 35.67 -14.46
CA GLY L 195 -59.50 36.93 -14.42
C GLY L 195 -59.32 37.92 -15.58
N VAL L 196 -58.80 37.45 -16.71
CA VAL L 196 -58.49 38.34 -17.84
C VAL L 196 -59.65 38.60 -18.82
N HIS L 197 -60.52 37.60 -19.03
CA HIS L 197 -61.66 37.75 -19.95
C HIS L 197 -63.03 37.69 -19.26
N ALA L 198 -63.45 36.47 -18.98
CA ALA L 198 -64.77 36.15 -18.43
C ALA L 198 -64.83 36.66 -16.99
N PRO L 199 -65.96 37.26 -16.57
CA PRO L 199 -66.18 38.41 -15.67
C PRO L 199 -65.02 38.84 -14.75
N GLY L 200 -63.85 38.24 -14.89
CA GLY L 200 -62.67 38.68 -14.17
C GLY L 200 -62.62 38.16 -12.75
N HIS L 201 -63.06 36.92 -12.57
CA HIS L 201 -63.02 36.30 -11.26
C HIS L 201 -61.66 35.63 -11.12
N ARG L 202 -61.26 35.35 -9.89
CA ARG L 202 -59.99 34.68 -9.66
C ARG L 202 -60.16 33.55 -8.66
N ASP L 203 -60.72 32.44 -9.15
CA ASP L 203 -61.10 31.32 -8.30
C ASP L 203 -61.09 30.02 -9.09
N MET L 204 -60.14 29.15 -8.77
CA MET L 204 -60.00 27.87 -9.48
C MET L 204 -61.20 26.95 -9.30
N ASN L 205 -61.83 27.02 -8.14
CA ASN L 205 -63.02 26.21 -7.87
C ASN L 205 -64.17 26.57 -8.80
N GLU L 206 -64.46 27.86 -8.90
CA GLU L 206 -65.42 28.37 -9.86
C GLU L 206 -65.10 28.01 -11.30
N ALA L 207 -63.82 28.05 -11.66
CA ALA L 207 -63.38 27.79 -13.03
C ALA L 207 -63.65 26.37 -13.55
N VAL L 208 -63.31 25.35 -12.77
CA VAL L 208 -63.57 23.96 -13.16
C VAL L 208 -65.05 23.63 -13.19
N ARG L 209 -65.82 24.24 -12.28
CA ARG L 209 -67.27 24.13 -12.29
C ARG L 209 -67.90 24.83 -13.49
N ALA L 210 -67.33 25.97 -13.88
CA ALA L 210 -67.79 26.70 -15.06
C ALA L 210 -67.54 25.92 -16.34
N VAL L 211 -66.34 25.39 -16.47
CA VAL L 211 -65.95 24.59 -17.62
C VAL L 211 -66.83 23.35 -17.80
N HIS L 212 -67.05 22.63 -16.71
CA HIS L 212 -67.87 21.43 -16.73
C HIS L 212 -69.29 21.74 -17.18
N HIS L 213 -69.84 22.87 -16.75
CA HIS L 213 -71.21 23.23 -17.12
C HIS L 213 -71.29 23.71 -18.56
N MET L 214 -70.24 24.36 -19.04
CA MET L 214 -70.12 24.65 -20.46
C MET L 214 -70.04 23.36 -21.26
N LEU L 215 -69.19 22.46 -20.78
CA LEU L 215 -68.97 21.16 -21.41
C LEU L 215 -70.17 20.22 -21.36
N LEU L 216 -70.84 20.17 -20.21
CA LEU L 216 -72.05 19.38 -20.06
C LEU L 216 -73.17 19.87 -20.96
N SER L 217 -73.30 21.19 -21.06
CA SER L 217 -74.28 21.81 -21.94
C SER L 217 -74.05 21.54 -23.42
N HIS L 218 -72.77 21.48 -23.83
CA HIS L 218 -72.41 21.04 -25.17
C HIS L 218 -73.01 19.67 -25.52
N GLY L 219 -72.75 18.69 -24.66
CA GLY L 219 -73.17 17.33 -24.93
C GLY L 219 -74.66 17.09 -24.86
N LYS L 220 -75.32 17.78 -23.94
CA LYS L 220 -76.77 17.75 -23.83
C LYS L 220 -77.47 18.37 -25.05
N ALA L 221 -76.83 19.38 -25.63
CA ALA L 221 -77.37 20.04 -26.81
C ALA L 221 -77.26 19.16 -28.05
N VAL L 222 -76.12 18.51 -28.22
CA VAL L 222 -75.91 17.55 -29.30
C VAL L 222 -76.92 16.42 -29.24
N GLU L 223 -77.05 15.80 -28.07
CA GLU L 223 -78.04 14.75 -27.83
C GLU L 223 -79.46 15.22 -28.15
N LEU L 224 -79.77 16.45 -27.75
CA LEU L 224 -81.09 17.04 -28.00
C LEU L 224 -81.41 17.23 -29.49
N LEU L 225 -80.45 17.76 -30.23
CA LEU L 225 -80.60 17.97 -31.67
C LEU L 225 -80.85 16.69 -32.49
N LYS L 226 -80.02 15.67 -32.29
CA LYS L 226 -80.12 14.42 -33.08
C LYS L 226 -81.21 13.41 -32.70
N ARG L 227 -81.72 13.47 -31.47
CA ARG L 227 -82.69 12.48 -31.02
C ARG L 227 -84.11 13.05 -31.08
N GLU L 228 -84.36 14.08 -30.29
CA GLU L 228 -85.67 14.70 -30.18
C GLU L 228 -86.04 15.52 -31.44
N MET L 229 -85.14 16.41 -31.86
CA MET L 229 -85.38 17.24 -33.05
C MET L 229 -85.13 16.52 -34.39
N LYS L 230 -84.57 15.32 -34.33
CA LYS L 230 -84.29 14.46 -35.49
C LYS L 230 -83.53 15.12 -36.66
N SER L 231 -82.59 16.00 -36.33
CA SER L 231 -81.91 16.80 -37.35
C SER L 231 -80.57 16.16 -37.71
N THR L 232 -80.22 16.15 -38.99
CA THR L 232 -78.93 15.61 -39.41
C THR L 232 -77.92 16.72 -39.69
N THR L 233 -78.25 17.93 -39.26
CA THR L 233 -77.31 19.05 -39.34
C THR L 233 -76.06 18.77 -38.51
N PRO L 234 -74.87 18.90 -39.13
CA PRO L 234 -73.59 18.68 -38.44
C PRO L 234 -73.42 19.56 -37.21
N ILE L 235 -73.05 18.93 -36.08
CA ILE L 235 -72.82 19.67 -34.84
C ILE L 235 -71.51 19.23 -34.17
N GLY L 236 -70.85 20.15 -33.46
CA GLY L 236 -69.62 19.82 -32.77
C GLY L 236 -69.17 20.89 -31.79
N ILE L 237 -68.00 20.68 -31.19
CA ILE L 237 -67.40 21.68 -30.30
C ILE L 237 -66.12 22.27 -30.90
N THR L 238 -65.74 23.46 -30.44
CA THR L 238 -64.43 24.00 -30.78
C THR L 238 -63.55 24.16 -29.53
N LEU L 239 -62.37 23.55 -29.56
CA LEU L 239 -61.36 23.79 -28.52
C LEU L 239 -60.14 24.50 -29.10
N ASN L 240 -59.57 25.45 -28.37
CA ASN L 240 -58.24 25.95 -28.71
C ASN L 240 -57.14 25.04 -28.14
N LEU L 241 -56.20 24.65 -28.99
CA LEU L 241 -55.13 23.74 -28.58
C LEU L 241 -53.75 24.29 -28.93
N SER L 242 -52.85 24.30 -27.94
CA SER L 242 -51.48 24.78 -28.13
C SER L 242 -50.47 23.74 -27.64
N PRO L 243 -49.77 23.08 -28.58
CA PRO L 243 -48.82 22.06 -28.14
C PRO L 243 -47.63 22.66 -27.37
N MET L 244 -47.13 21.89 -26.40
CA MET L 244 -46.15 22.36 -25.44
C MET L 244 -44.80 21.62 -25.51
N TYR L 245 -43.69 22.36 -25.45
CA TYR L 245 -42.39 21.72 -25.58
C TYR L 245 -41.40 22.11 -24.47
N ALA L 246 -40.60 21.13 -24.05
CA ALA L 246 -39.63 21.30 -22.99
C ALA L 246 -38.29 21.91 -23.43
N LYS L 247 -37.78 22.83 -22.62
CA LYS L 247 -36.50 23.49 -22.84
C LYS L 247 -35.33 22.52 -22.77
N THR L 248 -35.38 21.60 -21.81
CA THR L 248 -34.35 20.57 -21.69
C THR L 248 -34.96 19.16 -21.61
N ASP L 249 -34.09 18.16 -21.53
CA ASP L 249 -34.53 16.76 -21.44
C ASP L 249 -34.55 16.29 -19.99
N SER L 250 -34.44 17.21 -19.06
CA SER L 250 -34.54 16.92 -17.63
C SER L 250 -35.95 16.51 -17.21
N ALA L 251 -36.03 15.79 -16.08
CA ALA L 251 -37.28 15.21 -15.57
C ALA L 251 -38.33 16.28 -15.22
N ASN L 252 -37.86 17.34 -14.57
CA ASN L 252 -38.68 18.51 -14.23
C ASN L 252 -39.48 19.09 -15.40
N ASP L 253 -38.82 19.37 -16.52
CA ASP L 253 -39.49 19.93 -17.68
C ASP L 253 -40.51 19.02 -18.35
N ARG L 254 -40.37 17.70 -18.23
CA ARG L 254 -41.45 16.82 -18.69
C ARG L 254 -42.69 16.96 -17.80
N LEU L 255 -42.47 17.11 -16.50
CA LEU L 255 -43.58 17.33 -15.58
C LEU L 255 -44.21 18.69 -15.87
N ALA L 256 -43.36 19.67 -16.16
CA ALA L 256 -43.83 21.00 -16.53
C ALA L 256 -44.69 20.95 -17.80
N MET L 257 -44.19 20.25 -18.82
CA MET L 257 -44.94 20.07 -20.05
C MET L 257 -46.27 19.35 -19.86
N ASN L 258 -46.22 18.18 -19.24
CA ASN L 258 -47.41 17.40 -18.91
C ASN L 258 -48.48 18.25 -18.23
N ASN L 259 -48.08 18.98 -17.21
CA ASN L 259 -49.01 19.79 -16.44
C ASN L 259 -49.52 20.97 -17.26
N ALA L 260 -48.62 21.59 -18.02
CA ALA L 260 -48.98 22.63 -18.96
C ALA L 260 -49.90 22.13 -20.08
N ASP L 261 -49.60 20.96 -20.62
CA ASP L 261 -50.41 20.33 -21.66
C ASP L 261 -51.82 20.01 -21.15
N GLY L 262 -51.87 19.49 -19.93
CA GLY L 262 -53.13 19.14 -19.28
C GLY L 262 -54.02 20.31 -18.95
N TYR L 263 -53.41 21.41 -18.51
CA TYR L 263 -54.14 22.63 -18.15
C TYR L 263 -54.75 23.30 -19.37
N SER L 264 -54.02 23.32 -20.49
CA SER L 264 -54.51 23.96 -21.70
C SER L 264 -55.34 23.01 -22.57
N ASN L 265 -54.95 21.74 -22.61
CA ASN L 265 -55.49 20.81 -23.60
C ASN L 265 -56.24 19.59 -23.04
N ARG L 266 -55.56 18.76 -22.26
CA ARG L 266 -56.13 17.49 -21.82
C ARG L 266 -57.31 17.60 -20.86
N TRP L 267 -57.34 18.65 -20.05
CA TRP L 267 -58.51 18.92 -19.22
C TRP L 267 -59.79 19.07 -20.03
N PHE L 268 -59.64 19.41 -21.31
CA PHE L 268 -60.79 19.59 -22.18
C PHE L 268 -60.98 18.45 -23.18
N LEU L 269 -59.87 17.94 -23.70
CA LEU L 269 -59.92 16.84 -24.66
C LEU L 269 -60.38 15.51 -24.07
N ASP L 270 -59.91 15.20 -22.87
CA ASP L 270 -60.24 13.94 -22.22
C ASP L 270 -61.75 13.77 -21.89
N PRO L 271 -62.39 14.78 -21.29
CA PRO L 271 -63.85 14.63 -21.05
C PRO L 271 -64.68 14.53 -22.33
N VAL L 272 -64.25 15.20 -23.39
CA VAL L 272 -65.00 15.24 -24.64
C VAL L 272 -64.94 13.89 -25.36
N PHE L 273 -63.78 13.25 -25.37
CA PHE L 273 -63.63 12.01 -26.13
C PHE L 273 -63.54 10.76 -25.25
N LYS L 274 -63.07 10.90 -24.02
CA LYS L 274 -62.99 9.76 -23.09
C LYS L 274 -64.10 9.79 -22.04
N GLY L 275 -64.76 10.94 -21.89
CA GLY L 275 -65.75 11.11 -20.83
C GLY L 275 -65.16 11.07 -19.43
N GLU L 276 -63.95 11.60 -19.28
CA GLU L 276 -63.31 11.71 -17.97
C GLU L 276 -62.34 12.88 -17.92
N TYR L 277 -62.11 13.39 -16.71
CA TYR L 277 -61.05 14.37 -16.51
C TYR L 277 -59.76 13.64 -16.16
N PRO L 278 -58.61 14.17 -16.63
CA PRO L 278 -57.29 13.58 -16.39
C PRO L 278 -56.86 13.68 -14.93
N VAL L 279 -56.68 12.51 -14.33
CA VAL L 279 -56.39 12.37 -12.90
C VAL L 279 -55.09 13.06 -12.46
N ASP L 280 -54.11 13.14 -13.35
CA ASP L 280 -52.86 13.85 -13.05
C ASP L 280 -53.12 15.34 -12.75
N MET L 281 -54.04 15.93 -13.50
CA MET L 281 -54.44 17.33 -13.31
C MET L 281 -55.33 17.52 -12.07
N MET L 282 -56.21 16.55 -11.83
CA MET L 282 -57.05 16.53 -10.63
C MET L 282 -56.24 16.62 -9.34
N ASN L 283 -55.17 15.84 -9.22
CA ASN L 283 -54.31 15.92 -8.05
C ASN L 283 -53.64 17.28 -7.90
N LEU L 284 -53.15 17.82 -9.01
CA LEU L 284 -52.54 19.15 -9.04
C LEU L 284 -53.50 20.27 -8.65
N PHE L 285 -54.74 20.20 -9.17
CA PHE L 285 -55.76 21.18 -8.82
C PHE L 285 -56.29 21.07 -7.39
N SER L 286 -56.05 19.92 -6.74
CA SER L 286 -56.50 19.72 -5.37
C SER L 286 -55.94 20.74 -4.38
N LYS L 287 -54.92 21.48 -4.80
CA LYS L 287 -54.46 22.64 -4.03
C LYS L 287 -55.52 23.75 -3.92
N TYR L 288 -56.47 23.78 -4.85
CA TYR L 288 -57.61 24.69 -4.80
C TYR L 288 -58.99 24.03 -4.77
N VAL L 289 -59.12 22.88 -5.43
CA VAL L 289 -60.42 22.24 -5.57
C VAL L 289 -60.52 21.08 -4.60
N HIS L 290 -61.38 21.26 -3.60
CA HIS L 290 -61.49 20.37 -2.46
C HIS L 290 -62.80 19.59 -2.48
N ASN L 291 -63.49 19.63 -3.63
CA ASN L 291 -64.60 18.73 -3.87
C ASN L 291 -64.98 18.64 -5.35
N PHE L 292 -65.28 17.42 -5.80
CA PHE L 292 -65.69 17.15 -7.18
C PHE L 292 -67.14 16.68 -7.32
N ASP L 293 -68.01 17.08 -6.41
CA ASP L 293 -69.44 16.76 -6.46
C ASP L 293 -70.21 17.48 -7.57
N PHE L 294 -69.57 18.43 -8.25
CA PHE L 294 -70.15 18.97 -9.47
C PHE L 294 -70.22 17.98 -10.63
N ILE L 295 -69.40 16.93 -10.63
CA ILE L 295 -69.62 15.87 -11.61
C ILE L 295 -70.71 14.91 -11.14
N GLN L 296 -71.95 15.19 -11.54
CA GLN L 296 -73.09 14.34 -11.21
C GLN L 296 -73.09 13.07 -12.05
N SER L 297 -73.79 12.04 -11.58
CA SER L 297 -73.93 10.81 -12.36
C SER L 297 -74.74 11.02 -13.63
N GLY L 298 -74.27 10.43 -14.72
CA GLY L 298 -74.89 10.61 -16.03
C GLY L 298 -74.28 11.74 -16.86
N ASP L 299 -73.53 12.61 -16.21
CA ASP L 299 -72.96 13.80 -16.85
C ASP L 299 -71.90 13.45 -17.90
N MET L 300 -70.93 12.64 -17.49
CA MET L 300 -69.81 12.26 -18.35
C MET L 300 -70.17 11.42 -19.57
N GLU L 301 -71.25 10.65 -19.47
CA GLU L 301 -71.78 9.92 -20.62
C GLU L 301 -72.36 10.84 -21.70
N THR L 302 -73.09 11.86 -21.27
CA THR L 302 -73.67 12.87 -22.17
C THR L 302 -72.61 13.75 -22.84
N ILE L 303 -71.64 14.20 -22.06
CA ILE L 303 -70.51 14.99 -22.56
C ILE L 303 -69.73 14.34 -23.71
N SER L 304 -69.56 13.03 -23.65
CA SER L 304 -68.78 12.35 -24.68
C SER L 304 -69.65 11.83 -25.84
N THR L 305 -70.84 12.37 -25.98
CA THR L 305 -71.75 11.99 -27.07
C THR L 305 -71.08 12.26 -28.42
N ALA L 306 -71.25 11.34 -29.37
CA ALA L 306 -70.55 11.43 -30.65
C ALA L 306 -70.97 12.65 -31.47
N CYS L 307 -69.99 13.32 -32.04
CA CYS L 307 -70.21 14.50 -32.87
C CYS L 307 -69.92 14.20 -34.34
N ASP L 308 -70.24 15.16 -35.22
CA ASP L 308 -70.03 14.96 -36.65
C ASP L 308 -68.66 15.47 -37.07
N PHE L 309 -68.15 16.46 -36.35
CA PHE L 309 -66.80 16.95 -36.58
C PHE L 309 -66.17 17.44 -35.29
N PHE L 310 -64.89 17.80 -35.35
CA PHE L 310 -64.21 18.42 -34.22
C PHE L 310 -63.57 19.75 -34.67
N GLY L 311 -63.87 20.84 -33.97
CA GLY L 311 -63.29 22.14 -34.29
C GLY L 311 -62.01 22.44 -33.55
N ILE L 312 -61.06 23.05 -34.26
CA ILE L 312 -59.79 23.48 -33.67
C ILE L 312 -59.41 24.92 -33.99
N ASN L 313 -59.22 25.71 -32.94
CA ASN L 313 -58.56 26.99 -33.03
C ASN L 313 -57.06 26.91 -32.69
N PHE L 314 -56.20 27.17 -33.67
CA PHE L 314 -54.76 27.13 -33.41
C PHE L 314 -54.11 28.48 -33.70
N TYR L 315 -53.23 28.90 -32.79
CA TYR L 315 -52.51 30.15 -32.97
C TYR L 315 -51.01 30.03 -32.75
N SER L 316 -50.61 29.31 -31.70
CA SER L 316 -49.20 29.19 -31.32
C SER L 316 -48.93 28.03 -30.37
N ARG L 317 -47.65 27.79 -30.08
CA ARG L 317 -47.25 26.87 -29.04
C ARG L 317 -46.96 27.63 -27.75
N GLY L 318 -46.66 26.89 -26.68
CA GLY L 318 -46.10 27.50 -25.49
C GLY L 318 -44.95 26.67 -24.96
N ILE L 319 -43.78 27.32 -24.92
CA ILE L 319 -42.56 26.80 -24.32
C ILE L 319 -42.52 27.08 -22.82
N VAL L 320 -42.36 26.01 -22.03
CA VAL L 320 -42.39 26.10 -20.58
C VAL L 320 -41.10 25.62 -19.89
N GLU L 321 -40.86 26.13 -18.68
CA GLU L 321 -39.80 25.63 -17.80
C GLU L 321 -40.35 25.40 -16.40
N PHE L 322 -39.57 24.76 -15.55
CA PHE L 322 -40.04 24.41 -14.20
C PHE L 322 -40.00 25.59 -13.24
N ASN L 323 -40.95 25.61 -12.29
CA ASN L 323 -41.00 26.67 -11.28
C ASN L 323 -41.38 26.12 -9.90
N ALA L 324 -40.44 26.06 -8.98
CA ALA L 324 -40.71 25.69 -7.59
C ALA L 324 -41.67 26.63 -6.89
N ALA L 325 -41.67 27.89 -7.32
CA ALA L 325 -42.52 28.93 -6.74
C ALA L 325 -43.89 29.08 -7.42
N ASN L 326 -44.12 28.29 -8.45
CA ASN L 326 -45.44 28.26 -9.06
C ASN L 326 -46.31 27.24 -8.34
N ASP L 327 -47.57 27.60 -8.12
CA ASP L 327 -48.55 26.68 -7.60
C ASP L 327 -48.73 25.49 -8.52
N PHE L 328 -48.75 25.74 -9.82
CA PHE L 328 -48.87 24.66 -10.79
C PHE L 328 -47.52 24.24 -11.35
N LEU L 329 -46.45 24.71 -10.69
CA LEU L 329 -45.09 24.17 -10.86
C LEU L 329 -44.49 24.51 -12.23
N LYS L 330 -45.09 25.45 -12.93
CA LYS L 330 -44.59 25.81 -14.26
C LYS L 330 -44.68 27.31 -14.58
N ALA L 331 -43.73 27.79 -15.38
CA ALA L 331 -43.80 29.14 -15.94
C ALA L 331 -43.44 29.13 -17.43
N ASP L 332 -43.76 30.21 -18.12
CA ASP L 332 -43.45 30.36 -19.54
C ASP L 332 -41.96 30.56 -19.80
N ALA L 333 -41.45 29.90 -20.84
CA ALA L 333 -40.04 30.02 -21.23
C ALA L 333 -39.79 30.96 -22.43
N TYR L 334 -38.53 31.38 -22.56
CA TYR L 334 -38.08 32.23 -23.66
C TYR L 334 -38.10 31.49 -25.00
N SER L 335 -38.70 32.11 -26.02
CA SER L 335 -38.78 31.54 -27.36
C SER L 335 -37.89 32.25 -28.39
N ASP L 336 -37.18 31.48 -29.21
CA ASP L 336 -36.35 32.02 -30.28
C ASP L 336 -37.01 32.01 -31.67
N TYR L 337 -38.28 31.60 -31.75
CA TYR L 337 -39.00 31.59 -33.02
C TYR L 337 -39.23 33.00 -33.54
N GLU L 338 -39.53 33.10 -34.84
CA GLU L 338 -39.97 34.37 -35.39
C GLU L 338 -41.34 34.65 -34.78
N LYS L 339 -41.59 35.89 -34.36
CA LYS L 339 -42.82 36.17 -33.58
C LYS L 339 -43.72 37.23 -34.20
N THR L 340 -45.03 37.11 -33.94
CA THR L 340 -46.01 38.08 -34.42
C THR L 340 -45.94 39.33 -33.52
N GLY L 341 -46.81 40.29 -33.79
CA GLY L 341 -46.98 41.44 -32.92
C GLY L 341 -47.49 41.20 -31.50
N MET L 342 -48.21 40.09 -31.31
CA MET L 342 -48.68 39.71 -29.97
C MET L 342 -47.59 39.08 -29.12
N GLY L 343 -46.50 38.70 -29.76
CA GLY L 343 -45.46 37.90 -29.11
C GLY L 343 -45.69 36.40 -29.11
N TRP L 344 -46.60 35.92 -29.95
CA TRP L 344 -46.85 34.49 -30.04
C TRP L 344 -45.95 33.90 -31.11
N ASP L 345 -45.46 32.69 -30.84
CA ASP L 345 -44.62 31.97 -31.78
C ASP L 345 -45.37 31.60 -33.06
N ILE L 346 -44.70 31.75 -34.20
CA ILE L 346 -45.21 31.20 -35.45
C ILE L 346 -44.75 29.76 -35.58
N ALA L 347 -45.71 28.84 -35.52
CA ALA L 347 -45.38 27.44 -35.26
C ALA L 347 -46.25 26.49 -36.07
N PRO L 348 -46.07 26.45 -37.40
CA PRO L 348 -46.83 25.48 -38.18
C PRO L 348 -46.31 24.06 -37.98
N ASN L 349 -45.02 23.89 -37.74
CA ASN L 349 -44.46 22.58 -37.45
C ASN L 349 -45.02 21.97 -36.18
N GLU L 350 -45.22 22.82 -35.17
CA GLU L 350 -45.75 22.37 -33.90
C GLU L 350 -47.25 22.15 -34.01
N PHE L 351 -47.85 22.89 -34.93
CA PHE L 351 -49.22 22.67 -35.37
C PHE L 351 -49.34 21.25 -35.96
N LYS L 352 -48.34 20.84 -36.74
CA LYS L 352 -48.33 19.49 -37.32
C LYS L 352 -48.29 18.39 -36.27
N ASP L 353 -47.56 18.64 -35.19
CA ASP L 353 -47.51 17.74 -34.05
C ASP L 353 -48.86 17.55 -33.35
N LEU L 354 -49.53 18.66 -33.06
CA LEU L 354 -50.82 18.64 -32.38
C LEU L 354 -51.92 17.79 -33.03
N ILE L 355 -52.15 17.93 -34.33
CA ILE L 355 -53.19 17.14 -34.99
C ILE L 355 -52.87 15.66 -34.94
N ARG L 356 -51.64 15.32 -35.32
CA ARG L 356 -51.16 13.95 -35.28
C ARG L 356 -51.39 13.34 -33.91
N ARG L 357 -51.12 14.11 -32.86
CA ARG L 357 -51.32 13.61 -31.50
C ARG L 357 -52.80 13.34 -31.25
N LEU L 358 -53.64 14.25 -31.74
CA LEU L 358 -55.10 14.13 -31.62
C LEU L 358 -55.73 12.96 -32.36
N ARG L 359 -55.21 12.64 -33.54
CA ARG L 359 -55.66 11.49 -34.31
C ARG L 359 -55.28 10.11 -33.77
N ALA L 360 -54.04 10.02 -33.27
CA ALA L 360 -53.52 8.78 -32.68
C ALA L 360 -54.18 8.37 -31.37
N GLU L 361 -54.43 9.34 -30.49
CA GLU L 361 -54.84 9.09 -29.11
C GLU L 361 -56.32 9.35 -28.78
N TYR L 362 -56.95 10.30 -29.45
CA TYR L 362 -58.18 10.87 -28.93
C TYR L 362 -59.38 10.65 -29.85
N THR L 363 -59.30 11.08 -31.10
CA THR L 363 -60.47 11.09 -31.98
C THR L 363 -60.05 10.87 -33.43
N ASP L 364 -60.92 10.22 -34.20
CA ASP L 364 -60.76 10.14 -35.65
C ASP L 364 -61.79 10.94 -36.45
N LEU L 365 -62.51 11.83 -35.78
CA LEU L 365 -63.48 12.69 -36.46
C LEU L 365 -62.80 13.73 -37.35
N PRO L 366 -63.49 14.18 -38.41
CA PRO L 366 -63.03 15.25 -39.30
C PRO L 366 -62.80 16.57 -38.58
N ILE L 367 -61.69 17.23 -38.87
CA ILE L 367 -61.31 18.48 -38.22
C ILE L 367 -61.59 19.71 -39.09
N TYR L 368 -62.17 20.75 -38.48
CA TYR L 368 -62.33 22.05 -39.12
C TYR L 368 -61.54 23.09 -38.33
N ILE L 369 -60.67 23.82 -39.02
CA ILE L 369 -59.95 24.93 -38.41
C ILE L 369 -60.80 26.21 -38.30
N THR L 370 -61.54 26.31 -37.20
CA THR L 370 -62.53 27.35 -36.99
C THR L 370 -61.99 28.75 -36.65
N GLU L 371 -60.72 28.85 -36.27
CA GLU L 371 -60.01 30.14 -36.20
C GLU L 371 -58.52 30.01 -36.47
N ASN L 372 -58.04 30.76 -37.46
CA ASN L 372 -56.60 30.99 -37.58
C ASN L 372 -56.27 32.39 -38.12
N GLY L 373 -55.23 33.02 -37.59
CA GLY L 373 -54.85 34.36 -38.01
C GLY L 373 -53.76 35.01 -37.18
N ALA L 374 -53.46 36.28 -37.45
CA ALA L 374 -52.36 36.97 -36.76
C ALA L 374 -52.53 38.49 -36.71
N ALA L 375 -51.97 39.09 -35.66
CA ALA L 375 -51.92 40.55 -35.50
C ALA L 375 -50.54 41.20 -35.73
N PHE L 376 -50.50 42.22 -36.59
CA PHE L 376 -49.28 42.99 -36.81
C PHE L 376 -49.61 44.48 -36.69
N ASP L 377 -48.61 45.30 -36.39
CA ASP L 377 -48.84 46.73 -36.26
C ASP L 377 -49.10 47.22 -37.68
N ASP L 378 -50.21 47.90 -37.93
CA ASP L 378 -50.49 48.30 -39.30
C ASP L 378 -49.76 49.53 -39.85
N VAL L 379 -49.07 49.30 -40.98
CA VAL L 379 -48.33 50.30 -41.75
C VAL L 379 -49.07 50.57 -43.07
N LEU L 380 -50.39 50.57 -43.02
CA LEU L 380 -51.30 50.97 -44.11
C LEU L 380 -51.47 52.46 -44.39
N GLU L 381 -51.24 52.91 -45.61
CA GLU L 381 -51.38 54.35 -45.79
C GLU L 381 -52.43 54.70 -46.83
N ASN L 382 -53.60 55.05 -46.29
CA ASN L 382 -54.66 55.61 -47.11
C ASN L 382 -55.26 54.68 -48.18
N GLY L 383 -54.47 54.57 -49.24
CA GLY L 383 -54.76 53.81 -50.44
C GLY L 383 -54.92 52.32 -50.28
N GLU L 384 -53.92 51.66 -49.70
CA GLU L 384 -53.96 50.21 -49.59
C GLU L 384 -53.11 49.79 -48.40
N VAL L 385 -52.71 48.53 -48.32
CA VAL L 385 -51.88 48.13 -47.19
C VAL L 385 -50.57 47.36 -47.45
N HIS L 386 -50.57 46.44 -48.42
CA HIS L 386 -49.40 45.62 -48.72
C HIS L 386 -49.07 44.77 -47.48
N ASP L 387 -47.89 45.00 -46.90
CA ASP L 387 -47.38 44.26 -45.74
C ASP L 387 -47.73 42.75 -45.71
N ASP L 388 -47.18 41.99 -46.65
CA ASP L 388 -47.40 40.54 -46.68
C ASP L 388 -46.79 39.91 -45.44
N ASN L 389 -47.55 39.88 -44.35
CA ASN L 389 -47.15 39.22 -43.12
C ASN L 389 -48.20 38.23 -42.60
N ARG L 390 -49.46 38.62 -42.75
CA ARG L 390 -50.60 37.75 -42.46
C ARG L 390 -50.71 36.62 -43.46
N ILE L 391 -50.31 36.89 -44.70
CA ILE L 391 -50.32 35.91 -45.76
C ILE L 391 -49.32 34.80 -45.47
N ASP L 392 -48.13 35.16 -45.00
CA ASP L 392 -47.14 34.17 -44.60
C ASP L 392 -47.70 33.18 -43.58
N TYR L 393 -48.22 33.71 -42.48
CA TYR L 393 -48.74 32.89 -41.39
C TYR L 393 -49.75 31.89 -41.98
N VAL L 394 -50.71 32.40 -42.72
CA VAL L 394 -51.78 31.57 -43.29
C VAL L 394 -51.25 30.61 -44.37
N ARG L 395 -50.35 31.09 -45.22
CA ARG L 395 -49.74 30.27 -46.28
C ARG L 395 -48.93 29.11 -45.70
N GLN L 396 -48.20 29.38 -44.61
CA GLN L 396 -47.45 28.34 -43.93
C GLN L 396 -48.42 27.29 -43.44
N HIS L 397 -49.54 27.75 -42.89
CA HIS L 397 -50.56 26.86 -42.39
C HIS L 397 -51.36 26.14 -43.49
N LEU L 398 -51.73 26.83 -44.57
CA LEU L 398 -52.40 26.15 -45.68
C LEU L 398 -51.59 25.09 -46.42
N GLU L 399 -50.29 25.34 -46.58
CA GLU L 399 -49.40 24.31 -47.10
C GLU L 399 -49.38 23.17 -46.10
N ALA L 400 -49.31 23.57 -44.84
CA ALA L 400 -49.39 22.63 -43.73
C ALA L 400 -50.75 21.93 -43.66
N VAL L 401 -51.82 22.64 -44.00
CA VAL L 401 -53.16 22.05 -44.10
C VAL L 401 -53.22 21.01 -45.21
N SER L 402 -52.56 21.32 -46.31
CA SER L 402 -52.49 20.46 -47.48
C SER L 402 -51.76 19.14 -47.20
N ASP L 403 -50.67 19.17 -46.47
CA ASP L 403 -49.98 17.93 -46.10
C ASP L 403 -50.91 17.00 -45.29
N LEU L 404 -51.70 17.58 -44.39
CA LEU L 404 -52.70 16.82 -43.60
C LEU L 404 -53.77 16.38 -44.58
N ASN L 405 -54.06 17.26 -45.53
CA ASN L 405 -55.00 17.02 -46.62
C ASN L 405 -54.51 15.87 -47.53
N ASP L 406 -53.19 15.65 -47.56
CA ASP L 406 -52.65 14.48 -48.26
C ASP L 406 -53.19 13.28 -47.46
N GLU L 407 -53.40 13.53 -46.18
CA GLU L 407 -54.06 12.66 -45.22
C GLU L 407 -53.99 11.16 -45.04
N GLY L 408 -55.02 10.80 -44.29
CA GLY L 408 -55.43 9.50 -43.80
C GLY L 408 -56.29 10.11 -42.71
N MET L 409 -55.89 11.32 -42.30
CA MET L 409 -56.49 12.10 -41.21
C MET L 409 -57.76 12.92 -41.45
N ASN L 410 -58.17 13.11 -42.70
CA ASN L 410 -59.49 13.67 -43.00
C ASN L 410 -59.72 15.07 -42.39
N ILE L 411 -58.91 16.06 -42.73
CA ILE L 411 -59.23 17.44 -42.35
C ILE L 411 -59.98 18.23 -43.42
N GLN L 412 -61.29 18.33 -43.25
CA GLN L 412 -62.18 18.90 -44.25
C GLN L 412 -62.25 20.43 -44.42
N GLY L 413 -61.84 21.22 -43.42
CA GLY L 413 -61.95 22.67 -43.60
C GLY L 413 -61.12 23.65 -42.79
N TYR L 414 -61.19 24.91 -43.21
CA TYR L 414 -60.39 26.00 -42.65
C TYR L 414 -61.02 27.38 -42.76
N TYR L 415 -61.25 28.02 -41.63
CA TYR L 415 -61.85 29.36 -41.59
C TYR L 415 -60.81 30.37 -41.13
N LEU L 416 -60.44 31.33 -41.99
CA LEU L 416 -59.44 32.30 -41.54
C LEU L 416 -60.15 33.30 -40.62
N TRP L 417 -59.75 33.33 -39.36
CA TRP L 417 -60.28 34.30 -38.40
C TRP L 417 -59.31 35.48 -38.40
N SER L 418 -59.78 36.71 -38.60
CA SER L 418 -61.17 37.06 -38.85
C SER L 418 -61.34 37.78 -40.18
N LEU L 419 -62.57 37.88 -40.64
CA LEU L 419 -62.91 38.58 -41.87
C LEU L 419 -62.47 40.04 -41.79
N MET L 420 -62.89 40.71 -40.73
CA MET L 420 -62.51 42.11 -40.52
C MET L 420 -61.82 42.32 -39.17
N ASP L 421 -61.09 43.42 -39.06
CA ASP L 421 -60.54 43.88 -37.79
C ASP L 421 -61.66 44.20 -36.82
N ASN L 422 -61.51 43.72 -35.58
CA ASN L 422 -62.58 43.76 -34.61
C ASN L 422 -62.09 44.02 -33.19
N PHE L 423 -63.03 44.21 -32.28
CA PHE L 423 -62.72 44.37 -30.87
C PHE L 423 -62.04 43.15 -30.28
N GLU L 424 -60.73 43.25 -30.04
CA GLU L 424 -59.99 42.09 -29.56
C GLU L 424 -59.90 42.08 -28.03
N TRP L 425 -61.07 42.06 -27.41
CA TRP L 425 -61.22 41.79 -25.98
C TRP L 425 -60.42 42.73 -25.07
N SER L 426 -59.55 42.17 -24.25
CA SER L 426 -58.78 42.97 -23.29
C SER L 426 -57.74 43.89 -23.90
N PHE L 427 -57.32 43.59 -25.13
CA PHE L 427 -56.41 44.46 -25.87
C PHE L 427 -57.16 45.60 -26.56
N GLY L 428 -58.48 45.47 -26.63
CA GLY L 428 -59.35 46.44 -27.28
C GLY L 428 -59.15 46.58 -28.78
N TYR L 429 -59.26 47.81 -29.30
CA TYR L 429 -59.05 48.04 -30.72
C TYR L 429 -57.60 48.31 -31.12
N GLU L 430 -56.67 48.22 -30.17
CA GLU L 430 -55.25 48.37 -30.49
C GLU L 430 -54.68 47.30 -31.43
N LYS L 431 -55.27 46.12 -31.40
CA LYS L 431 -54.80 45.05 -32.29
C LYS L 431 -55.81 44.65 -33.36
N ARG L 432 -55.27 44.29 -34.52
CA ARG L 432 -56.05 43.96 -35.68
C ARG L 432 -55.69 42.60 -36.26
N PHE L 433 -56.63 41.68 -36.13
CA PHE L 433 -56.49 40.33 -36.65
C PHE L 433 -57.14 40.13 -38.03
N GLY L 434 -57.94 41.12 -38.44
CA GLY L 434 -58.81 41.04 -39.60
C GLY L 434 -58.14 40.95 -40.97
N ILE L 435 -58.81 40.30 -41.91
CA ILE L 435 -58.47 40.42 -43.34
C ILE L 435 -59.03 41.68 -44.04
N LEU L 436 -60.11 42.23 -43.51
CA LEU L 436 -60.61 43.51 -44.03
C LEU L 436 -60.33 44.66 -43.07
N TYR L 437 -59.67 45.71 -43.55
CA TYR L 437 -59.42 46.85 -42.68
C TYR L 437 -60.67 47.68 -42.42
N ILE L 438 -60.77 48.20 -41.20
CA ILE L 438 -61.89 49.05 -40.82
C ILE L 438 -61.36 50.28 -40.09
N ASP L 439 -61.58 51.44 -40.69
CA ASP L 439 -61.37 52.73 -40.04
C ASP L 439 -62.59 53.01 -39.15
N PHE L 440 -62.38 53.12 -37.84
CA PHE L 440 -63.50 53.16 -36.90
C PHE L 440 -64.19 54.52 -36.74
N GLU L 441 -63.59 55.59 -37.27
CA GLU L 441 -64.27 56.88 -37.24
C GLU L 441 -65.11 57.24 -38.47
N THR L 442 -64.74 56.72 -39.64
CA THR L 442 -65.54 56.94 -40.85
C THR L 442 -66.36 55.70 -41.18
N GLN L 443 -65.98 54.57 -40.56
CA GLN L 443 -66.55 53.26 -40.85
C GLN L 443 -66.35 52.85 -42.32
N GLU L 444 -65.33 53.42 -42.94
CA GLU L 444 -64.96 53.08 -44.31
C GLU L 444 -64.23 51.73 -44.32
N ARG L 445 -64.66 50.84 -45.20
CA ARG L 445 -63.97 49.60 -45.48
C ARG L 445 -62.88 49.71 -46.55
N ILE L 446 -61.66 49.31 -46.19
CA ILE L 446 -60.55 49.18 -47.13
C ILE L 446 -59.97 47.76 -47.13
N TRP L 447 -59.96 47.13 -48.30
CA TRP L 447 -59.36 45.80 -48.49
C TRP L 447 -57.85 45.68 -48.26
N LYS L 448 -57.42 44.57 -47.67
CA LYS L 448 -56.00 44.22 -47.63
C LYS L 448 -55.57 43.33 -48.79
N ASP L 449 -54.26 43.21 -49.00
CA ASP L 449 -53.69 42.32 -50.03
C ASP L 449 -54.01 40.84 -49.84
N SER L 450 -54.14 40.43 -48.59
CA SER L 450 -54.51 39.06 -48.25
C SER L 450 -55.90 38.66 -48.74
N ALA L 451 -56.83 39.61 -48.78
CA ALA L 451 -58.14 39.33 -49.34
C ALA L 451 -58.02 39.03 -50.83
N LYS L 452 -57.30 39.89 -51.53
CA LYS L 452 -56.94 39.71 -52.93
C LYS L 452 -56.24 38.37 -53.21
N TRP L 453 -55.24 38.06 -52.39
CA TRP L 453 -54.48 36.82 -52.44
C TRP L 453 -55.36 35.58 -52.21
N TYR L 454 -56.23 35.66 -51.21
CA TYR L 454 -57.13 34.58 -50.82
C TYR L 454 -58.08 34.34 -52.00
N ALA L 455 -58.53 35.42 -52.62
CA ALA L 455 -59.33 35.38 -53.83
C ALA L 455 -58.61 34.61 -54.94
N GLY L 456 -57.32 34.84 -55.12
CA GLY L 456 -56.55 34.12 -56.12
C GLY L 456 -56.38 32.63 -55.80
N VAL L 457 -56.33 32.31 -54.52
CA VAL L 457 -56.33 30.92 -54.03
C VAL L 457 -57.60 30.12 -54.37
N ILE L 458 -58.77 30.73 -54.19
CA ILE L 458 -60.06 30.12 -54.54
C ILE L 458 -60.17 29.85 -56.05
N ALA L 459 -59.68 30.76 -56.87
CA ALA L 459 -59.73 30.62 -58.32
C ALA L 459 -58.94 29.38 -58.79
N ASP L 460 -57.72 29.20 -58.31
CA ASP L 460 -56.93 28.01 -58.67
C ASP L 460 -57.67 26.75 -58.20
N HIS L 461 -58.30 26.86 -57.04
CA HIS L 461 -59.18 25.84 -56.47
C HIS L 461 -60.39 25.59 -57.39
N LYS L 462 -61.13 26.67 -57.67
CA LYS L 462 -62.34 26.65 -58.51
C LYS L 462 -62.13 26.07 -59.91
N ALA L 463 -60.97 26.30 -60.50
CA ALA L 463 -60.71 25.84 -61.85
C ALA L 463 -60.76 24.30 -61.92
N LYS L 464 -60.43 23.64 -60.81
CA LYS L 464 -60.49 22.18 -60.77
C LYS L 464 -61.87 21.71 -60.31
N MET M 22 -64.71 -6.16 70.48
CA MET M 22 -63.66 -6.56 69.56
C MET M 22 -64.24 -6.91 68.19
N HIS M 23 -65.14 -6.05 67.70
CA HIS M 23 -65.69 -6.14 66.35
C HIS M 23 -64.61 -6.27 65.27
N PHE M 24 -64.91 -7.08 64.27
CA PHE M 24 -64.05 -7.31 63.11
C PHE M 24 -64.79 -7.22 61.78
N LYS M 25 -64.04 -6.90 60.72
CA LYS M 25 -64.60 -6.74 59.39
C LYS M 25 -65.16 -8.03 58.82
N LYS M 26 -66.02 -7.88 57.82
CA LYS M 26 -66.71 -8.99 57.15
C LYS M 26 -65.88 -9.96 56.32
N ASP M 27 -65.17 -9.38 55.34
CA ASP M 27 -64.26 -10.06 54.43
C ASP M 27 -62.84 -10.20 54.95
N PHE M 28 -62.62 -9.81 56.20
CA PHE M 28 -61.29 -9.89 56.80
C PHE M 28 -60.76 -11.31 57.02
N VAL M 29 -59.50 -11.46 56.60
CA VAL M 29 -58.71 -12.69 56.59
C VAL M 29 -57.68 -12.81 57.72
N PHE M 30 -57.83 -13.81 58.58
CA PHE M 30 -56.75 -14.15 59.53
C PHE M 30 -55.71 -15.11 59.00
N GLY M 31 -54.47 -14.93 59.47
CA GLY M 31 -53.37 -15.78 59.05
C GLY M 31 -52.22 -15.75 60.04
N THR M 32 -51.23 -16.61 59.80
CA THR M 32 -49.95 -16.61 60.50
C THR M 32 -48.81 -16.92 59.53
N ALA M 33 -48.46 -18.20 59.41
CA ALA M 33 -47.30 -18.75 58.73
C ALA M 33 -45.82 -18.59 59.16
N THR M 34 -44.96 -18.86 58.17
CA THR M 34 -43.49 -18.79 58.19
C THR M 34 -42.85 -18.40 56.85
N SER M 35 -41.52 -18.31 56.84
CA SER M 35 -40.76 -18.17 55.59
C SER M 35 -39.62 -19.19 55.50
N SER M 36 -39.19 -19.46 54.26
CA SER M 36 -38.33 -20.59 53.90
C SER M 36 -36.92 -20.83 54.45
N TYR M 37 -35.99 -19.89 54.39
CA TYR M 37 -34.64 -20.22 54.88
C TYR M 37 -34.60 -20.42 56.39
N GLN M 38 -35.55 -19.82 57.08
CA GLN M 38 -35.67 -19.91 58.52
C GLN M 38 -36.18 -21.28 58.99
N ILE M 39 -36.97 -21.95 58.17
CA ILE M 39 -37.60 -23.21 58.57
C ILE M 39 -37.16 -24.43 57.77
N GLU M 40 -36.93 -24.28 56.47
CA GLU M 40 -36.84 -25.42 55.57
C GLU M 40 -35.73 -26.41 55.91
N GLY M 41 -34.49 -25.95 56.00
CA GLY M 41 -33.38 -26.89 56.14
C GLY M 41 -33.08 -27.60 54.83
N ALA M 42 -32.69 -28.87 54.94
CA ALA M 42 -32.37 -29.69 53.77
C ALA M 42 -31.47 -28.97 52.76
N HIS M 43 -30.36 -28.44 53.27
CA HIS M 43 -29.54 -27.47 52.54
C HIS M 43 -28.83 -28.12 51.35
N ASN M 44 -28.57 -29.42 51.41
CA ASN M 44 -27.92 -30.07 50.27
C ASN M 44 -28.76 -31.15 49.62
N GLU M 45 -30.07 -31.07 49.83
CA GLU M 45 -31.00 -32.05 49.27
C GLU M 45 -31.94 -31.32 48.30
N GLY M 46 -32.54 -32.06 47.37
CA GLY M 46 -33.43 -31.44 46.40
C GLY M 46 -32.89 -30.48 45.36
N GLY M 47 -31.63 -30.61 44.97
CA GLY M 47 -31.07 -29.66 44.02
C GLY M 47 -30.61 -28.32 44.59
N ARG M 48 -30.63 -28.18 45.91
CA ARG M 48 -30.27 -26.91 46.53
C ARG M 48 -28.79 -26.59 46.38
N THR M 49 -28.52 -25.33 46.05
CA THR M 49 -27.16 -24.80 45.98
C THR M 49 -27.00 -23.79 47.12
N PRO M 50 -25.75 -23.40 47.45
CA PRO M 50 -25.63 -22.53 48.62
C PRO M 50 -26.27 -21.18 48.39
N SER M 51 -26.92 -20.63 49.42
CA SER M 51 -27.42 -19.28 49.36
C SER M 51 -26.43 -18.32 49.99
N ILE M 52 -26.67 -17.03 49.80
CA ILE M 52 -25.89 -15.98 50.44
C ILE M 52 -25.76 -16.15 51.96
N TRP M 53 -26.83 -16.61 52.60
CA TRP M 53 -26.88 -16.85 54.03
C TRP M 53 -26.04 -18.02 54.56
N ASP M 54 -25.80 -19.02 53.72
CA ASP M 54 -24.91 -20.13 54.07
C ASP M 54 -23.47 -19.65 54.28
N MET M 55 -22.96 -18.87 53.33
CA MET M 55 -21.61 -18.34 53.41
C MET M 55 -21.48 -17.32 54.54
N PHE M 56 -22.53 -16.54 54.76
CA PHE M 56 -22.61 -15.58 55.86
C PHE M 56 -22.53 -16.20 57.26
N CYS M 57 -23.24 -17.30 57.48
CA CYS M 57 -23.18 -18.06 58.73
C CYS M 57 -21.75 -18.52 59.05
N ASP M 58 -20.98 -18.81 58.01
CA ASP M 58 -19.59 -19.22 58.17
C ASP M 58 -18.64 -18.05 58.40
N ILE M 59 -19.10 -16.82 58.15
CA ILE M 59 -18.28 -15.65 58.40
C ILE M 59 -18.23 -15.37 59.90
N ASP M 60 -17.02 -15.10 60.38
CA ASP M 60 -16.74 -14.94 61.81
C ASP M 60 -17.40 -13.72 62.46
N GLY M 61 -18.14 -13.98 63.53
CA GLY M 61 -18.72 -12.92 64.35
C GLY M 61 -20.05 -12.35 63.90
N ARG M 62 -20.68 -12.98 62.90
CA ARG M 62 -21.94 -12.46 62.37
C ARG M 62 -23.17 -13.12 62.98
N VAL M 63 -23.11 -14.43 63.24
CA VAL M 63 -24.25 -15.15 63.79
C VAL M 63 -23.87 -15.90 65.07
N PHE M 64 -24.82 -15.99 66.01
CA PHE M 64 -24.57 -16.63 67.31
C PHE M 64 -24.04 -18.05 67.16
N GLU M 65 -22.80 -18.23 67.57
CA GLU M 65 -22.11 -19.53 67.57
C GLU M 65 -22.13 -20.27 66.23
N LYS M 66 -21.95 -19.54 65.13
CA LYS M 66 -21.92 -20.14 63.80
C LYS M 66 -23.15 -20.95 63.41
N HIS M 67 -24.30 -20.70 64.05
CA HIS M 67 -25.50 -21.47 63.74
C HIS M 67 -25.99 -21.22 62.32
N ASN M 68 -26.65 -22.22 61.76
CA ASN M 68 -27.12 -22.17 60.38
C ASN M 68 -28.47 -22.86 60.16
N GLY M 69 -28.97 -22.77 58.93
CA GLY M 69 -30.22 -23.39 58.51
C GLY M 69 -30.02 -24.67 57.72
N ASP M 70 -28.94 -25.38 58.01
CA ASP M 70 -28.65 -26.66 57.37
C ASP M 70 -29.78 -27.67 57.57
N VAL M 71 -30.17 -27.86 58.81
CA VAL M 71 -31.26 -28.77 59.15
C VAL M 71 -32.55 -28.00 59.41
N ALA M 72 -32.44 -26.99 60.28
CA ALA M 72 -33.55 -26.13 60.67
C ALA M 72 -34.73 -26.93 61.22
N CYS M 73 -35.94 -26.66 60.74
CA CYS M 73 -37.08 -27.45 61.18
C CYS M 73 -37.40 -28.67 60.33
N ASP M 74 -36.59 -28.97 59.32
CA ASP M 74 -36.72 -30.18 58.50
C ASP M 74 -38.16 -30.23 57.91
N HIS M 75 -38.65 -29.06 57.54
CA HIS M 75 -40.04 -28.88 57.10
C HIS M 75 -40.26 -29.43 55.70
N TYR M 76 -39.19 -29.48 54.92
CA TYR M 76 -39.23 -30.01 53.57
C TYR M 76 -39.72 -31.47 53.55
N HIS M 77 -39.33 -32.27 54.54
CA HIS M 77 -39.84 -33.65 54.61
C HIS M 77 -41.19 -33.80 55.33
N ARG M 78 -41.39 -33.11 56.45
CA ARG M 78 -42.61 -33.29 57.23
C ARG M 78 -43.63 -32.19 56.94
N TYR M 79 -43.60 -31.67 55.72
CA TYR M 79 -44.47 -30.58 55.29
C TYR M 79 -45.92 -31.03 55.40
N GLU M 80 -46.12 -32.32 55.25
CA GLU M 80 -47.45 -32.93 55.31
C GLU M 80 -48.01 -32.85 56.72
N GLU M 81 -47.17 -33.12 57.71
CA GLU M 81 -47.52 -32.97 59.12
C GLU M 81 -47.92 -31.55 59.49
N ASP M 82 -47.21 -30.56 58.96
CA ASP M 82 -47.52 -29.15 59.20
C ASP M 82 -48.82 -28.61 58.62
N ILE M 83 -49.27 -29.11 57.48
CA ILE M 83 -50.59 -28.74 56.97
C ILE M 83 -51.75 -29.10 57.92
N GLN M 84 -51.66 -30.26 58.59
CA GLN M 84 -52.70 -30.63 59.55
C GLN M 84 -52.70 -29.66 60.73
N HIS M 85 -51.51 -29.35 61.26
CA HIS M 85 -51.36 -28.33 62.30
C HIS M 85 -51.97 -26.98 61.89
N ILE M 86 -51.80 -26.61 60.63
CA ILE M 86 -52.37 -25.37 60.10
C ILE M 86 -53.90 -25.44 60.02
N LYS M 87 -54.41 -26.52 59.44
CA LYS M 87 -55.85 -26.77 59.43
C LYS M 87 -56.44 -26.74 60.84
N LYS M 88 -55.69 -27.25 61.82
CA LYS M 88 -56.18 -27.26 63.20
C LYS M 88 -56.26 -25.86 63.82
N LEU M 89 -55.30 -24.99 63.52
CA LEU M 89 -55.42 -23.61 63.98
C LEU M 89 -56.63 -22.93 63.35
N GLY M 90 -57.00 -23.37 62.15
CA GLY M 90 -58.15 -22.85 61.46
C GLY M 90 -57.92 -21.52 60.77
N VAL M 91 -56.66 -21.17 60.53
CA VAL M 91 -56.35 -19.90 59.85
C VAL M 91 -56.85 -19.89 58.39
N ASP M 92 -57.37 -18.74 57.97
CA ASP M 92 -57.84 -18.56 56.60
C ASP M 92 -56.72 -18.51 55.56
N THR M 93 -55.57 -17.95 55.94
CA THR M 93 -54.49 -17.73 54.98
C THR M 93 -53.16 -18.10 55.62
N TYR M 94 -52.30 -18.75 54.84
CA TYR M 94 -50.93 -19.00 55.24
C TYR M 94 -49.94 -18.31 54.30
N ARG M 95 -49.05 -17.49 54.84
CA ARG M 95 -48.05 -16.81 54.01
C ARG M 95 -46.69 -17.48 54.06
N PHE M 96 -46.15 -17.83 52.90
CA PHE M 96 -44.81 -18.40 52.86
C PHE M 96 -43.97 -17.88 51.72
N SER M 97 -42.66 -18.08 51.84
CA SER M 97 -41.76 -17.65 50.80
C SER M 97 -41.21 -18.84 50.01
N ILE M 98 -40.83 -18.56 48.78
CA ILE M 98 -40.22 -19.54 47.88
C ILE M 98 -38.71 -19.39 47.90
N ALA M 99 -38.01 -20.51 48.02
CA ALA M 99 -36.57 -20.52 47.98
C ALA M 99 -36.05 -20.42 46.55
N TRP M 100 -35.50 -19.25 46.23
CA TRP M 100 -34.86 -18.96 44.95
C TRP M 100 -33.80 -19.99 44.52
N PRO M 101 -32.91 -20.43 45.44
CA PRO M 101 -31.91 -21.42 45.00
C PRO M 101 -32.49 -22.80 44.69
N ARG M 102 -33.76 -23.01 45.05
CA ARG M 102 -34.50 -24.17 44.57
C ARG M 102 -35.01 -24.01 43.14
N ILE M 103 -35.35 -22.78 42.75
CA ILE M 103 -35.92 -22.57 41.42
C ILE M 103 -34.83 -22.38 40.38
N PHE M 104 -33.81 -21.58 40.71
CA PHE M 104 -32.66 -21.42 39.84
C PHE M 104 -31.35 -21.71 40.55
N PRO M 105 -31.04 -22.99 40.81
CA PRO M 105 -29.76 -23.33 41.44
C PRO M 105 -28.56 -22.94 40.59
N ALA M 106 -28.74 -22.85 39.28
CA ALA M 106 -27.74 -22.24 38.40
C ALA M 106 -28.38 -21.23 37.44
N LYS M 107 -27.54 -20.36 36.87
CA LYS M 107 -27.99 -19.34 35.92
C LYS M 107 -28.54 -19.97 34.65
N GLY M 108 -29.75 -19.58 34.26
CA GLY M 108 -30.36 -20.09 33.04
C GLY M 108 -30.80 -21.54 33.12
N GLU M 109 -30.71 -22.13 34.31
CA GLU M 109 -31.03 -23.55 34.50
C GLU M 109 -32.22 -23.84 35.40
N TYR M 110 -33.38 -24.04 34.78
CA TYR M 110 -34.61 -24.34 35.50
C TYR M 110 -34.51 -25.68 36.23
N ASN M 111 -34.98 -25.71 37.46
CA ASN M 111 -34.95 -26.91 38.28
C ASN M 111 -36.36 -27.42 38.62
N PRO M 112 -36.88 -28.32 37.79
CA PRO M 112 -38.27 -28.75 37.95
C PRO M 112 -38.51 -29.48 39.27
N GLU M 113 -37.45 -30.05 39.83
CA GLU M 113 -37.54 -30.67 41.16
C GLU M 113 -37.91 -29.68 42.26
N GLY M 114 -37.32 -28.49 42.21
CA GLY M 114 -37.63 -27.43 43.17
C GLY M 114 -39.06 -26.93 43.08
N MET M 115 -39.48 -26.66 41.85
CA MET M 115 -40.82 -26.20 41.53
C MET M 115 -41.92 -27.22 41.86
N ALA M 116 -41.58 -28.50 41.73
CA ALA M 116 -42.53 -29.56 42.03
C ALA M 116 -43.01 -29.50 43.48
N PHE M 117 -42.08 -29.30 44.41
CA PHE M 117 -42.42 -29.19 45.82
C PHE M 117 -43.49 -28.14 46.11
N TYR M 118 -43.33 -26.97 45.51
CA TYR M 118 -44.30 -25.88 45.66
C TYR M 118 -45.64 -26.06 44.93
N LYS M 119 -45.62 -26.61 43.72
CA LYS M 119 -46.87 -26.89 43.01
C LYS M 119 -47.81 -27.86 43.75
N ASN M 120 -47.27 -28.94 44.32
CA ASN M 120 -48.07 -29.85 45.14
C ASN M 120 -48.57 -29.23 46.45
N LEU M 121 -47.69 -28.48 47.10
CA LEU M 121 -47.99 -27.76 48.35
C LEU M 121 -49.14 -26.77 48.27
N ALA M 122 -49.19 -25.98 47.21
CA ALA M 122 -50.27 -25.01 47.04
C ALA M 122 -51.63 -25.67 46.81
N LEU M 123 -51.66 -26.75 46.04
CA LEU M 123 -52.92 -27.45 45.77
C LEU M 123 -53.52 -28.12 47.02
N ARG M 124 -52.68 -28.78 47.83
CA ARG M 124 -53.13 -29.39 49.08
C ARG M 124 -53.63 -28.40 50.13
N LEU M 125 -52.99 -27.24 50.22
CA LEU M 125 -53.45 -26.18 51.12
C LEU M 125 -54.83 -25.71 50.70
N ARG M 126 -55.02 -25.53 49.40
CA ARG M 126 -56.33 -25.17 48.84
C ARG M 126 -57.37 -26.24 49.18
N GLU M 127 -57.01 -27.50 48.97
CA GLU M 127 -57.84 -28.64 49.35
C GLU M 127 -58.32 -28.62 50.80
N GLU M 128 -57.45 -28.19 51.71
CA GLU M 128 -57.80 -28.14 53.12
C GLU M 128 -58.51 -26.82 53.45
N GLY M 129 -58.87 -26.09 52.40
CA GLY M 129 -59.52 -24.80 52.55
C GLY M 129 -58.65 -23.67 53.06
N ILE M 130 -57.35 -23.79 52.86
CA ILE M 130 -56.43 -22.77 53.35
C ILE M 130 -55.85 -21.96 52.19
N LYS M 131 -56.01 -20.63 52.25
CA LYS M 131 -55.50 -19.73 51.22
C LYS M 131 -53.97 -19.59 51.31
N PRO M 132 -53.26 -19.93 50.22
CA PRO M 132 -51.81 -19.76 50.19
C PRO M 132 -51.37 -18.37 49.76
N ALA M 133 -50.62 -17.68 50.62
CA ALA M 133 -50.08 -16.37 50.30
C ALA M 133 -48.57 -16.48 50.10
N VAL M 134 -48.10 -16.25 48.88
CA VAL M 134 -46.73 -16.62 48.53
C VAL M 134 -45.80 -15.41 48.35
N THR M 135 -44.71 -15.41 49.12
CA THR M 135 -43.67 -14.40 49.03
C THR M 135 -42.58 -14.86 48.07
N ILE M 136 -42.32 -14.08 47.04
CA ILE M 136 -41.31 -14.45 46.05
C ILE M 136 -39.89 -14.29 46.57
N TYR M 137 -39.57 -13.12 47.13
CA TYR M 137 -38.23 -12.87 47.64
C TYR M 137 -38.21 -12.61 49.14
N HIS M 138 -37.62 -13.53 49.89
CA HIS M 138 -37.43 -13.32 51.33
C HIS M 138 -35.97 -13.49 51.72
N TRP M 139 -35.09 -12.83 50.97
CA TRP M 139 -33.69 -12.55 51.32
C TRP M 139 -32.72 -13.67 50.95
N ASP M 140 -33.23 -14.78 50.41
CA ASP M 140 -32.37 -15.93 50.16
C ASP M 140 -31.84 -15.91 48.72
N LEU M 141 -31.01 -14.91 48.44
CA LEU M 141 -30.35 -14.77 47.16
C LEU M 141 -29.35 -15.90 46.90
N PRO M 142 -29.38 -16.49 45.69
CA PRO M 142 -28.40 -17.54 45.37
C PRO M 142 -26.99 -16.97 45.30
N MET M 143 -26.00 -17.77 45.68
CA MET M 143 -24.61 -17.33 45.69
C MET M 143 -24.03 -16.97 44.32
N TRP M 144 -24.46 -17.65 43.26
CA TRP M 144 -24.06 -17.27 41.90
C TRP M 144 -24.47 -15.86 41.51
N ALA M 145 -25.59 -15.37 42.03
CA ALA M 145 -26.02 -14.02 41.73
C ALA M 145 -25.16 -13.01 42.49
N HIS M 146 -24.98 -13.25 43.79
CA HIS M 146 -24.10 -12.43 44.62
C HIS M 146 -22.69 -12.31 44.02
N GLU M 147 -22.18 -13.44 43.53
CA GLU M 147 -20.84 -13.51 42.96
C GLU M 147 -20.72 -12.74 41.66
N GLU M 148 -21.85 -12.48 41.01
CA GLU M 148 -21.89 -11.57 39.88
C GLU M 148 -22.20 -10.12 40.28
N GLY M 149 -22.10 -9.86 41.58
CA GLY M 149 -22.37 -8.53 42.13
C GLY M 149 -23.66 -8.39 42.92
N GLY M 150 -24.58 -9.34 42.74
CA GLY M 150 -25.84 -9.32 43.44
C GLY M 150 -26.76 -8.20 43.02
N TRP M 151 -27.44 -7.60 44.00
CA TRP M 151 -28.36 -6.49 43.77
C TRP M 151 -27.65 -5.21 43.36
N VAL M 152 -26.34 -5.14 43.57
CA VAL M 152 -25.56 -3.99 43.15
C VAL M 152 -25.56 -3.90 41.63
N ASN M 153 -25.63 -5.05 40.97
CA ASN M 153 -25.73 -5.10 39.52
C ASN M 153 -27.16 -4.86 39.05
N ARG M 154 -27.33 -4.01 38.04
CA ARG M 154 -28.64 -3.74 37.47
C ARG M 154 -29.26 -4.96 36.80
N GLU M 155 -28.40 -5.84 36.29
CA GLU M 155 -28.81 -7.13 35.75
C GLU M 155 -29.67 -7.97 36.70
N SER M 156 -29.43 -7.83 38.00
CA SER M 156 -30.22 -8.48 39.04
C SER M 156 -31.73 -8.27 38.90
N VAL M 157 -32.13 -7.17 38.28
CA VAL M 157 -33.52 -6.90 37.94
C VAL M 157 -34.03 -7.96 36.98
N ASP M 158 -33.24 -8.23 35.93
CA ASP M 158 -33.62 -9.18 34.91
C ASP M 158 -33.53 -10.61 35.44
N TRP M 159 -32.61 -10.85 36.37
CA TRP M 159 -32.53 -12.17 37.00
C TRP M 159 -33.76 -12.44 37.87
N PHE M 160 -34.15 -11.47 38.68
CA PHE M 160 -35.38 -11.63 39.46
C PHE M 160 -36.64 -11.80 38.60
N LEU M 161 -36.71 -11.12 37.46
CA LEU M 161 -37.87 -11.27 36.57
C LEU M 161 -38.07 -12.61 35.86
N ASP M 162 -36.99 -13.23 35.39
CA ASP M 162 -37.07 -14.58 34.82
C ASP M 162 -37.54 -15.55 35.91
N TYR M 163 -37.01 -15.31 37.11
CA TYR M 163 -37.37 -16.03 38.33
C TYR M 163 -38.84 -15.85 38.72
N ALA M 164 -39.32 -14.62 38.69
CA ALA M 164 -40.70 -14.35 39.06
C ALA M 164 -41.66 -14.97 38.04
N LYS M 165 -41.32 -14.82 36.77
CA LYS M 165 -42.09 -15.36 35.64
C LYS M 165 -42.38 -16.86 35.72
N VAL M 166 -41.34 -17.64 35.99
CA VAL M 166 -41.45 -19.09 36.13
C VAL M 166 -42.36 -19.48 37.29
N CYS M 167 -42.32 -18.72 38.37
CA CYS M 167 -43.23 -18.92 39.49
C CYS M 167 -44.67 -18.55 39.14
N PHE M 168 -44.83 -17.45 38.41
CA PHE M 168 -46.14 -16.98 37.94
C PHE M 168 -46.80 -17.95 36.94
N GLU M 169 -46.03 -18.38 35.94
CA GLU M 169 -46.52 -19.29 34.90
C GLU M 169 -47.16 -20.57 35.42
N GLU M 170 -46.53 -21.18 36.43
CA GLU M 170 -46.97 -22.47 36.94
C GLU M 170 -47.97 -22.42 38.10
N LEU M 171 -48.00 -21.33 38.85
CA LEU M 171 -48.79 -21.29 40.09
C LEU M 171 -49.89 -20.23 40.18
N ASP M 172 -49.95 -19.31 39.22
CA ASP M 172 -50.90 -18.18 39.30
C ASP M 172 -52.38 -18.55 39.27
N ASP M 173 -52.72 -19.69 38.68
CA ASP M 173 -54.10 -20.19 38.72
C ASP M 173 -54.55 -20.69 40.10
N ILE M 174 -53.61 -21.13 40.93
CA ILE M 174 -53.93 -21.68 42.25
C ILE M 174 -53.82 -20.65 43.38
N VAL M 175 -52.71 -19.92 43.39
CA VAL M 175 -52.36 -18.98 44.46
C VAL M 175 -53.30 -17.78 44.58
N ASP M 176 -53.56 -17.38 45.83
CA ASP M 176 -54.51 -16.31 46.12
C ASP M 176 -53.83 -14.95 46.17
N SER M 177 -52.61 -14.86 46.69
CA SER M 177 -51.91 -13.58 46.66
C SER M 177 -50.39 -13.71 46.52
N TRP M 178 -49.80 -12.73 45.86
CA TRP M 178 -48.35 -12.64 45.65
C TRP M 178 -47.72 -11.50 46.44
N ILE M 179 -46.61 -11.78 47.11
CA ILE M 179 -45.77 -10.72 47.68
C ILE M 179 -44.39 -10.75 47.03
N THR M 180 -44.03 -9.67 46.34
CA THR M 180 -42.76 -9.63 45.61
C THR M 180 -41.56 -9.60 46.55
N HIS M 181 -41.52 -8.62 47.43
CA HIS M 181 -40.37 -8.45 48.33
C HIS M 181 -40.78 -8.30 49.78
N ASN M 182 -40.04 -8.95 50.67
CA ASN M 182 -40.23 -8.70 52.10
C ASN M 182 -39.09 -7.83 52.61
N GLU M 183 -39.44 -6.68 53.16
CA GLU M 183 -38.51 -5.79 53.86
C GLU M 183 -37.18 -5.56 53.12
N PRO M 184 -37.22 -4.84 52.00
CA PRO M 184 -36.01 -4.43 51.25
C PRO M 184 -35.06 -3.57 52.07
N TRP M 185 -35.58 -2.99 53.15
CA TRP M 185 -34.75 -2.27 54.12
C TRP M 185 -33.74 -3.19 54.82
N CYS M 186 -34.20 -4.36 55.25
CA CYS M 186 -33.32 -5.35 55.86
C CYS M 186 -32.30 -5.88 54.85
N ALA M 187 -32.83 -6.42 53.75
CA ALA M 187 -32.04 -6.98 52.66
C ALA M 187 -31.10 -5.95 52.02
N GLY M 188 -31.47 -4.68 52.09
CA GLY M 188 -30.69 -3.62 51.48
C GLY M 188 -29.76 -2.93 52.46
N PHE M 189 -30.30 -2.07 53.32
CA PHE M 189 -29.47 -1.28 54.22
C PHE M 189 -28.79 -2.12 55.30
N LEU M 190 -29.57 -2.96 55.99
CA LEU M 190 -29.02 -3.79 57.06
C LEU M 190 -27.98 -4.80 56.56
N GLY M 191 -28.10 -5.19 55.30
CA GLY M 191 -27.19 -6.14 54.68
C GLY M 191 -25.96 -5.56 53.99
N TYR M 192 -26.14 -4.45 53.28
CA TYR M 192 -25.08 -3.82 52.48
C TYR M 192 -24.44 -2.60 53.13
N HIS M 193 -25.13 -2.01 54.11
CA HIS M 193 -24.60 -0.83 54.81
C HIS M 193 -24.07 -1.15 56.21
N VAL M 194 -24.85 -1.83 57.04
CA VAL M 194 -24.41 -2.07 58.41
C VAL M 194 -23.59 -3.36 58.54
N GLY M 195 -24.09 -4.46 58.02
CA GLY M 195 -23.30 -5.68 58.01
C GLY M 195 -23.86 -6.78 58.90
N VAL M 196 -25.12 -6.62 59.31
CA VAL M 196 -25.73 -7.54 60.26
C VAL M 196 -26.34 -8.70 59.48
N HIS M 197 -26.80 -8.40 58.28
CA HIS M 197 -27.38 -9.40 57.40
C HIS M 197 -26.55 -9.61 56.15
N ALA M 198 -26.90 -10.66 55.40
CA ALA M 198 -26.17 -11.11 54.22
C ALA M 198 -26.34 -10.10 53.09
N PRO M 199 -25.27 -9.78 52.35
CA PRO M 199 -23.94 -10.41 52.35
C PRO M 199 -22.92 -9.88 53.33
N GLY M 200 -23.29 -8.95 54.20
CA GLY M 200 -22.39 -8.52 55.25
C GLY M 200 -21.43 -7.53 54.64
N HIS M 201 -21.96 -6.71 53.73
CA HIS M 201 -21.19 -5.66 53.07
C HIS M 201 -21.21 -4.38 53.87
N ARG M 202 -20.25 -3.50 53.56
CA ARG M 202 -20.16 -2.23 54.24
C ARG M 202 -19.99 -1.04 53.31
N ASP M 203 -21.07 -0.64 52.63
CA ASP M 203 -20.95 0.42 51.63
C ASP M 203 -22.29 1.12 51.44
N MET M 204 -22.41 2.38 51.84
CA MET M 204 -23.71 3.06 51.70
C MET M 204 -24.10 3.23 50.23
N ASN M 205 -23.11 3.40 49.36
CA ASN M 205 -23.36 3.54 47.92
C ASN M 205 -23.97 2.26 47.36
N GLU M 206 -23.35 1.13 47.67
CA GLU M 206 -23.89 -0.18 47.36
C GLU M 206 -25.28 -0.40 47.94
N ALA M 207 -25.50 0.09 49.16
CA ALA M 207 -26.77 -0.11 49.85
C ALA M 207 -27.95 0.53 49.15
N VAL M 208 -27.81 1.78 48.74
CA VAL M 208 -28.89 2.46 48.02
C VAL M 208 -29.10 1.84 46.63
N ARG M 209 -28.03 1.36 46.01
CA ARG M 209 -28.15 0.62 44.76
C ARG M 209 -28.85 -0.73 44.92
N ALA M 210 -28.61 -1.42 46.03
CA ALA M 210 -29.27 -2.69 46.30
C ALA M 210 -30.78 -2.49 46.50
N VAL M 211 -31.11 -1.50 47.32
CA VAL M 211 -32.51 -1.16 47.60
C VAL M 211 -33.26 -0.77 46.33
N HIS M 212 -32.65 0.09 45.52
CA HIS M 212 -33.25 0.54 44.26
C HIS M 212 -33.55 -0.60 43.30
N HIS M 213 -32.65 -1.57 43.21
CA HIS M 213 -32.83 -2.71 42.31
C HIS M 213 -33.86 -3.70 42.83
N MET M 214 -33.95 -3.84 44.14
CA MET M 214 -35.03 -4.60 44.75
C MET M 214 -36.38 -3.96 44.47
N LEU M 215 -36.46 -2.64 44.64
CA LEU M 215 -37.69 -1.89 44.41
C LEU M 215 -38.08 -1.90 42.93
N LEU M 216 -37.10 -1.72 42.05
CA LEU M 216 -37.34 -1.81 40.62
C LEU M 216 -37.81 -3.19 40.18
N SER M 217 -37.19 -4.23 40.74
CA SER M 217 -37.61 -5.59 40.44
C SER M 217 -39.03 -5.91 40.92
N HIS M 218 -39.42 -5.35 42.06
CA HIS M 218 -40.79 -5.38 42.54
C HIS M 218 -41.79 -4.88 41.50
N GLY M 219 -41.55 -3.67 41.01
CA GLY M 219 -42.47 -3.02 40.09
C GLY M 219 -42.54 -3.65 38.72
N LYS M 220 -41.39 -4.14 38.23
CA LYS M 220 -41.35 -4.86 36.97
C LYS M 220 -42.09 -6.19 37.03
N ALA M 221 -42.08 -6.84 38.19
CA ALA M 221 -42.80 -8.11 38.34
C ALA M 221 -44.31 -7.84 38.34
N VAL M 222 -44.71 -6.81 39.07
CA VAL M 222 -46.11 -6.39 39.10
C VAL M 222 -46.57 -6.00 37.69
N GLU M 223 -45.77 -5.15 37.03
CA GLU M 223 -46.02 -4.75 35.65
C GLU M 223 -46.11 -5.97 34.72
N LEU M 224 -45.25 -6.95 34.92
CA LEU M 224 -45.25 -8.17 34.12
C LEU M 224 -46.55 -8.97 34.28
N LEU M 225 -46.98 -9.11 35.52
CA LEU M 225 -48.22 -9.81 35.86
C LEU M 225 -49.52 -9.21 35.28
N LYS M 226 -49.70 -7.90 35.44
CA LYS M 226 -50.93 -7.24 34.99
C LYS M 226 -51.01 -6.94 33.49
N ARG M 227 -49.88 -6.87 32.81
CA ARG M 227 -49.90 -6.49 31.40
C ARG M 227 -49.77 -7.71 30.50
N GLU M 228 -48.65 -8.39 30.61
CA GLU M 228 -48.38 -9.54 29.76
C GLU M 228 -49.25 -10.74 30.11
N MET M 229 -49.25 -11.13 31.39
CA MET M 229 -50.05 -12.26 31.82
C MET M 229 -51.53 -11.96 32.11
N LYS M 230 -51.91 -10.69 32.09
CA LYS M 230 -53.30 -10.26 32.28
C LYS M 230 -53.99 -10.83 33.53
N SER M 231 -53.24 -10.97 34.62
CA SER M 231 -53.76 -11.66 35.79
C SER M 231 -54.28 -10.65 36.82
N THR M 232 -55.41 -10.96 37.43
CA THR M 232 -55.96 -10.10 38.48
C THR M 232 -55.68 -10.60 39.89
N THR M 233 -54.79 -11.59 40.01
CA THR M 233 -54.36 -12.03 41.33
C THR M 233 -53.70 -10.87 42.05
N PRO M 234 -54.16 -10.55 43.27
CA PRO M 234 -53.57 -9.45 44.03
C PRO M 234 -52.07 -9.59 44.27
N ILE M 235 -51.31 -8.55 43.95
CA ILE M 235 -49.86 -8.56 44.17
C ILE M 235 -49.44 -7.25 44.86
N GLY M 236 -48.39 -7.32 45.69
CA GLY M 236 -47.89 -6.12 46.35
C GLY M 236 -46.54 -6.32 47.03
N ILE M 237 -46.09 -5.29 47.73
CA ILE M 237 -44.86 -5.38 48.51
C ILE M 237 -45.16 -5.31 50.01
N THR M 238 -44.25 -5.83 50.81
CA THR M 238 -44.30 -5.64 52.25
C THR M 238 -43.09 -4.84 52.72
N LEU M 239 -43.34 -3.74 53.41
CA LEU M 239 -42.28 -2.99 54.08
C LEU M 239 -42.47 -3.11 55.57
N ASN M 240 -41.37 -3.25 56.30
CA ASN M 240 -41.44 -3.06 57.74
C ASN M 240 -41.35 -1.58 58.10
N LEU M 241 -42.29 -1.13 58.93
CA LEU M 241 -42.36 0.27 59.29
C LEU M 241 -42.38 0.47 60.80
N SER M 242 -41.50 1.33 61.29
CA SER M 242 -41.44 1.63 62.71
C SER M 242 -41.49 3.13 62.92
N PRO M 243 -42.62 3.64 63.42
CA PRO M 243 -42.68 5.09 63.62
C PRO M 243 -41.71 5.54 64.70
N MET M 244 -41.17 6.74 64.53
CA MET M 244 -40.09 7.23 65.37
C MET M 244 -40.53 8.46 66.17
N TYR M 245 -40.18 8.51 67.44
CA TYR M 245 -40.61 9.63 68.28
C TYR M 245 -39.41 10.24 69.01
N ALA M 246 -39.44 11.56 69.12
CA ALA M 246 -38.39 12.35 69.77
C ALA M 246 -38.50 12.42 71.28
N LYS M 247 -37.36 12.30 71.95
CA LYS M 247 -37.33 12.39 73.40
C LYS M 247 -37.76 13.79 73.83
N THR M 248 -37.29 14.81 73.11
CA THR M 248 -37.74 16.18 73.41
C THR M 248 -38.25 16.89 72.15
N ASP M 249 -38.72 18.12 72.34
CA ASP M 249 -39.22 18.94 71.23
C ASP M 249 -38.19 19.95 70.73
N SER M 250 -36.94 19.80 71.13
CA SER M 250 -35.88 20.68 70.63
C SER M 250 -35.57 20.48 69.15
N ALA M 251 -34.99 21.52 68.55
CA ALA M 251 -34.71 21.54 67.12
C ALA M 251 -33.73 20.46 66.70
N ASN M 252 -32.68 20.28 67.50
CA ASN M 252 -31.71 19.21 67.28
C ASN M 252 -32.36 17.85 67.13
N ASP M 253 -33.20 17.49 68.11
CA ASP M 253 -33.90 16.22 68.10
C ASP M 253 -34.93 16.09 66.98
N ARG M 254 -35.47 17.22 66.54
CA ARG M 254 -36.33 17.24 65.35
C ARG M 254 -35.60 16.95 64.04
N LEU M 255 -34.37 17.45 63.89
CA LEU M 255 -33.57 17.14 62.71
C LEU M 255 -33.22 15.66 62.69
N ALA M 256 -32.90 15.16 63.88
CA ALA M 256 -32.58 13.75 64.10
C ALA M 256 -33.77 12.89 63.69
N MET M 257 -34.94 13.33 64.14
CA MET M 257 -36.20 12.66 63.83
C MET M 257 -36.53 12.57 62.34
N ASN M 258 -36.51 13.70 61.65
CA ASN M 258 -36.75 13.71 60.20
C ASN M 258 -35.88 12.65 59.51
N ASN M 259 -34.60 12.66 59.86
CA ASN M 259 -33.60 11.77 59.27
C ASN M 259 -33.75 10.30 59.67
N ALA M 260 -34.09 10.04 60.93
CA ALA M 260 -34.41 8.68 61.32
C ALA M 260 -35.61 8.08 60.60
N ASP M 261 -36.68 8.87 60.46
CA ASP M 261 -37.88 8.46 59.75
C ASP M 261 -37.53 8.20 58.25
N GLY M 262 -36.72 9.08 57.66
CA GLY M 262 -36.32 8.95 56.27
C GLY M 262 -35.42 7.75 55.96
N TYR M 263 -34.50 7.45 56.88
CA TYR M 263 -33.60 6.31 56.70
C TYR M 263 -34.31 4.96 56.81
N SER M 264 -35.26 4.85 57.74
CA SER M 264 -35.98 3.60 57.94
C SER M 264 -37.23 3.46 57.06
N ASN M 265 -37.92 4.58 56.83
CA ASN M 265 -39.26 4.54 56.24
C ASN M 265 -39.46 5.28 54.91
N ARG M 266 -39.22 6.60 54.92
CA ARG M 266 -39.54 7.43 53.75
C ARG M 266 -38.68 7.17 52.52
N TRP M 267 -37.43 6.73 52.70
CA TRP M 267 -36.60 6.30 51.57
C TRP M 267 -37.26 5.19 50.73
N PHE M 268 -38.17 4.46 51.34
CA PHE M 268 -38.86 3.36 50.65
C PHE M 268 -40.30 3.71 50.32
N LEU M 269 -40.98 4.43 51.22
CA LEU M 269 -42.36 4.84 51.01
C LEU M 269 -42.53 5.89 49.91
N ASP M 270 -41.62 6.85 49.85
CA ASP M 270 -41.72 7.93 48.85
C ASP M 270 -41.60 7.44 47.39
N PRO M 271 -40.58 6.61 47.07
CA PRO M 271 -40.54 6.11 45.67
C PRO M 271 -41.71 5.22 45.25
N VAL M 272 -42.25 4.45 46.18
CA VAL M 272 -43.33 3.52 45.86
C VAL M 272 -44.65 4.21 45.58
N PHE M 273 -44.97 5.23 46.36
CA PHE M 273 -46.27 5.89 46.23
C PHE M 273 -46.19 7.28 45.61
N LYS M 274 -45.05 7.96 45.76
CA LYS M 274 -44.89 9.29 45.17
C LYS M 274 -44.02 9.24 43.91
N GLY M 275 -43.30 8.14 43.71
CA GLY M 275 -42.36 8.01 42.62
C GLY M 275 -41.14 8.91 42.64
N GLU M 276 -40.62 9.18 43.83
CA GLU M 276 -39.39 9.96 43.99
C GLU M 276 -38.67 9.58 45.27
N TYR M 277 -37.36 9.78 45.33
CA TYR M 277 -36.63 9.64 46.58
C TYR M 277 -36.62 10.97 47.32
N PRO M 278 -36.70 10.91 48.66
CA PRO M 278 -36.71 12.12 49.50
C PRO M 278 -35.36 12.83 49.50
N VAL M 279 -35.38 14.05 48.99
CA VAL M 279 -34.16 14.84 48.81
C VAL M 279 -33.43 15.11 50.12
N ASP M 280 -34.17 15.21 51.23
CA ASP M 280 -33.54 15.38 52.54
C ASP M 280 -32.61 14.24 52.92
N MET M 281 -33.04 13.01 52.60
CA MET M 281 -32.22 11.82 52.85
C MET M 281 -31.09 11.70 51.83
N MET M 282 -31.40 12.04 50.59
CA MET M 282 -30.40 12.09 49.53
C MET M 282 -29.21 12.98 49.89
N ASN M 283 -29.50 14.17 50.41
CA ASN M 283 -28.46 15.08 50.87
C ASN M 283 -27.66 14.51 52.03
N LEU M 284 -28.36 13.91 53.00
CA LEU M 284 -27.70 13.27 54.13
C LEU M 284 -26.81 12.09 53.71
N PHE M 285 -27.31 11.27 52.79
CA PHE M 285 -26.53 10.15 52.27
C PHE M 285 -25.37 10.57 51.37
N SER M 286 -25.41 11.80 50.88
CA SER M 286 -24.34 12.30 50.01
C SER M 286 -22.95 12.32 50.65
N LYS M 287 -22.87 12.15 51.97
CA LYS M 287 -21.59 11.91 52.62
C LYS M 287 -20.91 10.60 52.20
N TYR M 288 -21.70 9.65 51.70
CA TYR M 288 -21.17 8.41 51.14
C TYR M 288 -21.55 8.21 49.67
N VAL M 289 -22.73 8.67 49.30
CA VAL M 289 -23.24 8.42 47.96
C VAL M 289 -23.06 9.71 47.16
N HIS M 290 -22.15 9.65 46.20
CA HIS M 290 -21.72 10.84 45.49
C HIS M 290 -22.19 10.90 44.04
N ASN M 291 -23.13 10.03 43.68
CA ASN M 291 -23.84 10.16 42.42
C ASN M 291 -25.12 9.33 42.43
N PHE M 292 -26.19 9.90 41.87
CA PHE M 292 -27.47 9.21 41.77
C PHE M 292 -27.84 8.90 40.33
N ASP M 293 -26.81 8.76 39.50
CA ASP M 293 -26.95 8.39 38.08
C ASP M 293 -27.39 6.95 37.84
N PHE M 294 -27.44 6.16 38.90
CA PHE M 294 -28.08 4.84 38.84
C PHE M 294 -29.60 4.89 38.65
N ILE M 295 -30.24 6.00 38.96
CA ILE M 295 -31.64 6.17 38.59
C ILE M 295 -31.85 6.60 37.14
N GLN M 296 -32.03 5.60 36.28
CA GLN M 296 -32.29 5.78 34.85
C GLN M 296 -33.71 6.28 34.62
N SER M 297 -33.95 6.87 33.46
CA SER M 297 -35.29 7.31 33.06
C SER M 297 -36.24 6.14 32.85
N GLY M 298 -37.47 6.30 33.33
CA GLY M 298 -38.48 5.26 33.31
C GLY M 298 -38.55 4.43 34.58
N ASP M 299 -37.52 4.52 35.41
CA ASP M 299 -37.41 3.71 36.63
C ASP M 299 -38.48 4.08 37.66
N MET M 300 -38.58 5.38 37.96
CA MET M 300 -39.50 5.87 38.97
C MET M 300 -40.99 5.70 38.64
N GLU M 301 -41.32 5.66 37.35
CA GLU M 301 -42.68 5.35 36.92
C GLU M 301 -43.07 3.90 37.20
N THR M 302 -42.14 2.97 36.97
CA THR M 302 -42.35 1.55 37.25
C THR M 302 -42.47 1.25 38.74
N ILE M 303 -41.59 1.84 39.53
CA ILE M 303 -41.65 1.70 40.98
C ILE M 303 -43.02 2.11 41.55
N SER M 304 -43.62 3.16 40.98
CA SER M 304 -44.90 3.64 41.50
C SER M 304 -46.11 3.04 40.79
N THR M 305 -45.91 1.91 40.11
CA THR M 305 -47.00 1.20 39.43
C THR M 305 -48.08 0.82 40.45
N ALA M 306 -49.35 0.94 40.09
CA ALA M 306 -50.41 0.72 41.08
C ALA M 306 -50.40 -0.74 41.51
N CYS M 307 -50.53 -0.97 42.82
CA CYS M 307 -50.56 -2.32 43.38
C CYS M 307 -51.95 -2.66 43.89
N ASP M 308 -52.15 -3.93 44.28
CA ASP M 308 -53.46 -4.35 44.75
C ASP M 308 -53.54 -4.19 46.27
N PHE M 309 -52.41 -4.29 46.94
CA PHE M 309 -52.36 -4.04 48.38
C PHE M 309 -51.00 -3.47 48.80
N PHE M 310 -50.88 -3.09 50.07
CA PHE M 310 -49.61 -2.70 50.65
C PHE M 310 -49.36 -3.53 51.91
N GLY M 311 -48.20 -4.18 52.00
CA GLY M 311 -47.87 -4.96 53.17
C GLY M 311 -47.10 -4.16 54.21
N ILE M 312 -47.44 -4.37 55.48
CA ILE M 312 -46.74 -3.71 56.59
C ILE M 312 -46.34 -4.69 57.68
N ASN M 313 -45.04 -4.75 57.95
CA ASN M 313 -44.50 -5.38 59.14
C ASN M 313 -44.26 -4.40 60.30
N PHE M 314 -44.98 -4.58 61.41
CA PHE M 314 -44.80 -3.70 62.56
C PHE M 314 -44.35 -4.53 63.75
N TYR M 315 -43.35 -4.03 64.46
CA TYR M 315 -42.83 -4.70 65.64
C TYR M 315 -42.71 -3.77 66.85
N SER M 316 -42.20 -2.57 66.61
CA SER M 316 -41.91 -1.62 67.68
C SER M 316 -41.73 -0.18 67.18
N ARG M 317 -41.59 0.75 68.13
CA ARG M 317 -41.20 2.12 67.84
C ARG M 317 -39.68 2.31 68.04
N GLY M 318 -39.15 3.48 67.69
CA GLY M 318 -37.81 3.87 68.08
C GLY M 318 -37.67 5.31 68.54
N ILE M 319 -37.23 5.50 69.78
CA ILE M 319 -36.90 6.83 70.30
C ILE M 319 -35.46 7.24 69.95
N VAL M 320 -35.32 8.37 69.26
CA VAL M 320 -34.01 8.82 68.80
C VAL M 320 -33.60 10.19 69.35
N GLU M 321 -32.30 10.44 69.39
CA GLU M 321 -31.77 11.78 69.69
C GLU M 321 -30.69 12.22 68.69
N PHE M 322 -30.30 13.49 68.77
CA PHE M 322 -29.33 14.07 67.85
C PHE M 322 -27.91 13.65 68.22
N ASN M 323 -27.05 13.50 67.21
CA ASN M 323 -25.65 13.15 67.45
C ASN M 323 -24.72 13.89 66.51
N ALA M 324 -23.95 14.85 67.04
CA ALA M 324 -22.94 15.54 66.25
C ALA M 324 -21.87 14.61 65.67
N ALA M 325 -21.61 13.50 66.35
CA ALA M 325 -20.60 12.54 65.90
C ALA M 325 -21.16 11.42 65.02
N ASN M 326 -22.47 11.42 64.79
CA ASN M 326 -23.07 10.49 63.85
C ASN M 326 -23.10 11.05 62.42
N ASP M 327 -22.80 10.22 61.44
CA ASP M 327 -22.96 10.59 60.05
C ASP M 327 -24.41 10.94 59.72
N PHE M 328 -25.34 10.14 60.24
CA PHE M 328 -26.76 10.41 60.03
C PHE M 328 -27.39 11.14 61.19
N LEU M 329 -26.56 11.69 62.08
CA LEU M 329 -27.00 12.68 63.06
C LEU M 329 -27.91 12.09 64.14
N LYS M 330 -27.93 10.76 64.26
CA LYS M 330 -28.82 10.15 65.25
C LYS M 330 -28.26 8.92 65.97
N ALA M 331 -28.68 8.76 67.22
CA ALA M 331 -28.43 7.55 67.99
C ALA M 331 -29.72 7.17 68.72
N ASP M 332 -29.79 5.94 69.21
CA ASP M 332 -30.96 5.48 69.95
C ASP M 332 -31.05 6.12 71.35
N ALA M 333 -32.25 6.51 71.75
CA ALA M 333 -32.49 7.10 73.07
C ALA M 333 -33.07 6.10 74.07
N TYR M 334 -32.97 6.44 75.35
CA TYR M 334 -33.51 5.59 76.42
C TYR M 334 -35.05 5.56 76.41
N SER M 335 -35.60 4.35 76.45
CA SER M 335 -37.04 4.07 76.45
C SER M 335 -37.54 3.56 77.81
N ASP M 336 -38.68 4.09 78.28
CA ASP M 336 -39.28 3.59 79.52
C ASP M 336 -40.39 2.56 79.31
N TYR M 337 -40.63 2.17 78.08
CA TYR M 337 -41.64 1.16 77.78
C TYR M 337 -41.26 -0.21 78.34
N GLU M 338 -42.24 -1.10 78.50
CA GLU M 338 -41.99 -2.51 78.81
C GLU M 338 -41.33 -3.16 77.60
N LYS M 339 -40.33 -4.00 77.82
CA LYS M 339 -39.54 -4.52 76.71
C LYS M 339 -39.54 -6.04 76.59
N THR M 340 -39.39 -6.54 75.36
CA THR M 340 -39.33 -7.98 75.12
C THR M 340 -37.93 -8.49 75.48
N GLY M 341 -37.69 -9.78 75.26
CA GLY M 341 -36.35 -10.31 75.39
C GLY M 341 -35.35 -9.72 74.40
N MET M 342 -35.86 -9.24 73.26
CA MET M 342 -35.01 -8.58 72.27
C MET M 342 -34.69 -7.13 72.63
N GLY M 343 -35.42 -6.59 73.60
CA GLY M 343 -35.33 -5.18 73.89
C GLY M 343 -36.19 -4.26 73.04
N TRP M 344 -37.20 -4.79 72.34
CA TRP M 344 -38.06 -3.93 71.54
C TRP M 344 -39.25 -3.47 72.37
N ASP M 345 -39.66 -2.21 72.17
CA ASP M 345 -40.81 -1.65 72.86
C ASP M 345 -42.12 -2.32 72.46
N ILE M 346 -42.98 -2.58 73.44
CA ILE M 346 -44.36 -2.97 73.15
C ILE M 346 -45.22 -1.74 72.97
N ALA M 347 -45.69 -1.52 71.75
CA ALA M 347 -46.24 -0.22 71.35
C ALA M 347 -47.44 -0.38 70.41
N PRO M 348 -48.57 -0.88 70.94
CA PRO M 348 -49.77 -0.96 70.10
C PRO M 348 -50.40 0.41 69.84
N ASN M 349 -50.27 1.32 70.81
CA ASN M 349 -50.73 2.69 70.66
C ASN M 349 -49.99 3.44 69.55
N GLU M 350 -48.70 3.19 69.45
CA GLU M 350 -47.83 3.82 68.47
C GLU M 350 -48.00 3.26 67.05
N PHE M 351 -48.40 2.00 66.98
CA PHE M 351 -48.83 1.34 65.75
C PHE M 351 -50.01 2.02 65.07
N LYS M 352 -50.98 2.43 65.88
CA LYS M 352 -52.15 3.13 65.42
C LYS M 352 -51.85 4.49 64.81
N ASP M 353 -50.85 5.18 65.35
CA ASP M 353 -50.38 6.45 64.78
C ASP M 353 -49.83 6.26 63.37
N LEU M 354 -48.98 5.26 63.22
CA LEU M 354 -48.34 4.92 61.95
C LEU M 354 -49.30 4.71 60.77
N ILE M 355 -50.36 3.93 60.97
CA ILE M 355 -51.30 3.65 59.89
C ILE M 355 -52.01 4.89 59.32
N ARG M 356 -52.57 5.74 60.18
CA ARG M 356 -53.20 6.99 59.70
C ARG M 356 -52.28 7.84 58.83
N ARG M 357 -51.02 7.94 59.21
CA ARG M 357 -50.06 8.74 58.45
C ARG M 357 -49.89 8.18 57.04
N LEU M 358 -49.83 6.86 56.93
CA LEU M 358 -49.70 6.20 55.64
C LEU M 358 -50.93 6.43 54.74
N ARG M 359 -52.11 6.43 55.36
CA ARG M 359 -53.37 6.71 54.69
C ARG M 359 -53.57 8.18 54.31
N ALA M 360 -53.16 9.05 55.22
CA ALA M 360 -53.24 10.50 55.05
C ALA M 360 -52.32 11.07 53.97
N GLU M 361 -51.10 10.55 53.92
CA GLU M 361 -50.04 11.13 53.10
C GLU M 361 -49.71 10.38 51.81
N TYR M 362 -49.87 9.05 51.81
CA TYR M 362 -49.22 8.21 50.81
C TYR M 362 -50.14 7.42 49.89
N THR M 363 -51.02 6.60 50.47
CA THR M 363 -51.80 5.65 49.69
C THR M 363 -53.18 5.39 50.30
N ASP M 364 -54.15 5.12 49.45
CA ASP M 364 -55.46 4.62 49.89
C ASP M 364 -55.70 3.17 49.53
N LEU M 365 -54.64 2.46 49.18
CA LEU M 365 -54.73 1.03 48.88
C LEU M 365 -54.99 0.25 50.16
N PRO M 366 -55.64 -0.92 50.05
CA PRO M 366 -55.83 -1.81 51.20
C PRO M 366 -54.52 -2.29 51.83
N ILE M 367 -54.45 -2.26 53.15
CA ILE M 367 -53.25 -2.63 53.90
C ILE M 367 -53.34 -4.03 54.53
N TYR M 368 -52.27 -4.81 54.40
CA TYR M 368 -52.18 -6.09 55.11
C TYR M 368 -50.99 -6.07 56.08
N ILE M 369 -51.25 -6.36 57.35
CA ILE M 369 -50.15 -6.51 58.32
C ILE M 369 -49.49 -7.90 58.22
N THR M 370 -48.52 -8.02 57.32
CA THR M 370 -47.93 -9.31 56.96
C THR M 370 -46.96 -9.96 57.96
N GLU M 371 -46.45 -9.19 58.92
CA GLU M 371 -45.75 -9.76 60.09
C GLU M 371 -45.88 -8.93 61.36
N ASN M 372 -46.36 -9.55 62.43
CA ASN M 372 -46.23 -9.03 63.78
C ASN M 372 -46.06 -10.12 64.84
N GLY M 373 -45.20 -9.86 65.82
CA GLY M 373 -44.93 -10.85 66.86
C GLY M 373 -43.79 -10.46 67.79
N ALA M 374 -43.42 -11.39 68.68
CA ALA M 374 -42.42 -11.11 69.71
C ALA M 374 -41.69 -12.37 70.18
N ALA M 375 -40.44 -12.20 70.63
CA ALA M 375 -39.68 -13.29 71.23
C ALA M 375 -39.60 -13.10 72.75
N PHE M 376 -39.96 -14.14 73.48
CA PHE M 376 -39.85 -14.15 74.94
C PHE M 376 -39.14 -15.38 75.49
N ASP M 377 -38.61 -15.23 76.71
CA ASP M 377 -37.90 -16.31 77.39
C ASP M 377 -38.90 -17.39 77.81
N ASP M 378 -39.20 -18.29 76.89
CA ASP M 378 -40.18 -19.36 77.07
C ASP M 378 -39.69 -20.54 77.90
N VAL M 379 -40.45 -20.87 78.94
CA VAL M 379 -40.14 -22.00 79.82
C VAL M 379 -41.10 -23.17 79.56
N LEU M 380 -40.52 -24.29 79.13
CA LEU M 380 -41.22 -25.58 78.99
C LEU M 380 -41.42 -26.29 80.34
N GLU M 381 -42.68 -26.56 80.67
CA GLU M 381 -43.05 -27.19 81.92
C GLU M 381 -44.12 -28.26 81.73
N ASN M 382 -43.68 -29.51 81.73
CA ASN M 382 -44.53 -30.71 81.70
C ASN M 382 -45.30 -30.86 80.38
N GLY M 383 -44.53 -30.87 79.29
CA GLY M 383 -45.05 -30.99 77.94
C GLY M 383 -46.02 -29.90 77.60
N GLU M 384 -45.79 -28.72 78.16
CA GLU M 384 -46.67 -27.57 78.02
C GLU M 384 -45.84 -26.31 78.23
N VAL M 385 -46.18 -25.25 77.49
CA VAL M 385 -45.49 -23.98 77.65
C VAL M 385 -46.50 -22.83 77.83
N HIS M 386 -46.45 -22.26 79.03
CA HIS M 386 -47.33 -21.18 79.47
C HIS M 386 -46.72 -19.78 79.32
N ASP M 387 -46.99 -19.19 78.16
CA ASP M 387 -46.49 -17.87 77.75
C ASP M 387 -47.58 -16.79 77.76
N ASP M 388 -48.05 -16.46 78.96
CA ASP M 388 -49.07 -15.42 79.15
C ASP M 388 -48.60 -14.04 78.71
N ASN M 389 -47.31 -13.77 78.90
CA ASN M 389 -46.69 -12.53 78.43
C ASN M 389 -46.76 -12.36 76.90
N ARG M 390 -46.60 -13.46 76.18
CA ARG M 390 -46.76 -13.50 74.73
C ARG M 390 -48.20 -13.33 74.19
N ILE M 391 -49.19 -13.79 74.95
CA ILE M 391 -50.61 -13.67 74.56
C ILE M 391 -51.17 -12.23 74.52
N ASP M 392 -50.82 -11.42 75.53
CA ASP M 392 -51.18 -10.01 75.58
C ASP M 392 -50.77 -9.22 74.31
N TYR M 393 -49.50 -9.31 73.93
CA TYR M 393 -48.95 -8.57 72.80
C TYR M 393 -49.76 -8.71 71.52
N VAL M 394 -50.05 -9.93 71.08
CA VAL M 394 -50.76 -10.10 69.83
C VAL M 394 -52.20 -9.57 69.99
N ARG M 395 -52.79 -9.84 71.16
CA ARG M 395 -54.14 -9.39 71.52
C ARG M 395 -54.26 -7.86 71.58
N GLN M 396 -53.23 -7.21 72.12
CA GLN M 396 -53.18 -5.75 72.17
C GLN M 396 -53.21 -5.17 70.76
N HIS M 397 -52.47 -5.82 69.86
CA HIS M 397 -52.41 -5.41 68.46
C HIS M 397 -53.71 -5.73 67.74
N LEU M 398 -54.28 -6.90 68.03
CA LEU M 398 -55.59 -7.27 67.46
C LEU M 398 -56.72 -6.33 67.90
N GLU M 399 -56.69 -5.88 69.14
CA GLU M 399 -57.61 -4.83 69.57
C GLU M 399 -57.37 -3.56 68.77
N ALA M 400 -56.09 -3.23 68.57
CA ALA M 400 -55.70 -2.11 67.73
C ALA M 400 -56.13 -2.35 66.28
N VAL M 401 -56.08 -3.60 65.83
CA VAL M 401 -56.60 -3.92 64.50
C VAL M 401 -58.12 -3.69 64.42
N SER M 402 -58.85 -4.07 65.47
CA SER M 402 -60.30 -3.90 65.49
C SER M 402 -60.80 -2.45 65.55
N ASP M 403 -60.17 -1.64 66.39
CA ASP M 403 -60.47 -0.20 66.50
C ASP M 403 -60.21 0.64 65.23
N LEU M 404 -59.15 0.32 64.50
CA LEU M 404 -58.80 1.01 63.25
C LEU M 404 -59.81 0.81 62.10
N ASN M 405 -60.34 -0.39 61.96
CA ASN M 405 -61.34 -0.70 60.93
C ASN M 405 -62.68 0.03 61.08
N ASP M 406 -63.07 0.41 62.28
CA ASP M 406 -64.25 1.25 62.47
C ASP M 406 -64.12 2.66 61.87
N GLU M 407 -62.90 3.20 61.82
CA GLU M 407 -62.72 4.49 61.15
C GLU M 407 -62.74 4.36 59.63
N GLY M 408 -62.60 3.15 59.12
CA GLY M 408 -62.61 2.92 57.68
C GLY M 408 -61.27 2.84 56.96
N MET M 409 -60.22 2.48 57.68
CA MET M 409 -58.89 2.46 57.09
C MET M 409 -58.62 1.20 56.27
N ASN M 410 -59.52 0.23 56.40
CA ASN M 410 -59.58 -0.94 55.52
C ASN M 410 -58.29 -1.78 55.54
N ILE M 411 -57.94 -2.28 56.71
CA ILE M 411 -56.88 -3.29 56.84
C ILE M 411 -57.53 -4.67 56.82
N GLN M 412 -57.45 -5.32 55.67
CA GLN M 412 -58.16 -6.56 55.39
C GLN M 412 -57.56 -7.81 56.04
N GLY M 413 -56.30 -7.78 56.44
CA GLY M 413 -55.71 -8.97 57.04
C GLY M 413 -54.51 -8.76 57.94
N TYR M 414 -54.13 -9.84 58.62
CA TYR M 414 -53.07 -9.82 59.64
C TYR M 414 -52.41 -11.19 59.78
N TYR M 415 -51.11 -11.25 59.54
CA TYR M 415 -50.37 -12.50 59.64
C TYR M 415 -49.42 -12.51 60.84
N LEU M 416 -49.67 -13.41 61.78
CA LEU M 416 -48.86 -13.52 63.00
C LEU M 416 -47.52 -14.23 62.79
N TRP M 417 -46.43 -13.51 63.03
CA TRP M 417 -45.09 -14.08 62.97
C TRP M 417 -44.60 -14.55 64.34
N SER M 418 -44.19 -15.82 64.45
CA SER M 418 -44.20 -16.77 63.34
C SER M 418 -45.01 -18.01 63.69
N LEU M 419 -45.36 -18.81 62.71
CA LEU M 419 -46.10 -20.05 62.94
C LEU M 419 -45.34 -21.02 63.82
N MET M 420 -44.09 -21.31 63.44
CA MET M 420 -43.24 -22.20 64.21
C MET M 420 -41.94 -21.51 64.60
N ASP M 421 -41.26 -22.05 65.60
CA ASP M 421 -39.91 -21.65 65.96
C ASP M 421 -38.89 -21.88 64.85
N ASN M 422 -38.07 -20.88 64.56
CA ASN M 422 -37.20 -20.96 63.40
C ASN M 422 -35.84 -20.27 63.61
N PHE M 423 -34.94 -20.44 62.65
CA PHE M 423 -33.65 -19.76 62.65
C PHE M 423 -33.78 -18.25 62.56
N GLU M 424 -33.57 -17.54 63.67
CA GLU M 424 -33.77 -16.09 63.66
C GLU M 424 -32.45 -15.37 63.36
N TRP M 425 -31.87 -15.68 62.21
CA TRP M 425 -30.76 -14.92 61.64
C TRP M 425 -29.55 -14.82 62.59
N SER M 426 -29.14 -13.59 62.92
CA SER M 426 -27.95 -13.38 63.75
C SER M 426 -28.10 -13.82 65.20
N PHE M 427 -29.34 -13.93 65.67
CA PHE M 427 -29.61 -14.44 67.02
C PHE M 427 -29.64 -15.98 67.03
N GLY M 428 -29.70 -16.57 65.84
CA GLY M 428 -29.77 -18.01 65.68
C GLY M 428 -31.04 -18.59 66.26
N TYR M 429 -30.95 -19.78 66.86
CA TYR M 429 -32.13 -20.37 67.48
C TYR M 429 -32.34 -19.95 68.95
N GLU M 430 -31.49 -19.03 69.41
CA GLU M 430 -31.60 -18.46 70.75
C GLU M 430 -32.83 -17.60 71.06
N LYS M 431 -33.42 -17.00 70.02
CA LYS M 431 -34.61 -16.17 70.22
C LYS M 431 -35.83 -16.82 69.57
N ARG M 432 -36.99 -16.62 70.19
CA ARG M 432 -38.22 -17.27 69.74
C ARG M 432 -39.37 -16.29 69.46
N GLY M 434 -42.14 -18.06 67.53
CA GLY M 434 -43.11 -19.02 67.04
C GLY M 434 -44.36 -19.08 67.88
N ILE M 435 -45.49 -19.41 67.26
CA ILE M 435 -46.68 -19.85 67.99
C ILE M 435 -46.58 -21.34 68.34
N LEU M 436 -45.79 -22.09 67.57
CA LEU M 436 -45.50 -23.48 67.88
C LEU M 436 -44.07 -23.64 68.38
N TYR M 437 -43.92 -24.23 69.57
CA TYR M 437 -42.57 -24.44 70.10
C TYR M 437 -41.90 -25.56 69.31
N ILE M 438 -40.59 -25.45 69.09
CA ILE M 438 -39.86 -26.48 68.36
C ILE M 438 -38.56 -26.91 69.03
N ASP M 439 -38.50 -28.18 69.42
CA ASP M 439 -37.25 -28.80 69.83
C ASP M 439 -36.41 -29.19 68.62
N PHE M 440 -35.24 -28.58 68.46
CA PHE M 440 -34.47 -28.72 67.24
C PHE M 440 -33.67 -30.01 67.22
N GLN M 443 -37.36 -33.18 67.26
CA GLN M 443 -37.71 -32.40 66.08
C GLN M 443 -39.20 -32.11 66.02
N GLU M 444 -39.97 -33.00 66.64
CA GLU M 444 -41.39 -32.80 66.90
C GLU M 444 -41.64 -31.48 67.60
N ARG M 445 -42.59 -30.71 67.07
CA ARG M 445 -43.10 -29.49 67.73
C ARG M 445 -44.25 -29.72 68.71
N ILE M 446 -44.36 -28.77 69.64
CA ILE M 446 -45.45 -28.66 70.61
C ILE M 446 -46.19 -27.33 70.53
N TRP M 447 -47.51 -27.41 70.37
CA TRP M 447 -48.37 -26.23 70.37
C TRP M 447 -48.30 -25.51 71.70
N LYS M 448 -48.33 -24.18 71.64
CA LYS M 448 -48.49 -23.37 72.84
C LYS M 448 -49.94 -23.02 73.17
N ASP M 449 -50.15 -22.53 74.40
CA ASP M 449 -51.45 -22.09 74.87
C ASP M 449 -51.95 -20.93 74.01
N SER M 450 -50.99 -20.13 73.54
CA SER M 450 -51.25 -19.01 72.64
C SER M 450 -51.81 -19.46 71.29
N ALA M 451 -51.38 -20.62 70.81
CA ALA M 451 -51.94 -21.18 69.58
C ALA M 451 -53.41 -21.53 69.75
N LYS M 452 -53.74 -22.24 70.82
CA LYS M 452 -55.11 -22.51 71.19
C LYS M 452 -55.94 -21.23 71.31
N TRP M 453 -55.39 -20.24 72.01
CA TRP M 453 -56.04 -18.94 72.16
C TRP M 453 -56.22 -18.34 70.76
N TYR M 454 -55.17 -18.43 69.96
CA TYR M 454 -55.15 -17.89 68.60
C TYR M 454 -56.19 -18.66 67.78
N ALA M 455 -56.22 -19.98 67.97
CA ALA M 455 -57.23 -20.87 67.39
C ALA M 455 -58.66 -20.50 67.78
N GLY M 456 -58.87 -20.21 69.07
CA GLY M 456 -60.16 -19.82 69.61
C GLY M 456 -60.68 -18.46 69.16
N VAL M 457 -59.76 -17.55 68.89
CA VAL M 457 -60.07 -16.26 68.29
C VAL M 457 -60.66 -16.48 66.90
N ILE M 458 -60.03 -17.37 66.15
CA ILE M 458 -60.50 -17.74 64.82
C ILE M 458 -61.88 -18.40 64.80
N ALA M 459 -62.12 -19.30 65.74
CA ALA M 459 -63.41 -19.98 65.83
C ALA M 459 -64.52 -18.98 66.15
N ASP M 460 -64.28 -18.17 67.17
CA ASP M 460 -65.16 -17.09 67.63
C ASP M 460 -65.41 -16.00 66.60
N HIS M 461 -64.66 -15.99 65.51
CA HIS M 461 -64.93 -15.04 64.42
C HIS M 461 -66.33 -15.23 63.81
N LYS M 462 -66.65 -16.40 63.29
CA LYS M 462 -67.98 -16.60 62.71
C LYS M 462 -69.09 -16.35 63.72
N MET N 22 -44.78 50.17 30.24
CA MET N 22 -46.05 49.86 29.61
C MET N 22 -47.13 49.59 30.66
N HIS N 23 -47.11 50.34 31.76
CA HIS N 23 -48.07 50.16 32.84
C HIS N 23 -49.49 50.55 32.40
N LYS N 26 -52.56 52.31 39.02
CA LYS N 26 -52.54 53.76 39.10
C LYS N 26 -51.84 54.21 40.37
N ASP N 27 -51.93 53.35 41.39
CA ASP N 27 -51.29 53.56 42.68
C ASP N 27 -49.87 53.00 42.68
N PHE N 28 -49.42 52.54 41.51
CA PHE N 28 -48.07 52.00 41.39
C PHE N 28 -47.00 53.07 41.54
N VAL N 29 -46.02 52.71 42.36
CA VAL N 29 -44.91 53.57 42.75
C VAL N 29 -43.63 53.22 41.99
N PHE N 30 -43.12 54.17 41.20
CA PHE N 30 -41.78 54.03 40.67
C PHE N 30 -40.81 54.59 41.67
N GLY N 31 -39.62 54.02 41.72
CA GLY N 31 -38.61 54.44 42.68
C GLY N 31 -37.21 54.09 42.27
N THR N 32 -36.25 54.55 43.07
CA THR N 32 -34.85 54.16 42.93
C THR N 32 -34.20 53.97 44.29
N ALA N 33 -33.00 53.42 44.33
CA ALA N 33 -32.40 52.96 45.58
C ALA N 33 -30.87 53.02 45.59
N THR N 34 -30.31 53.12 46.80
CA THR N 34 -28.87 53.12 47.05
C THR N 34 -28.53 52.48 48.40
N SER N 35 -27.23 52.37 48.69
CA SER N 35 -26.77 52.01 50.03
C SER N 35 -25.67 52.92 50.57
N SER N 36 -25.54 52.95 51.88
CA SER N 36 -24.73 53.93 52.59
C SER N 36 -23.23 53.94 52.29
N TYR N 37 -22.58 52.79 52.41
CA TYR N 37 -21.14 52.74 52.19
C TYR N 37 -20.81 53.00 50.72
N GLN N 38 -21.78 52.71 49.86
CA GLN N 38 -21.64 52.90 48.43
C GLN N 38 -21.69 54.38 48.03
N ILE N 39 -22.41 55.20 48.79
CA ILE N 39 -22.61 56.60 48.41
C ILE N 39 -22.01 57.63 49.39
N GLU N 40 -22.06 57.37 50.70
CA GLU N 40 -21.81 58.43 51.70
C GLU N 40 -20.42 59.05 51.59
N GLY N 41 -19.39 58.22 51.66
CA GLY N 41 -18.02 58.71 51.77
C GLY N 41 -17.78 59.23 53.17
N ALA N 42 -16.95 60.28 53.29
CA ALA N 42 -16.65 60.90 54.58
C ALA N 42 -16.32 59.87 55.67
N HIS N 43 -15.40 58.98 55.36
CA HIS N 43 -15.18 57.77 56.14
C HIS N 43 -14.59 58.04 57.52
N ASN N 44 -13.88 59.16 57.67
CA ASN N 44 -13.31 59.52 58.97
C ASN N 44 -13.88 60.85 59.46
N GLU N 45 -15.06 61.18 58.96
CA GLU N 45 -15.75 62.41 59.30
C GLU N 45 -17.06 62.10 60.02
N GLY N 46 -17.56 63.05 60.79
CA GLY N 46 -18.81 62.86 61.53
C GLY N 46 -18.83 61.86 62.67
N GLY N 47 -17.70 61.62 63.31
CA GLY N 47 -17.65 60.62 64.37
C GLY N 47 -17.57 59.17 63.94
N ARG N 48 -17.41 58.94 62.64
CA ARG N 48 -17.38 57.58 62.10
C ARG N 48 -16.12 56.83 62.51
N THR N 49 -16.30 55.56 62.87
CA THR N 49 -15.19 54.68 63.17
C THR N 49 -15.12 53.62 62.07
N PRO N 50 -13.99 52.89 61.97
CA PRO N 50 -13.87 51.97 60.82
C PRO N 50 -14.89 50.84 60.86
N SER N 51 -15.40 50.48 59.69
CA SER N 51 -16.24 49.29 59.56
C SER N 51 -15.46 48.09 59.08
N ILE N 52 -16.10 46.93 59.14
CA ILE N 52 -15.57 45.67 58.60
C ILE N 52 -15.09 45.79 57.15
N TRP N 53 -15.80 46.57 56.34
CA TRP N 53 -15.42 46.76 54.94
C TRP N 53 -14.13 47.55 54.78
N ASP N 54 -13.83 48.41 55.76
CA ASP N 54 -12.54 49.12 55.79
C ASP N 54 -11.36 48.16 55.96
N MET N 55 -11.45 47.25 56.93
CA MET N 55 -10.41 46.28 57.19
C MET N 55 -10.27 45.25 56.07
N PHE N 56 -11.42 44.87 55.51
CA PHE N 56 -11.47 43.96 54.36
C PHE N 56 -10.77 44.52 53.11
N CYS N 57 -11.00 45.78 52.81
CA CYS N 57 -10.31 46.47 51.71
C CYS N 57 -8.78 46.49 51.79
N ASP N 58 -8.24 46.55 53.01
CA ASP N 58 -6.79 46.54 53.20
C ASP N 58 -6.18 45.14 53.12
N ILE N 59 -7.01 44.09 53.20
CA ILE N 59 -6.48 42.75 53.07
C ILE N 59 -6.19 42.43 51.62
N ASP N 60 -5.02 41.85 51.37
CA ASP N 60 -4.53 41.60 50.03
C ASP N 60 -5.35 40.57 49.26
N GLY N 61 -5.81 40.94 48.08
CA GLY N 61 -6.48 40.02 47.20
C GLY N 61 -7.97 39.84 47.43
N ARG N 62 -8.55 40.66 48.29
CA ARG N 62 -9.97 40.53 48.63
C ARG N 62 -10.81 41.46 47.77
N VAL N 63 -10.29 42.65 47.50
CA VAL N 63 -11.01 43.65 46.72
C VAL N 63 -10.15 44.09 45.54
N PHE N 64 -10.81 44.41 44.42
CA PHE N 64 -10.12 44.78 43.18
C PHE N 64 -9.16 45.95 43.45
N GLU N 65 -7.86 45.67 43.32
CA GLU N 65 -6.80 46.67 43.50
C GLU N 65 -6.84 47.50 44.78
N LYS N 66 -7.15 46.86 45.91
CA LYS N 66 -7.19 47.56 47.20
C LYS N 66 -8.12 48.78 47.31
N HIS N 67 -9.13 48.86 46.45
CA HIS N 67 -10.05 50.00 46.47
C HIS N 67 -10.85 50.05 47.77
N ASN N 68 -11.26 51.26 48.16
CA ASN N 68 -11.97 51.48 49.41
C ASN N 68 -13.02 52.56 49.25
N GLY N 69 -13.82 52.81 50.29
CA GLY N 69 -14.87 53.82 50.30
C GLY N 69 -14.66 55.16 50.96
N ASP N 70 -13.41 55.62 50.94
CA ASP N 70 -13.04 56.92 51.50
C ASP N 70 -13.81 58.07 50.87
N VAL N 71 -13.84 58.16 49.54
CA VAL N 71 -14.58 59.24 48.87
C VAL N 71 -15.95 58.84 48.33
N ALA N 72 -16.03 57.75 47.58
CA ALA N 72 -17.30 57.29 47.00
C ALA N 72 -17.98 58.37 46.17
N CYS N 73 -19.27 58.61 46.41
CA CYS N 73 -19.96 59.68 45.71
C CYS N 73 -19.88 61.03 46.44
N ASP N 74 -19.13 61.04 47.55
CA ASP N 74 -18.83 62.26 48.32
C ASP N 74 -20.14 62.95 48.74
N HIS N 75 -21.13 62.12 49.08
CA HIS N 75 -22.49 62.56 49.38
C HIS N 75 -22.70 63.25 50.72
N TYR N 76 -21.86 62.95 51.71
CA TYR N 76 -21.97 63.62 53.01
C TYR N 76 -21.82 65.14 52.86
N HIS N 77 -20.92 65.54 51.96
CA HIS N 77 -20.71 66.96 51.63
C HIS N 77 -21.66 67.49 50.54
N ARG N 78 -21.89 66.69 49.51
CA ARG N 78 -22.68 67.09 48.35
C ARG N 78 -24.13 66.61 48.40
N TYR N 79 -24.65 66.52 49.61
CA TYR N 79 -26.00 66.02 49.85
C TYR N 79 -27.15 66.84 49.23
N GLU N 80 -27.01 68.15 49.10
CA GLU N 80 -28.11 68.94 48.51
C GLU N 80 -28.34 68.75 47.01
N GLU N 81 -27.25 68.72 46.25
CA GLU N 81 -27.25 68.45 44.81
C GLU N 81 -27.78 67.12 44.25
N ASP N 82 -27.46 66.00 44.89
CA ASP N 82 -27.98 64.71 44.43
C ASP N 82 -29.49 64.58 44.67
N ILE N 83 -29.98 65.22 45.74
CA ILE N 83 -31.41 65.31 46.01
C ILE N 83 -32.14 65.99 44.85
N GLN N 84 -31.52 67.01 44.26
CA GLN N 84 -32.12 67.69 43.12
C GLN N 84 -32.21 66.75 41.93
N HIS N 85 -31.13 66.02 41.65
CA HIS N 85 -31.15 64.97 40.62
C HIS N 85 -32.29 63.99 40.89
N ILE N 86 -32.49 63.65 42.16
CA ILE N 86 -33.57 62.77 42.59
C ILE N 86 -34.92 63.45 42.40
N LYS N 87 -35.00 64.69 42.89
CA LYS N 87 -36.16 65.55 42.68
C LYS N 87 -36.50 65.67 41.19
N LYS N 88 -35.49 65.71 40.34
CA LYS N 88 -35.73 65.83 38.90
C LYS N 88 -36.35 64.52 38.43
N LEU N 89 -35.89 63.41 38.99
CA LEU N 89 -36.53 62.13 38.72
C LEU N 89 -37.96 62.22 39.25
N GLY N 90 -38.90 61.69 38.47
CA GLY N 90 -40.30 61.67 38.84
C GLY N 90 -40.69 60.48 39.69
N VAL N 91 -39.72 59.85 40.34
CA VAL N 91 -40.02 58.71 41.19
C VAL N 91 -40.86 59.07 42.41
N ASP N 92 -41.80 58.18 42.71
CA ASP N 92 -42.70 58.29 43.85
C ASP N 92 -41.97 58.09 45.17
N THR N 93 -40.95 57.25 45.15
CA THR N 93 -40.25 56.85 46.37
C THR N 93 -38.74 56.81 46.15
N TYR N 94 -37.99 57.25 47.14
CA TYR N 94 -36.54 57.07 47.15
C TYR N 94 -36.09 56.18 48.31
N ARG N 95 -35.36 55.12 47.98
CA ARG N 95 -34.82 54.19 48.96
C ARG N 95 -33.34 54.43 49.26
N PHE N 96 -33.02 54.58 50.54
CA PHE N 96 -31.63 54.68 50.96
C PHE N 96 -31.39 53.91 52.26
N SER N 97 -30.13 53.63 52.56
CA SER N 97 -29.75 52.91 53.77
C SER N 97 -29.06 53.80 54.82
N ILE N 98 -29.15 53.40 56.09
CA ILE N 98 -28.49 54.10 57.18
C ILE N 98 -27.17 53.45 57.58
N ALA N 99 -26.12 54.26 57.70
CA ALA N 99 -24.80 53.80 58.14
C ALA N 99 -24.72 53.62 59.66
N TRP N 100 -24.71 52.35 60.10
CA TRP N 100 -24.55 52.00 61.51
C TRP N 100 -23.34 52.65 62.21
N PRO N 101 -22.16 52.67 61.57
CA PRO N 101 -21.04 53.29 62.31
C PRO N 101 -21.08 54.81 62.51
N ARG N 102 -21.98 55.54 61.84
CA ARG N 102 -22.23 56.93 62.23
C ARG N 102 -23.13 57.14 63.45
N ILE N 103 -24.07 56.24 63.66
CA ILE N 103 -25.01 56.44 64.75
C ILE N 103 -24.48 55.86 66.06
N PHE N 104 -23.88 54.68 66.01
CA PHE N 104 -23.23 54.11 67.19
C PHE N 104 -21.80 53.74 66.87
N PRO N 105 -20.91 54.76 66.80
CA PRO N 105 -19.48 54.50 66.56
C PRO N 105 -18.88 53.69 67.69
N ALA N 106 -19.49 53.79 68.87
CA ALA N 106 -19.20 52.88 69.96
C ALA N 106 -20.52 52.35 70.54
N LYS N 107 -20.42 51.25 71.27
CA LYS N 107 -21.60 50.63 71.88
C LYS N 107 -22.23 51.56 72.92
N GLY N 108 -23.53 51.77 72.82
CA GLY N 108 -24.21 52.62 73.79
C GLY N 108 -23.92 54.11 73.68
N GLU N 109 -23.20 54.52 72.65
CA GLU N 109 -22.80 55.92 72.51
C GLU N 109 -23.45 56.57 71.30
N TYR N 110 -24.57 57.24 71.56
CA TYR N 110 -25.34 57.94 70.53
C TYR N 110 -24.57 59.11 69.92
N ASN N 111 -24.63 59.23 68.60
CA ASN N 111 -23.95 60.29 67.87
C ASN N 111 -24.94 61.22 67.17
N PRO N 112 -25.34 62.31 67.84
CA PRO N 112 -26.40 63.14 67.26
C PRO N 112 -25.97 63.80 65.94
N GLU N 113 -24.67 63.97 65.73
CA GLU N 113 -24.14 64.47 64.47
C GLU N 113 -24.47 63.53 63.31
N GLY N 114 -24.37 62.22 63.56
CA GLY N 114 -24.72 61.23 62.56
C GLY N 114 -26.19 61.25 62.20
N MET N 115 -27.05 61.30 63.22
CA MET N 115 -28.49 61.37 63.05
C MET N 115 -28.95 62.65 62.36
N ALA N 116 -28.24 63.74 62.59
CA ALA N 116 -28.58 65.02 61.98
C ALA N 116 -28.56 64.92 60.46
N PHE N 117 -27.51 64.30 59.91
CA PHE N 117 -27.41 64.11 58.48
C PHE N 117 -28.66 63.46 57.91
N TYR N 118 -29.10 62.40 58.57
CA TYR N 118 -30.33 61.67 58.20
C TYR N 118 -31.62 62.43 58.52
N LYS N 119 -31.63 63.10 59.66
CA LYS N 119 -32.77 63.95 60.06
C LYS N 119 -33.06 65.08 59.07
N ASN N 120 -32.01 65.75 58.60
CA ASN N 120 -32.16 66.76 57.57
C ASN N 120 -32.62 66.19 56.22
N LEU N 121 -32.01 65.09 55.83
CA LEU N 121 -32.34 64.38 54.59
C LEU N 121 -33.78 63.88 54.45
N ALA N 122 -34.30 63.28 55.51
CA ALA N 122 -35.67 62.77 55.49
C ALA N 122 -36.74 63.86 55.45
N LEU N 123 -36.50 64.94 56.19
CA LEU N 123 -37.43 66.06 56.23
C LEU N 123 -37.51 66.80 54.88
N ARG N 124 -36.34 67.01 54.27
CA ARG N 124 -36.22 67.64 52.96
C ARG N 124 -36.85 66.87 51.80
N LEU N 125 -36.74 65.54 51.82
CA LEU N 125 -37.37 64.70 50.80
C LEU N 125 -38.90 64.79 50.78
N ARG N 126 -39.52 64.78 51.95
CA ARG N 126 -40.96 64.97 52.05
C ARG N 126 -41.38 66.30 51.45
N GLU N 127 -40.64 67.34 51.80
CA GLU N 127 -40.81 68.67 51.23
C GLU N 127 -40.80 68.65 49.70
N GLU N 128 -39.93 67.83 49.12
CA GLU N 128 -39.85 67.75 47.67
C GLU N 128 -40.87 66.76 47.11
N GLY N 129 -41.77 66.31 47.99
CA GLY N 129 -42.80 65.35 47.65
C GLY N 129 -42.37 63.91 47.39
N ILE N 130 -41.22 63.52 47.92
CA ILE N 130 -40.72 62.17 47.69
C ILE N 130 -40.80 61.31 48.94
N LYS N 131 -41.46 60.15 48.84
CA LYS N 131 -41.57 59.26 49.98
C LYS N 131 -40.22 58.57 50.22
N PRO N 132 -39.66 58.74 51.41
CA PRO N 132 -38.39 58.09 51.80
C PRO N 132 -38.58 56.69 52.38
N ALA N 133 -37.97 55.72 51.73
CA ALA N 133 -38.00 54.32 52.16
C ALA N 133 -36.63 53.93 52.72
N VAL N 134 -36.58 53.64 54.03
CA VAL N 134 -35.30 53.55 54.72
C VAL N 134 -34.91 52.12 55.11
N THR N 135 -33.73 51.71 54.63
CA THR N 135 -33.13 50.43 54.97
C THR N 135 -32.18 50.56 56.16
N ILE N 136 -32.44 49.79 57.21
CA ILE N 136 -31.63 49.83 58.41
C ILE N 136 -30.25 49.18 58.27
N TYR N 137 -30.21 47.94 57.78
CA TYR N 137 -28.93 47.23 57.62
C TYR N 137 -28.59 46.88 56.17
N HIS N 138 -27.55 47.51 55.63
CA HIS N 138 -27.05 47.17 54.31
C HIS N 138 -25.56 46.86 54.33
N TRP N 139 -25.17 46.00 55.28
CA TRP N 139 -23.88 45.30 55.31
C TRP N 139 -22.75 46.08 55.97
N ASP N 140 -23.03 47.32 56.39
CA ASP N 140 -21.95 48.14 56.92
C ASP N 140 -21.83 48.05 58.44
N LEU N 141 -21.46 46.85 58.91
CA LEU N 141 -21.21 46.59 60.33
C LEU N 141 -19.96 47.28 60.90
N PRO N 142 -20.08 47.90 62.09
CA PRO N 142 -18.96 48.56 62.78
C PRO N 142 -17.90 47.55 63.28
N MET N 143 -16.64 47.97 63.33
CA MET N 143 -15.52 47.10 63.75
C MET N 143 -15.58 46.61 65.21
N TRP N 144 -16.11 47.44 66.10
CA TRP N 144 -16.35 47.06 67.50
C TRP N 144 -17.27 45.86 67.69
N ALA N 145 -18.21 45.66 66.79
CA ALA N 145 -19.14 44.53 66.85
C ALA N 145 -18.46 43.22 66.48
N HIS N 146 -17.70 43.23 65.39
CA HIS N 146 -16.90 42.08 64.96
C HIS N 146 -15.99 41.44 66.01
N GLU N 147 -15.31 42.24 66.81
CA GLU N 147 -14.36 41.72 67.81
C GLU N 147 -15.00 40.90 68.94
N GLU N 148 -16.29 41.05 69.18
CA GLU N 148 -16.99 40.14 70.09
C GLU N 148 -17.61 38.96 69.34
N GLY N 149 -17.21 38.77 68.09
CA GLY N 149 -17.73 37.68 67.28
C GLY N 149 -18.65 38.11 66.15
N GLY N 150 -19.16 39.33 66.22
CA GLY N 150 -20.05 39.83 65.18
C GLY N 150 -21.39 39.11 65.19
N TRP N 151 -21.91 38.81 64.00
CA TRP N 151 -23.18 38.12 63.87
C TRP N 151 -23.10 36.67 64.35
N VAL N 152 -21.88 36.16 64.48
CA VAL N 152 -21.67 34.80 65.00
C VAL N 152 -22.09 34.72 66.46
N ASN N 153 -21.94 35.83 67.17
CA ASN N 153 -22.38 35.94 68.55
C ASN N 153 -23.88 36.24 68.60
N ARG N 154 -24.60 35.53 69.46
CA ARG N 154 -26.04 35.75 69.64
C ARG N 154 -26.34 37.14 70.19
N GLU N 155 -25.37 37.69 70.93
CA GLU N 155 -25.43 39.08 71.41
C GLU N 155 -25.71 40.11 70.30
N SER N 156 -25.25 39.82 69.09
CA SER N 156 -25.51 40.64 67.91
C SER N 156 -26.98 40.99 67.68
N VAL N 157 -27.88 40.15 68.17
CA VAL N 157 -29.31 40.46 68.15
C VAL N 157 -29.64 41.69 68.98
N ASP N 158 -29.09 41.77 70.18
CA ASP N 158 -29.37 42.89 71.08
C ASP N 158 -28.70 44.19 70.66
N TRP N 159 -27.53 44.10 70.03
CA TRP N 159 -26.87 45.31 69.50
C TRP N 159 -27.67 45.93 68.36
N PHE N 160 -28.10 45.11 67.42
CA PHE N 160 -28.95 45.59 66.33
C PHE N 160 -30.29 46.15 66.83
N LEU N 161 -30.83 45.56 67.89
CA LEU N 161 -32.08 46.06 68.47
C LEU N 161 -31.92 47.44 69.15
N ASP N 162 -30.80 47.65 69.84
CA ASP N 162 -30.49 48.98 70.38
C ASP N 162 -30.30 50.01 69.29
N TYR N 163 -29.65 49.59 68.21
CA TYR N 163 -29.44 50.39 67.03
C TYR N 163 -30.78 50.70 66.37
N ALA N 164 -31.63 49.70 66.26
CA ALA N 164 -32.96 49.84 65.64
C ALA N 164 -33.86 50.76 66.47
N LYS N 165 -33.81 50.60 67.78
CA LYS N 165 -34.60 51.41 68.72
C LYS N 165 -34.45 52.94 68.59
N VAL N 166 -33.22 53.44 68.55
CA VAL N 166 -32.88 54.88 68.41
C VAL N 166 -33.32 55.59 67.10
N CYS N 167 -33.30 54.88 65.99
CA CYS N 167 -33.78 55.39 64.69
C CYS N 167 -35.30 55.60 64.64
N PHE N 168 -36.07 54.71 65.27
CA PHE N 168 -37.52 54.86 65.28
C PHE N 168 -38.04 56.14 65.96
N GLU N 169 -37.57 56.51 67.14
CA GLU N 169 -38.06 57.73 67.80
C GLU N 169 -37.99 59.01 66.94
N GLU N 170 -36.89 59.23 66.22
CA GLU N 170 -36.71 60.48 65.45
C GLU N 170 -37.19 60.44 64.00
N LEU N 171 -37.27 59.27 63.38
CA LEU N 171 -37.53 59.26 61.95
C LEU N 171 -38.81 58.54 61.53
N ASP N 172 -39.44 57.83 62.46
CA ASP N 172 -40.61 57.02 62.14
C ASP N 172 -41.80 57.89 61.70
N ASP N 173 -41.81 59.14 62.15
CA ASP N 173 -42.80 60.12 61.71
C ASP N 173 -42.56 60.55 60.27
N ILE N 174 -41.31 60.45 59.84
CA ILE N 174 -40.94 60.86 58.49
C ILE N 174 -40.94 59.69 57.51
N VAL N 175 -40.33 58.58 57.90
CA VAL N 175 -40.13 57.45 57.00
C VAL N 175 -41.44 56.78 56.55
N ASP N 176 -41.45 56.38 55.29
CA ASP N 176 -42.61 55.79 54.65
C ASP N 176 -42.62 54.28 54.78
N SER N 177 -41.44 53.67 54.71
CA SER N 177 -41.31 52.23 54.90
C SER N 177 -39.97 51.88 55.54
N TRP N 178 -39.97 50.80 56.33
CA TRP N 178 -38.74 50.34 56.96
C TRP N 178 -38.29 49.03 56.31
N ILE N 179 -37.01 48.93 56.00
CA ILE N 179 -36.42 47.65 55.61
C ILE N 179 -35.34 47.24 56.60
N THR N 180 -35.56 46.12 57.28
CA THR N 180 -34.64 45.67 58.31
C THR N 180 -33.28 45.21 57.76
N HIS N 181 -33.32 44.23 56.86
CA HIS N 181 -32.11 43.64 56.32
C HIS N 181 -32.10 43.59 54.79
N ASN N 182 -30.95 43.89 54.19
CA ASN N 182 -30.79 43.68 52.76
C ASN N 182 -29.95 42.44 52.46
N GLU N 183 -30.54 41.49 51.72
CA GLU N 183 -29.84 40.33 51.19
C GLU N 183 -28.94 39.62 52.22
N PRO N 184 -29.57 38.97 53.22
CA PRO N 184 -28.83 38.16 54.21
C PRO N 184 -28.05 37.00 53.57
N TRP N 185 -28.39 36.61 52.36
CA TRP N 185 -27.59 35.64 51.63
C TRP N 185 -26.20 36.21 51.34
N CYS N 186 -26.15 37.45 50.89
CA CYS N 186 -24.88 38.14 50.66
C CYS N 186 -24.13 38.35 51.97
N ALA N 187 -24.78 39.04 52.91
CA ALA N 187 -24.24 39.33 54.23
C ALA N 187 -23.87 38.07 55.03
N GLY N 188 -24.58 36.98 54.77
CA GLY N 188 -24.38 35.74 55.48
C GLY N 188 -23.47 34.76 54.77
N PHE N 189 -23.99 34.10 53.74
CA PHE N 189 -23.25 33.05 53.05
C PHE N 189 -22.05 33.62 52.28
N LEU N 190 -22.29 34.65 51.47
CA LEU N 190 -21.21 35.25 50.68
C LEU N 190 -20.11 35.85 51.56
N GLY N 191 -20.47 36.28 52.76
CA GLY N 191 -19.51 36.87 53.67
C GLY N 191 -18.81 35.89 54.61
N TYR N 192 -19.56 34.94 55.14
CA TYR N 192 -19.04 33.97 56.12
C TYR N 192 -18.73 32.58 55.58
N HIS N 193 -19.28 32.25 54.42
CA HIS N 193 -19.05 30.94 53.80
C HIS N 193 -18.08 31.03 52.62
N VAL N 194 -18.34 31.92 51.68
CA VAL N 194 -17.51 32.00 50.48
C VAL N 194 -16.29 32.94 50.64
N GLY N 195 -16.49 34.13 51.20
CA GLY N 195 -15.37 35.01 51.48
C GLY N 195 -15.36 36.22 50.57
N VAL N 196 -16.51 36.46 49.93
CA VAL N 196 -16.66 37.49 48.92
C VAL N 196 -17.03 38.86 49.52
N HIS N 197 -17.78 38.85 50.62
CA HIS N 197 -18.18 40.10 51.26
C HIS N 197 -17.62 40.39 52.64
N ALA N 198 -17.86 41.64 53.04
CA ALA N 198 -17.39 42.33 54.25
C ALA N 198 -16.47 41.62 55.27
N PRO N 199 -16.92 40.52 55.91
CA PRO N 199 -15.93 40.09 56.92
C PRO N 199 -14.89 39.17 56.30
N GLY N 200 -15.34 38.35 55.36
CA GLY N 200 -14.46 37.52 54.55
C GLY N 200 -14.02 36.25 55.24
N HIS N 201 -14.92 35.66 56.02
CA HIS N 201 -14.62 34.41 56.69
C HIS N 201 -15.03 33.27 55.78
N ARG N 202 -14.48 32.09 56.04
CA ARG N 202 -14.83 30.93 55.23
C ARG N 202 -15.15 29.78 56.17
N ASP N 203 -16.33 29.83 56.77
CA ASP N 203 -16.72 28.90 57.81
C ASP N 203 -18.24 28.78 57.80
N MET N 204 -18.74 27.62 57.40
CA MET N 204 -20.17 27.38 57.30
C MET N 204 -20.88 27.45 58.64
N ASN N 205 -20.20 27.02 59.70
CA ASN N 205 -20.75 27.07 61.04
C ASN N 205 -21.05 28.51 61.46
N GLU N 206 -20.06 29.37 61.29
CA GLU N 206 -20.24 30.81 61.48
C GLU N 206 -21.35 31.35 60.58
N ALA N 207 -21.41 30.87 59.35
CA ALA N 207 -22.37 31.34 58.35
C ALA N 207 -23.85 31.09 58.69
N VAL N 208 -24.19 29.89 59.10
CA VAL N 208 -25.59 29.61 59.47
C VAL N 208 -26.03 30.33 60.74
N ARG N 209 -25.10 30.50 61.68
CA ARG N 209 -25.36 31.29 62.88
C ARG N 209 -25.52 32.79 62.57
N ALA N 210 -24.72 33.29 61.63
CA ALA N 210 -24.82 34.67 61.21
C ALA N 210 -26.16 34.94 60.52
N VAL N 211 -26.53 34.05 59.60
CA VAL N 211 -27.81 34.15 58.90
C VAL N 211 -28.98 34.12 59.88
N HIS N 212 -28.94 33.16 60.81
CA HIS N 212 -29.99 33.03 61.82
C HIS N 212 -30.15 34.26 62.70
N HIS N 213 -29.03 34.86 63.09
CA HIS N 213 -29.06 36.04 63.94
C HIS N 213 -29.49 37.30 63.21
N MET N 214 -29.16 37.40 61.93
CA MET N 214 -29.71 38.47 61.10
C MET N 214 -31.22 38.33 60.95
N LEU N 215 -31.68 37.11 60.67
CA LEU N 215 -33.11 36.86 60.51
C LEU N 215 -33.91 37.02 61.80
N LEU N 216 -33.37 36.52 62.91
CA LEU N 216 -33.99 36.70 64.22
C LEU N 216 -34.08 38.16 64.67
N SER N 217 -33.03 38.92 64.41
CA SER N 217 -33.02 40.35 64.72
C SER N 217 -34.02 41.15 63.90
N HIS N 218 -34.23 40.76 62.64
CA HIS N 218 -35.29 41.31 61.82
C HIS N 218 -36.68 41.24 62.47
N GLY N 219 -37.08 40.03 62.88
CA GLY N 219 -38.40 39.84 63.43
C GLY N 219 -38.59 40.50 64.78
N LYS N 220 -37.53 40.48 65.59
CA LYS N 220 -37.54 41.17 66.87
C LYS N 220 -37.64 42.68 66.67
N ALA N 221 -37.05 43.18 65.59
CA ALA N 221 -37.11 44.60 65.27
C ALA N 221 -38.51 44.99 64.82
N VAL N 222 -39.10 44.15 63.98
CA VAL N 222 -40.49 44.36 63.54
C VAL N 222 -41.43 44.34 64.74
N GLU N 223 -41.29 43.32 65.57
CA GLU N 223 -42.04 43.22 66.81
C GLU N 223 -41.89 44.42 67.74
N LEU N 224 -40.66 44.91 67.87
CA LEU N 224 -40.41 46.08 68.71
C LEU N 224 -41.12 47.34 68.21
N LEU N 225 -41.02 47.58 66.92
CA LEU N 225 -41.68 48.71 66.27
C LEU N 225 -43.21 48.65 66.41
N LYS N 226 -43.78 47.50 66.06
CA LYS N 226 -45.23 47.31 66.05
C LYS N 226 -45.95 47.07 67.39
N ARG N 227 -45.26 46.62 68.43
CA ARG N 227 -45.93 46.31 69.68
C ARG N 227 -45.71 47.45 70.70
N GLU N 228 -44.45 47.69 71.03
CA GLU N 228 -44.05 48.68 72.02
C GLU N 228 -44.20 50.11 71.51
N MET N 229 -43.68 50.39 70.33
CA MET N 229 -43.76 51.73 69.77
C MET N 229 -45.11 52.05 69.12
N LYS N 230 -45.95 51.03 68.97
CA LYS N 230 -47.31 51.22 68.41
C LYS N 230 -47.38 51.95 67.07
N SER N 231 -46.39 51.70 66.20
CA SER N 231 -46.24 52.46 64.96
C SER N 231 -46.86 51.70 63.79
N THR N 232 -47.53 52.42 62.90
CA THR N 232 -48.12 51.80 61.72
C THR N 232 -47.32 52.00 60.43
N THR N 233 -46.08 52.45 60.54
CA THR N 233 -45.20 52.54 59.38
C THR N 233 -44.98 51.14 58.80
N PRO N 234 -45.23 50.98 57.48
CA PRO N 234 -45.03 49.68 56.82
C PRO N 234 -43.60 49.15 56.97
N ILE N 235 -43.45 47.90 57.39
CA ILE N 235 -42.13 47.30 57.54
C ILE N 235 -42.06 45.90 56.91
N GLY N 236 -40.88 45.53 56.40
CA GLY N 236 -40.66 44.22 55.82
C GLY N 236 -39.19 43.93 55.59
N ILE N 237 -38.89 42.79 54.96
CA ILE N 237 -37.52 42.44 54.59
C ILE N 237 -37.34 42.43 53.07
N THR N 238 -36.09 42.58 52.62
CA THR N 238 -35.76 42.37 51.22
C THR N 238 -34.79 41.20 51.10
N LEU N 239 -35.17 40.20 50.29
CA LEU N 239 -34.28 39.10 49.92
C LEU N 239 -33.94 39.16 48.45
N ASN N 240 -32.70 38.84 48.10
CA ASN N 240 -32.38 38.59 46.71
C ASN N 240 -32.72 37.15 46.30
N LEU N 241 -33.46 37.02 45.20
CA LEU N 241 -33.92 35.71 44.75
C LEU N 241 -33.55 35.44 43.30
N SER N 242 -32.95 34.27 43.06
CA SER N 242 -32.56 33.85 41.71
C SER N 242 -33.09 32.45 41.44
N PRO N 243 -34.12 32.33 40.58
CA PRO N 243 -34.63 30.97 40.34
C PRO N 243 -33.61 30.10 39.60
N MET N 244 -33.62 28.80 39.90
CA MET N 244 -32.58 27.90 39.40
C MET N 244 -33.15 26.82 38.48
N TYR N 245 -32.48 26.55 37.37
CA TYR N 245 -32.99 25.57 36.42
C TYR N 245 -31.97 24.49 36.01
N ALA N 246 -32.47 23.28 35.84
CA ALA N 246 -31.68 22.11 35.47
C ALA N 246 -31.43 21.98 33.97
N LYS N 247 -30.20 21.62 33.62
CA LYS N 247 -29.81 21.41 32.22
C LYS N 247 -30.53 20.24 31.55
N THR N 248 -30.69 19.14 32.27
CA THR N 248 -31.43 17.99 31.75
C THR N 248 -32.54 17.49 32.70
N ASP N 249 -33.24 16.47 32.25
CA ASP N 249 -34.32 15.86 33.04
C ASP N 249 -33.82 14.63 33.79
N SER N 250 -32.51 14.47 33.83
CA SER N 250 -31.89 13.40 34.60
C SER N 250 -32.08 13.62 36.10
N ALA N 251 -31.99 12.55 36.87
CA ALA N 251 -32.24 12.59 38.30
C ALA N 251 -31.23 13.50 38.98
N ASN N 252 -29.98 13.35 38.56
CA ASN N 252 -28.88 14.21 39.03
C ASN N 252 -29.17 15.70 38.90
N ASP N 253 -29.56 16.13 37.70
CA ASP N 253 -29.86 17.54 37.46
C ASP N 253 -31.12 18.06 38.19
N ARG N 254 -32.07 17.17 38.47
CA ARG N 254 -33.21 17.53 39.33
C ARG N 254 -32.74 17.74 40.76
N LEU N 255 -31.80 16.91 41.18
CA LEU N 255 -31.15 17.00 42.48
C LEU N 255 -30.38 18.30 42.54
N ALA N 256 -29.77 18.64 41.42
CA ALA N 256 -29.02 19.87 41.27
C ALA N 256 -29.85 21.14 41.52
N MET N 257 -31.03 21.21 40.94
CA MET N 257 -31.90 22.37 41.17
C MET N 257 -32.31 22.65 42.62
N ASN N 258 -32.89 21.67 43.33
CA ASN N 258 -33.25 21.87 44.75
C ASN N 258 -32.18 22.45 45.68
N ASN N 259 -30.97 21.90 45.64
CA ASN N 259 -29.90 22.35 46.55
C ASN N 259 -29.36 23.74 46.25
N ALA N 260 -29.22 24.07 44.97
CA ALA N 260 -28.87 25.44 44.59
C ALA N 260 -29.97 26.42 45.01
N ASP N 261 -31.21 26.02 44.81
CA ASP N 261 -32.37 26.81 45.20
C ASP N 261 -32.42 26.98 46.72
N GLY N 262 -32.12 25.89 47.43
CA GLY N 262 -32.10 25.91 48.88
C GLY N 262 -30.97 26.76 49.45
N TYR N 263 -29.82 26.72 48.81
CA TYR N 263 -28.67 27.49 49.24
C TYR N 263 -28.87 29.00 49.03
N SER N 264 -29.47 29.37 47.90
CA SER N 264 -29.69 30.78 47.60
C SER N 264 -31.01 31.34 48.14
N ASN N 265 -32.06 30.52 48.12
CA ASN N 265 -33.41 31.01 48.35
C ASN N 265 -34.19 30.42 49.54
N ARG N 266 -34.41 29.10 49.55
CA ARG N 266 -35.30 28.49 50.54
C ARG N 266 -34.77 28.52 51.98
N TRP N 267 -33.45 28.49 52.15
CA TRP N 267 -32.85 28.69 53.47
C TRP N 267 -33.29 30.01 54.11
N PHE N 268 -33.69 30.95 53.27
CA PHE N 268 -34.13 32.27 53.73
C PHE N 268 -35.65 32.44 53.63
N LEU N 269 -36.24 31.88 52.58
CA LEU N 269 -37.70 31.97 52.39
C LEU N 269 -38.50 31.16 53.41
N ASP N 270 -38.02 29.97 53.73
CA ASP N 270 -38.70 29.08 54.67
C ASP N 270 -38.79 29.62 56.12
N PRO N 271 -37.68 30.13 56.70
CA PRO N 271 -37.82 30.69 58.05
C PRO N 271 -38.72 31.94 58.13
N VAL N 272 -38.75 32.74 57.06
CA VAL N 272 -39.53 33.97 57.06
C VAL N 272 -41.03 33.69 56.98
N PHE N 273 -41.42 32.72 56.16
CA PHE N 273 -42.84 32.43 55.95
C PHE N 273 -43.32 31.13 56.58
N LYS N 274 -42.43 30.16 56.78
CA LYS N 274 -42.84 28.91 57.40
C LYS N 274 -42.37 28.83 58.86
N GLY N 275 -41.42 29.67 59.23
CA GLY N 275 -40.81 29.60 60.55
C GLY N 275 -40.03 28.33 60.79
N GLU N 276 -39.38 27.82 59.76
CA GLU N 276 -38.51 26.64 59.87
C GLU N 276 -37.41 26.67 58.83
N TYR N 277 -36.31 25.99 59.13
CA TYR N 277 -35.28 25.78 58.13
C TYR N 277 -35.56 24.50 57.37
N PRO N 278 -35.26 24.49 56.06
CA PRO N 278 -35.49 23.33 55.19
C PRO N 278 -34.56 22.16 55.52
N VAL N 279 -35.16 21.05 55.94
CA VAL N 279 -34.41 19.89 56.40
C VAL N 279 -33.50 19.30 55.31
N ASP N 280 -33.91 19.40 54.05
CA ASP N 280 -33.06 18.95 52.96
C ASP N 280 -31.74 19.71 52.94
N MET N 281 -31.81 21.01 53.19
CA MET N 281 -30.63 21.85 53.26
C MET N 281 -29.85 21.63 54.55
N MET N 282 -30.58 21.43 55.65
CA MET N 282 -29.98 21.08 56.93
C MET N 282 -29.10 19.84 56.87
N ASN N 283 -29.60 18.80 56.21
CA ASN N 283 -28.84 17.58 56.00
C ASN N 283 -27.60 17.80 55.15
N LEU N 284 -27.74 18.55 54.07
CA LEU N 284 -26.62 18.88 53.21
C LEU N 284 -25.54 19.70 53.93
N PHE N 285 -25.97 20.68 54.71
CA PHE N 285 -25.04 21.49 55.51
C PHE N 285 -24.40 20.76 56.69
N SER N 286 -24.97 19.62 57.08
CA SER N 286 -24.43 18.84 58.19
C SER N 286 -23.00 18.31 57.97
N LYS N 287 -22.51 18.39 56.73
CA LYS N 287 -21.08 18.17 56.46
C LYS N 287 -20.18 19.21 57.14
N TYR N 288 -20.75 20.36 57.46
CA TYR N 288 -20.04 21.39 58.22
C TYR N 288 -20.72 21.76 59.53
N VAL N 289 -22.05 21.73 59.57
CA VAL N 289 -22.77 22.18 60.75
C VAL N 289 -23.25 20.98 61.55
N HIS N 290 -22.65 20.80 62.73
CA HIS N 290 -22.87 19.60 63.53
C HIS N 290 -23.67 19.86 64.81
N ASN N 291 -24.28 21.03 64.91
CA ASN N 291 -25.29 21.27 65.95
C ASN N 291 -26.13 22.49 65.62
N PHE N 292 -27.43 22.37 65.86
CA PHE N 292 -28.38 23.45 65.65
C PHE N 292 -28.97 23.97 66.96
N ASP N 293 -28.20 23.82 68.03
CA ASP N 293 -28.59 24.32 69.35
C ASP N 293 -28.56 25.85 69.47
N PHE N 294 -28.05 26.53 68.45
CA PHE N 294 -28.21 27.98 68.34
C PHE N 294 -29.64 28.43 68.07
N ILE N 295 -30.47 27.52 67.55
CA ILE N 295 -31.90 27.80 67.46
C ILE N 295 -32.65 27.56 68.76
N GLN N 296 -32.78 28.62 69.54
CA GLN N 296 -33.50 28.58 70.82
C GLN N 296 -35.01 28.51 70.56
N SER N 297 -35.77 28.04 71.53
CA SER N 297 -37.22 28.02 71.42
C SER N 297 -37.81 29.43 71.38
N GLY N 298 -38.77 29.64 70.50
CA GLY N 298 -39.36 30.95 70.29
C GLY N 298 -38.71 31.78 69.19
N ASP N 299 -37.52 31.39 68.77
CA ASP N 299 -36.77 32.18 67.79
C ASP N 299 -37.47 32.15 66.44
N MET N 300 -37.76 30.94 65.98
CA MET N 300 -38.39 30.69 64.69
C MET N 300 -39.82 31.21 64.67
N GLU N 301 -40.41 31.27 65.86
CA GLU N 301 -41.72 31.89 66.05
C GLU N 301 -41.69 33.40 65.82
N THR N 302 -40.62 34.05 66.30
CA THR N 302 -40.42 35.49 66.11
C THR N 302 -40.15 35.95 64.67
N ILE N 303 -39.29 35.24 63.96
CA ILE N 303 -39.00 35.51 62.54
C ILE N 303 -40.22 35.55 61.62
N SER N 304 -41.22 34.70 61.85
CA SER N 304 -42.36 34.68 60.95
C SER N 304 -43.50 35.61 61.35
N THR N 305 -43.18 36.59 62.21
CA THR N 305 -44.15 37.59 62.64
C THR N 305 -44.64 38.32 61.38
N ALA N 306 -45.94 38.61 61.30
CA ALA N 306 -46.48 39.16 60.06
C ALA N 306 -45.91 40.54 59.73
N CYS N 307 -45.55 40.73 58.46
CA CYS N 307 -45.00 41.99 57.97
C CYS N 307 -46.00 42.71 57.05
N ASP N 308 -45.68 43.95 56.69
CA ASP N 308 -46.58 44.74 55.84
C ASP N 308 -46.29 44.57 54.35
N PHE N 309 -45.04 44.27 54.01
CA PHE N 309 -44.69 43.98 52.61
C PHE N 309 -43.53 42.99 52.51
N PHE N 310 -43.21 42.58 51.29
CA PHE N 310 -42.04 41.76 51.03
C PHE N 310 -41.13 42.37 49.98
N GLY N 311 -39.85 42.54 50.30
CA GLY N 311 -38.88 43.08 49.37
C GLY N 311 -38.16 42.00 48.57
N ILE N 312 -37.96 42.26 47.28
CA ILE N 312 -37.21 41.34 46.42
C ILE N 312 -36.15 42.06 45.60
N ASN N 313 -34.91 41.63 45.76
CA ASN N 313 -33.85 41.99 44.82
C ASN N 313 -33.67 40.94 43.73
N PHE N 314 -33.97 41.31 42.49
CA PHE N 314 -33.81 40.38 41.38
C PHE N 314 -32.82 40.95 40.40
N TYR N 315 -31.90 40.10 39.93
CA TYR N 315 -30.92 40.51 38.93
C TYR N 315 -30.81 39.53 37.77
N SER N 316 -30.82 38.24 38.07
CA SER N 316 -30.64 37.22 37.04
C SER N 316 -31.09 35.84 37.50
N ARG N 317 -31.05 34.88 36.58
CA ARG N 317 -31.25 33.48 36.90
C ARG N 317 -29.88 32.79 37.08
N GLY N 318 -29.88 31.52 37.51
CA GLY N 318 -28.69 30.70 37.46
C GLY N 318 -28.98 29.28 36.98
N ILE N 319 -28.37 28.90 35.86
CA ILE N 319 -28.43 27.52 35.38
C ILE N 319 -27.33 26.66 36.05
N VAL N 320 -27.73 25.58 36.70
CA VAL N 320 -26.78 24.74 37.42
C VAL N 320 -26.79 23.31 36.89
N GLU N 321 -25.67 22.61 37.10
CA GLU N 321 -25.60 21.16 36.83
C GLU N 321 -24.97 20.40 37.99
N PHE N 322 -25.04 19.07 37.92
CA PHE N 322 -24.55 18.21 39.01
C PHE N 322 -23.03 18.04 39.03
N ASN N 323 -22.48 17.90 40.25
CA ASN N 323 -21.06 17.69 40.44
C ASN N 323 -20.80 16.68 41.58
N ALA N 324 -20.35 15.48 41.24
CA ALA N 324 -19.97 14.48 42.22
C ALA N 324 -18.84 14.92 43.16
N ALA N 325 -17.98 15.80 42.66
CA ALA N 325 -16.84 16.30 43.43
C ALA N 325 -17.11 17.58 44.23
N ASN N 326 -18.31 18.12 44.13
CA ASN N 326 -18.70 19.25 44.97
C ASN N 326 -19.28 18.78 46.30
N ASP N 327 -18.91 19.47 47.38
CA ASP N 327 -19.53 19.20 48.68
C ASP N 327 -21.04 19.43 48.65
N PHE N 328 -21.49 20.49 47.98
CA PHE N 328 -22.93 20.72 47.90
C PHE N 328 -23.44 20.17 46.59
N LEU N 329 -22.59 19.38 45.92
CA LEU N 329 -22.97 18.50 44.81
C LEU N 329 -23.34 19.26 43.53
N LYS N 330 -23.00 20.55 43.44
CA LYS N 330 -23.34 21.36 42.26
C LYS N 330 -22.30 22.38 41.84
N ALA N 331 -22.23 22.62 40.53
CA ALA N 331 -21.45 23.73 39.99
C ALA N 331 -22.28 24.45 38.93
N ASP N 332 -21.84 25.64 38.55
CA ASP N 332 -22.54 26.42 37.52
C ASP N 332 -22.37 25.83 36.12
N ALA N 333 -23.46 25.83 35.37
CA ALA N 333 -23.50 25.33 34.00
C ALA N 333 -23.44 26.45 32.95
N TYR N 334 -23.10 26.07 31.71
CA TYR N 334 -23.05 27.01 30.59
C TYR N 334 -24.39 27.56 30.14
N SER N 335 -24.45 28.89 30.03
CA SER N 335 -25.64 29.60 29.58
C SER N 335 -25.44 30.18 28.18
N ASP N 336 -26.44 30.01 27.31
CA ASP N 336 -26.43 30.60 25.97
C ASP N 336 -27.24 31.90 25.89
N TYR N 337 -27.73 32.36 27.04
CA TYR N 337 -28.49 33.60 27.15
C TYR N 337 -27.68 34.85 26.85
N GLU N 338 -28.40 35.94 26.56
CA GLU N 338 -27.79 37.26 26.45
C GLU N 338 -27.29 37.69 27.82
N LYS N 339 -26.11 38.28 27.86
CA LYS N 339 -25.45 38.55 29.14
C LYS N 339 -25.14 40.03 29.38
N THR N 340 -25.12 40.42 30.65
CA THR N 340 -24.78 41.78 31.04
C THR N 340 -23.26 41.97 30.96
N GLY N 341 -22.79 43.15 31.35
CA GLY N 341 -21.37 43.39 31.51
C GLY N 341 -20.75 42.51 32.60
N MET N 342 -21.57 42.08 33.53
CA MET N 342 -21.14 41.17 34.60
C MET N 342 -21.03 39.72 34.10
N GLY N 343 -21.60 39.46 32.94
CA GLY N 343 -21.76 38.10 32.47
C GLY N 343 -23.00 37.42 33.01
N TRP N 344 -23.92 38.20 33.55
CA TRP N 344 -25.16 37.66 34.09
C TRP N 344 -26.25 37.59 33.03
N ASP N 345 -27.05 36.52 33.10
CA ASP N 345 -28.17 36.30 32.20
C ASP N 345 -29.31 37.32 32.32
N ILE N 346 -29.83 37.72 31.16
CA ILE N 346 -31.07 38.50 31.05
C ILE N 346 -32.31 37.60 31.03
N ALA N 347 -33.13 37.68 32.07
CA ALA N 347 -34.14 36.64 32.33
C ALA N 347 -35.45 37.21 32.87
N PRO N 348 -36.21 37.94 32.04
CA PRO N 348 -37.53 38.43 32.47
C PRO N 348 -38.59 37.34 32.55
N ASN N 349 -38.49 36.33 31.69
CA ASN N 349 -39.40 35.18 31.74
C ASN N 349 -39.24 34.43 33.06
N GLU N 350 -37.99 34.32 33.50
CA GLU N 350 -37.67 33.61 34.72
C GLU N 350 -38.01 34.43 35.95
N PHE N 351 -37.98 35.75 35.80
CA PHE N 351 -38.53 36.66 36.81
C PHE N 351 -40.01 36.38 37.02
N LYS N 352 -40.73 36.16 35.93
CA LYS N 352 -42.16 35.83 36.02
C LYS N 352 -42.38 34.50 36.71
N ASP N 353 -41.49 33.54 36.49
CA ASP N 353 -41.58 32.27 37.19
C ASP N 353 -41.42 32.45 38.69
N LEU N 354 -40.38 33.17 39.08
CA LEU N 354 -40.10 33.44 40.49
C LEU N 354 -41.25 34.05 41.28
N ILE N 355 -41.86 35.11 40.75
CA ILE N 355 -42.95 35.77 41.46
C ILE N 355 -44.17 34.87 41.67
N ARG N 356 -44.65 34.25 40.60
CA ARG N 356 -45.76 33.29 40.68
C ARG N 356 -45.52 32.17 41.68
N ARG N 357 -44.30 31.65 41.70
CA ARG N 357 -43.93 30.56 42.61
C ARG N 357 -44.04 31.01 44.05
N LEU N 358 -43.61 32.23 44.31
CA LEU N 358 -43.68 32.86 45.62
C LEU N 358 -45.11 33.08 46.05
N ARG N 359 -45.91 33.41 45.06
CA ARG N 359 -47.33 33.62 45.25
C ARG N 359 -48.07 32.30 45.50
N ALA N 360 -47.67 31.26 44.76
CA ALA N 360 -48.22 29.91 44.88
C ALA N 360 -47.86 29.20 46.18
N GLU N 361 -46.60 29.36 46.58
CA GLU N 361 -46.05 28.57 47.68
C GLU N 361 -45.88 29.35 48.99
N TYR N 362 -45.60 30.64 48.91
CA TYR N 362 -45.04 31.31 50.08
C TYR N 362 -45.89 32.45 50.63
N THR N 363 -46.19 33.44 49.82
CA THR N 363 -46.83 34.66 50.34
C THR N 363 -47.74 35.36 49.34
N ASP N 364 -48.80 35.98 49.84
CA ASP N 364 -49.63 36.89 49.04
C ASP N 364 -49.48 38.34 49.49
N LEU N 365 -48.45 38.62 50.29
CA LEU N 365 -48.18 39.97 50.75
C LEU N 365 -47.71 40.83 49.57
N PRO N 366 -47.94 42.14 49.63
CA PRO N 366 -47.42 43.02 48.58
C PRO N 366 -45.88 43.01 48.47
N ILE N 367 -45.42 42.90 47.23
CA ILE N 367 -44.00 42.83 46.92
C ILE N 367 -43.42 44.14 46.39
N TYR N 368 -42.26 44.52 46.89
CA TYR N 368 -41.52 45.64 46.33
C TYR N 368 -40.20 45.14 45.76
N ILE N 369 -39.95 45.43 44.50
CA ILE N 369 -38.66 45.12 43.89
C ILE N 369 -37.64 46.18 44.30
N THR N 370 -37.02 45.95 45.45
CA THR N 370 -36.18 46.95 46.08
C THR N 370 -34.83 47.11 45.37
N GLU N 371 -34.46 46.15 44.53
CA GLU N 371 -33.36 46.32 43.57
C GLU N 371 -33.54 45.52 42.29
N ASN N 372 -33.50 46.21 41.15
CA ASN N 372 -33.30 45.56 39.87
C ASN N 372 -32.48 46.43 38.93
N GLY N 373 -31.57 45.83 38.18
CA GLY N 373 -30.71 46.58 37.27
C GLY N 373 -29.60 45.74 36.67
N ALA N 374 -28.70 46.41 35.95
CA ALA N 374 -27.63 45.74 35.24
C ALA N 374 -26.45 46.71 35.05
N ALA N 375 -25.24 46.15 34.99
CA ALA N 375 -24.03 46.91 34.70
C ALA N 375 -23.44 46.67 33.31
N PHE N 376 -23.18 47.74 32.56
CA PHE N 376 -22.51 47.60 31.26
C PHE N 376 -21.33 48.56 31.17
N ASP N 377 -20.36 48.24 30.32
CA ASP N 377 -19.17 49.06 30.13
C ASP N 377 -19.45 50.38 29.40
N ASP N 378 -19.85 51.41 30.13
CA ASP N 378 -20.21 52.70 29.52
C ASP N 378 -19.00 53.56 29.15
N VAL N 379 -18.96 53.98 27.89
CA VAL N 379 -17.92 54.85 27.33
C VAL N 379 -18.46 56.27 27.12
N LEU N 380 -17.83 57.23 27.80
CA LEU N 380 -18.09 58.66 27.58
C LEU N 380 -17.49 59.29 26.32
N GLU N 381 -18.38 59.85 25.50
CA GLU N 381 -18.01 60.49 24.23
C GLU N 381 -18.81 61.79 24.10
N ASN N 382 -18.13 62.88 24.39
CA ASN N 382 -18.61 64.26 24.22
C ASN N 382 -19.78 64.49 25.19
N GLY N 383 -19.47 64.21 26.46
CA GLY N 383 -20.42 64.33 27.54
C GLY N 383 -21.64 63.44 27.33
N GLU N 384 -21.44 62.28 26.70
CA GLU N 384 -22.57 61.42 26.39
C GLU N 384 -22.17 59.94 26.27
N VAL N 385 -23.07 59.08 26.75
CA VAL N 385 -22.98 57.63 26.71
C VAL N 385 -24.27 57.00 26.19
N HIS N 386 -24.21 56.35 25.03
CA HIS N 386 -25.43 55.76 24.48
C HIS N 386 -25.48 54.29 24.90
N ASP N 387 -26.10 54.06 26.05
CA ASP N 387 -26.21 52.73 26.66
C ASP N 387 -27.63 52.13 26.57
N ASP N 388 -28.01 51.84 25.34
CA ASP N 388 -29.28 51.24 24.95
C ASP N 388 -29.45 49.82 25.52
N ASN N 389 -28.33 49.13 25.67
CA ASN N 389 -28.28 47.81 26.28
C ASN N 389 -28.84 47.77 27.71
N ARG N 390 -28.60 48.80 28.50
CA ARG N 390 -29.26 48.85 29.81
C ARG N 390 -30.77 49.05 29.66
N ILE N 391 -31.20 49.79 28.64
CA ILE N 391 -32.63 50.00 28.40
C ILE N 391 -33.42 48.75 27.99
N ASP N 392 -32.88 47.90 27.12
CA ASP N 392 -33.56 46.64 26.79
C ASP N 392 -33.85 45.88 28.09
N TYR N 393 -32.81 45.64 28.90
CA TYR N 393 -32.94 44.89 30.14
C TYR N 393 -34.06 45.45 31.02
N VAL N 394 -33.98 46.75 31.29
CA VAL N 394 -34.94 47.39 32.18
C VAL N 394 -36.35 47.44 31.57
N ARG N 395 -36.42 47.73 30.28
CA ARG N 395 -37.71 47.76 29.56
C ARG N 395 -38.40 46.42 29.55
N GLN N 396 -37.62 45.36 29.35
CA GLN N 396 -38.16 44.00 29.41
C GLN N 396 -38.73 43.66 30.77
N HIS N 397 -38.05 44.05 31.84
CA HIS N 397 -38.56 43.75 33.18
C HIS N 397 -39.78 44.57 33.58
N LEU N 398 -39.77 45.86 33.27
CA LEU N 398 -40.95 46.72 33.51
C LEU N 398 -42.19 46.35 32.69
N GLU N 399 -41.99 45.96 31.45
CA GLU N 399 -43.08 45.42 30.64
C GLU N 399 -43.60 44.14 31.28
N ALA N 400 -42.67 43.31 31.75
CA ALA N 400 -43.02 42.12 32.49
C ALA N 400 -43.71 42.47 33.80
N VAL N 401 -43.29 43.58 34.42
CA VAL N 401 -43.96 44.10 35.61
C VAL N 401 -45.39 44.54 35.31
N SER N 402 -45.60 45.20 34.18
CA SER N 402 -46.93 45.66 33.81
C SER N 402 -47.85 44.48 33.55
N ASP N 403 -47.33 43.49 32.84
CA ASP N 403 -48.03 42.23 32.58
C ASP N 403 -48.38 41.42 33.83
N LEU N 404 -47.49 41.39 34.82
CA LEU N 404 -47.76 40.66 36.07
C LEU N 404 -48.86 41.24 36.93
N ASN N 405 -48.92 42.57 37.03
CA ASN N 405 -49.99 43.20 37.77
C ASN N 405 -51.34 42.96 37.10
N ASP N 406 -51.32 42.79 35.79
CA ASP N 406 -52.52 42.37 35.09
C ASP N 406 -52.89 40.94 35.47
N GLU N 407 -51.89 40.12 35.79
CA GLU N 407 -52.13 38.78 36.30
C GLU N 407 -52.53 38.79 37.78
N GLY N 408 -52.31 39.90 38.47
CA GLY N 408 -52.66 39.99 39.87
C GLY N 408 -51.53 39.71 40.86
N MET N 409 -50.28 39.91 40.45
CA MET N 409 -49.18 39.56 41.34
C MET N 409 -48.91 40.62 42.38
N ASN N 410 -49.55 41.77 42.21
CA ASN N 410 -49.62 42.82 43.21
C ASN N 410 -48.19 43.21 43.53
N ILE N 411 -47.47 43.63 42.50
CA ILE N 411 -46.17 44.24 42.70
C ILE N 411 -46.48 45.72 42.75
N GLN N 412 -46.53 46.25 43.97
CA GLN N 412 -47.00 47.61 44.20
C GLN N 412 -45.92 48.60 43.82
N GLY N 413 -44.67 48.14 43.75
CA GLY N 413 -43.58 49.04 43.45
C GLY N 413 -42.33 48.39 42.88
N TYR N 414 -41.43 49.26 42.43
CA TYR N 414 -40.20 48.87 41.74
C TYR N 414 -39.09 49.89 41.90
N TYR N 415 -37.98 49.45 42.49
CA TYR N 415 -36.84 50.32 42.71
C TYR N 415 -35.69 49.91 41.80
N LEU N 416 -35.31 50.81 40.90
CA LEU N 416 -34.24 50.57 39.93
C LEU N 416 -32.85 50.69 40.54
N TRP N 417 -32.09 49.59 40.51
CA TRP N 417 -30.71 49.64 40.97
C TRP N 417 -29.79 49.91 39.79
N SER N 418 -28.97 50.96 39.88
CA SER N 418 -28.94 51.81 41.08
C SER N 418 -29.25 53.24 40.69
N LEU N 419 -29.54 54.08 41.67
CA LEU N 419 -29.83 55.49 41.44
C LEU N 419 -28.61 56.14 40.78
N MET N 420 -27.45 55.97 41.39
CA MET N 420 -26.22 56.50 40.81
C MET N 420 -25.27 55.33 40.67
N ASP N 421 -24.26 55.47 39.82
CA ASP N 421 -23.16 54.51 39.78
C ASP N 421 -22.45 54.52 41.13
N ASN N 422 -22.20 53.32 41.66
CA ASN N 422 -21.73 53.16 43.03
C ASN N 422 -20.73 52.02 43.19
N PHE N 423 -20.20 51.93 44.41
CA PHE N 423 -19.28 50.88 44.80
C PHE N 423 -19.78 49.45 44.73
N GLU N 424 -19.30 48.71 43.72
CA GLU N 424 -19.78 47.36 43.55
C GLU N 424 -18.84 46.42 44.28
N TRP N 425 -18.71 46.69 45.58
CA TRP N 425 -18.09 45.77 46.54
C TRP N 425 -16.67 45.33 46.19
N SER N 426 -16.48 44.02 46.07
CA SER N 426 -15.18 43.40 45.83
C SER N 426 -14.63 43.69 44.44
N PHE N 427 -15.50 44.10 43.54
CA PHE N 427 -15.09 44.52 42.20
C PHE N 427 -14.60 45.96 42.16
N GLY N 428 -14.85 46.71 43.23
CA GLY N 428 -14.44 48.11 43.29
C GLY N 428 -15.12 49.04 42.31
N TYR N 429 -14.38 50.00 41.76
CA TYR N 429 -14.97 50.89 40.77
C TYR N 429 -14.91 50.36 39.35
N GLU N 430 -14.46 49.13 39.15
CA GLU N 430 -14.51 48.59 37.80
C GLU N 430 -15.94 48.43 37.27
N LYS N 431 -16.91 48.20 38.16
CA LYS N 431 -18.29 48.10 37.71
C LYS N 431 -19.25 49.19 38.19
N ARG N 432 -20.17 49.56 37.30
CA ARG N 432 -21.17 50.61 37.49
C ARG N 432 -22.61 50.17 37.16
N PHE N 433 -23.48 50.11 38.17
CA PHE N 433 -24.87 49.73 37.96
C PHE N 433 -25.77 50.94 37.79
N GLY N 434 -25.24 52.13 38.08
CA GLY N 434 -25.99 53.37 38.18
C GLY N 434 -26.55 53.79 36.83
N ILE N 435 -27.67 54.50 36.83
CA ILE N 435 -28.12 55.23 35.65
C ILE N 435 -27.44 56.58 35.41
N LEU N 436 -26.90 57.20 36.46
CA LEU N 436 -26.12 58.41 36.27
C LEU N 436 -24.63 58.16 36.45
N TYR N 437 -23.84 58.51 35.43
CA TYR N 437 -22.39 58.36 35.51
C TYR N 437 -21.78 59.39 36.44
N ILE N 438 -20.75 58.98 37.16
CA ILE N 438 -20.01 59.84 38.08
C ILE N 438 -18.50 59.68 37.86
N ASP N 439 -17.86 60.78 37.50
CA ASP N 439 -16.41 60.86 37.49
C ASP N 439 -16.05 61.03 38.95
N PHE N 440 -15.30 60.05 39.47
CA PHE N 440 -15.08 59.90 40.90
C PHE N 440 -14.03 60.82 41.50
N GLU N 441 -13.24 61.50 40.67
CA GLU N 441 -12.35 62.47 41.28
C GLU N 441 -12.95 63.87 41.32
N THR N 442 -13.81 64.23 40.36
CA THR N 442 -14.45 65.54 40.46
C THR N 442 -15.93 65.53 40.93
N GLN N 443 -16.61 64.39 40.82
CA GLN N 443 -18.05 64.33 41.13
C GLN N 443 -18.95 65.28 40.31
N GLU N 444 -18.55 65.68 39.10
CA GLU N 444 -19.42 66.55 38.29
C GLU N 444 -20.62 65.88 37.59
N ARG N 445 -20.61 64.56 37.49
CA ARG N 445 -21.79 63.81 37.07
C ARG N 445 -22.30 64.03 35.64
N ILE N 446 -23.32 63.23 35.30
CA ILE N 446 -24.12 63.34 34.07
C ILE N 446 -25.33 62.42 34.33
N TRP N 447 -26.53 62.97 34.19
CA TRP N 447 -27.77 62.20 34.35
C TRP N 447 -28.03 61.03 33.38
N LYS N 448 -27.87 61.29 32.09
CA LYS N 448 -27.84 60.28 31.02
C LYS N 448 -29.15 59.83 30.40
N ASP N 449 -29.02 59.14 29.27
CA ASP N 449 -30.14 58.57 28.52
C ASP N 449 -30.93 57.54 29.32
N SER N 450 -30.25 56.82 30.20
CA SER N 450 -30.94 55.88 31.06
C SER N 450 -31.88 56.62 32.00
N ALA N 451 -31.46 57.81 32.43
CA ALA N 451 -32.31 58.68 33.23
C ALA N 451 -33.51 59.15 32.42
N LYS N 452 -33.22 59.65 31.22
CA LYS N 452 -34.21 60.05 30.23
C LYS N 452 -35.28 59.02 29.82
N TRP N 453 -34.86 57.79 29.51
CA TRP N 453 -35.83 56.74 29.19
C TRP N 453 -36.72 56.57 30.42
N TYR N 454 -36.06 56.52 31.57
CA TYR N 454 -36.70 56.33 32.87
C TYR N 454 -37.56 57.57 33.13
N ALA N 455 -37.04 58.73 32.78
CA ALA N 455 -37.79 59.99 32.81
C ALA N 455 -39.07 59.95 31.95
N GLY N 456 -38.98 59.39 30.74
CA GLY N 456 -40.15 59.27 29.88
C GLY N 456 -41.30 58.33 30.21
N VAL N 457 -41.01 57.21 30.87
CA VAL N 457 -42.03 56.28 31.38
C VAL N 457 -42.98 56.83 32.46
N ILE N 458 -42.44 57.55 33.43
CA ILE N 458 -43.20 58.21 34.50
C ILE N 458 -44.20 59.27 34.04
N ALA N 459 -43.83 60.09 33.05
CA ALA N 459 -44.73 61.13 32.57
C ALA N 459 -46.01 60.53 31.98
N ASP N 460 -45.89 59.54 31.10
CA ASP N 460 -47.07 58.87 30.53
C ASP N 460 -47.88 58.21 31.65
N HIS N 461 -47.17 57.66 32.62
CA HIS N 461 -47.78 57.11 33.85
C HIS N 461 -48.54 58.20 34.59
N LYS N 462 -47.83 59.26 34.96
CA LYS N 462 -48.44 60.37 35.70
C LYS N 462 -49.61 60.93 34.90
N ALA N 463 -49.48 60.97 33.58
CA ALA N 463 -50.51 61.53 32.70
C ALA N 463 -51.79 60.69 32.74
N LYS N 464 -51.65 59.40 32.99
CA LYS N 464 -52.79 58.51 33.05
C LYS N 464 -52.62 57.44 34.14
N LYS O 25 15.71 -5.12 88.02
CA LYS O 25 16.80 -4.38 88.64
C LYS O 25 16.56 -4.19 90.14
N LYS O 26 17.62 -3.88 90.88
CA LYS O 26 17.56 -3.69 92.32
C LYS O 26 16.75 -2.46 92.77
N ASP O 27 16.73 -1.44 91.91
CA ASP O 27 15.97 -0.21 92.16
C ASP O 27 14.53 -0.31 91.65
N PHE O 28 14.14 -1.50 91.17
CA PHE O 28 12.78 -1.70 90.68
C PHE O 28 11.71 -1.65 91.77
N VAL O 29 10.67 -0.89 91.45
CA VAL O 29 9.54 -0.60 92.31
C VAL O 29 8.27 -1.39 91.96
N PHE O 30 7.80 -2.23 92.88
CA PHE O 30 6.47 -2.82 92.77
C PHE O 30 5.46 -1.86 93.38
N GLY O 31 4.25 -1.86 92.83
CA GLY O 31 3.22 -0.95 93.31
C GLY O 31 1.79 -1.36 93.01
N THR O 32 0.86 -0.58 93.55
CA THR O 32 -0.55 -0.68 93.24
C THR O 32 -1.18 0.71 93.13
N ALA O 33 -2.42 0.78 92.64
CA ALA O 33 -2.99 2.07 92.28
C ALA O 33 -4.52 2.10 92.41
N THR O 34 -5.04 3.31 92.62
CA THR O 34 -6.47 3.60 92.70
C THR O 34 -6.75 5.01 92.16
N SER O 35 -8.02 5.37 92.11
CA SER O 35 -8.40 6.75 91.86
C SER O 35 -9.43 7.25 92.86
N SER O 36 -9.50 8.57 93.02
CA SER O 36 -10.24 9.19 94.13
C SER O 36 -11.73 8.89 94.10
N TYR O 37 -12.39 9.13 92.98
CA TYR O 37 -13.83 8.91 92.89
C TYR O 37 -14.23 7.44 92.99
N GLN O 38 -13.32 6.56 92.62
CA GLN O 38 -13.60 5.12 92.69
C GLN O 38 -13.59 4.66 94.14
N ILE O 39 -12.79 5.34 94.96
CA ILE O 39 -12.60 4.99 96.36
C ILE O 39 -13.08 6.19 97.18
N GLU O 40 -14.21 6.76 96.74
CA GLU O 40 -14.62 8.10 97.16
C GLU O 40 -14.89 8.40 98.65
N GLY O 41 -15.79 7.67 99.29
CA GLY O 41 -16.19 8.06 100.63
C GLY O 41 -17.09 9.29 100.79
N ALA O 42 -18.36 9.07 101.10
CA ALA O 42 -19.38 10.11 101.33
C ALA O 42 -19.48 11.30 100.34
N HIS O 43 -20.61 11.39 99.64
CA HIS O 43 -20.74 12.26 98.48
C HIS O 43 -20.73 13.73 98.91
N ASN O 44 -21.20 13.97 100.13
CA ASN O 44 -21.24 15.31 100.71
C ASN O 44 -20.43 15.46 101.99
N GLU O 45 -19.14 15.77 101.86
CA GLU O 45 -18.31 15.93 103.05
C GLU O 45 -17.00 16.62 102.70
N GLY O 46 -16.38 17.25 103.69
CA GLY O 46 -15.13 17.95 103.47
C GLY O 46 -15.23 19.18 102.58
N GLY O 47 -16.38 19.83 102.51
CA GLY O 47 -16.51 20.96 101.62
C GLY O 47 -16.73 20.57 100.16
N ARG O 48 -16.92 19.27 99.92
CA ARG O 48 -17.07 18.75 98.57
C ARG O 48 -18.37 19.12 97.84
N THR O 49 -18.21 19.47 96.57
CA THR O 49 -19.33 19.73 95.68
C THR O 49 -19.38 18.63 94.61
N PRO O 50 -20.51 18.50 93.87
CA PRO O 50 -20.63 17.39 92.92
C PRO O 50 -19.64 17.50 91.77
N SER O 51 -19.10 16.38 91.31
CA SER O 51 -18.29 16.37 90.11
C SER O 51 -19.14 15.96 88.90
N ILE O 52 -18.58 16.12 87.71
CA ILE O 52 -19.22 15.67 86.48
C ILE O 52 -19.68 14.20 86.51
N TRP O 53 -18.89 13.34 87.16
CA TRP O 53 -19.24 11.93 87.27
C TRP O 53 -20.45 11.68 88.17
N ASP O 54 -20.66 12.58 89.13
CA ASP O 54 -21.86 12.55 89.95
C ASP O 54 -23.08 12.81 89.07
N MET O 55 -22.97 13.85 88.25
CA MET O 55 -24.01 14.28 87.32
C MET O 55 -24.21 13.25 86.18
N PHE O 56 -23.10 12.65 85.74
CA PHE O 56 -23.12 11.59 84.74
C PHE O 56 -23.87 10.30 85.11
N CYS O 57 -23.67 9.83 86.33
CA CYS O 57 -24.40 8.67 86.87
C CYS O 57 -25.92 8.80 86.86
N ASP O 58 -26.41 10.01 87.07
CA ASP O 58 -27.85 10.29 87.05
C ASP O 58 -28.47 10.45 85.66
N ILE O 59 -27.65 10.60 84.63
CA ILE O 59 -28.20 10.69 83.27
C ILE O 59 -28.65 9.32 82.79
N ASP O 60 -29.84 9.26 82.20
CA ASP O 60 -30.48 8.01 81.81
C ASP O 60 -29.83 7.20 80.69
N GLY O 61 -29.56 5.94 80.99
CA GLY O 61 -29.07 4.97 80.04
C GLY O 61 -27.57 5.01 79.85
N ARG O 62 -26.90 5.81 80.68
CA ARG O 62 -25.46 5.97 80.54
C ARG O 62 -24.68 5.06 81.48
N VAL O 63 -25.20 4.86 82.69
CA VAL O 63 -24.50 4.02 83.67
C VAL O 63 -25.44 2.91 84.17
N PHE O 64 -24.87 1.74 84.45
CA PHE O 64 -25.61 0.56 84.89
C PHE O 64 -26.52 0.76 86.11
N GLU O 65 -27.83 0.68 85.90
CA GLU O 65 -28.87 0.76 86.95
C GLU O 65 -28.71 1.97 87.89
N LYS O 66 -28.38 3.13 87.32
CA LYS O 66 -28.22 4.38 88.07
C LYS O 66 -27.18 4.35 89.20
N HIS O 67 -26.23 3.41 89.16
CA HIS O 67 -25.23 3.33 90.23
C HIS O 67 -24.32 4.54 90.25
N ASN O 68 -23.82 4.86 91.43
CA ASN O 68 -22.97 6.03 91.62
C ASN O 68 -21.86 5.81 92.64
N GLY O 69 -21.00 6.82 92.78
CA GLY O 69 -19.90 6.78 93.75
C GLY O 69 -20.15 7.57 95.02
N ASP O 70 -21.42 7.68 95.41
CA ASP O 70 -21.76 8.40 96.65
C ASP O 70 -21.10 7.85 97.91
N VAL O 71 -21.22 6.56 98.16
CA VAL O 71 -20.59 5.97 99.34
C VAL O 71 -19.28 5.21 99.10
N ALA O 72 -19.32 4.29 98.13
CA ALA O 72 -18.19 3.45 97.74
C ALA O 72 -17.59 2.67 98.92
N CYS O 73 -16.27 2.71 99.05
CA CYS O 73 -15.58 2.07 100.17
C CYS O 73 -15.32 2.91 101.43
N ASP O 74 -15.80 4.15 101.48
CA ASP O 74 -15.66 4.97 102.69
C ASP O 74 -14.20 5.13 103.12
N HIS O 75 -13.32 5.27 102.14
CA HIS O 75 -11.87 5.30 102.36
C HIS O 75 -11.43 6.63 102.96
N TYR O 76 -12.23 7.66 102.71
CA TYR O 76 -12.03 9.00 103.24
C TYR O 76 -12.05 8.87 104.77
N HIS O 77 -12.91 7.97 105.24
CA HIS O 77 -13.01 7.63 106.65
C HIS O 77 -12.00 6.57 107.10
N ARG O 78 -11.77 5.57 106.26
CA ARG O 78 -10.91 4.44 106.63
C ARG O 78 -9.46 4.52 106.15
N TYR O 79 -8.93 5.72 105.99
CA TYR O 79 -7.57 5.88 105.49
C TYR O 79 -6.50 5.25 106.38
N GLU O 80 -6.74 5.24 107.68
CA GLU O 80 -5.77 4.67 108.63
C GLU O 80 -5.64 3.16 108.55
N GLU O 81 -6.79 2.49 108.46
CA GLU O 81 -6.90 1.04 108.25
C GLU O 81 -6.24 0.52 106.96
N ASP O 82 -6.45 1.27 105.87
CA ASP O 82 -5.88 0.97 104.56
C ASP O 82 -4.36 1.14 104.50
N ILE O 83 -3.84 2.07 105.27
CA ILE O 83 -2.39 2.26 105.44
C ILE O 83 -1.75 0.98 105.99
N GLN O 84 -2.46 0.31 106.89
CA GLN O 84 -1.99 -0.95 107.47
C GLN O 84 -1.88 -2.05 106.41
N HIS O 85 -2.89 -2.17 105.56
CA HIS O 85 -2.85 -3.08 104.42
C HIS O 85 -1.63 -2.91 103.50
N ILE O 86 -1.21 -1.67 103.26
CA ILE O 86 -0.04 -1.39 102.42
C ILE O 86 1.33 -1.81 102.98
N LYS O 87 1.63 -1.44 104.22
CA LYS O 87 2.85 -1.91 104.89
C LYS O 87 2.99 -3.45 104.90
N LYS O 88 1.89 -4.18 105.05
CA LYS O 88 1.98 -5.63 105.07
C LYS O 88 2.35 -6.24 103.71
N LEU O 89 1.84 -5.69 102.63
CA LEU O 89 2.25 -6.14 101.30
C LEU O 89 3.74 -5.90 101.06
N GLY O 90 4.27 -4.86 101.69
CA GLY O 90 5.68 -4.52 101.61
C GLY O 90 6.01 -3.78 100.33
N VAL O 91 4.98 -3.22 99.70
CA VAL O 91 5.13 -2.45 98.47
C VAL O 91 5.91 -1.15 98.69
N ASP O 92 6.78 -0.79 97.76
CA ASP O 92 7.53 0.46 97.86
C ASP O 92 6.69 1.72 97.63
N THR O 93 5.69 1.63 96.75
CA THR O 93 4.91 2.82 96.38
C THR O 93 3.40 2.55 96.27
N TYR O 94 2.61 3.53 96.71
CA TYR O 94 1.17 3.51 96.48
C TYR O 94 0.71 4.70 95.63
N ARG O 95 0.03 4.42 94.53
CA ARG O 95 -0.47 5.48 93.66
C ARG O 95 -1.96 5.75 93.90
N PHE O 96 -2.29 7.00 94.17
CA PHE O 96 -3.69 7.44 94.31
C PHE O 96 -3.91 8.81 93.66
N SER O 97 -5.18 9.14 93.41
CA SER O 97 -5.52 10.43 92.83
C SER O 97 -6.20 11.40 93.80
N ILE O 98 -6.08 12.70 93.53
CA ILE O 98 -6.72 13.74 94.32
C ILE O 98 -8.02 14.21 93.69
N ALA O 99 -9.08 14.29 94.50
CA ALA O 99 -10.37 14.79 94.03
C ALA O 99 -10.39 16.31 93.95
N TRP O 100 -10.34 16.82 92.73
CA TRP O 100 -10.44 18.26 92.43
C TRP O 100 -11.65 18.96 93.09
N PRO O 101 -12.86 18.37 93.04
CA PRO O 101 -14.00 19.07 93.66
C PRO O 101 -13.95 19.12 95.19
N ARG O 102 -13.03 18.36 95.79
CA ARG O 102 -12.71 18.53 97.21
C ARG O 102 -11.79 19.72 97.48
N ILE O 103 -10.90 20.02 96.54
CA ILE O 103 -9.90 21.07 96.71
C ILE O 103 -10.39 22.47 96.30
N PHE O 104 -11.09 22.54 95.17
CA PHE O 104 -11.71 23.79 94.71
C PHE O 104 -13.20 23.65 94.42
N PRO O 105 -14.03 23.58 95.48
CA PRO O 105 -15.48 23.50 95.31
C PRO O 105 -16.10 24.71 94.61
N ALA O 106 -15.44 25.87 94.69
CA ALA O 106 -15.80 27.01 93.84
C ALA O 106 -14.58 27.62 93.17
N LYS O 107 -14.81 28.40 92.12
CA LYS O 107 -13.73 29.05 91.38
C LYS O 107 -13.00 30.06 92.27
N GLY O 108 -11.68 29.95 92.33
CA GLY O 108 -10.87 30.88 93.10
C GLY O 108 -11.00 30.71 94.60
N GLU O 109 -11.73 29.67 95.04
CA GLU O 109 -11.98 29.46 96.46
C GLU O 109 -11.35 28.15 96.94
N ASN O 111 -10.46 25.89 100.78
CA ASN O 111 -10.99 24.90 101.71
C ASN O 111 -9.91 24.12 102.46
N PRO O 112 -9.51 24.61 103.63
CA PRO O 112 -8.37 24.01 104.36
C PRO O 112 -8.64 22.58 104.83
N GLU O 113 -9.92 22.26 105.02
CA GLU O 113 -10.37 20.91 105.35
C GLU O 113 -10.06 19.83 104.32
N GLY O 114 -10.22 20.17 103.03
CA GLY O 114 -9.90 19.24 101.97
C GLY O 114 -8.42 18.89 101.98
N MET O 115 -7.58 19.90 102.10
CA MET O 115 -6.14 19.72 102.16
C MET O 115 -5.69 18.93 103.40
N ALA O 116 -6.42 19.11 104.51
CA ALA O 116 -6.10 18.42 105.77
C ALA O 116 -6.13 16.88 105.66
N PHE O 117 -7.16 16.36 105.02
CA PHE O 117 -7.31 14.91 104.82
C PHE O 117 -6.06 14.31 104.17
N TYR O 118 -5.59 15.02 103.15
CA TYR O 118 -4.38 14.69 102.39
C TYR O 118 -3.06 14.90 103.14
N LYS O 119 -2.96 15.94 103.96
CA LYS O 119 -1.74 16.12 104.76
C LYS O 119 -1.41 14.95 105.67
N ASN O 120 -2.39 14.36 106.35
CA ASN O 120 -2.12 13.17 107.16
C ASN O 120 -1.72 11.90 106.39
N LEU O 121 -2.41 11.60 105.29
CA LEU O 121 -2.06 10.42 104.49
C LEU O 121 -0.63 10.45 103.95
N ALA O 122 -0.18 11.60 103.43
CA ALA O 122 1.18 11.70 102.94
C ALA O 122 2.14 11.63 104.11
N LEU O 123 1.79 12.29 105.20
CA LEU O 123 2.59 12.29 106.42
C LEU O 123 2.64 10.91 107.08
N ARG O 124 1.92 9.94 106.52
CA ARG O 124 1.94 8.57 107.01
C ARG O 124 2.61 7.55 106.10
N LEU O 125 2.41 7.69 104.79
CA LEU O 125 3.08 6.80 103.84
C LEU O 125 4.61 6.95 103.85
N ARG O 126 5.11 8.18 103.87
CA ARG O 126 6.53 8.43 103.99
C ARG O 126 7.15 7.85 105.28
N GLU O 127 6.51 8.09 106.41
CA GLU O 127 6.94 7.50 107.69
C GLU O 127 7.09 5.98 107.67
N GLU O 128 6.18 5.29 106.99
CA GLU O 128 6.23 3.83 106.91
C GLU O 128 7.13 3.35 105.77
N GLY O 129 7.90 4.27 105.19
CA GLY O 129 8.79 3.96 104.10
C GLY O 129 8.10 3.65 102.78
N ILE O 130 6.90 4.17 102.60
CA ILE O 130 6.13 3.91 101.38
C ILE O 130 6.06 5.17 100.52
N LYS O 131 6.48 5.07 99.27
CA LYS O 131 6.44 6.23 98.38
C LYS O 131 5.01 6.55 97.92
N PRO O 132 4.55 7.77 98.21
CA PRO O 132 3.22 8.17 97.75
C PRO O 132 3.28 8.74 96.33
N ALA O 133 2.54 8.11 95.42
CA ALA O 133 2.46 8.58 94.04
C ALA O 133 1.11 9.20 93.75
N VAL O 134 1.10 10.50 93.49
CA VAL O 134 -0.15 11.26 93.50
C VAL O 134 -0.58 11.68 92.09
N THR O 135 -1.80 11.28 91.73
CA THR O 135 -2.39 11.70 90.46
C THR O 135 -3.24 12.95 90.68
N ILE O 136 -2.91 14.03 89.98
CA ILE O 136 -3.64 15.29 90.13
C ILE O 136 -5.03 15.22 89.49
N TYR O 137 -5.08 14.80 88.23
CA TYR O 137 -6.34 14.72 87.49
C TYR O 137 -6.69 13.30 87.08
N HIS O 138 -7.76 12.76 87.68
CA HIS O 138 -8.29 11.46 87.28
C HIS O 138 -9.78 11.55 86.97
N TRP O 139 -10.13 12.56 86.15
CA TRP O 139 -11.43 12.67 85.46
C TRP O 139 -12.49 13.37 86.31
N ASP O 140 -12.16 13.74 87.54
CA ASP O 140 -13.17 14.30 88.44
C ASP O 140 -13.19 15.82 88.37
N LEU O 141 -13.60 16.35 87.22
CA LEU O 141 -13.76 17.78 87.02
C LEU O 141 -14.89 18.33 87.87
N PRO O 142 -14.65 19.47 88.55
CA PRO O 142 -15.70 20.08 89.35
C PRO O 142 -16.85 20.61 88.50
N MET O 143 -18.07 20.57 89.03
CA MET O 143 -19.24 21.03 88.29
C MET O 143 -19.23 22.52 87.96
N TRP O 144 -18.64 23.34 88.83
CA TRP O 144 -18.46 24.77 88.53
C TRP O 144 -17.61 25.00 87.29
N ALA O 145 -16.65 24.12 87.03
CA ALA O 145 -15.83 24.25 85.84
C ALA O 145 -16.63 23.84 84.62
N HIS O 146 -17.28 22.68 84.71
CA HIS O 146 -18.19 22.19 83.67
C HIS O 146 -19.25 23.22 83.28
N GLU O 147 -19.82 23.88 84.30
CA GLU O 147 -20.88 24.86 84.08
C GLU O 147 -20.40 26.12 83.36
N GLU O 148 -19.10 26.36 83.39
CA GLU O 148 -18.51 27.41 82.55
C GLU O 148 -18.01 26.84 81.22
N GLY O 149 -18.43 25.62 80.90
CA GLY O 149 -18.03 24.97 79.67
C GLY O 149 -17.07 23.81 79.85
N GLY O 150 -16.44 23.72 81.01
CA GLY O 150 -15.49 22.65 81.28
C GLY O 150 -14.22 22.74 80.47
N TRP O 151 -13.75 21.59 79.99
CA TRP O 151 -12.53 21.51 79.20
C TRP O 151 -12.70 22.15 77.82
N VAL O 152 -13.95 22.38 77.42
CA VAL O 152 -14.24 23.04 76.15
C VAL O 152 -13.74 24.49 76.18
N ASN O 153 -13.76 25.12 77.35
CA ASN O 153 -13.20 26.47 77.45
C ASN O 153 -11.68 26.33 77.56
N ARG O 154 -10.96 27.13 76.78
CA ARG O 154 -9.50 27.13 76.82
C ARG O 154 -8.99 27.62 78.19
N GLU O 155 -9.81 28.44 78.84
CA GLU O 155 -9.60 28.91 80.21
C GLU O 155 -9.32 27.80 81.24
N SER O 156 -9.87 26.63 81.00
CA SER O 156 -9.65 25.43 81.82
C SER O 156 -8.17 25.13 82.11
N VAL O 157 -7.28 25.59 81.23
CA VAL O 157 -5.85 25.50 81.48
C VAL O 157 -5.46 26.30 82.74
N ASP O 158 -5.97 27.52 82.88
CA ASP O 158 -5.64 28.38 84.01
C ASP O 158 -6.27 27.93 85.34
N TRP O 159 -7.45 27.32 85.30
CA TRP O 159 -8.05 26.80 86.53
C TRP O 159 -7.25 25.64 87.11
N PHE O 160 -6.88 24.69 86.25
CA PHE O 160 -6.04 23.57 86.65
C PHE O 160 -4.66 23.98 87.15
N LEU O 161 -4.07 25.03 86.59
CA LEU O 161 -2.78 25.48 87.08
C LEU O 161 -2.87 26.06 88.49
N ASP O 162 -3.94 26.79 88.78
CA ASP O 162 -4.20 27.25 90.13
C ASP O 162 -4.40 26.06 91.08
N TYR O 163 -5.11 25.06 90.57
CA TYR O 163 -5.33 23.79 91.27
C TYR O 163 -4.03 23.02 91.47
N ALA O 164 -3.22 22.94 90.42
CA ALA O 164 -1.97 22.22 90.48
C ALA O 164 -0.97 22.92 91.43
N LYS O 165 -0.92 24.24 91.35
CA LYS O 165 -0.03 25.05 92.20
C LYS O 165 -0.20 24.79 93.70
N VAL O 166 -1.44 24.82 94.19
CA VAL O 166 -1.70 24.55 95.60
C VAL O 166 -1.30 23.13 96.03
N CYS O 167 -1.47 22.14 95.15
CA CYS O 167 -1.00 20.79 95.47
C CYS O 167 0.53 20.67 95.47
N PHE O 168 1.20 21.30 94.51
CA PHE O 168 2.67 21.29 94.49
C PHE O 168 3.27 22.05 95.68
N GLU O 169 2.78 23.25 95.91
CA GLU O 169 3.26 24.13 96.98
C GLU O 169 3.22 23.50 98.37
N GLU O 170 2.14 22.80 98.68
CA GLU O 170 1.89 22.23 100.01
C GLU O 170 2.39 20.80 100.24
N LEU O 171 2.54 20.03 99.17
CA LEU O 171 2.82 18.59 99.32
C LEU O 171 4.13 18.11 98.70
N ASP O 172 4.81 18.97 97.94
CA ASP O 172 6.02 18.57 97.21
C ASP O 172 7.17 18.15 98.11
N ASP O 173 7.19 18.64 99.34
CA ASP O 173 8.20 18.16 100.29
C ASP O 173 7.96 16.71 100.77
N ILE O 174 6.70 16.26 100.81
CA ILE O 174 6.39 14.91 101.29
C ILE O 174 6.27 13.91 100.12
N VAL O 175 5.53 14.29 99.07
CA VAL O 175 5.23 13.37 97.95
C VAL O 175 6.48 12.99 97.16
N ASP O 176 6.53 11.72 96.73
CA ASP O 176 7.67 11.16 96.03
C ASP O 176 7.55 11.29 94.52
N SER O 177 6.34 11.16 93.97
CA SER O 177 6.16 11.36 92.53
C SER O 177 4.80 11.95 92.14
N TRP O 178 4.82 12.74 91.07
CA TRP O 178 3.64 13.40 90.49
C TRP O 178 3.18 12.87 89.14
N ILE O 179 1.87 12.67 89.00
CA ILE O 179 1.24 12.41 87.70
C ILE O 179 0.24 13.53 87.36
N THR O 180 0.49 14.26 86.27
CA THR O 180 -0.36 15.39 85.92
C THR O 180 -1.76 14.98 85.44
N HIS O 181 -1.81 14.14 84.41
CA HIS O 181 -3.08 13.73 83.83
C HIS O 181 -3.17 12.23 83.69
N ASN O 182 -4.33 11.65 84.00
CA ASN O 182 -4.55 10.24 83.71
C ASN O 182 -5.43 10.05 82.49
N GLU O 183 -4.91 9.35 81.49
CA GLU O 183 -5.66 8.91 80.31
C GLU O 183 -6.54 10.00 79.70
N PRO O 184 -5.93 11.03 79.11
CA PRO O 184 -6.70 12.06 78.39
C PRO O 184 -7.51 11.54 77.21
N TRP O 185 -7.20 10.35 76.70
CA TRP O 185 -8.05 9.71 75.70
C TRP O 185 -9.43 9.35 76.24
N CYS O 186 -9.47 8.77 77.43
CA CYS O 186 -10.73 8.45 78.09
C CYS O 186 -11.47 9.73 78.46
N ALA O 187 -10.80 10.58 79.22
CA ALA O 187 -11.30 11.87 79.68
C ALA O 187 -11.69 12.80 78.52
N GLY O 188 -11.05 12.61 77.38
CA GLY O 188 -11.26 13.43 76.21
C GLY O 188 -12.24 12.79 75.24
N PHE O 189 -11.79 11.78 74.51
CA PHE O 189 -12.60 11.15 73.47
C PHE O 189 -13.79 10.37 74.03
N LEU O 190 -13.56 9.50 75.00
CA LEU O 190 -14.65 8.71 75.56
C LEU O 190 -15.73 9.57 76.22
N GLY O 191 -15.33 10.74 76.72
CA GLY O 191 -16.28 11.64 77.36
C GLY O 191 -16.96 12.63 76.42
N TYR O 192 -16.19 13.20 75.50
CA TYR O 192 -16.67 14.24 74.59
C TYR O 192 -16.98 13.79 73.17
N HIS O 193 -16.45 12.64 72.76
CA HIS O 193 -16.71 12.13 71.41
C HIS O 193 -17.70 10.98 71.37
N VAL O 194 -17.49 9.95 72.19
CA VAL O 194 -18.37 8.79 72.13
C VAL O 194 -19.58 8.96 73.04
N GLY O 195 -19.34 9.25 74.32
CA GLY O 195 -20.43 9.55 75.23
C GLY O 195 -20.56 8.52 76.34
N VAL O 196 -19.53 7.70 76.51
CA VAL O 196 -19.58 6.60 77.45
C VAL O 196 -19.15 7.09 78.84
N HIS O 197 -18.25 8.07 78.86
CA HIS O 197 -17.76 8.64 80.10
C HIS O 197 -18.16 10.11 80.25
N ALA O 198 -17.96 10.64 81.46
CA ALA O 198 -18.38 12.00 81.83
C ALA O 198 -17.56 13.07 81.13
N PRO O 199 -18.22 14.14 80.64
CA PRO O 199 -19.62 14.51 80.85
C PRO O 199 -20.60 13.88 79.85
N GLY O 200 -20.10 13.03 78.96
CA GLY O 200 -20.95 12.26 78.07
C GLY O 200 -21.43 12.99 76.84
N HIS O 201 -20.58 13.84 76.26
CA HIS O 201 -20.93 14.57 75.05
C HIS O 201 -20.56 13.77 73.81
N ARG O 202 -21.17 14.12 72.67
CA ARG O 202 -20.87 13.46 71.40
C ARG O 202 -20.65 14.51 70.32
N ASP O 203 -19.48 15.13 70.35
CA ASP O 203 -19.17 16.27 69.50
C ASP O 203 -17.65 16.26 69.34
N MET O 204 -17.21 15.96 68.13
CA MET O 204 -15.78 15.86 67.82
C MET O 204 -15.03 17.18 67.98
N ASN O 205 -15.69 18.30 67.70
CA ASN O 205 -15.07 19.61 67.85
C ASN O 205 -14.70 19.88 69.31
N GLU O 206 -15.67 19.69 70.20
CA GLU O 206 -15.44 19.74 71.65
C GLU O 206 -14.37 18.75 72.13
N ALA O 207 -14.38 17.55 71.56
CA ALA O 207 -13.47 16.48 71.95
C ALA O 207 -11.99 16.78 71.73
N VAL O 208 -11.64 17.28 70.55
CA VAL O 208 -10.25 17.63 70.25
C VAL O 208 -9.80 18.84 71.09
N ARG O 209 -10.72 19.74 71.38
CA ARG O 209 -10.47 20.85 72.29
C ARG O 209 -10.25 20.40 73.75
N ALA O 210 -11.00 19.40 74.20
CA ALA O 210 -10.80 18.85 75.55
C ALA O 210 -9.45 18.18 75.70
N VAL O 211 -9.11 17.35 74.72
CA VAL O 211 -7.83 16.65 74.67
C VAL O 211 -6.64 17.61 74.66
N HIS O 212 -6.73 18.62 73.80
CA HIS O 212 -5.69 19.63 73.68
C HIS O 212 -5.44 20.40 74.98
N HIS O 213 -6.51 20.72 75.70
CA HIS O 213 -6.39 21.47 76.94
C HIS O 213 -5.86 20.63 78.10
N MET O 214 -6.20 19.35 78.12
CA MET O 214 -5.57 18.42 79.06
C MET O 214 -4.07 18.30 78.81
N LEU O 215 -3.71 18.14 77.54
CA LEU O 215 -2.32 18.01 77.14
C LEU O 215 -1.55 19.31 77.38
N LEU O 216 -2.19 20.43 77.06
CA LEU O 216 -1.63 21.75 77.31
C LEU O 216 -1.42 22.05 78.79
N SER O 217 -2.38 21.67 79.62
CA SER O 217 -2.28 21.80 81.08
C SER O 217 -1.17 20.96 81.72
N HIS O 218 -0.94 19.78 81.17
CA HIS O 218 0.20 18.92 81.54
C HIS O 218 1.56 19.62 81.45
N GLY O 219 1.84 20.20 80.30
CA GLY O 219 3.14 20.81 80.04
C GLY O 219 3.36 22.05 80.86
N LYS O 220 2.31 22.82 81.09
CA LYS O 220 2.36 23.98 81.95
C LYS O 220 2.65 23.64 83.41
N ALA O 221 2.18 22.48 83.86
CA ALA O 221 2.43 22.04 85.23
C ALA O 221 3.89 21.64 85.44
N VAL O 222 4.45 20.91 84.49
CA VAL O 222 5.86 20.54 84.52
C VAL O 222 6.79 21.75 84.54
N GLU O 223 6.56 22.67 83.60
CA GLU O 223 7.29 23.93 83.55
C GLU O 223 7.19 24.74 84.84
N LEU O 224 5.99 24.78 85.42
CA LEU O 224 5.75 25.48 86.67
C LEU O 224 6.54 24.93 87.86
N LEU O 225 6.53 23.62 88.01
CA LEU O 225 7.28 22.96 89.08
C LEU O 225 8.80 23.19 89.04
N LYS O 226 9.41 22.96 87.88
CA LYS O 226 10.86 23.05 87.72
C LYS O 226 11.48 24.46 87.58
N ARG O 227 10.68 25.44 87.18
CA ARG O 227 11.23 26.78 86.93
C ARG O 227 10.93 27.71 88.10
N GLU O 228 9.64 27.93 88.35
CA GLU O 228 9.19 28.84 89.40
C GLU O 228 9.43 28.28 90.80
N MET O 229 8.97 27.06 91.02
CA MET O 229 9.12 26.37 92.31
C MET O 229 10.49 25.70 92.53
N LYS O 230 11.30 25.66 91.48
CA LYS O 230 12.66 25.10 91.52
C LYS O 230 12.77 23.67 92.05
N SER O 231 11.78 22.83 91.76
CA SER O 231 11.71 21.50 92.35
C SER O 231 12.28 20.46 91.38
N THR O 232 13.04 19.50 91.89
CA THR O 232 13.56 18.42 91.06
C THR O 232 12.75 17.14 91.25
N THR O 233 11.59 17.26 91.89
CA THR O 233 10.67 16.14 92.02
C THR O 233 10.21 15.66 90.64
N PRO O 234 10.35 14.34 90.38
CA PRO O 234 9.94 13.77 89.09
C PRO O 234 8.47 14.00 88.74
N ILE O 235 8.23 14.50 87.53
CA ILE O 235 6.87 14.73 87.05
C ILE O 235 6.71 14.19 85.63
N GLY O 236 5.50 13.73 85.29
CA GLY O 236 5.24 13.22 83.96
C GLY O 236 3.76 13.01 83.70
N ILE O 237 3.43 12.46 82.54
CA ILE O 237 2.05 12.12 82.22
C ILE O 237 1.89 10.61 82.12
N THR O 238 0.65 10.14 82.29
CA THR O 238 0.31 8.74 82.00
C THR O 238 -0.71 8.75 80.86
N LEU O 239 -0.40 8.00 79.80
CA LEU O 239 -1.33 7.76 78.71
C LEU O 239 -1.76 6.30 78.68
N ASN O 240 -3.04 6.07 78.38
CA ASN O 240 -3.48 4.73 78.03
C ASN O 240 -3.19 4.46 76.57
N LEU O 241 -2.55 3.32 76.34
CA LEU O 241 -2.12 2.92 75.01
C LEU O 241 -2.62 1.52 74.65
N SER O 242 -3.23 1.40 73.48
CA SER O 242 -3.73 0.11 73.01
C SER O 242 -3.21 -0.11 71.60
N PRO O 243 -2.24 -1.02 71.44
CA PRO O 243 -1.72 -1.25 70.08
C PRO O 243 -2.74 -1.87 69.14
N MET O 244 -2.66 -1.51 67.86
CA MET O 244 -3.67 -1.88 66.87
C MET O 244 -3.06 -2.77 65.79
N TYR O 245 -3.77 -3.83 65.43
CA TYR O 245 -3.24 -4.78 64.43
C TYR O 245 -4.27 -5.03 63.32
N ALA O 246 -3.78 -5.18 62.10
CA ALA O 246 -4.64 -5.41 60.94
C ALA O 246 -5.03 -6.88 60.78
N LYS O 247 -6.30 -7.12 60.47
CA LYS O 247 -6.84 -8.45 60.25
C LYS O 247 -6.26 -9.17 59.03
N THR O 248 -6.09 -8.42 57.95
CA THR O 248 -5.47 -8.94 56.73
C THR O 248 -4.35 -8.03 56.26
N ASP O 249 -3.71 -8.42 55.16
CA ASP O 249 -2.62 -7.63 54.59
C ASP O 249 -3.09 -6.74 53.45
N SER O 250 -4.41 -6.62 53.31
CA SER O 250 -4.98 -5.71 52.31
C SER O 250 -4.73 -4.25 52.68
N ALA O 251 -4.75 -3.37 51.68
CA ALA O 251 -4.45 -1.97 51.88
C ALA O 251 -5.45 -1.33 52.84
N ASN O 252 -6.72 -1.66 52.61
CA ASN O 252 -7.82 -1.23 53.46
C ASN O 252 -7.64 -1.52 54.95
N ASP O 253 -7.34 -2.77 55.27
CA ASP O 253 -7.14 -3.17 56.66
C ASP O 253 -5.88 -2.55 57.28
N ARG O 254 -4.89 -2.24 56.45
CA ARG O 254 -3.73 -1.47 56.90
C ARG O 254 -4.09 -0.01 57.22
N LEU O 255 -4.97 0.56 56.40
CA LEU O 255 -5.47 1.91 56.62
C LEU O 255 -6.33 2.02 57.87
N ALA O 256 -7.12 1.00 58.13
CA ALA O 256 -7.97 0.92 59.31
C ALA O 256 -7.12 0.97 60.57
N MET O 257 -6.04 0.19 60.58
CA MET O 257 -5.10 0.17 61.68
C MET O 257 -4.46 1.53 61.92
N ASN O 258 -3.89 2.13 60.87
CA ASN O 258 -3.31 3.47 60.94
C ASN O 258 -4.25 4.47 61.59
N ASN O 259 -5.50 4.49 61.14
CA ASN O 259 -6.49 5.44 61.64
C ASN O 259 -6.92 5.12 63.07
N ALA O 260 -7.04 3.83 63.38
CA ALA O 260 -7.29 3.36 64.75
C ALA O 260 -6.12 3.74 65.65
N ASP O 261 -4.92 3.57 65.13
CA ASP O 261 -3.70 3.96 65.85
C ASP O 261 -3.61 5.45 66.15
N GLY O 262 -3.97 6.27 65.17
CA GLY O 262 -3.96 7.69 65.37
C GLY O 262 -5.00 8.17 66.37
N TYR O 263 -6.18 7.56 66.35
CA TYR O 263 -7.26 7.91 67.26
C TYR O 263 -6.96 7.52 68.72
N SER O 264 -6.37 6.35 68.90
CA SER O 264 -6.06 5.86 70.25
C SER O 264 -4.71 6.30 70.77
N ASN O 265 -3.72 6.38 69.90
CA ASN O 265 -2.33 6.53 70.34
C ASN O 265 -1.58 7.77 69.87
N ARG O 266 -1.44 7.91 68.56
CA ARG O 266 -0.59 8.96 67.99
C ARG O 266 -1.11 10.38 68.18
N TRP O 267 -2.42 10.56 68.26
CA TRP O 267 -2.99 11.88 68.59
C TRP O 267 -2.46 12.41 69.93
N PHE O 268 -2.01 11.51 70.80
CA PHE O 268 -1.49 11.87 72.11
C PHE O 268 0.04 11.75 72.24
N LEU O 269 0.63 10.73 71.64
CA LEU O 269 2.08 10.56 71.70
C LEU O 269 2.85 11.64 70.94
N ASP O 270 2.35 12.00 69.76
CA ASP O 270 3.02 13.00 68.94
C ASP O 270 3.07 14.41 69.56
N PRO O 271 1.94 14.94 70.08
CA PRO O 271 2.15 16.26 70.71
C PRO O 271 3.06 16.23 71.94
N VAL O 272 3.02 15.12 72.67
CA VAL O 272 3.80 14.99 73.90
C VAL O 272 5.29 14.80 73.62
N PHE O 273 5.59 13.99 72.61
CA PHE O 273 6.99 13.66 72.31
C PHE O 273 7.54 14.28 71.04
N LYS O 274 6.68 14.58 70.07
CA LYS O 274 7.12 15.20 68.83
C LYS O 274 6.78 16.69 68.78
N GLY O 275 5.88 17.13 69.64
CA GLY O 275 5.40 18.51 69.60
C GLY O 275 4.63 18.81 68.33
N GLU O 276 3.89 17.83 67.82
CA GLU O 276 3.03 18.01 66.64
C GLU O 276 1.83 17.09 66.66
N TYR O 277 0.75 17.50 66.00
CA TYR O 277 -0.39 16.61 65.76
C TYR O 277 -0.23 15.84 64.46
N PRO O 278 -0.68 14.58 64.44
CA PRO O 278 -0.56 13.79 63.20
C PRO O 278 -1.51 14.30 62.11
N VAL O 279 -0.95 14.78 61.02
CA VAL O 279 -1.73 15.41 59.95
C VAL O 279 -2.74 14.46 59.31
N ASP O 280 -2.42 13.17 59.28
CA ASP O 280 -3.34 12.14 58.77
C ASP O 280 -4.65 12.05 59.56
N MET O 281 -4.55 12.17 60.89
CA MET O 281 -5.72 12.16 61.75
C MET O 281 -6.51 13.47 61.68
N MET O 282 -5.78 14.58 61.59
CA MET O 282 -6.37 15.89 61.37
C MET O 282 -7.26 15.90 60.14
N ASN O 283 -6.75 15.34 59.04
CA ASN O 283 -7.51 15.21 57.81
C ASN O 283 -8.74 14.30 57.96
N LEU O 284 -8.55 13.16 58.63
CA LEU O 284 -9.65 12.24 58.88
C LEU O 284 -10.74 12.85 59.77
N PHE O 285 -10.31 13.56 60.80
CA PHE O 285 -11.24 14.27 61.68
C PHE O 285 -11.87 15.48 61.03
N SER O 286 -11.29 15.95 59.94
CA SER O 286 -11.84 17.11 59.23
C SER O 286 -13.25 16.92 58.70
N LYS O 287 -13.75 15.68 58.67
CA LYS O 287 -15.17 15.44 58.42
C LYS O 287 -16.07 16.03 59.52
N TYR O 288 -15.50 16.22 60.71
CA TYR O 288 -16.19 16.88 61.82
C TYR O 288 -15.49 18.14 62.33
N VAL O 289 -14.16 18.15 62.29
CA VAL O 289 -13.39 19.25 62.87
C VAL O 289 -12.92 20.14 61.72
N HIS O 290 -13.49 21.34 61.66
CA HIS O 290 -13.28 22.20 60.51
C HIS O 290 -12.43 23.43 60.80
N ASN O 291 -11.76 23.45 61.97
CA ASN O 291 -10.72 24.45 62.21
C ASN O 291 -9.81 24.09 63.36
N PHE O 292 -8.52 24.33 63.18
CA PHE O 292 -7.50 24.08 64.20
C PHE O 292 -6.82 25.33 64.80
N ASP O 293 -7.51 26.46 64.82
CA ASP O 293 -6.98 27.69 65.43
C ASP O 293 -6.88 27.65 66.96
N PHE O 294 -7.40 26.59 67.57
CA PHE O 294 -7.13 26.33 68.98
C PHE O 294 -5.68 25.97 69.27
N ILE O 295 -4.93 25.52 68.27
CA ILE O 295 -3.49 25.39 68.50
C ILE O 295 -2.81 26.75 68.34
N GLN O 296 -2.70 27.45 69.47
CA GLN O 296 -2.05 28.76 69.56
C GLN O 296 -0.54 28.66 69.49
N SER O 297 0.13 29.75 69.13
CA SER O 297 1.59 29.78 69.13
C SER O 297 2.14 29.65 70.55
N GLY O 298 3.19 28.84 70.69
CA GLY O 298 3.78 28.54 71.98
C GLY O 298 3.21 27.30 72.63
N ASP O 299 2.06 26.85 72.13
CA ASP O 299 1.33 25.72 72.71
C ASP O 299 2.07 24.39 72.55
N MET O 300 2.47 24.10 71.31
CA MET O 300 3.13 22.83 71.04
C MET O 300 4.51 22.72 71.72
N GLU O 301 5.16 23.85 71.94
CA GLU O 301 6.41 23.85 72.72
C GLU O 301 6.28 23.53 74.22
N THR O 302 5.26 24.09 74.87
CA THR O 302 5.00 23.81 76.29
C THR O 302 4.53 22.36 76.49
N ILE O 303 3.62 21.89 75.65
CA ILE O 303 3.15 20.51 75.70
C ILE O 303 4.32 19.52 75.62
N SER O 304 5.32 19.83 74.81
CA SER O 304 6.46 18.93 74.64
C SER O 304 7.62 19.24 75.60
N THR O 305 7.33 19.97 76.67
CA THR O 305 8.34 20.29 77.69
C THR O 305 8.90 18.99 78.26
N ALA O 306 10.20 18.94 78.49
CA ALA O 306 10.83 17.69 78.89
C ALA O 306 10.32 17.24 80.26
N CYS O 307 10.02 15.94 80.36
CA CYS O 307 9.55 15.33 81.60
C CYS O 307 10.61 14.42 82.22
N ASP O 308 10.35 13.93 83.42
CA ASP O 308 11.33 13.07 84.09
C ASP O 308 11.09 11.60 83.78
N PHE O 309 9.82 11.25 83.50
CA PHE O 309 9.47 9.89 83.10
C PHE O 309 8.27 9.89 82.17
N PHE O 310 7.93 8.72 81.65
CA PHE O 310 6.71 8.55 80.86
C PHE O 310 5.83 7.44 81.44
N GLY O 311 4.58 7.77 81.73
CA GLY O 311 3.63 6.81 82.25
C GLY O 311 2.79 6.13 81.19
N ILE O 312 2.56 4.83 81.37
CA ILE O 312 1.70 4.06 80.47
C ILE O 312 0.69 3.23 81.25
N ASN O 313 -0.58 3.46 80.97
CA ASN O 313 -1.65 2.54 81.36
C ASN O 313 -1.97 1.57 80.24
N PHE O 314 -1.69 0.29 80.49
CA PHE O 314 -1.94 -0.74 79.49
C PHE O 314 -2.92 -1.81 79.98
N TYR O 315 -3.86 -2.19 79.12
CA TYR O 315 -4.80 -3.24 79.46
C TYR O 315 -4.93 -4.31 78.37
N SER O 316 -5.03 -3.88 77.11
CA SER O 316 -5.23 -4.81 76.01
C SER O 316 -4.93 -4.22 74.65
N ARG O 317 -4.98 -5.07 73.62
CA ARG O 317 -4.94 -4.63 72.24
C ARG O 317 -6.35 -4.53 71.63
N GLY O 318 -6.42 -4.03 70.41
CA GLY O 318 -7.64 -4.14 69.62
C GLY O 318 -7.33 -4.51 68.17
N ILE O 319 -7.84 -5.64 67.72
CA ILE O 319 -7.75 -6.00 66.30
C ILE O 319 -8.89 -5.39 65.48
N VAL O 320 -8.53 -4.61 64.46
CA VAL O 320 -9.54 -3.91 63.66
C VAL O 320 -9.47 -4.29 62.16
N GLU O 321 -10.58 -4.14 61.46
CA GLU O 321 -10.57 -4.26 59.99
C GLU O 321 -11.33 -3.09 59.37
N PHE O 322 -11.23 -2.93 58.05
CA PHE O 322 -11.85 -1.79 57.38
C PHE O 322 -13.37 -1.91 57.15
N ASN O 323 -14.05 -0.76 57.22
CA ASN O 323 -15.49 -0.62 56.96
C ASN O 323 -15.70 0.72 56.24
N ALA O 324 -16.07 0.64 54.97
CA ALA O 324 -16.40 1.81 54.14
C ALA O 324 -17.52 2.71 54.66
N ALA O 325 -18.48 2.19 55.43
CA ALA O 325 -19.58 3.04 55.90
C ALA O 325 -19.31 3.75 57.24
N ASN O 326 -18.14 3.51 57.82
CA ASN O 326 -17.68 4.24 59.01
C ASN O 326 -16.94 5.51 58.59
N ASP O 327 -17.18 6.60 59.32
CA ASP O 327 -16.41 7.83 59.13
C ASP O 327 -14.91 7.64 59.34
N PHE O 328 -14.51 6.88 60.36
CA PHE O 328 -13.08 6.66 60.56
C PHE O 328 -12.59 5.33 59.98
N LEU O 329 -13.41 4.71 59.13
CA LEU O 329 -12.91 3.63 58.27
C LEU O 329 -12.54 2.35 59.03
N LYS O 330 -13.01 2.23 60.27
CA LYS O 330 -12.70 1.05 61.07
C LYS O 330 -13.88 0.61 61.93
N ALA O 331 -13.96 -0.70 62.14
CA ALA O 331 -14.88 -1.30 63.09
C ALA O 331 -14.14 -2.35 63.89
N ASP O 332 -14.72 -2.82 64.98
CA ASP O 332 -14.07 -3.84 65.77
C ASP O 332 -14.12 -5.15 64.99
N ALA O 333 -13.02 -5.89 64.99
CA ALA O 333 -12.96 -7.18 64.31
C ALA O 333 -13.11 -8.33 65.29
N TYR O 334 -13.44 -9.50 64.76
CA TYR O 334 -13.58 -10.69 65.59
C TYR O 334 -12.21 -11.11 66.11
N SER O 335 -12.12 -11.33 67.41
CA SER O 335 -10.87 -11.77 68.01
C SER O 335 -11.04 -13.22 68.46
N ASP O 336 -10.05 -14.06 68.16
CA ASP O 336 -10.10 -15.43 68.63
C ASP O 336 -9.26 -15.65 69.89
N TYR O 337 -8.67 -14.58 70.43
CA TYR O 337 -7.90 -14.73 71.65
C TYR O 337 -8.83 -15.07 72.81
N GLU O 338 -8.28 -15.65 73.88
CA GLU O 338 -9.03 -15.81 75.12
C GLU O 338 -9.28 -14.45 75.78
N LYS O 339 -10.49 -14.24 76.30
CA LYS O 339 -10.88 -12.91 76.78
C LYS O 339 -11.28 -12.90 78.25
N THR O 340 -11.07 -11.75 78.88
CA THR O 340 -11.43 -11.52 80.27
C THR O 340 -12.94 -11.29 80.40
N GLY O 341 -13.41 -11.02 81.61
CA GLY O 341 -14.78 -10.60 81.82
C GLY O 341 -15.20 -9.30 81.15
N MET O 342 -14.26 -8.42 80.87
CA MET O 342 -14.57 -7.19 80.16
C MET O 342 -14.74 -7.42 78.66
N GLY O 343 -14.28 -8.60 78.20
CA GLY O 343 -14.19 -8.87 76.78
C GLY O 343 -12.93 -8.35 76.12
N TRP O 344 -11.93 -8.01 76.91
CA TRP O 344 -10.66 -7.53 76.37
C TRP O 344 -9.69 -8.68 76.11
N ASP O 345 -8.92 -8.58 75.02
CA ASP O 345 -7.92 -9.57 74.68
C ASP O 345 -6.78 -9.64 75.69
N ILE O 346 -6.35 -10.85 76.02
CA ILE O 346 -5.12 -11.05 76.79
C ILE O 346 -3.90 -11.10 75.88
N ALA O 347 -3.03 -10.10 75.98
CA ALA O 347 -2.02 -9.84 74.95
C ALA O 347 -0.68 -9.37 75.54
N PRO O 348 0.04 -10.26 76.24
CA PRO O 348 1.36 -9.85 76.72
C PRO O 348 2.41 -9.75 75.62
N ASN O 349 2.29 -10.60 74.60
CA ASN O 349 3.18 -10.54 73.44
C ASN O 349 3.05 -9.23 72.67
N GLU O 350 1.82 -8.76 72.56
CA GLU O 350 1.50 -7.53 71.83
C GLU O 350 1.88 -6.29 72.64
N PHE O 351 1.86 -6.43 73.95
CA PHE O 351 2.41 -5.43 74.86
C PHE O 351 3.88 -5.12 74.62
N LYS O 352 4.68 -6.15 74.39
CA LYS O 352 6.10 -6.00 74.08
C LYS O 352 6.39 -5.28 72.76
N ASP O 353 5.54 -5.49 71.76
CA ASP O 353 5.66 -4.77 70.49
C ASP O 353 5.48 -3.27 70.66
N LEU O 354 4.42 -2.88 71.36
CA LEU O 354 4.11 -1.48 71.62
C LEU O 354 5.26 -0.70 72.26
N ILE O 355 5.85 -1.28 73.31
CA ILE O 355 6.93 -0.65 74.05
C ILE O 355 8.17 -0.42 73.17
N ARG O 356 8.57 -1.48 72.48
CA ARG O 356 9.68 -1.46 71.52
C ARG O 356 9.48 -0.34 70.50
N ARG O 357 8.24 -0.20 70.05
CA ARG O 357 7.88 0.81 69.07
C ARG O 357 8.09 2.22 69.64
N LEU O 358 7.74 2.40 70.90
CA LEU O 358 7.91 3.67 71.62
C LEU O 358 9.36 4.10 71.81
N ARG O 359 10.25 3.14 72.04
CA ARG O 359 11.67 3.44 72.16
C ARG O 359 12.29 3.83 70.82
N ALA O 360 11.88 3.15 69.76
CA ALA O 360 12.36 3.41 68.41
C ALA O 360 11.95 4.76 67.82
N GLU O 361 10.70 5.17 68.02
CA GLU O 361 10.16 6.33 67.31
C GLU O 361 10.03 7.60 68.17
N TYR O 362 9.77 7.44 69.46
CA TYR O 362 9.22 8.53 70.28
C TYR O 362 10.13 8.94 71.43
N THR O 363 10.50 8.00 72.29
CA THR O 363 11.18 8.36 73.52
C THR O 363 12.18 7.33 74.06
N ASP O 364 13.23 7.84 74.70
CA ASP O 364 14.16 7.02 75.47
C ASP O 364 14.03 7.31 76.96
N LEU O 365 12.96 7.97 77.36
CA LEU O 365 12.71 8.24 78.78
C LEU O 365 12.37 6.96 79.55
N PRO O 366 12.67 6.94 80.86
CA PRO O 366 12.25 5.78 81.67
C PRO O 366 10.74 5.62 81.72
N ILE O 367 10.28 4.38 81.54
CA ILE O 367 8.86 4.08 81.50
C ILE O 367 8.34 3.44 82.80
N TYR O 368 7.21 3.94 83.29
CA TYR O 368 6.51 3.31 84.42
C TYR O 368 5.13 2.81 83.97
N ILE O 369 4.84 1.53 84.21
CA ILE O 369 3.50 1.01 83.96
C ILE O 369 2.60 1.41 85.13
N THR O 370 2.04 2.61 85.05
CA THR O 370 1.32 3.20 86.17
C THR O 370 -0.06 2.62 86.44
N GLU O 371 -0.63 1.89 85.49
CA GLU O 371 -1.80 1.05 85.75
C GLU O 371 -1.83 -0.17 84.82
N ASN O 372 -1.89 -1.36 85.41
CA ASN O 372 -2.25 -2.59 84.70
C ASN O 372 -3.05 -3.63 85.51
N GLY O 373 -4.02 -4.29 84.87
CA GLY O 373 -4.84 -5.27 85.56
C GLY O 373 -6.02 -5.81 84.77
N ALA O 374 -6.86 -6.61 85.44
CA ALA O 374 -7.99 -7.28 84.77
C ALA O 374 -9.16 -7.61 85.71
N ALA O 375 -10.36 -7.66 85.13
CA ALA O 375 -11.58 -8.07 85.84
C ALA O 375 -12.08 -9.47 85.47
N PHE O 376 -12.32 -10.30 86.48
CA PHE O 376 -12.90 -11.63 86.30
C PHE O 376 -14.11 -11.92 87.21
N ASP O 377 -14.93 -12.88 86.77
CA ASP O 377 -16.14 -13.31 87.47
C ASP O 377 -15.88 -14.07 88.78
N ASP O 378 -15.69 -13.33 89.86
CA ASP O 378 -15.35 -13.91 91.17
C ASP O 378 -16.53 -14.53 91.92
N VAL O 379 -16.36 -15.79 92.32
CA VAL O 379 -17.35 -16.53 93.08
C VAL O 379 -16.86 -16.67 94.52
N LEU O 380 -17.62 -16.11 95.46
CA LEU O 380 -17.37 -16.30 96.89
C LEU O 380 -17.82 -17.63 97.50
N GLU O 381 -16.84 -18.34 98.07
CA GLU O 381 -17.05 -19.64 98.69
C GLU O 381 -16.22 -19.69 99.98
N ASN O 382 -16.89 -19.49 101.12
CA ASN O 382 -16.29 -19.65 102.45
C ASN O 382 -15.21 -18.59 102.69
N GLY O 383 -15.59 -17.33 102.56
CA GLY O 383 -14.65 -16.23 102.74
C GLY O 383 -13.49 -16.31 101.78
N GLU O 384 -13.75 -16.80 100.57
CA GLU O 384 -12.71 -17.03 99.58
C GLU O 384 -13.21 -16.95 98.14
N VAL O 385 -12.37 -16.42 97.28
CA VAL O 385 -12.62 -16.28 95.83
C VAL O 385 -11.41 -16.84 95.06
N HIS O 386 -11.61 -17.92 94.32
CA HIS O 386 -10.50 -18.55 93.62
C HIS O 386 -10.36 -18.06 92.18
N ASP O 387 -9.56 -17.00 92.06
CA ASP O 387 -9.31 -16.33 90.79
C ASP O 387 -7.90 -16.60 90.27
N ASP O 388 -7.66 -17.87 89.94
CA ASP O 388 -6.39 -18.31 89.38
C ASP O 388 -6.12 -17.67 88.02
N ASN O 389 -7.18 -17.43 87.26
CA ASN O 389 -7.12 -16.73 85.98
C ASN O 389 -6.59 -15.30 86.01
N ARG O 390 -6.94 -14.51 87.02
CA ARG O 390 -6.36 -13.18 87.20
C ARG O 390 -4.88 -13.25 87.57
N ILE O 391 -4.51 -14.31 88.31
CA ILE O 391 -3.12 -14.53 88.71
C ILE O 391 -2.30 -14.80 87.45
N ASP O 392 -2.89 -15.60 86.56
CA ASP O 392 -2.32 -15.89 85.25
C ASP O 392 -2.02 -14.58 84.52
N TYR O 393 -3.04 -13.75 84.38
CA TYR O 393 -2.94 -12.47 83.66
C TYR O 393 -1.75 -11.62 84.14
N VAL O 394 -1.67 -11.38 85.45
CA VAL O 394 -0.64 -10.53 86.03
C VAL O 394 0.78 -11.12 85.91
N ARG O 395 0.89 -12.44 86.12
CA ARG O 395 2.16 -13.15 86.01
C ARG O 395 2.73 -13.10 84.59
N GLN O 396 1.86 -13.22 83.59
CA GLN O 396 2.25 -13.10 82.19
C GLN O 396 2.84 -11.74 81.86
N HIS O 397 2.23 -10.69 82.39
CA HIS O 397 2.71 -9.32 82.15
C HIS O 397 4.02 -9.04 82.87
N LEU O 398 4.17 -9.50 84.10
CA LEU O 398 5.42 -9.35 84.83
C LEU O 398 6.57 -10.10 84.16
N GLU O 399 6.28 -11.27 83.60
CA GLU O 399 7.24 -12.00 82.77
C GLU O 399 7.61 -11.19 81.53
N ALA O 400 6.61 -10.58 80.91
CA ALA O 400 6.80 -9.67 79.78
C ALA O 400 7.61 -8.43 80.16
N VAL O 401 7.43 -7.95 81.38
CA VAL O 401 8.24 -6.86 81.93
C VAL O 401 9.71 -7.26 82.06
N SER O 402 9.96 -8.48 82.52
CA SER O 402 11.33 -8.97 82.69
C SER O 402 12.05 -9.13 81.36
N ASP O 403 11.36 -9.68 80.36
CA ASP O 403 11.94 -9.79 79.02
C ASP O 403 12.27 -8.44 78.39
N LEU O 404 11.41 -7.45 78.60
CA LEU O 404 11.65 -6.11 78.06
C LEU O 404 12.83 -5.39 78.72
N ASN O 405 12.96 -5.52 80.03
CA ASN O 405 14.09 -4.93 80.74
C ASN O 405 15.44 -5.57 80.35
N ASP O 406 15.39 -6.85 79.98
CA ASP O 406 16.56 -7.52 79.41
C ASP O 406 16.98 -6.98 78.05
N GLU O 407 16.02 -6.52 77.26
CA GLU O 407 16.32 -5.86 75.99
C GLU O 407 16.82 -4.44 76.18
N GLY O 408 16.62 -3.90 77.38
CA GLY O 408 17.05 -2.55 77.69
C GLY O 408 15.95 -1.51 77.56
N MET O 409 14.70 -1.95 77.69
CA MET O 409 13.58 -1.05 77.49
C MET O 409 13.34 -0.21 78.73
N ASN O 410 14.00 -0.57 79.83
CA ASN O 410 14.07 0.27 81.02
C ASN O 410 12.68 0.55 81.57
N ILE O 411 11.95 -0.49 81.94
CA ILE O 411 10.71 -0.31 82.69
C ILE O 411 11.04 -0.38 84.17
N GLN O 412 11.16 0.79 84.78
CA GLN O 412 11.64 0.93 86.14
C GLN O 412 10.58 0.54 87.18
N GLY O 413 9.31 0.54 86.80
CA GLY O 413 8.27 0.21 87.75
C GLY O 413 6.96 -0.28 87.16
N TYR O 414 6.10 -0.77 88.05
CA TYR O 414 4.83 -1.40 87.67
C TYR O 414 3.77 -1.30 88.77
N TYR O 415 2.64 -0.67 88.45
CA TYR O 415 1.57 -0.52 89.44
C TYR O 415 0.38 -1.40 89.07
N LEU O 416 0.07 -2.35 89.94
CA LEU O 416 -1.03 -3.30 89.73
C LEU O 416 -2.40 -2.69 90.00
N TRP O 417 -3.22 -2.64 88.96
CA TRP O 417 -4.61 -2.18 89.06
C TRP O 417 -5.58 -3.33 89.29
N SER O 418 -6.42 -3.24 90.31
CA SER O 418 -6.43 -2.13 91.25
C SER O 418 -6.20 -2.64 92.67
N LEU O 419 -5.88 -1.73 93.59
CA LEU O 419 -5.68 -2.10 94.99
C LEU O 419 -6.94 -2.71 95.61
N MET O 420 -8.05 -2.01 95.49
CA MET O 420 -9.32 -2.49 96.01
C MET O 420 -10.39 -2.53 94.91
N ASP O 421 -11.45 -3.29 95.11
CA ASP O 421 -12.64 -3.25 94.25
C ASP O 421 -13.32 -1.89 94.25
N ASN O 422 -13.63 -1.37 93.08
CA ASN O 422 -14.11 0.01 92.98
C ASN O 422 -15.16 0.24 91.90
N PHE O 423 -15.71 1.46 91.91
CA PHE O 423 -16.65 1.91 90.90
C PHE O 423 -16.00 1.95 89.52
N GLU O 424 -16.33 0.97 88.67
CA GLU O 424 -15.68 0.89 87.36
C GLU O 424 -16.52 1.63 86.32
N TRP O 425 -16.73 2.92 86.59
CA TRP O 425 -17.27 3.86 85.63
C TRP O 425 -18.63 3.40 85.08
N SER O 426 -18.75 3.25 83.76
CA SER O 426 -20.05 2.90 83.18
C SER O 426 -20.55 1.48 83.46
N PHE O 427 -19.65 0.57 83.81
CA PHE O 427 -20.07 -0.78 84.22
C PHE O 427 -20.46 -0.91 85.69
N GLY O 428 -20.12 0.11 86.48
CA GLY O 428 -20.40 0.13 87.91
C GLY O 428 -19.69 -0.92 88.76
N TYR O 429 -20.39 -1.44 89.77
CA TYR O 429 -19.84 -2.48 90.64
C TYR O 429 -20.06 -3.93 90.17
N GLU O 430 -20.61 -4.10 88.97
CA GLU O 430 -20.80 -5.41 88.35
C GLU O 430 -19.43 -6.08 88.08
N LYS O 431 -18.39 -5.26 87.91
CA LYS O 431 -17.02 -5.71 87.65
C LYS O 431 -16.01 -5.44 88.79
N ARG O 432 -15.03 -6.34 88.90
CA ARG O 432 -14.03 -6.31 89.97
C ARG O 432 -12.60 -6.32 89.42
N PHE O 433 -11.92 -5.18 89.55
CA PHE O 433 -10.53 -5.02 89.11
C PHE O 433 -9.54 -5.22 90.26
N GLY O 434 -10.06 -5.25 91.48
CA GLY O 434 -9.25 -5.19 92.68
C GLY O 434 -8.40 -6.44 92.86
N ILE O 435 -7.25 -6.27 93.51
CA ILE O 435 -6.50 -7.40 94.05
C ILE O 435 -7.06 -7.84 95.40
N LEU O 436 -7.73 -6.93 96.10
CA LEU O 436 -8.46 -7.26 97.32
C LEU O 436 -9.95 -7.25 97.05
N TYR O 437 -10.63 -8.36 97.35
CA TYR O 437 -12.08 -8.43 97.16
C TYR O 437 -12.80 -7.60 98.21
N ILE O 438 -13.90 -6.99 97.82
CA ILE O 438 -14.69 -6.19 98.74
C ILE O 438 -16.18 -6.51 98.62
N ASP O 439 -16.76 -7.06 99.68
CA ASP O 439 -18.21 -7.18 99.79
C ASP O 439 -18.76 -5.82 100.23
N PHE O 440 -19.58 -5.21 99.39
CA PHE O 440 -19.98 -3.82 99.62
C PHE O 440 -21.10 -3.69 100.63
N GLU O 441 -21.70 -4.83 100.98
CA GLU O 441 -22.73 -4.87 102.03
C GLU O 441 -22.30 -4.25 103.36
N THR O 442 -21.01 -4.28 103.69
CA THR O 442 -20.57 -3.62 104.92
C THR O 442 -19.10 -3.18 105.00
N GLN O 443 -18.50 -2.81 103.88
CA GLN O 443 -17.06 -2.50 103.83
C GLN O 443 -16.10 -3.61 104.26
N GLU O 444 -16.46 -4.89 104.15
CA GLU O 444 -15.49 -5.90 104.52
C GLU O 444 -14.42 -6.12 103.46
N ARG O 445 -13.17 -6.07 103.91
CA ARG O 445 -12.01 -6.47 103.11
C ARG O 445 -11.68 -7.95 103.27
N ILE O 446 -11.61 -8.69 102.17
CA ILE O 446 -11.11 -10.05 102.29
C ILE O 446 -9.92 -10.29 101.38
N TRP O 447 -8.79 -10.68 101.97
CA TRP O 447 -7.61 -11.04 101.18
C TRP O 447 -7.91 -12.26 100.34
N LYS O 448 -7.39 -12.31 99.13
CA LYS O 448 -7.43 -13.56 98.39
C LYS O 448 -6.20 -13.79 97.52
N ASP O 449 -6.08 -15.02 97.02
CA ASP O 449 -4.98 -15.44 96.15
C ASP O 449 -4.33 -14.40 95.25
N SER O 450 -5.07 -13.41 94.73
CA SER O 450 -4.33 -12.43 93.97
C SER O 450 -3.39 -11.63 94.89
N ALA O 451 -3.87 -11.37 96.12
CA ALA O 451 -3.06 -10.73 97.15
C ALA O 451 -1.92 -11.56 97.72
N LYS O 452 -2.26 -12.79 98.12
CA LYS O 452 -1.31 -13.78 98.59
C LYS O 452 -0.17 -14.12 97.63
N TRP O 453 -0.51 -14.39 96.37
CA TRP O 453 0.49 -14.65 95.36
C TRP O 453 1.41 -13.45 95.18
N TYR O 454 0.80 -12.28 95.08
CA TYR O 454 1.51 -11.03 94.86
C TYR O 454 2.40 -10.67 96.05
N ALA O 455 1.89 -10.87 97.26
CA ALA O 455 2.69 -10.69 98.47
C ALA O 455 3.94 -11.57 98.47
N GLY O 456 3.78 -12.84 98.09
CA GLY O 456 4.91 -13.75 98.03
C GLY O 456 5.86 -13.40 96.89
N VAL O 457 5.30 -12.85 95.81
CA VAL O 457 6.09 -12.31 94.70
C VAL O 457 6.95 -11.12 95.12
N ILE O 458 6.33 -10.20 95.86
CA ILE O 458 7.04 -9.03 96.38
C ILE O 458 8.13 -9.45 97.37
N ALA O 459 7.80 -10.40 98.24
CA ALA O 459 8.73 -10.89 99.23
C ALA O 459 9.97 -11.56 98.65
N ASP O 460 9.81 -12.51 97.74
CA ASP O 460 10.97 -13.14 97.13
C ASP O 460 11.90 -12.23 96.32
N HIS O 461 11.33 -11.31 95.54
CA HIS O 461 12.13 -10.28 94.85
C HIS O 461 12.83 -9.35 95.87
N LYS O 462 13.45 -9.89 96.92
CA LYS O 462 14.09 -9.03 97.91
C LYS O 462 15.46 -9.53 98.32
N ALA O 463 15.59 -10.85 98.42
CA ALA O 463 16.84 -11.48 98.86
C ALA O 463 18.00 -11.23 97.89
N MET P 22 26.63 30.95 34.07
CA MET P 22 25.85 29.81 33.58
C MET P 22 26.76 28.71 33.04
N HIS P 23 27.22 27.83 33.92
CA HIS P 23 28.15 26.78 33.54
C HIS P 23 27.37 25.47 33.32
N PHE P 24 27.72 24.70 32.29
CA PHE P 24 27.04 23.42 32.11
C PHE P 24 28.01 22.25 31.83
N LYS P 25 27.59 21.04 32.22
CA LYS P 25 28.41 19.85 32.00
C LYS P 25 28.51 19.50 30.52
N LYS P 26 29.51 18.70 30.15
CA LYS P 26 29.69 18.31 28.75
C LYS P 26 28.56 17.38 28.27
N ASP P 27 28.01 16.62 29.22
CA ASP P 27 26.90 15.70 28.96
C ASP P 27 25.52 16.34 29.10
N PHE P 28 25.47 17.65 29.34
CA PHE P 28 24.20 18.34 29.48
C PHE P 28 23.43 18.43 28.15
N VAL P 29 22.14 18.10 28.23
CA VAL P 29 21.24 18.04 27.06
C VAL P 29 20.29 19.24 26.96
N PHE P 30 20.42 20.03 25.90
CA PHE P 30 19.38 21.02 25.59
C PHE P 30 18.28 20.44 24.71
N GLY P 31 17.05 20.92 24.89
CA GLY P 31 15.92 20.43 24.14
C GLY P 31 14.72 21.35 24.04
N THR P 32 13.73 20.92 23.26
CA THR P 32 12.42 21.55 23.17
C THR P 32 11.36 20.46 23.09
N ALA P 33 10.08 20.82 23.24
CA ALA P 33 9.06 19.80 23.41
C ALA P 33 7.69 20.23 22.89
N THR P 34 6.88 19.24 22.54
CA THR P 34 5.49 19.40 22.08
C THR P 34 4.66 18.20 22.50
N SER P 35 3.37 18.26 22.22
CA SER P 35 2.51 17.07 22.35
C SER P 35 1.65 16.86 21.11
N SER P 36 1.21 15.62 20.90
CA SER P 36 0.59 15.22 19.65
C SER P 36 -0.71 15.93 19.29
N TYR P 37 -1.67 15.95 20.20
CA TYR P 37 -2.96 16.57 19.88
C TYR P 37 -2.91 18.09 19.72
N GLN P 38 -1.93 18.72 20.36
CA GLN P 38 -1.77 20.17 20.29
C GLN P 38 -1.25 20.68 18.94
N ILE P 39 -0.46 19.85 18.25
CA ILE P 39 0.20 20.27 17.02
C ILE P 39 -0.23 19.52 15.76
N GLU P 40 -0.49 18.21 15.87
CA GLU P 40 -0.58 17.34 14.70
C GLU P 40 -1.68 17.77 13.73
N GLY P 41 -2.90 17.92 14.21
CA GLY P 41 -4.01 18.14 13.32
C GLY P 41 -4.36 16.86 12.59
N ALA P 42 -4.77 17.01 11.33
CA ALA P 42 -5.15 15.88 10.48
C ALA P 42 -6.09 14.91 11.21
N HIS P 43 -7.14 15.49 11.78
CA HIS P 43 -8.02 14.83 12.75
C HIS P 43 -8.85 13.72 12.13
N ASN P 44 -9.12 13.82 10.82
CA ASN P 44 -9.87 12.79 10.11
C ASN P 44 -8.99 12.19 9.02
N GLU P 45 -7.68 12.34 9.20
CA GLU P 45 -6.70 11.84 8.24
C GLU P 45 -5.81 10.75 8.85
N GLY P 46 -5.22 9.91 8.00
CA GLY P 46 -4.37 8.83 8.46
C GLY P 46 -4.97 7.67 9.25
N GLY P 47 -6.25 7.39 9.06
CA GLY P 47 -6.88 6.35 9.84
C GLY P 47 -7.28 6.74 11.25
N ARG P 48 -7.15 8.01 11.58
CA ARG P 48 -7.46 8.47 12.93
C ARG P 48 -8.95 8.44 13.25
N THR P 49 -9.26 7.99 14.46
CA THR P 49 -10.61 7.99 15.00
C THR P 49 -10.65 9.00 16.15
N PRO P 50 -11.85 9.40 16.59
CA PRO P 50 -11.89 10.48 17.60
C PRO P 50 -11.26 10.07 18.93
N SER P 51 -10.56 11.01 19.55
CA SER P 51 -10.04 10.86 20.90
C SER P 51 -11.01 11.49 21.87
N ILE P 52 -10.80 11.27 23.16
CA ILE P 52 -11.60 11.94 24.18
C ILE P 52 -11.64 13.45 24.00
N TRP P 53 -10.52 14.04 23.57
CA TRP P 53 -10.48 15.48 23.35
C TRP P 53 -11.32 15.89 22.13
N ASP P 54 -11.46 14.98 21.17
CA ASP P 54 -12.35 15.15 20.02
C ASP P 54 -13.85 15.21 20.35
N MET P 55 -14.18 15.12 21.65
CA MET P 55 -15.56 15.16 22.11
C MET P 55 -15.73 16.23 23.19
N PHE P 56 -14.71 16.36 24.04
CA PHE P 56 -14.64 17.38 25.08
C PHE P 56 -14.65 18.82 24.54
N CYS P 57 -13.88 19.07 23.49
CA CYS P 57 -13.87 20.36 22.79
C CYS P 57 -15.26 20.78 22.30
N ASP P 58 -16.08 19.81 21.91
CA ASP P 58 -17.44 20.10 21.46
C ASP P 58 -18.43 20.34 22.60
N ILE P 59 -18.06 19.99 23.83
CA ILE P 59 -18.94 20.27 24.97
C ILE P 59 -18.88 21.75 25.33
N ASP P 60 -20.05 22.34 25.55
CA ASP P 60 -20.18 23.78 25.77
C ASP P 60 -19.54 24.27 27.07
N GLY P 61 -18.67 25.27 26.95
CA GLY P 61 -18.09 25.91 28.11
C GLY P 61 -16.84 25.31 28.73
N ARG P 62 -16.26 24.31 28.08
CA ARG P 62 -15.09 23.64 28.65
C ARG P 62 -13.81 24.25 28.10
N VAL P 63 -13.82 24.60 26.81
CA VAL P 63 -12.63 25.17 26.18
C VAL P 63 -12.99 26.52 25.54
N PHE P 64 -12.05 27.45 25.54
CA PHE P 64 -12.29 28.81 25.02
C PHE P 64 -12.82 28.78 23.58
N GLU P 65 -14.06 29.23 23.41
CA GLU P 65 -14.72 29.35 22.11
C GLU P 65 -14.71 28.07 21.27
N LYS P 66 -14.93 26.94 21.93
CA LYS P 66 -14.99 25.64 21.23
C LYS P 66 -13.78 25.22 20.40
N HIS P 67 -12.60 25.79 20.66
CA HIS P 67 -11.43 25.44 19.84
C HIS P 67 -11.03 23.98 19.98
N ASN P 68 -10.44 23.46 18.91
CA ASN P 68 -10.02 22.07 18.81
C ASN P 68 -8.74 21.86 18.01
N GLY P 69 -8.29 20.61 17.95
CA GLY P 69 -7.10 20.26 17.21
C GLY P 69 -7.39 19.62 15.85
N ASP P 70 -8.51 19.99 15.25
CA ASP P 70 -8.90 19.50 13.93
C ASP P 70 -7.81 19.83 12.92
N VAL P 71 -7.43 21.11 12.88
CA VAL P 71 -6.37 21.58 12.00
C VAL P 71 -5.09 21.75 12.79
N ALA P 72 -5.19 22.45 13.92
CA ALA P 72 -4.05 22.71 14.80
C ALA P 72 -2.89 23.38 14.07
N CYS P 73 -1.69 22.85 14.26
CA CYS P 73 -0.53 23.39 13.54
C CYS P 73 -0.23 22.72 12.20
N ASP P 74 -1.09 21.80 11.75
CA ASP P 74 -0.94 21.20 10.42
C ASP P 74 0.44 20.56 10.26
N HIS P 75 0.93 19.92 11.31
CA HIS P 75 2.30 19.41 11.32
C HIS P 75 2.45 18.15 10.47
N TYR P 76 1.37 17.40 10.29
CA TYR P 76 1.41 16.21 9.43
C TYR P 76 1.79 16.60 7.99
N HIS P 77 1.30 17.75 7.54
CA HIS P 77 1.65 18.24 6.22
C HIS P 77 2.96 19.01 6.16
N ARG P 78 3.61 19.21 7.30
CA ARG P 78 4.84 20.01 7.33
C ARG P 78 5.84 19.46 8.33
N TYR P 79 5.80 18.15 8.57
CA TYR P 79 6.70 17.56 9.56
C TYR P 79 8.16 17.71 9.14
N GLU P 80 8.38 17.72 7.83
CA GLU P 80 9.72 17.83 7.25
C GLU P 80 10.29 19.22 7.47
N GLU P 81 9.45 20.22 7.26
CA GLU P 81 9.79 21.61 7.53
C GLU P 81 10.14 21.80 8.99
N ASP P 82 9.35 21.18 9.87
CA ASP P 82 9.62 21.24 11.31
C ASP P 82 10.89 20.48 11.70
N ILE P 83 11.18 19.39 10.99
CA ILE P 83 12.45 18.67 11.16
C ILE P 83 13.64 19.58 10.84
N GLN P 84 13.47 20.41 9.81
CA GLN P 84 14.50 21.36 9.41
C GLN P 84 14.72 22.43 10.49
N HIS P 85 13.64 22.99 11.01
CA HIS P 85 13.68 23.93 12.13
C HIS P 85 14.40 23.45 13.39
N ILE P 86 14.21 22.18 13.73
CA ILE P 86 14.89 21.61 14.90
C ILE P 86 16.40 21.47 14.76
N LYS P 87 16.87 20.87 13.66
CA LYS P 87 18.31 20.83 13.37
C LYS P 87 18.93 22.23 13.38
N LYS P 88 18.19 23.22 12.88
CA LYS P 88 18.66 24.61 12.82
C LYS P 88 18.77 25.27 14.19
N LEU P 89 17.84 24.95 15.09
CA LEU P 89 17.94 25.42 16.47
C LEU P 89 19.21 24.87 17.11
N GLY P 90 19.62 23.70 16.64
CA GLY P 90 20.83 23.05 17.11
C GLY P 90 20.61 22.33 18.42
N VAL P 91 19.35 22.08 18.75
CA VAL P 91 19.01 21.37 19.97
C VAL P 91 19.50 19.92 19.90
N ASP P 92 20.01 19.43 21.03
CA ASP P 92 20.47 18.05 21.11
C ASP P 92 19.30 17.07 21.06
N THR P 93 18.15 17.48 21.61
CA THR P 93 17.01 16.57 21.74
C THR P 93 15.69 17.26 21.41
N TYR P 94 14.81 16.53 20.71
CA TYR P 94 13.43 16.94 20.49
C TYR P 94 12.43 15.98 21.12
N ARG P 95 11.55 16.50 21.98
CA ARG P 95 10.52 15.70 22.61
C ARG P 95 9.16 15.84 21.95
N PHE P 96 8.57 14.71 21.58
CA PHE P 96 7.21 14.71 21.04
C PHE P 96 6.42 13.52 21.59
N SER P 97 5.10 13.60 21.47
CA SER P 97 4.22 12.53 21.92
C SER P 97 3.58 11.76 20.76
N ILE P 98 3.20 10.51 21.00
CA ILE P 98 2.52 9.70 20.00
C ILE P 98 0.99 9.69 20.20
N ALA P 99 0.26 9.93 19.12
CA ALA P 99 -1.21 9.87 19.14
C ALA P 99 -1.72 8.44 19.11
N TRP P 100 -2.22 7.97 20.25
CA TRP P 100 -2.83 6.64 20.37
C TRP P 100 -3.94 6.30 19.34
N PRO P 101 -4.89 7.23 19.07
CA PRO P 101 -5.94 6.85 18.11
C PRO P 101 -5.49 6.72 16.64
N ARG P 102 -4.28 7.14 16.33
CA ARG P 102 -3.67 6.80 15.04
C ARG P 102 -3.11 5.37 15.03
N ILE P 103 -2.64 4.89 16.17
CA ILE P 103 -2.01 3.58 16.27
C ILE P 103 -3.05 2.48 16.51
N PHE P 104 -4.01 2.73 17.40
CA PHE P 104 -5.12 1.80 17.62
C PHE P 104 -6.48 2.48 17.45
N PRO P 105 -6.88 2.75 16.19
CA PRO P 105 -8.19 3.35 15.96
C PRO P 105 -9.34 2.45 16.40
N ALA P 106 -9.12 1.14 16.44
CA ALA P 106 -10.03 0.21 17.09
C ALA P 106 -9.29 -0.76 18.02
N LYS P 107 -10.02 -1.39 18.94
CA LYS P 107 -9.44 -2.35 19.86
C LYS P 107 -8.89 -3.54 19.07
N GLY P 108 -7.63 -3.90 19.30
CA GLY P 108 -7.04 -5.04 18.61
C GLY P 108 -6.73 -4.88 17.13
N GLU P 109 -6.92 -3.67 16.59
CA GLU P 109 -6.71 -3.43 15.16
C GLU P 109 -5.55 -2.44 14.98
N TYR P 110 -4.66 -2.79 14.06
CA TYR P 110 -3.49 -1.97 13.76
C TYR P 110 -3.62 -1.06 12.54
N ASN P 111 -3.16 0.18 12.69
CA ASN P 111 -3.21 1.16 11.61
C ASN P 111 -1.78 1.52 11.21
N PRO P 112 -1.24 0.80 10.20
CA PRO P 112 0.15 0.89 9.79
C PRO P 112 0.55 2.25 9.22
N GLU P 113 -0.42 3.01 8.70
CA GLU P 113 -0.13 4.37 8.25
C GLU P 113 0.37 5.31 9.34
N GLY P 114 -0.23 5.21 10.52
CA GLY P 114 0.20 6.02 11.65
C GLY P 114 1.60 5.78 12.18
N MET P 115 1.95 4.52 12.37
CA MET P 115 3.28 4.16 12.85
C MET P 115 4.41 4.52 11.89
N ALA P 116 4.14 4.45 10.59
CA ALA P 116 5.15 4.79 9.58
C ALA P 116 5.62 6.23 9.72
N PHE P 117 4.67 7.15 9.87
CA PHE P 117 4.97 8.57 10.02
C PHE P 117 5.97 8.89 11.14
N TYR P 118 5.76 8.30 12.30
CA TYR P 118 6.65 8.49 13.43
C TYR P 118 8.01 7.80 13.27
N LYS P 119 7.99 6.59 12.71
CA LYS P 119 9.23 5.87 12.41
C LYS P 119 10.07 6.66 11.42
N ASN P 120 9.42 7.24 10.41
CA ASN P 120 10.09 8.12 9.46
C ASN P 120 10.57 9.40 10.15
N LEU P 121 9.72 9.96 11.00
CA LEU P 121 10.05 11.15 11.78
C LEU P 121 11.27 10.89 12.67
N ALA P 122 11.27 9.73 13.33
CA ALA P 122 12.36 9.32 14.20
C ALA P 122 13.64 9.03 13.40
N LEU P 123 13.48 8.41 12.24
CA LEU P 123 14.62 8.10 11.39
C LEU P 123 15.25 9.40 10.88
N ARG P 124 14.41 10.34 10.47
CA ARG P 124 14.89 11.64 10.04
C ARG P 124 15.56 12.42 11.17
N LEU P 125 15.02 12.33 12.38
CA LEU P 125 15.66 12.95 13.53
C LEU P 125 17.02 12.34 13.83
N ARG P 126 17.09 11.01 13.79
CA ARG P 126 18.35 10.29 13.94
C ARG P 126 19.35 10.69 12.85
N GLU P 127 18.88 10.71 11.61
CA GLU P 127 19.65 11.19 10.46
C GLU P 127 20.25 12.57 10.65
N GLU P 128 19.51 13.48 11.24
CA GLU P 128 19.99 14.85 11.46
C GLU P 128 20.79 15.02 12.76
N GLY P 129 21.13 13.90 13.40
CA GLY P 129 21.88 13.93 14.65
C GLY P 129 21.11 14.43 15.87
N ILE P 130 19.79 14.30 15.81
CA ILE P 130 18.92 14.78 16.88
C ILE P 130 18.31 13.63 17.69
N LYS P 131 18.51 13.66 19.01
CA LYS P 131 17.98 12.62 19.90
C LYS P 131 16.46 12.75 20.06
N PRO P 132 15.72 11.70 19.70
CA PRO P 132 14.27 11.69 19.87
C PRO P 132 13.80 11.23 21.25
N ALA P 133 13.06 12.10 21.95
CA ALA P 133 12.50 11.75 23.24
C ALA P 133 11.01 11.58 23.07
N VAL P 134 10.52 10.36 23.25
CA VAL P 134 9.16 10.02 22.82
C VAL P 134 8.20 9.81 23.99
N THR P 135 7.11 10.58 23.98
CA THR P 135 6.06 10.41 24.98
C THR P 135 4.98 9.46 24.46
N ILE P 136 4.75 8.38 25.19
CA ILE P 136 3.76 7.38 24.79
C ILE P 136 2.32 7.87 25.01
N TYR P 137 2.03 8.34 26.22
CA TYR P 137 0.69 8.81 26.56
C TYR P 137 0.68 10.30 26.90
N HIS P 138 0.04 11.11 26.06
CA HIS P 138 -0.11 12.52 26.39
C HIS P 138 -1.58 12.96 26.32
N TRP P 139 -2.42 12.16 26.97
CA TRP P 139 -3.81 12.50 27.35
C TRP P 139 -4.81 12.22 26.24
N ASP P 140 -4.34 11.78 25.09
CA ASP P 140 -5.24 11.60 23.96
C ASP P 140 -5.76 10.18 23.88
N LEU P 141 -6.56 9.80 24.87
CA LEU P 141 -7.22 8.50 24.91
C LEU P 141 -8.26 8.42 23.79
N PRO P 142 -8.28 7.29 23.05
CA PRO P 142 -9.28 7.13 22.00
C PRO P 142 -10.69 7.02 22.57
N MET P 143 -11.69 7.50 21.83
CA MET P 143 -13.07 7.48 22.30
C MET P 143 -13.64 6.08 22.51
N TRP P 144 -13.21 5.12 21.69
CA TRP P 144 -13.57 3.72 21.91
C TRP P 144 -13.12 3.18 23.26
N ALA P 145 -12.00 3.69 23.76
CA ALA P 145 -11.50 3.27 25.08
C ALA P 145 -12.33 3.89 26.20
N HIS P 146 -12.57 5.19 26.09
CA HIS P 146 -13.43 5.93 27.01
C HIS P 146 -14.82 5.36 27.27
N GLU P 147 -15.50 4.93 26.20
CA GLU P 147 -16.87 4.42 26.32
C GLU P 147 -17.00 3.11 27.08
N GLU P 148 -15.90 2.36 27.21
CA GLU P 148 -15.91 1.22 28.11
C GLU P 148 -15.42 1.59 29.51
N GLY P 149 -15.38 2.90 29.78
CA GLY P 149 -14.93 3.42 31.05
C GLY P 149 -13.58 4.10 31.13
N GLY P 150 -12.75 3.90 30.12
CA GLY P 150 -11.44 4.54 30.11
C GLY P 150 -10.48 4.04 31.18
N TRP P 151 -9.74 4.98 31.76
CA TRP P 151 -8.77 4.69 32.82
C TRP P 151 -9.36 4.25 34.16
N VAL P 152 -10.66 4.47 34.34
CA VAL P 152 -11.34 4.03 35.56
C VAL P 152 -11.37 2.50 35.63
N ASN P 153 -11.43 1.87 34.46
CA ASN P 153 -11.37 0.42 34.36
C ASN P 153 -9.93 -0.06 34.45
N ARG P 154 -9.67 -1.10 35.24
CA ARG P 154 -8.33 -1.66 35.35
C ARG P 154 -7.87 -2.28 34.03
N GLU P 155 -8.84 -2.72 33.22
CA GLU P 155 -8.57 -3.19 31.87
C GLU P 155 -7.77 -2.21 31.01
N SER P 156 -7.94 -0.91 31.26
CA SER P 156 -7.17 0.14 30.59
C SER P 156 -5.65 -0.06 30.63
N VAL P 157 -5.17 -0.80 31.63
CA VAL P 157 -3.77 -1.21 31.71
C VAL P 157 -3.38 -2.10 30.54
N ASP P 158 -4.20 -3.10 30.25
CA ASP P 158 -3.89 -4.06 29.19
C ASP P 158 -4.04 -3.45 27.79
N TRP P 159 -4.96 -2.50 27.63
CA TRP P 159 -5.08 -1.80 26.35
C TRP P 159 -3.85 -0.95 26.08
N PHE P 160 -3.43 -0.19 27.08
CA PHE P 160 -2.21 0.62 27.01
C PHE P 160 -0.94 -0.20 26.79
N LEU P 161 -0.87 -1.40 27.38
CA LEU P 161 0.30 -2.26 27.18
C LEU P 161 0.43 -2.78 25.76
N ASP P 162 -0.70 -3.11 25.15
CA ASP P 162 -0.71 -3.48 23.74
C ASP P 162 -0.24 -2.32 22.87
N TYR P 163 -0.68 -1.12 23.25
CA TYR P 163 -0.27 0.10 22.59
C TYR P 163 1.23 0.37 22.79
N ALA P 164 1.71 0.22 24.02
CA ALA P 164 3.12 0.48 24.31
C ALA P 164 4.10 -0.52 23.67
N LYS P 165 3.78 -1.81 23.72
CA LYS P 165 4.62 -2.85 23.12
C LYS P 165 4.95 -2.62 21.64
N VAL P 166 3.92 -2.34 20.85
CA VAL P 166 4.09 -2.07 19.42
C VAL P 166 4.97 -0.85 19.20
N CYS P 167 4.85 0.15 20.07
CA CYS P 167 5.75 1.31 19.98
C CYS P 167 7.16 0.87 20.35
N PHE P 168 7.31 0.05 21.38
CA PHE P 168 8.65 -0.47 21.73
C PHE P 168 9.19 -1.34 20.61
N GLU P 169 8.37 -2.28 20.13
CA GLU P 169 8.75 -3.21 19.07
C GLU P 169 9.24 -2.54 17.79
N GLU P 170 8.57 -1.48 17.37
CA GLU P 170 8.86 -0.82 16.10
C GLU P 170 9.88 0.33 16.18
N LEU P 171 10.01 0.96 17.35
CA LEU P 171 10.81 2.19 17.45
C LEU P 171 12.00 2.17 18.41
N ASP P 172 12.14 1.13 19.22
CA ASP P 172 13.18 1.10 20.25
C ASP P 172 14.62 1.12 19.73
N ASP P 173 14.83 0.65 18.50
CA ASP P 173 16.15 0.77 17.89
C ASP P 173 16.53 2.20 17.50
N ILE P 174 15.53 3.03 17.24
CA ILE P 174 15.76 4.41 16.81
C ILE P 174 15.72 5.39 17.97
N VAL P 175 14.69 5.27 18.81
CA VAL P 175 14.43 6.20 19.91
C VAL P 175 15.51 6.15 20.98
N ASP P 176 15.84 7.32 21.52
CA ASP P 176 16.91 7.45 22.50
C ASP P 176 16.40 7.30 23.94
N SER P 177 15.21 7.82 24.20
CA SER P 177 14.60 7.67 25.52
C SER P 177 13.07 7.61 25.47
N TRP P 178 12.49 6.87 26.41
CA TRP P 178 11.04 6.75 26.52
C TRP P 178 10.49 7.44 27.76
N ILE P 179 9.41 8.19 27.55
CA ILE P 179 8.60 8.73 28.63
C ILE P 179 7.19 8.14 28.50
N THR P 180 6.77 7.39 29.50
CA THR P 180 5.47 6.68 29.47
C THR P 180 4.26 7.61 29.56
N HIS P 181 4.21 8.42 30.60
CA HIS P 181 3.07 9.29 30.86
C HIS P 181 3.49 10.73 31.12
N ASN P 182 2.73 11.67 30.56
CA ASN P 182 2.93 13.07 30.90
C ASN P 182 1.86 13.56 31.86
N GLU P 183 2.31 14.04 33.01
CA GLU P 183 1.45 14.71 33.99
C GLU P 183 0.15 13.96 34.26
N PRO P 184 0.24 12.80 34.93
CA PRO P 184 -0.95 12.05 35.36
C PRO P 184 -1.84 12.85 36.31
N TRP P 185 -1.29 13.89 36.92
CA TRP P 185 -2.08 14.82 37.71
C TRP P 185 -3.09 15.56 36.84
N CYS P 186 -2.65 16.02 35.68
CA CYS P 186 -3.55 16.66 34.72
C CYS P 186 -4.56 15.65 34.16
N ALA P 187 -4.02 14.59 33.59
CA ALA P 187 -4.80 13.49 33.00
C ALA P 187 -5.72 12.81 34.00
N GLY P 188 -5.35 12.84 35.29
CA GLY P 188 -6.11 12.18 36.33
C GLY P 188 -7.05 13.14 37.05
N PHE P 189 -6.48 13.96 37.93
CA PHE P 189 -7.29 14.85 38.77
C PHE P 189 -7.96 15.97 37.95
N LEU P 190 -7.20 16.67 37.12
CA LEU P 190 -7.77 17.76 36.34
C LEU P 190 -8.81 17.27 35.34
N GLY P 191 -8.69 16.02 34.91
CA GLY P 191 -9.63 15.45 33.97
C GLY P 191 -10.84 14.75 34.60
N TYR P 192 -10.59 14.01 35.67
CA TYR P 192 -11.66 13.23 36.31
C TYR P 192 -12.20 13.84 37.59
N HIS P 193 -11.46 14.77 38.21
CA HIS P 193 -11.96 15.39 39.44
C HIS P 193 -12.44 16.85 39.24
N VAL P 194 -11.60 17.69 38.66
CA VAL P 194 -11.91 19.11 38.47
C VAL P 194 -12.62 19.41 37.13
N GLY P 195 -12.65 18.43 36.24
CA GLY P 195 -13.39 18.58 34.99
C GLY P 195 -12.82 19.56 33.97
N VAL P 196 -11.56 19.95 34.14
CA VAL P 196 -10.93 20.95 33.30
C VAL P 196 -10.36 20.30 32.05
N HIS P 197 -9.88 19.07 32.19
CA HIS P 197 -9.31 18.32 31.07
C HIS P 197 -10.14 17.10 30.71
N ALA P 198 -9.83 16.48 29.59
CA ALA P 198 -10.60 15.37 29.03
C ALA P 198 -10.43 14.12 29.88
N PRO P 199 -11.52 13.38 30.13
CA PRO P 199 -12.85 13.54 29.53
C PRO P 199 -13.77 14.54 30.24
N GLY P 200 -13.25 15.21 31.26
CA GLY P 200 -13.99 16.28 31.91
C GLY P 200 -15.00 15.80 32.92
N HIS P 201 -14.66 14.74 33.65
CA HIS P 201 -15.53 14.21 34.68
C HIS P 201 -15.24 14.92 35.99
N ARG P 202 -16.18 14.85 36.93
CA ARG P 202 -16.00 15.48 38.23
C ARG P 202 -16.38 14.51 39.33
N ASP P 203 -15.47 13.56 39.59
CA ASP P 203 -15.72 12.45 40.50
C ASP P 203 -14.37 11.97 41.07
N MET P 204 -14.17 12.20 42.37
CA MET P 204 -12.92 11.83 43.03
C MET P 204 -12.67 10.33 43.04
N ASN P 205 -13.73 9.55 43.13
CA ASN P 205 -13.61 8.10 43.12
C ASN P 205 -13.04 7.60 41.80
N GLU P 206 -13.63 8.06 40.70
CA GLU P 206 -13.09 7.82 39.36
C GLU P 206 -11.66 8.31 39.22
N ALA P 207 -11.37 9.47 39.80
CA ALA P 207 -10.06 10.11 39.68
C ALA P 207 -8.88 9.33 40.30
N VAL P 208 -9.05 8.87 41.53
CA VAL P 208 -8.01 8.08 42.20
C VAL P 208 -7.80 6.70 41.56
N ARG P 209 -8.89 6.11 41.06
CA ARG P 209 -8.82 4.88 40.29
C ARG P 209 -8.12 5.06 38.94
N ALA P 210 -8.38 6.21 38.30
CA ALA P 210 -7.75 6.56 37.03
C ALA P 210 -6.25 6.78 37.18
N VAL P 211 -5.88 7.54 38.21
CA VAL P 211 -4.49 7.83 38.54
C VAL P 211 -3.70 6.55 38.80
N HIS P 212 -4.28 5.66 39.61
CA HIS P 212 -3.64 4.39 39.93
C HIS P 212 -3.37 3.54 38.70
N HIS P 213 -4.32 3.54 37.76
CA HIS P 213 -4.19 2.76 36.54
C HIS P 213 -3.20 3.35 35.53
N MET P 214 -3.11 4.68 35.50
CA MET P 214 -2.04 5.33 34.73
C MET P 214 -0.67 4.99 35.30
N LEU P 215 -0.55 5.07 36.63
CA LEU P 215 0.71 4.76 37.31
C LEU P 215 1.07 3.29 37.18
N LEU P 216 0.08 2.42 37.33
CA LEU P 216 0.27 0.99 37.14
C LEU P 216 0.67 0.62 35.71
N SER P 217 0.05 1.27 34.74
CA SER P 217 0.41 1.05 33.34
C SER P 217 1.83 1.51 33.02
N HIS P 218 2.26 2.59 33.64
CA HIS P 218 3.66 3.02 33.59
C HIS P 218 4.64 1.94 33.99
N GLY P 219 4.44 1.37 35.18
CA GLY P 219 5.37 0.38 35.71
C GLY P 219 5.35 -0.94 34.98
N LYS P 220 4.17 -1.35 34.52
CA LYS P 220 4.05 -2.54 33.69
C LYS P 220 4.73 -2.37 32.33
N ALA P 221 4.72 -1.14 31.82
CA ALA P 221 5.38 -0.85 30.55
C ALA P 221 6.89 -0.89 30.74
N VAL P 222 7.37 -0.30 31.83
CA VAL P 222 8.78 -0.36 32.17
C VAL P 222 9.22 -1.82 32.35
N GLU P 223 8.46 -2.57 33.14
CA GLU P 223 8.70 -3.99 33.33
C GLU P 223 8.70 -4.76 32.01
N LEU P 224 7.77 -4.43 31.13
CA LEU P 224 7.72 -5.09 29.83
C LEU P 224 8.99 -4.81 29.03
N LEU P 225 9.39 -3.54 29.00
CA LEU P 225 10.62 -3.14 28.31
C LEU P 225 11.91 -3.76 28.87
N LYS P 226 12.10 -3.66 30.18
CA LYS P 226 13.33 -4.14 30.83
C LYS P 226 13.44 -5.65 31.10
N ARG P 227 12.31 -6.36 31.16
CA ARG P 227 12.33 -7.77 31.50
C ARG P 227 12.17 -8.66 30.27
N GLU P 228 11.02 -8.53 29.63
CA GLU P 228 10.65 -9.33 28.48
C GLU P 228 11.46 -8.98 27.23
N MET P 229 11.50 -7.70 26.88
CA MET P 229 12.23 -7.25 25.70
C MET P 229 13.74 -7.08 25.93
N LYS P 230 14.16 -7.18 27.19
CA LYS P 230 15.57 -7.09 27.56
C LYS P 230 16.30 -5.84 27.04
N SER P 231 15.60 -4.71 27.00
CA SER P 231 16.11 -3.49 26.38
C SER P 231 16.69 -2.57 27.43
N THR P 232 17.83 -1.95 27.13
CA THR P 232 18.43 -0.99 28.06
C THR P 232 18.19 0.48 27.71
N THR P 233 17.27 0.74 26.78
CA THR P 233 16.88 2.12 26.48
C THR P 233 16.28 2.77 27.72
N PRO P 234 16.80 3.93 28.12
CA PRO P 234 16.29 4.64 29.31
C PRO P 234 14.80 4.95 29.23
N ILE P 235 14.06 4.59 30.28
CA ILE P 235 12.63 4.85 30.37
C ILE P 235 12.30 5.46 31.73
N GLY P 236 11.27 6.31 31.78
CA GLY P 236 10.85 6.91 33.03
C GLY P 236 9.51 7.61 32.90
N ILE P 237 9.10 8.27 33.97
CA ILE P 237 7.87 9.06 33.95
C ILE P 237 8.20 10.55 34.10
N THR P 238 7.29 11.40 33.65
CA THR P 238 7.39 12.82 33.93
C THR P 238 6.18 13.21 34.78
N LEU P 239 6.47 13.82 35.93
CA LEU P 239 5.43 14.41 36.76
C LEU P 239 5.57 15.91 36.76
N ASN P 240 4.45 16.62 36.71
CA ASN P 240 4.48 18.04 37.01
C ASN P 240 4.43 18.27 38.51
N LEU P 241 5.35 19.09 38.98
CA LEU P 241 5.48 19.35 40.41
C LEU P 241 5.45 20.83 40.72
N SER P 242 4.60 21.20 41.67
CA SER P 242 4.49 22.60 42.10
C SER P 242 4.62 22.65 43.61
N PRO P 243 5.75 23.14 44.13
CA PRO P 243 5.90 23.18 45.58
C PRO P 243 4.94 24.16 46.22
N MET P 244 4.50 23.85 47.44
CA MET P 244 3.43 24.62 48.08
C MET P 244 3.96 25.27 49.35
N TYR P 245 3.63 26.55 49.54
CA TYR P 245 4.13 27.29 50.68
C TYR P 245 3.02 28.01 51.46
N ALA P 246 3.17 28.04 52.78
CA ALA P 246 2.20 28.67 53.66
C ALA P 246 2.41 30.18 53.76
N LYS P 247 1.31 30.93 53.73
CA LYS P 247 1.36 32.38 53.85
C LYS P 247 1.87 32.78 55.22
N THR P 248 1.43 32.05 56.25
CA THR P 248 1.93 32.29 57.61
C THR P 248 2.43 31.01 58.24
N ASP P 249 2.93 31.12 59.47
CA ASP P 249 3.45 29.98 60.22
C ASP P 249 2.44 29.39 61.21
N SER P 250 1.17 29.77 61.08
CA SER P 250 0.12 29.20 61.91
C SER P 250 -0.15 27.75 61.57
N ALA P 251 -0.74 27.05 62.54
CA ALA P 251 -0.99 25.60 62.45
C ALA P 251 -1.94 25.29 61.30
N ASN P 252 -2.98 26.11 61.18
CA ASN P 252 -3.95 26.04 60.10
C ASN P 252 -3.30 26.03 58.71
N ASP P 253 -2.42 27.00 58.49
CA ASP P 253 -1.68 27.15 57.24
C ASP P 253 -0.71 26.01 56.99
N ARG P 254 -0.26 25.35 58.06
CA ARG P 254 0.54 24.15 57.88
C ARG P 254 -0.27 22.98 57.31
N LEU P 255 -1.51 22.82 57.73
CA LEU P 255 -2.37 21.78 57.15
C LEU P 255 -2.71 22.03 55.69
N ALA P 256 -2.98 23.30 55.36
CA ALA P 256 -3.26 23.70 54.00
C ALA P 256 -2.12 23.42 53.04
N MET P 257 -0.91 23.79 53.45
CA MET P 257 0.30 23.53 52.67
C MET P 257 0.51 22.04 52.45
N ASN P 258 0.52 21.29 53.56
CA ASN P 258 0.65 19.83 53.52
C ASN P 258 -0.32 19.18 52.54
N ASN P 259 -1.58 19.58 52.63
CA ASN P 259 -2.65 19.01 51.81
C ASN P 259 -2.56 19.41 50.34
N ALA P 260 -2.18 20.67 50.09
CA ALA P 260 -1.90 21.13 48.73
C ALA P 260 -0.72 20.37 48.14
N ASP P 261 0.30 20.16 48.95
CA ASP P 261 1.45 19.38 48.54
C ASP P 261 1.10 17.94 48.26
N GLY P 262 0.29 17.37 49.10
CA GLY P 262 -0.17 16.00 48.93
C GLY P 262 -1.07 15.79 47.73
N TYR P 263 -1.95 16.75 47.47
CA TYR P 263 -2.87 16.66 46.34
C TYR P 263 -2.13 16.78 45.00
N SER P 264 -1.14 17.67 44.96
CA SER P 264 -0.36 17.90 43.75
C SER P 264 0.86 16.98 43.59
N ASN P 265 1.52 16.66 44.70
CA ASN P 265 2.84 16.01 44.65
C ASN P 265 2.94 14.64 45.33
N ARG P 266 2.64 14.57 46.62
CA ARG P 266 2.89 13.36 47.39
C ARG P 266 2.00 12.19 46.99
N TRP P 267 0.79 12.46 46.52
CA TRP P 267 -0.04 11.40 45.97
C TRP P 267 0.61 10.66 44.80
N PHE P 268 1.56 11.30 44.12
CA PHE P 268 2.23 10.69 42.98
C PHE P 268 3.67 10.26 43.25
N LEU P 269 4.39 11.06 44.02
CA LEU P 269 5.79 10.76 44.36
C LEU P 269 5.92 9.56 45.29
N ASP P 270 5.04 9.46 46.28
CA ASP P 270 5.09 8.37 47.25
C ASP P 270 4.89 6.97 46.64
N PRO P 271 3.86 6.78 45.79
CA PRO P 271 3.77 5.45 45.18
C PRO P 271 4.93 5.09 44.24
N VAL P 272 5.50 6.08 43.58
CA VAL P 272 6.58 5.85 42.61
C VAL P 272 7.90 5.48 43.28
N PHE P 273 8.24 6.16 44.37
CA PHE P 273 9.53 5.94 45.01
C PHE P 273 9.45 5.20 46.35
N LYS P 274 8.33 5.30 47.04
CA LYS P 274 8.15 4.60 48.31
C LYS P 274 7.24 3.37 48.20
N GLY P 275 6.49 3.27 47.10
CA GLY P 275 5.51 2.20 46.95
C GLY P 275 4.34 2.26 47.91
N GLU P 276 3.91 3.47 48.25
CA GLU P 276 2.74 3.65 49.10
C GLU P 276 2.03 4.96 48.79
N TYR P 277 0.74 5.03 49.06
CA TYR P 277 0.01 6.30 48.99
C TYR P 277 0.08 6.98 50.35
N PRO P 278 0.18 8.32 50.36
CA PRO P 278 0.25 9.03 51.64
C PRO P 278 -1.07 8.97 52.40
N VAL P 279 -1.04 8.35 53.56
CA VAL P 279 -2.24 8.09 54.34
C VAL P 279 -2.97 9.36 54.76
N ASP P 280 -2.22 10.45 54.96
CA ASP P 280 -2.85 11.73 55.28
C ASP P 280 -3.79 12.19 54.18
N MET P 281 -3.37 12.00 52.93
CA MET P 281 -4.21 12.35 51.78
C MET P 281 -5.34 11.35 51.58
N MET P 282 -5.05 10.07 51.82
CA MET P 282 -6.07 9.03 51.80
C MET P 282 -7.24 9.32 52.74
N ASN P 283 -6.91 9.73 53.97
CA ASN P 283 -7.94 10.11 54.93
C ASN P 283 -8.73 11.34 54.48
N LEU P 284 -8.02 12.32 53.97
CA LEU P 284 -8.64 13.53 53.44
C LEU P 284 -9.54 13.24 52.23
N PHE P 285 -9.08 12.38 51.32
CA PHE P 285 -9.87 11.96 50.18
C PHE P 285 -11.04 11.04 50.52
N SER P 286 -11.00 10.43 51.70
CA SER P 286 -12.07 9.53 52.14
C SER P 286 -13.46 10.17 52.23
N LYS P 287 -13.53 11.50 52.16
CA LYS P 287 -14.81 12.18 52.00
C LYS P 287 -15.53 11.85 50.68
N TYR P 288 -14.78 11.40 49.68
CA TYR P 288 -15.39 10.94 48.44
C TYR P 288 -15.06 9.49 48.13
N VAL P 289 -13.86 9.05 48.51
CA VAL P 289 -13.39 7.71 48.16
C VAL P 289 -13.51 6.79 49.36
N HIS P 290 -14.42 5.83 49.25
CA HIS P 290 -14.80 4.97 50.37
C HIS P 290 -14.32 3.53 50.19
N ASN P 291 -13.44 3.29 49.22
CA ASN P 291 -12.73 2.02 49.14
C ASN P 291 -11.51 2.09 48.25
N PHE P 292 -10.44 1.44 48.72
CA PHE P 292 -9.18 1.36 48.01
C PHE P 292 -8.89 -0.07 47.55
N ASP P 293 -9.96 -0.84 47.33
CA ASP P 293 -9.87 -2.21 46.83
C ASP P 293 -9.41 -2.32 45.37
N PHE P 294 -9.30 -1.18 44.70
CA PHE P 294 -8.63 -1.13 43.40
C PHE P 294 -7.14 -1.38 43.49
N ILE P 295 -6.54 -1.18 44.67
CA ILE P 295 -5.15 -1.61 44.86
C ILE P 295 -5.01 -3.09 45.17
N GLN P 296 -4.80 -3.86 44.10
CA GLN P 296 -4.60 -5.30 44.19
C GLN P 296 -3.20 -5.59 44.72
N SER P 297 -2.99 -6.78 45.26
CA SER P 297 -1.66 -7.19 45.71
C SER P 297 -0.70 -7.32 44.52
N GLY P 298 0.53 -6.84 44.73
CA GLY P 298 1.57 -6.77 43.71
C GLY P 298 1.67 -5.46 42.93
N ASP P 299 0.62 -4.65 43.04
CA ASP P 299 0.50 -3.41 42.28
C ASP P 299 1.54 -2.36 42.76
N MET P 300 1.58 -2.13 44.07
CA MET P 300 2.47 -1.14 44.67
C MET P 300 3.95 -1.49 44.52
N GLU P 301 4.24 -2.78 44.43
CA GLU P 301 5.58 -3.27 44.13
C GLU P 301 5.99 -2.95 42.69
N THR P 302 5.03 -3.12 41.77
CA THR P 302 5.22 -2.82 40.35
C THR P 302 5.37 -1.33 40.03
N ILE P 303 4.54 -0.49 40.63
CA ILE P 303 4.63 0.95 40.48
C ILE P 303 6.00 1.53 40.83
N SER P 304 6.65 0.99 41.86
CA SER P 304 7.95 1.53 42.27
C SER P 304 9.15 0.83 41.63
N THR P 305 8.93 0.13 40.51
CA THR P 305 10.01 -0.52 39.79
C THR P 305 11.03 0.55 39.37
N ALA P 306 12.32 0.22 39.48
CA ALA P 306 13.36 1.23 39.25
C ALA P 306 13.38 1.72 37.79
N CYS P 307 13.50 3.02 37.64
CA CYS P 307 13.56 3.68 36.34
C CYS P 307 14.97 4.22 36.06
N ASP P 308 15.19 4.69 34.83
CA ASP P 308 16.50 5.20 34.45
C ASP P 308 16.63 6.70 34.69
N PHE P 309 15.51 7.42 34.63
CA PHE P 309 15.50 8.85 34.94
C PHE P 309 14.18 9.29 35.55
N PHE P 310 14.13 10.55 35.97
CA PHE P 310 12.88 11.16 36.43
C PHE P 310 12.59 12.45 35.66
N GLY P 311 11.40 12.54 35.09
CA GLY P 311 10.98 13.72 34.36
C GLY P 311 10.22 14.72 35.22
N ILE P 312 10.51 16.01 35.02
CA ILE P 312 9.79 17.05 35.73
C ILE P 312 9.29 18.14 34.79
N ASN P 313 7.98 18.35 34.79
CA ASN P 313 7.39 19.54 34.21
C ASN P 313 7.17 20.63 35.27
N PHE P 314 7.89 21.74 35.14
CA PHE P 314 7.73 22.82 36.11
C PHE P 314 7.27 24.09 35.41
N TYR P 315 6.29 24.77 36.00
CA TYR P 315 5.81 26.04 35.45
C TYR P 315 5.74 27.12 36.53
N SER P 316 5.25 26.75 37.71
CA SER P 316 5.06 27.71 38.78
C SER P 316 4.86 27.07 40.16
N ARG P 317 4.81 27.92 41.18
CA ARG P 317 4.41 27.53 42.54
C ARG P 317 2.93 27.84 42.83
N GLY P 318 2.47 27.43 44.00
CA GLY P 318 1.19 27.89 44.52
C GLY P 318 1.20 28.23 46.00
N ILE P 319 0.90 29.48 46.32
CA ILE P 319 0.71 29.94 47.70
C ILE P 319 -0.74 29.68 48.18
N VAL P 320 -0.87 28.93 49.28
CA VAL P 320 -2.19 28.55 49.79
C VAL P 320 -2.50 29.02 51.21
N GLU P 321 -3.80 29.12 51.53
CA GLU P 321 -4.25 29.34 52.89
C GLU P 321 -5.37 28.37 53.28
N PHE P 322 -5.70 28.35 54.57
CA PHE P 322 -6.70 27.43 55.12
C PHE P 322 -8.14 27.90 54.84
N ASN P 323 -9.06 26.95 54.67
CA ASN P 323 -10.48 27.26 54.46
C ASN P 323 -11.37 26.25 55.20
N ALA P 324 -12.04 26.69 56.26
CA ALA P 324 -12.99 25.79 56.93
C ALA P 324 -14.17 25.27 56.08
N ALA P 325 -14.64 26.06 55.11
CA ALA P 325 -15.78 25.63 54.27
C ALA P 325 -15.47 24.90 52.95
N ASN P 326 -14.19 24.76 52.64
CA ASN P 326 -13.67 23.98 51.51
C ASN P 326 -13.41 22.51 51.88
N ASP P 327 -13.72 21.61 50.95
CA ASP P 327 -13.40 20.19 51.12
C ASP P 327 -11.93 19.81 51.36
N PHE P 328 -10.98 20.42 50.66
CA PHE P 328 -9.57 20.07 50.91
C PHE P 328 -8.78 20.99 51.86
N LEU P 329 -9.46 21.84 52.62
CA LEU P 329 -8.85 22.52 53.77
C LEU P 329 -7.83 23.56 53.30
N LYS P 330 -7.90 23.90 52.01
CA LYS P 330 -6.99 24.86 51.40
C LYS P 330 -7.63 25.76 50.34
N ALA P 331 -7.16 26.99 50.23
CA ALA P 331 -7.54 27.85 49.11
C ALA P 331 -6.29 28.56 48.58
N ASP P 332 -6.38 29.13 47.37
CA ASP P 332 -5.26 29.86 46.80
C ASP P 332 -5.05 31.19 47.52
N ALA P 333 -3.79 31.55 47.78
CA ALA P 333 -3.48 32.82 48.43
C ALA P 333 -3.01 33.88 47.43
N TYR P 334 -3.07 35.14 47.84
CA TYR P 334 -2.62 36.24 47.00
C TYR P 334 -1.10 36.20 46.83
N SER P 335 -0.64 36.25 45.59
CA SER P 335 0.80 36.26 45.32
C SER P 335 1.25 37.63 44.81
N ASP P 336 2.34 38.15 45.36
CA ASP P 336 2.88 39.41 44.85
C ASP P 336 4.07 39.27 43.89
N TYR P 337 4.45 38.05 43.52
CA TYR P 337 5.54 37.87 42.58
C TYR P 337 5.10 38.40 41.20
N GLU P 338 6.04 38.71 40.33
CA GLU P 338 5.66 38.99 38.94
C GLU P 338 5.16 37.74 38.24
N LYS P 339 4.08 37.87 37.49
CA LYS P 339 3.39 36.73 36.90
C LYS P 339 3.30 36.84 35.38
N THR P 340 3.23 35.70 34.70
CA THR P 340 3.11 35.66 33.25
C THR P 340 1.67 35.99 32.81
N GLY P 341 1.43 35.90 31.51
CA GLY P 341 0.08 36.02 30.97
C GLY P 341 -0.94 34.99 31.41
N MET P 342 -0.49 33.81 31.83
CA MET P 342 -1.41 32.80 32.34
C MET P 342 -1.83 33.12 33.77
N GLY P 343 -1.12 34.05 34.41
CA GLY P 343 -1.30 34.28 35.83
C GLY P 343 -0.52 33.36 36.75
N TRP P 344 0.48 32.68 36.21
CA TRP P 344 1.30 31.79 37.04
C TRP P 344 2.48 32.57 37.60
N ASP P 345 2.84 32.29 38.85
CA ASP P 345 3.99 32.94 39.50
C ASP P 345 5.34 32.58 38.88
N ILE P 346 6.20 33.59 38.73
CA ILE P 346 7.60 33.35 38.39
C ILE P 346 8.50 33.10 39.60
N ALA P 347 9.01 31.89 39.73
CA ALA P 347 9.60 31.42 40.99
C ALA P 347 10.82 30.54 40.74
N PRO P 348 11.92 31.10 40.23
CA PRO P 348 13.10 30.24 40.08
C PRO P 348 13.83 29.89 41.38
N ASN P 349 13.84 30.79 42.34
CA ASN P 349 14.42 30.51 43.66
C ASN P 349 13.67 29.40 44.38
N GLU P 350 12.36 29.43 44.20
CA GLU P 350 11.42 28.49 44.80
C GLU P 350 11.44 27.14 44.07
N PHE P 351 11.80 27.17 42.79
CA PHE P 351 12.11 25.98 42.00
C PHE P 351 13.26 25.13 42.56
N LYS P 352 14.30 25.79 43.02
CA LYS P 352 15.47 25.12 43.63
C LYS P 352 15.11 24.36 44.90
N ASP P 353 14.15 24.87 45.66
CA ASP P 353 13.68 24.13 46.84
C ASP P 353 13.08 22.79 46.40
N LEU P 354 12.22 22.81 45.38
CA LEU P 354 11.61 21.58 44.87
C LEU P 354 12.65 20.53 44.48
N ILE P 355 13.65 20.96 43.71
CA ILE P 355 14.70 20.05 43.25
C ILE P 355 15.48 19.50 44.44
N ARG P 356 15.90 20.38 45.34
CA ARG P 356 16.60 19.97 46.56
C ARG P 356 15.81 18.94 47.34
N ARG P 357 14.51 19.17 47.42
CA ARG P 357 13.60 18.28 48.14
C ARG P 357 13.48 16.90 47.53
N LEU P 358 13.42 16.84 46.21
CA LEU P 358 13.32 15.55 45.52
C LEU P 358 14.55 14.66 45.71
N ARG P 359 15.72 15.28 45.72
CA ARG P 359 16.97 14.58 46.00
C ARG P 359 17.13 14.17 47.46
N ALA P 360 16.72 15.08 48.35
CA ALA P 360 16.78 14.85 49.79
C ALA P 360 15.86 13.74 50.30
N GLU P 361 14.63 13.70 49.79
CA GLU P 361 13.63 12.81 50.37
C GLU P 361 13.35 11.57 49.52
N TYR P 362 13.47 11.68 48.20
CA TYR P 362 12.85 10.70 47.32
C TYR P 362 13.81 9.91 46.43
N THR P 363 14.61 10.60 45.62
CA THR P 363 15.40 9.93 44.60
C THR P 363 16.73 10.62 44.30
N ASP P 364 17.73 9.83 43.93
CA ASP P 364 18.98 10.34 43.39
C ASP P 364 19.16 10.06 41.91
N LEU P 365 18.07 9.69 41.24
CA LEU P 365 18.11 9.45 39.80
C LEU P 365 18.30 10.76 39.06
N PRO P 366 18.91 10.71 37.86
CA PRO P 366 19.03 11.92 37.02
C PRO P 366 17.70 12.52 36.58
N ILE P 367 17.60 13.84 36.69
CA ILE P 367 16.39 14.58 36.36
C ILE P 367 16.45 15.30 35.01
N TYR P 368 15.38 15.18 34.24
CA TYR P 368 15.21 15.93 33.00
C TYR P 368 14.00 16.86 33.12
N ILE P 369 14.21 18.15 32.85
CA ILE P 369 13.11 19.11 32.78
C ILE P 369 12.38 19.02 31.45
N THR P 370 11.40 18.14 31.37
CA THR P 370 10.73 17.81 30.12
C THR P 370 9.74 18.88 29.64
N GLU P 371 9.37 19.80 30.53
CA GLU P 371 8.67 21.03 30.13
C GLU P 371 8.97 22.23 31.05
N ASN P 372 9.44 23.32 30.44
CA ASN P 372 9.44 24.63 31.09
C ASN P 372 9.19 25.78 30.11
N GLY P 373 8.42 26.78 30.52
CA GLY P 373 8.10 27.90 29.65
C GLY P 373 7.05 28.86 30.20
N ALA P 374 6.64 29.82 29.37
CA ALA P 374 5.71 30.88 29.79
C ALA P 374 4.91 31.43 28.61
N ALA P 375 3.70 31.92 28.88
CA ALA P 375 2.88 32.60 27.88
C ALA P 375 2.82 34.12 28.10
N PHE P 376 3.10 34.87 27.04
CA PHE P 376 2.98 36.33 27.08
C PHE P 376 2.16 36.87 25.90
N ASP P 377 1.61 38.06 26.09
CA ASP P 377 0.80 38.73 25.07
C ASP P 377 1.66 39.19 23.89
N ASP P 378 1.89 38.29 22.94
CA ASP P 378 2.75 38.55 21.79
C ASP P 378 2.07 39.38 20.70
N VAL P 379 2.72 40.49 20.34
CA VAL P 379 2.26 41.39 19.29
C VAL P 379 3.11 41.25 18.02
N LEU P 380 2.47 40.85 16.93
CA LEU P 380 3.08 40.84 15.59
C LEU P 380 3.17 42.22 14.93
N GLU P 381 4.38 42.65 14.60
CA GLU P 381 4.59 43.96 13.99
C GLU P 381 5.62 43.96 12.85
N ASN P 382 5.10 43.96 11.62
CA ASN P 382 5.88 44.12 10.39
C ASN P 382 7.27 43.49 10.39
N GLY P 383 7.35 42.20 10.67
CA GLY P 383 8.62 41.51 10.74
C GLY P 383 8.65 40.40 11.77
N VAL P 385 8.31 39.91 15.81
CA VAL P 385 7.80 39.73 17.16
C VAL P 385 8.91 39.92 18.22
N HIS P 386 8.74 40.98 19.01
CA HIS P 386 9.66 41.39 20.06
C HIS P 386 9.24 40.85 21.43
N ASP P 387 9.75 39.68 21.79
CA ASP P 387 9.38 39.01 23.04
C ASP P 387 10.49 39.04 24.09
N ASP P 388 10.79 40.25 24.56
CA ASP P 388 11.78 40.50 25.59
C ASP P 388 11.44 39.88 26.96
N ASN P 389 10.14 39.83 27.27
CA ASN P 389 9.62 39.20 28.48
C ASN P 389 9.83 37.70 28.74
N ARG P 390 9.74 36.90 27.68
CA ARG P 390 10.05 35.46 27.75
C ARG P 390 11.52 35.10 27.95
N ILE P 391 12.42 35.93 27.45
CA ILE P 391 13.85 35.69 27.61
C ILE P 391 14.28 35.79 29.07
N ASP P 392 13.76 36.79 29.78
CA ASP P 392 14.02 36.92 31.22
C ASP P 392 13.64 35.63 31.95
N TYR P 393 12.39 35.18 31.77
CA TYR P 393 11.87 33.99 32.45
C TYR P 393 12.77 32.76 32.27
N VAL P 394 13.09 32.45 31.03
CA VAL P 394 13.88 31.27 30.70
C VAL P 394 15.32 31.34 31.21
N ARG P 395 15.92 32.52 31.09
CA ARG P 395 17.28 32.76 31.57
C ARG P 395 17.42 32.54 33.07
N GLN P 396 16.43 32.98 33.83
CA GLN P 396 16.40 32.77 35.28
C GLN P 396 16.40 31.29 35.70
N HIS P 397 15.64 30.47 35.01
CA HIS P 397 15.60 29.04 35.36
C HIS P 397 16.87 28.29 34.99
N LEU P 398 17.44 28.57 33.82
CA LEU P 398 18.72 27.97 33.42
C LEU P 398 19.88 28.38 34.31
N GLU P 399 19.89 29.63 34.76
CA GLU P 399 20.87 30.07 35.76
C GLU P 399 20.70 29.27 37.05
N ALA P 400 19.44 29.07 37.45
CA ALA P 400 19.15 28.21 38.60
C ALA P 400 19.58 26.77 38.31
N VAL P 401 19.43 26.35 37.06
CA VAL P 401 19.92 25.05 36.59
C VAL P 401 21.45 24.98 36.66
N SER P 402 22.10 26.07 36.28
CA SER P 402 23.56 26.13 36.30
C SER P 402 24.03 26.06 37.75
N ASP P 403 23.35 26.79 38.62
CA ASP P 403 23.63 26.75 40.05
C ASP P 403 23.40 25.35 40.61
N LEU P 404 22.36 24.65 40.15
CA LEU P 404 22.12 23.30 40.64
C LEU P 404 23.16 22.26 40.23
N ASN P 405 23.61 22.29 38.99
CA ASN P 405 24.67 21.38 38.57
C ASN P 405 26.04 21.64 39.20
N ASP P 406 26.31 22.90 39.54
CA ASP P 406 27.51 23.23 40.30
C ASP P 406 27.45 22.69 41.72
N GLU P 407 26.24 22.61 42.28
CA GLU P 407 26.04 21.99 43.58
C GLU P 407 26.03 20.46 43.52
N GLY P 408 25.91 19.90 42.32
CA GLY P 408 25.88 18.45 42.17
C GLY P 408 24.53 17.76 42.10
N MET P 409 23.49 18.48 41.68
CA MET P 409 22.15 17.92 41.67
C MET P 409 21.87 17.05 40.46
N ASN P 410 22.79 17.09 39.49
CA ASN P 410 22.81 16.15 38.37
C ASN P 410 21.50 16.26 37.58
N ILE P 411 21.23 17.48 37.10
CA ILE P 411 20.16 17.75 36.14
C ILE P 411 20.72 17.69 34.72
N GLN P 412 20.49 16.57 34.05
CA GLN P 412 21.11 16.28 32.76
C GLN P 412 20.52 17.00 31.55
N GLY P 413 19.27 17.45 31.67
CA GLY P 413 18.64 18.09 30.53
C GLY P 413 17.46 19.03 30.75
N TYR P 414 17.09 19.70 29.67
CA TYR P 414 16.06 20.73 29.69
C TYR P 414 15.34 20.91 28.37
N TYR P 415 14.03 20.68 28.38
CA TYR P 415 13.21 20.82 27.17
C TYR P 415 12.30 22.04 27.29
N LEU P 416 12.50 23.01 26.42
CA LEU P 416 11.71 24.25 26.44
C LEU P 416 10.31 24.08 25.84
N TRP P 417 9.29 24.30 26.67
CA TRP P 417 7.91 24.28 26.20
C TRP P 417 7.47 25.69 25.82
N SER P 418 6.98 25.89 24.61
CA SER P 418 6.86 24.82 23.61
C SER P 418 7.64 25.21 22.35
N LEU P 419 7.87 24.23 21.47
CA LEU P 419 8.56 24.49 20.21
C LEU P 419 7.83 25.50 19.35
N MET P 420 6.55 25.26 19.10
CA MET P 420 5.74 26.18 18.31
C MET P 420 4.52 26.61 19.12
N ASP P 421 3.90 27.72 18.72
CA ASP P 421 2.61 28.09 19.29
C ASP P 421 1.55 27.04 18.98
N ASN P 422 0.82 26.63 20.01
CA ASN P 422 -0.09 25.49 19.88
C ASN P 422 -1.38 25.61 20.72
N PHE P 423 -2.27 24.65 20.51
CA PHE P 423 -3.53 24.51 21.27
C PHE P 423 -3.39 24.26 22.76
N GLU P 424 -3.64 25.28 23.58
CA GLU P 424 -3.49 25.12 25.01
C GLU P 424 -4.79 24.73 25.70
N TRP P 425 -5.33 23.59 25.28
CA TRP P 425 -6.40 22.93 25.99
C TRP P 425 -7.60 23.87 26.15
N SER P 426 -8.01 24.12 27.38
CA SER P 426 -9.18 24.94 27.68
C SER P 426 -9.01 26.43 27.37
N PHE P 427 -7.78 26.91 27.27
CA PHE P 427 -7.52 28.30 26.88
C PHE P 427 -7.53 28.52 25.36
N GLY P 428 -7.47 27.42 24.62
CA GLY P 428 -7.44 27.43 23.16
C GLY P 428 -6.22 28.08 22.53
N TYR P 429 -6.41 28.78 21.41
CA TYR P 429 -5.30 29.48 20.77
C TYR P 429 -5.04 30.91 21.25
N GLU P 430 -5.77 31.36 22.27
CA GLU P 430 -5.52 32.68 22.86
C GLU P 430 -4.17 32.90 23.52
N LYS P 431 -3.57 31.83 24.02
CA LYS P 431 -2.25 31.90 24.66
C LYS P 431 -1.16 31.18 23.88
N ARG P 432 0.03 31.73 23.95
CA ARG P 432 1.17 31.21 23.19
C ARG P 432 2.40 30.93 24.05
N PHE P 433 2.70 29.63 24.20
CA PHE P 433 3.88 29.17 24.93
C PHE P 433 5.03 28.88 23.99
N GLY P 434 4.73 28.85 22.70
CA GLY P 434 5.67 28.37 21.71
C GLY P 434 6.83 29.36 21.64
N ILE P 435 8.01 28.86 21.30
CA ILE P 435 9.11 29.71 20.88
C ILE P 435 9.05 30.13 19.41
N LEU P 436 8.35 29.35 18.58
CA LEU P 436 8.10 29.76 17.19
C LEU P 436 6.64 30.20 17.04
N TYR P 437 6.42 31.41 16.55
CA TYR P 437 5.06 31.91 16.34
C TYR P 437 4.38 31.25 15.15
N ILE P 438 3.06 31.02 15.27
CA ILE P 438 2.29 30.43 14.19
C ILE P 438 0.96 31.12 13.89
N ASP P 439 0.83 31.69 12.69
CA ASP P 439 -0.45 32.14 12.17
C ASP P 439 -1.21 30.93 11.64
N PHE P 440 -2.38 30.64 12.22
CA PHE P 440 -3.07 29.37 11.97
C PHE P 440 -3.88 29.35 10.67
N GLU P 441 -4.04 30.50 10.03
CA GLU P 441 -4.70 30.54 8.72
C GLU P 441 -3.73 30.45 7.54
N THR P 442 -2.50 30.92 7.71
CA THR P 442 -1.52 30.77 6.65
C THR P 442 -0.51 29.63 6.88
N GLN P 443 -0.41 29.13 8.11
CA GLN P 443 0.61 28.13 8.47
C GLN P 443 2.07 28.55 8.26
N GLU P 444 2.34 29.85 8.31
CA GLU P 444 3.71 30.36 8.18
C GLU P 444 4.46 30.16 9.49
N ARG P 445 5.67 29.58 9.42
CA ARG P 445 6.51 29.56 10.60
C ARG P 445 7.33 30.84 10.68
N ILE P 446 7.22 31.55 11.80
CA ILE P 446 8.08 32.68 12.10
C ILE P 446 8.80 32.51 13.43
N TRP P 447 10.13 32.57 13.41
CA TRP P 447 10.91 32.52 14.64
C TRP P 447 10.62 33.76 15.50
N LYS P 448 10.56 33.58 16.81
CA LYS P 448 10.50 34.72 17.73
C LYS P 448 11.89 35.16 18.18
N ASP P 449 11.98 36.33 18.81
CA ASP P 449 13.25 36.82 19.34
C ASP P 449 13.80 35.88 20.40
N SER P 450 12.89 35.25 21.13
CA SER P 450 13.26 34.25 22.13
C SER P 450 13.90 33.03 21.47
N ALA P 451 13.44 32.69 20.27
CA ALA P 451 14.03 31.61 19.47
C ALA P 451 15.46 31.91 19.03
N LYS P 452 15.67 33.09 18.48
CA LYS P 452 17.02 33.56 18.14
C LYS P 452 17.95 33.49 19.35
N TRP P 453 17.48 34.02 20.47
CA TRP P 453 18.21 33.96 21.74
C TRP P 453 18.47 32.53 22.19
N TYR P 454 17.43 31.70 22.12
CA TYR P 454 17.50 30.30 22.53
C TYR P 454 18.44 29.48 21.67
N ALA P 455 18.41 29.71 20.37
CA ALA P 455 19.37 29.06 19.49
C ALA P 455 20.80 29.39 19.92
N GLY P 456 21.06 30.66 20.23
CA GLY P 456 22.38 31.06 20.69
C GLY P 456 22.87 30.60 22.06
N VAL P 457 21.98 30.45 23.04
CA VAL P 457 22.37 29.85 24.33
C VAL P 457 22.82 28.40 24.12
N ILE P 458 22.03 27.66 23.34
CA ILE P 458 22.31 26.29 22.96
C ILE P 458 23.58 26.20 22.12
N ALA P 459 23.72 27.15 21.22
CA ALA P 459 24.87 27.26 20.31
C ALA P 459 26.17 27.49 21.07
N ASP P 460 26.17 28.45 22.00
CA ASP P 460 27.36 28.72 22.80
C ASP P 460 27.86 27.57 23.65
N HIS P 461 26.98 26.76 24.26
CA HIS P 461 27.49 25.57 24.94
C HIS P 461 28.17 24.66 23.92
N LYS P 462 27.41 24.23 22.91
CA LYS P 462 27.94 23.37 21.86
C LYS P 462 29.07 24.04 21.09
N ALA P 463 30.30 24.03 21.60
CA ALA P 463 31.34 24.75 20.85
C ALA P 463 32.74 24.12 20.89
N LYS P 464 33.09 23.42 21.96
CA LYS P 464 34.40 22.77 22.06
C LYS P 464 34.49 21.93 23.34
N HIS P 465 33.40 21.26 23.69
CA HIS P 465 33.39 20.45 24.90
C HIS P 465 33.99 19.07 24.64
#